data_9RKS
#
_entry.id   9RKS
#
_cell.length_a   1.00
_cell.length_b   1.00
_cell.length_c   1.00
_cell.angle_alpha   90.00
_cell.angle_beta   90.00
_cell.angle_gamma   90.00
#
_symmetry.space_group_name_H-M   'P 1'
#
loop_
_entity.id
_entity.type
_entity.pdbx_description
1 polymer 'Structural protein'
2 polymer 'Structural protein'
3 polymer 'Tail sheath protein'
4 polymer 'Structural protein'
#
loop_
_entity_poly.entity_id
_entity_poly.type
_entity_poly.pdbx_seq_one_letter_code
_entity_poly.pdbx_strand_id
1 'polypeptide(L)'
;METKLKLTYSNRLTLPEIAKHIVSPTFHELEGRAIPVTGVEDDKEGQSAITKPFALVGLRIGDTSGPAEIGENSRINLRD
DFIIEFNFNKDRYKKGGAETSLFSYYDYESIRDRLFNAMVAFAGEYGITFEFVSLDISTEGDTVYIEFRFRQNFDWCEAD
RESDTVIKAGSFSLNLKGC
;
F,G,H,I,J,K
2 'polypeptide(L)'
;MKIKDRKHRVIVCSQKSDVDDNGQLLISRTGSINGWAAIEPVKAIRFSKDGVSMQKDTFQPTHDITMNYNPDVNISVSAW
VYEHRLKSPPRWFKVISVINVDECSQFMRLRSRLVESNDEVEKPVSEENSFGAVKIDIPL
;
O,P,Q,R,S,T
3 'polypeptide(L)'
;MAQDALSDGFVRLCIDPSLNFFGEGCKILVEGQITDDATAAENVVTCVNSELDLVERFGQGSVLTESLRKVFCMCKSGVS
VYALPRADAAAAVSAVYTLTVTGTALTDGRVQLYMGEAEYSLDIGVDEGDTPTQIAAKIVAAISPDFPYEATAAAGVITL
TARNGGTIGNHLSVIYTNLGSCTSVTPEGVTVAFAQTTPGSVNPEPNDYASVVNECCFAVYVLSSDDTDWQENLRDWIRS
AWDCSKPQCFGHGYVFNKGTLGQVLADGDNSAELSRLALPTTYPVLPYLTNAAYGALSACSTCENPELNVQGQTYGLLSC
INMPESCTPGWEFTEVTQLQNNGFVVSGPATTSGQGNFTSPYIYNDVTNYLRDEKNRPNATFRDASSRRLAAATGVALAT
FLQQFNGLAVFTKNTNIKTGIIGTNLRLMLGKIRKWASDNVGVLFSEFDNINEDIQLVSDFDVQPKCVGQPGVFHLNMRY
RPPVRGARINVNLVPALFDNCDR
;
A,C,E,Z,b,d
4 'polypeptide(L)'
;MACNKQNGVKNILITFTHCDTGEVIGPISHEQPDDTLPTYKTCAWTNTALTNGAVMRSASNATMTLPVVRDPRVPLAWYQ
GCAQIDAQVEKFDGTVMTLTEGAVTEPEESDGRAVTMTIIAAEIDELLPPGSLAAA
;
N,f,h,j,V,X
#
# COMPACT_ATOMS: atom_id res chain seq x y z
N LYS A 4 35.66 -17.80 -38.68
CA LYS A 4 34.92 -16.66 -38.17
C LYS A 4 35.76 -15.39 -38.21
N LEU A 5 35.16 -14.28 -37.81
CA LEU A 5 35.85 -13.00 -37.79
C LEU A 5 36.61 -12.85 -36.47
N LYS A 6 37.35 -11.74 -36.37
CA LYS A 6 38.03 -11.36 -35.15
C LYS A 6 37.61 -9.94 -34.78
N LEU A 7 36.99 -9.80 -33.62
CA LEU A 7 36.40 -8.53 -33.22
C LEU A 7 37.37 -7.73 -32.35
N THR A 8 37.34 -6.41 -32.54
CA THR A 8 38.16 -5.53 -31.70
C THR A 8 37.79 -5.67 -30.24
N TYR A 9 36.49 -5.70 -29.93
CA TYR A 9 36.00 -5.81 -28.57
C TYR A 9 35.19 -7.09 -28.45
N SER A 10 34.78 -7.40 -27.23
CA SER A 10 34.03 -8.62 -26.98
C SER A 10 32.53 -8.43 -27.14
N ASN A 11 32.01 -7.25 -26.82
CA ASN A 11 30.57 -7.08 -26.82
C ASN A 11 30.07 -5.81 -27.49
N ARG A 12 30.79 -5.25 -28.46
CA ARG A 12 30.26 -4.14 -29.23
C ARG A 12 31.08 -3.97 -30.50
N LEU A 13 30.51 -3.26 -31.47
CA LEU A 13 31.10 -3.11 -32.78
C LEU A 13 31.33 -1.64 -33.09
N THR A 14 32.53 -1.33 -33.56
CA THR A 14 32.81 0.00 -34.07
C THR A 14 32.17 0.18 -35.44
N LEU A 15 31.89 1.43 -35.78
CA LEU A 15 31.17 1.69 -37.03
C LEU A 15 31.84 1.02 -38.23
N PRO A 16 33.16 1.07 -38.40
CA PRO A 16 33.76 0.35 -39.53
C PRO A 16 33.38 -1.11 -39.54
N GLU A 17 33.31 -1.74 -38.37
CA GLU A 17 32.91 -3.14 -38.33
C GLU A 17 31.51 -3.33 -38.86
N ILE A 18 30.60 -2.41 -38.51
CA ILE A 18 29.25 -2.48 -39.08
C ILE A 18 29.32 -2.40 -40.59
N ALA A 19 29.96 -1.35 -41.09
CA ALA A 19 29.98 -1.12 -42.54
C ALA A 19 30.62 -2.30 -43.26
N LYS A 20 31.52 -3.02 -42.58
CA LYS A 20 32.21 -4.11 -43.25
C LYS A 20 31.44 -5.42 -43.19
N HIS A 21 30.72 -5.69 -42.09
CA HIS A 21 30.18 -7.03 -41.87
C HIS A 21 28.66 -7.12 -41.87
N ILE A 22 27.93 -6.02 -41.85
CA ILE A 22 26.48 -6.05 -41.84
C ILE A 22 25.91 -5.44 -43.12
N VAL A 23 26.58 -4.43 -43.66
CA VAL A 23 26.03 -3.72 -44.81
C VAL A 23 26.61 -4.28 -46.12
N SER A 24 27.93 -4.34 -46.21
CA SER A 24 28.54 -4.79 -47.46
C SER A 24 28.12 -6.19 -47.86
N PRO A 25 28.11 -7.19 -46.99
CA PRO A 25 27.80 -8.56 -47.44
C PRO A 25 26.33 -8.77 -47.77
N THR A 26 25.44 -7.88 -47.38
CA THR A 26 24.02 -8.08 -47.61
C THR A 26 23.52 -7.41 -48.89
N PHE A 27 23.89 -6.16 -49.12
CA PHE A 27 23.40 -5.39 -50.26
C PHE A 27 24.43 -5.50 -51.39
N HIS A 28 24.15 -6.40 -52.34
CA HIS A 28 25.01 -6.51 -53.51
C HIS A 28 24.89 -5.30 -54.42
N GLU A 29 23.75 -4.61 -54.41
CA GLU A 29 23.62 -3.41 -55.23
C GLU A 29 24.80 -2.48 -54.99
N LEU A 30 25.20 -2.33 -53.74
CA LEU A 30 26.35 -1.52 -53.38
C LEU A 30 27.59 -2.36 -53.66
N GLU A 31 28.36 -1.98 -54.68
CA GLU A 31 29.63 -2.65 -54.96
C GLU A 31 30.62 -2.24 -53.88
N GLY A 32 30.34 -2.70 -52.67
CA GLY A 32 31.00 -2.12 -51.51
C GLY A 32 30.37 -0.80 -51.20
N ARG A 33 31.19 0.24 -51.07
CA ARG A 33 30.71 1.60 -50.87
C ARG A 33 29.86 1.74 -49.62
N ALA A 34 30.03 0.87 -48.64
CA ALA A 34 29.48 1.07 -47.31
C ALA A 34 30.53 1.85 -46.51
N ILE A 35 30.43 3.17 -46.53
CA ILE A 35 31.53 4.05 -46.14
C ILE A 35 31.23 4.62 -44.75
N PRO A 36 32.02 4.29 -43.73
CA PRO A 36 31.86 4.99 -42.45
C PRO A 36 32.38 6.41 -42.54
N VAL A 37 31.69 7.33 -41.88
CA VAL A 37 32.07 8.74 -41.90
C VAL A 37 31.99 9.29 -40.49
N THR A 38 32.72 10.37 -40.26
CA THR A 38 32.75 10.99 -38.94
C THR A 38 31.38 11.50 -38.55
N GLY A 39 30.66 12.10 -39.50
CA GLY A 39 29.33 12.61 -39.24
C GLY A 39 28.78 13.22 -40.49
N VAL A 40 27.45 13.33 -40.53
CA VAL A 40 26.78 13.85 -41.70
C VAL A 40 26.79 15.38 -41.64
N GLU A 41 27.87 15.97 -42.14
CA GLU A 41 28.09 17.41 -41.98
C GLU A 41 28.39 18.09 -43.31
N ASP A 42 29.20 17.45 -44.17
CA ASP A 42 29.56 18.02 -45.46
C ASP A 42 28.63 17.58 -46.58
N ASP A 43 27.32 17.71 -46.39
CA ASP A 43 26.39 16.90 -47.17
C ASP A 43 26.09 17.45 -48.55
N LYS A 44 25.39 18.58 -48.63
CA LYS A 44 24.61 18.86 -49.83
C LYS A 44 25.48 19.04 -51.07
N GLU A 45 26.79 19.23 -50.88
CA GLU A 45 27.68 19.43 -52.02
C GLU A 45 29.03 18.77 -51.82
N GLY A 46 29.23 18.00 -50.76
CA GLY A 46 30.49 17.33 -50.55
C GLY A 46 30.37 15.82 -50.74
N GLN A 47 29.29 15.24 -50.23
CA GLN A 47 29.18 13.79 -50.24
C GLN A 47 28.28 13.31 -51.37
N SER A 48 27.37 14.16 -51.83
CA SER A 48 26.43 13.75 -52.86
C SER A 48 27.12 13.31 -54.13
N ALA A 49 28.36 13.71 -54.36
CA ALA A 49 29.07 13.34 -55.57
C ALA A 49 29.44 11.87 -55.60
N ILE A 50 29.39 11.16 -54.47
CA ILE A 50 29.72 9.75 -54.46
C ILE A 50 28.82 9.01 -55.43
N THR A 51 29.37 8.00 -56.08
CA THR A 51 28.59 7.21 -57.03
C THR A 51 27.41 6.56 -56.32
N LYS A 52 26.27 6.57 -56.99
CA LYS A 52 25.09 5.93 -56.43
C LYS A 52 24.98 4.50 -56.92
N PRO A 53 24.39 3.60 -56.12
CA PRO A 53 23.96 3.76 -54.74
C PRO A 53 25.10 3.60 -53.73
N PHE A 54 24.95 4.16 -52.54
CA PHE A 54 25.95 4.02 -51.49
C PHE A 54 25.30 4.28 -50.16
N ALA A 55 25.95 3.82 -49.09
CA ALA A 55 25.41 3.95 -47.74
C ALA A 55 26.49 4.44 -46.80
N LEU A 56 26.13 5.38 -45.94
CA LEU A 56 27.04 5.98 -44.97
C LEU A 56 26.72 5.48 -43.58
N VAL A 57 27.73 5.42 -42.73
CA VAL A 57 27.56 5.06 -41.33
C VAL A 57 28.27 6.12 -40.50
N GLY A 58 27.53 6.79 -39.62
CA GLY A 58 28.09 7.88 -38.86
C GLY A 58 27.52 8.02 -37.47
N LEU A 59 28.38 8.32 -36.51
CA LEU A 59 27.92 8.51 -35.13
C LEU A 59 26.99 9.70 -35.06
N ARG A 60 25.95 9.58 -34.25
CA ARG A 60 25.03 10.68 -33.98
C ARG A 60 25.42 11.39 -32.69
N ILE A 61 25.51 10.65 -31.60
CA ILE A 61 25.94 11.20 -30.33
C ILE A 61 26.24 10.04 -29.39
N GLY A 62 27.30 10.18 -28.60
CA GLY A 62 27.58 9.24 -27.54
C GLY A 62 26.79 9.63 -26.31
N ASP A 63 26.27 8.64 -25.60
CA ASP A 63 25.29 8.91 -24.56
C ASP A 63 25.35 7.80 -23.52
N THR A 64 24.64 8.01 -22.41
CA THR A 64 24.60 7.07 -21.30
C THR A 64 23.17 6.64 -21.02
N SER A 65 22.99 5.37 -20.66
CA SER A 65 21.68 4.80 -20.39
C SER A 65 21.41 4.62 -18.91
N GLY A 66 22.10 5.36 -18.05
CA GLY A 66 21.93 5.20 -16.63
C GLY A 66 23.07 5.81 -15.85
N PRO A 67 23.49 5.16 -14.76
CA PRO A 67 24.64 5.67 -14.02
C PRO A 67 25.92 5.45 -14.80
N ALA A 68 26.79 6.47 -14.80
CA ALA A 68 28.04 6.37 -15.53
C ALA A 68 29.18 7.04 -14.76
N GLU A 69 29.13 6.97 -13.43
CA GLU A 69 30.16 7.59 -12.61
C GLU A 69 31.46 6.81 -12.74
N ILE A 70 32.48 7.43 -13.33
CA ILE A 70 33.76 6.76 -13.56
C ILE A 70 34.45 6.54 -12.23
N GLY A 71 35.21 5.45 -12.15
CA GLY A 71 35.99 5.15 -10.96
C GLY A 71 35.25 4.34 -9.91
N GLU A 72 34.10 4.81 -9.44
CA GLU A 72 33.41 4.11 -8.38
C GLU A 72 33.08 2.69 -8.80
N ASN A 73 33.23 1.76 -7.86
CA ASN A 73 33.13 0.35 -8.19
C ASN A 73 31.69 -0.06 -8.45
N SER A 74 31.10 0.51 -9.50
CA SER A 74 29.77 0.10 -9.96
C SER A 74 29.80 0.00 -11.48
N ARG A 75 28.86 -0.76 -12.02
CA ARG A 75 28.78 -0.95 -13.46
C ARG A 75 28.76 0.39 -14.16
N ILE A 76 29.15 0.39 -15.44
CA ILE A 76 29.11 1.58 -16.27
C ILE A 76 28.33 1.25 -17.53
N ASN A 77 27.33 2.07 -17.84
CA ASN A 77 26.47 1.87 -19.00
C ASN A 77 26.76 2.95 -20.01
N LEU A 78 26.81 2.58 -21.29
CA LEU A 78 27.06 3.54 -22.36
C LEU A 78 26.09 3.30 -23.51
N ARG A 79 25.85 4.36 -24.27
CA ARG A 79 25.01 4.32 -25.45
C ARG A 79 25.74 4.94 -26.64
N ASP A 80 25.42 4.46 -27.83
CA ASP A 80 25.96 4.98 -29.07
C ASP A 80 24.83 5.12 -30.07
N ASP A 81 24.52 6.34 -30.48
CA ASP A 81 23.55 6.56 -31.53
C ASP A 81 24.26 6.71 -32.87
N PHE A 82 23.91 5.85 -33.81
CA PHE A 82 24.48 5.93 -35.15
C PHE A 82 23.37 5.77 -36.16
N ILE A 83 23.61 6.30 -37.36
CA ILE A 83 22.59 6.35 -38.40
C ILE A 83 23.15 5.73 -39.67
N ILE A 84 22.34 4.91 -40.32
CA ILE A 84 22.65 4.34 -41.63
C ILE A 84 21.76 5.04 -42.64
N GLU A 85 22.38 5.75 -43.58
CA GLU A 85 21.66 6.48 -44.62
C GLU A 85 22.06 5.93 -45.99
N PHE A 86 21.07 5.52 -46.77
CA PHE A 86 21.30 4.97 -48.09
C PHE A 86 21.14 6.06 -49.15
N ASN A 87 21.30 5.68 -50.42
CA ASN A 87 21.02 6.53 -51.56
C ASN A 87 20.77 5.65 -52.77
N PHE A 88 19.64 5.84 -53.43
CA PHE A 88 19.28 5.04 -54.60
C PHE A 88 18.76 5.94 -55.70
N ASN A 89 18.86 5.45 -56.94
CA ASN A 89 18.31 6.17 -58.07
C ASN A 89 16.79 5.99 -58.12
N LYS A 90 16.21 6.30 -59.27
CA LYS A 90 14.81 6.02 -59.53
C LYS A 90 14.66 5.33 -60.87
N ASP A 91 13.99 4.18 -60.85
CA ASP A 91 13.63 3.50 -62.09
C ASP A 91 12.39 4.15 -62.70
N ARG A 92 12.40 4.27 -64.04
CA ARG A 92 11.30 4.92 -64.77
C ARG A 92 11.07 4.11 -66.05
N TYR A 93 10.03 3.30 -66.05
CA TYR A 93 9.85 2.32 -67.12
C TYR A 93 8.98 2.82 -68.27
N LYS A 94 8.32 3.96 -68.12
CA LYS A 94 7.64 4.63 -69.23
C LYS A 94 6.81 3.65 -70.07
N LYS A 95 5.77 3.11 -69.45
CA LYS A 95 4.88 2.20 -70.15
C LYS A 95 3.82 2.97 -70.94
N GLY A 96 3.53 2.50 -72.14
CA GLY A 96 2.41 3.03 -72.90
C GLY A 96 2.52 4.49 -73.27
N GLY A 97 3.67 4.92 -73.78
CA GLY A 97 3.80 6.30 -74.19
C GLY A 97 3.61 7.29 -73.08
N ALA A 98 3.77 6.86 -71.82
CA ALA A 98 3.65 7.75 -70.68
C ALA A 98 4.77 7.44 -69.71
N GLU A 99 5.41 8.48 -69.20
CA GLU A 99 6.52 8.34 -68.26
C GLU A 99 5.97 8.17 -66.85
N THR A 100 6.79 7.58 -65.98
CA THR A 100 6.48 7.57 -64.56
C THR A 100 6.94 8.88 -63.92
N SER A 101 6.11 9.40 -63.04
CA SER A 101 6.36 10.72 -62.47
C SER A 101 7.67 10.74 -61.71
N LEU A 102 8.30 11.91 -61.67
CA LEU A 102 9.57 12.06 -60.99
C LEU A 102 9.48 11.71 -59.51
N PHE A 103 8.31 11.84 -58.90
CA PHE A 103 8.07 11.42 -57.54
C PHE A 103 6.99 10.35 -57.53
N SER A 104 7.30 9.21 -56.93
CA SER A 104 6.37 8.09 -56.89
C SER A 104 6.79 7.16 -55.78
N TYR A 105 5.85 6.31 -55.36
CA TYR A 105 6.10 5.42 -54.24
C TYR A 105 7.34 4.57 -54.51
N TYR A 106 8.21 4.49 -53.52
CA TYR A 106 9.41 3.70 -53.62
C TYR A 106 9.44 2.68 -52.50
N ASP A 107 9.83 1.45 -52.82
CA ASP A 107 9.71 0.34 -51.90
C ASP A 107 10.84 0.41 -50.89
N TYR A 108 10.47 0.58 -49.62
CA TYR A 108 11.42 0.50 -48.53
C TYR A 108 11.24 -0.75 -47.68
N GLU A 109 10.06 -1.35 -47.69
CA GLU A 109 9.82 -2.49 -46.82
C GLU A 109 10.82 -3.60 -47.08
N SER A 110 11.15 -3.85 -48.35
CA SER A 110 12.11 -4.89 -48.65
C SER A 110 13.48 -4.56 -48.07
N ILE A 111 13.91 -3.31 -48.17
CA ILE A 111 15.20 -2.94 -47.58
C ILE A 111 15.17 -3.16 -46.08
N ARG A 112 14.11 -2.72 -45.42
CA ARG A 112 14.03 -2.91 -43.98
C ARG A 112 14.10 -4.38 -43.62
N ASP A 113 13.34 -5.21 -44.33
CA ASP A 113 13.33 -6.63 -44.00
C ASP A 113 14.70 -7.24 -44.19
N ARG A 114 15.37 -6.93 -45.29
CA ARG A 114 16.70 -7.48 -45.52
C ARG A 114 17.66 -7.07 -44.41
N LEU A 115 17.66 -5.78 -44.06
CA LEU A 115 18.58 -5.30 -43.04
C LEU A 115 18.31 -5.98 -41.70
N PHE A 116 17.04 -6.02 -41.28
CA PHE A 116 16.74 -6.63 -40.00
C PHE A 116 17.12 -8.09 -39.98
N ASN A 117 16.86 -8.82 -41.07
CA ASN A 117 17.21 -10.24 -41.08
C ASN A 117 18.70 -10.41 -40.93
N ALA A 118 19.50 -9.59 -41.62
CA ALA A 118 20.94 -9.71 -41.47
C ALA A 118 21.39 -9.42 -40.05
N MET A 119 20.83 -8.37 -39.45
CA MET A 119 21.22 -8.05 -38.08
C MET A 119 20.87 -9.19 -37.13
N VAL A 120 19.70 -9.80 -37.30
CA VAL A 120 19.31 -10.92 -36.45
C VAL A 120 20.29 -12.07 -36.62
N ALA A 121 20.61 -12.41 -37.86
CA ALA A 121 21.52 -13.51 -38.10
C ALA A 121 22.84 -13.28 -37.38
N PHE A 122 23.42 -12.11 -37.58
CA PHE A 122 24.72 -11.84 -36.95
C PHE A 122 24.60 -11.87 -35.43
N ALA A 123 23.56 -11.26 -34.88
CA ALA A 123 23.43 -11.21 -33.43
C ALA A 123 23.35 -12.61 -32.86
N GLY A 124 22.54 -13.47 -33.47
CA GLY A 124 22.51 -14.85 -33.02
C GLY A 124 23.86 -15.52 -33.14
N GLU A 125 24.60 -15.21 -34.20
CA GLU A 125 25.88 -15.87 -34.41
C GLU A 125 26.90 -15.51 -33.34
N TYR A 126 27.01 -14.24 -32.97
CA TYR A 126 28.07 -13.79 -32.09
C TYR A 126 27.62 -13.23 -30.75
N GLY A 127 26.37 -12.79 -30.62
CA GLY A 127 25.93 -12.21 -29.37
C GLY A 127 26.15 -10.71 -29.29
N ILE A 128 25.58 -9.98 -30.23
CA ILE A 128 25.56 -8.52 -30.20
C ILE A 128 24.22 -8.07 -30.77
N THR A 129 23.52 -7.20 -30.04
CA THR A 129 22.16 -6.82 -30.42
C THR A 129 22.02 -5.31 -30.42
N PHE A 130 21.06 -4.83 -31.21
CA PHE A 130 20.86 -3.41 -31.45
C PHE A 130 19.43 -3.02 -31.11
N GLU A 131 19.21 -1.73 -30.90
CA GLU A 131 17.88 -1.18 -30.66
C GLU A 131 17.45 -0.31 -31.83
N PHE A 132 16.31 -0.63 -32.41
CA PHE A 132 15.75 0.18 -33.49
C PHE A 132 15.14 1.43 -32.88
N VAL A 133 15.19 2.54 -33.62
CA VAL A 133 14.77 3.84 -33.10
C VAL A 133 13.74 4.50 -34.01
N SER A 134 14.04 4.64 -35.29
CA SER A 134 13.06 5.20 -36.21
C SER A 134 13.55 5.05 -37.63
N LEU A 135 12.62 5.20 -38.57
CA LEU A 135 12.89 5.15 -40.01
C LEU A 135 12.22 6.34 -40.66
N ASP A 136 12.96 7.02 -41.53
CA ASP A 136 12.44 8.19 -42.23
C ASP A 136 12.90 8.16 -43.67
N ILE A 137 12.07 8.69 -44.55
CA ILE A 137 12.32 8.62 -45.99
C ILE A 137 12.01 9.96 -46.62
N SER A 138 12.83 10.36 -47.59
CA SER A 138 12.60 11.57 -48.34
C SER A 138 13.32 11.46 -49.67
N THR A 139 12.89 12.29 -50.63
CA THR A 139 13.39 12.20 -51.99
C THR A 139 13.94 13.55 -52.43
N GLU A 140 14.90 13.50 -53.36
CA GLU A 140 15.56 14.71 -53.83
C GLU A 140 15.90 14.50 -55.30
N GLY A 141 15.08 15.05 -56.19
CA GLY A 141 15.33 14.91 -57.61
C GLY A 141 15.46 13.46 -58.02
N ASP A 142 16.68 13.05 -58.36
CA ASP A 142 16.89 11.70 -58.87
C ASP A 142 17.05 10.68 -57.75
N THR A 143 17.37 11.11 -56.54
CA THR A 143 17.81 10.20 -55.48
C THR A 143 16.83 10.22 -54.32
N VAL A 144 16.73 9.09 -53.63
CA VAL A 144 15.84 8.93 -52.49
C VAL A 144 16.68 8.61 -51.28
N TYR A 145 16.52 9.37 -50.22
CA TYR A 145 17.30 9.24 -49.00
C TYR A 145 16.51 8.42 -47.99
N ILE A 146 16.90 7.16 -47.80
CA ILE A 146 16.32 6.31 -46.77
C ILE A 146 17.25 6.38 -45.57
N GLU A 147 16.71 6.78 -44.42
CA GLU A 147 17.52 7.08 -43.25
C GLU A 147 17.08 6.22 -42.08
N PHE A 148 18.02 5.47 -41.52
CA PHE A 148 17.78 4.65 -40.34
C PHE A 148 18.50 5.23 -39.14
N ARG A 149 18.05 4.86 -37.95
CA ARG A 149 18.67 5.25 -36.70
C ARG A 149 18.70 4.05 -35.77
N PHE A 150 19.80 3.86 -35.05
CA PHE A 150 19.94 2.73 -34.15
C PHE A 150 20.64 3.16 -32.88
N ARG A 151 20.81 2.18 -31.98
CA ARG A 151 21.42 2.44 -30.69
C ARG A 151 22.02 1.16 -30.15
N GLN A 152 23.18 1.27 -29.51
CA GLN A 152 23.84 0.15 -28.86
C GLN A 152 23.91 0.40 -27.35
N ASN A 153 23.74 -0.67 -26.58
CA ASN A 153 23.94 -0.63 -25.14
C ASN A 153 25.01 -1.64 -24.76
N PHE A 154 25.99 -1.21 -23.96
CA PHE A 154 27.07 -2.09 -23.57
C PHE A 154 27.72 -1.59 -22.30
N ASP A 155 28.35 -2.50 -21.57
CA ASP A 155 29.15 -2.11 -20.43
C ASP A 155 30.52 -1.66 -20.89
N TRP A 156 31.28 -1.08 -19.97
CA TRP A 156 32.65 -0.70 -20.24
C TRP A 156 33.53 -1.16 -19.09
N CYS A 157 34.79 -1.43 -19.40
CA CYS A 157 35.73 -1.94 -18.43
C CYS A 157 37.08 -1.26 -18.64
N GLU A 158 37.93 -1.33 -17.63
CA GLU A 158 39.24 -0.70 -17.73
C GLU A 158 40.29 -1.69 -18.23
N ALA A 159 41.44 -1.14 -18.61
CA ALA A 159 42.49 -1.96 -19.17
C ALA A 159 42.99 -2.97 -18.15
N ASP A 160 43.89 -3.84 -18.60
CA ASP A 160 44.39 -4.93 -17.77
C ASP A 160 45.67 -4.48 -17.06
N ARG A 161 45.53 -4.17 -15.78
CA ARG A 161 46.66 -3.75 -14.97
C ARG A 161 47.43 -4.97 -14.51
N GLU A 162 48.60 -4.73 -13.91
CA GLU A 162 49.47 -5.80 -13.44
C GLU A 162 49.79 -5.59 -11.97
N SER A 163 49.91 -6.71 -11.25
CA SER A 163 50.07 -6.66 -9.80
C SER A 163 51.35 -5.94 -9.40
N ASP A 164 51.58 -5.89 -8.09
CA ASP A 164 52.81 -5.30 -7.57
C ASP A 164 53.71 -6.35 -6.92
N THR A 165 53.12 -7.39 -6.33
CA THR A 165 53.91 -8.36 -5.58
C THR A 165 53.01 -9.53 -5.22
N VAL A 166 53.55 -10.43 -4.40
CA VAL A 166 52.83 -11.57 -3.87
C VAL A 166 53.25 -11.76 -2.42
N ILE A 167 52.49 -12.58 -1.69
CA ILE A 167 52.63 -12.67 -0.25
C ILE A 167 53.26 -14.00 0.15
N LYS A 168 54.36 -13.94 0.89
CA LYS A 168 54.82 -15.08 1.67
C LYS A 168 55.75 -14.64 2.80
N ALA A 169 55.23 -14.52 4.03
CA ALA A 169 56.05 -14.07 5.16
C ALA A 169 55.18 -14.00 6.41
N GLY A 170 55.81 -13.67 7.53
CA GLY A 170 55.13 -13.33 8.76
C GLY A 170 56.11 -13.06 9.88
N SER A 171 55.90 -11.98 10.65
CA SER A 171 56.80 -11.68 11.76
C SER A 171 56.13 -11.88 13.11
N PHE A 172 54.93 -11.32 13.30
CA PHE A 172 54.17 -11.47 14.53
C PHE A 172 55.09 -11.37 15.75
N SER A 173 55.72 -10.21 15.92
CA SER A 173 56.65 -10.04 17.03
C SER A 173 56.04 -10.46 18.36
N LEU A 174 54.78 -10.13 18.61
CA LEU A 174 54.11 -10.55 19.85
C LEU A 174 54.82 -9.98 21.08
N ASN A 175 54.79 -8.66 21.19
CA ASN A 175 55.42 -7.98 22.32
C ASN A 175 54.73 -8.38 23.62
N LEU A 176 55.26 -7.85 24.72
CA LEU A 176 54.68 -8.07 26.04
C LEU A 176 53.38 -7.30 26.19
N LYS B 4 -11.39 -13.53 -52.68
CA LYS B 4 -10.75 -12.57 -51.80
C LYS B 4 -9.44 -12.08 -52.40
N LEU B 5 -8.73 -11.25 -51.64
CA LEU B 5 -7.46 -10.69 -52.08
C LEU B 5 -6.29 -11.54 -51.59
N LYS B 6 -5.09 -11.13 -51.99
CA LYS B 6 -3.85 -11.74 -51.51
C LYS B 6 -2.97 -10.66 -50.93
N LEU B 7 -2.59 -10.81 -49.66
CA LEU B 7 -1.85 -9.80 -48.95
C LEU B 7 -0.37 -10.16 -48.90
N THR B 8 0.48 -9.13 -49.00
CA THR B 8 1.91 -9.35 -48.86
C THR B 8 2.26 -9.87 -47.48
N TYR B 9 1.61 -9.35 -46.45
CA TYR B 9 1.87 -9.74 -45.07
C TYR B 9 0.57 -10.18 -44.42
N SER B 10 0.70 -10.94 -43.33
CA SER B 10 -0.49 -11.47 -42.69
C SER B 10 -1.16 -10.49 -41.72
N ASN B 11 -0.45 -9.46 -41.26
CA ASN B 11 -1.04 -8.56 -40.28
C ASN B 11 -0.72 -7.09 -40.51
N ARG B 12 -0.36 -6.68 -41.72
CA ARG B 12 -0.21 -5.25 -41.99
C ARG B 12 -0.30 -5.00 -43.49
N LEU B 13 -0.61 -3.75 -43.83
CA LEU B 13 -0.79 -3.35 -45.22
C LEU B 13 0.23 -2.30 -45.59
N THR B 14 0.92 -2.52 -46.71
CA THR B 14 1.79 -1.52 -47.26
C THR B 14 0.98 -0.43 -47.94
N LEU B 15 1.53 0.78 -47.97
CA LEU B 15 0.75 1.91 -48.44
C LEU B 15 0.08 1.65 -49.78
N PRO B 16 0.74 1.07 -50.78
CA PRO B 16 0.01 0.76 -52.01
C PRO B 16 -1.23 -0.08 -51.77
N GLU B 17 -1.16 -1.04 -50.85
CA GLU B 17 -2.33 -1.88 -50.60
C GLU B 17 -3.50 -1.05 -50.07
N ILE B 18 -3.22 -0.11 -49.16
CA ILE B 18 -4.28 0.79 -48.70
C ILE B 18 -4.83 1.59 -49.86
N ALA B 19 -3.94 2.24 -50.62
CA ALA B 19 -4.40 3.10 -51.70
C ALA B 19 -5.20 2.31 -52.72
N LYS B 20 -5.00 0.99 -52.78
CA LYS B 20 -5.67 0.19 -53.79
C LYS B 20 -6.98 -0.39 -53.28
N HIS B 21 -7.07 -0.69 -51.98
CA HIS B 21 -8.21 -1.46 -51.48
C HIS B 21 -9.10 -0.73 -50.49
N ILE B 22 -8.72 0.43 -49.98
CA ILE B 22 -9.51 1.15 -49.00
C ILE B 22 -9.99 2.49 -49.54
N VAL B 23 -9.14 3.19 -50.28
CA VAL B 23 -9.48 4.51 -50.77
C VAL B 23 -10.17 4.42 -52.13
N SER B 24 -9.55 3.72 -53.08
CA SER B 24 -10.11 3.67 -54.42
C SER B 24 -11.52 3.11 -54.48
N PRO B 25 -11.83 1.96 -53.87
CA PRO B 25 -13.18 1.41 -54.02
C PRO B 25 -14.25 2.17 -53.26
N THR B 26 -13.89 3.08 -52.35
CA THR B 26 -14.88 3.78 -51.56
C THR B 26 -15.27 5.12 -52.15
N PHE B 27 -14.33 5.84 -52.75
CA PHE B 27 -14.59 7.16 -53.31
C PHE B 27 -14.62 7.05 -54.83
N HIS B 28 -15.83 6.94 -55.38
CA HIS B 28 -15.99 7.02 -56.83
C HIS B 28 -15.62 8.38 -57.37
N GLU B 29 -15.73 9.43 -56.56
CA GLU B 29 -15.35 10.76 -57.03
C GLU B 29 -13.96 10.72 -57.64
N LEU B 30 -13.05 10.02 -56.99
CA LEU B 30 -11.70 9.84 -57.51
C LEU B 30 -11.76 8.73 -58.55
N GLU B 31 -11.51 9.07 -59.82
CA GLU B 31 -11.44 8.06 -60.86
C GLU B 31 -10.11 7.32 -60.73
N GLY B 32 -10.01 6.58 -59.64
CA GLY B 32 -8.72 6.09 -59.21
C GLY B 32 -7.98 7.22 -58.53
N ARG B 33 -6.75 7.45 -58.96
CA ARG B 33 -5.95 8.58 -58.46
C ARG B 33 -5.77 8.51 -56.95
N ALA B 34 -5.79 7.30 -56.39
CA ALA B 34 -5.34 7.08 -55.02
C ALA B 34 -3.86 6.73 -55.11
N ILE B 35 -3.02 7.74 -55.03
CA ILE B 35 -1.62 7.67 -55.46
C ILE B 35 -0.74 7.54 -54.22
N PRO B 36 -0.07 6.41 -54.00
CA PRO B 36 0.94 6.37 -52.94
C PRO B 36 2.16 7.16 -53.34
N VAL B 37 2.73 7.91 -52.38
CA VAL B 37 3.86 8.77 -52.65
C VAL B 37 4.90 8.58 -51.56
N THR B 38 6.13 9.00 -51.87
CA THR B 38 7.21 8.87 -50.91
C THR B 38 6.99 9.73 -49.69
N GLY B 39 6.59 10.97 -49.89
CA GLY B 39 6.33 11.88 -48.78
C GLY B 39 5.46 13.04 -49.19
N VAL B 40 4.44 13.35 -48.38
CA VAL B 40 3.46 14.35 -48.76
C VAL B 40 4.10 15.71 -48.98
N GLU B 41 5.22 15.97 -48.33
CA GLU B 41 5.91 17.25 -48.43
C GLU B 41 7.10 17.21 -49.38
N ASP B 42 7.22 16.16 -50.19
CA ASP B 42 8.39 15.99 -51.04
C ASP B 42 8.44 16.97 -52.19
N ASP B 43 7.35 17.15 -52.94
CA ASP B 43 7.39 17.92 -54.18
C ASP B 43 6.20 18.88 -54.22
N LYS B 44 6.02 19.64 -53.14
CA LYS B 44 4.82 20.46 -52.97
C LYS B 44 4.29 21.03 -54.29
N GLU B 45 5.17 21.54 -55.15
CA GLU B 45 4.67 22.17 -56.37
C GLU B 45 4.11 21.11 -57.32
N GLY B 46 4.95 20.18 -57.75
CA GLY B 46 4.51 19.25 -58.77
C GLY B 46 3.26 18.48 -58.38
N GLN B 47 3.16 18.12 -57.11
CA GLN B 47 1.99 17.37 -56.66
C GLN B 47 0.71 18.20 -56.76
N SER B 48 0.82 19.52 -56.88
CA SER B 48 -0.37 20.35 -56.94
C SER B 48 -1.03 20.35 -58.31
N ALA B 49 -0.36 19.81 -59.33
CA ALA B 49 -0.89 19.86 -60.68
C ALA B 49 -1.74 18.65 -61.04
N ILE B 50 -1.80 17.63 -60.17
CA ILE B 50 -2.62 16.48 -60.48
C ILE B 50 -4.08 16.90 -60.63
N THR B 51 -4.80 16.21 -61.51
CA THR B 51 -6.20 16.52 -61.73
C THR B 51 -6.99 16.34 -60.44
N LYS B 52 -7.88 17.24 -60.19
CA LYS B 52 -8.68 17.17 -58.98
C LYS B 52 -10.02 16.49 -59.26
N PRO B 53 -10.60 15.80 -58.28
CA PRO B 53 -10.07 15.50 -56.96
C PRO B 53 -9.09 14.33 -56.97
N PHE B 54 -8.22 14.26 -55.96
CA PHE B 54 -7.30 13.15 -55.83
C PHE B 54 -6.84 13.08 -54.38
N ALA B 55 -6.30 11.93 -54.00
CA ALA B 55 -5.84 11.71 -52.63
C ALA B 55 -4.49 11.02 -52.65
N LEU B 56 -3.58 11.48 -51.80
CA LEU B 56 -2.24 10.95 -51.68
C LEU B 56 -2.16 10.08 -50.42
N VAL B 57 -1.22 9.15 -50.43
CA VAL B 57 -0.92 8.33 -49.25
C VAL B 57 0.59 8.28 -49.11
N GLY B 58 1.10 8.75 -47.98
CA GLY B 58 2.53 8.82 -47.79
C GLY B 58 2.92 8.63 -46.34
N LEU B 59 4.08 8.05 -46.13
CA LEU B 59 4.57 7.79 -44.78
C LEU B 59 4.95 9.10 -44.11
N ARG B 60 4.72 9.16 -42.80
CA ARG B 60 5.14 10.29 -41.98
C ARG B 60 6.43 9.95 -41.24
N ILE B 61 6.40 8.89 -40.44
CA ILE B 61 7.59 8.40 -39.76
C ILE B 61 7.26 7.01 -39.23
N GLY B 62 8.29 6.17 -39.11
CA GLY B 62 8.14 4.84 -38.54
C GLY B 62 8.96 4.72 -37.27
N ASP B 63 8.32 4.28 -36.20
CA ASP B 63 9.00 4.17 -34.91
C ASP B 63 8.40 3.01 -34.14
N THR B 64 8.65 2.96 -32.83
CA THR B 64 8.31 1.82 -32.01
C THR B 64 7.31 2.21 -30.92
N SER B 65 6.48 1.25 -30.55
CA SER B 65 5.46 1.45 -29.52
C SER B 65 5.88 0.84 -28.19
N GLY B 66 7.14 0.52 -28.01
CA GLY B 66 7.61 -0.13 -26.81
C GLY B 66 9.01 -0.67 -26.98
N PRO B 67 9.28 -1.86 -26.44
CA PRO B 67 10.60 -2.46 -26.64
C PRO B 67 10.77 -2.89 -28.09
N ALA B 68 11.97 -2.64 -28.63
CA ALA B 68 12.25 -3.04 -30.01
C ALA B 68 13.68 -3.56 -30.18
N GLU B 69 14.26 -4.15 -29.15
CA GLU B 69 15.64 -4.61 -29.25
C GLU B 69 15.72 -5.82 -30.17
N ILE B 70 16.43 -5.67 -31.28
CA ILE B 70 16.50 -6.71 -32.30
C ILE B 70 17.42 -7.82 -31.85
N GLY B 71 17.06 -9.05 -32.18
CA GLY B 71 17.87 -10.20 -31.90
C GLY B 71 17.54 -10.92 -30.61
N GLU B 72 17.34 -10.19 -29.52
CA GLU B 72 17.00 -10.85 -28.26
C GLU B 72 15.65 -11.54 -28.40
N ASN B 73 15.54 -12.71 -27.78
CA ASN B 73 14.34 -13.51 -27.95
C ASN B 73 13.19 -12.85 -27.20
N SER B 74 12.78 -11.68 -27.68
CA SER B 74 11.64 -10.95 -27.15
C SER B 74 10.81 -10.41 -28.29
N ARG B 75 9.53 -10.17 -28.01
CA ARG B 75 8.64 -9.62 -29.02
C ARG B 75 9.18 -8.29 -29.52
N ILE B 76 8.93 -8.00 -30.79
CA ILE B 76 9.37 -6.76 -31.42
C ILE B 76 8.14 -6.00 -31.88
N ASN B 77 8.02 -4.76 -31.46
CA ASN B 77 6.87 -3.91 -31.79
C ASN B 77 7.32 -2.86 -32.79
N LEU B 78 6.39 -2.38 -33.61
CA LEU B 78 6.68 -1.35 -34.58
C LEU B 78 5.45 -0.49 -34.82
N ARG B 79 5.67 0.73 -35.28
CA ARG B 79 4.61 1.65 -35.64
C ARG B 79 4.90 2.27 -36.99
N ASP B 80 3.84 2.76 -37.64
CA ASP B 80 3.96 3.46 -38.92
C ASP B 80 2.96 4.60 -38.95
N ASP B 81 3.46 5.82 -38.99
CA ASP B 81 2.59 6.98 -39.15
C ASP B 81 2.46 7.33 -40.62
N PHE B 82 1.24 7.26 -41.14
CA PHE B 82 0.99 7.65 -42.51
C PHE B 82 -0.23 8.55 -42.55
N ILE B 83 -0.26 9.43 -43.54
CA ILE B 83 -1.28 10.47 -43.63
C ILE B 83 -1.97 10.37 -44.98
N ILE B 84 -3.29 10.47 -44.97
CA ILE B 84 -4.10 10.52 -46.19
C ILE B 84 -4.54 11.96 -46.37
N GLU B 85 -4.19 12.55 -47.51
CA GLU B 85 -4.54 13.93 -47.82
C GLU B 85 -5.36 13.94 -49.10
N PHE B 86 -6.54 14.56 -49.05
CA PHE B 86 -7.41 14.67 -50.21
C PHE B 86 -7.22 16.01 -50.89
N ASN B 87 -8.00 16.22 -51.96
CA ASN B 87 -8.05 17.49 -52.66
C ASN B 87 -9.38 17.56 -53.41
N PHE B 88 -10.15 18.62 -53.18
CA PHE B 88 -11.46 18.78 -53.79
C PHE B 88 -11.61 20.21 -54.31
N ASN B 89 -12.47 20.38 -55.31
CA ASN B 89 -12.79 21.72 -55.79
C ASN B 89 -13.72 22.41 -54.81
N LYS B 90 -14.39 23.45 -55.30
CA LYS B 90 -15.45 24.12 -54.55
C LYS B 90 -16.67 24.32 -55.43
N ASP B 91 -17.83 23.97 -54.90
CA ASP B 91 -19.09 24.27 -55.57
C ASP B 91 -19.49 25.71 -55.32
N ARG B 92 -20.02 26.36 -56.35
CA ARG B 92 -20.56 27.71 -56.23
C ARG B 92 -21.75 27.81 -57.15
N TYR B 93 -22.91 28.20 -56.61
CA TYR B 93 -24.15 28.04 -57.34
C TYR B 93 -24.90 29.35 -57.62
N LYS B 94 -24.36 30.49 -57.22
CA LYS B 94 -24.87 31.79 -57.68
C LYS B 94 -26.39 31.86 -57.62
N LYS B 95 -26.95 31.78 -56.41
CA LYS B 95 -28.39 31.86 -56.25
C LYS B 95 -28.86 33.30 -56.13
N GLY B 96 -29.61 33.78 -57.12
CA GLY B 96 -30.33 35.03 -57.00
C GLY B 96 -29.45 36.25 -56.87
N GLY B 97 -28.79 36.65 -57.96
CA GLY B 97 -28.02 37.87 -57.95
C GLY B 97 -26.85 37.87 -56.99
N ALA B 98 -26.48 36.70 -56.48
CA ALA B 98 -25.38 36.58 -55.54
C ALA B 98 -24.86 35.15 -55.62
N GLU B 99 -23.64 34.96 -55.12
CA GLU B 99 -23.01 33.65 -55.19
C GLU B 99 -22.22 33.38 -53.92
N THR B 100 -21.94 32.10 -53.69
CA THR B 100 -21.23 31.70 -52.48
C THR B 100 -19.81 32.21 -52.51
N SER B 101 -19.30 32.56 -51.33
CA SER B 101 -17.97 33.15 -51.24
C SER B 101 -16.89 32.13 -51.56
N LEU B 102 -15.70 32.64 -51.86
CA LEU B 102 -14.59 31.77 -52.19
C LEU B 102 -14.19 30.89 -51.01
N PHE B 103 -14.51 31.30 -49.79
CA PHE B 103 -14.34 30.46 -48.61
C PHE B 103 -15.70 30.29 -47.95
N SER B 104 -16.06 29.05 -47.65
CA SER B 104 -17.31 28.79 -46.96
C SER B 104 -17.26 27.39 -46.38
N TYR B 105 -18.11 27.15 -45.39
CA TYR B 105 -18.13 25.86 -44.72
C TYR B 105 -18.20 24.75 -45.75
N TYR B 106 -17.29 23.79 -45.65
CA TYR B 106 -17.28 22.64 -46.53
C TYR B 106 -17.45 21.38 -45.70
N ASP B 107 -18.31 20.49 -46.18
CA ASP B 107 -18.74 19.32 -45.41
C ASP B 107 -17.63 18.29 -45.43
N TYR B 108 -17.09 18.00 -44.25
CA TYR B 108 -16.10 16.94 -44.10
C TYR B 108 -16.65 15.74 -43.35
N GLU B 109 -17.72 15.94 -42.57
CA GLU B 109 -18.24 14.83 -41.76
C GLU B 109 -18.61 13.64 -42.62
N SER B 110 -19.20 13.89 -43.79
CA SER B 110 -19.58 12.77 -44.64
C SER B 110 -18.35 12.01 -45.11
N ILE B 111 -17.28 12.72 -45.48
CA ILE B 111 -16.06 12.03 -45.87
C ILE B 111 -15.50 11.21 -44.72
N ARG B 112 -15.46 11.79 -43.52
CA ARG B 112 -14.94 11.05 -42.38
C ARG B 112 -15.75 9.78 -42.16
N ASP B 113 -17.08 9.90 -42.19
CA ASP B 113 -17.93 8.76 -41.92
C ASP B 113 -17.72 7.68 -42.97
N ARG B 114 -17.65 8.06 -44.25
CA ARG B 114 -17.46 7.07 -45.30
C ARG B 114 -16.14 6.34 -45.12
N LEU B 115 -15.07 7.08 -44.85
CA LEU B 115 -13.77 6.45 -44.69
C LEU B 115 -13.75 5.50 -43.51
N PHE B 116 -14.31 5.94 -42.36
CA PHE B 116 -14.30 5.08 -41.20
C PHE B 116 -15.13 3.82 -41.45
N ASN B 117 -16.27 3.96 -42.11
CA ASN B 117 -17.10 2.79 -42.36
C ASN B 117 -16.37 1.79 -43.23
N ALA B 118 -15.72 2.25 -44.30
CA ALA B 118 -14.97 1.33 -45.15
C ALA B 118 -13.85 0.67 -44.37
N MET B 119 -13.14 1.45 -43.54
CA MET B 119 -12.02 0.90 -42.79
C MET B 119 -12.48 -0.19 -41.84
N VAL B 120 -13.59 0.05 -41.13
CA VAL B 120 -14.07 -0.96 -40.18
C VAL B 120 -14.57 -2.20 -40.92
N ALA B 121 -15.24 -2.00 -42.05
CA ALA B 121 -15.69 -3.15 -42.83
C ALA B 121 -14.50 -4.04 -43.19
N PHE B 122 -13.46 -3.44 -43.77
CA PHE B 122 -12.30 -4.25 -44.14
C PHE B 122 -11.66 -4.90 -42.92
N ALA B 123 -11.52 -4.14 -41.82
CA ALA B 123 -10.88 -4.69 -40.65
C ALA B 123 -11.61 -5.92 -40.16
N GLY B 124 -12.93 -5.86 -40.07
CA GLY B 124 -13.69 -7.03 -39.72
C GLY B 124 -13.49 -8.14 -40.72
N GLU B 125 -13.37 -7.79 -42.01
CA GLU B 125 -13.26 -8.82 -43.04
C GLU B 125 -11.99 -9.63 -42.89
N TYR B 126 -10.85 -8.98 -42.65
CA TYR B 126 -9.56 -9.66 -42.68
C TYR B 126 -8.79 -9.65 -41.36
N GLY B 127 -9.09 -8.72 -40.46
CA GLY B 127 -8.37 -8.66 -39.21
C GLY B 127 -7.15 -7.77 -39.25
N ILE B 128 -7.35 -6.52 -39.66
CA ILE B 128 -6.33 -5.49 -39.60
C ILE B 128 -7.00 -4.20 -39.14
N THR B 129 -6.46 -3.57 -38.11
CA THR B 129 -7.07 -2.39 -37.52
C THR B 129 -6.06 -1.26 -37.44
N PHE B 130 -6.59 -0.04 -37.42
CA PHE B 130 -5.79 1.18 -37.47
C PHE B 130 -6.11 2.04 -36.26
N GLU B 131 -5.23 2.97 -35.95
CA GLU B 131 -5.46 3.93 -34.88
C GLU B 131 -5.61 5.33 -35.46
N PHE B 132 -6.71 5.99 -35.12
CA PHE B 132 -6.93 7.35 -35.56
C PHE B 132 -6.08 8.29 -34.71
N VAL B 133 -5.65 9.39 -35.30
CA VAL B 133 -4.73 10.33 -34.64
C VAL B 133 -5.27 11.75 -34.64
N SER B 134 -5.62 12.28 -35.80
CA SER B 134 -6.18 13.63 -35.84
C SER B 134 -6.68 13.93 -37.24
N LEU B 135 -7.47 15.00 -37.34
CA LEU B 135 -8.04 15.49 -38.58
C LEU B 135 -7.84 16.99 -38.65
N ASP B 136 -7.48 17.50 -39.82
CA ASP B 136 -7.27 18.92 -40.00
C ASP B 136 -7.72 19.33 -41.40
N ILE B 137 -8.15 20.58 -41.52
CA ILE B 137 -8.76 21.08 -42.74
C ILE B 137 -8.21 22.47 -43.04
N SER B 138 -8.03 22.77 -44.33
CA SER B 138 -7.57 24.07 -44.77
C SER B 138 -7.92 24.24 -46.23
N THR B 139 -7.89 25.49 -46.69
CA THR B 139 -8.32 25.83 -48.05
C THR B 139 -7.30 26.72 -48.72
N GLU B 140 -7.28 26.69 -50.06
CA GLU B 140 -6.41 27.53 -50.85
C GLU B 140 -7.12 27.81 -52.17
N GLY B 141 -7.66 29.02 -52.31
CA GLY B 141 -8.33 29.38 -53.54
C GLY B 141 -9.41 28.40 -53.93
N ASP B 142 -9.13 27.60 -54.95
CA ASP B 142 -10.14 26.69 -55.49
C ASP B 142 -10.22 25.37 -54.72
N THR B 143 -9.13 24.95 -54.09
CA THR B 143 -9.02 23.60 -53.55
C THR B 143 -9.04 23.63 -52.03
N VAL B 144 -9.50 22.52 -51.44
CA VAL B 144 -9.55 22.37 -49.99
C VAL B 144 -8.74 21.14 -49.63
N TYR B 145 -7.85 21.29 -48.65
CA TYR B 145 -6.96 20.23 -48.23
C TYR B 145 -7.51 19.61 -46.97
N ILE B 146 -7.80 18.31 -47.01
CA ILE B 146 -8.25 17.57 -45.83
C ILE B 146 -7.21 16.52 -45.53
N GLU B 147 -6.66 16.56 -44.32
CA GLU B 147 -5.53 15.73 -43.95
C GLU B 147 -5.90 14.85 -42.76
N PHE B 148 -5.80 13.53 -42.95
CA PHE B 148 -5.97 12.56 -41.88
C PHE B 148 -4.62 12.01 -41.49
N ARG B 149 -4.48 11.62 -40.24
CA ARG B 149 -3.27 10.97 -39.75
C ARG B 149 -3.66 9.67 -39.07
N PHE B 150 -2.99 8.58 -39.44
CA PHE B 150 -3.29 7.28 -38.89
C PHE B 150 -2.02 6.63 -38.39
N ARG B 151 -2.17 5.45 -37.80
CA ARG B 151 -1.06 4.74 -37.19
C ARG B 151 -1.38 3.26 -37.13
N GLN B 152 -0.38 2.43 -37.41
CA GLN B 152 -0.52 0.98 -37.39
C GLN B 152 0.39 0.39 -36.33
N ASN B 153 -0.14 -0.56 -35.57
CA ASN B 153 0.65 -1.33 -34.60
C ASN B 153 0.69 -2.79 -35.04
N PHE B 154 1.87 -3.36 -35.10
CA PHE B 154 2.00 -4.74 -35.54
C PHE B 154 3.32 -5.32 -35.05
N ASP B 155 3.34 -6.63 -34.90
CA ASP B 155 4.58 -7.33 -34.56
C ASP B 155 5.41 -7.54 -35.81
N TRP B 156 6.64 -7.96 -35.61
CA TRP B 156 7.53 -8.28 -36.72
C TRP B 156 8.25 -9.60 -36.42
N CYS B 157 8.58 -10.32 -37.49
CA CYS B 157 9.19 -11.63 -37.35
C CYS B 157 10.30 -11.75 -38.38
N GLU B 158 11.23 -12.67 -38.13
CA GLU B 158 12.32 -12.88 -39.06
C GLU B 158 11.95 -13.92 -40.11
N ALA B 159 12.69 -13.92 -41.20
CA ALA B 159 12.39 -14.80 -42.31
C ALA B 159 12.60 -16.25 -41.93
N ASP B 160 12.00 -17.14 -42.71
CA ASP B 160 12.12 -18.57 -42.45
C ASP B 160 13.56 -19.03 -42.69
N ARG B 161 13.87 -20.22 -42.19
CA ARG B 161 15.22 -20.74 -42.25
C ARG B 161 15.16 -22.26 -42.25
N GLU B 162 16.27 -22.87 -42.64
CA GLU B 162 16.34 -24.32 -42.81
C GLU B 162 17.28 -24.94 -41.78
N SER B 163 16.89 -26.09 -41.25
CA SER B 163 17.68 -26.78 -40.25
C SER B 163 19.02 -27.21 -40.81
N ASP B 164 20.00 -27.34 -39.91
CA ASP B 164 21.30 -27.84 -40.32
C ASP B 164 21.27 -29.34 -40.55
N THR B 165 20.55 -30.08 -39.71
CA THR B 165 20.57 -31.53 -39.77
C THR B 165 19.46 -32.08 -38.90
N VAL B 166 19.50 -33.38 -38.68
CA VAL B 166 18.54 -34.09 -37.85
C VAL B 166 19.27 -35.17 -37.07
N ILE B 167 18.65 -35.64 -35.98
CA ILE B 167 19.26 -36.66 -35.14
C ILE B 167 18.71 -38.03 -35.52
N LYS B 168 19.60 -39.04 -35.53
CA LYS B 168 19.17 -40.40 -35.83
C LYS B 168 19.71 -41.46 -34.87
N ALA B 169 20.92 -41.33 -34.33
CA ALA B 169 21.45 -42.34 -33.44
C ALA B 169 22.57 -41.73 -32.61
N GLY B 170 22.91 -42.40 -31.50
CA GLY B 170 23.84 -41.84 -30.56
C GLY B 170 24.86 -42.82 -30.02
N SER B 171 26.13 -42.40 -30.02
CA SER B 171 27.23 -43.23 -29.54
C SER B 171 27.64 -42.79 -28.15
N PHE B 172 27.74 -43.73 -27.23
CA PHE B 172 28.16 -43.44 -25.86
C PHE B 172 29.18 -44.45 -25.43
N SER B 173 30.21 -43.99 -24.71
CA SER B 173 31.33 -44.83 -24.34
C SER B 173 31.14 -45.55 -23.02
N LEU B 174 30.86 -44.82 -21.95
CA LEU B 174 30.81 -45.40 -20.61
C LEU B 174 32.17 -45.96 -20.21
N ASN B 175 33.16 -45.08 -20.15
CA ASN B 175 34.51 -45.47 -19.74
C ASN B 175 34.51 -45.94 -18.30
N LEU B 176 35.71 -46.23 -17.81
CA LEU B 176 35.90 -46.60 -16.41
C LEU B 176 35.91 -45.36 -15.54
N LYS C 4 -40.10 20.88 -32.10
CA LYS C 4 -38.66 20.83 -31.88
C LYS C 4 -37.93 20.73 -33.22
N LEU C 5 -36.60 20.66 -33.14
CA LEU C 5 -35.77 20.60 -34.34
C LEU C 5 -35.50 19.14 -34.72
N LYS C 6 -34.78 18.97 -35.83
CA LYS C 6 -34.33 17.66 -36.26
C LYS C 6 -32.82 17.69 -36.43
N LEU C 7 -32.12 16.85 -35.68
CA LEU C 7 -30.67 16.85 -35.66
C LEU C 7 -30.11 15.82 -36.62
N THR C 8 -28.99 16.17 -37.25
CA THR C 8 -28.33 15.21 -38.12
C THR C 8 -27.88 13.99 -37.35
N TYR C 9 -27.37 14.18 -36.13
CA TYR C 9 -26.91 13.10 -35.29
C TYR C 9 -27.68 13.13 -33.98
N SER C 10 -27.40 12.15 -33.12
CA SER C 10 -28.10 12.06 -31.85
C SER C 10 -27.30 12.59 -30.68
N ASN C 11 -25.98 12.78 -30.84
CA ASN C 11 -25.15 13.14 -29.70
C ASN C 11 -24.14 14.23 -30.01
N ARG C 12 -24.22 14.89 -31.16
CA ARG C 12 -23.32 16.01 -31.43
C ARG C 12 -23.93 16.90 -32.51
N LEU C 13 -23.43 18.12 -32.56
CA LEU C 13 -23.90 19.13 -33.50
C LEU C 13 -22.78 19.51 -34.46
N THR C 14 -23.09 19.50 -35.75
CA THR C 14 -22.15 19.99 -36.74
C THR C 14 -22.11 21.51 -36.72
N LEU C 15 -20.97 22.07 -37.12
CA LEU C 15 -20.79 23.51 -36.97
C LEU C 15 -21.96 24.32 -37.52
N PRO C 16 -22.49 24.01 -38.71
CA PRO C 16 -23.67 24.76 -39.15
C PRO C 16 -24.80 24.71 -38.15
N GLU C 17 -25.01 23.57 -37.49
CA GLU C 17 -26.10 23.47 -36.53
C GLU C 17 -25.89 24.43 -35.37
N ILE C 18 -24.66 24.53 -34.87
CA ILE C 18 -24.37 25.49 -33.82
C ILE C 18 -24.63 26.90 -34.31
N ALA C 19 -24.04 27.26 -35.46
CA ALA C 19 -24.21 28.61 -35.97
C ALA C 19 -25.68 28.95 -36.16
N LYS C 20 -26.50 27.95 -36.44
CA LYS C 20 -27.91 28.21 -36.71
C LYS C 20 -28.76 28.26 -35.44
N HIS C 21 -28.45 27.45 -34.43
CA HIS C 21 -29.36 27.28 -33.32
C HIS C 21 -28.85 27.79 -31.98
N ILE C 22 -27.57 28.16 -31.85
CA ILE C 22 -27.02 28.64 -30.59
C ILE C 22 -26.55 30.08 -30.70
N VAL C 23 -26.02 30.47 -31.86
CA VAL C 23 -25.48 31.81 -32.02
C VAL C 23 -26.54 32.75 -32.59
N SER C 24 -27.15 32.35 -33.70
CA SER C 24 -28.11 33.24 -34.35
C SER C 24 -29.29 33.63 -33.46
N PRO C 25 -29.96 32.71 -32.77
CA PRO C 25 -31.17 33.11 -32.02
C PRO C 25 -30.89 33.86 -30.74
N THR C 26 -29.66 33.92 -30.27
CA THR C 26 -29.35 34.57 -29.01
C THR C 26 -28.88 36.00 -29.18
N PHE C 27 -28.10 36.29 -30.21
CA PHE C 27 -27.54 37.62 -30.43
C PHE C 27 -28.34 38.31 -31.53
N HIS C 28 -29.28 39.16 -31.13
CA HIS C 28 -30.03 39.95 -32.08
C HIS C 28 -29.18 41.00 -32.75
N GLU C 29 -28.07 41.42 -32.12
CA GLU C 29 -27.18 42.37 -32.77
C GLU C 29 -26.82 41.88 -34.16
N LEU C 30 -26.55 40.59 -34.29
CA LEU C 30 -26.21 39.98 -35.56
C LEU C 30 -27.50 39.67 -36.30
N GLU C 31 -27.75 40.36 -37.41
CA GLU C 31 -28.88 40.03 -38.26
C GLU C 31 -28.56 38.72 -39.00
N GLY C 32 -28.49 37.66 -38.22
CA GLY C 32 -27.92 36.43 -38.72
C GLY C 32 -26.42 36.54 -38.72
N ARG C 33 -25.80 36.34 -39.87
CA ARG C 33 -24.36 36.51 -40.02
C ARG C 33 -23.56 35.67 -39.03
N ALA C 34 -24.11 34.53 -38.62
CA ALA C 34 -23.35 33.52 -37.89
C ALA C 34 -22.84 32.53 -38.92
N ILE C 35 -21.66 32.79 -39.45
CA ILE C 35 -21.18 32.16 -40.68
C ILE C 35 -20.17 31.08 -40.32
N PRO C 36 -20.46 29.81 -40.57
CA PRO C 36 -19.42 28.78 -40.42
C PRO C 36 -18.41 28.86 -41.54
N VAL C 37 -17.14 28.60 -41.22
CA VAL C 37 -16.07 28.62 -42.20
C VAL C 37 -15.13 27.45 -41.94
N THR C 38 -14.32 27.14 -42.95
CA THR C 38 -13.37 26.03 -42.83
C THR C 38 -12.34 26.28 -41.75
N GLY C 39 -11.75 27.47 -41.72
CA GLY C 39 -10.73 27.79 -40.75
C GLY C 39 -10.68 29.28 -40.44
N VAL C 40 -10.69 29.63 -39.16
CA VAL C 40 -10.70 31.03 -38.77
C VAL C 40 -9.42 31.75 -39.17
N GLU C 41 -8.35 31.01 -39.44
CA GLU C 41 -7.04 31.60 -39.69
C GLU C 41 -6.70 31.69 -41.16
N ASP C 42 -7.65 31.45 -42.07
CA ASP C 42 -7.37 31.45 -43.49
C ASP C 42 -8.15 32.55 -44.18
N ASP C 43 -7.48 33.21 -45.12
CA ASP C 43 -8.09 34.30 -45.89
C ASP C 43 -8.56 35.42 -44.97
N LYS C 44 -7.69 35.81 -44.04
CA LYS C 44 -8.10 36.80 -43.04
C LYS C 44 -8.55 38.09 -43.71
N GLU C 45 -7.82 38.53 -44.75
CA GLU C 45 -8.22 39.77 -45.40
C GLU C 45 -9.65 39.70 -45.92
N GLY C 46 -10.05 38.58 -46.51
CA GLY C 46 -11.41 38.45 -46.97
C GLY C 46 -12.41 38.54 -45.83
N GLN C 47 -12.02 38.07 -44.65
CA GLN C 47 -12.93 38.10 -43.51
C GLN C 47 -13.32 39.53 -43.15
N SER C 48 -12.34 40.42 -43.07
CA SER C 48 -12.60 41.75 -42.53
C SER C 48 -13.66 42.50 -43.31
N ALA C 49 -13.89 42.17 -44.57
CA ALA C 49 -14.87 42.89 -45.37
C ALA C 49 -16.30 42.62 -44.94
N ILE C 50 -16.55 41.52 -44.23
CA ILE C 50 -17.92 41.21 -43.85
C ILE C 50 -18.46 42.32 -42.97
N THR C 51 -19.76 42.61 -43.12
CA THR C 51 -20.38 43.67 -42.36
C THR C 51 -20.32 43.36 -40.88
N LYS C 52 -20.09 44.39 -40.08
CA LYS C 52 -20.01 44.21 -38.64
C LYS C 52 -21.33 44.57 -37.98
N PRO C 53 -21.66 43.97 -36.84
CA PRO C 53 -20.97 42.86 -36.19
C PRO C 53 -21.29 41.52 -36.82
N PHE C 54 -20.42 40.53 -36.65
CA PHE C 54 -20.67 39.19 -37.16
C PHE C 54 -19.80 38.22 -36.38
N ALA C 55 -20.16 36.94 -36.46
CA ALA C 55 -19.47 35.90 -35.72
C ALA C 55 -19.19 34.71 -36.61
N LEU C 56 -17.98 34.17 -36.50
CA LEU C 56 -17.55 33.02 -37.30
C LEU C 56 -17.54 31.77 -36.44
N VAL C 57 -17.61 30.62 -37.08
CA VAL C 57 -17.50 29.33 -36.41
C VAL C 57 -16.57 28.45 -37.24
N GLY C 58 -15.49 27.99 -36.63
CA GLY C 58 -14.49 27.23 -37.37
C GLY C 58 -13.79 26.18 -36.55
N LEU C 59 -13.45 25.07 -37.19
CA LEU C 59 -12.80 23.97 -36.50
C LEU C 59 -11.29 24.21 -36.43
N ARG C 60 -10.68 23.77 -35.33
CA ARG C 60 -9.22 23.86 -35.17
C ARG C 60 -8.57 22.57 -35.63
N ILE C 61 -8.86 21.46 -34.94
CA ILE C 61 -8.40 20.14 -35.34
C ILE C 61 -9.31 19.11 -34.69
N GLY C 62 -9.64 18.06 -35.44
CA GLY C 62 -10.19 16.88 -34.84
C GLY C 62 -9.16 16.23 -33.93
N ASP C 63 -9.63 15.40 -33.01
CA ASP C 63 -8.74 14.92 -31.97
C ASP C 63 -9.37 13.74 -31.27
N THR C 64 -8.55 13.01 -30.52
CA THR C 64 -8.99 11.89 -29.71
C THR C 64 -8.70 12.16 -28.24
N SER C 65 -9.63 11.75 -27.38
CA SER C 65 -9.49 11.91 -25.94
C SER C 65 -9.45 10.57 -25.23
N GLY C 66 -8.72 9.59 -25.76
CA GLY C 66 -8.68 8.27 -25.19
C GLY C 66 -8.28 7.24 -26.23
N PRO C 67 -8.72 6.00 -26.05
CA PRO C 67 -8.49 5.00 -27.09
C PRO C 67 -9.33 5.29 -28.31
N ALA C 68 -8.74 5.06 -29.49
CA ALA C 68 -9.46 5.30 -30.73
C ALA C 68 -9.15 4.27 -31.80
N GLU C 69 -8.79 3.04 -31.42
CA GLU C 69 -8.42 2.04 -32.41
C GLU C 69 -9.65 1.60 -33.18
N ILE C 70 -9.69 1.94 -34.46
CA ILE C 70 -10.85 1.62 -35.29
C ILE C 70 -10.97 0.11 -35.43
N GLY C 71 -12.20 -0.38 -35.54
CA GLY C 71 -12.46 -1.77 -35.80
C GLY C 71 -12.56 -2.63 -34.56
N GLU C 72 -11.55 -2.61 -33.69
CA GLU C 72 -11.59 -3.45 -32.50
C GLU C 72 -12.82 -3.12 -31.67
N ASN C 73 -13.42 -4.16 -31.12
CA ASN C 73 -14.70 -4.00 -30.44
C ASN C 73 -14.53 -3.30 -29.10
N SER C 74 -14.19 -2.03 -29.14
CA SER C 74 -14.16 -1.18 -27.96
C SER C 74 -14.68 0.20 -28.33
N ARG C 75 -15.05 0.98 -27.32
CA ARG C 75 -15.56 2.32 -27.56
C ARG C 75 -14.56 3.13 -28.37
N ILE C 76 -15.05 4.21 -28.97
CA ILE C 76 -14.22 5.13 -29.74
C ILE C 76 -14.48 6.55 -29.27
N ASN C 77 -13.46 7.19 -28.71
CA ASN C 77 -13.62 8.50 -28.11
C ASN C 77 -13.11 9.62 -29.01
N LEU C 78 -13.94 10.13 -29.91
CA LEU C 78 -13.52 11.24 -30.75
C LEU C 78 -13.61 12.55 -29.98
N ARG C 79 -13.02 13.60 -30.57
CA ARG C 79 -13.05 14.93 -29.99
C ARG C 79 -12.92 15.98 -31.10
N ASP C 80 -13.44 17.18 -30.83
CA ASP C 80 -13.35 18.29 -31.76
C ASP C 80 -13.11 19.58 -31.01
N ASP C 81 -12.23 20.43 -31.56
CA ASP C 81 -11.96 21.75 -31.01
C ASP C 81 -12.36 22.80 -32.04
N PHE C 82 -13.33 23.63 -31.69
CA PHE C 82 -13.81 24.64 -32.62
C PHE C 82 -13.81 26.00 -31.95
N ILE C 83 -13.74 27.04 -32.78
CA ILE C 83 -13.59 28.41 -32.32
C ILE C 83 -14.84 29.19 -32.68
N ILE C 84 -15.28 30.05 -31.76
CA ILE C 84 -16.31 31.05 -32.03
C ILE C 84 -15.65 32.41 -31.85
N GLU C 85 -15.57 33.18 -32.93
CA GLU C 85 -14.98 34.51 -32.90
C GLU C 85 -16.03 35.53 -33.30
N PHE C 86 -16.12 36.62 -32.53
CA PHE C 86 -17.02 37.72 -32.83
C PHE C 86 -16.26 38.88 -33.45
N ASN C 87 -16.99 39.95 -33.75
CA ASN C 87 -16.43 41.21 -34.19
C ASN C 87 -17.42 42.32 -33.90
N PHE C 88 -17.00 43.36 -33.19
CA PHE C 88 -17.88 44.45 -32.82
C PHE C 88 -17.19 45.78 -33.06
N ASN C 89 -18.00 46.82 -33.26
CA ASN C 89 -17.45 48.16 -33.41
C ASN C 89 -17.06 48.70 -32.03
N LYS C 90 -16.88 50.02 -31.97
CA LYS C 90 -16.66 50.73 -30.71
C LYS C 90 -17.59 51.92 -30.62
N ASP C 91 -18.41 51.95 -29.57
CA ASP C 91 -19.19 53.14 -29.26
C ASP C 91 -18.29 54.22 -28.69
N ARG C 92 -18.55 55.47 -29.08
CA ARG C 92 -17.74 56.62 -28.64
C ARG C 92 -18.71 57.79 -28.44
N TYR C 93 -18.96 58.14 -27.17
CA TYR C 93 -20.06 59.04 -26.85
C TYR C 93 -19.64 60.49 -26.65
N LYS C 94 -18.35 60.79 -26.63
CA LYS C 94 -17.86 62.17 -26.71
C LYS C 94 -18.60 63.10 -25.76
N LYS C 95 -18.44 62.84 -24.46
CA LYS C 95 -19.11 63.65 -23.45
C LYS C 95 -18.29 64.90 -23.15
N GLY C 96 -18.90 66.06 -23.35
CA GLY C 96 -18.38 67.30 -22.82
C GLY C 96 -17.01 67.69 -23.35
N GLY C 97 -16.94 68.04 -24.63
CA GLY C 97 -15.69 68.53 -25.18
C GLY C 97 -14.55 67.54 -25.16
N ALA C 98 -14.85 66.26 -24.97
CA ALA C 98 -13.83 65.23 -24.95
C ALA C 98 -14.37 64.01 -25.68
N GLU C 99 -13.48 63.10 -26.01
CA GLU C 99 -13.82 61.90 -26.76
C GLU C 99 -13.21 60.69 -26.05
N THR C 100 -13.87 59.55 -26.19
CA THR C 100 -13.33 58.32 -25.62
C THR C 100 -12.16 57.84 -26.47
N SER C 101 -11.13 57.31 -25.81
CA SER C 101 -9.94 56.88 -26.52
C SER C 101 -10.26 55.73 -27.46
N LEU C 102 -9.45 55.61 -28.50
CA LEU C 102 -9.66 54.54 -29.47
C LEU C 102 -9.51 53.16 -28.85
N PHE C 103 -8.80 53.05 -27.73
CA PHE C 103 -8.76 51.82 -26.95
C PHE C 103 -9.29 52.11 -25.57
N SER C 104 -10.26 51.32 -25.13
CA SER C 104 -10.83 51.48 -23.81
C SER C 104 -11.51 50.19 -23.42
N TYR C 105 -11.70 50.01 -22.12
CA TYR C 105 -12.30 48.78 -21.61
C TYR C 105 -13.61 48.52 -22.31
N TYR C 106 -13.77 47.29 -22.80
CA TYR C 106 -14.98 46.89 -23.49
C TYR C 106 -15.57 45.69 -22.77
N ASP C 107 -16.89 45.71 -22.61
CA ASP C 107 -17.58 44.71 -21.79
C ASP C 107 -17.67 43.41 -22.57
N TYR C 108 -17.08 42.36 -22.01
CA TYR C 108 -17.25 41.02 -22.55
C TYR C 108 -18.02 40.11 -21.60
N GLU C 109 -18.09 40.46 -20.32
CA GLU C 109 -18.75 39.59 -19.36
C GLU C 109 -20.19 39.33 -19.77
N SER C 110 -20.89 40.36 -20.25
CA SER C 110 -22.26 40.15 -20.67
C SER C 110 -22.33 39.17 -21.83
N ILE C 111 -21.41 39.28 -22.79
CA ILE C 111 -21.41 38.36 -23.91
C ILE C 111 -21.19 36.93 -23.41
N ARG C 112 -20.20 36.74 -22.55
CA ARG C 112 -19.94 35.40 -22.04
C ARG C 112 -21.16 34.85 -21.33
N ASP C 113 -21.79 35.66 -20.48
CA ASP C 113 -22.94 35.18 -19.73
C ASP C 113 -24.08 34.79 -20.65
N ARG C 114 -24.34 35.61 -21.66
CA ARG C 114 -25.43 35.29 -22.58
C ARG C 114 -25.15 33.99 -23.31
N LEU C 115 -23.92 33.83 -23.81
CA LEU C 115 -23.60 32.62 -24.55
C LEU C 115 -23.72 31.38 -23.67
N PHE C 116 -23.18 31.45 -22.45
CA PHE C 116 -23.25 30.28 -21.57
C PHE C 116 -24.69 29.95 -21.21
N ASN C 117 -25.50 30.97 -20.91
CA ASN C 117 -26.88 30.71 -20.56
C ASN C 117 -27.61 30.03 -21.70
N ALA C 118 -27.39 30.50 -22.93
CA ALA C 118 -28.03 29.86 -24.07
C ALA C 118 -27.56 28.42 -24.23
N MET C 119 -26.25 28.18 -24.09
CA MET C 119 -25.77 26.81 -24.26
C MET C 119 -26.35 25.88 -23.23
N VAL C 120 -26.45 26.33 -21.97
CA VAL C 120 -26.98 25.45 -20.93
C VAL C 120 -28.47 25.20 -21.16
N ALA C 121 -29.20 26.23 -21.59
CA ALA C 121 -30.61 26.01 -21.93
C ALA C 121 -30.74 24.92 -22.97
N PHE C 122 -29.99 25.03 -24.06
CA PHE C 122 -30.10 24.02 -25.11
C PHE C 122 -29.71 22.65 -24.59
N ALA C 123 -28.63 22.59 -23.82
CA ALA C 123 -28.16 21.29 -23.33
C ALA C 123 -29.22 20.61 -22.50
N GLY C 124 -29.86 21.35 -21.60
CA GLY C 124 -31.00 20.80 -20.90
C GLY C 124 -32.08 20.36 -21.85
N GLU C 125 -32.31 21.13 -22.92
CA GLU C 125 -33.40 20.82 -23.83
C GLU C 125 -33.21 19.47 -24.52
N TYR C 126 -32.01 19.20 -25.03
CA TYR C 126 -31.81 18.02 -25.89
C TYR C 126 -30.79 17.03 -25.37
N GLY C 127 -29.88 17.42 -24.48
CA GLY C 127 -28.87 16.49 -24.02
C GLY C 127 -27.62 16.53 -24.88
N ILE C 128 -27.03 17.70 -25.02
CA ILE C 128 -25.72 17.88 -25.63
C ILE C 128 -24.98 18.94 -24.83
N THR C 129 -23.72 18.66 -24.50
CA THR C 129 -22.96 19.54 -23.61
C THR C 129 -21.57 19.79 -24.19
N PHE C 130 -20.99 20.92 -23.80
CA PHE C 130 -19.72 21.39 -24.34
C PHE C 130 -18.72 21.58 -23.22
N GLU C 131 -17.44 21.58 -23.56
CA GLU C 131 -16.37 21.88 -22.61
C GLU C 131 -15.76 23.23 -22.95
N PHE C 132 -15.71 24.12 -21.97
CA PHE C 132 -15.06 25.41 -22.15
C PHE C 132 -13.56 25.25 -22.05
N VAL C 133 -12.82 26.07 -22.80
CA VAL C 133 -11.37 25.95 -22.89
C VAL C 133 -10.67 27.24 -22.51
N SER C 134 -11.01 28.35 -23.17
CA SER C 134 -10.40 29.62 -22.82
C SER C 134 -11.13 30.75 -23.52
N LEU C 135 -10.85 31.97 -23.05
CA LEU C 135 -11.37 33.20 -23.64
C LEU C 135 -10.20 34.15 -23.83
N ASP C 136 -10.20 34.86 -24.96
CA ASP C 136 -9.15 35.85 -25.22
C ASP C 136 -9.76 37.02 -25.97
N ILE C 137 -9.14 38.19 -25.85
CA ILE C 137 -9.68 39.42 -26.40
C ILE C 137 -8.55 40.28 -26.94
N SER C 138 -8.84 41.01 -28.02
CA SER C 138 -7.87 41.91 -28.63
C SER C 138 -8.63 42.91 -29.49
N THR C 139 -7.94 43.99 -29.86
CA THR C 139 -8.54 45.09 -30.59
C THR C 139 -7.70 45.48 -31.80
N GLU C 140 -8.35 46.07 -32.79
CA GLU C 140 -7.68 46.53 -34.01
C GLU C 140 -8.43 47.75 -34.52
N GLY C 141 -7.94 48.94 -34.22
CA GLY C 141 -8.58 50.14 -34.69
C GLY C 141 -10.03 50.22 -34.26
N ASP C 142 -10.95 49.95 -35.19
CA ASP C 142 -12.35 50.10 -34.90
C ASP C 142 -12.97 48.85 -34.30
N THR C 143 -12.40 47.67 -34.56
CA THR C 143 -13.05 46.41 -34.26
C THR C 143 -12.31 45.67 -33.16
N VAL C 144 -13.07 44.97 -32.32
CA VAL C 144 -12.53 44.20 -31.21
C VAL C 144 -12.82 42.73 -31.45
N TYR C 145 -11.80 41.90 -31.36
CA TYR C 145 -11.90 40.48 -31.65
C TYR C 145 -12.03 39.73 -30.33
N ILE C 146 -13.10 38.96 -30.18
CA ILE C 146 -13.33 38.13 -29.01
C ILE C 146 -13.36 36.69 -29.47
N GLU C 147 -12.49 35.85 -28.92
CA GLU C 147 -12.30 34.50 -29.40
C GLU C 147 -12.62 33.50 -28.30
N PHE C 148 -13.59 32.63 -28.57
CA PHE C 148 -13.95 31.54 -27.67
C PHE C 148 -13.40 30.23 -28.23
N ARG C 149 -12.85 29.41 -27.37
CA ARG C 149 -12.41 28.08 -27.74
C ARG C 149 -13.21 27.05 -26.95
N PHE C 150 -13.86 26.13 -27.65
CA PHE C 150 -14.70 25.12 -27.02
C PHE C 150 -14.25 23.74 -27.45
N ARG C 151 -15.03 22.73 -27.07
CA ARG C 151 -14.62 21.36 -27.28
C ARG C 151 -15.79 20.43 -27.05
N GLN C 152 -15.89 19.38 -27.87
CA GLN C 152 -16.94 18.38 -27.78
C GLN C 152 -16.33 17.01 -27.58
N ASN C 153 -16.94 16.21 -26.71
CA ASN C 153 -16.60 14.80 -26.54
C ASN C 153 -17.81 13.95 -26.86
N PHE C 154 -17.61 12.92 -27.67
CA PHE C 154 -18.72 12.05 -28.06
C PHE C 154 -18.19 10.71 -28.55
N ASP C 155 -19.05 9.71 -28.53
CA ASP C 155 -18.71 8.41 -29.11
C ASP C 155 -19.06 8.39 -30.58
N TRP C 156 -18.55 7.39 -31.29
CA TRP C 156 -18.84 7.19 -32.69
C TRP C 156 -19.29 5.75 -32.92
N CYS C 157 -20.09 5.57 -33.97
CA CYS C 157 -20.64 4.26 -34.29
C CYS C 157 -20.61 4.07 -35.79
N GLU C 158 -20.72 2.82 -36.23
CA GLU C 158 -20.70 2.53 -37.65
C GLU C 158 -22.11 2.49 -38.21
N ALA C 159 -22.19 2.49 -39.54
CA ALA C 159 -23.48 2.53 -40.21
C ALA C 159 -24.28 1.28 -39.89
N ASP C 160 -25.52 1.26 -40.38
CA ASP C 160 -26.46 0.18 -40.09
C ASP C 160 -26.38 -0.85 -41.21
N ARG C 161 -25.68 -1.95 -40.93
CA ARG C 161 -25.57 -3.03 -41.89
C ARG C 161 -26.85 -3.87 -41.89
N GLU C 162 -26.92 -4.80 -42.84
CA GLU C 162 -28.07 -5.69 -42.97
C GLU C 162 -27.60 -7.13 -42.90
N SER C 163 -28.43 -7.97 -42.28
CA SER C 163 -28.07 -9.36 -42.06
C SER C 163 -27.83 -10.08 -43.37
N ASP C 164 -27.41 -11.34 -43.27
CA ASP C 164 -27.20 -12.16 -44.45
C ASP C 164 -28.30 -13.20 -44.59
N THR C 165 -28.85 -13.67 -43.47
CA THR C 165 -29.83 -14.75 -43.50
C THR C 165 -30.34 -14.99 -42.10
N VAL C 166 -31.23 -15.97 -41.99
CA VAL C 166 -31.77 -16.41 -40.71
C VAL C 166 -31.59 -17.91 -40.65
N ILE C 167 -31.96 -18.54 -39.53
CA ILE C 167 -31.70 -19.94 -39.29
C ILE C 167 -32.99 -20.67 -38.97
N LYS C 168 -33.25 -21.77 -39.69
CA LYS C 168 -34.22 -22.76 -39.25
C LYS C 168 -33.95 -24.10 -39.94
N ALA C 169 -33.27 -25.03 -39.26
CA ALA C 169 -32.92 -26.32 -39.85
C ALA C 169 -32.14 -27.15 -38.83
N GLY C 170 -31.80 -28.37 -39.23
CA GLY C 170 -30.91 -29.23 -38.47
C GLY C 170 -30.78 -30.59 -39.11
N SER C 171 -29.55 -31.10 -39.24
CA SER C 171 -29.34 -32.40 -39.87
C SER C 171 -28.84 -33.44 -38.87
N PHE C 172 -27.75 -33.15 -38.16
CA PHE C 172 -27.21 -34.03 -37.13
C PHE C 172 -27.20 -35.49 -37.60
N SER C 173 -26.42 -35.72 -38.65
CA SER C 173 -26.35 -37.05 -39.25
C SER C 173 -26.10 -38.14 -38.21
N LEU C 174 -25.22 -37.89 -37.24
CA LEU C 174 -24.98 -38.84 -36.16
C LEU C 174 -24.44 -40.16 -36.70
N ASN C 175 -23.27 -40.11 -37.31
CA ASN C 175 -22.63 -41.30 -37.85
C ASN C 175 -22.30 -42.27 -36.72
N LEU C 176 -21.68 -43.39 -37.11
CA LEU C 176 -21.20 -44.36 -36.14
C LEU C 176 -19.94 -43.85 -35.47
N LYS D 4 -21.73 50.99 2.34
CA LYS D 4 -20.89 50.10 1.55
C LYS D 4 -21.18 50.26 0.07
N LEU D 5 -20.49 49.46 -0.75
CA LEU D 5 -20.63 49.54 -2.19
C LEU D 5 -21.72 48.59 -2.67
N LYS D 6 -21.90 48.55 -3.99
CA LYS D 6 -22.79 47.60 -4.63
C LYS D 6 -22.05 46.90 -5.76
N LEU D 7 -22.05 45.57 -5.73
CA LEU D 7 -21.24 44.77 -6.62
C LEU D 7 -22.09 44.16 -7.72
N THR D 8 -21.54 44.13 -8.93
CA THR D 8 -22.25 43.49 -10.04
C THR D 8 -22.48 42.02 -9.75
N TYR D 9 -21.50 41.34 -9.19
CA TYR D 9 -21.59 39.93 -8.86
C TYR D 9 -21.36 39.76 -7.37
N SER D 10 -21.67 38.56 -6.88
CA SER D 10 -21.54 38.30 -5.44
C SER D 10 -20.21 37.65 -5.08
N ASN D 11 -19.41 37.22 -6.06
CA ASN D 11 -18.20 36.48 -5.74
C ASN D 11 -17.01 36.85 -6.61
N ARG D 12 -17.10 37.89 -7.44
CA ARG D 12 -15.95 38.29 -8.23
C ARG D 12 -16.10 39.74 -8.65
N LEU D 13 -14.99 40.32 -9.08
CA LEU D 13 -14.93 41.72 -9.49
C LEU D 13 -14.53 41.83 -10.95
N THR D 14 -15.28 42.63 -11.70
CA THR D 14 -14.89 42.96 -13.05
C THR D 14 -13.79 44.01 -13.04
N LEU D 15 -12.96 44.00 -14.08
CA LEU D 15 -11.77 44.85 -14.06
C LEU D 15 -12.09 46.29 -13.71
N PRO D 16 -13.14 46.92 -14.25
CA PRO D 16 -13.45 48.27 -13.80
C PRO D 16 -13.63 48.37 -12.30
N GLU D 17 -14.25 47.36 -11.69
CA GLU D 17 -14.46 47.41 -10.25
C GLU D 17 -13.14 47.44 -9.50
N ILE D 18 -12.17 46.64 -9.93
CA ILE D 18 -10.85 46.70 -9.31
C ILE D 18 -10.23 48.08 -9.52
N ALA D 19 -10.20 48.54 -10.76
CA ALA D 19 -9.55 49.81 -11.05
C ALA D 19 -10.21 50.94 -10.28
N LYS D 20 -11.47 50.76 -9.88
CA LYS D 20 -12.16 51.83 -9.18
C LYS D 20 -12.03 51.73 -7.66
N HIS D 21 -11.97 50.52 -7.10
CA HIS D 21 -12.08 50.36 -5.66
C HIS D 21 -10.82 49.84 -4.98
N ILE D 22 -9.81 49.41 -5.70
CA ILE D 22 -8.57 48.90 -5.11
C ILE D 22 -7.38 49.78 -5.46
N VAL D 23 -7.37 50.32 -6.67
CA VAL D 23 -6.21 51.08 -7.12
C VAL D 23 -6.39 52.57 -6.84
N SER D 24 -7.51 53.14 -7.29
CA SER D 24 -7.71 54.57 -7.13
C SER D 24 -7.70 55.03 -5.69
N PRO D 25 -8.38 54.38 -4.75
CA PRO D 25 -8.42 54.90 -3.37
C PRO D 25 -7.12 54.73 -2.60
N THR D 26 -6.20 53.91 -3.08
CA THR D 26 -4.96 53.67 -2.35
C THR D 26 -3.83 54.56 -2.81
N PHE D 27 -3.59 54.67 -4.10
CA PHE D 27 -2.47 55.45 -4.63
C PHE D 27 -2.94 56.86 -4.94
N HIS D 28 -2.66 57.78 -4.01
CA HIS D 28 -2.97 59.19 -4.25
C HIS D 28 -2.10 59.79 -5.34
N GLU D 29 -0.89 59.26 -5.54
CA GLU D 29 -0.04 59.78 -6.60
C GLU D 29 -0.81 59.84 -7.91
N LEU D 30 -1.58 58.80 -8.19
CA LEU D 30 -2.42 58.77 -9.39
C LEU D 30 -3.66 59.60 -9.09
N GLU D 31 -3.79 60.73 -9.77
CA GLU D 31 -4.99 61.54 -9.65
C GLU D 31 -6.13 60.83 -10.38
N GLY D 32 -6.51 59.69 -9.83
CA GLY D 32 -7.33 58.76 -10.58
C GLY D 32 -6.45 58.03 -11.56
N ARG D 33 -6.80 58.12 -12.84
CA ARG D 33 -5.98 57.56 -13.91
C ARG D 33 -5.68 56.09 -13.69
N ALA D 34 -6.62 55.33 -13.15
CA ALA D 34 -6.53 53.88 -13.09
C ALA D 34 -7.43 53.33 -14.17
N ILE D 35 -6.92 53.24 -15.38
CA ILE D 35 -7.73 53.04 -16.59
C ILE D 35 -7.76 51.55 -16.92
N PRO D 36 -8.92 50.90 -16.89
CA PRO D 36 -9.00 49.55 -17.46
C PRO D 36 -8.94 49.60 -18.97
N VAL D 37 -8.23 48.63 -19.56
CA VAL D 37 -8.05 48.58 -21.00
C VAL D 37 -8.28 47.15 -21.48
N THR D 38 -8.52 47.03 -22.78
CA THR D 38 -8.82 45.73 -23.36
C THR D 38 -7.64 44.78 -23.23
N GLY D 39 -6.45 45.23 -23.65
CA GLY D 39 -5.27 44.41 -23.56
C GLY D 39 -4.04 45.27 -23.46
N VAL D 40 -3.13 44.90 -22.56
CA VAL D 40 -1.95 45.71 -22.30
C VAL D 40 -1.01 45.79 -23.50
N GLU D 41 -1.20 44.93 -24.50
CA GLU D 41 -0.40 45.02 -25.72
C GLU D 41 -1.05 45.91 -26.77
N ASP D 42 -2.22 46.46 -26.47
CA ASP D 42 -3.00 47.16 -27.46
C ASP D 42 -2.53 48.60 -27.61
N ASP D 43 -2.36 49.04 -28.85
CA ASP D 43 -2.04 50.43 -29.17
C ASP D 43 -0.92 50.94 -28.26
N LYS D 44 0.24 50.32 -28.40
CA LYS D 44 1.35 50.67 -27.53
C LYS D 44 1.65 52.16 -27.54
N GLU D 45 1.47 52.81 -28.69
CA GLU D 45 1.76 54.24 -28.79
C GLU D 45 0.88 55.05 -27.87
N GLY D 46 -0.41 55.12 -28.17
CA GLY D 46 -1.30 55.90 -27.32
C GLY D 46 -1.23 55.44 -25.89
N GLN D 47 -0.93 54.15 -25.68
CA GLN D 47 -0.80 53.62 -24.34
C GLN D 47 0.41 54.19 -23.62
N SER D 48 1.36 54.78 -24.33
CA SER D 48 2.55 55.35 -23.73
C SER D 48 2.48 56.86 -23.60
N ALA D 49 1.39 57.48 -24.04
CA ALA D 49 1.27 58.93 -24.05
C ALA D 49 0.40 59.48 -22.94
N ILE D 50 -0.20 58.61 -22.11
CA ILE D 50 -1.04 59.12 -21.04
C ILE D 50 -0.14 59.80 -20.01
N THR D 51 -0.70 60.78 -19.31
CA THR D 51 0.08 61.51 -18.32
C THR D 51 0.59 60.56 -17.25
N LYS D 52 1.83 60.76 -16.83
CA LYS D 52 2.41 59.95 -15.79
C LYS D 52 2.19 60.59 -14.43
N PRO D 53 2.08 59.79 -13.36
CA PRO D 53 1.98 58.32 -13.33
C PRO D 53 0.58 57.83 -13.61
N PHE D 54 0.44 56.58 -14.05
CA PHE D 54 -0.87 55.99 -14.29
C PHE D 54 -0.73 54.49 -14.26
N ALA D 55 -1.86 53.80 -14.08
CA ALA D 55 -1.87 52.35 -13.99
C ALA D 55 -2.99 51.79 -14.84
N LEU D 56 -2.68 50.70 -15.55
CA LEU D 56 -3.62 50.04 -16.45
C LEU D 56 -4.06 48.72 -15.85
N VAL D 57 -5.26 48.29 -16.19
CA VAL D 57 -5.79 47.00 -15.77
C VAL D 57 -6.33 46.31 -17.02
N GLY D 58 -5.79 45.15 -17.34
CA GLY D 58 -6.18 44.46 -18.56
C GLY D 58 -6.19 42.95 -18.45
N LEU D 59 -7.18 42.33 -19.07
CA LEU D 59 -7.28 40.88 -19.04
C LEU D 59 -6.11 40.28 -19.80
N ARG D 60 -5.54 39.20 -19.26
CA ARG D 60 -4.49 38.44 -19.94
C ARG D 60 -5.11 37.28 -20.70
N ILE D 61 -5.80 36.39 -19.99
CA ILE D 61 -6.52 35.29 -20.61
C ILE D 61 -7.42 34.70 -19.55
N GLY D 62 -8.51 34.06 -19.98
CA GLY D 62 -9.44 33.40 -19.08
C GLY D 62 -9.50 31.92 -19.39
N ASP D 63 -9.29 31.10 -18.37
CA ASP D 63 -9.32 29.65 -18.54
C ASP D 63 -9.88 28.99 -17.29
N THR D 64 -9.65 27.69 -17.13
CA THR D 64 -10.34 26.90 -16.12
C THR D 64 -9.35 26.22 -15.19
N SER D 65 -9.67 26.21 -13.90
CA SER D 65 -8.84 25.57 -12.89
C SER D 65 -9.27 24.14 -12.60
N GLY D 66 -10.09 23.54 -13.46
CA GLY D 66 -10.55 22.19 -13.25
C GLY D 66 -11.57 21.79 -14.30
N PRO D 67 -12.57 21.02 -13.91
CA PRO D 67 -13.64 20.68 -14.86
C PRO D 67 -14.48 21.90 -15.18
N ALA D 68 -14.88 22.02 -16.45
CA ALA D 68 -15.69 23.16 -16.87
C ALA D 68 -16.74 22.74 -17.90
N GLU D 69 -17.22 21.49 -17.81
CA GLU D 69 -18.20 21.00 -18.77
C GLU D 69 -19.52 21.69 -18.52
N ILE D 70 -19.96 22.52 -19.47
CA ILE D 70 -21.17 23.30 -19.31
C ILE D 70 -22.38 22.41 -19.48
N GLY D 71 -23.44 22.69 -18.72
CA GLY D 71 -24.65 21.93 -18.77
C GLY D 71 -24.74 20.80 -17.76
N GLU D 72 -23.75 19.93 -17.70
CA GLU D 72 -23.81 18.81 -16.76
C GLU D 72 -23.88 19.33 -15.33
N ASN D 73 -24.69 18.65 -14.52
CA ASN D 73 -24.98 19.15 -13.19
C ASN D 73 -23.79 18.94 -12.26
N SER D 74 -22.68 19.60 -12.56
CA SER D 74 -21.51 19.63 -11.70
C SER D 74 -20.98 21.06 -11.62
N ARG D 75 -20.24 21.34 -10.57
CA ARG D 75 -19.68 22.67 -10.38
C ARG D 75 -18.93 23.11 -11.63
N ILE D 76 -18.76 24.42 -11.77
CA ILE D 76 -18.00 25.00 -12.88
C ILE D 76 -16.96 25.94 -12.29
N ASN D 77 -15.70 25.74 -12.65
CA ASN D 77 -14.59 26.55 -12.15
C ASN D 77 -14.07 27.42 -13.29
N LEU D 78 -13.74 28.67 -12.97
CA LEU D 78 -13.22 29.59 -13.96
C LEU D 78 -12.02 30.35 -13.40
N ARG D 79 -11.18 30.84 -14.30
CA ARG D 79 -10.00 31.60 -13.96
C ARG D 79 -9.95 32.87 -14.79
N ASP D 80 -9.37 33.92 -14.24
CA ASP D 80 -9.15 35.17 -14.95
C ASP D 80 -7.75 35.66 -14.63
N ASP D 81 -6.91 35.75 -15.65
CA ASP D 81 -5.59 36.33 -15.50
C ASP D 81 -5.62 37.79 -15.93
N PHE D 82 -5.29 38.68 -15.01
CA PHE D 82 -5.23 40.10 -15.32
C PHE D 82 -3.95 40.66 -14.74
N ILE D 83 -3.46 41.73 -15.37
CA ILE D 83 -2.17 42.33 -15.01
C ILE D 83 -2.36 43.80 -14.72
N ILE D 84 -1.78 44.26 -13.61
CA ILE D 84 -1.74 45.66 -13.25
C ILE D 84 -0.35 46.18 -13.55
N GLU D 85 -0.26 47.15 -14.45
CA GLU D 85 1.01 47.75 -14.84
C GLU D 85 1.00 49.23 -14.50
N PHE D 86 2.02 49.68 -13.78
CA PHE D 86 2.13 51.07 -13.36
C PHE D 86 3.06 51.82 -14.31
N ASN D 87 3.28 53.10 -14.03
CA ASN D 87 4.25 53.93 -14.73
C ASN D 87 4.62 55.10 -13.84
N PHE D 88 5.91 55.27 -13.58
CA PHE D 88 6.38 56.33 -12.71
C PHE D 88 7.57 57.03 -13.35
N ASN D 89 7.78 58.29 -12.98
CA ASN D 89 8.95 59.03 -13.41
C ASN D 89 10.15 58.65 -12.54
N LYS D 90 11.31 59.15 -12.93
CA LYS D 90 12.49 59.02 -12.09
C LYS D 90 12.81 60.33 -11.38
N ASP D 91 13.28 60.21 -10.15
CA ASP D 91 13.66 61.35 -9.34
C ASP D 91 15.17 61.49 -9.33
N ARG D 92 15.66 62.67 -9.66
CA ARG D 92 17.09 62.93 -9.70
C ARG D 92 17.37 64.24 -8.97
N TYR D 93 18.34 64.23 -8.06
CA TYR D 93 18.48 65.33 -7.13
C TYR D 93 19.85 66.00 -7.11
N LYS D 94 20.82 65.52 -7.90
CA LYS D 94 22.07 66.24 -8.11
C LYS D 94 22.69 66.73 -6.80
N LYS D 95 23.07 65.80 -5.94
CA LYS D 95 23.78 66.15 -4.73
C LYS D 95 25.26 66.36 -5.03
N GLY D 96 25.83 67.40 -4.45
CA GLY D 96 27.26 67.62 -4.56
C GLY D 96 27.77 67.81 -5.97
N GLY D 97 27.07 68.59 -6.79
CA GLY D 97 27.53 68.81 -8.14
C GLY D 97 27.63 67.55 -8.97
N ALA D 98 26.83 66.54 -8.67
CA ALA D 98 26.84 65.28 -9.38
C ALA D 98 25.42 64.77 -9.52
N GLU D 99 24.98 64.61 -10.76
CA GLU D 99 23.65 64.09 -11.04
C GLU D 99 23.56 62.63 -10.65
N THR D 100 22.35 62.16 -10.37
CA THR D 100 22.11 60.74 -10.20
C THR D 100 21.90 60.09 -11.57
N SER D 101 22.42 58.88 -11.72
CA SER D 101 22.44 58.25 -13.03
C SER D 101 21.03 57.99 -13.52
N LEU D 102 20.90 57.96 -14.85
CA LEU D 102 19.60 57.75 -15.46
C LEU D 102 18.99 56.41 -15.08
N PHE D 103 19.81 55.41 -14.75
CA PHE D 103 19.34 54.14 -14.24
C PHE D 103 19.87 53.96 -12.82
N SER D 104 18.97 53.65 -11.90
CA SER D 104 19.35 53.47 -10.50
C SER D 104 18.23 52.72 -9.80
N TYR D 105 18.57 52.11 -8.67
CA TYR D 105 17.61 51.31 -7.95
C TYR D 105 16.37 52.12 -7.64
N TYR D 106 15.21 51.53 -7.90
CA TYR D 106 13.94 52.18 -7.64
C TYR D 106 13.12 51.31 -6.69
N ASP D 107 12.49 51.96 -5.72
CA ASP D 107 11.85 51.24 -4.62
C ASP D 107 10.52 50.70 -5.09
N TYR D 108 10.42 49.37 -5.14
CA TYR D 108 9.17 48.70 -5.44
C TYR D 108 8.55 48.06 -4.21
N GLU D 109 9.34 47.76 -3.19
CA GLU D 109 8.81 47.04 -2.04
C GLU D 109 7.67 47.81 -1.40
N SER D 110 7.80 49.12 -1.31
CA SER D 110 6.73 49.91 -0.72
C SER D 110 5.46 49.80 -1.54
N ILE D 111 5.57 49.85 -2.86
CA ILE D 111 4.39 49.70 -3.70
C ILE D 111 3.74 48.34 -3.46
N ARG D 112 4.55 47.28 -3.45
CA ARG D 112 4.00 45.95 -3.23
C ARG D 112 3.27 45.90 -1.90
N ASP D 113 3.90 46.41 -0.84
CA ASP D 113 3.29 46.33 0.47
C ASP D 113 1.97 47.08 0.51
N ARG D 114 1.93 48.28 -0.07
CA ARG D 114 0.69 49.05 -0.05
C ARG D 114 -0.41 48.30 -0.80
N LEU D 115 -0.09 47.78 -1.98
CA LEU D 115 -1.10 47.09 -2.77
C LEU D 115 -1.63 45.87 -2.03
N PHE D 116 -0.73 45.05 -1.50
CA PHE D 116 -1.17 43.85 -0.79
C PHE D 116 -2.02 44.19 0.41
N ASN D 117 -1.64 45.22 1.16
CA ASN D 117 -2.43 45.58 2.33
C ASN D 117 -3.82 45.99 1.92
N ALA D 118 -3.94 46.77 0.85
CA ALA D 118 -5.27 47.18 0.40
C ALA D 118 -6.10 45.97 -0.02
N MET D 119 -5.49 45.05 -0.77
CA MET D 119 -6.24 43.86 -1.21
C MET D 119 -6.70 43.05 -0.02
N VAL D 120 -5.85 42.90 1.00
CA VAL D 120 -6.25 42.16 2.20
C VAL D 120 -7.41 42.84 2.88
N ALA D 121 -7.32 44.16 3.06
CA ALA D 121 -8.40 44.86 3.73
C ALA D 121 -9.72 44.63 3.01
N PHE D 122 -9.74 44.83 1.70
CA PHE D 122 -10.99 44.67 0.96
C PHE D 122 -11.49 43.23 1.05
N ALA D 123 -10.58 42.26 0.89
CA ALA D 123 -11.01 40.86 0.93
C ALA D 123 -11.66 40.54 2.26
N GLY D 124 -11.04 40.94 3.36
CA GLY D 124 -11.67 40.72 4.65
C GLY D 124 -13.01 41.42 4.74
N GLU D 125 -13.13 42.61 4.15
CA GLU D 125 -14.37 43.36 4.28
C GLU D 125 -15.53 42.68 3.56
N TYR D 126 -15.31 42.19 2.34
CA TYR D 126 -16.42 41.70 1.53
C TYR D 126 -16.38 40.21 1.22
N GLY D 127 -15.21 39.58 1.22
CA GLY D 127 -15.13 38.17 0.90
C GLY D 127 -14.78 37.89 -0.55
N ILE D 128 -13.69 38.48 -1.02
CA ILE D 128 -13.15 38.20 -2.34
C ILE D 128 -11.63 38.17 -2.21
N THR D 129 -11.00 37.13 -2.76
CA THR D 129 -9.56 36.94 -2.60
C THR D 129 -8.92 36.66 -3.94
N PHE D 130 -7.62 36.97 -4.02
CA PHE D 130 -6.85 36.90 -5.26
C PHE D 130 -5.63 36.02 -5.06
N GLU D 131 -5.07 35.55 -6.17
CA GLU D 131 -3.85 34.77 -6.16
C GLU D 131 -2.73 35.56 -6.81
N PHE D 132 -1.63 35.75 -6.08
CA PHE D 132 -0.46 36.41 -6.63
C PHE D 132 0.28 35.44 -7.53
N VAL D 133 0.91 35.96 -8.57
CA VAL D 133 1.52 35.13 -9.61
C VAL D 133 2.99 35.48 -9.84
N SER D 134 3.28 36.75 -10.10
CA SER D 134 4.67 37.15 -10.25
C SER D 134 4.75 38.67 -10.31
N LEU D 135 5.96 39.19 -10.13
CA LEU D 135 6.25 40.60 -10.20
C LEU D 135 7.49 40.81 -11.06
N ASP D 136 7.43 41.77 -11.96
CA ASP D 136 8.56 42.05 -12.84
C ASP D 136 8.71 43.55 -13.00
N ILE D 137 9.95 44.00 -13.19
CA ILE D 137 10.27 45.41 -13.24
C ILE D 137 11.25 45.66 -14.37
N SER D 138 11.07 46.77 -15.07
CA SER D 138 11.97 47.17 -16.14
C SER D 138 11.86 48.68 -16.32
N THR D 139 12.88 49.26 -16.95
CA THR D 139 12.96 50.70 -17.09
C THR D 139 13.09 51.07 -18.56
N GLU D 140 12.65 52.29 -18.88
CA GLU D 140 12.70 52.77 -20.25
C GLU D 140 12.90 54.29 -20.20
N GLY D 141 14.13 54.73 -20.44
CA GLY D 141 14.40 56.15 -20.42
C GLY D 141 13.97 56.81 -19.14
N ASP D 142 12.91 57.61 -19.21
CA ASP D 142 12.45 58.36 -18.05
C ASP D 142 11.56 57.55 -17.13
N THR D 143 10.91 56.51 -17.64
CA THR D 143 9.81 55.86 -16.94
C THR D 143 10.21 54.42 -16.58
N VAL D 144 9.65 53.93 -15.48
CA VAL D 144 9.91 52.58 -14.99
C VAL D 144 8.59 51.82 -15.00
N TYR D 145 8.60 50.65 -15.62
CA TYR D 145 7.41 49.82 -15.76
C TYR D 145 7.42 48.76 -14.69
N ILE D 146 6.52 48.88 -13.71
CA ILE D 146 6.33 47.86 -12.69
C ILE D 146 5.10 47.07 -13.08
N GLU D 147 5.25 45.76 -13.22
CA GLU D 147 4.22 44.92 -13.79
C GLU D 147 3.84 43.83 -12.81
N PHE D 148 2.56 43.75 -12.45
CA PHE D 148 2.03 42.71 -11.59
C PHE D 148 1.14 41.77 -12.40
N ARG D 149 1.00 40.54 -11.91
CA ARG D 149 0.12 39.55 -12.50
C ARG D 149 -0.69 38.89 -11.40
N PHE D 150 -1.99 38.73 -11.61
CA PHE D 150 -2.85 38.16 -10.60
C PHE D 150 -3.80 37.16 -11.23
N ARG D 151 -4.66 36.58 -10.41
CA ARG D 151 -5.57 35.54 -10.87
C ARG D 151 -6.74 35.42 -9.90
N GLN D 152 -7.94 35.20 -10.46
CA GLN D 152 -9.15 35.00 -9.67
C GLN D 152 -9.70 33.61 -9.91
N ASN D 153 -10.21 32.98 -8.86
CA ASN D 153 -10.92 31.72 -8.96
C ASN D 153 -12.33 31.90 -8.42
N PHE D 154 -13.33 31.43 -9.17
CA PHE D 154 -14.70 31.60 -8.76
C PHE D 154 -15.58 30.57 -9.47
N ASP D 155 -16.73 30.29 -8.87
CA ASP D 155 -17.73 29.45 -9.52
C ASP D 155 -18.58 30.28 -10.45
N TRP D 156 -19.35 29.61 -11.28
CA TRP D 156 -20.28 30.28 -12.17
C TRP D 156 -21.63 29.60 -12.10
N CYS D 157 -22.68 30.39 -12.30
CA CYS D 157 -24.04 29.89 -12.20
C CYS D 157 -24.85 30.42 -13.38
N GLU D 158 -26.00 29.81 -13.61
CA GLU D 158 -26.86 30.24 -14.70
C GLU D 158 -27.90 31.24 -14.20
N ALA D 159 -28.55 31.90 -15.16
CA ALA D 159 -29.52 32.92 -14.81
C ALA D 159 -30.69 32.31 -14.06
N ASP D 160 -31.59 33.19 -13.60
CA ASP D 160 -32.71 32.78 -12.77
C ASP D 160 -33.91 32.50 -13.67
N ARG D 161 -34.15 31.22 -13.94
CA ARG D 161 -35.30 30.83 -14.74
C ARG D 161 -36.57 30.89 -13.90
N GLU D 162 -37.70 30.73 -14.57
CA GLU D 162 -39.00 30.79 -13.92
C GLU D 162 -39.78 29.51 -14.19
N SER D 163 -40.56 29.09 -13.20
CA SER D 163 -41.22 27.79 -13.27
C SER D 163 -42.21 27.74 -14.43
N ASP D 164 -42.90 26.59 -14.52
CA ASP D 164 -43.94 26.43 -15.53
C ASP D 164 -45.32 26.34 -14.90
N THR D 165 -45.43 25.70 -13.74
CA THR D 165 -46.72 25.45 -13.15
C THR D 165 -46.53 24.97 -11.71
N VAL D 166 -47.64 24.51 -11.11
CA VAL D 166 -47.64 23.94 -9.78
C VAL D 166 -48.61 22.78 -9.75
N ILE D 167 -48.55 21.97 -8.70
CA ILE D 167 -49.26 20.70 -8.67
C ILE D 167 -50.40 20.75 -7.65
N LYS D 168 -51.62 20.47 -8.12
CA LYS D 168 -52.72 20.17 -7.22
C LYS D 168 -53.81 19.36 -7.94
N ALA D 169 -53.77 18.03 -7.84
CA ALA D 169 -54.73 17.20 -8.56
C ALA D 169 -54.45 15.73 -8.28
N GLY D 170 -55.31 14.87 -8.84
CA GLY D 170 -55.10 13.44 -8.86
C GLY D 170 -56.26 12.70 -9.49
N SER D 171 -56.00 11.74 -10.38
CA SER D 171 -57.08 11.00 -11.01
C SER D 171 -57.11 9.55 -10.54
N PHE D 172 -55.97 8.87 -10.58
CA PHE D 172 -55.86 7.48 -10.12
C PHE D 172 -57.06 6.66 -10.55
N SER D 173 -57.26 6.53 -11.87
CA SER D 173 -58.41 5.80 -12.38
C SER D 173 -58.56 4.43 -11.73
N LEU D 174 -57.47 3.69 -11.53
CA LEU D 174 -57.52 2.38 -10.89
C LEU D 174 -58.40 1.42 -11.67
N ASN D 175 -57.96 1.10 -12.89
CA ASN D 175 -58.70 0.18 -13.73
C ASN D 175 -58.74 -1.20 -13.10
N LEU D 176 -59.42 -2.12 -13.78
CA LEU D 176 -59.49 -3.51 -13.34
C LEU D 176 -58.14 -4.20 -13.57
N LYS E 4 25.35 46.71 16.30
CA LYS E 4 24.81 45.98 15.17
C LYS E 4 24.11 46.92 14.20
N LEU E 5 23.50 46.34 13.16
CA LEU E 5 22.81 47.11 12.15
C LEU E 5 21.32 47.21 12.48
N LYS E 6 20.60 47.95 11.65
CA LYS E 6 19.15 48.04 11.74
C LYS E 6 18.54 47.65 10.40
N LEU E 7 17.69 46.64 10.42
CA LEU E 7 17.10 46.08 9.22
C LEU E 7 15.70 46.62 9.04
N THR E 8 15.38 47.01 7.80
CA THR E 8 14.02 47.44 7.50
C THR E 8 13.02 46.33 7.80
N TYR E 9 13.33 45.11 7.36
CA TYR E 9 12.44 43.97 7.50
C TYR E 9 13.08 42.99 8.47
N SER E 10 12.26 42.10 9.02
CA SER E 10 12.75 41.19 10.05
C SER E 10 13.27 39.87 9.48
N ASN E 11 12.88 39.49 8.28
CA ASN E 11 13.27 38.18 7.76
C ASN E 11 13.72 38.18 6.31
N ARG E 12 13.92 39.33 5.68
CA ARG E 12 14.57 39.34 4.37
C ARG E 12 15.19 40.71 4.13
N LEU E 13 16.09 40.75 3.15
CA LEU E 13 16.89 41.92 2.86
C LEU E 13 16.53 42.50 1.51
N THR E 14 16.34 43.81 1.46
CA THR E 14 16.20 44.49 0.19
C THR E 14 17.55 44.57 -0.52
N LEU E 15 17.52 44.64 -1.84
CA LEU E 15 18.76 44.62 -2.60
C LEU E 15 19.74 45.67 -2.11
N PRO E 16 19.35 46.92 -1.85
CA PRO E 16 20.34 47.87 -1.31
C PRO E 16 21.00 47.37 -0.05
N GLU E 17 20.26 46.71 0.83
CA GLU E 17 20.86 46.20 2.06
C GLU E 17 21.93 45.18 1.73
N ILE E 18 21.68 44.30 0.75
CA ILE E 18 22.70 43.34 0.35
C ILE E 18 23.91 44.07 -0.18
N ALA E 19 23.71 44.98 -1.13
CA ALA E 19 24.84 45.68 -1.73
C ALA E 19 25.63 46.45 -0.69
N LYS E 20 24.98 46.82 0.42
CA LYS E 20 25.67 47.61 1.43
C LYS E 20 26.38 46.75 2.46
N HIS E 21 25.87 45.57 2.78
CA HIS E 21 26.37 44.82 3.92
C HIS E 21 27.00 43.47 3.60
N ILE E 22 26.86 42.95 2.39
CA ILE E 22 27.40 41.64 2.04
C ILE E 22 28.49 41.77 0.98
N VAL E 23 28.32 42.67 0.03
CA VAL E 23 29.26 42.79 -1.08
C VAL E 23 30.33 43.83 -0.75
N SER E 24 29.93 45.02 -0.35
CA SER E 24 30.90 46.09 -0.11
C SER E 24 31.94 45.73 0.95
N PRO E 25 31.57 45.23 2.13
CA PRO E 25 32.59 44.98 3.15
C PRO E 25 33.48 43.78 2.88
N THR E 26 33.12 42.92 1.93
CA THR E 26 33.91 41.73 1.66
C THR E 26 34.95 41.94 0.58
N PHE E 27 34.62 42.67 -0.47
CA PHE E 27 35.52 42.89 -1.60
C PHE E 27 36.10 44.29 -1.49
N HIS E 28 37.33 44.37 -0.99
CA HIS E 28 38.03 45.66 -0.96
C HIS E 28 38.43 46.12 -2.35
N GLU E 29 38.63 45.19 -3.29
CA GLU E 29 38.95 45.60 -4.65
C GLU E 29 37.96 46.63 -5.16
N LEU E 30 36.69 46.42 -4.86
CA LEU E 30 35.66 47.40 -5.20
C LEU E 30 35.71 48.51 -4.16
N GLU E 31 36.14 49.70 -4.59
CA GLU E 31 36.10 50.87 -3.70
C GLU E 31 34.65 51.30 -3.54
N GLY E 32 33.89 50.45 -2.87
CA GLY E 32 32.45 50.58 -2.92
C GLY E 32 31.95 50.05 -4.23
N ARG E 33 31.18 50.86 -4.94
CA ARG E 33 30.71 50.50 -6.28
C ARG E 33 29.93 49.20 -6.29
N ALA E 34 29.28 48.86 -5.18
CA ALA E 34 28.29 47.78 -5.16
C ALA E 34 26.93 48.43 -5.39
N ILE E 35 26.51 48.50 -6.64
CA ILE E 35 25.45 49.38 -7.08
C ILE E 35 24.18 48.57 -7.30
N PRO E 36 23.12 48.76 -6.51
CA PRO E 36 21.85 48.14 -6.86
C PRO E 36 21.23 48.81 -8.08
N VAL E 37 20.56 48.00 -8.91
CA VAL E 37 19.95 48.50 -10.12
C VAL E 37 18.61 47.81 -10.33
N THR E 38 17.78 48.40 -11.20
CA THR E 38 16.47 47.83 -11.47
C THR E 38 16.56 46.46 -12.11
N GLY E 39 17.43 46.27 -13.08
CA GLY E 39 17.60 44.97 -13.70
C GLY E 39 18.85 44.95 -14.55
N VAL E 40 19.48 43.78 -14.59
CA VAL E 40 20.70 43.64 -15.36
C VAL E 40 20.47 43.85 -16.85
N GLU E 41 19.32 43.42 -17.37
CA GLU E 41 18.87 43.93 -18.65
C GLU E 41 18.66 45.42 -18.50
N ASP E 42 19.58 46.20 -19.04
CA ASP E 42 19.70 47.61 -18.70
C ASP E 42 19.96 48.38 -19.97
N ASP E 43 20.26 49.68 -19.83
CA ASP E 43 20.76 50.44 -20.96
C ASP E 43 21.92 49.70 -21.64
N LYS E 44 22.76 49.04 -20.85
CA LYS E 44 23.80 48.17 -21.36
C LYS E 44 24.93 48.96 -22.01
N GLU E 45 24.75 50.28 -22.12
CA GLU E 45 25.86 51.12 -22.55
C GLU E 45 26.49 51.83 -21.37
N GLY E 46 25.70 52.64 -20.66
CA GLY E 46 26.20 53.23 -19.44
C GLY E 46 26.59 52.17 -18.44
N GLN E 47 26.00 50.98 -18.56
CA GLN E 47 26.38 49.89 -17.68
C GLN E 47 27.84 49.52 -17.87
N SER E 48 28.31 49.50 -19.11
CA SER E 48 29.69 49.11 -19.37
C SER E 48 30.69 50.21 -19.03
N ALA E 49 30.22 51.44 -18.88
CA ALA E 49 31.12 52.58 -18.68
C ALA E 49 31.57 52.75 -17.23
N ILE E 50 30.92 52.08 -16.29
CA ILE E 50 31.32 52.24 -14.89
C ILE E 50 32.76 51.79 -14.72
N THR E 51 33.47 52.47 -13.83
CA THR E 51 34.87 52.15 -13.58
C THR E 51 34.99 50.71 -13.08
N LYS E 52 35.99 50.01 -13.58
CA LYS E 52 36.21 48.63 -13.17
C LYS E 52 37.21 48.55 -12.03
N PRO E 53 37.10 47.55 -11.16
CA PRO E 53 36.03 46.55 -11.08
C PRO E 53 34.79 47.09 -10.38
N PHE E 54 33.63 46.49 -10.64
CA PHE E 54 32.39 46.86 -9.97
C PHE E 54 31.43 45.69 -10.07
N ALA E 55 30.41 45.71 -9.21
CA ALA E 55 29.41 44.65 -9.17
C ALA E 55 28.03 45.25 -9.04
N LEU E 56 27.08 44.71 -9.79
CA LEU E 56 25.70 45.15 -9.79
C LEU E 56 24.84 44.16 -9.03
N VAL E 57 23.74 44.64 -8.47
CA VAL E 57 22.75 43.79 -7.82
C VAL E 57 21.39 44.17 -8.37
N GLY E 58 20.71 43.22 -9.01
CA GLY E 58 19.45 43.53 -9.65
C GLY E 58 18.46 42.38 -9.62
N LEU E 59 17.20 42.70 -9.40
CA LEU E 59 16.16 41.69 -9.38
C LEU E 59 16.01 41.09 -10.77
N ARG E 60 15.69 39.79 -10.82
CA ARG E 60 15.40 39.10 -12.06
C ARG E 60 13.91 38.84 -12.23
N ILE E 61 13.26 38.31 -11.19
CA ILE E 61 11.81 38.17 -11.20
C ILE E 61 11.33 37.88 -9.79
N GLY E 62 10.20 38.47 -9.42
CA GLY E 62 9.51 38.09 -8.21
C GLY E 62 8.68 36.85 -8.51
N ASP E 63 8.43 36.04 -7.49
CA ASP E 63 7.84 34.73 -7.72
C ASP E 63 7.28 34.18 -6.43
N THR E 64 6.51 33.11 -6.55
CA THR E 64 5.94 32.41 -5.40
C THR E 64 6.40 30.97 -5.38
N SER E 65 6.63 30.45 -4.18
CA SER E 65 7.13 29.10 -3.98
C SER E 65 6.09 28.19 -3.33
N GLY E 66 4.83 28.30 -3.70
CA GLY E 66 3.79 27.50 -3.11
C GLY E 66 2.44 28.20 -3.20
N PRO E 67 1.62 28.05 -2.16
CA PRO E 67 0.37 28.81 -2.13
C PRO E 67 0.63 30.27 -1.83
N ALA E 68 -0.12 31.14 -2.50
CA ALA E 68 0.01 32.58 -2.29
C ALA E 68 -1.35 33.25 -2.31
N GLU E 69 -2.39 32.54 -1.89
CA GLU E 69 -3.74 33.09 -1.93
C GLU E 69 -3.85 34.24 -0.94
N ILE E 70 -3.85 35.47 -1.46
CA ILE E 70 -3.91 36.64 -0.59
C ILE E 70 -5.26 36.74 0.08
N GLY E 71 -5.28 37.18 1.33
CA GLY E 71 -6.49 37.37 2.08
C GLY E 71 -6.92 36.16 2.90
N GLU E 72 -6.97 34.98 2.31
CA GLU E 72 -7.38 33.81 3.05
C GLU E 72 -6.43 33.56 4.20
N ASN E 73 -6.98 33.12 5.33
CA ASN E 73 -6.17 32.95 6.53
C ASN E 73 -5.24 31.77 6.37
N SER E 74 -4.24 31.92 5.50
CA SER E 74 -3.22 30.92 5.28
C SER E 74 -1.88 31.60 5.06
N ARG E 75 -0.81 30.85 5.28
CA ARG E 75 0.52 31.39 5.07
C ARG E 75 0.66 31.89 3.64
N ILE E 76 1.63 32.76 3.40
CA ILE E 76 1.90 33.33 2.09
C ILE E 76 3.38 33.19 1.79
N ASN E 77 3.71 32.37 0.80
CA ASN E 77 5.10 32.03 0.51
C ASN E 77 5.66 32.79 -0.68
N LEU E 78 6.17 33.99 -0.47
CA LEU E 78 6.76 34.74 -1.58
C LEU E 78 8.16 34.23 -1.87
N ARG E 79 8.70 34.68 -3.00
CA ARG E 79 10.03 34.27 -3.44
C ARG E 79 10.60 35.30 -4.40
N ASP E 80 11.93 35.41 -4.44
CA ASP E 80 12.63 36.41 -5.24
C ASP E 80 13.81 35.77 -5.95
N ASP E 81 14.11 36.26 -7.15
CA ASP E 81 15.29 35.85 -7.89
C ASP E 81 16.13 37.07 -8.24
N PHE E 82 17.29 37.19 -7.62
CA PHE E 82 18.18 38.32 -7.88
C PHE E 82 19.55 37.78 -8.21
N ILE E 83 20.29 38.53 -9.03
CA ILE E 83 21.57 38.09 -9.57
C ILE E 83 22.63 39.13 -9.28
N ILE E 84 23.82 38.67 -8.91
CA ILE E 84 24.98 39.52 -8.69
C ILE E 84 25.93 39.29 -9.86
N GLU E 85 26.34 40.37 -10.52
CA GLU E 85 27.23 40.32 -11.66
C GLU E 85 28.44 41.21 -11.39
N PHE E 86 29.63 40.64 -11.50
CA PHE E 86 30.87 41.38 -11.27
C PHE E 86 31.46 41.88 -12.58
N ASN E 87 32.60 42.53 -12.48
CA ASN E 87 33.39 42.96 -13.63
C ASN E 87 34.83 43.17 -13.19
N PHE E 88 35.77 42.54 -13.90
CA PHE E 88 37.18 42.63 -13.56
C PHE E 88 38.01 42.83 -14.82
N ASN E 89 39.19 43.40 -14.65
CA ASN E 89 40.13 43.55 -15.75
C ASN E 89 40.82 42.22 -16.00
N LYS E 90 41.94 42.25 -16.72
CA LYS E 90 42.80 41.09 -16.90
C LYS E 90 44.25 41.49 -16.66
N ASP E 91 44.95 40.68 -15.88
CA ASP E 91 46.39 40.83 -15.71
C ASP E 91 47.11 40.15 -16.86
N ARG E 92 48.25 40.74 -17.25
CA ARG E 92 49.06 40.23 -18.35
C ARG E 92 50.53 40.48 -18.01
N TYR E 93 51.19 39.46 -17.46
CA TYR E 93 52.51 39.67 -16.88
C TYR E 93 53.65 39.52 -17.87
N LYS E 94 53.40 39.02 -19.07
CA LYS E 94 54.39 39.01 -20.15
C LYS E 94 55.76 38.51 -19.67
N LYS E 95 55.79 37.24 -19.30
CA LYS E 95 57.05 36.63 -18.88
C LYS E 95 57.85 36.15 -20.08
N GLY E 96 59.15 36.41 -20.06
CA GLY E 96 60.06 35.83 -21.02
C GLY E 96 59.83 36.23 -22.46
N GLY E 97 59.66 37.52 -22.73
CA GLY E 97 59.48 37.96 -24.09
C GLY E 97 58.24 37.45 -24.76
N ALA E 98 57.27 36.96 -23.98
CA ALA E 98 56.01 36.48 -24.50
C ALA E 98 54.88 37.00 -23.62
N GLU E 99 53.79 37.39 -24.26
CA GLU E 99 52.61 37.91 -23.59
C GLU E 99 51.64 36.78 -23.28
N THR E 100 50.77 37.02 -22.30
CA THR E 100 49.70 36.07 -22.01
C THR E 100 48.50 36.35 -22.91
N SER E 101 47.89 35.29 -23.42
CA SER E 101 46.82 35.44 -24.40
C SER E 101 45.67 36.24 -23.82
N LEU E 102 44.96 36.94 -24.71
CA LEU E 102 43.88 37.80 -24.27
C LEU E 102 42.77 37.03 -23.58
N PHE E 103 42.65 35.74 -23.85
CA PHE E 103 41.73 34.86 -23.11
C PHE E 103 42.55 33.80 -22.42
N SER E 104 42.32 33.62 -21.12
CA SER E 104 43.03 32.60 -20.37
C SER E 104 42.26 32.32 -19.10
N TYR E 105 42.48 31.13 -18.54
CA TYR E 105 41.78 30.74 -17.34
C TYR E 105 41.90 31.81 -16.28
N TYR E 106 40.76 32.24 -15.75
CA TYR E 106 40.72 33.25 -14.72
C TYR E 106 40.09 32.64 -13.48
N ASP E 107 40.73 32.85 -12.33
CA ASP E 107 40.32 32.17 -11.10
C ASP E 107 39.02 32.79 -10.63
N TYR E 108 37.98 31.95 -10.56
CA TYR E 108 36.72 32.34 -9.96
C TYR E 108 36.48 31.66 -8.62
N GLU E 109 37.14 30.53 -8.37
CA GLU E 109 36.86 29.78 -7.16
C GLU E 109 37.10 30.62 -5.92
N SER E 110 38.15 31.43 -5.92
CA SER E 110 38.41 32.26 -4.76
C SER E 110 37.27 33.25 -4.53
N ILE E 111 36.76 33.85 -5.60
CA ILE E 111 35.62 34.77 -5.45
C ILE E 111 34.41 34.03 -4.89
N ARG E 112 34.12 32.84 -5.43
CA ARG E 112 32.98 32.09 -4.93
C ARG E 112 33.15 31.82 -3.45
N ASP E 113 34.33 31.36 -3.05
CA ASP E 113 34.55 30.99 -1.65
C ASP E 113 34.39 32.20 -0.75
N ARG E 114 34.95 33.34 -1.15
CA ARG E 114 34.85 34.53 -0.31
C ARG E 114 33.40 34.94 -0.15
N LEU E 115 32.65 34.96 -1.25
CA LEU E 115 31.25 35.36 -1.16
C LEU E 115 30.45 34.42 -0.27
N PHE E 116 30.64 33.11 -0.45
CA PHE E 116 29.89 32.17 0.37
C PHE E 116 30.24 32.32 1.83
N ASN E 117 31.51 32.50 2.15
CA ASN E 117 31.91 32.63 3.54
C ASN E 117 31.26 33.86 4.17
N ALA E 118 31.28 34.99 3.46
CA ALA E 118 30.64 36.18 4.00
C ALA E 118 29.14 35.96 4.20
N MET E 119 28.49 35.33 3.23
CA MET E 119 27.06 35.11 3.33
C MET E 119 26.71 34.24 4.52
N VAL E 120 27.47 33.16 4.74
CA VAL E 120 27.18 32.27 5.86
C VAL E 120 27.44 32.98 7.18
N ALA E 121 28.51 33.76 7.25
CA ALA E 121 28.78 34.51 8.47
C ALA E 121 27.60 35.40 8.83
N PHE E 122 27.14 36.19 7.87
CA PHE E 122 26.01 37.07 8.16
C PHE E 122 24.77 36.27 8.53
N ALA E 123 24.50 35.19 7.80
CA ALA E 123 23.30 34.41 8.07
C ALA E 123 23.30 33.89 9.50
N GLY E 124 24.43 33.34 9.94
CA GLY E 124 24.53 32.94 11.32
C GLY E 124 24.34 34.10 12.27
N GLU E 125 24.88 35.27 11.92
CA GLU E 125 24.81 36.40 12.84
C GLU E 125 23.37 36.86 13.06
N TYR E 126 22.57 36.95 12.01
CA TYR E 126 21.23 37.53 12.13
C TYR E 126 20.09 36.58 11.83
N GLY E 127 20.31 35.51 11.08
CA GLY E 127 19.23 34.60 10.77
C GLY E 127 18.52 34.93 9.47
N ILE E 128 19.29 35.06 8.40
CA ILE E 128 18.74 35.19 7.05
C ILE E 128 19.60 34.34 6.12
N THR E 129 18.96 33.49 5.33
CA THR E 129 19.67 32.52 4.50
C THR E 129 19.19 32.61 3.07
N PHE E 130 20.09 32.24 2.15
CA PHE E 130 19.87 32.36 0.72
C PHE E 130 19.95 30.99 0.06
N GLU E 131 19.40 30.88 -1.14
CA GLU E 131 19.50 29.66 -1.92
C GLU E 131 20.35 29.92 -3.16
N PHE E 132 21.41 29.14 -3.33
CA PHE E 132 22.25 29.24 -4.52
C PHE E 132 21.53 28.58 -5.68
N VAL E 133 21.75 29.10 -6.89
CA VAL E 133 21.02 28.66 -8.07
C VAL E 133 21.97 28.23 -9.19
N SER E 134 22.92 29.09 -9.55
CA SER E 134 23.88 28.72 -10.58
C SER E 134 24.97 29.78 -10.67
N LEU E 135 26.02 29.44 -11.40
CA LEU E 135 27.16 30.32 -11.64
C LEU E 135 27.55 30.21 -13.10
N ASP E 136 27.87 31.34 -13.71
CA ASP E 136 28.26 31.39 -15.11
C ASP E 136 29.38 32.39 -15.28
N ILE E 137 30.21 32.17 -16.30
CA ILE E 137 31.37 33.01 -16.55
C ILE E 137 31.52 33.24 -18.04
N SER E 138 31.94 34.44 -18.40
CA SER E 138 32.17 34.79 -19.79
C SER E 138 33.12 35.98 -19.84
N THR E 139 33.73 36.19 -21.00
CA THR E 139 34.75 37.22 -21.17
C THR E 139 34.40 38.10 -22.35
N GLU E 140 34.91 39.33 -22.32
CA GLU E 140 34.67 40.29 -23.39
C GLU E 140 35.87 41.21 -23.47
N GLY E 141 36.80 40.90 -24.37
CA GLY E 141 37.99 41.70 -24.50
C GLY E 141 38.72 41.87 -23.20
N ASP E 142 38.68 43.08 -22.63
CA ASP E 142 39.42 43.35 -21.41
C ASP E 142 38.72 42.83 -20.17
N THR E 143 37.40 42.75 -20.17
CA THR E 143 36.62 42.51 -18.97
C THR E 143 36.06 41.10 -18.96
N VAL E 144 35.84 40.57 -17.77
CA VAL E 144 35.29 39.23 -17.57
C VAL E 144 34.04 39.35 -16.73
N TYR E 145 32.94 38.78 -17.21
CA TYR E 145 31.65 38.86 -16.55
C TYR E 145 31.43 37.59 -15.75
N ILE E 146 31.25 37.72 -14.45
CA ILE E 146 30.93 36.60 -13.59
C ILE E 146 29.55 36.84 -13.00
N GLU E 147 28.64 35.90 -13.22
CA GLU E 147 27.23 36.09 -12.89
C GLU E 147 26.79 35.01 -11.91
N PHE E 148 26.28 35.44 -10.76
CA PHE E 148 25.70 34.56 -9.76
C PHE E 148 24.20 34.77 -9.72
N ARG E 149 23.45 33.69 -9.52
CA ARG E 149 22.00 33.77 -9.38
C ARG E 149 21.62 33.22 -8.01
N PHE E 150 20.85 33.99 -7.26
CA PHE E 150 20.45 33.61 -5.92
C PHE E 150 18.93 33.69 -5.80
N ARG E 151 18.43 33.40 -4.61
CA ARG E 151 17.00 33.27 -4.41
C ARG E 151 16.69 33.28 -2.92
N GLN E 152 15.63 33.99 -2.55
CA GLN E 152 15.22 34.13 -1.16
C GLN E 152 13.82 33.58 -0.96
N ASN E 153 13.61 32.85 0.13
CA ASN E 153 12.30 32.39 0.54
C ASN E 153 11.94 33.05 1.87
N PHE E 154 10.74 33.61 1.95
CA PHE E 154 10.31 34.29 3.16
C PHE E 154 8.80 34.39 3.20
N ASP E 155 8.26 34.40 4.41
CA ASP E 155 6.84 34.65 4.59
C ASP E 155 6.55 36.13 4.42
N TRP E 156 5.27 36.46 4.38
CA TRP E 156 4.84 37.85 4.32
C TRP E 156 3.65 38.04 5.25
N CYS E 157 3.51 39.26 5.76
CA CYS E 157 2.48 39.55 6.74
C CYS E 157 1.89 40.93 6.43
N GLU E 158 0.70 41.17 6.96
CA GLU E 158 0.04 42.45 6.74
C GLU E 158 0.44 43.44 7.83
N ALA E 159 0.20 44.72 7.54
CA ALA E 159 0.56 45.76 8.49
C ALA E 159 -0.31 45.69 9.73
N ASP E 160 0.17 46.31 10.80
CA ASP E 160 -0.57 46.33 12.05
C ASP E 160 -1.84 47.15 11.92
N ARG E 161 -2.73 47.01 12.90
CA ARG E 161 -4.04 47.64 12.83
C ARG E 161 -4.53 47.88 14.26
N GLU E 162 -5.56 48.72 14.36
CA GLU E 162 -6.09 49.15 15.65
C GLU E 162 -7.47 48.55 15.89
N SER E 163 -7.70 48.10 17.11
CA SER E 163 -9.00 47.56 17.48
C SER E 163 -10.07 48.63 17.42
N ASP E 164 -11.32 48.19 17.29
CA ASP E 164 -12.43 49.13 17.30
C ASP E 164 -12.84 49.51 18.71
N THR E 165 -12.82 48.57 19.64
CA THR E 165 -13.36 48.82 20.97
C THR E 165 -13.01 47.66 21.89
N VAL E 166 -13.63 47.67 23.07
CA VAL E 166 -13.45 46.63 24.07
C VAL E 166 -14.78 46.42 24.78
N ILE E 167 -14.94 45.27 25.40
CA ILE E 167 -16.14 44.98 26.19
C ILE E 167 -15.93 45.43 27.63
N LYS E 168 -17.02 45.87 28.26
CA LYS E 168 -16.99 46.22 29.67
C LYS E 168 -18.19 45.66 30.43
N ALA E 169 -19.32 45.47 29.75
CA ALA E 169 -20.51 44.97 30.41
C ALA E 169 -21.54 44.57 29.36
N GLY E 170 -22.54 43.82 29.79
CA GLY E 170 -23.57 43.33 28.89
C GLY E 170 -24.95 43.29 29.50
N SER E 171 -25.95 43.78 28.75
CA SER E 171 -27.31 43.96 29.27
C SER E 171 -28.21 42.88 28.68
N PHE E 172 -28.26 41.74 29.37
CA PHE E 172 -29.13 40.64 28.97
C PHE E 172 -30.52 40.84 29.54
N SER E 173 -31.52 40.33 28.82
CA SER E 173 -32.92 40.56 29.16
C SER E 173 -33.56 39.38 29.88
N LEU E 174 -33.50 38.18 29.30
CA LEU E 174 -34.20 37.02 29.82
C LEU E 174 -35.70 37.24 29.83
N ASN E 175 -36.25 37.40 28.63
CA ASN E 175 -37.69 37.57 28.46
C ASN E 175 -38.44 36.33 28.93
N LEU E 176 -39.75 36.36 28.75
CA LEU E 176 -40.59 35.22 29.08
C LEU E 176 -40.44 34.14 28.02
N LYS F 4 53.92 12.23 -4.14
CA LYS F 4 52.60 12.54 -4.66
C LYS F 4 52.43 14.04 -4.85
N LEU F 5 51.28 14.44 -5.36
CA LEU F 5 50.99 15.84 -5.63
C LEU F 5 50.41 16.51 -4.38
N LYS F 6 50.18 17.81 -4.49
CA LYS F 6 49.50 18.57 -3.46
C LYS F 6 48.30 19.26 -4.08
N LEU F 7 47.12 18.94 -3.56
CA LEU F 7 45.87 19.42 -4.13
C LEU F 7 45.39 20.67 -3.41
N THR F 8 44.83 21.61 -4.18
CA THR F 8 44.24 22.80 -3.58
C THR F 8 43.12 22.43 -2.63
N TYR F 9 42.30 21.46 -3.00
CA TYR F 9 41.18 21.04 -2.19
C TYR F 9 41.36 19.57 -1.84
N SER F 10 40.42 19.03 -1.08
CA SER F 10 40.51 17.63 -0.68
C SER F 10 39.55 16.73 -1.45
N ASN F 11 38.57 17.30 -2.16
CA ASN F 11 37.56 16.48 -2.80
C ASN F 11 37.20 16.95 -4.21
N ARG F 12 37.95 17.87 -4.80
CA ARG F 12 37.68 18.27 -6.17
C ARG F 12 38.93 18.89 -6.79
N LEU F 13 38.94 18.95 -8.11
CA LEU F 13 40.05 19.49 -8.86
C LEU F 13 39.61 20.72 -9.64
N THR F 14 40.38 21.79 -9.51
CA THR F 14 40.14 22.98 -10.32
C THR F 14 40.65 22.76 -11.73
N LEU F 15 39.99 23.39 -12.70
CA LEU F 15 40.26 23.08 -14.10
C LEU F 15 41.75 23.06 -14.41
N PRO F 16 42.57 24.00 -13.95
CA PRO F 16 44.01 23.85 -14.17
C PRO F 16 44.56 22.53 -13.68
N GLU F 17 44.07 22.04 -12.54
CA GLU F 17 44.59 20.79 -12.01
C GLU F 17 44.32 19.63 -12.96
N ILE F 18 43.11 19.57 -13.54
CA ILE F 18 42.84 18.54 -14.53
C ILE F 18 43.74 18.73 -15.75
N ALA F 19 43.76 19.94 -16.29
CA ALA F 19 44.53 20.18 -17.49
C ALA F 19 46.00 19.84 -17.27
N LYS F 20 46.46 19.86 -16.02
CA LYS F 20 47.86 19.59 -15.75
C LYS F 20 48.13 18.13 -15.45
N HIS F 21 47.19 17.43 -14.80
CA HIS F 21 47.49 16.11 -14.27
C HIS F 21 46.75 14.96 -14.94
N ILE F 22 45.70 15.22 -15.72
CA ILE F 22 44.92 14.17 -16.36
C ILE F 22 45.07 14.21 -17.87
N VAL F 23 45.21 15.41 -18.44
CA VAL F 23 45.28 15.54 -19.88
C VAL F 23 46.73 15.55 -20.36
N SER F 24 47.55 16.40 -19.77
CA SER F 24 48.93 16.53 -20.23
C SER F 24 49.72 15.23 -20.14
N PRO F 25 49.72 14.50 -19.02
CA PRO F 25 50.58 13.32 -18.92
C PRO F 25 50.11 12.12 -19.71
N THR F 26 48.87 12.12 -20.22
CA THR F 26 48.36 10.95 -20.91
C THR F 26 48.55 11.04 -22.42
N PHE F 27 48.38 12.23 -22.99
CA PHE F 27 48.47 12.43 -24.43
C PHE F 27 49.83 13.05 -24.76
N HIS F 28 50.77 12.22 -25.17
CA HIS F 28 52.06 12.73 -25.62
C HIS F 28 51.95 13.49 -26.92
N GLU F 29 50.95 13.19 -27.75
CA GLU F 29 50.78 13.95 -28.98
C GLU F 29 50.77 15.44 -28.69
N LEU F 30 50.10 15.84 -27.62
CA LEU F 30 50.08 17.22 -27.21
C LEU F 30 51.36 17.53 -26.46
N GLU F 31 52.25 18.31 -27.07
CA GLU F 31 53.45 18.75 -26.39
C GLU F 31 53.06 19.76 -25.31
N GLY F 32 52.35 19.25 -24.32
CA GLY F 32 51.65 20.12 -23.38
C GLY F 32 50.39 20.62 -24.04
N ARG F 33 50.20 21.93 -24.05
CA ARG F 33 49.10 22.56 -24.76
C ARG F 33 47.74 22.06 -24.27
N ALA F 34 47.66 21.65 -23.00
CA ALA F 34 46.37 21.40 -22.35
C ALA F 34 45.99 22.69 -21.65
N ILE F 35 45.30 23.57 -22.36
CA ILE F 35 45.15 24.97 -21.99
C ILE F 35 43.77 25.16 -21.37
N PRO F 36 43.65 25.53 -20.09
CA PRO F 36 42.35 25.88 -19.55
C PRO F 36 41.92 27.28 -20.00
N VAL F 37 40.63 27.44 -20.28
CA VAL F 37 40.08 28.72 -20.69
C VAL F 37 38.77 28.96 -19.95
N THR F 38 38.35 30.23 -19.95
CA THR F 38 37.14 30.60 -19.23
C THR F 38 35.92 29.93 -19.83
N GLY F 39 35.73 30.06 -21.14
CA GLY F 39 34.61 29.44 -21.80
C GLY F 39 34.98 29.03 -23.20
N VAL F 40 34.51 27.86 -23.61
CA VAL F 40 34.91 27.31 -24.90
C VAL F 40 34.41 28.16 -26.05
N GLU F 41 33.39 28.99 -25.82
CA GLU F 41 32.89 29.88 -26.86
C GLU F 41 33.67 31.17 -26.97
N ASP F 42 34.53 31.47 -25.99
CA ASP F 42 35.18 32.76 -25.93
C ASP F 42 36.20 32.91 -27.05
N ASP F 43 36.16 34.06 -27.72
CA ASP F 43 37.12 34.40 -28.76
C ASP F 43 37.31 33.23 -29.71
N LYS F 44 36.20 32.81 -30.32
CA LYS F 44 36.21 31.59 -31.10
C LYS F 44 37.29 31.58 -32.17
N GLU F 45 37.65 32.74 -32.71
CA GLU F 45 38.72 32.81 -33.69
C GLU F 45 40.10 32.80 -33.07
N GLY F 46 40.25 33.27 -31.83
CA GLY F 46 41.51 33.08 -31.14
C GLY F 46 41.83 31.60 -31.05
N GLN F 47 40.83 30.78 -30.76
CA GLN F 47 40.96 29.36 -30.97
C GLN F 47 41.14 29.09 -32.46
N SER F 48 41.61 27.89 -32.78
CA SER F 48 41.88 27.52 -34.17
C SER F 48 43.15 28.20 -34.65
N ALA F 49 43.72 29.08 -33.84
CA ALA F 49 45.01 29.66 -34.17
C ALA F 49 46.13 28.94 -33.43
N ILE F 50 45.80 28.31 -32.30
CA ILE F 50 46.83 27.60 -31.55
C ILE F 50 47.32 26.42 -32.37
N THR F 51 48.58 26.06 -32.18
CA THR F 51 49.17 24.98 -32.94
C THR F 51 48.44 23.67 -32.64
N LYS F 52 48.27 22.87 -33.65
CA LYS F 52 47.57 21.61 -33.48
C LYS F 52 48.57 20.48 -33.30
N PRO F 53 48.19 19.39 -32.62
CA PRO F 53 46.94 19.22 -31.87
C PRO F 53 46.99 19.90 -30.52
N PHE F 54 45.83 20.20 -29.94
CA PHE F 54 45.76 20.80 -28.61
C PHE F 54 44.38 20.53 -28.03
N ALA F 55 44.27 20.68 -26.72
CA ALA F 55 43.03 20.39 -26.02
C ALA F 55 42.70 21.51 -25.05
N LEU F 56 41.43 21.91 -25.02
CA LEU F 56 40.95 22.99 -24.16
C LEU F 56 40.16 22.42 -23.00
N VAL F 57 40.14 23.14 -21.89
CA VAL F 57 39.35 22.79 -20.73
C VAL F 57 38.65 24.06 -20.26
N GLY F 58 37.32 24.03 -20.19
CA GLY F 58 36.58 25.22 -19.84
C GLY F 58 35.29 24.88 -19.14
N LEU F 59 34.92 25.71 -18.17
CA LEU F 59 33.68 25.50 -17.44
C LEU F 59 32.49 25.67 -18.38
N ARG F 60 31.48 24.84 -18.21
CA ARG F 60 30.22 24.98 -18.94
C ARG F 60 29.22 25.79 -18.13
N ILE F 61 28.89 25.31 -16.93
CA ILE F 61 27.98 26.04 -16.05
C ILE F 61 28.12 25.49 -14.65
N GLY F 62 28.14 26.36 -13.65
CA GLY F 62 28.03 25.93 -12.27
C GLY F 62 26.58 25.56 -11.99
N ASP F 63 26.39 24.65 -11.06
CA ASP F 63 25.05 24.09 -10.88
C ASP F 63 24.96 23.41 -9.52
N THR F 64 23.72 23.13 -9.12
CA THR F 64 23.40 22.42 -7.90
C THR F 64 22.70 21.12 -8.22
N SER F 65 23.02 20.08 -7.44
CA SER F 65 22.45 18.76 -7.63
C SER F 65 21.55 18.33 -6.47
N GLY F 66 20.87 19.27 -5.83
CA GLY F 66 20.05 18.97 -4.69
C GLY F 66 19.76 20.19 -3.87
N PRO F 67 19.54 20.03 -2.57
CA PRO F 67 19.38 21.20 -1.70
C PRO F 67 20.69 21.96 -1.59
N ALA F 68 20.58 23.30 -1.63
CA ALA F 68 21.78 24.13 -1.54
C ALA F 68 21.56 25.39 -0.72
N GLU F 69 20.62 25.37 0.23
CA GLU F 69 20.32 26.58 0.99
C GLU F 69 21.49 26.92 1.88
N ILE F 70 22.20 27.99 1.53
CA ILE F 70 23.42 28.34 2.26
C ILE F 70 23.07 28.83 3.66
N GLY F 71 23.96 28.56 4.60
CA GLY F 71 23.77 28.95 5.98
C GLY F 71 23.09 27.91 6.84
N GLU F 72 21.91 27.45 6.44
CA GLU F 72 21.18 26.48 7.24
C GLU F 72 22.03 25.22 7.43
N ASN F 73 21.99 24.67 8.65
CA ASN F 73 22.87 23.57 8.99
C ASN F 73 22.45 22.29 8.30
N SER F 74 22.64 22.23 6.98
CA SER F 74 22.46 21.02 6.21
C SER F 74 23.52 20.95 5.14
N ARG F 75 23.74 19.75 4.61
CA ARG F 75 24.74 19.56 3.57
C ARG F 75 24.47 20.51 2.41
N ILE F 76 25.50 20.76 1.61
CA ILE F 76 25.42 21.64 0.45
C ILE F 76 25.95 20.88 -0.75
N ASN F 77 25.08 20.63 -1.72
CA ASN F 77 25.43 19.79 -2.87
C ASN F 77 25.75 20.61 -4.11
N LEU F 78 26.97 21.12 -4.23
CA LEU F 78 27.35 21.84 -5.43
C LEU F 78 27.60 20.86 -6.57
N ARG F 79 27.64 21.40 -7.79
CA ARG F 79 27.90 20.60 -8.98
C ARG F 79 28.50 21.48 -10.06
N ASP F 80 29.34 20.88 -10.92
CA ASP F 80 30.02 21.61 -11.98
C ASP F 80 29.94 20.84 -13.27
N ASP F 81 29.72 21.55 -14.37
CA ASP F 81 29.77 20.97 -15.72
C ASP F 81 30.93 21.60 -16.46
N PHE F 82 31.83 20.77 -16.97
CA PHE F 82 32.97 21.26 -17.74
C PHE F 82 33.18 20.33 -18.91
N ILE F 83 33.84 20.84 -19.95
CA ILE F 83 34.01 20.11 -21.20
C ILE F 83 35.48 20.08 -21.57
N ILE F 84 35.87 19.03 -22.27
CA ILE F 84 37.22 18.88 -22.82
C ILE F 84 37.07 18.75 -24.32
N GLU F 85 37.64 19.69 -25.06
CA GLU F 85 37.59 19.70 -26.51
C GLU F 85 39.01 19.52 -27.05
N PHE F 86 39.17 18.55 -27.95
CA PHE F 86 40.45 18.33 -28.61
C PHE F 86 40.46 19.00 -29.98
N ASN F 87 41.56 18.84 -30.69
CA ASN F 87 41.71 19.30 -32.07
C ASN F 87 42.85 18.51 -32.71
N PHE F 88 42.53 17.75 -33.76
CA PHE F 88 43.51 16.90 -34.41
C PHE F 88 43.47 17.15 -35.91
N ASN F 89 44.62 16.97 -36.56
CA ASN F 89 44.67 17.06 -38.02
C ASN F 89 44.11 15.79 -38.64
N LYS F 90 44.07 15.77 -39.97
CA LYS F 90 43.73 14.56 -40.68
C LYS F 90 44.96 13.98 -41.37
N ASP F 91 44.98 12.65 -41.47
CA ASP F 91 46.05 11.91 -42.10
C ASP F 91 45.59 11.39 -43.46
N ARG F 92 46.37 11.65 -44.49
CA ARG F 92 46.04 11.22 -45.84
C ARG F 92 47.29 10.63 -46.46
N TYR F 93 47.17 9.46 -47.08
CA TYR F 93 48.35 8.70 -47.46
C TYR F 93 48.38 8.29 -48.93
N LYS F 94 47.39 8.64 -49.74
CA LYS F 94 47.49 8.51 -51.20
C LYS F 94 48.01 7.14 -51.61
N LYS F 95 47.25 6.10 -51.32
CA LYS F 95 47.60 4.76 -51.77
C LYS F 95 47.13 4.52 -53.20
N GLY F 96 48.02 4.02 -54.04
CA GLY F 96 47.64 3.62 -55.37
C GLY F 96 47.10 4.72 -56.25
N GLY F 97 47.74 5.87 -56.27
CA GLY F 97 47.27 6.95 -57.12
C GLY F 97 45.91 7.49 -56.75
N ALA F 98 45.57 7.48 -55.47
CA ALA F 98 44.28 7.97 -55.00
C ALA F 98 44.41 8.45 -53.57
N GLU F 99 44.12 9.73 -53.35
CA GLU F 99 44.14 10.29 -52.01
C GLU F 99 42.88 9.90 -51.25
N THR F 100 43.00 9.85 -49.93
CA THR F 100 41.82 9.64 -49.09
C THR F 100 40.96 10.89 -49.10
N SER F 101 39.65 10.69 -48.96
CA SER F 101 38.73 11.82 -49.01
C SER F 101 39.00 12.77 -47.86
N LEU F 102 38.68 14.04 -48.08
CA LEU F 102 38.87 15.05 -47.05
C LEU F 102 38.02 14.78 -45.82
N PHE F 103 36.96 13.99 -45.95
CA PHE F 103 36.17 13.54 -44.81
C PHE F 103 36.15 12.01 -44.81
N SER F 104 36.51 11.42 -43.68
CA SER F 104 36.53 9.97 -43.57
C SER F 104 36.50 9.59 -42.10
N TYR F 105 36.10 8.36 -41.85
CA TYR F 105 35.99 7.88 -40.48
C TYR F 105 37.30 8.09 -39.75
N TYR F 106 37.21 8.64 -38.55
CA TYR F 106 38.39 8.92 -37.74
C TYR F 106 38.21 8.24 -36.40
N ASP F 107 39.25 7.54 -35.95
CA ASP F 107 39.16 6.72 -34.75
C ASP F 107 39.07 7.65 -33.55
N TYR F 108 37.97 7.51 -32.81
CA TYR F 108 37.80 8.18 -31.54
C TYR F 108 37.81 7.21 -30.37
N GLU F 109 37.51 5.93 -30.61
CA GLU F 109 37.41 4.98 -29.52
C GLU F 109 38.70 4.91 -28.73
N SER F 110 39.84 4.95 -29.42
CA SER F 110 41.10 4.88 -28.71
C SER F 110 41.26 6.08 -27.79
N ILE F 111 40.89 7.27 -28.25
CA ILE F 111 40.99 8.45 -27.41
C ILE F 111 40.08 8.31 -26.19
N ARG F 112 38.85 7.87 -26.39
CA ARG F 112 37.96 7.71 -25.25
C ARG F 112 38.54 6.72 -24.25
N ASP F 113 39.03 5.59 -24.75
CA ASP F 113 39.54 4.56 -23.84
C ASP F 113 40.73 5.08 -23.05
N ARG F 114 41.64 5.77 -23.72
CA ARG F 114 42.81 6.30 -23.01
C ARG F 114 42.39 7.28 -21.93
N LEU F 115 41.47 8.19 -22.25
CA LEU F 115 41.06 9.18 -21.27
C LEU F 115 40.40 8.52 -20.08
N PHE F 116 39.49 7.58 -20.34
CA PHE F 116 38.80 6.92 -19.23
C PHE F 116 39.77 6.14 -18.36
N ASN F 117 40.72 5.43 -18.99
CA ASN F 117 41.67 4.66 -18.20
C ASN F 117 42.49 5.58 -17.30
N ALA F 118 42.94 6.70 -17.85
CA ALA F 118 43.70 7.63 -17.02
C ALA F 118 42.86 8.16 -15.86
N MET F 119 41.61 8.51 -16.13
CA MET F 119 40.78 9.06 -15.06
C MET F 119 40.55 8.03 -13.96
N VAL F 120 40.28 6.78 -14.33
CA VAL F 120 40.02 5.78 -13.31
C VAL F 120 41.29 5.51 -12.50
N ALA F 121 42.45 5.49 -13.16
CA ALA F 121 43.69 5.34 -12.44
C ALA F 121 43.84 6.43 -11.38
N PHE F 122 43.68 7.68 -11.79
CA PHE F 122 43.83 8.77 -10.84
C PHE F 122 42.81 8.67 -9.72
N ALA F 123 41.56 8.36 -10.06
CA ALA F 123 40.52 8.28 -9.05
C ALA F 123 40.85 7.24 -8.00
N GLY F 124 41.30 6.06 -8.44
CA GLY F 124 41.76 5.08 -7.49
C GLY F 124 42.90 5.59 -6.64
N GLU F 125 43.82 6.34 -7.26
CA GLU F 125 44.99 6.80 -6.51
C GLU F 125 44.64 7.77 -5.40
N TYR F 126 43.75 8.74 -5.66
CA TYR F 126 43.49 9.80 -4.69
C TYR F 126 42.08 9.85 -4.15
N GLY F 127 41.09 9.32 -4.84
CA GLY F 127 39.72 9.40 -4.35
C GLY F 127 38.99 10.62 -4.87
N ILE F 128 38.96 10.78 -6.18
CA ILE F 128 38.15 11.78 -6.86
C ILE F 128 37.58 11.14 -8.12
N THR F 129 36.27 11.31 -8.33
CA THR F 129 35.59 10.62 -9.43
C THR F 129 34.71 11.60 -10.18
N PHE F 130 34.47 11.28 -11.46
CA PHE F 130 33.75 12.14 -12.37
C PHE F 130 32.53 11.42 -12.92
N GLU F 131 31.61 12.18 -13.50
CA GLU F 131 30.44 11.63 -14.18
C GLU F 131 30.52 11.95 -15.66
N PHE F 132 30.33 10.93 -16.50
CA PHE F 132 30.34 11.12 -17.94
C PHE F 132 28.96 11.54 -18.39
N VAL F 133 28.89 12.43 -19.38
CA VAL F 133 27.64 13.03 -19.81
C VAL F 133 27.35 12.72 -21.27
N SER F 134 28.30 12.99 -22.17
CA SER F 134 28.08 12.67 -23.57
C SER F 134 29.37 12.89 -24.34
N LEU F 135 29.40 12.36 -25.57
CA LEU F 135 30.49 12.54 -26.51
C LEU F 135 29.92 12.97 -27.84
N ASP F 136 30.54 13.95 -28.48
CA ASP F 136 30.11 14.39 -29.79
C ASP F 136 31.34 14.67 -30.64
N ILE F 137 31.18 14.51 -31.96
CA ILE F 137 32.28 14.63 -32.90
C ILE F 137 31.83 15.40 -34.12
N SER F 138 32.73 16.18 -34.69
CA SER F 138 32.47 16.92 -35.91
C SER F 138 33.79 17.29 -36.56
N THR F 139 33.73 17.61 -37.85
CA THR F 139 34.93 17.89 -38.62
C THR F 139 34.80 19.26 -39.28
N GLU F 140 35.95 19.84 -39.62
CA GLU F 140 35.98 21.17 -40.21
C GLU F 140 37.24 21.27 -41.06
N GLY F 141 37.10 21.13 -42.37
CA GLY F 141 38.25 21.21 -43.25
C GLY F 141 39.34 20.26 -42.83
N ASP F 142 40.42 20.81 -42.27
CA ASP F 142 41.56 19.98 -41.89
C ASP F 142 41.40 19.37 -40.50
N THR F 143 40.59 19.97 -39.63
CA THR F 143 40.60 19.65 -38.21
C THR F 143 39.29 19.01 -37.80
N VAL F 144 39.38 18.14 -36.80
CA VAL F 144 38.23 17.39 -36.28
C VAL F 144 38.07 17.74 -34.81
N TYR F 145 36.87 18.14 -34.44
CA TYR F 145 36.58 18.60 -33.09
C TYR F 145 35.91 17.46 -32.33
N ILE F 146 36.50 17.06 -31.21
CA ILE F 146 35.94 16.04 -30.34
C ILE F 146 35.62 16.70 -29.01
N GLU F 147 34.37 16.64 -28.59
CA GLU F 147 33.92 17.40 -27.43
C GLU F 147 33.38 16.44 -26.37
N PHE F 148 34.08 16.35 -25.25
CA PHE F 148 33.65 15.60 -24.09
C PHE F 148 32.93 16.53 -23.12
N ARG F 149 31.90 16.02 -22.48
CA ARG F 149 31.19 16.75 -21.44
C ARG F 149 31.21 15.92 -20.16
N PHE F 150 31.71 16.50 -19.08
CA PHE F 150 31.83 15.79 -17.82
C PHE F 150 31.13 16.58 -16.73
N ARG F 151 31.29 16.13 -15.49
CA ARG F 151 30.51 16.68 -14.40
C ARG F 151 31.08 16.17 -13.07
N GLN F 152 31.10 17.06 -12.08
CA GLN F 152 31.62 16.75 -10.75
C GLN F 152 30.55 16.98 -9.71
N ASN F 153 30.46 16.09 -8.73
CA ASN F 153 29.62 16.27 -7.56
C ASN F 153 30.50 16.30 -6.32
N PHE F 154 30.28 17.29 -5.46
CA PHE F 154 31.10 17.40 -4.26
C PHE F 154 30.38 18.24 -3.21
N ASP F 155 30.77 18.05 -1.97
CA ASP F 155 30.25 18.86 -0.88
C ASP F 155 31.05 20.14 -0.77
N TRP F 156 30.50 21.13 -0.10
CA TRP F 156 31.21 22.36 0.20
C TRP F 156 31.19 22.63 1.70
N CYS F 157 32.21 23.33 2.17
CA CYS F 157 32.33 23.63 3.58
C CYS F 157 32.83 25.05 3.73
N GLU F 158 32.61 25.62 4.93
CA GLU F 158 33.04 26.99 5.20
C GLU F 158 34.45 26.99 5.78
N ALA F 159 35.09 28.15 5.69
CA ALA F 159 36.45 28.27 6.15
C ALA F 159 36.52 28.13 7.66
N ASP F 160 37.70 27.77 8.16
CA ASP F 160 37.87 27.58 9.59
C ASP F 160 37.73 28.90 10.33
N ARG F 161 37.57 28.80 11.65
CA ARG F 161 37.29 29.96 12.48
C ARG F 161 37.88 29.73 13.86
N GLU F 162 38.00 30.80 14.63
CA GLU F 162 38.64 30.77 15.93
C GLU F 162 37.62 31.04 17.03
N SER F 163 37.70 30.26 18.10
CA SER F 163 36.76 30.39 19.20
C SER F 163 36.89 31.75 19.87
N ASP F 164 35.83 32.16 20.55
CA ASP F 164 35.87 33.42 21.27
C ASP F 164 36.59 33.28 22.61
N THR F 165 36.47 32.12 23.25
CA THR F 165 37.00 31.97 24.59
C THR F 165 36.81 30.54 25.06
N VAL F 166 37.18 30.29 26.31
CA VAL F 166 36.99 29.01 26.95
C VAL F 166 36.30 29.26 28.29
N ILE F 167 35.93 28.18 28.98
CA ILE F 167 35.10 28.25 30.17
C ILE F 167 35.83 27.64 31.36
N LYS F 168 35.90 28.40 32.45
CA LYS F 168 36.26 27.85 33.76
C LYS F 168 35.80 28.77 34.89
N ALA F 169 34.64 28.50 35.48
CA ALA F 169 34.11 29.38 36.52
C ALA F 169 32.76 28.86 37.00
N GLY F 170 32.21 29.54 38.01
CA GLY F 170 30.85 29.32 38.45
C GLY F 170 30.52 30.19 39.64
N SER F 171 29.36 30.86 39.64
CA SER F 171 28.97 31.71 40.76
C SER F 171 27.82 31.11 41.56
N PHE F 172 26.75 30.71 40.89
CA PHE F 172 25.60 30.06 41.51
C PHE F 172 25.27 30.73 42.85
N SER F 173 24.90 32.01 42.76
CA SER F 173 24.57 32.77 43.96
C SER F 173 23.58 32.06 44.86
N LEU F 174 22.55 31.43 44.30
CA LEU F 174 21.58 30.67 45.08
C LEU F 174 20.85 31.58 46.08
N ASN F 175 20.14 32.56 45.54
CA ASN F 175 19.39 33.48 46.39
C ASN F 175 18.31 32.74 47.15
N LEU F 176 17.58 33.49 47.96
CA LEU F 176 16.44 32.94 48.69
C LEU F 176 15.29 32.69 47.74
N MET G 1 9.98 44.20 -76.25
CA MET G 1 10.81 43.14 -76.86
C MET G 1 11.00 43.35 -78.36
N LYS G 2 12.17 43.02 -78.86
CA LYS G 2 12.46 43.11 -80.28
C LYS G 2 12.25 41.76 -80.95
N ILE G 3 12.10 41.80 -82.28
CA ILE G 3 11.82 40.57 -83.02
C ILE G 3 12.99 39.61 -82.92
N LYS G 4 14.21 40.12 -83.10
CA LYS G 4 15.36 39.24 -83.24
C LYS G 4 15.58 38.37 -82.01
N ASP G 5 15.11 38.80 -80.84
CA ASP G 5 15.46 38.10 -79.61
C ASP G 5 15.00 36.65 -79.61
N ARG G 6 13.83 36.36 -80.15
CA ARG G 6 13.21 35.05 -79.96
C ARG G 6 13.93 33.99 -80.79
N LYS G 7 15.10 33.59 -80.30
CA LYS G 7 15.92 32.61 -81.00
C LYS G 7 15.36 31.20 -80.90
N HIS G 8 14.64 30.87 -79.84
CA HIS G 8 14.37 29.50 -79.48
C HIS G 8 12.98 29.09 -79.98
N ARG G 9 12.86 27.81 -80.34
CA ARG G 9 11.60 27.22 -80.77
C ARG G 9 11.09 26.29 -79.69
N VAL G 10 9.84 26.46 -79.28
CA VAL G 10 9.30 25.74 -78.14
C VAL G 10 7.91 25.19 -78.46
N ILE G 11 7.52 24.19 -77.66
CA ILE G 11 6.22 23.53 -77.76
C ILE G 11 5.61 23.50 -76.37
N VAL G 12 4.42 24.08 -76.22
CA VAL G 12 3.74 24.14 -74.93
C VAL G 12 2.76 22.98 -74.85
N CYS G 13 2.81 22.25 -73.74
CA CYS G 13 2.04 21.02 -73.59
C CYS G 13 1.20 21.06 -72.33
N SER G 14 0.22 20.16 -72.28
CA SER G 14 -0.65 19.99 -71.13
C SER G 14 -0.47 18.58 -70.57
N GLN G 15 -0.66 18.45 -69.26
CA GLN G 15 -0.36 17.19 -68.57
C GLN G 15 -1.63 16.43 -68.23
N LYS G 16 -1.63 15.14 -68.54
CA LYS G 16 -2.69 14.23 -68.13
C LYS G 16 -2.04 13.05 -67.42
N SER G 17 -2.60 12.66 -66.28
CA SER G 17 -1.96 11.68 -65.43
C SER G 17 -2.98 10.67 -64.91
N ASP G 18 -2.48 9.50 -64.52
CA ASP G 18 -3.32 8.43 -64.00
C ASP G 18 -2.44 7.53 -63.15
N VAL G 19 -2.98 6.38 -62.78
CA VAL G 19 -2.34 5.47 -61.84
C VAL G 19 -2.15 4.11 -62.49
N ASP G 20 -0.94 3.58 -62.44
CA ASP G 20 -0.67 2.23 -62.89
C ASP G 20 -1.33 1.23 -61.95
N ASP G 21 -1.29 -0.05 -62.33
CA ASP G 21 -1.75 -1.09 -61.41
C ASP G 21 -0.84 -1.19 -60.20
N ASN G 22 0.47 -1.06 -60.41
CA ASN G 22 1.42 -1.14 -59.30
C ASN G 22 1.26 0.00 -58.30
N GLY G 23 0.51 1.05 -58.66
CA GLY G 23 0.34 2.19 -57.80
C GLY G 23 1.17 3.38 -58.17
N GLN G 24 2.21 3.22 -58.98
CA GLN G 24 3.01 4.36 -59.38
C GLN G 24 2.24 5.22 -60.38
N LEU G 25 2.66 6.48 -60.48
CA LEU G 25 1.93 7.47 -61.24
C LEU G 25 2.54 7.64 -62.63
N LEU G 26 1.68 7.76 -63.64
CA LEU G 26 2.10 7.89 -65.03
C LEU G 26 1.76 9.27 -65.56
N ILE G 27 2.62 9.78 -66.43
CA ILE G 27 2.49 11.11 -67.01
C ILE G 27 2.54 11.02 -68.52
N SER G 28 1.68 11.78 -69.18
CA SER G 28 1.75 11.95 -70.62
C SER G 28 1.39 13.39 -70.95
N ARG G 29 2.09 13.96 -71.92
CA ARG G 29 2.07 15.40 -72.18
C ARG G 29 1.75 15.65 -73.65
N THR G 30 0.84 16.59 -73.89
CA THR G 30 0.24 16.81 -75.20
C THR G 30 0.60 18.19 -75.73
N GLY G 31 1.18 18.24 -76.93
CA GLY G 31 1.51 19.52 -77.53
C GLY G 31 0.26 20.29 -77.90
N SER G 32 0.27 21.60 -77.62
CA SER G 32 -0.90 22.43 -77.86
C SER G 32 -0.57 23.75 -78.55
N ILE G 33 0.65 24.26 -78.37
CA ILE G 33 1.06 25.53 -78.93
C ILE G 33 2.46 25.38 -79.52
N ASN G 34 2.70 26.08 -80.64
CA ASN G 34 3.99 26.11 -81.30
C ASN G 34 4.35 27.56 -81.55
N GLY G 35 5.64 27.86 -81.49
CA GLY G 35 6.08 29.22 -81.78
C GLY G 35 7.49 29.45 -81.29
N TRP G 36 8.03 30.59 -81.68
CA TRP G 36 9.35 31.00 -81.22
C TRP G 36 9.23 31.65 -79.86
N ALA G 37 10.34 31.61 -79.10
CA ALA G 37 10.34 32.16 -77.76
C ALA G 37 11.74 32.60 -77.39
N ALA G 38 11.82 33.49 -76.41
CA ALA G 38 13.08 33.98 -75.88
C ALA G 38 13.26 33.50 -74.45
N ILE G 39 14.46 33.03 -74.12
CA ILE G 39 14.73 32.37 -72.85
C ILE G 39 15.90 33.07 -72.17
N GLU G 40 15.77 33.24 -70.85
CA GLU G 40 16.80 33.89 -70.04
C GLU G 40 17.01 33.06 -68.78
N PRO G 41 18.24 32.82 -68.35
CA PRO G 41 18.46 32.14 -67.08
C PRO G 41 18.32 33.08 -65.90
N VAL G 42 17.96 32.52 -64.75
CA VAL G 42 17.80 33.31 -63.54
C VAL G 42 18.58 32.72 -62.38
N LYS G 43 18.89 31.43 -62.45
CA LYS G 43 19.51 30.76 -61.33
C LYS G 43 20.38 29.61 -61.83
N ALA G 44 21.37 29.23 -61.01
CA ALA G 44 22.27 28.16 -61.38
C ALA G 44 21.57 26.81 -61.26
N ILE G 45 22.19 25.79 -61.84
CA ILE G 45 21.65 24.44 -61.86
C ILE G 45 22.74 23.45 -61.47
N ARG G 46 22.31 22.32 -60.92
CA ARG G 46 23.20 21.20 -60.64
C ARG G 46 22.61 19.95 -61.25
N PHE G 47 23.40 19.24 -62.05
CA PHE G 47 22.92 18.12 -62.82
C PHE G 47 23.37 16.81 -62.21
N SER G 48 22.44 15.86 -62.09
CA SER G 48 22.82 14.52 -61.73
C SER G 48 23.53 13.85 -62.89
N LYS G 49 23.86 12.57 -62.73
CA LYS G 49 24.64 11.89 -63.76
C LYS G 49 23.94 11.93 -65.11
N ASP G 50 22.62 12.12 -65.12
CA ASP G 50 21.86 12.20 -66.36
C ASP G 50 21.03 13.48 -66.45
N GLY G 51 21.52 14.56 -65.83
CA GLY G 51 21.00 15.87 -66.13
C GLY G 51 19.67 16.24 -65.50
N VAL G 52 19.10 15.40 -64.66
CA VAL G 52 17.86 15.77 -63.99
C VAL G 52 18.19 16.74 -62.86
N SER G 53 17.58 17.93 -62.91
CA SER G 53 17.89 18.98 -61.96
C SER G 53 17.65 18.52 -60.52
N MET G 54 18.55 18.91 -59.63
CA MET G 54 18.46 18.58 -58.21
C MET G 54 18.36 19.86 -57.40
N GLN G 55 17.20 20.07 -56.76
CA GLN G 55 17.01 21.24 -55.92
C GLN G 55 15.73 21.07 -55.12
N LYS G 56 15.80 21.44 -53.84
CA LYS G 56 14.62 21.47 -52.99
C LYS G 56 13.80 22.70 -53.34
N ASP G 57 12.67 22.90 -52.65
CA ASP G 57 11.86 24.09 -52.82
C ASP G 57 11.46 24.27 -54.29
N THR G 58 10.62 23.34 -54.75
CA THR G 58 10.30 23.27 -56.17
C THR G 58 9.69 24.56 -56.69
N PHE G 59 9.14 25.38 -55.80
CA PHE G 59 8.30 26.49 -56.23
C PHE G 59 9.07 27.66 -56.83
N GLN G 60 10.41 27.66 -56.79
CA GLN G 60 11.16 28.81 -57.27
C GLN G 60 11.61 28.60 -58.71
N PRO G 61 11.49 29.60 -59.58
CA PRO G 61 11.80 29.39 -61.00
C PRO G 61 13.30 29.51 -61.26
N THR G 62 13.68 29.17 -62.50
CA THR G 62 15.07 29.25 -62.92
C THR G 62 15.23 29.98 -64.24
N HIS G 63 14.28 29.82 -65.15
CA HIS G 63 14.37 30.41 -66.49
C HIS G 63 13.12 31.19 -66.81
N ASP G 64 13.29 32.30 -67.52
CA ASP G 64 12.20 33.15 -67.94
C ASP G 64 11.96 32.96 -69.44
N ILE G 65 10.72 32.68 -69.80
CA ILE G 65 10.33 32.44 -71.18
C ILE G 65 9.29 33.48 -71.57
N THR G 66 9.46 34.08 -72.74
CA THR G 66 8.57 35.12 -73.23
C THR G 66 8.11 34.75 -74.63
N MET G 67 6.83 34.96 -74.90
CA MET G 67 6.28 34.76 -76.23
C MET G 67 5.07 35.66 -76.40
N ASN G 68 4.47 35.59 -77.59
CA ASN G 68 3.35 36.47 -77.90
C ASN G 68 2.16 36.18 -77.00
N TYR G 69 1.56 37.25 -76.48
CA TYR G 69 0.37 37.10 -75.65
C TYR G 69 -0.78 36.58 -76.49
N ASN G 70 -1.66 35.80 -75.87
CA ASN G 70 -2.76 35.20 -76.60
C ASN G 70 -4.03 35.25 -75.75
N PRO G 71 -5.01 36.10 -76.10
CA PRO G 71 -6.20 36.21 -75.26
C PRO G 71 -7.08 34.98 -75.27
N ASP G 72 -6.90 34.10 -76.24
CA ASP G 72 -7.74 32.91 -76.35
C ASP G 72 -7.12 31.69 -75.66
N VAL G 73 -6.08 31.91 -74.86
CA VAL G 73 -5.41 30.84 -74.12
C VAL G 73 -5.59 31.11 -72.64
N ASN G 74 -5.66 30.03 -71.87
CA ASN G 74 -5.78 30.12 -70.42
C ASN G 74 -4.74 29.19 -69.78
N ILE G 75 -3.51 29.70 -69.64
CA ILE G 75 -2.47 28.92 -68.97
C ILE G 75 -2.93 28.60 -67.56
N SER G 76 -2.47 27.47 -67.04
CA SER G 76 -2.86 27.04 -65.71
C SER G 76 -1.73 26.21 -65.11
N VAL G 77 -2.03 25.60 -63.96
CA VAL G 77 -1.01 24.88 -63.22
C VAL G 77 -0.41 23.76 -64.05
N SER G 78 -1.22 23.06 -64.82
CA SER G 78 -0.80 21.82 -65.47
C SER G 78 0.05 22.05 -66.71
N ALA G 79 0.59 23.24 -66.90
CA ALA G 79 1.33 23.52 -68.12
C ALA G 79 2.72 22.88 -68.09
N TRP G 80 3.35 22.81 -69.26
CA TRP G 80 4.74 22.44 -69.41
C TRP G 80 5.32 23.25 -70.56
N VAL G 81 6.58 22.99 -70.88
CA VAL G 81 7.22 23.53 -72.07
C VAL G 81 8.30 22.57 -72.53
N TYR G 82 8.45 22.46 -73.84
CA TYR G 82 9.39 21.54 -74.47
C TYR G 82 10.21 22.28 -75.49
N GLU G 83 11.46 21.87 -75.66
CA GLU G 83 12.37 22.52 -76.59
C GLU G 83 13.40 21.53 -77.11
N HIS G 84 13.50 21.44 -78.43
CA HIS G 84 14.50 20.61 -79.10
C HIS G 84 15.39 21.52 -79.93
N ARG G 85 16.69 21.40 -79.72
CA ARG G 85 17.63 22.34 -80.31
C ARG G 85 18.53 21.61 -81.29
N LEU G 86 19.41 22.38 -81.94
CA LEU G 86 20.22 21.84 -83.02
C LEU G 86 21.14 20.72 -82.56
N LYS G 87 21.94 20.95 -81.52
CA LYS G 87 22.90 19.95 -81.05
C LYS G 87 22.62 19.53 -79.62
N SER G 88 22.43 20.50 -78.73
CA SER G 88 22.28 20.20 -77.32
C SER G 88 21.02 19.37 -77.10
N PRO G 89 21.01 18.53 -76.07
CA PRO G 89 19.89 17.60 -75.88
C PRO G 89 18.61 18.33 -75.57
N PRO G 90 17.46 17.70 -75.81
CA PRO G 90 16.18 18.36 -75.49
C PRO G 90 16.10 18.71 -74.03
N ARG G 91 15.05 19.45 -73.67
CA ARG G 91 14.86 19.88 -72.30
C ARG G 91 13.38 20.06 -72.01
N TRP G 92 12.99 19.76 -70.77
CA TRP G 92 11.63 19.97 -70.30
C TRP G 92 11.63 21.07 -69.25
N PHE G 93 10.73 22.02 -69.40
CA PHE G 93 10.51 23.06 -68.40
C PHE G 93 9.16 22.85 -67.75
N LYS G 94 9.07 23.15 -66.46
CA LYS G 94 7.81 23.16 -65.74
C LYS G 94 7.42 24.60 -65.46
N VAL G 95 6.16 24.92 -65.73
CA VAL G 95 5.70 26.31 -65.74
C VAL G 95 5.20 26.69 -64.36
N ILE G 96 5.75 27.77 -63.81
CA ILE G 96 5.32 28.33 -62.54
C ILE G 96 4.77 29.72 -62.82
N SER G 97 3.52 29.94 -62.45
CA SER G 97 2.93 31.27 -62.53
C SER G 97 2.96 31.83 -63.94
N VAL G 98 2.58 33.10 -64.09
CA VAL G 98 2.55 33.76 -65.39
C VAL G 98 2.44 35.26 -65.15
N ILE G 99 2.82 36.04 -66.16
CA ILE G 99 2.82 37.50 -66.05
C ILE G 99 2.82 38.11 -67.44
N ASN G 100 1.94 39.09 -67.65
CA ASN G 100 2.03 39.96 -68.82
C ASN G 100 3.25 40.85 -68.70
N VAL G 101 3.88 41.16 -69.83
CA VAL G 101 4.95 42.15 -69.79
C VAL G 101 4.43 43.43 -69.19
N ASP G 102 3.24 43.84 -69.58
CA ASP G 102 2.48 44.87 -68.90
C ASP G 102 1.02 44.60 -69.19
N GLU G 103 0.16 45.44 -68.63
CA GLU G 103 -1.23 45.31 -69.01
C GLU G 103 -1.49 45.78 -70.42
N CYS G 104 -0.45 46.19 -71.16
CA CYS G 104 -0.59 46.43 -72.58
C CYS G 104 -1.03 45.16 -73.30
N SER G 105 -0.81 43.99 -72.70
CA SER G 105 -1.38 42.74 -73.20
C SER G 105 -0.82 42.35 -74.56
N GLN G 106 0.50 42.47 -74.73
CA GLN G 106 1.14 42.08 -75.97
C GLN G 106 1.98 40.82 -75.86
N PHE G 107 2.57 40.57 -74.70
CA PHE G 107 3.50 39.45 -74.56
C PHE G 107 3.31 38.78 -73.22
N MET G 108 3.30 37.45 -73.26
CA MET G 108 3.10 36.62 -72.09
C MET G 108 4.44 36.06 -71.65
N ARG G 109 4.81 36.29 -70.40
CA ARG G 109 6.08 35.81 -69.85
C ARG G 109 5.81 34.75 -68.81
N LEU G 110 6.49 33.61 -68.95
CA LEU G 110 6.35 32.51 -68.02
C LEU G 110 7.58 32.43 -67.14
N ARG G 111 7.39 31.90 -65.93
CA ARG G 111 8.49 31.57 -65.05
C ARG G 111 8.55 30.06 -64.90
N SER G 112 9.73 29.50 -65.16
CA SER G 112 9.83 28.06 -65.37
C SER G 112 10.94 27.47 -64.52
N ARG G 113 10.84 26.17 -64.26
CA ARG G 113 11.87 25.39 -63.60
C ARG G 113 12.38 24.35 -64.58
N LEU G 114 13.70 24.32 -64.77
CA LEU G 114 14.29 23.31 -65.62
C LEU G 114 14.22 21.95 -64.92
N VAL G 115 13.96 20.90 -65.67
CA VAL G 115 13.85 19.56 -65.09
C VAL G 115 14.90 18.61 -65.65
N GLU G 116 14.88 18.36 -66.97
CA GLU G 116 15.71 17.34 -67.56
C GLU G 116 16.42 17.87 -68.80
N SER G 117 17.53 17.24 -69.14
CA SER G 117 18.19 17.47 -70.42
C SER G 117 19.08 16.25 -70.70
N ASN G 118 18.59 15.34 -71.53
CA ASN G 118 19.38 14.19 -71.95
C ASN G 118 18.73 13.57 -73.17
N ASP G 119 19.45 12.63 -73.79
CA ASP G 119 18.99 12.05 -75.04
C ASP G 119 17.72 11.22 -74.87
N GLU G 120 17.48 10.67 -73.68
CA GLU G 120 16.36 9.77 -73.47
C GLU G 120 15.05 10.48 -73.18
N VAL G 121 15.05 11.81 -73.16
CA VAL G 121 13.83 12.55 -72.82
C VAL G 121 12.72 12.15 -73.76
N GLU G 122 11.52 11.93 -73.20
CA GLU G 122 10.36 11.60 -74.01
C GLU G 122 9.91 12.84 -74.77
N LYS G 123 9.55 12.66 -76.05
CA LYS G 123 9.12 13.79 -76.85
C LYS G 123 7.60 13.97 -76.78
N PRO G 124 7.12 15.19 -76.93
CA PRO G 124 5.71 15.47 -76.62
C PRO G 124 4.76 14.69 -77.52
N VAL G 125 3.66 14.25 -76.94
CA VAL G 125 2.63 13.57 -77.71
C VAL G 125 2.05 14.56 -78.72
N SER G 126 2.05 14.17 -79.99
CA SER G 126 1.51 15.03 -81.03
C SER G 126 -0.02 14.97 -81.00
N MET H 1 1.08 61.43 -64.09
CA MET H 1 0.26 60.44 -64.84
C MET H 1 -0.34 61.08 -66.07
N LYS H 2 0.22 60.76 -67.23
CA LYS H 2 -0.23 61.36 -68.48
C LYS H 2 -1.60 60.80 -68.86
N ILE H 3 -2.31 61.56 -69.71
CA ILE H 3 -3.67 61.18 -70.07
C ILE H 3 -3.70 59.84 -70.78
N LYS H 4 -2.79 59.62 -71.72
CA LYS H 4 -2.87 58.46 -72.58
C LYS H 4 -2.76 57.15 -71.82
N ASP H 5 -2.23 57.16 -70.59
CA ASP H 5 -1.98 55.90 -69.90
C ASP H 5 -3.26 55.13 -69.64
N ARG H 6 -4.33 55.82 -69.26
CA ARG H 6 -5.51 55.15 -68.73
C ARG H 6 -6.27 54.40 -69.82
N LYS H 7 -5.64 53.33 -70.30
CA LYS H 7 -6.26 52.50 -71.33
C LYS H 7 -7.53 51.84 -70.82
N HIS H 8 -7.48 51.26 -69.62
CA HIS H 8 -8.48 50.31 -69.19
C HIS H 8 -9.72 51.00 -68.66
N ARG H 9 -10.86 50.33 -68.82
CA ARG H 9 -12.15 50.81 -68.36
C ARG H 9 -12.65 49.88 -67.26
N VAL H 10 -12.94 50.45 -66.08
CA VAL H 10 -13.20 49.65 -64.89
C VAL H 10 -14.48 50.11 -64.20
N ILE H 11 -15.04 49.21 -63.40
CA ILE H 11 -16.25 49.45 -62.63
C ILE H 11 -15.94 49.19 -61.17
N VAL H 12 -16.04 50.22 -60.34
CA VAL H 12 -15.79 50.06 -58.91
C VAL H 12 -17.10 49.67 -58.22
N CYS H 13 -17.00 48.76 -57.26
CA CYS H 13 -18.18 48.17 -56.65
C CYS H 13 -18.01 48.06 -55.15
N SER H 14 -19.14 47.90 -54.47
CA SER H 14 -19.19 47.70 -53.03
C SER H 14 -19.87 46.36 -52.75
N GLN H 15 -19.46 45.71 -51.66
CA GLN H 15 -19.90 44.35 -51.39
C GLN H 15 -21.03 44.33 -50.37
N LYS H 16 -22.02 43.49 -50.62
CA LYS H 16 -23.12 43.24 -49.70
C LYS H 16 -23.28 41.74 -49.56
N SER H 17 -23.27 41.24 -48.33
CA SER H 17 -23.22 39.80 -48.11
C SER H 17 -24.14 39.41 -46.96
N ASP H 18 -24.55 38.14 -46.97
CA ASP H 18 -25.47 37.60 -45.99
C ASP H 18 -25.26 36.09 -45.92
N VAL H 19 -26.16 35.41 -45.20
CA VAL H 19 -26.03 33.99 -44.94
C VAL H 19 -27.22 33.26 -45.51
N ASP H 20 -26.96 32.24 -46.33
CA ASP H 20 -28.01 31.37 -46.83
C ASP H 20 -28.61 30.56 -45.67
N ASP H 21 -29.69 29.85 -45.95
CA ASP H 21 -30.25 28.96 -44.93
C ASP H 21 -29.30 27.82 -44.62
N ASN H 22 -28.58 27.32 -45.62
CA ASN H 22 -27.64 26.22 -45.45
C ASN H 22 -26.42 26.63 -44.64
N GLY H 23 -26.26 27.92 -44.35
CA GLY H 23 -25.09 28.40 -43.64
C GLY H 23 -23.99 28.92 -44.52
N GLN H 24 -24.07 28.72 -45.83
CA GLN H 24 -23.04 29.23 -46.71
C GLN H 24 -23.25 30.72 -46.96
N LEU H 25 -22.14 31.44 -47.14
CA LEU H 25 -22.18 32.89 -47.18
C LEU H 25 -22.37 33.37 -48.62
N LEU H 26 -23.32 34.27 -48.83
CA LEU H 26 -23.63 34.80 -50.16
C LEU H 26 -23.09 36.22 -50.29
N ILE H 27 -22.55 36.54 -51.47
CA ILE H 27 -21.98 37.84 -51.76
C ILE H 27 -22.73 38.46 -52.93
N SER H 28 -22.97 39.76 -52.83
CA SER H 28 -23.55 40.55 -53.91
C SER H 28 -22.73 41.81 -54.11
N ARG H 29 -22.44 42.14 -55.36
CA ARG H 29 -21.54 43.24 -55.70
C ARG H 29 -22.28 44.26 -56.53
N THR H 30 -22.17 45.53 -56.14
CA THR H 30 -22.95 46.63 -56.70
C THR H 30 -22.03 47.62 -57.38
N GLY H 31 -22.41 48.10 -58.56
CA GLY H 31 -21.61 49.08 -59.25
C GLY H 31 -21.90 50.50 -58.75
N SER H 32 -20.83 51.26 -58.50
CA SER H 32 -20.99 52.60 -57.93
C SER H 32 -20.17 53.69 -58.61
N ILE H 33 -19.00 53.40 -59.20
CA ILE H 33 -18.18 54.42 -59.84
C ILE H 33 -17.73 53.92 -61.21
N ASN H 34 -17.71 54.83 -62.17
CA ASN H 34 -17.35 54.54 -63.55
C ASN H 34 -16.15 55.39 -63.91
N GLY H 35 -15.31 54.90 -64.82
CA GLY H 35 -14.21 55.72 -65.30
C GLY H 35 -13.14 54.85 -65.92
N TRP H 36 -12.12 55.53 -66.45
CA TRP H 36 -10.95 54.86 -66.99
C TRP H 36 -9.90 54.70 -65.90
N ALA H 37 -8.95 53.81 -66.16
CA ALA H 37 -7.92 53.53 -65.16
C ALA H 37 -6.68 52.98 -65.85
N ALA H 38 -5.55 53.08 -65.14
CA ALA H 38 -4.29 52.51 -65.59
C ALA H 38 -3.86 51.43 -64.63
N ILE H 39 -3.38 50.31 -65.17
CA ILE H 39 -3.10 49.10 -64.40
C ILE H 39 -1.67 48.66 -64.65
N GLU H 40 -1.00 48.24 -63.57
CA GLU H 40 0.39 47.81 -63.63
C GLU H 40 0.54 46.53 -62.81
N PRO H 41 1.09 45.46 -63.38
CA PRO H 41 1.33 44.24 -62.58
C PRO H 41 2.48 44.45 -61.62
N VAL H 42 2.42 43.74 -60.49
CA VAL H 42 3.46 43.84 -59.47
C VAL H 42 3.99 42.47 -59.09
N LYS H 43 3.21 41.42 -59.34
CA LYS H 43 3.58 40.09 -58.89
C LYS H 43 3.01 39.04 -59.84
N ALA H 44 3.66 37.88 -59.88
CA ALA H 44 3.20 36.82 -60.75
C ALA H 44 1.93 36.17 -60.20
N ILE H 45 1.22 35.46 -61.07
CA ILE H 45 -0.04 34.82 -60.73
C ILE H 45 0.02 33.37 -61.17
N ARG H 46 -0.67 32.51 -60.42
CA ARG H 46 -0.78 31.09 -60.74
C ARG H 46 -2.25 30.74 -60.85
N PHE H 47 -2.66 30.26 -62.02
CA PHE H 47 -4.07 30.07 -62.32
C PHE H 47 -4.46 28.62 -62.15
N SER H 48 -5.58 28.39 -61.47
CA SER H 48 -6.16 27.06 -61.43
C SER H 48 -6.79 26.74 -62.78
N LYS H 49 -7.45 25.59 -62.86
CA LYS H 49 -7.99 25.15 -64.14
C LYS H 49 -8.95 26.17 -64.72
N ASP H 50 -9.58 26.99 -63.87
CA ASP H 50 -10.50 28.03 -64.34
C ASP H 50 -10.11 29.40 -63.82
N GLY H 51 -8.81 29.66 -63.68
CA GLY H 51 -8.34 31.01 -63.56
C GLY H 51 -8.47 31.67 -62.21
N VAL H 52 -8.99 30.98 -61.21
CA VAL H 52 -9.06 31.55 -59.87
C VAL H 52 -7.67 31.51 -59.26
N SER H 53 -7.19 32.68 -58.80
CA SER H 53 -5.83 32.78 -58.31
C SER H 53 -5.60 31.87 -57.12
N MET H 54 -4.39 31.32 -57.02
CA MET H 54 -4.02 30.42 -55.94
C MET H 54 -2.78 31.00 -55.25
N GLN H 55 -2.98 31.57 -54.06
CA GLN H 55 -1.87 32.16 -53.32
C GLN H 55 -2.26 32.34 -51.86
N LYS H 56 -1.32 32.06 -50.98
CA LYS H 56 -1.46 32.35 -49.56
C LYS H 56 -1.20 33.85 -49.35
N ASP H 57 -1.18 34.28 -48.09
CA ASP H 57 -0.91 35.68 -47.76
C ASP H 57 -1.82 36.59 -48.56
N THR H 58 -3.12 36.46 -48.32
CA THR H 58 -4.10 37.15 -49.14
C THR H 58 -3.94 38.67 -49.09
N PHE H 59 -3.24 39.19 -48.09
CA PHE H 59 -3.02 40.63 -48.03
C PHE H 59 -2.03 41.14 -49.08
N GLN H 60 -1.36 40.25 -49.79
CA GLN H 60 -0.32 40.67 -50.72
C GLN H 60 -0.93 41.29 -51.97
N PRO H 61 -0.61 42.52 -52.31
CA PRO H 61 -1.17 43.12 -53.54
C PRO H 61 -0.49 42.58 -54.77
N THR H 62 -1.20 42.68 -55.91
CA THR H 62 -0.65 42.19 -57.17
C THR H 62 -0.66 43.26 -58.26
N HIS H 63 -1.73 44.03 -58.36
CA HIS H 63 -1.88 45.02 -59.43
C HIS H 63 -2.17 46.38 -58.85
N ASP H 64 -1.49 47.40 -59.36
CA ASP H 64 -1.71 48.78 -58.97
C ASP H 64 -2.63 49.45 -59.96
N ILE H 65 -3.74 49.98 -59.47
CA ILE H 65 -4.75 50.63 -60.28
C ILE H 65 -4.81 52.09 -59.87
N THR H 66 -4.74 52.98 -60.86
CA THR H 66 -4.72 54.42 -60.62
C THR H 66 -5.87 55.07 -61.38
N MET H 67 -6.53 56.04 -60.74
CA MET H 67 -7.58 56.80 -61.39
C MET H 67 -7.71 58.15 -60.69
N ASN H 68 -8.63 58.97 -61.19
CA ASN H 68 -8.75 60.33 -60.70
C ASN H 68 -9.17 60.35 -59.24
N TYR H 69 -8.51 61.18 -58.45
CA TYR H 69 -8.87 61.30 -57.04
C TYR H 69 -10.21 61.99 -56.91
N ASN H 70 -11.04 61.46 -56.03
CA ASN H 70 -12.39 61.98 -55.83
C ASN H 70 -12.59 62.33 -54.36
N PRO H 71 -12.67 63.61 -54.00
CA PRO H 71 -12.79 63.96 -52.58
C PRO H 71 -14.08 63.51 -51.95
N ASP H 72 -15.10 63.19 -52.74
CA ASP H 72 -16.40 62.83 -52.23
C ASP H 72 -16.60 61.32 -52.12
N VAL H 73 -15.50 60.57 -52.06
CA VAL H 73 -15.56 59.12 -51.96
C VAL H 73 -14.78 58.71 -50.72
N ASN H 74 -15.16 57.56 -50.16
CA ASN H 74 -14.62 57.08 -48.88
C ASN H 74 -14.25 55.60 -49.04
N ILE H 75 -13.48 55.29 -50.09
CA ILE H 75 -13.07 53.91 -50.32
C ILE H 75 -12.71 53.26 -49.00
N SER H 76 -13.15 52.03 -48.82
CA SER H 76 -12.98 51.34 -47.54
C SER H 76 -12.76 49.86 -47.82
N VAL H 77 -12.86 49.06 -46.75
CA VAL H 77 -12.51 47.65 -46.83
C VAL H 77 -13.33 46.92 -47.88
N SER H 78 -14.63 47.22 -47.94
CA SER H 78 -15.56 46.41 -48.72
C SER H 78 -15.50 46.69 -50.22
N ALA H 79 -14.46 47.34 -50.71
CA ALA H 79 -14.41 47.70 -52.12
C ALA H 79 -14.05 46.50 -52.99
N TRP H 80 -14.36 46.62 -54.28
CA TRP H 80 -13.93 45.68 -55.30
C TRP H 80 -13.62 46.48 -56.56
N VAL H 81 -13.28 45.78 -57.63
CA VAL H 81 -13.12 46.39 -58.95
C VAL H 81 -13.46 45.36 -60.01
N TYR H 82 -14.17 45.80 -61.04
CA TYR H 82 -14.59 44.94 -62.14
C TYR H 82 -14.12 45.56 -63.44
N GLU H 83 -13.79 44.71 -64.40
CA GLU H 83 -13.22 45.17 -65.66
C GLU H 83 -13.53 44.18 -66.76
N HIS H 84 -14.06 44.68 -67.89
CA HIS H 84 -14.40 43.85 -69.03
C HIS H 84 -13.61 44.36 -70.23
N ARG H 85 -13.11 43.42 -71.04
CA ARG H 85 -12.15 43.75 -72.08
C ARG H 85 -12.70 43.37 -73.45
N LEU H 86 -11.91 43.71 -74.47
CA LEU H 86 -12.31 43.44 -75.85
C LEU H 86 -12.42 41.95 -76.15
N LYS H 87 -11.38 41.17 -75.82
CA LYS H 87 -11.42 39.72 -76.08
C LYS H 87 -11.17 38.90 -74.82
N SER H 88 -10.24 39.35 -73.97
CA SER H 88 -9.87 38.57 -72.81
C SER H 88 -11.03 38.54 -71.81
N PRO H 89 -11.11 37.48 -71.02
CA PRO H 89 -12.27 37.31 -70.14
C PRO H 89 -12.30 38.39 -69.06
N PRO H 90 -13.45 38.64 -68.47
CA PRO H 90 -13.54 39.65 -67.41
C PRO H 90 -12.70 39.26 -66.21
N ARG H 91 -12.41 40.24 -65.37
CA ARG H 91 -11.55 40.02 -64.20
C ARG H 91 -12.09 40.78 -63.00
N TRP H 92 -11.96 40.17 -61.82
CA TRP H 92 -12.30 40.80 -60.56
C TRP H 92 -11.04 41.11 -59.78
N PHE H 93 -10.96 42.30 -59.22
CA PHE H 93 -9.89 42.68 -58.32
C PHE H 93 -10.47 42.95 -56.94
N LYS H 94 -9.71 42.59 -55.90
CA LYS H 94 -10.09 42.94 -54.54
C LYS H 94 -9.16 44.05 -54.03
N VAL H 95 -9.75 45.12 -53.52
CA VAL H 95 -8.97 46.29 -53.10
C VAL H 95 -8.41 46.03 -51.72
N ILE H 96 -7.10 46.20 -51.56
CA ILE H 96 -6.42 45.96 -50.30
C ILE H 96 -6.19 47.25 -49.54
N SER H 97 -5.69 48.28 -50.20
CA SER H 97 -5.41 49.54 -49.51
C SER H 97 -5.34 50.65 -50.53
N VAL H 98 -5.41 51.89 -50.04
CA VAL H 98 -5.52 53.07 -50.87
C VAL H 98 -4.36 54.01 -50.56
N ILE H 99 -4.06 54.89 -51.51
CA ILE H 99 -2.96 55.85 -51.37
C ILE H 99 -3.16 56.96 -52.40
N ASN H 100 -2.99 58.20 -51.95
CA ASN H 100 -2.88 59.32 -52.87
C ASN H 100 -1.52 59.28 -53.55
N VAL H 101 -1.49 59.68 -54.83
CA VAL H 101 -0.20 59.80 -55.49
C VAL H 101 0.67 60.76 -54.70
N ASP H 102 0.08 61.84 -54.22
CA ASP H 102 0.73 62.71 -53.24
C ASP H 102 -0.39 63.46 -52.53
N GLU H 103 -0.02 64.21 -51.52
CA GLU H 103 -1.03 65.05 -50.89
C GLU H 103 -1.48 66.19 -51.80
N CYS H 104 -0.93 66.27 -53.02
CA CYS H 104 -1.52 67.14 -54.03
C CYS H 104 -2.95 66.74 -54.32
N SER H 105 -3.33 65.49 -54.05
CA SER H 105 -4.72 65.06 -54.06
C SER H 105 -5.33 65.16 -55.47
N GLN H 106 -4.63 64.61 -56.46
CA GLN H 106 -5.14 64.57 -57.82
C GLN H 106 -5.54 63.18 -58.27
N PHE H 107 -4.85 62.15 -57.82
CA PHE H 107 -5.08 60.80 -58.33
C PHE H 107 -5.05 59.79 -57.20
N MET H 108 -5.96 58.85 -57.27
CA MET H 108 -6.16 57.83 -56.25
C MET H 108 -5.62 56.51 -56.78
N ARG H 109 -4.68 55.92 -56.04
CA ARG H 109 -4.07 54.65 -56.43
C ARG H 109 -4.50 53.57 -55.46
N LEU H 110 -4.90 52.42 -55.99
CA LEU H 110 -5.38 51.30 -55.20
C LEU H 110 -4.38 50.15 -55.32
N ARG H 111 -4.11 49.49 -54.21
CA ARG H 111 -3.40 48.23 -54.24
C ARG H 111 -4.42 47.11 -54.26
N SER H 112 -4.26 46.17 -55.18
CA SER H 112 -5.30 45.19 -55.44
C SER H 112 -4.72 43.79 -55.59
N ARG H 113 -5.55 42.79 -55.31
CA ARG H 113 -5.24 41.39 -55.55
C ARG H 113 -6.20 40.86 -56.60
N LEU H 114 -5.64 40.23 -57.63
CA LEU H 114 -6.46 39.61 -58.67
C LEU H 114 -7.11 38.35 -58.09
N VAL H 115 -8.33 38.05 -58.51
CA VAL H 115 -9.05 36.89 -58.02
C VAL H 115 -9.43 35.93 -59.13
N GLU H 116 -10.26 36.37 -60.08
CA GLU H 116 -10.86 35.48 -61.05
C GLU H 116 -10.70 36.04 -62.45
N SER H 117 -10.72 35.13 -63.43
CA SER H 117 -10.80 35.53 -64.83
C SER H 117 -11.31 34.34 -65.62
N ASN H 118 -12.61 34.34 -65.94
CA ASN H 118 -13.19 33.29 -66.77
C ASN H 118 -14.56 33.74 -67.22
N ASP H 119 -15.08 33.05 -68.24
CA ASP H 119 -16.30 33.48 -68.90
C ASP H 119 -17.52 33.47 -67.98
N GLU H 120 -17.47 32.70 -66.89
CA GLU H 120 -18.62 32.54 -66.01
C GLU H 120 -18.67 33.57 -64.91
N VAL H 121 -17.74 34.53 -64.88
CA VAL H 121 -17.71 35.51 -63.81
C VAL H 121 -19.01 36.31 -63.86
N GLU H 122 -19.59 36.55 -62.69
CA GLU H 122 -20.80 37.36 -62.60
C GLU H 122 -20.46 38.82 -62.89
N LYS H 123 -21.38 39.51 -63.52
CA LYS H 123 -21.17 40.91 -63.84
C LYS H 123 -21.83 41.80 -62.78
N PRO H 124 -21.27 42.99 -62.53
CA PRO H 124 -21.69 43.76 -61.36
C PRO H 124 -23.16 44.12 -61.42
N VAL H 125 -23.81 44.07 -60.26
CA VAL H 125 -25.21 44.47 -60.17
C VAL H 125 -25.30 45.94 -60.56
N SER H 126 -26.05 46.24 -61.60
CA SER H 126 -26.23 47.62 -62.03
C SER H 126 -27.33 48.26 -61.19
N MET I 1 14.09 73.11 -48.45
CA MET I 1 12.65 73.17 -48.83
C MET I 1 12.31 74.51 -49.47
N LYS I 2 11.52 74.47 -50.53
CA LYS I 2 11.07 75.69 -51.17
C LYS I 2 9.82 76.21 -50.47
N ILE I 3 9.52 77.50 -50.70
CA ILE I 3 8.35 78.10 -50.09
C ILE I 3 7.08 77.47 -50.63
N LYS I 4 7.02 77.26 -51.95
CA LYS I 4 5.77 76.83 -52.56
C LYS I 4 5.29 75.48 -52.05
N ASP I 5 6.17 74.66 -51.49
CA ASP I 5 5.78 73.32 -51.12
C ASP I 5 4.67 73.31 -50.08
N ARG I 6 4.75 74.20 -49.09
CA ARG I 6 3.89 74.10 -47.91
C ARG I 6 2.45 74.46 -48.25
N LYS I 7 1.80 73.56 -48.99
CA LYS I 7 0.41 73.77 -49.38
C LYS I 7 -0.54 73.70 -48.20
N HIS I 8 -0.29 72.83 -47.24
CA HIS I 8 -1.29 72.44 -46.27
C HIS I 8 -1.22 73.32 -45.04
N ARG I 9 -2.38 73.59 -44.45
CA ARG I 9 -2.49 74.39 -43.22
C ARG I 9 -2.91 73.47 -42.09
N VAL I 10 -2.16 73.50 -40.99
CA VAL I 10 -2.33 72.53 -39.91
C VAL I 10 -2.36 73.23 -38.57
N ILE I 11 -2.94 72.55 -37.58
CA ILE I 11 -3.02 73.01 -36.21
C ILE I 11 -2.44 71.92 -35.32
N VAL I 12 -1.41 72.27 -34.54
CA VAL I 12 -0.72 71.32 -33.68
C VAL I 12 -1.29 71.43 -32.28
N CYS I 13 -1.63 70.28 -31.68
CA CYS I 13 -2.34 70.26 -30.42
C CYS I 13 -1.64 69.36 -29.41
N SER I 14 -1.92 69.62 -28.14
CA SER I 14 -1.44 68.82 -27.03
C SER I 14 -2.61 68.07 -26.41
N GLN I 15 -2.33 66.90 -25.84
CA GLN I 15 -3.38 66.02 -25.37
C GLN I 15 -3.54 66.10 -23.86
N LYS I 16 -4.79 66.09 -23.41
CA LYS I 16 -5.14 66.05 -21.99
C LYS I 16 -6.21 64.98 -21.81
N SER I 17 -5.98 64.04 -20.90
CA SER I 17 -6.85 62.89 -20.76
C SER I 17 -7.09 62.58 -19.29
N ASP I 18 -8.22 61.91 -19.03
CA ASP I 18 -8.62 61.55 -17.69
C ASP I 18 -9.55 60.35 -17.78
N VAL I 19 -10.19 60.02 -16.66
CA VAL I 19 -11.01 58.82 -16.54
C VAL I 19 -12.44 59.21 -16.22
N ASP I 20 -13.37 58.69 -17.00
CA ASP I 20 -14.78 58.86 -16.69
C ASP I 20 -15.14 58.06 -15.43
N ASP I 21 -16.35 58.26 -14.94
CA ASP I 21 -16.85 57.42 -13.85
C ASP I 21 -17.01 55.97 -14.29
N ASN I 22 -17.48 55.76 -15.53
CA ASN I 22 -17.65 54.41 -16.04
C ASN I 22 -16.33 53.65 -16.18
N GLY I 23 -15.20 54.31 -15.97
CA GLY I 23 -13.92 53.69 -16.13
C GLY I 23 -13.28 53.84 -17.49
N GLN I 24 -14.00 54.36 -18.47
CA GLN I 24 -13.40 54.57 -19.78
C GLN I 24 -12.59 55.84 -19.80
N LEU I 25 -11.70 55.96 -20.79
CA LEU I 25 -10.74 57.04 -20.86
C LEU I 25 -11.26 58.13 -21.79
N LEU I 26 -11.16 59.37 -21.35
CA LEU I 26 -11.59 60.53 -22.13
C LEU I 26 -10.36 61.34 -22.55
N ILE I 27 -10.43 61.90 -23.75
CA ILE I 27 -9.31 62.65 -24.32
C ILE I 27 -9.78 64.05 -24.69
N SER I 28 -8.90 65.02 -24.46
CA SER I 28 -9.13 66.39 -24.87
C SER I 28 -7.86 66.91 -25.53
N ARG I 29 -8.02 67.74 -26.55
CA ARG I 29 -6.90 68.22 -27.35
C ARG I 29 -6.97 69.73 -27.53
N THR I 30 -5.83 70.39 -27.37
CA THR I 30 -5.76 71.84 -27.27
C THR I 30 -4.91 72.40 -28.40
N GLY I 31 -5.42 73.39 -29.11
CA GLY I 31 -4.65 74.02 -30.17
C GLY I 31 -3.53 74.86 -29.61
N SER I 32 -2.32 74.69 -30.14
CA SER I 32 -1.16 75.41 -29.64
C SER I 32 -0.29 76.06 -30.71
N ILE I 33 -0.23 75.56 -31.94
CA ILE I 33 0.59 76.14 -33.00
C ILE I 33 -0.21 76.18 -34.28
N ASN I 34 -0.02 77.26 -35.05
CA ASN I 34 -0.69 77.45 -36.33
C ASN I 34 0.37 77.75 -37.37
N GLY I 35 0.23 77.18 -38.55
CA GLY I 35 1.16 77.46 -39.62
C GLY I 35 0.95 76.51 -40.78
N TRP I 36 1.57 76.87 -41.91
CA TRP I 36 1.53 76.02 -43.08
C TRP I 36 2.52 74.89 -42.92
N ALA I 37 2.29 73.81 -43.66
CA ALA I 37 3.17 72.65 -43.57
C ALA I 37 3.07 71.84 -44.84
N ALA I 38 4.09 71.04 -45.10
CA ALA I 38 4.16 70.17 -46.26
C ALA I 38 4.09 68.72 -45.82
N ILE I 39 3.39 67.90 -46.60
CA ILE I 39 3.04 66.54 -46.21
C ILE I 39 3.41 65.60 -47.35
N GLU I 40 3.92 64.41 -47.00
CA GLU I 40 4.29 63.40 -47.97
C GLU I 40 3.88 62.03 -47.41
N PRO I 41 3.19 61.20 -48.19
CA PRO I 41 2.81 59.88 -47.69
C PRO I 41 3.96 58.89 -47.80
N VAL I 42 3.90 57.85 -46.95
CA VAL I 42 4.95 56.84 -46.95
C VAL I 42 4.37 55.44 -47.10
N LYS I 43 3.12 55.23 -46.69
CA LYS I 43 2.57 53.89 -46.66
C LYS I 43 1.09 53.91 -46.99
N ALA I 44 0.60 52.81 -47.54
CA ALA I 44 -0.80 52.70 -47.88
C ALA I 44 -1.65 52.60 -46.62
N ILE I 45 -2.93 52.91 -46.76
CA ILE I 45 -3.87 52.96 -45.65
C ILE I 45 -5.02 52.04 -45.97
N ARG I 46 -5.63 51.47 -44.94
CA ARG I 46 -6.84 50.66 -45.08
C ARG I 46 -7.91 51.27 -44.20
N PHE I 47 -9.01 51.70 -44.81
CA PHE I 47 -10.03 52.48 -44.12
C PHE I 47 -11.21 51.60 -43.74
N SER I 48 -11.65 51.72 -42.50
CA SER I 48 -12.89 51.08 -42.10
C SER I 48 -14.07 51.84 -42.69
N LYS I 49 -15.28 51.38 -42.35
CA LYS I 49 -16.48 51.97 -42.95
C LYS I 49 -16.52 53.47 -42.72
N ASP I 50 -15.95 53.95 -41.62
CA ASP I 50 -15.93 55.38 -41.31
C ASP I 50 -14.51 55.90 -41.28
N GLY I 51 -13.64 55.30 -42.08
CA GLY I 51 -12.35 55.89 -42.37
C GLY I 51 -11.35 55.90 -41.25
N VAL I 52 -11.59 55.18 -40.17
CA VAL I 52 -10.60 55.08 -39.11
C VAL I 52 -9.55 54.05 -39.51
N SER I 53 -8.29 54.44 -39.47
CA SER I 53 -7.21 53.58 -39.91
C SER I 53 -7.24 52.24 -39.18
N MET I 54 -6.53 51.26 -39.73
CA MET I 54 -6.45 49.92 -39.15
C MET I 54 -5.06 49.35 -39.38
N GLN I 55 -4.19 49.47 -38.37
CA GLN I 55 -2.83 48.98 -38.45
C GLN I 55 -2.40 48.36 -37.14
N LYS I 56 -1.71 47.22 -37.22
CA LYS I 56 -0.90 46.74 -36.12
C LYS I 56 0.44 47.47 -36.18
N ASP I 57 1.29 47.22 -35.18
CA ASP I 57 2.57 47.93 -35.09
C ASP I 57 2.33 49.44 -35.15
N THR I 58 1.63 49.95 -34.14
CA THR I 58 1.18 51.33 -34.19
C THR I 58 2.33 52.32 -34.29
N PHE I 59 3.55 51.90 -33.99
CA PHE I 59 4.69 52.81 -34.05
C PHE I 59 5.11 53.15 -35.47
N GLN I 60 4.64 52.43 -36.48
CA GLN I 60 5.06 52.67 -37.85
C GLN I 60 4.45 53.97 -38.38
N PRO I 61 5.25 54.93 -38.84
CA PRO I 61 4.68 56.16 -39.38
C PRO I 61 4.18 55.97 -40.81
N THR I 62 3.36 56.94 -41.25
CA THR I 62 2.81 56.88 -42.59
C THR I 62 3.06 58.18 -43.37
N HIS I 63 2.96 59.32 -42.69
CA HIS I 63 3.09 60.61 -43.34
C HIS I 63 4.17 61.44 -42.66
N ASP I 64 4.97 62.11 -43.46
CA ASP I 64 5.98 63.04 -42.96
C ASP I 64 5.49 64.46 -43.12
N ILE I 65 5.48 65.21 -42.02
CA ILE I 65 5.02 66.59 -41.98
C ILE I 65 6.22 67.46 -41.69
N THR I 66 6.42 68.49 -42.51
CA THR I 66 7.56 69.38 -42.39
C THR I 66 7.08 70.80 -42.17
N MET I 67 7.73 71.53 -41.28
CA MET I 67 7.38 72.92 -41.02
C MET I 67 8.55 73.60 -40.30
N ASN I 68 8.43 74.90 -40.11
CA ASN I 68 9.55 75.70 -39.65
C ASN I 68 10.00 75.26 -38.26
N TYR I 69 11.31 75.13 -38.09
CA TYR I 69 11.87 74.77 -36.80
C TYR I 69 11.68 75.92 -35.82
N ASN I 70 11.28 75.59 -34.59
CA ASN I 70 11.00 76.59 -33.57
C ASN I 70 11.82 76.26 -32.33
N PRO I 71 12.88 77.02 -32.03
CA PRO I 71 13.71 76.67 -30.86
C PRO I 71 12.97 76.80 -29.55
N ASP I 72 11.88 77.55 -29.50
CA ASP I 72 11.16 77.77 -28.26
C ASP I 72 10.08 76.73 -28.01
N VAL I 73 10.00 75.71 -28.85
CA VAL I 73 9.02 74.65 -28.71
C VAL I 73 9.74 73.37 -28.31
N ASN I 74 9.07 72.55 -27.52
CA ASN I 74 9.60 71.26 -27.09
C ASN I 74 8.55 70.19 -27.39
N ILE I 75 8.55 69.71 -28.63
CA ILE I 75 7.64 68.64 -29.02
C ILE I 75 7.93 67.43 -28.14
N SER I 76 6.87 66.71 -27.77
CA SER I 76 7.03 65.55 -26.90
C SER I 76 5.98 64.52 -27.30
N VAL I 77 5.88 63.48 -26.48
CA VAL I 77 5.05 62.33 -26.82
C VAL I 77 3.61 62.73 -27.07
N SER I 78 3.07 63.63 -26.27
CA SER I 78 1.65 63.90 -26.24
C SER I 78 1.17 64.76 -27.41
N ALA I 79 1.96 64.88 -28.48
CA ALA I 79 1.59 65.76 -29.57
C ALA I 79 0.50 65.15 -30.45
N TRP I 80 -0.12 65.99 -31.27
CA TRP I 80 -1.03 65.57 -32.32
C TRP I 80 -0.84 66.53 -33.48
N VAL I 81 -1.71 66.41 -34.48
CA VAL I 81 -1.79 67.36 -35.59
C VAL I 81 -3.21 67.34 -36.15
N TYR I 82 -3.72 68.51 -36.50
CA TYR I 82 -5.06 68.64 -37.04
C TYR I 82 -5.00 69.39 -38.37
N GLU I 83 -5.85 69.02 -39.30
CA GLU I 83 -5.88 69.63 -40.62
C GLU I 83 -7.28 69.61 -41.18
N HIS I 84 -7.78 70.79 -41.55
CA HIS I 84 -9.07 70.95 -42.21
C HIS I 84 -8.83 71.50 -43.60
N ARG I 85 -9.41 70.84 -44.60
CA ARG I 85 -9.10 71.14 -45.99
C ARG I 85 -10.33 71.67 -46.68
N LEU I 86 -10.15 72.06 -47.95
CA LEU I 86 -11.20 72.75 -48.67
C LEU I 86 -12.46 71.90 -48.80
N LYS I 87 -12.32 70.65 -49.25
CA LYS I 87 -13.47 69.78 -49.48
C LYS I 87 -13.32 68.46 -48.75
N SER I 88 -12.09 67.94 -48.70
CA SER I 88 -11.87 66.65 -48.10
C SER I 88 -12.20 66.69 -46.61
N PRO I 89 -12.65 65.57 -46.04
CA PRO I 89 -12.99 65.57 -44.61
C PRO I 89 -11.76 65.83 -43.77
N PRO I 90 -11.94 66.37 -42.57
CA PRO I 90 -10.78 66.63 -41.70
C PRO I 90 -10.01 65.34 -41.42
N ARG I 91 -8.84 65.49 -40.81
CA ARG I 91 -7.98 64.35 -40.53
C ARG I 91 -7.14 64.60 -39.29
N TRP I 92 -6.90 63.55 -38.52
CA TRP I 92 -6.06 63.60 -37.34
C TRP I 92 -4.79 62.82 -37.59
N PHE I 93 -3.65 63.40 -37.25
CA PHE I 93 -2.38 62.69 -37.26
C PHE I 93 -1.87 62.58 -35.82
N LYS I 94 -1.21 61.47 -35.52
CA LYS I 94 -0.54 61.27 -34.24
C LYS I 94 0.97 61.29 -34.46
N VAL I 95 1.67 62.07 -33.64
CA VAL I 95 3.09 62.31 -33.84
C VAL I 95 3.88 61.18 -33.19
N ILE I 96 4.72 60.52 -33.98
CA ILE I 96 5.53 59.42 -33.44
C ILE I 96 6.87 59.93 -32.93
N SER I 97 7.56 60.73 -33.74
CA SER I 97 8.91 61.16 -33.41
C SER I 97 9.25 62.39 -34.23
N VAL I 98 10.36 63.04 -33.88
CA VAL I 98 10.75 64.31 -34.46
C VAL I 98 12.18 64.21 -34.98
N ILE I 99 12.51 65.09 -35.92
CA ILE I 99 13.83 65.12 -36.54
C ILE I 99 14.04 66.49 -37.18
N ASN I 100 15.20 67.10 -36.93
CA ASN I 100 15.62 68.26 -37.70
C ASN I 100 15.96 67.83 -39.12
N VAL I 101 15.65 68.69 -40.08
CA VAL I 101 16.09 68.41 -41.44
C VAL I 101 17.60 68.25 -41.46
N ASP I 102 18.30 69.09 -40.72
CA ASP I 102 19.70 68.90 -40.42
C ASP I 102 19.98 69.68 -39.15
N GLU I 103 21.19 69.51 -38.62
CA GLU I 103 21.53 70.33 -37.46
C GLU I 103 21.67 71.80 -37.83
N CYS I 104 21.46 72.17 -39.09
CA CYS I 104 21.32 73.57 -39.44
C CYS I 104 20.15 74.21 -38.70
N SER I 105 19.20 73.40 -38.23
CA SER I 105 18.18 73.86 -37.29
C SER I 105 17.24 74.88 -37.92
N GLN I 106 16.79 74.62 -39.14
CA GLN I 106 15.84 75.50 -39.81
C GLN I 106 14.42 74.93 -39.87
N PHE I 107 14.26 73.64 -40.13
CA PHE I 107 12.95 73.07 -40.31
C PHE I 107 12.80 71.79 -39.50
N MET I 108 11.63 71.62 -38.92
CA MET I 108 11.32 70.48 -38.06
C MET I 108 10.43 69.52 -38.84
N ARG I 109 10.82 68.26 -38.89
CA ARG I 109 10.08 67.23 -39.60
C ARG I 109 9.51 66.23 -38.61
N LEU I 110 8.25 65.89 -38.77
CA LEU I 110 7.55 64.99 -37.88
C LEU I 110 7.23 63.70 -38.62
N ARG I 111 7.37 62.58 -37.92
CA ARG I 111 6.86 61.32 -38.41
C ARG I 111 5.49 61.09 -37.78
N SER I 112 4.50 60.76 -38.60
CA SER I 112 3.11 60.77 -38.14
C SER I 112 2.39 59.52 -38.58
N ARG I 113 1.32 59.19 -37.86
CA ARG I 113 0.41 58.12 -38.23
C ARG I 113 -0.99 58.69 -38.37
N LEU I 114 -1.65 58.38 -39.48
CA LEU I 114 -3.01 58.84 -39.71
C LEU I 114 -3.95 58.07 -38.80
N VAL I 115 -5.01 58.71 -38.34
CA VAL I 115 -5.98 58.07 -37.46
C VAL I 115 -7.39 58.09 -38.06
N GLU I 116 -7.96 59.27 -38.26
CA GLU I 116 -9.35 59.37 -38.68
C GLU I 116 -9.48 60.33 -39.86
N SER I 117 -10.54 60.15 -40.64
CA SER I 117 -10.93 61.12 -41.66
C SER I 117 -12.41 60.93 -41.92
N ASN I 118 -13.24 61.78 -41.29
CA ASN I 118 -14.67 61.74 -41.51
C ASN I 118 -15.28 63.02 -40.97
N ASP I 119 -16.57 63.19 -41.23
CA ASP I 119 -17.25 64.44 -40.90
C ASP I 119 -17.45 64.61 -39.40
N GLU I 120 -17.40 63.54 -38.61
CA GLU I 120 -17.67 63.61 -37.19
C GLU I 120 -16.43 63.90 -36.36
N VAL I 121 -15.29 64.12 -36.98
CA VAL I 121 -14.06 64.32 -36.23
C VAL I 121 -14.21 65.51 -35.30
N GLU I 122 -13.73 65.35 -34.07
CA GLU I 122 -13.74 66.44 -33.11
C GLU I 122 -12.77 67.52 -33.56
N LYS I 123 -13.19 68.77 -33.46
CA LYS I 123 -12.28 69.86 -33.82
C LYS I 123 -11.49 70.33 -32.60
N PRO I 124 -10.27 70.81 -32.81
CA PRO I 124 -9.39 71.09 -31.67
C PRO I 124 -9.97 72.16 -30.77
N VAL I 125 -9.79 71.98 -29.46
CA VAL I 125 -10.22 73.00 -28.51
C VAL I 125 -9.45 74.28 -28.79
N SER I 126 -10.17 75.39 -28.86
CA SER I 126 -9.53 76.67 -29.08
C SER I 126 -8.86 77.15 -27.80
N MET J 1 36.62 67.18 -45.66
CA MET J 1 35.61 67.84 -44.79
C MET J 1 35.90 69.32 -44.71
N LYS J 2 35.15 70.10 -45.48
CA LYS J 2 35.44 71.52 -45.67
C LYS J 2 35.37 72.27 -44.34
N ILE J 3 36.09 73.39 -44.28
CA ILE J 3 36.20 74.14 -43.03
C ILE J 3 34.84 74.65 -42.58
N LYS J 4 34.07 75.21 -43.50
CA LYS J 4 32.85 75.92 -43.12
C LYS J 4 31.86 75.04 -42.38
N ASP J 5 31.94 73.73 -42.56
CA ASP J 5 30.91 72.85 -42.00
C ASP J 5 30.81 72.94 -40.49
N ARG J 6 31.92 73.11 -39.79
CA ARG J 6 31.94 72.93 -38.34
C ARG J 6 31.25 74.11 -37.66
N LYS J 7 29.91 74.11 -37.76
CA LYS J 7 29.12 75.18 -37.16
C LYS J 7 29.08 75.09 -35.65
N HIS J 8 29.10 73.90 -35.09
CA HIS J 8 28.76 73.69 -33.69
C HIS J 8 29.99 73.72 -32.81
N ARG J 9 29.83 74.22 -31.59
CA ARG J 9 30.90 74.29 -30.60
C ARG J 9 30.56 73.32 -29.47
N VAL J 10 31.50 72.44 -29.13
CA VAL J 10 31.23 71.35 -28.21
C VAL J 10 32.36 71.21 -27.20
N ILE J 11 32.04 70.54 -26.10
CA ILE J 11 32.96 70.26 -25.00
C ILE J 11 32.92 68.77 -24.71
N VAL J 12 34.08 68.13 -24.74
CA VAL J 12 34.19 66.69 -24.52
C VAL J 12 34.60 66.44 -23.08
N CYS J 13 33.88 65.55 -22.40
CA CYS J 13 34.06 65.32 -20.98
C CYS J 13 34.30 63.84 -20.69
N SER J 14 34.83 63.58 -19.50
CA SER J 14 35.05 62.22 -19.02
C SER J 14 34.19 62.01 -17.78
N GLN J 15 33.76 60.77 -17.57
CA GLN J 15 32.80 60.47 -16.53
C GLN J 15 33.49 59.87 -15.30
N LYS J 16 33.10 60.37 -14.13
CA LYS J 16 33.57 59.84 -12.85
C LYS J 16 32.35 59.55 -12.00
N SER J 17 32.24 58.31 -11.49
CA SER J 17 31.02 57.88 -10.84
C SER J 17 31.33 57.16 -9.54
N ASP J 18 30.35 57.16 -8.64
CA ASP J 18 30.50 56.55 -7.32
C ASP J 18 29.11 56.19 -6.82
N VAL J 19 29.02 55.88 -5.53
CA VAL J 19 27.80 55.38 -4.92
C VAL J 19 27.41 56.25 -3.74
N ASP J 20 26.16 56.70 -3.72
CA ASP J 20 25.62 57.42 -2.58
C ASP J 20 25.42 56.46 -1.41
N ASP J 21 25.10 57.01 -0.24
CA ASP J 21 24.80 56.16 0.91
C ASP J 21 23.55 55.33 0.67
N ASN J 22 22.52 55.92 0.06
CA ASN J 22 21.31 55.17 -0.24
C ASN J 22 21.51 54.11 -1.30
N GLY J 23 22.70 53.99 -1.87
CA GLY J 23 22.95 53.03 -2.91
C GLY J 23 22.76 53.53 -4.32
N GLN J 24 22.12 54.68 -4.50
CA GLN J 24 21.95 55.21 -5.84
C GLN J 24 23.29 55.69 -6.39
N LEU J 25 23.39 55.72 -7.71
CA LEU J 25 24.65 55.99 -8.38
C LEU J 25 24.73 57.46 -8.78
N LEU J 26 25.91 58.04 -8.63
CA LEU J 26 26.14 59.45 -8.92
C LEU J 26 27.12 59.61 -10.07
N ILE J 27 26.95 60.67 -10.85
CA ILE J 27 27.74 60.92 -12.04
C ILE J 27 28.36 62.29 -11.96
N SER J 28 29.61 62.40 -12.39
CA SER J 28 30.30 63.68 -12.51
C SER J 28 31.08 63.70 -13.81
N ARG J 29 31.05 64.83 -14.50
CA ARG J 29 31.62 64.95 -15.84
C ARG J 29 32.49 66.19 -15.92
N THR J 30 33.71 66.01 -16.44
CA THR J 30 34.74 67.05 -16.41
C THR J 30 35.17 67.37 -17.83
N GLY J 31 35.11 68.65 -18.19
CA GLY J 31 35.55 69.06 -19.53
C GLY J 31 37.03 68.80 -19.73
N SER J 32 37.36 68.25 -20.91
CA SER J 32 38.74 67.93 -21.21
C SER J 32 39.17 68.43 -22.58
N ILE J 33 38.23 68.57 -23.51
CA ILE J 33 38.50 69.06 -24.85
C ILE J 33 37.41 70.03 -25.26
N ASN J 34 37.79 71.08 -25.97
CA ASN J 34 36.85 72.04 -26.53
C ASN J 34 37.27 72.37 -27.96
N GLY J 35 36.29 72.61 -28.81
CA GLY J 35 36.58 72.92 -30.19
C GLY J 35 35.31 72.90 -31.00
N TRP J 36 35.43 73.35 -32.24
CA TRP J 36 34.29 73.35 -33.16
C TRP J 36 34.11 71.96 -33.72
N ALA J 37 32.86 71.62 -34.03
CA ALA J 37 32.54 70.29 -34.53
C ALA J 37 31.32 70.35 -35.44
N ALA J 38 31.19 69.34 -36.28
CA ALA J 38 30.07 69.22 -37.21
C ALA J 38 29.20 68.06 -36.79
N ILE J 39 27.88 68.23 -36.88
CA ILE J 39 26.92 67.27 -36.37
C ILE J 39 25.92 66.94 -37.46
N GLU J 40 25.56 65.66 -37.55
CA GLU J 40 24.61 65.17 -38.54
C GLU J 40 23.65 64.20 -37.85
N PRO J 41 22.35 64.29 -38.10
CA PRO J 41 21.43 63.28 -37.55
C PRO J 41 21.47 62.00 -38.36
N VAL J 42 21.11 60.91 -37.69
CA VAL J 42 21.09 59.60 -38.35
C VAL J 42 19.76 58.89 -38.10
N LYS J 43 19.04 59.28 -37.05
CA LYS J 43 17.84 58.56 -36.68
C LYS J 43 16.90 59.50 -35.91
N ALA J 44 15.62 59.17 -35.96
CA ALA J 44 14.62 60.01 -35.31
C ALA J 44 14.72 59.89 -33.79
N ILE J 45 14.09 60.84 -33.09
CA ILE J 45 14.09 60.89 -31.64
C ILE J 45 12.66 61.04 -31.15
N ARG J 46 12.41 60.57 -29.93
CA ARG J 46 11.09 60.62 -29.32
C ARG J 46 11.26 61.13 -27.90
N PHE J 47 10.78 62.35 -27.66
CA PHE J 47 11.09 63.07 -26.43
C PHE J 47 10.00 62.85 -25.39
N SER J 48 10.42 62.63 -24.15
CA SER J 48 9.49 62.65 -23.04
C SER J 48 9.10 64.09 -22.71
N LYS J 49 8.29 64.24 -21.67
CA LYS J 49 7.80 65.57 -21.32
C LYS J 49 8.94 66.55 -21.11
N ASP J 50 10.09 66.05 -20.64
CA ASP J 50 11.25 66.91 -20.39
C ASP J 50 12.42 66.54 -21.30
N GLY J 51 12.12 65.97 -22.47
CA GLY J 51 13.11 65.88 -23.52
C GLY J 51 14.16 64.81 -23.35
N VAL J 52 14.02 63.91 -22.40
CA VAL J 52 14.97 62.80 -22.28
C VAL J 52 14.59 61.72 -23.29
N SER J 53 15.56 61.29 -24.08
CA SER J 53 15.31 60.32 -25.14
C SER J 53 14.60 59.08 -24.60
N MET J 54 14.02 58.31 -25.52
CA MET J 54 13.30 57.08 -25.20
C MET J 54 13.73 56.00 -26.19
N GLN J 55 14.72 55.19 -25.79
CA GLN J 55 15.26 54.15 -26.66
C GLN J 55 15.62 52.92 -25.84
N LYS J 56 15.36 51.75 -26.41
CA LYS J 56 15.99 50.52 -25.98
C LYS J 56 17.04 50.13 -27.01
N ASP J 57 17.84 49.12 -26.67
CA ASP J 57 19.03 48.82 -27.46
C ASP J 57 19.88 50.07 -27.62
N THR J 58 20.41 50.55 -26.48
CA THR J 58 21.06 51.86 -26.47
C THR J 58 22.33 51.88 -27.30
N PHE J 59 22.82 50.72 -27.73
CA PHE J 59 24.07 50.67 -28.46
C PHE J 59 23.98 51.30 -29.85
N GLN J 60 22.78 51.62 -30.34
CA GLN J 60 22.72 52.20 -31.68
C GLN J 60 22.82 53.72 -31.63
N PRO J 61 23.60 54.32 -32.53
CA PRO J 61 23.83 55.77 -32.47
C PRO J 61 22.69 56.54 -33.12
N THR J 62 22.74 57.86 -32.93
CA THR J 62 21.74 58.74 -33.52
C THR J 62 22.37 59.90 -34.28
N HIS J 63 23.46 60.46 -33.76
CA HIS J 63 24.10 61.62 -34.37
C HIS J 63 25.57 61.34 -34.61
N ASP J 64 26.07 61.82 -35.75
CA ASP J 64 27.47 61.69 -36.11
C ASP J 64 28.18 63.01 -35.85
N ILE J 65 29.27 62.95 -35.10
CA ILE J 65 30.05 64.12 -34.74
C ILE J 65 31.45 63.96 -35.31
N THR J 66 31.93 64.99 -35.99
CA THR J 66 33.25 64.98 -36.61
C THR J 66 34.04 66.17 -36.10
N MET J 67 35.31 65.94 -35.76
CA MET J 67 36.20 67.01 -35.37
C MET J 67 37.63 66.58 -35.67
N ASN J 68 38.57 67.49 -35.42
CA ASN J 68 39.95 67.25 -35.81
C ASN J 68 40.53 66.05 -35.07
N TYR J 69 41.22 65.18 -35.81
CA TYR J 69 41.87 64.04 -35.21
C TYR J 69 43.01 64.50 -34.31
N ASN J 70 43.25 63.73 -33.26
CA ASN J 70 44.28 64.09 -32.30
C ASN J 70 45.05 62.86 -31.84
N PRO J 71 46.31 62.71 -32.25
CA PRO J 71 47.05 61.50 -31.88
C PRO J 71 47.37 61.40 -30.41
N ASP J 72 47.32 62.49 -29.67
CA ASP J 72 47.65 62.50 -28.26
C ASP J 72 46.43 62.26 -27.38
N VAL J 73 45.32 61.85 -27.96
CA VAL J 73 44.10 61.57 -27.21
C VAL J 73 43.76 60.10 -27.39
N ASN J 74 43.12 59.52 -26.37
CA ASN J 74 42.67 58.14 -26.39
C ASN J 74 41.21 58.10 -25.95
N ILE J 75 40.31 58.31 -26.90
CA ILE J 75 38.89 58.19 -26.59
C ILE J 75 38.61 56.78 -26.10
N SER J 76 37.64 56.65 -25.20
CA SER J 76 37.33 55.36 -24.62
C SER J 76 35.84 55.34 -24.26
N VAL J 77 35.43 54.26 -23.60
CA VAL J 77 34.02 54.04 -23.33
C VAL J 77 33.43 55.19 -22.52
N SER J 78 34.19 55.72 -21.56
CA SER J 78 33.64 56.66 -20.59
C SER J 78 33.47 58.07 -21.14
N ALA J 79 33.48 58.25 -22.45
CA ALA J 79 33.41 59.59 -23.01
C ALA J 79 31.99 60.15 -22.94
N TRP J 80 31.88 61.46 -23.14
CA TRP J 80 30.61 62.14 -23.33
C TRP J 80 30.85 63.28 -24.31
N VAL J 81 29.80 64.06 -24.57
CA VAL J 81 29.92 65.30 -25.34
C VAL J 81 28.84 66.26 -24.87
N TYR J 82 29.19 67.54 -24.84
CA TYR J 82 28.32 68.59 -24.35
C TYR J 82 28.28 69.72 -25.38
N GLU J 83 27.11 70.38 -25.48
CA GLU J 83 26.93 71.45 -26.44
C GLU J 83 25.90 72.43 -25.92
N HIS J 84 26.29 73.71 -25.86
CA HIS J 84 25.40 74.79 -25.49
C HIS J 84 25.29 75.74 -26.67
N ARG J 85 24.05 76.06 -27.03
CA ARG J 85 23.79 76.76 -28.27
C ARG J 85 23.15 78.12 -27.97
N LEU J 86 22.96 78.90 -29.03
CA LEU J 86 22.48 80.27 -28.87
C LEU J 86 21.12 80.33 -28.20
N LYS J 87 20.15 79.55 -28.69
CA LYS J 87 18.79 79.60 -28.15
C LYS J 87 18.32 78.22 -27.72
N SER J 88 18.69 77.18 -28.47
CA SER J 88 18.22 75.85 -28.17
C SER J 88 18.78 75.39 -26.82
N PRO J 89 18.05 74.55 -26.10
CA PRO J 89 18.50 74.12 -24.78
C PRO J 89 19.75 73.28 -24.87
N PRO J 90 20.56 73.26 -23.83
CA PRO J 90 21.78 72.44 -23.85
C PRO J 90 21.46 70.97 -23.98
N ARG J 91 22.39 70.22 -24.58
CA ARG J 91 22.17 68.82 -24.89
C ARG J 91 23.39 67.99 -24.52
N TRP J 92 23.15 66.76 -24.07
CA TRP J 92 24.21 65.81 -23.74
C TRP J 92 24.20 64.70 -24.79
N PHE J 93 25.37 64.34 -25.28
CA PHE J 93 25.53 63.18 -26.14
C PHE J 93 26.36 62.13 -25.41
N LYS J 94 26.06 60.87 -25.66
CA LYS J 94 26.86 59.75 -25.16
C LYS J 94 27.55 59.07 -26.32
N VAL J 95 28.85 58.81 -26.17
CA VAL J 95 29.69 58.33 -27.25
C VAL J 95 29.64 56.81 -27.28
N ILE J 96 29.28 56.26 -28.44
CA ILE J 96 29.19 54.80 -28.58
C ILE J 96 30.51 54.23 -29.07
N SER J 97 31.06 54.81 -30.14
CA SER J 97 32.24 54.25 -30.78
C SER J 97 32.93 55.36 -31.57
N VAL J 98 34.12 55.05 -32.07
CA VAL J 98 34.97 56.02 -32.75
C VAL J 98 35.42 55.46 -34.09
N ILE J 99 35.78 56.35 -35.00
CA ILE J 99 36.25 55.97 -36.34
C ILE J 99 37.02 57.13 -36.94
N ASN J 100 38.16 56.84 -37.56
CA ASN J 100 38.84 57.81 -38.40
C ASN J 100 38.06 57.99 -39.70
N VAL J 101 38.07 59.21 -40.24
CA VAL J 101 37.50 59.39 -41.56
C VAL J 101 38.18 58.46 -42.54
N ASP J 102 39.50 58.34 -42.43
CA ASP J 102 40.25 57.30 -43.11
C ASP J 102 41.52 57.10 -42.31
N GLU J 103 42.32 56.12 -42.73
CA GLU J 103 43.61 55.99 -42.07
C GLU J 103 44.55 57.13 -42.41
N CYS J 104 44.10 58.10 -43.20
CA CYS J 104 44.86 59.33 -43.37
C CYS J 104 45.07 60.06 -42.06
N SER J 105 44.24 59.76 -41.06
CA SER J 105 44.47 60.21 -39.69
C SER J 105 44.40 61.73 -39.57
N GLN J 106 43.38 62.34 -40.19
CA GLN J 106 43.19 63.77 -40.10
C GLN J 106 41.97 64.15 -39.26
N PHE J 107 40.87 63.42 -39.37
CA PHE J 107 39.65 63.78 -38.70
C PHE J 107 39.07 62.59 -37.97
N MET J 108 38.62 62.84 -36.75
CA MET J 108 38.05 61.83 -35.88
C MET J 108 36.54 61.98 -35.87
N ARG J 109 35.83 60.90 -36.18
CA ARG J 109 34.37 60.91 -36.22
C ARG J 109 33.83 60.03 -35.11
N LEU J 110 32.90 60.57 -34.34
CA LEU J 110 32.27 59.85 -33.26
C LEU J 110 30.84 59.46 -33.64
N ARG J 111 30.35 58.37 -33.08
CA ARG J 111 28.97 57.98 -33.18
C ARG J 111 28.35 58.11 -31.79
N SER J 112 27.25 58.84 -31.69
CA SER J 112 26.74 59.25 -30.40
C SER J 112 25.24 59.00 -30.30
N ARG J 113 24.77 58.88 -29.06
CA ARG J 113 23.36 58.79 -28.77
C ARG J 113 22.93 60.02 -27.98
N LEU J 114 21.86 60.68 -28.45
CA LEU J 114 21.36 61.84 -27.75
C LEU J 114 20.66 61.38 -26.48
N VAL J 115 20.81 62.14 -25.39
CA VAL J 115 20.21 61.79 -24.11
C VAL J 115 19.19 62.83 -23.66
N GLU J 116 19.63 64.07 -23.43
CA GLU J 116 18.78 65.08 -22.83
C GLU J 116 18.85 66.38 -23.60
N SER J 117 17.80 67.18 -23.48
CA SER J 117 17.82 68.55 -23.95
C SER J 117 16.75 69.32 -23.18
N ASN J 118 17.15 70.06 -22.15
CA ASN J 118 16.23 70.90 -21.40
C ASN J 118 17.03 71.88 -20.58
N ASP J 119 16.32 72.85 -20.00
CA ASP J 119 16.98 73.95 -19.30
C ASP J 119 17.68 73.50 -18.02
N GLU J 120 17.27 72.40 -17.43
CA GLU J 120 17.82 71.96 -16.14
C GLU J 120 19.10 71.15 -16.28
N VAL J 121 19.59 70.93 -17.50
CA VAL J 121 20.75 70.07 -17.69
C VAL J 121 21.95 70.67 -16.95
N GLU J 122 22.71 69.82 -16.28
CA GLU J 122 23.91 70.27 -15.61
C GLU J 122 24.98 70.64 -16.64
N LYS J 123 25.78 71.61 -16.30
CA LYS J 123 26.85 72.02 -17.20
C LYS J 123 28.18 71.40 -16.77
N PRO J 124 29.06 71.10 -17.72
CA PRO J 124 30.22 70.27 -17.40
C PRO J 124 31.10 70.91 -16.34
N VAL J 125 31.65 70.07 -15.46
CA VAL J 125 32.57 70.56 -14.44
C VAL J 125 33.77 71.20 -15.13
N SER J 126 34.09 72.42 -14.74
CA SER J 126 35.25 73.09 -15.28
C SER J 126 36.51 72.61 -14.57
N MET K 1 45.41 49.59 -58.18
CA MET K 1 45.82 50.50 -57.08
C MET K 1 47.08 51.27 -57.45
N LYS K 2 47.14 52.53 -57.04
CA LYS K 2 48.25 53.40 -57.39
C LYS K 2 49.36 53.29 -56.36
N ILE K 3 50.55 53.72 -56.74
CA ILE K 3 51.72 53.61 -55.86
C ILE K 3 51.52 54.46 -54.61
N LYS K 4 51.05 55.69 -54.78
CA LYS K 4 51.06 56.65 -53.68
C LYS K 4 50.23 56.18 -52.49
N ASP K 5 49.28 55.29 -52.71
CA ASP K 5 48.35 54.95 -51.62
C ASP K 5 49.07 54.39 -50.42
N ARG K 6 50.08 53.54 -50.63
CA ARG K 6 50.66 52.76 -49.55
C ARG K 6 51.45 53.65 -48.59
N LYS K 7 50.70 54.45 -47.82
CA LYS K 7 51.31 55.32 -46.83
C LYS K 7 51.94 54.52 -45.70
N HIS K 8 51.26 53.49 -45.22
CA HIS K 8 51.59 52.89 -43.94
C HIS K 8 52.70 51.87 -44.09
N ARG K 9 53.48 51.71 -43.02
CA ARG K 9 54.56 50.74 -42.96
C ARG K 9 54.22 49.69 -41.91
N VAL K 10 54.30 48.41 -42.29
CA VAL K 10 53.79 47.33 -41.45
C VAL K 10 54.78 46.18 -41.40
N ILE K 11 54.63 45.35 -40.37
CA ILE K 11 55.45 44.16 -40.13
C ILE K 11 54.50 42.98 -39.96
N VAL K 12 54.68 41.93 -40.76
CA VAL K 12 53.84 40.75 -40.71
C VAL K 12 54.56 39.68 -39.90
N CYS K 13 53.83 39.06 -38.99
CA CYS K 13 54.42 38.14 -38.02
C CYS K 13 53.65 36.83 -37.99
N SER K 14 54.29 35.81 -37.42
CA SER K 14 53.69 34.50 -37.22
C SER K 14 53.66 34.21 -35.72
N GLN K 15 52.70 33.38 -35.30
CA GLN K 15 52.47 33.17 -33.87
C GLN K 15 52.90 31.78 -33.43
N LYS K 16 53.62 31.72 -32.32
CA LYS K 16 53.97 30.47 -31.66
C LYS K 16 53.64 30.61 -30.18
N SER K 17 52.95 29.63 -29.63
CA SER K 17 52.41 29.74 -28.28
C SER K 17 52.56 28.43 -27.54
N ASP K 18 52.56 28.53 -26.21
CA ASP K 18 52.76 27.39 -25.33
C ASP K 18 52.08 27.71 -24.01
N VAL K 19 52.22 26.80 -23.05
CA VAL K 19 51.48 26.87 -21.79
C VAL K 19 52.46 27.10 -20.65
N ASP K 20 52.21 28.13 -19.87
CA ASP K 20 52.98 28.36 -18.67
C ASP K 20 52.76 27.20 -17.69
N ASP K 21 53.52 27.20 -16.60
CA ASP K 21 53.29 26.22 -15.55
C ASP K 21 51.95 26.47 -14.85
N ASN K 22 51.58 27.73 -14.67
CA ASN K 22 50.33 28.06 -13.99
C ASN K 22 49.11 27.69 -14.82
N GLY K 23 49.28 27.31 -16.07
CA GLY K 23 48.17 27.08 -16.96
C GLY K 23 47.86 28.22 -17.89
N GLN K 24 48.44 29.39 -17.67
CA GLN K 24 48.21 30.51 -18.57
C GLN K 24 48.78 30.20 -19.95
N LEU K 25 48.22 30.85 -20.95
CA LEU K 25 48.64 30.69 -22.34
C LEU K 25 49.56 31.82 -22.73
N LEU K 26 50.77 31.49 -23.16
CA LEU K 26 51.77 32.47 -23.55
C LEU K 26 51.89 32.57 -25.06
N ILE K 27 51.98 33.78 -25.57
CA ILE K 27 52.07 34.06 -27.01
C ILE K 27 53.36 34.82 -27.29
N SER K 28 54.11 34.35 -28.28
CA SER K 28 55.29 35.04 -28.76
C SER K 28 55.23 35.10 -30.28
N ARG K 29 55.77 36.16 -30.86
CA ARG K 29 55.52 36.47 -32.26
C ARG K 29 56.75 37.11 -32.90
N THR K 30 57.05 36.70 -34.13
CA THR K 30 58.27 37.07 -34.82
C THR K 30 57.94 37.68 -36.17
N GLY K 31 58.68 38.72 -36.56
CA GLY K 31 58.46 39.35 -37.84
C GLY K 31 59.03 38.51 -38.97
N SER K 32 58.30 38.49 -40.09
CA SER K 32 58.70 37.65 -41.22
C SER K 32 58.69 38.40 -42.56
N ILE K 33 57.85 39.43 -42.69
CA ILE K 33 57.73 40.18 -43.94
C ILE K 33 57.73 41.67 -43.64
N ASN K 34 58.37 42.43 -44.53
CA ASN K 34 58.51 43.86 -44.40
C ASN K 34 57.93 44.50 -45.65
N GLY K 35 57.39 45.70 -45.53
CA GLY K 35 56.90 46.40 -46.70
C GLY K 35 55.93 47.49 -46.31
N TRP K 36 55.51 48.24 -47.32
CA TRP K 36 54.49 49.25 -47.16
C TRP K 36 53.11 48.65 -47.39
N ALA K 37 52.07 49.36 -46.95
CA ALA K 37 50.73 48.85 -47.07
C ALA K 37 49.73 50.01 -47.07
N ALA K 38 48.54 49.73 -47.58
CA ALA K 38 47.44 50.68 -47.56
C ALA K 38 46.32 50.11 -46.70
N ILE K 39 45.74 50.95 -45.85
CA ILE K 39 44.81 50.51 -44.81
C ILE K 39 43.54 51.34 -44.91
N GLU K 40 42.39 50.66 -44.78
CA GLU K 40 41.08 51.30 -44.85
C GLU K 40 40.21 50.78 -43.71
N PRO K 41 39.45 51.64 -43.05
CA PRO K 41 38.53 51.16 -42.02
C PRO K 41 37.22 50.66 -42.62
N VAL K 42 36.60 49.71 -41.93
CA VAL K 42 35.35 49.13 -42.40
C VAL K 42 34.27 49.18 -41.33
N LYS K 43 34.67 49.24 -40.06
CA LYS K 43 33.73 49.18 -38.95
C LYS K 43 34.22 50.05 -37.81
N ALA K 44 33.28 50.68 -37.11
CA ALA K 44 33.63 51.45 -35.93
C ALA K 44 33.99 50.53 -34.78
N ILE K 45 34.80 51.05 -33.86
CA ILE K 45 35.23 50.31 -32.68
C ILE K 45 35.09 51.19 -31.46
N ARG K 46 35.13 50.57 -30.29
CA ARG K 46 35.08 51.29 -29.03
C ARG K 46 36.15 50.74 -28.11
N PHE K 47 36.94 51.64 -27.54
CA PHE K 47 38.15 51.28 -26.82
C PHE K 47 37.88 51.17 -25.33
N SER K 48 38.53 50.21 -24.68
CA SER K 48 38.55 50.17 -23.24
C SER K 48 39.45 51.27 -22.71
N LYS K 49 39.64 51.29 -21.39
CA LYS K 49 40.41 52.37 -20.79
C LYS K 49 41.83 52.39 -21.33
N ASP K 50 42.31 51.27 -21.87
CA ASP K 50 43.66 51.20 -22.45
C ASP K 50 43.61 50.66 -23.86
N GLY K 51 42.53 50.96 -24.59
CA GLY K 51 42.56 50.81 -26.04
C GLY K 51 42.47 49.41 -26.57
N VAL K 52 42.11 48.44 -25.78
CA VAL K 52 41.90 47.09 -26.27
C VAL K 52 40.46 46.97 -26.76
N SER K 53 40.30 46.58 -28.02
CA SER K 53 38.99 46.59 -28.65
C SER K 53 38.03 45.62 -27.98
N MET K 54 36.75 45.98 -27.98
CA MET K 54 35.68 45.11 -27.49
C MET K 54 34.77 44.75 -28.66
N GLN K 55 34.56 43.45 -28.87
CA GLN K 55 33.84 43.00 -30.04
C GLN K 55 33.24 41.63 -29.81
N LYS K 56 32.04 41.42 -30.33
CA LYS K 56 31.41 40.11 -30.32
C LYS K 56 31.67 39.39 -31.65
N ASP K 57 31.69 38.06 -31.58
CA ASP K 57 31.86 37.17 -32.72
C ASP K 57 33.31 37.18 -33.19
N THR K 58 34.08 38.16 -32.73
CA THR K 58 35.54 38.08 -32.66
C THR K 58 36.24 37.83 -33.99
N PHE K 59 35.52 37.64 -35.08
CA PHE K 59 36.15 37.55 -36.40
C PHE K 59 35.29 38.20 -37.48
N GLN K 60 34.77 39.39 -37.19
CA GLN K 60 34.25 40.24 -38.24
C GLN K 60 35.27 41.31 -38.58
N PRO K 61 35.84 41.31 -39.77
CA PRO K 61 36.99 42.18 -40.05
C PRO K 61 36.61 43.64 -39.94
N THR K 62 37.60 44.45 -39.54
CA THR K 62 37.41 45.89 -39.41
C THR K 62 38.25 46.71 -40.36
N HIS K 63 39.51 46.34 -40.59
CA HIS K 63 40.39 47.12 -41.46
C HIS K 63 40.88 46.23 -42.58
N ASP K 64 40.85 46.77 -43.81
CA ASP K 64 41.36 46.07 -44.98
C ASP K 64 42.77 46.56 -45.28
N ILE K 65 43.71 45.62 -45.35
CA ILE K 65 45.11 45.92 -45.59
C ILE K 65 45.51 45.29 -46.91
N THR K 66 46.14 46.07 -47.77
CA THR K 66 46.55 45.63 -49.08
C THR K 66 48.04 45.82 -49.25
N MET K 67 48.70 44.85 -49.87
CA MET K 67 50.12 44.97 -50.17
C MET K 67 50.45 44.05 -51.34
N ASN K 68 51.71 44.06 -51.75
CA ASN K 68 52.12 43.34 -52.95
C ASN K 68 51.92 41.85 -52.80
N TYR K 69 51.35 41.23 -53.83
CA TYR K 69 51.15 39.79 -53.81
C TYR K 69 52.49 39.08 -53.93
N ASN K 70 52.67 38.04 -53.12
CA ASN K 70 53.94 37.32 -53.06
C ASN K 70 53.69 35.84 -53.25
N PRO K 71 53.96 35.28 -54.43
CA PRO K 71 53.65 33.86 -54.66
C PRO K 71 54.44 32.92 -53.78
N ASP K 72 55.58 33.35 -53.26
CA ASP K 72 56.41 32.49 -52.44
C ASP K 72 55.95 32.44 -50.99
N VAL K 73 54.91 33.19 -50.63
CA VAL K 73 54.38 33.23 -49.28
C VAL K 73 53.12 32.38 -49.24
N ASN K 74 52.84 31.78 -48.09
CA ASN K 74 51.64 30.98 -47.86
C ASN K 74 51.03 31.46 -46.55
N ILE K 75 50.20 32.50 -46.62
CA ILE K 75 49.55 33.02 -45.42
C ILE K 75 48.65 31.94 -44.85
N SER K 76 48.53 31.91 -43.53
CA SER K 76 47.69 30.95 -42.85
C SER K 76 46.99 31.62 -41.69
N VAL K 77 46.40 30.79 -40.82
CA VAL K 77 45.60 31.30 -39.72
C VAL K 77 46.45 32.10 -38.74
N SER K 78 47.67 31.65 -38.50
CA SER K 78 48.48 32.19 -37.39
C SER K 78 49.04 33.57 -37.67
N ALA K 79 48.61 34.25 -38.72
CA ALA K 79 49.23 35.51 -39.08
C ALA K 79 48.86 36.62 -38.10
N TRP K 80 49.66 37.68 -38.12
CA TRP K 80 49.35 38.94 -37.45
C TRP K 80 49.83 40.06 -38.33
N VAL K 81 49.74 41.29 -37.81
CA VAL K 81 50.26 42.47 -38.48
C VAL K 81 50.58 43.52 -37.43
N TYR K 82 51.61 44.30 -37.69
CA TYR K 82 52.13 45.30 -36.76
C TYR K 82 52.31 46.62 -37.49
N GLU K 83 52.15 47.72 -36.76
CA GLU K 83 52.31 49.04 -37.34
C GLU K 83 52.72 50.03 -36.26
N HIS K 84 53.90 50.62 -36.44
CA HIS K 84 54.40 51.67 -35.57
C HIS K 84 54.46 52.96 -36.37
N ARG K 85 53.85 54.01 -35.84
CA ARG K 85 53.60 55.22 -36.61
C ARG K 85 54.34 56.39 -35.99
N LEU K 86 54.21 57.55 -36.64
CA LEU K 86 54.99 58.72 -36.24
C LEU K 86 54.68 59.15 -34.81
N LYS K 87 53.40 59.35 -34.47
CA LYS K 87 53.03 59.81 -33.14
C LYS K 87 52.05 58.88 -32.46
N SER K 88 51.09 58.34 -33.21
CA SER K 88 50.06 57.50 -32.63
C SER K 88 50.67 56.21 -32.10
N PRO K 89 50.05 55.62 -31.08
CA PRO K 89 50.64 54.45 -30.44
C PRO K 89 50.66 53.26 -31.39
N PRO K 90 51.56 52.31 -31.17
CA PRO K 90 51.61 51.13 -32.04
C PRO K 90 50.33 50.31 -31.92
N ARG K 91 50.03 49.58 -32.99
CA ARG K 91 48.76 48.86 -33.09
C ARG K 91 48.99 47.45 -33.62
N TRP K 92 48.17 46.52 -33.11
CA TRP K 92 48.16 45.14 -33.58
C TRP K 92 46.93 44.90 -34.44
N PHE K 93 47.10 44.09 -35.48
CA PHE K 93 45.98 43.57 -36.25
C PHE K 93 46.03 42.05 -36.24
N LYS K 94 44.86 41.42 -36.32
CA LYS K 94 44.76 39.98 -36.43
C LYS K 94 44.14 39.63 -37.77
N VAL K 95 44.78 38.74 -38.51
CA VAL K 95 44.39 38.44 -39.88
C VAL K 95 43.28 37.40 -39.88
N ILE K 96 42.15 37.74 -40.48
CA ILE K 96 41.01 36.83 -40.52
C ILE K 96 41.01 36.00 -41.79
N SER K 97 41.25 36.61 -42.94
CA SER K 97 41.18 35.89 -44.21
C SER K 97 41.95 36.67 -45.25
N VAL K 98 42.19 36.02 -46.39
CA VAL K 98 43.02 36.56 -47.45
C VAL K 98 42.26 36.53 -48.77
N ILE K 99 42.67 37.38 -49.70
CA ILE K 99 42.03 37.48 -51.01
C ILE K 99 42.97 38.17 -51.97
N ASN K 100 43.09 37.63 -53.18
CA ASN K 100 43.74 38.35 -54.28
C ASN K 100 42.80 39.45 -54.77
N VAL K 101 43.38 40.60 -55.11
CA VAL K 101 42.56 41.65 -55.71
C VAL K 101 41.84 41.08 -56.92
N ASP K 102 42.55 40.31 -57.73
CA ASP K 102 41.94 39.51 -58.78
C ASP K 102 42.91 38.37 -59.06
N GLU K 103 42.44 37.40 -59.84
CA GLU K 103 43.36 36.34 -60.23
C GLU K 103 44.44 36.82 -61.16
N CYS K 104 44.49 38.13 -61.47
CA CYS K 104 45.68 38.70 -62.08
C CYS K 104 46.88 38.51 -61.19
N SER K 105 46.68 38.27 -59.89
CA SER K 105 47.75 37.86 -58.98
C SER K 105 48.82 38.94 -58.89
N GLN K 106 48.43 40.13 -58.46
CA GLN K 106 49.37 41.23 -58.31
C GLN K 106 49.38 41.82 -56.91
N PHE K 107 48.27 41.75 -56.18
CA PHE K 107 48.21 42.38 -54.87
C PHE K 107 47.39 41.52 -53.93
N MET K 108 47.87 41.41 -52.69
CA MET K 108 47.28 40.58 -51.67
C MET K 108 46.56 41.47 -50.67
N ARG K 109 45.27 41.20 -50.46
CA ARG K 109 44.46 41.97 -49.52
C ARG K 109 44.08 41.09 -48.34
N LEU K 110 44.24 41.62 -47.13
CA LEU K 110 43.96 40.91 -45.90
C LEU K 110 42.76 41.53 -45.22
N ARG K 111 41.85 40.70 -44.74
CA ARG K 111 40.80 41.16 -43.85
C ARG K 111 41.28 41.02 -42.42
N SER K 112 41.18 42.09 -41.64
CA SER K 112 41.81 42.13 -40.34
C SER K 112 40.89 42.71 -39.29
N ARG K 113 41.15 42.35 -38.03
CA ARG K 113 40.49 42.92 -36.88
C ARG K 113 41.52 43.59 -35.99
N LEU K 114 41.27 44.85 -35.63
CA LEU K 114 42.15 45.55 -34.72
C LEU K 114 42.02 44.95 -33.34
N VAL K 115 43.10 45.00 -32.55
CA VAL K 115 43.10 44.47 -31.20
C VAL K 115 43.51 45.52 -30.17
N GLU K 116 44.74 46.03 -30.27
CA GLU K 116 45.28 46.90 -29.24
C GLU K 116 45.89 48.14 -29.86
N SER K 117 45.95 49.21 -29.06
CA SER K 117 46.72 50.40 -29.43
C SER K 117 47.03 51.14 -28.13
N ASN K 118 48.24 50.96 -27.62
CA ASN K 118 48.69 51.69 -26.44
C ASN K 118 50.20 51.55 -26.33
N ASP K 119 50.79 52.40 -25.48
CA ASP K 119 52.24 52.50 -25.40
C ASP K 119 52.92 51.23 -24.90
N GLU K 120 52.19 50.37 -24.21
CA GLU K 120 52.77 49.17 -23.60
C GLU K 120 52.77 47.96 -24.52
N VAL K 121 52.33 48.12 -25.77
CA VAL K 121 52.25 46.98 -26.67
C VAL K 121 53.63 46.39 -26.87
N GLU K 122 53.72 45.06 -26.81
CA GLU K 122 54.97 44.37 -27.08
C GLU K 122 55.32 44.53 -28.55
N LYS K 123 56.60 44.75 -28.83
CA LYS K 123 57.04 44.90 -30.20
C LYS K 123 57.52 43.55 -30.76
N PRO K 124 57.38 43.35 -32.07
CA PRO K 124 57.61 42.01 -32.62
C PRO K 124 59.02 41.53 -32.38
N VAL K 125 59.15 40.24 -32.07
CA VAL K 125 60.46 39.65 -31.88
C VAL K 125 61.19 39.68 -33.22
N SER K 126 62.33 40.35 -33.26
CA SER K 126 63.09 40.43 -34.50
C SER K 126 63.93 39.16 -34.66
N MET L 1 32.28 37.99 -73.29
CA MET L 1 33.72 37.76 -72.96
C MET L 1 34.63 38.25 -74.07
N LYS L 2 35.81 38.73 -73.69
CA LYS L 2 36.85 39.06 -74.63
C LYS L 2 37.93 37.98 -74.62
N ILE L 3 38.65 37.87 -75.72
CA ILE L 3 39.65 36.81 -75.84
C ILE L 3 40.73 36.96 -74.79
N LYS L 4 41.21 38.18 -74.58
CA LYS L 4 42.37 38.37 -73.70
C LYS L 4 42.11 37.94 -72.27
N ASP L 5 40.84 37.85 -71.86
CA ASP L 5 40.55 37.59 -70.45
C ASP L 5 41.10 36.25 -70.01
N ARG L 6 40.95 35.21 -70.83
CA ARG L 6 41.20 33.85 -70.39
C ARG L 6 42.69 33.59 -70.21
N LYS L 7 43.22 34.15 -69.11
CA LYS L 7 44.63 34.00 -68.80
C LYS L 7 44.97 32.57 -68.36
N HIS L 8 44.08 31.93 -67.62
CA HIS L 8 44.43 30.74 -66.86
C HIS L 8 44.20 29.49 -67.69
N ARG L 9 45.08 28.50 -67.53
CA ARG L 9 44.99 27.22 -68.19
C ARG L 9 44.56 26.17 -67.17
N VAL L 10 43.51 25.43 -67.47
CA VAL L 10 42.90 24.52 -66.51
C VAL L 10 42.66 23.16 -67.12
N ILE L 11 42.51 22.16 -66.26
CA ILE L 11 42.22 20.78 -66.65
C ILE L 11 41.01 20.33 -65.84
N VAL L 12 39.94 19.93 -66.53
CA VAL L 12 38.70 19.53 -65.89
C VAL L 12 38.68 18.02 -65.75
N CYS L 13 38.32 17.53 -64.57
CA CYS L 13 38.43 16.12 -64.24
C CYS L 13 37.13 15.56 -63.68
N SER L 14 37.00 14.25 -63.78
CA SER L 14 35.87 13.52 -63.22
C SER L 14 36.36 12.64 -62.07
N GLN L 15 35.48 12.40 -61.11
CA GLN L 15 35.89 11.73 -59.88
C GLN L 15 35.48 10.27 -59.88
N LYS L 16 36.35 9.42 -59.36
CA LYS L 16 36.08 8.00 -59.17
C LYS L 16 36.54 7.63 -57.77
N SER L 17 35.69 6.97 -57.00
CA SER L 17 35.98 6.71 -55.61
C SER L 17 35.53 5.31 -55.21
N ASP L 18 36.15 4.79 -54.15
CA ASP L 18 35.86 3.46 -53.65
C ASP L 18 36.27 3.43 -52.19
N VAL L 19 36.27 2.24 -51.60
CA VAL L 19 36.49 2.05 -50.17
C VAL L 19 37.73 1.19 -49.96
N ASP L 20 38.65 1.68 -49.15
CA ASP L 20 39.79 0.89 -48.73
C ASP L 20 39.33 -0.26 -47.83
N ASP L 21 40.25 -1.16 -47.52
CA ASP L 21 39.93 -2.24 -46.58
C ASP L 21 39.63 -1.68 -45.19
N ASN L 22 40.40 -0.68 -44.77
CA ASN L 22 40.20 -0.07 -43.46
C ASN L 22 38.89 0.70 -43.35
N GLY L 23 38.10 0.77 -44.42
CA GLY L 23 36.87 1.51 -44.41
C GLY L 23 37.00 2.96 -44.83
N GLN L 24 38.21 3.47 -45.00
CA GLN L 24 38.36 4.84 -45.44
C GLN L 24 38.06 4.96 -46.92
N LEU L 25 37.84 6.20 -47.36
CA LEU L 25 37.36 6.47 -48.71
C LEU L 25 38.53 6.95 -49.56
N LEU L 26 38.69 6.35 -50.74
CA LEU L 26 39.75 6.72 -51.67
C LEU L 26 39.15 7.37 -52.91
N ILE L 27 39.84 8.38 -53.43
CA ILE L 27 39.34 9.17 -54.56
C ILE L 27 40.36 9.14 -55.67
N SER L 28 39.87 8.95 -56.90
CA SER L 28 40.71 9.01 -58.09
C SER L 28 40.07 9.98 -59.08
N ARG L 29 40.91 10.82 -59.68
CA ARG L 29 40.46 11.95 -60.48
C ARG L 29 41.16 11.96 -61.83
N THR L 30 40.36 12.07 -62.89
CA THR L 30 40.79 11.81 -64.26
C THR L 30 40.63 13.05 -65.12
N GLY L 31 41.67 13.40 -65.87
CA GLY L 31 41.57 14.52 -66.79
C GLY L 31 40.70 14.18 -67.98
N SER L 32 39.81 15.13 -68.33
CA SER L 32 38.87 14.90 -69.43
C SER L 32 38.79 16.08 -70.39
N ILE L 33 39.01 17.30 -69.90
CA ILE L 33 38.97 18.50 -70.73
C ILE L 33 40.13 19.40 -70.36
N ASN L 34 40.71 20.05 -71.36
CA ASN L 34 41.78 21.02 -71.17
C ASN L 34 41.51 22.23 -72.05
N GLY L 35 41.84 23.41 -71.54
CA GLY L 35 41.62 24.63 -72.28
C GLY L 35 41.89 25.82 -71.40
N TRP L 36 41.91 26.98 -72.05
CA TRP L 36 42.08 28.23 -71.31
C TRP L 36 40.77 28.64 -70.67
N ALA L 37 40.85 29.31 -69.53
CA ALA L 37 39.66 29.72 -68.81
C ALA L 37 39.97 30.96 -67.99
N ALA L 38 38.91 31.72 -67.69
CA ALA L 38 39.02 32.96 -66.93
C ALA L 38 38.41 32.76 -65.54
N ILE L 39 39.04 33.33 -64.54
CA ILE L 39 38.71 33.08 -63.14
C ILE L 39 38.50 34.40 -62.42
N GLU L 40 37.52 34.42 -61.52
CA GLU L 40 37.22 35.59 -60.70
C GLU L 40 36.97 35.13 -59.27
N PRO L 41 37.39 35.88 -58.26
CA PRO L 41 37.04 35.53 -56.89
C PRO L 41 35.72 36.14 -56.47
N VAL L 42 35.07 35.49 -55.50
CA VAL L 42 33.77 35.96 -55.02
C VAL L 42 33.76 36.09 -53.51
N LYS L 43 34.66 35.38 -52.82
CA LYS L 43 34.63 35.34 -51.37
C LYS L 43 36.04 35.14 -50.82
N ALA L 44 36.24 35.57 -49.57
CA ALA L 44 37.53 35.42 -48.94
C ALA L 44 37.78 33.96 -48.56
N ILE L 45 39.05 33.65 -48.27
CA ILE L 45 39.47 32.30 -47.92
C ILE L 45 40.29 32.35 -46.65
N ARG L 46 40.29 31.24 -45.92
CA ARG L 46 41.07 31.08 -44.70
C ARG L 46 41.87 29.80 -44.80
N PHE L 47 43.19 29.91 -44.75
CA PHE L 47 44.05 28.79 -45.06
C PHE L 47 44.59 28.16 -43.78
N SER L 48 44.53 26.84 -43.72
CA SER L 48 45.20 26.11 -42.66
C SER L 48 46.70 26.15 -42.90
N LYS L 49 47.45 25.50 -42.01
CA LYS L 49 48.91 25.57 -42.10
C LYS L 49 49.42 25.06 -43.43
N ASP L 50 48.63 24.23 -44.12
CA ASP L 50 49.01 23.73 -45.43
C ASP L 50 47.98 24.14 -46.48
N GLY L 51 47.30 25.26 -46.25
CA GLY L 51 46.53 25.88 -47.30
C GLY L 51 45.23 25.19 -47.67
N VAL L 52 44.78 24.20 -46.88
CA VAL L 52 43.49 23.60 -47.15
C VAL L 52 42.40 24.50 -46.60
N SER L 53 41.42 24.83 -47.44
CA SER L 53 40.40 25.79 -47.08
C SER L 53 39.63 25.35 -45.85
N MET L 54 39.31 26.30 -44.98
CA MET L 54 38.49 26.05 -43.79
C MET L 54 37.20 26.85 -43.93
N GLN L 55 36.09 26.14 -44.14
CA GLN L 55 34.78 26.78 -44.22
C GLN L 55 33.71 25.71 -44.25
N LYS L 56 32.64 25.95 -43.50
CA LYS L 56 31.45 25.12 -43.57
C LYS L 56 30.51 25.72 -44.61
N ASP L 57 29.27 25.26 -44.67
CA ASP L 57 28.33 25.68 -45.71
C ASP L 57 28.93 25.38 -47.09
N THR L 58 29.14 24.09 -47.35
CA THR L 58 29.88 23.71 -48.54
C THR L 58 29.21 24.16 -49.82
N PHE L 59 27.92 24.49 -49.79
CA PHE L 59 27.24 24.92 -51.01
C PHE L 59 27.63 26.34 -51.39
N GLN L 60 28.40 27.03 -50.55
CA GLN L 60 28.85 28.38 -50.87
C GLN L 60 29.94 28.33 -51.92
N PRO L 61 29.77 28.99 -53.07
CA PRO L 61 30.86 29.07 -54.04
C PRO L 61 31.79 30.23 -53.74
N THR L 62 33.02 30.14 -54.24
CA THR L 62 34.03 31.16 -54.05
C THR L 62 34.58 31.75 -55.32
N HIS L 63 34.86 30.94 -56.34
CA HIS L 63 35.47 31.43 -57.57
C HIS L 63 34.59 31.09 -58.76
N ASP L 64 34.47 32.05 -59.68
CA ASP L 64 33.71 31.86 -60.91
C ASP L 64 34.65 31.56 -62.05
N ILE L 65 34.42 30.45 -62.73
CA ILE L 65 35.24 29.99 -63.85
C ILE L 65 34.37 29.99 -65.10
N THR L 66 34.86 30.63 -66.15
CA THR L 66 34.17 30.72 -67.42
C THR L 66 35.04 30.16 -68.52
N MET L 67 34.43 29.42 -69.44
CA MET L 67 35.15 28.87 -70.57
C MET L 67 34.14 28.51 -71.66
N ASN L 68 34.65 28.09 -72.82
CA ASN L 68 33.81 27.93 -74.00
C ASN L 68 32.73 26.88 -73.77
N TYR L 69 31.49 27.22 -74.13
CA TYR L 69 30.39 26.28 -73.99
C TYR L 69 30.57 25.13 -74.95
N ASN L 70 30.32 23.91 -74.47
CA ASN L 70 30.51 22.71 -75.27
C ASN L 70 29.22 21.90 -75.27
N PRO L 71 28.48 21.86 -76.38
CA PRO L 71 27.20 21.14 -76.38
C PRO L 71 27.35 19.65 -76.19
N ASP L 72 28.53 19.08 -76.44
CA ASP L 72 28.73 17.65 -76.36
C ASP L 72 29.18 17.21 -74.99
N VAL L 73 29.25 18.12 -74.02
CA VAL L 73 29.65 17.81 -72.66
C VAL L 73 28.43 17.87 -71.77
N ASN L 74 28.41 17.03 -70.74
CA ASN L 74 27.33 17.00 -69.76
C ASN L 74 27.93 17.09 -68.36
N ILE L 75 28.24 18.31 -67.93
CA ILE L 75 28.78 18.51 -66.59
C ILE L 75 27.77 17.98 -65.58
N SER L 76 28.28 17.44 -64.48
CA SER L 76 27.43 16.89 -63.44
C SER L 76 28.11 17.09 -62.09
N VAL L 77 27.55 16.45 -61.07
CA VAL L 77 28.00 16.68 -59.71
C VAL L 77 29.47 16.33 -59.54
N SER L 78 29.92 15.25 -60.17
CA SER L 78 31.22 14.67 -59.87
C SER L 78 32.38 15.44 -60.49
N ALA L 79 32.17 16.67 -60.94
CA ALA L 79 33.22 17.40 -61.63
C ALA L 79 34.24 17.96 -60.65
N TRP L 80 35.40 18.33 -61.18
CA TRP L 80 36.43 19.07 -60.46
C TRP L 80 37.05 20.07 -61.42
N VAL L 81 38.15 20.69 -61.00
CA VAL L 81 38.98 21.52 -61.87
C VAL L 81 40.38 21.54 -61.31
N TYR L 82 41.37 21.55 -62.19
CA TYR L 82 42.78 21.55 -61.81
C TYR L 82 43.48 22.68 -62.54
N GLU L 83 44.47 23.29 -61.88
CA GLU L 83 45.19 24.42 -62.45
C GLU L 83 46.61 24.43 -61.91
N HIS L 84 47.58 24.37 -62.82
CA HIS L 84 48.99 24.50 -62.47
C HIS L 84 49.51 25.78 -63.08
N ARG L 85 50.15 26.60 -62.25
CA ARG L 85 50.51 27.95 -62.65
C ARG L 85 52.03 28.08 -62.67
N LEU L 86 52.49 29.27 -63.09
CA LEU L 86 53.91 29.46 -63.34
C LEU L 86 54.74 29.27 -62.08
N LYS L 87 54.37 29.94 -60.98
CA LYS L 87 55.14 29.86 -59.74
C LYS L 87 54.27 29.45 -58.57
N SER L 88 53.02 29.91 -58.56
CA SER L 88 52.13 29.64 -57.44
C SER L 88 51.87 28.14 -57.34
N PRO L 89 51.63 27.65 -56.13
CA PRO L 89 51.37 26.22 -55.97
C PRO L 89 50.09 25.82 -56.67
N PRO L 90 49.97 24.56 -57.10
CA PRO L 90 48.74 24.14 -57.78
C PRO L 90 47.53 24.34 -56.89
N ARG L 91 46.34 24.19 -57.48
CA ARG L 91 45.10 24.40 -56.76
C ARG L 91 44.01 23.53 -57.33
N TRP L 92 43.15 23.00 -56.45
CA TRP L 92 41.99 22.20 -56.83
C TRP L 92 40.73 22.99 -56.55
N PHE L 93 39.86 23.07 -57.55
CA PHE L 93 38.54 23.64 -57.38
C PHE L 93 37.51 22.52 -57.46
N LYS L 94 36.46 22.63 -56.66
CA LYS L 94 35.35 21.68 -56.69
C LYS L 94 34.14 22.37 -57.28
N VAL L 95 33.57 21.79 -58.34
CA VAL L 95 32.48 22.42 -59.05
C VAL L 95 31.19 22.25 -58.28
N ILE L 96 30.47 23.35 -58.08
CA ILE L 96 29.20 23.32 -57.35
C ILE L 96 28.02 23.29 -58.30
N SER L 97 27.99 24.18 -59.28
CA SER L 97 26.85 24.29 -60.18
C SER L 97 27.29 24.96 -61.47
N VAL L 98 26.44 24.87 -62.48
CA VAL L 98 26.76 25.33 -63.84
C VAL L 98 25.71 26.33 -64.29
N ILE L 99 26.09 27.17 -65.25
CA ILE L 99 25.20 28.20 -65.79
C ILE L 99 25.75 28.66 -67.13
N ASN L 100 24.88 28.74 -68.14
CA ASN L 100 25.22 29.41 -69.39
C ASN L 100 25.32 30.90 -69.15
N VAL L 101 26.27 31.55 -69.82
CA VAL L 101 26.32 33.01 -69.75
C VAL L 101 24.99 33.58 -70.19
N ASP L 102 24.41 33.02 -71.23
CA ASP L 102 23.03 33.27 -71.60
C ASP L 102 22.58 32.08 -72.42
N GLU L 103 21.29 32.05 -72.73
CA GLU L 103 20.84 30.99 -73.61
C GLU L 103 21.38 31.14 -75.03
N CYS L 104 22.17 32.18 -75.28
CA CYS L 104 22.92 32.24 -76.53
C CYS L 104 23.86 31.06 -76.67
N SER L 105 24.22 30.42 -75.57
CA SER L 105 24.89 29.13 -75.58
C SER L 105 26.30 29.21 -76.16
N GLN L 106 27.06 30.24 -75.78
CA GLN L 106 28.45 30.37 -76.21
C GLN L 106 29.45 30.04 -75.14
N PHE L 107 29.17 30.36 -73.88
CA PHE L 107 30.16 30.21 -72.83
C PHE L 107 29.53 29.58 -71.60
N MET L 108 30.26 28.65 -71.00
CA MET L 108 29.82 27.91 -69.84
C MET L 108 30.53 28.45 -68.61
N ARG L 109 29.76 28.85 -67.61
CA ARG L 109 30.30 29.41 -66.38
C ARG L 109 30.06 28.43 -65.23
N LEU L 110 31.11 28.17 -64.47
CA LEU L 110 31.02 27.28 -63.33
C LEU L 110 31.13 28.08 -62.03
N ARG L 111 30.49 27.60 -60.99
CA ARG L 111 30.67 28.12 -59.65
C ARG L 111 31.42 27.08 -58.84
N SER L 112 32.51 27.48 -58.21
CA SER L 112 33.43 26.52 -57.63
C SER L 112 33.84 26.93 -56.23
N ARG L 113 34.31 25.96 -55.46
CA ARG L 113 34.86 26.18 -54.13
C ARG L 113 36.31 25.73 -54.12
N LEU L 114 37.20 26.61 -53.68
CA LEU L 114 38.60 26.26 -53.59
C LEU L 114 38.79 25.22 -52.48
N VAL L 115 39.70 24.28 -52.69
CA VAL L 115 39.96 23.24 -51.70
C VAL L 115 41.39 23.29 -51.18
N GLU L 116 42.37 23.09 -52.06
CA GLU L 116 43.76 22.95 -51.62
C GLU L 116 44.66 23.82 -52.48
N SER L 117 45.81 24.19 -51.91
CA SER L 117 46.87 24.82 -52.68
C SER L 117 48.17 24.59 -51.93
N ASN L 118 48.96 23.62 -52.38
CA ASN L 118 50.26 23.36 -51.79
C ASN L 118 51.02 22.42 -52.70
N ASP L 119 52.31 22.23 -52.39
CA ASP L 119 53.19 21.46 -53.26
C ASP L 119 52.82 19.98 -53.29
N GLU L 120 52.27 19.45 -52.20
CA GLU L 120 51.97 18.03 -52.12
C GLU L 120 50.72 17.64 -52.90
N VAL L 121 49.98 18.61 -53.45
CA VAL L 121 48.75 18.29 -54.14
C VAL L 121 49.02 17.33 -55.28
N GLU L 122 48.14 16.36 -55.44
CA GLU L 122 48.28 15.40 -56.53
C GLU L 122 47.97 16.06 -57.86
N LYS L 123 48.42 15.44 -58.93
CA LYS L 123 48.13 15.92 -60.28
C LYS L 123 47.15 14.98 -60.97
N PRO L 124 46.32 15.50 -61.86
CA PRO L 124 45.21 14.69 -62.38
C PRO L 124 45.71 13.47 -63.11
N VAL L 125 45.01 12.36 -62.91
CA VAL L 125 45.34 11.13 -63.62
C VAL L 125 45.16 11.40 -65.11
N SER L 126 46.23 11.25 -65.88
CA SER L 126 46.17 11.49 -67.31
C SER L 126 45.43 10.35 -67.99
N MET M 1 52.58 -24.12 58.21
CA MET M 1 51.50 -25.05 57.78
C MET M 1 50.21 -24.82 58.57
N ALA M 2 50.26 -25.03 59.87
CA ALA M 2 49.09 -24.77 60.72
C ALA M 2 47.92 -25.57 60.14
N GLN M 3 46.72 -25.02 60.22
CA GLN M 3 45.53 -25.73 59.75
C GLN M 3 45.62 -25.97 58.25
N ASP M 4 45.11 -27.13 57.82
CA ASP M 4 45.22 -27.49 56.42
C ASP M 4 44.64 -26.42 55.52
N ALA M 5 43.41 -26.01 55.79
CA ALA M 5 42.72 -25.10 54.88
C ALA M 5 43.51 -23.83 54.63
N LEU M 6 44.29 -23.37 55.59
CA LEU M 6 45.03 -22.12 55.48
C LEU M 6 46.47 -22.29 55.06
N SER M 7 46.89 -23.51 54.71
CA SER M 7 48.30 -23.74 54.44
C SER M 7 48.77 -23.04 53.17
N ASP M 8 48.04 -23.18 52.07
CA ASP M 8 48.53 -22.73 50.77
C ASP M 8 48.69 -21.22 50.70
N GLY M 9 48.01 -20.46 51.54
CA GLY M 9 48.14 -19.02 51.46
C GLY M 9 47.24 -18.36 50.46
N PHE M 10 46.31 -19.10 49.86
CA PHE M 10 45.31 -18.46 49.02
C PHE M 10 44.44 -17.50 49.82
N VAL M 11 44.06 -17.92 51.03
CA VAL M 11 43.22 -17.12 51.92
C VAL M 11 44.07 -16.69 53.10
N ARG M 12 44.17 -15.39 53.34
CA ARG M 12 44.95 -14.87 54.46
C ARG M 12 43.97 -14.23 55.44
N LEU M 13 43.74 -14.94 56.54
CA LEU M 13 42.67 -14.61 57.47
C LEU M 13 43.19 -13.71 58.58
N CYS M 14 42.32 -12.85 59.07
CA CYS M 14 42.57 -12.07 60.28
C CYS M 14 41.32 -12.07 61.12
N ILE M 15 41.49 -12.24 62.43
CA ILE M 15 40.38 -12.23 63.38
C ILE M 15 40.56 -11.03 64.28
N ASP M 16 39.57 -10.16 64.30
CA ASP M 16 39.68 -8.93 65.05
C ASP M 16 38.30 -8.40 65.43
N PRO M 17 37.97 -8.30 66.71
CA PRO M 17 36.66 -7.77 67.10
C PRO M 17 36.61 -6.26 67.22
N SER M 18 37.64 -5.54 66.78
CA SER M 18 37.73 -4.10 67.00
C SER M 18 37.91 -3.29 65.72
N LEU M 19 37.70 -3.89 64.55
CA LEU M 19 37.85 -3.15 63.29
C LEU M 19 36.61 -2.30 63.03
N ASN M 20 36.52 -1.78 61.80
CA ASN M 20 35.33 -1.07 61.36
C ASN M 20 35.33 -0.98 59.84
N PHE M 21 34.14 -1.07 59.26
CA PHE M 21 33.98 -1.06 57.81
C PHE M 21 33.71 0.32 57.25
N PHE M 22 32.93 1.14 57.95
CA PHE M 22 32.41 2.37 57.36
C PHE M 22 33.51 3.29 56.90
N GLY M 23 33.37 3.79 55.68
CA GLY M 23 34.18 4.92 55.26
C GLY M 23 33.86 6.13 56.11
N GLU M 24 34.88 6.93 56.39
CA GLU M 24 34.73 8.03 57.33
C GLU M 24 33.58 8.94 56.91
N GLY M 25 32.71 9.26 57.87
CA GLY M 25 31.51 10.03 57.61
C GLY M 25 31.72 11.52 57.78
N CYS M 26 30.66 12.17 58.25
CA CYS M 26 30.72 13.61 58.45
C CYS M 26 31.65 13.96 59.61
N LYS M 27 32.21 15.17 59.54
CA LYS M 27 33.15 15.66 60.53
C LYS M 27 32.46 16.64 61.45
N ILE M 28 32.71 16.52 62.75
CA ILE M 28 32.11 17.37 63.76
C ILE M 28 33.22 17.97 64.61
N LEU M 29 33.10 19.25 64.95
CA LEU M 29 34.11 19.97 65.69
C LEU M 29 33.60 20.34 67.07
N VAL M 30 34.44 20.13 68.08
CA VAL M 30 34.12 20.41 69.48
C VAL M 30 35.16 21.38 70.01
N GLU M 31 34.73 22.33 70.83
CA GLU M 31 35.62 23.34 71.37
C GLU M 31 35.25 23.64 72.81
N GLY M 32 36.25 23.92 73.63
CA GLY M 32 36.00 24.21 75.04
C GLY M 32 37.29 24.46 75.79
N GLN M 33 37.15 24.53 77.11
CA GLN M 33 38.31 24.78 77.97
C GLN M 33 39.09 23.50 78.15
N ILE M 34 40.29 23.61 78.73
CA ILE M 34 41.02 22.43 79.18
C ILE M 34 41.65 22.72 80.54
N THR M 35 42.20 21.68 81.17
CA THR M 35 42.90 21.82 82.45
C THR M 35 44.36 21.48 82.27
N ASP M 36 45.13 21.72 83.33
CA ASP M 36 46.58 21.81 83.20
C ASP M 36 47.23 20.52 82.74
N ASP M 37 46.81 19.37 83.27
CA ASP M 37 47.48 18.13 82.90
C ASP M 37 47.24 17.74 81.44
N ALA M 38 46.35 18.45 80.74
CA ALA M 38 46.01 18.10 79.37
C ALA M 38 47.26 18.12 78.51
N THR M 39 47.74 16.94 78.12
CA THR M 39 48.94 16.86 77.30
C THR M 39 48.75 17.41 75.91
N ALA M 40 47.51 17.58 75.46
CA ALA M 40 47.27 18.06 74.11
C ALA M 40 47.83 19.46 73.94
N ALA M 41 48.35 19.72 72.74
CA ALA M 41 48.89 21.04 72.44
C ALA M 41 47.79 22.08 72.44
N GLU M 42 48.08 23.24 73.00
CA GLU M 42 47.06 24.26 73.16
C GLU M 42 46.68 24.88 71.82
N ASN M 43 45.41 25.25 71.69
CA ASN M 43 44.94 26.10 70.60
C ASN M 43 45.32 25.56 69.22
N VAL M 44 45.26 24.24 69.05
CA VAL M 44 45.55 23.58 67.79
C VAL M 44 44.51 22.50 67.55
N VAL M 45 44.07 22.37 66.30
CA VAL M 45 43.08 21.36 65.95
C VAL M 45 43.67 19.98 66.10
N THR M 46 42.88 19.05 66.65
CA THR M 46 43.33 17.70 66.94
C THR M 46 42.31 16.69 66.48
N CYS M 47 42.79 15.51 66.06
CA CYS M 47 41.92 14.39 65.79
C CYS M 47 41.70 13.58 67.07
N VAL M 48 40.58 12.87 67.13
CA VAL M 48 40.23 12.07 68.30
C VAL M 48 39.74 10.72 67.83
N ASN M 49 39.83 9.73 68.72
CA ASN M 49 39.42 8.36 68.44
C ASN M 49 38.72 7.78 69.67
N SER M 50 38.42 6.49 69.60
CA SER M 50 37.67 5.83 70.67
C SER M 50 38.46 5.70 71.96
N GLU M 51 39.79 5.69 71.90
CA GLU M 51 40.60 5.50 73.09
C GLU M 51 40.18 6.49 74.18
N LEU M 52 40.55 6.17 75.42
CA LEU M 52 40.29 7.06 76.55
C LEU M 52 41.33 8.18 76.54
N ASP M 53 41.45 8.86 75.41
CA ASP M 53 42.42 9.94 75.30
C ASP M 53 42.12 11.06 76.28
N LEU M 54 40.88 11.13 76.76
CA LEU M 54 40.50 12.13 77.75
C LEU M 54 41.44 12.04 78.95
N VAL M 55 41.43 13.11 79.75
CA VAL M 55 42.33 13.21 80.89
C VAL M 55 43.75 13.32 80.36
N GLU M 56 44.23 12.26 79.70
CA GLU M 56 45.56 12.29 79.10
C GLU M 56 45.73 13.53 78.25
N ARG M 57 44.79 13.78 77.35
CA ARG M 57 44.93 14.84 76.38
C ARG M 57 44.13 16.08 76.75
N PHE M 58 43.12 15.94 77.61
CA PHE M 58 42.21 17.05 77.90
C PHE M 58 41.93 17.26 79.37
N GLY M 59 42.37 16.36 80.24
CA GLY M 59 42.40 16.65 81.67
C GLY M 59 41.10 16.39 82.40
N GLN M 60 41.21 15.83 83.60
CA GLN M 60 40.05 15.47 84.39
C GLN M 60 39.22 16.71 84.71
N GLY M 61 37.91 16.59 84.54
CA GLY M 61 36.99 17.64 84.93
C GLY M 61 36.90 18.81 83.98
N SER M 62 37.74 18.86 82.95
CA SER M 62 37.67 19.95 82.00
C SER M 62 36.45 19.79 81.11
N VAL M 63 35.94 20.93 80.63
CA VAL M 63 34.70 20.91 79.85
C VAL M 63 34.85 20.03 78.62
N LEU M 64 35.98 20.13 77.93
CA LEU M 64 36.16 19.40 76.69
C LEU M 64 36.00 17.90 76.91
N THR M 65 36.43 17.40 78.06
CA THR M 65 36.28 15.97 78.35
C THR M 65 34.82 15.57 78.37
N GLU M 66 33.98 16.33 79.08
CA GLU M 66 32.56 16.01 79.13
C GLU M 66 31.94 16.10 77.74
N SER M 67 32.32 17.13 76.99
CA SER M 67 31.77 17.29 75.65
C SER M 67 32.08 16.07 74.80
N LEU M 68 33.32 15.58 74.84
CA LEU M 68 33.65 14.40 74.07
C LEU M 68 32.96 13.15 74.60
N ARG M 69 32.82 13.04 75.93
CA ARG M 69 32.13 11.89 76.50
C ARG M 69 30.73 11.77 75.93
N LYS M 70 29.96 12.86 75.99
CA LYS M 70 28.59 12.79 75.52
C LYS M 70 28.55 12.44 74.04
N VAL M 71 29.43 13.04 73.25
CA VAL M 71 29.42 12.79 71.80
C VAL M 71 29.66 11.31 71.53
N PHE M 72 30.69 10.73 72.14
CA PHE M 72 30.93 9.32 71.93
C PHE M 72 29.78 8.47 72.44
N CYS M 73 29.05 8.95 73.45
CA CYS M 73 27.94 8.17 73.98
C CYS M 73 26.76 8.16 73.01
N MET M 74 26.40 9.33 72.46
CA MET M 74 25.25 9.39 71.56
C MET M 74 25.52 8.67 70.25
N CYS M 75 26.64 8.97 69.59
CA CYS M 75 26.90 8.50 68.24
C CYS M 75 27.82 7.30 68.31
N LYS M 76 27.47 6.24 67.58
CA LYS M 76 28.26 5.02 67.58
C LYS M 76 29.11 4.86 66.33
N SER M 77 28.81 5.57 65.25
CA SER M 77 29.54 5.39 64.01
C SER M 77 29.18 6.50 63.05
N GLY M 78 29.87 6.50 61.91
CA GLY M 78 29.60 7.48 60.88
C GLY M 78 29.93 8.91 61.27
N VAL M 79 30.68 9.09 62.36
CA VAL M 79 31.03 10.41 62.84
C VAL M 79 32.53 10.47 63.06
N SER M 80 33.18 11.45 62.44
CA SER M 80 34.60 11.72 62.64
C SER M 80 34.72 12.90 63.59
N VAL M 81 35.46 12.70 64.67
CA VAL M 81 35.47 13.63 65.79
C VAL M 81 36.75 14.44 65.77
N TYR M 82 36.61 15.76 65.85
CA TYR M 82 37.74 16.67 65.97
C TYR M 82 37.50 17.63 67.13
N ALA M 83 38.58 18.11 67.72
CA ALA M 83 38.50 18.97 68.88
C ALA M 83 39.45 20.15 68.72
N LEU M 84 39.13 21.22 69.43
CA LEU M 84 39.98 22.42 69.49
C LEU M 84 40.07 22.88 70.95
N PRO M 85 41.07 22.43 71.69
CA PRO M 85 41.15 22.81 73.10
C PRO M 85 41.49 24.29 73.26
N ARG M 86 41.01 24.86 74.37
CA ARG M 86 41.28 26.25 74.71
C ARG M 86 41.71 26.33 76.17
N ALA M 87 42.65 27.23 76.45
CA ALA M 87 43.15 27.40 77.80
C ALA M 87 42.31 28.42 78.56
N ASP M 88 42.33 28.30 79.88
CA ASP M 88 41.59 29.24 80.72
C ASP M 88 42.16 30.64 80.57
N ALA M 89 41.29 31.63 80.74
CA ALA M 89 41.74 33.02 80.75
C ALA M 89 42.58 33.29 81.99
N ALA M 90 43.59 34.15 81.84
CA ALA M 90 44.48 34.44 82.95
C ALA M 90 43.72 35.01 84.14
N ALA M 91 42.78 35.92 83.89
CA ALA M 91 41.97 36.51 84.95
C ALA M 91 40.78 35.63 85.32
N ALA M 92 40.60 34.49 84.66
CA ALA M 92 39.52 33.58 85.03
C ALA M 92 39.68 33.17 86.49
N VAL M 93 38.59 33.26 87.24
CA VAL M 93 38.58 32.91 88.67
C VAL M 93 37.57 31.79 88.88
N SER M 94 38.03 30.70 89.48
CA SER M 94 37.14 29.59 89.75
C SER M 94 35.95 30.06 90.57
N ALA M 95 34.76 29.58 90.21
CA ALA M 95 33.60 29.84 91.04
C ALA M 95 33.63 28.96 92.28
N VAL M 96 32.86 29.35 93.29
CA VAL M 96 32.81 28.62 94.55
C VAL M 96 31.36 28.48 94.99
N TYR M 97 30.99 27.26 95.37
CA TYR M 97 29.67 26.97 95.92
C TYR M 97 29.84 26.30 97.28
N THR M 98 28.82 26.46 98.11
CA THR M 98 28.88 25.97 99.49
C THR M 98 27.71 25.03 99.75
N LEU M 99 28.01 23.89 100.35
CA LEU M 99 27.00 22.94 100.81
C LEU M 99 27.20 22.73 102.30
N THR M 100 26.10 22.76 103.05
CA THR M 100 26.13 22.69 104.51
C THR M 100 25.29 21.53 104.98
N VAL M 101 25.87 20.66 105.81
CA VAL M 101 25.11 19.62 106.48
C VAL M 101 24.67 20.16 107.84
N THR M 102 23.36 20.25 108.04
CA THR M 102 22.82 20.87 109.25
C THR M 102 21.91 19.87 109.96
N GLY M 103 21.79 20.06 111.26
CA GLY M 103 20.97 19.18 112.06
C GLY M 103 21.74 17.93 112.50
N THR M 104 21.05 17.11 113.28
CA THR M 104 21.64 15.87 113.78
C THR M 104 20.59 14.77 113.76
N ALA M 105 20.92 13.64 113.14
CA ALA M 105 19.94 12.60 112.92
C ALA M 105 19.47 12.03 114.25
N LEU M 106 18.26 11.46 114.22
CA LEU M 106 17.76 10.62 115.29
C LEU M 106 17.27 9.28 114.77
N THR M 107 17.37 9.03 113.46
CA THR M 107 17.05 7.75 112.86
C THR M 107 18.08 7.44 111.78
N ASP M 108 18.06 6.20 111.32
CA ASP M 108 18.75 5.86 110.08
C ASP M 108 17.94 6.34 108.89
N GLY M 109 18.60 6.46 107.74
CA GLY M 109 17.90 6.83 106.53
C GLY M 109 18.86 7.09 105.40
N ARG M 110 18.29 7.20 104.21
CA ARG M 110 19.05 7.36 102.97
C ARG M 110 18.91 8.77 102.45
N VAL M 111 20.03 9.36 102.04
CA VAL M 111 20.06 10.66 101.37
C VAL M 111 20.76 10.47 100.04
N GLN M 112 20.12 10.91 98.97
CA GLN M 112 20.67 10.84 97.62
C GLN M 112 20.51 12.20 96.96
N LEU M 113 21.57 12.65 96.30
CA LEU M 113 21.63 14.01 95.77
C LEU M 113 21.74 13.99 94.26
N TYR M 114 21.17 15.01 93.64
CA TYR M 114 21.32 15.22 92.21
C TYR M 114 21.95 16.60 92.00
N MET M 115 22.99 16.64 91.18
CA MET M 115 23.78 17.84 90.96
C MET M 115 23.95 18.12 89.48
N GLY M 116 22.85 18.14 88.74
CA GLY M 116 22.87 18.48 87.33
C GLY M 116 23.18 17.35 86.39
N GLU M 117 23.24 16.11 86.89
CA GLU M 117 23.52 14.97 86.02
C GLU M 117 23.29 13.68 86.80
N ALA M 118 22.99 12.62 86.06
CA ALA M 118 22.85 11.30 86.67
C ALA M 118 24.18 10.81 87.22
N GLU M 119 25.18 10.68 86.36
CA GLU M 119 26.42 10.04 86.80
C GLU M 119 27.06 10.78 87.97
N TYR M 120 26.73 12.05 88.21
CA TYR M 120 27.18 12.72 89.43
C TYR M 120 26.12 12.64 90.53
N SER M 121 25.01 11.98 90.26
CA SER M 121 24.06 11.67 91.30
C SER M 121 24.60 10.53 92.17
N LEU M 122 24.27 10.58 93.46
CA LEU M 122 24.79 9.61 94.41
C LEU M 122 23.71 9.31 95.43
N ASP M 123 23.74 8.08 95.94
CA ASP M 123 22.81 7.62 96.96
C ASP M 123 23.60 7.13 98.17
N ILE M 124 23.32 7.71 99.33
CA ILE M 124 24.10 7.46 100.53
C ILE M 124 23.18 7.60 101.75
N GLY M 125 23.66 7.11 102.89
CA GLY M 125 22.90 7.22 104.11
C GLY M 125 23.68 6.63 105.26
N VAL M 126 23.05 6.59 106.43
CA VAL M 126 23.64 6.05 107.63
C VAL M 126 22.66 5.04 108.22
N ASP M 127 23.19 4.11 109.01
CA ASP M 127 22.40 3.05 109.61
C ASP M 127 22.54 3.03 111.13
N GLU M 128 22.51 4.21 111.75
CA GLU M 128 22.44 4.34 113.19
C GLU M 128 21.58 5.54 113.54
N GLY M 129 20.87 5.43 114.66
CA GLY M 129 20.13 6.56 115.17
C GLY M 129 21.05 7.54 115.86
N ASP M 130 20.53 8.74 116.06
CA ASP M 130 21.25 9.78 116.80
C ASP M 130 22.63 10.03 116.19
N THR M 131 22.71 10.16 114.88
CA THR M 131 23.99 10.37 114.22
C THR M 131 24.17 11.86 113.88
N PRO M 132 25.02 12.60 114.58
CA PRO M 132 25.24 14.00 114.27
C PRO M 132 25.92 14.22 112.92
N THR M 133 26.23 15.49 112.65
CA THR M 133 26.81 15.89 111.37
C THR M 133 28.15 15.24 111.11
N GLN M 134 29.02 15.18 112.12
CA GLN M 134 30.37 14.66 111.91
C GLN M 134 30.36 13.29 111.28
N ILE M 135 29.38 12.45 111.61
CA ILE M 135 29.19 11.20 110.89
C ILE M 135 28.92 11.49 109.41
N ALA M 136 28.20 12.57 109.13
CA ALA M 136 27.99 13.00 107.75
C ALA M 136 29.27 13.65 107.23
N ALA M 137 29.20 14.25 106.05
CA ALA M 137 30.34 14.80 105.35
C ALA M 137 31.27 13.71 104.83
N LYS M 138 30.82 12.46 104.85
CA LYS M 138 31.56 11.37 104.22
C LYS M 138 31.32 11.34 102.72
N ILE M 139 30.49 12.25 102.20
CA ILE M 139 30.08 12.20 100.80
C ILE M 139 31.29 12.19 99.88
N VAL M 140 32.31 12.99 100.22
CA VAL M 140 33.49 13.13 99.38
C VAL M 140 34.17 11.79 99.09
N ALA M 141 33.76 10.71 99.77
CA ALA M 141 34.37 9.41 99.56
C ALA M 141 33.94 8.74 98.27
N ALA M 142 32.95 9.28 97.55
CA ALA M 142 32.44 8.61 96.36
C ALA M 142 32.25 9.53 95.16
N ILE M 143 32.56 10.82 95.29
CA ILE M 143 32.49 11.71 94.14
C ILE M 143 33.44 11.24 93.06
N SER M 144 32.97 11.22 91.82
CA SER M 144 33.75 10.67 90.72
C SER M 144 34.93 11.59 90.40
N PRO M 145 35.96 11.05 89.75
CA PRO M 145 37.09 11.90 89.33
C PRO M 145 36.69 13.01 88.39
N ASP M 146 35.67 12.79 87.55
CA ASP M 146 35.35 13.70 86.46
C ASP M 146 34.56 14.92 86.90
N PHE M 147 34.04 14.94 88.11
CA PHE M 147 33.14 16.01 88.49
C PHE M 147 33.84 17.36 88.29
N PRO M 148 33.19 18.34 87.65
CA PRO M 148 33.90 19.58 87.30
C PRO M 148 34.25 20.48 88.47
N TYR M 149 34.09 20.00 89.70
CA TYR M 149 34.39 20.81 90.87
C TYR M 149 35.16 19.99 91.89
N GLU M 150 35.94 20.67 92.71
CA GLU M 150 36.57 20.05 93.86
C GLU M 150 35.74 20.32 95.12
N ALA M 151 35.83 19.40 96.08
CA ALA M 151 35.05 19.49 97.31
C ALA M 151 36.00 19.53 98.50
N THR M 152 35.72 20.44 99.44
CA THR M 152 36.60 20.59 100.60
C THR M 152 36.64 19.33 101.46
N ALA M 153 35.50 18.72 101.73
CA ALA M 153 35.40 17.51 102.54
C ALA M 153 35.57 17.77 104.04
N ALA M 154 35.35 19.00 104.49
CA ALA M 154 35.36 19.30 105.91
C ALA M 154 33.94 19.21 106.48
N ALA M 155 33.84 18.71 107.71
CA ALA M 155 32.54 18.54 108.34
C ALA M 155 31.91 19.89 108.63
N GLY M 156 30.59 19.88 108.78
CA GLY M 156 29.83 21.10 108.97
C GLY M 156 29.38 21.70 107.64
N VAL M 157 30.34 21.97 106.76
CA VAL M 157 30.07 22.50 105.43
C VAL M 157 31.14 21.99 104.47
N ILE M 158 30.73 21.67 103.25
CA ILE M 158 31.65 21.32 102.18
C ILE M 158 31.48 22.35 101.07
N THR M 159 32.59 22.97 100.65
CA THR M 159 32.58 24.01 99.65
C THR M 159 33.10 23.45 98.33
N LEU M 160 32.47 23.87 97.23
CA LEU M 160 32.78 23.36 95.91
C LEU M 160 33.45 24.45 95.09
N THR M 161 34.54 24.10 94.42
CA THR M 161 35.29 25.02 93.57
C THR M 161 35.37 24.45 92.16
N ALA M 162 35.14 25.31 91.18
CA ALA M 162 35.18 24.86 89.79
C ALA M 162 36.58 24.44 89.39
N ARG M 163 36.67 23.35 88.63
CA ARG M 163 37.95 22.97 88.05
C ARG M 163 38.34 23.85 86.88
N ASN M 164 37.48 24.75 86.44
CA ASN M 164 37.83 25.77 85.47
C ASN M 164 37.16 27.09 85.84
N GLY M 165 37.81 28.19 85.50
CA GLY M 165 37.33 29.50 85.84
C GLY M 165 36.31 30.00 84.85
N GLY M 166 35.96 31.28 85.00
CA GLY M 166 35.05 31.92 84.09
C GLY M 166 33.59 31.65 84.43
N THR M 167 32.72 32.17 83.57
CA THR M 167 31.29 32.07 83.81
C THR M 167 30.81 30.63 83.80
N ILE M 168 31.62 29.69 83.30
CA ILE M 168 31.15 28.33 83.12
C ILE M 168 30.60 27.74 84.41
N GLY M 169 31.32 27.90 85.52
CA GLY M 169 30.91 27.24 86.75
C GLY M 169 29.67 27.84 87.38
N ASN M 170 29.24 29.01 86.92
CA ASN M 170 28.15 29.71 87.57
C ASN M 170 26.82 28.97 87.50
N HIS M 171 26.69 27.96 86.65
CA HIS M 171 25.42 27.30 86.40
C HIS M 171 25.22 26.04 87.23
N LEU M 172 26.15 25.72 88.13
CA LEU M 172 26.02 24.51 88.93
C LEU M 172 24.74 24.55 89.74
N SER M 173 24.16 23.39 89.98
CA SER M 173 23.00 23.28 90.85
C SER M 173 23.04 21.96 91.58
N VAL M 174 22.57 21.97 92.83
CA VAL M 174 22.58 20.80 93.70
C VAL M 174 21.16 20.55 94.16
N ILE M 175 20.76 19.28 94.19
CA ILE M 175 19.40 18.89 94.54
C ILE M 175 19.44 17.78 95.57
N TYR M 176 18.46 17.81 96.48
CA TYR M 176 18.23 16.73 97.43
C TYR M 176 16.95 16.00 97.02
N THR M 177 17.11 14.79 96.49
CA THR M 177 16.01 14.14 95.78
C THR M 177 14.85 13.80 96.71
N ASN M 178 15.14 13.13 97.82
CA ASN M 178 14.09 12.54 98.66
C ASN M 178 13.65 13.47 99.78
N LEU M 179 13.72 14.79 99.60
CA LEU M 179 13.23 15.70 100.62
C LEU M 179 11.82 15.32 101.04
N GLY M 180 10.96 15.03 100.07
CA GLY M 180 9.67 14.48 100.37
C GLY M 180 9.74 12.98 100.59
N SER M 181 8.80 12.48 101.38
CA SER M 181 8.73 11.05 101.64
C SER M 181 8.37 10.31 100.35
N CYS M 182 8.98 9.13 100.18
CA CYS M 182 8.84 8.34 98.97
C CYS M 182 8.94 6.86 99.32
N THR M 183 9.26 6.02 98.34
CA THR M 183 9.46 4.60 98.61
C THR M 183 10.58 4.37 99.61
N SER M 184 11.50 5.32 99.76
CA SER M 184 12.69 5.13 100.57
C SER M 184 12.66 6.08 101.76
N VAL M 185 13.22 5.62 102.89
CA VAL M 185 13.13 6.36 104.13
C VAL M 185 14.26 7.38 104.21
N THR M 186 13.91 8.64 104.44
CA THR M 186 14.85 9.69 104.74
C THR M 186 15.36 9.54 106.17
N PRO M 187 16.60 9.93 106.45
CA PRO M 187 17.06 9.95 107.85
C PRO M 187 16.48 11.14 108.57
N GLU M 188 15.62 10.88 109.55
CA GLU M 188 14.96 11.94 110.28
C GLU M 188 15.99 12.79 111.02
N GLY M 189 15.71 14.10 111.08
CA GLY M 189 16.56 15.02 111.80
C GLY M 189 17.76 15.52 111.05
N VAL M 190 17.83 15.34 109.74
CA VAL M 190 18.93 15.80 108.92
C VAL M 190 18.40 16.73 107.84
N THR M 191 19.04 17.89 107.70
CA THR M 191 18.67 18.87 106.69
C THR M 191 19.94 19.39 106.03
N VAL M 192 19.79 19.94 104.83
CA VAL M 192 20.92 20.45 104.06
C VAL M 192 20.57 21.81 103.49
N ALA M 193 21.60 22.60 103.20
CA ALA M 193 21.45 23.89 102.53
C ALA M 193 22.62 24.08 101.59
N PHE M 194 22.40 24.93 100.57
CA PHE M 194 23.35 25.07 99.47
C PHE M 194 23.21 26.46 98.89
N ALA M 195 24.32 27.01 98.40
CA ALA M 195 24.31 28.33 97.81
C ALA M 195 25.67 28.64 97.21
N GLN M 196 25.67 29.58 96.27
CA GLN M 196 26.90 30.04 95.64
C GLN M 196 27.59 31.06 96.53
N THR M 197 28.91 31.18 96.35
CA THR M 197 29.69 32.21 97.04
C THR M 197 30.53 33.06 96.11
N THR M 198 31.02 32.50 95.00
CA THR M 198 31.97 33.20 94.15
C THR M 198 31.59 33.06 92.68
N PRO M 199 31.19 34.15 92.01
CA PRO M 199 30.88 34.06 90.59
C PRO M 199 32.13 33.92 89.74
N GLY M 200 31.93 33.40 88.53
CA GLY M 200 33.05 33.28 87.60
C GLY M 200 33.48 34.66 87.11
N SER M 201 34.79 34.81 86.93
CA SER M 201 35.33 36.13 86.59
C SER M 201 35.27 36.42 85.09
N VAL M 202 36.01 35.66 84.29
CA VAL M 202 36.19 35.99 82.88
C VAL M 202 36.39 34.71 82.07
N ASN M 203 36.10 34.81 80.78
CA ASN M 203 36.24 33.72 79.84
C ASN M 203 37.13 34.14 78.68
N PRO M 204 37.82 33.21 78.02
CA PRO M 204 38.67 33.59 76.89
C PRO M 204 37.84 33.99 75.69
N GLU M 205 38.47 34.73 74.78
CA GLU M 205 37.79 35.23 73.60
C GLU M 205 38.62 34.99 72.34
N PRO M 206 38.91 33.76 71.99
CA PRO M 206 39.75 33.52 70.81
C PRO M 206 39.09 34.02 69.54
N ASN M 207 39.93 34.51 68.62
CA ASN M 207 39.45 35.01 67.33
C ASN M 207 40.41 34.60 66.23
N ASP M 208 40.87 33.35 66.26
CA ASP M 208 41.89 32.85 65.35
C ASP M 208 41.36 31.79 64.39
N TYR M 209 40.05 31.73 64.19
CA TYR M 209 39.49 30.61 63.43
C TYR M 209 40.06 30.54 62.03
N ALA M 210 40.17 31.70 61.37
CA ALA M 210 40.68 31.70 60.00
C ALA M 210 42.10 31.15 59.92
N SER M 211 42.81 31.10 61.04
CA SER M 211 44.18 30.60 61.08
C SER M 211 44.27 29.14 61.48
N VAL M 212 43.52 28.73 62.50
CA VAL M 212 43.65 27.37 63.01
C VAL M 212 42.85 26.37 62.18
N VAL M 213 41.66 26.74 61.73
CA VAL M 213 40.87 25.90 60.82
C VAL M 213 41.26 26.35 59.41
N ASN M 214 42.31 25.74 58.88
CA ASN M 214 42.85 26.13 57.58
C ASN M 214 41.97 25.59 56.45
N GLU M 215 40.83 26.26 56.27
CA GLU M 215 39.90 26.02 55.16
C GLU M 215 39.51 24.56 55.02
N CYS M 216 39.66 23.75 56.06
CA CYS M 216 39.21 22.37 55.99
C CYS M 216 37.72 22.29 56.32
N CYS M 217 36.95 21.72 55.41
CA CYS M 217 35.50 21.75 55.54
C CYS M 217 35.05 20.98 56.78
N PHE M 218 34.11 21.56 57.52
CA PHE M 218 33.53 20.95 58.71
C PHE M 218 32.02 21.06 58.63
N ALA M 219 31.33 20.02 59.09
CA ALA M 219 29.88 19.97 58.92
C ALA M 219 29.15 20.55 60.12
N VAL M 220 29.58 20.21 61.32
CA VAL M 220 28.87 20.58 62.54
C VAL M 220 29.83 21.26 63.50
N TYR M 221 29.42 22.41 64.04
CA TYR M 221 30.21 23.13 65.02
C TYR M 221 29.48 23.11 66.36
N VAL M 222 30.17 22.64 67.41
CA VAL M 222 29.64 22.62 68.77
C VAL M 222 30.54 23.51 69.61
N LEU M 223 29.93 24.46 70.30
CA LEU M 223 30.65 25.40 71.14
C LEU M 223 30.10 25.29 72.56
N SER M 224 30.93 24.80 73.48
CA SER M 224 30.49 24.56 74.86
C SER M 224 30.79 25.75 75.75
N SER M 225 30.21 26.90 75.46
CA SER M 225 30.45 28.08 76.29
C SER M 225 29.27 29.03 76.17
N ASP M 226 29.24 30.01 77.07
CA ASP M 226 28.13 30.94 77.19
C ASP M 226 28.53 32.39 76.94
N ASP M 227 29.76 32.64 76.51
CA ASP M 227 30.19 34.00 76.22
C ASP M 227 29.59 34.46 74.90
N THR M 228 28.90 35.60 74.92
CA THR M 228 28.28 36.11 73.71
C THR M 228 29.33 36.47 72.67
N ASP M 229 30.48 36.99 73.11
CA ASP M 229 31.53 37.34 72.15
C ASP M 229 32.04 36.12 71.42
N TRP M 230 32.20 35.01 72.14
CA TRP M 230 32.70 33.79 71.52
C TRP M 230 31.75 33.34 70.41
N GLN M 231 30.45 33.32 70.71
CA GLN M 231 29.47 32.94 69.70
C GLN M 231 29.44 33.94 68.56
N GLU M 232 29.62 35.23 68.88
CA GLU M 232 29.74 36.24 67.84
C GLU M 232 30.83 35.86 66.84
N ASN M 233 32.03 35.58 67.34
CA ASN M 233 33.13 35.25 66.45
C ASN M 233 32.84 33.99 65.66
N LEU M 234 32.31 32.97 66.34
CA LEU M 234 32.04 31.70 65.65
C LEU M 234 31.02 31.89 64.54
N ARG M 235 29.97 32.66 64.82
CA ARG M 235 28.95 32.92 63.81
C ARG M 235 29.54 33.64 62.61
N ASP M 236 30.30 34.70 62.86
CA ASP M 236 30.90 35.42 61.75
C ASP M 236 31.87 34.55 60.97
N TRP M 237 32.49 33.58 61.62
CA TRP M 237 33.32 32.63 60.89
C TRP M 237 32.46 31.75 59.99
N ILE M 238 31.32 31.28 60.51
CA ILE M 238 30.46 30.40 59.73
C ILE M 238 29.94 31.12 58.50
N ARG M 239 29.47 32.36 58.66
CA ARG M 239 29.02 33.11 57.50
C ARG M 239 30.07 33.07 56.41
N SER M 240 31.34 33.23 56.79
CA SER M 240 32.41 33.28 55.80
C SER M 240 32.54 31.96 55.06
N ALA M 241 32.58 30.85 55.78
CA ALA M 241 32.62 29.55 55.11
C ALA M 241 31.43 29.38 54.18
N TRP M 242 30.34 30.05 54.47
CA TRP M 242 29.15 30.04 53.65
C TRP M 242 29.23 31.06 52.51
N ASP M 243 30.19 31.98 52.58
CA ASP M 243 30.22 33.16 51.74
C ASP M 243 30.68 32.85 50.32
N CYS M 244 30.19 33.65 49.38
CA CYS M 244 30.57 33.52 47.98
C CYS M 244 31.87 34.26 47.64
N SER M 245 32.37 35.09 48.55
CA SER M 245 33.62 35.79 48.29
C SER M 245 34.76 34.82 48.05
N LYS M 246 34.63 33.59 48.55
CA LYS M 246 35.66 32.57 48.38
C LYS M 246 35.01 31.21 48.55
N PRO M 247 35.67 30.14 48.09
CA PRO M 247 35.02 28.82 48.07
C PRO M 247 34.36 28.50 49.40
N GLN M 248 33.30 27.68 49.32
CA GLN M 248 32.46 27.42 50.48
C GLN M 248 32.81 26.09 51.13
N CYS M 249 32.59 26.03 52.45
CA CYS M 249 32.69 24.81 53.23
C CYS M 249 31.51 24.83 54.21
N PHE M 250 30.40 24.26 53.77
CA PHE M 250 29.13 24.48 54.44
C PHE M 250 29.12 23.83 55.82
N GLY M 251 28.31 24.39 56.71
CA GLY M 251 28.22 23.84 58.05
C GLY M 251 27.16 24.53 58.87
N HIS M 252 27.12 24.16 60.15
CA HIS M 252 26.17 24.71 61.10
C HIS M 252 26.80 24.67 62.49
N GLY M 253 26.32 25.54 63.37
CA GLY M 253 26.81 25.62 64.74
C GLY M 253 25.66 25.63 65.73
N TYR M 254 25.90 25.08 66.91
CA TYR M 254 24.89 25.00 67.96
C TYR M 254 25.45 25.60 69.25
N VAL M 255 24.63 26.40 69.93
CA VAL M 255 25.02 27.02 71.18
C VAL M 255 23.77 27.20 72.04
N PHE M 256 23.97 27.54 73.30
CA PHE M 256 22.88 27.67 74.25
C PHE M 256 22.94 29.02 74.97
N ASN M 257 21.77 29.50 75.36
CA ASN M 257 21.62 30.68 76.19
C ASN M 257 20.74 30.32 77.38
N LYS M 258 21.08 30.85 78.55
CA LYS M 258 20.32 30.61 79.76
C LYS M 258 19.99 31.94 80.41
N GLY M 259 18.78 32.03 80.96
CA GLY M 259 18.38 33.25 81.64
C GLY M 259 16.87 33.38 81.69
N THR M 260 16.44 34.55 82.13
CA THR M 260 15.02 34.86 82.14
C THR M 260 14.54 35.17 80.73
N LEU M 261 13.21 35.14 80.56
CA LEU M 261 12.65 35.38 79.24
C LEU M 261 13.16 36.69 78.66
N GLY M 262 13.21 37.75 79.48
CA GLY M 262 13.75 39.00 79.00
C GLY M 262 15.22 38.89 78.64
N GLN M 263 15.99 38.18 79.48
CA GLN M 263 17.41 38.06 79.23
C GLN M 263 17.68 37.29 77.94
N VAL M 264 16.99 36.17 77.74
CA VAL M 264 17.27 35.32 76.59
C VAL M 264 16.84 35.99 75.30
N LEU M 265 15.64 36.58 75.28
CA LEU M 265 15.22 37.31 74.08
C LEU M 265 16.23 38.37 73.70
N ALA M 266 16.90 38.97 74.68
CA ALA M 266 17.90 39.98 74.38
C ALA M 266 19.07 39.43 73.59
N ASP M 267 19.21 38.10 73.54
CA ASP M 267 20.27 37.47 72.75
C ASP M 267 19.82 37.12 71.35
N GLY M 268 18.64 37.58 70.92
CA GLY M 268 18.24 37.38 69.55
C GLY M 268 19.31 37.92 68.63
N ASP M 269 19.78 37.09 67.71
CA ASP M 269 20.95 37.42 66.92
C ASP M 269 20.69 37.41 65.42
N ASN M 270 19.55 36.90 64.97
CA ASN M 270 19.15 36.97 63.58
C ASN M 270 20.08 36.16 62.68
N SER M 271 20.77 35.17 63.24
CA SER M 271 21.76 34.41 62.50
C SER M 271 21.11 33.15 61.95
N ALA M 272 21.24 32.95 60.64
CA ALA M 272 20.72 31.75 60.03
C ALA M 272 21.68 30.57 60.18
N GLU M 273 22.84 30.79 60.77
CA GLU M 273 23.87 29.77 60.85
C GLU M 273 23.87 29.03 62.17
N LEU M 274 23.09 29.48 63.14
CA LEU M 274 23.15 28.99 64.50
C LEU M 274 21.86 28.29 64.87
N SER M 275 21.86 27.66 66.03
CA SER M 275 20.66 27.11 66.65
C SER M 275 20.74 27.33 68.15
N ARG M 276 20.05 28.36 68.62
CA ARG M 276 20.21 28.82 69.99
C ARG M 276 19.25 28.03 70.89
N LEU M 277 19.81 27.14 71.69
CA LEU M 277 19.03 26.30 72.58
C LEU M 277 18.67 27.10 73.84
N ALA M 278 17.41 27.48 73.96
CA ALA M 278 16.96 28.31 75.08
C ALA M 278 16.72 27.44 76.30
N LEU M 279 17.08 27.94 77.47
CA LEU M 279 16.88 27.22 78.71
C LEU M 279 16.45 28.17 79.82
N PRO M 280 15.73 27.69 80.83
CA PRO M 280 15.31 28.56 81.93
C PRO M 280 16.41 28.76 82.95
N THR M 281 16.23 29.79 83.77
CA THR M 281 17.20 30.10 84.81
C THR M 281 17.40 28.92 85.75
N THR M 282 16.31 28.23 86.08
CA THR M 282 16.35 27.13 87.02
C THR M 282 16.60 25.79 86.35
N TYR M 283 17.01 25.80 85.09
CA TYR M 283 17.30 24.56 84.39
C TYR M 283 18.27 23.72 85.20
N PRO M 284 17.86 22.59 85.75
CA PRO M 284 18.74 21.86 86.66
C PRO M 284 19.67 20.90 85.94
N VAL M 285 20.39 21.38 84.94
CA VAL M 285 21.41 20.59 84.25
C VAL M 285 22.50 21.53 83.75
N LEU M 286 23.74 21.06 83.80
CA LEU M 286 24.84 21.85 83.27
C LEU M 286 24.61 22.05 81.77
N PRO M 287 24.31 23.28 81.33
CA PRO M 287 23.82 23.44 79.96
C PRO M 287 24.70 22.82 78.90
N TYR M 288 26.03 22.95 79.02
CA TYR M 288 26.88 22.46 77.95
C TYR M 288 26.73 20.96 77.77
N LEU M 289 26.26 20.25 78.79
CA LEU M 289 26.03 18.82 78.63
C LEU M 289 24.92 18.56 77.61
N THR M 290 23.85 19.35 77.67
CA THR M 290 22.73 19.13 76.74
C THR M 290 23.10 19.59 75.34
N ASN M 291 23.73 20.75 75.21
CA ASN M 291 24.11 21.24 73.90
C ASN M 291 24.91 20.18 73.15
N ALA M 292 25.88 19.57 73.82
CA ALA M 292 26.73 18.60 73.15
C ALA M 292 25.92 17.39 72.69
N ALA M 293 25.05 16.87 73.54
CA ALA M 293 24.27 15.71 73.16
C ALA M 293 23.39 16.01 71.97
N TYR M 294 22.69 17.15 71.99
CA TYR M 294 21.85 17.51 70.86
C TYR M 294 22.67 17.69 69.59
N GLY M 295 23.81 18.36 69.70
CA GLY M 295 24.64 18.56 68.52
C GLY M 295 25.07 17.24 67.93
N ALA M 296 25.52 16.32 68.78
CA ALA M 296 25.92 15.01 68.29
C ALA M 296 24.75 14.31 67.60
N LEU M 297 23.57 14.36 68.24
CA LEU M 297 22.43 13.65 67.68
C LEU M 297 22.08 14.19 66.30
N SER M 298 22.04 15.52 66.16
CA SER M 298 21.74 16.10 64.87
C SER M 298 22.90 15.97 63.90
N ALA M 299 24.08 15.59 64.41
CA ALA M 299 25.27 15.68 63.57
C ALA M 299 25.36 14.51 62.61
N CYS M 300 25.43 13.29 63.12
CA CYS M 300 25.76 12.15 62.27
C CYS M 300 24.70 11.06 62.37
N SER M 301 23.95 11.04 63.46
CA SER M 301 22.95 10.00 63.63
C SER M 301 21.77 10.24 62.68
N THR M 302 21.75 11.39 62.02
CA THR M 302 20.59 11.76 61.23
C THR M 302 20.95 12.29 59.85
N CYS M 303 22.10 12.95 59.73
CA CYS M 303 22.39 13.76 58.55
C CYS M 303 23.16 13.01 57.47
N GLU M 304 22.92 11.71 57.33
CA GLU M 304 23.15 11.07 56.05
C GLU M 304 21.89 11.09 55.21
N ASN M 305 20.79 11.58 55.78
CA ASN M 305 19.51 11.77 55.13
C ASN M 305 19.13 13.22 55.39
N PRO M 306 19.77 14.18 54.72
CA PRO M 306 19.73 15.56 55.22
C PRO M 306 18.33 16.11 55.37
N GLU M 307 17.36 15.59 54.63
CA GLU M 307 15.99 16.06 54.75
C GLU M 307 15.36 15.71 56.09
N LEU M 308 15.96 14.80 56.85
CA LEU M 308 15.35 14.37 58.11
C LEU M 308 15.29 15.51 59.10
N ASN M 309 14.14 15.68 59.74
CA ASN M 309 14.01 16.65 60.82
C ASN M 309 14.20 15.98 62.17
N VAL M 310 14.77 16.72 63.11
CA VAL M 310 14.98 16.22 64.46
C VAL M 310 13.97 16.87 65.40
N GLN M 311 12.91 16.14 65.74
CA GLN M 311 11.84 16.69 66.54
C GLN M 311 11.13 15.57 67.28
N GLY M 312 10.10 15.96 68.04
CA GLY M 312 9.19 15.00 68.62
C GLY M 312 9.89 14.02 69.55
N GLN M 313 9.14 13.02 69.96
CA GLN M 313 9.66 12.01 70.87
C GLN M 313 10.24 10.80 70.15
N THR M 314 10.01 10.67 68.85
CA THR M 314 10.61 9.55 68.12
C THR M 314 12.07 9.81 67.82
N TYR M 315 12.42 11.06 67.48
CA TYR M 315 13.74 11.37 66.97
C TYR M 315 14.49 12.40 67.79
N GLY M 316 13.81 13.44 68.26
CA GLY M 316 14.50 14.48 68.99
C GLY M 316 14.76 14.12 70.45
N LEU M 317 15.05 12.85 70.71
CA LEU M 317 15.22 12.35 72.06
C LEU M 317 16.71 12.31 72.40
N LEU M 318 17.09 13.03 73.45
CA LEU M 318 18.46 13.00 73.95
C LEU M 318 18.57 11.85 74.93
N SER M 319 18.90 10.67 74.40
CA SER M 319 18.86 9.47 75.21
C SER M 319 19.86 9.52 76.36
N CYS M 320 21.08 9.97 76.08
CA CYS M 320 22.18 9.85 77.03
C CYS M 320 22.19 10.97 78.06
N ILE M 321 21.06 11.62 78.30
CA ILE M 321 20.90 12.57 79.38
C ILE M 321 19.74 12.13 80.25
N ASN M 322 19.84 12.38 81.56
CA ASN M 322 18.81 11.94 82.48
C ASN M 322 18.69 12.93 83.62
N MET M 323 17.45 13.34 83.91
CA MET M 323 17.17 14.31 84.96
C MET M 323 15.91 13.87 85.68
N PRO M 324 15.70 14.31 86.91
CA PRO M 324 14.51 13.88 87.65
C PRO M 324 13.25 14.55 87.16
N GLU M 325 12.11 13.93 87.48
CA GLU M 325 10.81 14.47 87.08
C GLU M 325 10.45 15.69 87.94
N SER M 326 9.43 16.41 87.50
CA SER M 326 8.94 17.55 88.25
C SER M 326 7.65 18.04 87.61
N CYS M 327 6.74 18.52 88.44
CA CYS M 327 5.50 19.10 87.95
C CYS M 327 5.69 20.52 87.45
N THR M 328 6.82 21.14 87.73
CA THR M 328 7.09 22.47 87.22
C THR M 328 7.58 22.37 85.78
N PRO M 329 6.99 23.10 84.83
CA PRO M 329 7.39 22.97 83.43
C PRO M 329 8.73 23.60 83.11
N GLY M 330 9.21 24.54 83.92
CA GLY M 330 10.41 25.27 83.60
C GLY M 330 10.09 26.48 82.75
N TRP M 331 9.47 26.25 81.59
CA TRP M 331 8.97 27.32 80.74
C TRP M 331 7.45 27.31 80.77
N GLU M 332 6.88 28.41 81.22
CA GLU M 332 5.44 28.57 81.14
C GLU M 332 5.02 28.68 79.68
N PHE M 333 3.80 28.22 79.39
CA PHE M 333 3.41 28.05 78.00
C PHE M 333 3.56 29.35 77.21
N THR M 334 3.15 30.47 77.78
CA THR M 334 3.32 31.74 77.08
C THR M 334 4.79 31.96 76.75
N GLU M 335 5.67 31.65 77.70
CA GLU M 335 7.09 31.73 77.43
C GLU M 335 7.46 30.82 76.28
N VAL M 336 6.90 29.62 76.25
CA VAL M 336 7.23 28.68 75.19
C VAL M 336 6.85 29.26 73.84
N THR M 337 5.64 29.81 73.74
CA THR M 337 5.19 30.37 72.48
C THR M 337 6.05 31.54 72.05
N GLN M 338 6.38 32.42 72.99
CA GLN M 338 7.24 33.55 72.63
C GLN M 338 8.58 33.07 72.12
N LEU M 339 9.17 32.08 72.79
CA LEU M 339 10.50 31.61 72.38
C LEU M 339 10.48 31.07 70.96
N GLN M 340 9.49 30.22 70.64
CA GLN M 340 9.48 29.60 69.33
C GLN M 340 9.35 30.64 68.22
N ASN M 341 8.54 31.67 68.45
CA ASN M 341 8.28 32.64 67.41
C ASN M 341 9.48 33.53 67.12
N ASN M 342 10.56 33.42 67.89
CA ASN M 342 11.77 34.20 67.66
C ASN M 342 12.98 33.31 67.40
N GLY M 343 12.76 32.11 66.86
CA GLY M 343 13.86 31.26 66.47
C GLY M 343 14.65 30.66 67.60
N PHE M 344 13.98 30.16 68.63
CA PHE M 344 14.64 29.57 69.79
C PHE M 344 14.20 28.12 69.97
N VAL M 345 15.18 27.22 70.06
CA VAL M 345 14.90 25.81 70.28
C VAL M 345 14.46 25.62 71.72
N VAL M 346 13.45 24.78 71.92
CA VAL M 346 12.91 24.50 73.25
C VAL M 346 12.88 23.00 73.46
N SER M 347 13.30 22.55 74.63
CA SER M 347 13.36 21.13 74.95
C SER M 347 12.69 20.88 76.28
N GLY M 348 12.16 19.67 76.43
CA GLY M 348 11.42 19.31 77.63
C GLY M 348 11.48 17.84 77.93
N PRO M 349 10.99 17.46 79.11
CA PRO M 349 10.99 16.05 79.49
C PRO M 349 9.99 15.26 78.67
N ALA M 350 10.31 13.97 78.49
CA ALA M 350 9.42 13.08 77.77
C ALA M 350 8.25 12.60 78.61
N THR M 351 8.34 12.71 79.94
CA THR M 351 7.25 12.30 80.81
C THR M 351 7.25 13.21 82.03
N THR M 352 6.09 13.31 82.66
CA THR M 352 5.89 14.18 83.81
C THR M 352 5.26 13.38 84.94
N SER M 353 5.74 13.61 86.16
CA SER M 353 5.24 12.93 87.34
C SER M 353 5.88 13.55 88.57
N GLY M 354 5.27 13.30 89.72
CA GLY M 354 5.75 13.83 90.98
C GLY M 354 6.51 12.87 91.86
N GLN M 355 6.78 11.66 91.37
CA GLN M 355 7.47 10.68 92.21
C GLN M 355 8.96 11.02 92.35
N GLY M 356 9.66 11.13 91.23
CA GLY M 356 11.05 11.55 91.27
C GLY M 356 12.06 10.57 90.68
N ASN M 357 11.64 9.75 89.72
CA ASN M 357 12.58 8.91 88.98
C ASN M 357 13.32 9.78 87.96
N PHE M 358 13.98 9.15 87.00
CA PHE M 358 14.80 9.84 86.02
C PHE M 358 14.24 9.69 84.62
N THR M 359 14.36 10.75 83.83
CA THR M 359 13.81 10.81 82.49
C THR M 359 14.77 11.53 81.56
N SER M 360 14.53 11.36 80.26
CA SER M 360 15.31 12.00 79.22
C SER M 360 14.54 13.16 78.60
N PRO M 361 15.20 14.26 78.25
CA PRO M 361 14.50 15.35 77.56
C PRO M 361 14.52 15.15 76.05
N TYR M 362 13.64 15.88 75.37
CA TYR M 362 13.56 15.83 73.92
C TYR M 362 13.25 17.22 73.37
N ILE M 363 13.35 17.34 72.06
CA ILE M 363 13.27 18.63 71.38
C ILE M 363 11.84 18.87 70.92
N TYR M 364 11.38 20.11 71.05
CA TYR M 364 10.05 20.47 70.57
C TYR M 364 10.07 20.99 69.14
N ASN M 365 11.15 21.63 68.73
CA ASN M 365 11.27 22.18 67.38
C ASN M 365 12.73 22.19 66.97
N ASP M 366 12.97 22.25 65.66
CA ASP M 366 14.30 22.21 65.10
C ASP M 366 14.46 23.41 64.16
N VAL M 367 14.83 24.54 64.73
CA VAL M 367 14.74 25.82 64.03
C VAL M 367 16.04 26.60 64.23
N THR M 368 16.34 27.48 63.28
CA THR M 368 17.50 28.36 63.37
C THR M 368 17.07 29.76 63.80
N ASN M 369 18.06 30.57 64.16
CA ASN M 369 17.81 31.94 64.61
C ASN M 369 17.54 32.90 63.47
N TYR M 370 17.20 32.41 62.30
CA TYR M 370 16.93 33.28 61.16
C TYR M 370 15.58 33.98 61.34
N LEU M 371 15.54 35.28 61.05
CA LEU M 371 14.31 36.03 61.10
C LEU M 371 14.43 37.21 60.14
N ARG M 372 13.28 37.62 59.59
CA ARG M 372 13.27 38.66 58.57
C ARG M 372 14.26 38.33 57.45
N ASP M 373 14.90 39.34 56.87
CA ASP M 373 15.64 39.12 55.64
C ASP M 373 16.84 40.06 55.59
N GLU M 374 17.65 39.89 54.55
CA GLU M 374 18.80 40.76 54.35
C GLU M 374 18.39 42.22 54.34
N LYS M 375 17.17 42.52 53.89
CA LYS M 375 16.64 43.88 53.90
C LYS M 375 15.30 43.92 54.61
N ASN M 376 15.21 43.25 55.76
CA ASN M 376 14.08 43.38 56.65
C ASN M 376 12.76 42.98 56.00
N ARG M 377 12.63 41.71 55.64
CA ARG M 377 11.36 41.15 55.18
C ARG M 377 11.05 39.87 55.94
N PRO M 378 9.95 39.80 56.68
CA PRO M 378 9.61 38.56 57.39
C PRO M 378 9.34 37.43 56.40
N ASN M 379 10.06 36.32 56.56
CA ASN M 379 9.90 35.18 55.67
C ASN M 379 10.43 33.95 56.38
N ALA M 380 10.12 32.78 55.82
CA ALA M 380 10.49 31.50 56.41
C ALA M 380 11.23 30.59 55.45
N THR M 381 12.08 31.13 54.59
CA THR M 381 12.86 30.28 53.70
C THR M 381 13.80 29.37 54.46
N PHE M 382 14.45 29.91 55.50
CA PHE M 382 15.38 29.14 56.32
C PHE M 382 14.93 29.08 57.77
N ARG M 383 13.62 29.03 57.99
CA ARG M 383 13.12 28.89 59.36
C ARG M 383 13.49 27.52 59.93
N ASP M 384 13.30 26.47 59.15
CA ASP M 384 13.52 25.12 59.65
C ASP M 384 14.98 24.72 59.51
N ALA M 385 15.45 23.89 60.43
CA ALA M 385 16.86 23.54 60.45
C ALA M 385 17.28 22.86 59.15
N SER M 386 16.54 21.86 58.71
CA SER M 386 16.97 21.08 57.56
C SER M 386 17.18 21.94 56.33
N SER M 387 16.49 23.07 56.24
CA SER M 387 16.58 23.89 55.04
C SER M 387 18.03 24.24 54.71
N ARG M 388 18.87 24.39 55.72
CA ARG M 388 20.27 24.65 55.44
C ARG M 388 20.96 23.41 54.89
N ARG M 389 20.65 22.24 55.46
CA ARG M 389 21.29 21.03 54.96
C ARG M 389 20.93 20.79 53.51
N LEU M 390 19.67 21.00 53.14
CA LEU M 390 19.28 20.86 51.75
C LEU M 390 19.95 21.91 50.87
N ALA M 391 20.10 23.14 51.38
CA ALA M 391 20.81 24.15 50.60
C ALA M 391 22.23 23.70 50.30
N ALA M 392 22.91 23.14 51.30
CA ALA M 392 24.28 22.69 51.10
C ALA M 392 24.32 21.54 50.11
N ALA M 393 23.41 20.59 50.23
CA ALA M 393 23.37 19.48 49.29
C ALA M 393 23.14 20.00 47.88
N THR M 394 22.23 20.95 47.71
CA THR M 394 21.99 21.53 46.41
C THR M 394 23.25 22.21 45.87
N GLY M 395 23.94 22.96 46.73
CA GLY M 395 25.13 23.64 46.28
C GLY M 395 26.20 22.68 45.80
N VAL M 396 26.46 21.62 46.56
CA VAL M 396 27.47 20.66 46.15
C VAL M 396 27.05 19.97 44.87
N ALA M 397 25.77 19.59 44.77
CA ALA M 397 25.30 18.92 43.57
C ALA M 397 25.50 19.80 42.35
N LEU M 398 25.07 21.05 42.43
CA LEU M 398 25.22 21.96 41.30
C LEU M 398 26.68 22.13 40.95
N ALA M 399 27.54 22.31 41.96
CA ALA M 399 28.96 22.47 41.68
C ALA M 399 29.52 21.27 40.94
N THR M 400 29.13 20.07 41.35
CA THR M 400 29.56 18.89 40.62
C THR M 400 29.06 18.92 39.19
N PHE M 401 27.80 19.30 38.99
CA PHE M 401 27.23 19.31 37.65
C PHE M 401 27.98 20.26 36.75
N LEU M 402 28.19 21.49 37.21
CA LEU M 402 28.81 22.50 36.36
C LEU M 402 30.22 22.11 35.95
N GLN M 403 30.83 21.14 36.63
CA GLN M 403 32.20 20.79 36.33
C GLN M 403 32.38 20.45 34.85
N GLN M 404 31.43 19.71 34.28
CA GLN M 404 31.61 19.22 32.93
C GLN M 404 31.76 20.34 31.91
N PHE M 405 31.37 21.56 32.25
CA PHE M 405 31.50 22.66 31.31
C PHE M 405 32.91 23.21 31.23
N ASN M 406 33.82 22.77 32.10
CA ASN M 406 35.17 23.32 32.09
C ASN M 406 35.85 22.98 30.78
N GLY M 407 36.51 23.98 30.18
CA GLY M 407 37.33 23.76 29.02
C GLY M 407 36.60 23.70 27.70
N LEU M 408 35.30 23.96 27.66
CA LEU M 408 34.56 23.91 26.42
C LEU M 408 34.70 25.24 25.68
N ALA M 409 34.92 25.17 24.38
CA ALA M 409 34.92 26.37 23.56
C ALA M 409 33.61 27.11 23.74
N VAL M 410 33.58 28.37 23.31
CA VAL M 410 32.36 29.16 23.34
C VAL M 410 32.39 30.21 22.25
N PHE M 411 31.24 30.41 21.61
CA PHE M 411 31.08 31.38 20.54
C PHE M 411 29.93 32.31 20.89
N THR M 412 30.14 33.61 20.72
CA THR M 412 29.10 34.58 21.06
C THR M 412 28.81 35.57 19.96
N LYS M 413 29.82 35.98 19.20
CA LYS M 413 29.59 36.93 18.12
C LYS M 413 28.66 36.33 17.07
N ASN M 414 28.90 35.08 16.69
CA ASN M 414 28.13 34.40 15.65
C ASN M 414 27.91 32.97 16.10
N THR M 415 26.69 32.65 16.49
CA THR M 415 26.41 31.47 17.29
C THR M 415 26.46 30.17 16.51
N ASN M 416 26.84 30.19 15.23
CA ASN M 416 26.93 28.97 14.45
C ASN M 416 28.23 28.24 14.81
N ILE M 417 28.10 27.04 15.36
CA ILE M 417 29.24 26.20 15.64
C ILE M 417 29.58 25.42 14.37
N LYS M 418 30.82 25.54 13.92
CA LYS M 418 31.23 24.82 12.72
C LYS M 418 31.20 23.31 12.98
N THR M 419 30.96 22.54 11.92
CA THR M 419 30.79 21.11 12.07
C THR M 419 32.05 20.46 12.65
N GLY M 420 31.86 19.54 13.59
CA GLY M 420 32.94 18.79 14.16
C GLY M 420 33.60 19.41 15.38
N ILE M 421 33.37 20.70 15.63
CA ILE M 421 33.98 21.35 16.77
C ILE M 421 33.26 20.94 18.04
N ILE M 422 33.97 21.03 19.17
CA ILE M 422 33.41 20.74 20.48
C ILE M 422 33.22 22.07 21.20
N GLY M 423 31.98 22.43 21.49
CA GLY M 423 31.73 23.72 22.10
C GLY M 423 30.25 23.93 22.32
N THR M 424 29.90 25.15 22.69
CA THR M 424 28.52 25.50 23.00
C THR M 424 28.38 27.01 22.93
N ASN M 425 27.21 27.51 23.34
CA ASN M 425 26.98 28.94 23.44
C ASN M 425 25.90 29.20 24.47
N LEU M 426 25.66 30.48 24.73
CA LEU M 426 24.92 30.87 25.93
C LEU M 426 23.53 30.25 25.98
N ARG M 427 22.81 30.28 24.86
CA ARG M 427 21.47 29.73 24.86
C ARG M 427 21.48 28.25 25.22
N LEU M 428 22.42 27.50 24.65
CA LEU M 428 22.50 26.08 24.96
C LEU M 428 22.84 25.84 26.42
N MET M 429 23.76 26.65 26.97
CA MET M 429 24.07 26.51 28.38
C MET M 429 22.84 26.73 29.22
N LEU M 430 22.07 27.78 28.91
CA LEU M 430 20.87 28.05 29.68
C LEU M 430 19.89 26.89 29.58
N GLY M 431 19.74 26.34 28.38
CA GLY M 431 18.83 25.22 28.22
C GLY M 431 19.25 24.04 29.07
N LYS M 432 20.53 23.71 29.06
CA LYS M 432 20.97 22.56 29.84
C LYS M 432 20.79 22.80 31.32
N ILE M 433 21.06 24.01 31.80
CA ILE M 433 20.84 24.30 33.21
C ILE M 433 19.37 24.13 33.56
N ARG M 434 18.48 24.65 32.72
CA ARG M 434 17.06 24.47 32.97
C ARG M 434 16.72 22.99 33.05
N LYS M 435 17.22 22.19 32.12
CA LYS M 435 16.89 20.77 32.14
C LYS M 435 17.33 20.14 33.44
N TRP M 436 18.55 20.42 33.88
CA TRP M 436 19.00 19.84 35.14
C TRP M 436 18.13 20.30 36.29
N ALA M 437 17.78 21.57 36.33
CA ALA M 437 16.96 22.07 37.43
C ALA M 437 15.64 21.33 37.50
N SER M 438 15.00 21.11 36.35
CA SER M 438 13.68 20.52 36.36
C SER M 438 13.70 19.11 36.94
N ASP M 439 14.77 18.36 36.66
CA ASP M 439 14.79 16.97 37.11
C ASP M 439 14.69 16.86 38.62
N ASN M 440 15.47 17.65 39.35
CA ASN M 440 15.59 17.48 40.79
C ASN M 440 14.40 18.04 41.56
N VAL M 441 13.46 18.71 40.89
CA VAL M 441 12.29 19.21 41.59
C VAL M 441 11.66 18.09 42.39
N GLY M 442 11.12 18.42 43.55
CA GLY M 442 10.49 17.46 44.42
C GLY M 442 11.44 16.81 45.41
N VAL M 443 12.70 16.67 45.05
CA VAL M 443 13.70 16.10 45.96
C VAL M 443 14.39 17.19 46.76
N LEU M 444 14.80 18.27 46.10
CA LEU M 444 15.48 19.38 46.72
C LEU M 444 14.80 20.72 46.54
N PHE M 445 13.96 20.87 45.52
CA PHE M 445 13.28 22.12 45.25
C PHE M 445 11.78 21.88 45.23
N SER M 446 11.03 22.90 45.60
CA SER M 446 9.64 22.91 45.23
C SER M 446 9.51 23.44 43.81
N GLU M 447 8.49 22.95 43.10
CA GLU M 447 8.31 23.33 41.71
C GLU M 447 8.30 24.85 41.57
N PHE M 448 9.15 25.35 40.67
CA PHE M 448 9.33 26.78 40.51
C PHE M 448 8.02 27.42 40.08
N ASP M 449 7.73 28.60 40.61
CA ASP M 449 6.54 29.31 40.16
C ASP M 449 6.61 29.62 38.68
N ASN M 450 7.71 30.20 38.21
CA ASN M 450 7.86 30.51 36.79
C ASN M 450 9.33 30.27 36.44
N ILE M 451 9.59 29.13 35.81
CA ILE M 451 10.96 28.70 35.55
C ILE M 451 11.68 29.71 34.67
N ASN M 452 10.97 30.40 33.79
CA ASN M 452 11.62 31.33 32.88
C ASN M 452 12.15 32.58 33.56
N GLU M 453 11.98 32.71 34.88
CA GLU M 453 12.46 33.90 35.58
C GLU M 453 13.28 33.53 36.81
N ASP M 454 12.95 32.40 37.44
CA ASP M 454 13.63 32.02 38.66
C ASP M 454 15.09 31.65 38.43
N ILE M 455 15.50 31.44 37.19
CA ILE M 455 16.87 31.11 36.86
C ILE M 455 17.36 32.06 35.78
N GLN M 456 18.40 32.83 36.09
CA GLN M 456 18.97 33.76 35.13
C GLN M 456 20.47 33.57 35.07
N LEU M 457 21.02 33.72 33.86
CA LEU M 457 22.42 33.47 33.61
C LEU M 457 23.09 34.77 33.18
N VAL M 458 24.29 35.00 33.69
CA VAL M 458 25.05 36.21 33.40
C VAL M 458 26.47 35.81 33.06
N SER M 459 27.02 36.47 32.04
CA SER M 459 28.37 36.19 31.58
C SER M 459 29.23 37.43 31.80
N ASP M 460 30.52 37.19 32.04
CA ASP M 460 31.44 38.29 32.27
C ASP M 460 31.47 39.26 31.09
N PHE M 461 31.10 38.80 29.89
CA PHE M 461 31.24 39.60 28.70
C PHE M 461 30.08 40.57 28.50
N ASP M 462 29.10 40.57 29.39
CA ASP M 462 27.93 41.43 29.23
C ASP M 462 28.21 42.89 29.57
N VAL M 463 29.11 43.16 30.54
CA VAL M 463 29.24 44.50 31.11
C VAL M 463 30.59 45.12 30.80
N GLN M 464 31.68 44.40 31.10
CA GLN M 464 33.00 45.00 31.03
C GLN M 464 33.33 45.39 29.58
N PRO M 465 34.23 46.36 29.38
CA PRO M 465 34.44 46.91 28.04
C PRO M 465 35.27 46.03 27.11
N LYS M 466 35.63 46.56 25.95
CA LYS M 466 36.32 45.83 24.90
C LYS M 466 37.52 45.06 25.42
N CYS M 467 37.47 43.73 25.29
CA CYS M 467 38.58 42.84 25.58
C CYS M 467 38.91 42.76 27.06
N VAL M 468 38.28 43.59 27.89
CA VAL M 468 38.54 43.50 29.33
C VAL M 468 37.94 42.22 29.88
N GLY M 469 36.88 41.70 29.25
CA GLY M 469 36.23 40.49 29.71
C GLY M 469 37.23 39.37 29.88
N GLN M 470 37.49 38.99 31.13
CA GLN M 470 38.47 37.95 31.40
C GLN M 470 37.96 36.60 30.91
N PRO M 471 38.86 35.69 30.54
CA PRO M 471 38.43 34.45 29.87
C PRO M 471 37.80 33.46 30.84
N GLY M 472 36.50 33.24 30.69
CA GLY M 472 35.86 32.12 31.36
C GLY M 472 35.22 32.40 32.71
N VAL M 473 34.33 33.38 32.78
CA VAL M 473 33.56 33.65 34.00
C VAL M 473 32.11 33.87 33.62
N PHE M 474 31.21 33.13 34.27
CA PHE M 474 29.78 33.28 34.05
C PHE M 474 29.04 33.22 35.38
N HIS M 475 28.08 34.10 35.54
CA HIS M 475 27.31 34.26 36.77
C HIS M 475 25.96 33.58 36.63
N LEU M 476 25.56 32.83 37.66
CA LEU M 476 24.30 32.11 37.68
C LEU M 476 23.50 32.53 38.91
N ASN M 477 22.24 32.87 38.71
CA ASN M 477 21.32 33.21 39.78
C ASN M 477 20.19 32.19 39.78
N MET M 478 19.91 31.61 40.96
CA MET M 478 18.87 30.60 41.07
C MET M 478 18.10 30.83 42.36
N ARG M 479 16.80 30.66 42.32
CA ARG M 479 15.95 30.89 43.48
C ARG M 479 15.58 29.56 44.11
N TYR M 480 16.21 29.23 45.23
CA TYR M 480 15.89 28.02 45.96
C TYR M 480 14.50 28.13 46.59
N ARG M 481 13.90 26.99 46.89
CA ARG M 481 12.69 26.95 47.68
C ARG M 481 12.57 25.57 48.33
N PRO M 482 12.47 25.48 49.65
CA PRO M 482 12.51 24.18 50.30
C PRO M 482 11.24 23.41 50.04
N PRO M 483 11.31 22.08 49.99
CA PRO M 483 10.08 21.28 49.85
C PRO M 483 9.27 21.34 51.13
N VAL M 484 7.98 21.64 50.98
CA VAL M 484 7.13 21.82 52.15
C VAL M 484 6.87 20.49 52.82
N ARG M 485 6.82 20.50 54.15
CA ARG M 485 6.47 19.33 54.94
C ARG M 485 5.42 19.71 55.98
N GLY M 486 4.53 18.77 56.26
CA GLY M 486 3.46 19.05 57.21
C GLY M 486 4.02 19.47 58.55
N ALA M 487 3.39 20.47 59.18
CA ALA M 487 3.93 21.05 60.39
C ALA M 487 2.95 21.05 61.56
N ARG M 488 1.69 21.39 61.32
CA ARG M 488 0.75 21.52 62.43
C ARG M 488 -0.67 21.31 61.93
N ILE M 489 -1.49 20.70 62.78
CA ILE M 489 -2.87 20.36 62.46
C ILE M 489 -3.76 20.89 63.58
N ASN M 490 -4.88 21.50 63.21
CA ASN M 490 -5.88 21.93 64.16
C ASN M 490 -7.06 20.99 64.09
N VAL M 491 -7.53 20.52 65.24
CA VAL M 491 -8.61 19.55 65.33
C VAL M 491 -9.78 20.20 66.06
N ASN M 492 -10.96 20.10 65.49
CA ASN M 492 -12.19 20.56 66.13
C ASN M 492 -13.12 19.36 66.27
N LEU M 493 -13.29 18.89 67.50
CA LEU M 493 -14.03 17.67 67.77
C LEU M 493 -15.38 18.05 68.35
N VAL M 494 -16.45 17.59 67.72
CA VAL M 494 -17.79 18.09 68.00
C VAL M 494 -18.73 16.95 68.36
N PRO M 495 -18.77 16.52 69.62
CA PRO M 495 -19.66 15.41 69.98
C PRO M 495 -21.12 15.82 69.94
N ALA M 496 -21.97 14.82 69.77
CA ALA M 496 -23.42 15.00 69.80
C ALA M 496 -24.03 13.70 70.28
N LEU M 497 -25.36 13.65 70.28
CA LEU M 497 -26.07 12.49 70.80
C LEU M 497 -26.98 11.90 69.73
N PHE M 498 -27.21 10.59 69.85
CA PHE M 498 -28.07 9.90 68.89
C PHE M 498 -29.46 10.50 68.89
N ASP M 499 -30.05 10.60 67.71
CA ASP M 499 -31.31 11.32 67.57
C ASP M 499 -32.00 10.90 66.28
N ASN M 500 -33.28 11.23 66.20
CA ASN M 500 -34.03 11.14 64.96
C ASN M 500 -34.09 9.71 64.46
N CYS N 3 15.32 36.17 11.22
CA CYS N 3 14.98 36.04 12.66
C CYS N 3 13.65 35.31 12.83
N ASN N 4 12.71 35.92 13.57
CA ASN N 4 11.54 35.21 14.05
C ASN N 4 10.82 34.45 12.93
N LYS N 5 10.61 35.14 11.81
CA LYS N 5 9.82 34.56 10.72
C LYS N 5 10.74 33.89 9.71
N GLN N 6 11.36 32.78 10.15
CA GLN N 6 12.04 31.90 9.22
C GLN N 6 12.19 30.55 9.91
N ASN N 7 12.17 29.48 9.11
CA ASN N 7 12.15 28.12 9.63
C ASN N 7 13.42 27.40 9.22
N GLY N 8 14.11 26.82 10.19
CA GLY N 8 15.33 26.08 9.90
C GLY N 8 16.01 25.69 11.19
N VAL N 9 17.02 24.83 11.04
CA VAL N 9 17.82 24.37 12.17
C VAL N 9 19.13 25.13 12.15
N LYS N 10 19.68 25.39 13.33
CA LYS N 10 20.84 26.25 13.47
C LYS N 10 22.01 25.59 14.18
N ASN N 11 21.75 24.59 15.03
CA ASN N 11 22.80 23.82 15.67
C ASN N 11 22.25 22.47 16.10
N ILE N 12 23.14 21.51 16.24
CA ILE N 12 22.81 20.19 16.77
C ILE N 12 24.01 19.69 17.56
N LEU N 13 23.77 19.20 18.76
CA LEU N 13 24.84 18.73 19.63
C LEU N 13 24.49 17.35 20.16
N ILE N 14 25.52 16.57 20.47
CA ILE N 14 25.35 15.20 20.90
C ILE N 14 26.49 14.85 21.86
N THR N 15 26.18 14.02 22.86
CA THR N 15 27.16 13.69 23.90
C THR N 15 27.02 12.20 24.23
N PHE N 16 27.72 11.37 23.47
CA PHE N 16 27.58 9.93 23.61
C PHE N 16 28.13 9.47 24.95
N THR N 17 27.50 8.43 25.49
CA THR N 17 28.03 7.72 26.63
C THR N 17 27.89 6.23 26.38
N HIS N 18 28.89 5.48 26.77
CA HIS N 18 28.95 4.05 26.53
C HIS N 18 28.47 3.33 27.79
N CYS N 19 27.45 2.50 27.64
CA CYS N 19 26.83 1.88 28.81
C CYS N 19 27.84 1.06 29.60
N ASP N 20 28.67 0.27 28.91
CA ASP N 20 29.54 -0.68 29.58
C ASP N 20 30.82 -0.01 30.10
N THR N 21 31.66 0.50 29.20
CA THR N 21 32.93 1.05 29.62
C THR N 21 32.78 2.34 30.40
N GLY N 22 31.71 3.11 30.14
CA GLY N 22 31.56 4.40 30.79
C GLY N 22 32.33 5.52 30.12
N GLU N 23 32.82 5.33 28.91
CA GLU N 23 33.48 6.42 28.20
C GLU N 23 32.49 7.51 27.86
N VAL N 24 33.00 8.72 27.67
CA VAL N 24 32.19 9.88 27.37
C VAL N 24 32.87 10.68 26.28
N ILE N 25 32.07 11.24 25.36
CA ILE N 25 32.57 12.11 24.31
C ILE N 25 31.78 13.40 24.37
N GLY N 26 32.49 14.52 24.48
CA GLY N 26 31.88 15.79 24.76
C GLY N 26 30.95 16.23 23.66
N PRO N 27 30.20 17.30 23.89
CA PRO N 27 29.22 17.75 22.89
C PRO N 27 29.86 18.03 21.55
N ILE N 28 29.49 17.27 20.53
CA ILE N 28 30.02 17.43 19.19
C ILE N 28 28.91 17.92 18.27
N SER N 29 29.24 18.84 17.38
CA SER N 29 28.26 19.34 16.42
C SER N 29 27.92 18.26 15.41
N HIS N 30 26.92 18.52 14.58
CA HIS N 30 26.54 17.64 13.48
C HIS N 30 25.79 18.44 12.44
N GLU N 31 25.72 17.89 11.21
CA GLU N 31 24.99 18.54 10.13
C GLU N 31 24.06 17.54 9.47
N GLN N 32 23.06 18.04 8.83
CA GLN N 32 21.99 17.19 8.34
C GLN N 32 22.32 16.63 6.96
N PRO N 33 21.80 15.44 6.63
CA PRO N 33 22.07 14.88 5.30
C PRO N 33 21.19 15.43 4.20
N ASP N 34 19.97 15.85 4.51
CA ASP N 34 19.07 16.37 3.49
C ASP N 34 18.20 17.44 4.14
N ASP N 35 17.07 17.77 3.50
CA ASP N 35 16.27 18.90 3.94
C ASP N 35 15.32 18.57 5.08
N THR N 36 15.14 17.30 5.42
CA THR N 36 14.14 16.92 6.42
C THR N 36 14.60 17.42 7.79
N LEU N 37 13.70 18.11 8.49
CA LEU N 37 14.01 18.59 9.82
C LEU N 37 13.69 17.52 10.86
N PRO N 38 14.19 17.66 12.07
CA PRO N 38 13.80 16.74 13.13
C PRO N 38 12.34 16.95 13.52
N THR N 39 11.82 16.03 14.32
CA THR N 39 10.46 16.13 14.82
C THR N 39 10.47 15.81 16.31
N TYR N 40 9.41 16.19 17.00
CA TYR N 40 9.38 16.05 18.45
C TYR N 40 8.01 15.54 18.87
N LYS N 41 7.93 15.11 20.11
CA LYS N 41 6.65 14.83 20.75
C LYS N 41 6.89 14.89 22.26
N THR N 42 6.53 16.00 22.88
CA THR N 42 6.98 16.27 24.24
C THR N 42 6.01 15.84 25.32
N CYS N 43 4.71 15.92 25.09
CA CYS N 43 3.77 15.62 26.16
C CYS N 43 3.86 14.14 26.51
N ALA N 44 3.99 13.84 27.79
CA ALA N 44 4.18 12.47 28.24
C ALA N 44 2.89 11.79 28.62
N TRP N 45 1.88 11.79 27.76
CA TRP N 45 0.64 11.09 28.02
C TRP N 45 -0.02 10.77 26.69
N THR N 46 -0.98 9.85 26.72
CA THR N 46 -1.69 9.43 25.51
C THR N 46 -3.17 9.31 25.80
N ASN N 47 -4.00 9.74 24.85
CA ASN N 47 -5.44 9.75 25.00
C ASN N 47 -6.07 8.85 23.95
N THR N 48 -6.93 7.93 24.39
CA THR N 48 -7.66 7.05 23.51
C THR N 48 -9.09 7.54 23.37
N ALA N 49 -9.81 7.01 22.39
CA ALA N 49 -11.09 7.59 21.99
C ALA N 49 -12.21 7.39 23.00
N LEU N 50 -12.52 6.16 23.39
CA LEU N 50 -13.75 5.89 24.12
C LEU N 50 -14.94 6.56 23.44
N THR N 51 -15.93 7.02 24.20
CA THR N 51 -17.18 7.51 23.61
C THR N 51 -17.72 8.68 24.42
N ASN N 52 -18.56 9.48 23.78
CA ASN N 52 -19.17 10.64 24.42
C ASN N 52 -18.13 11.60 24.98
N GLY N 53 -17.01 11.73 24.28
CA GLY N 53 -16.00 12.69 24.69
C GLY N 53 -15.10 12.24 25.80
N ALA N 54 -15.35 11.10 26.43
CA ALA N 54 -14.41 10.59 27.40
C ALA N 54 -13.13 10.16 26.71
N VAL N 55 -12.07 9.95 27.49
CA VAL N 55 -10.81 9.44 26.97
C VAL N 55 -10.09 8.71 28.08
N MET N 56 -9.25 7.75 27.69
CA MET N 56 -8.41 7.02 28.64
C MET N 56 -7.00 7.57 28.55
N ARG N 57 -6.47 8.00 29.70
CA ARG N 57 -5.20 8.70 29.76
C ARG N 57 -4.15 7.77 30.34
N SER N 58 -2.99 7.68 29.67
CA SER N 58 -2.00 6.67 30.01
C SER N 58 -0.59 7.23 29.89
N ALA N 59 0.39 6.38 30.17
CA ALA N 59 1.74 6.86 30.50
C ALA N 59 2.50 7.35 29.27
N SER N 60 2.83 6.46 28.35
CA SER N 60 3.57 6.84 27.15
C SER N 60 4.94 7.43 27.48
N ASN N 61 5.62 7.99 26.47
CA ASN N 61 6.98 8.49 26.61
C ASN N 61 7.10 9.83 25.89
N ALA N 62 8.31 10.38 25.93
CA ALA N 62 8.67 11.50 25.08
C ALA N 62 9.69 11.04 24.06
N THR N 63 9.54 11.50 22.82
CA THR N 63 10.30 10.94 21.72
C THR N 63 10.94 12.06 20.91
N MET N 64 11.84 11.65 20.01
CA MET N 64 12.57 12.56 19.15
C MET N 64 13.01 11.79 17.91
N THR N 65 13.00 12.45 16.77
CA THR N 65 13.51 11.86 15.53
C THR N 65 14.55 12.81 14.95
N LEU N 66 15.72 12.29 14.63
CA LEU N 66 16.91 13.12 14.44
C LEU N 66 17.81 12.55 13.36
N PRO N 67 17.67 13.01 12.12
CA PRO N 67 18.58 12.59 11.05
C PRO N 67 19.83 13.44 11.01
N VAL N 68 21.00 12.81 11.10
CA VAL N 68 22.27 13.50 11.18
C VAL N 68 23.32 12.75 10.38
N VAL N 69 24.30 13.50 9.87
CA VAL N 69 25.40 12.90 9.13
C VAL N 69 26.45 12.42 10.11
N ARG N 70 26.94 11.21 9.90
CA ARG N 70 27.84 10.60 10.87
C ARG N 70 29.11 11.42 11.03
N ASP N 71 29.68 11.38 12.22
CA ASP N 71 30.97 12.01 12.48
C ASP N 71 32.09 11.03 12.21
N PRO N 72 33.04 11.31 11.32
CA PRO N 72 33.97 10.26 10.88
C PRO N 72 34.82 9.68 11.98
N ARG N 73 34.75 10.18 13.21
CA ARG N 73 35.64 9.70 14.25
C ARG N 73 34.95 8.77 15.26
N VAL N 74 33.65 8.62 15.21
CA VAL N 74 32.90 7.86 16.20
C VAL N 74 32.45 6.55 15.55
N PRO N 75 32.56 5.41 16.24
CA PRO N 75 32.14 4.15 15.64
C PRO N 75 30.67 4.22 15.25
N LEU N 76 30.33 3.61 14.12
CA LEU N 76 28.94 3.62 13.68
C LEU N 76 28.05 3.00 14.74
N ALA N 77 28.53 1.99 15.45
CA ALA N 77 27.67 1.30 16.40
C ALA N 77 27.11 2.24 17.44
N TRP N 78 27.86 3.29 17.80
CA TRP N 78 27.39 4.19 18.84
C TRP N 78 26.18 4.99 18.41
N TYR N 79 25.94 5.15 17.12
CA TYR N 79 24.71 5.76 16.64
C TYR N 79 23.54 4.80 16.62
N GLN N 80 23.69 3.63 17.21
CA GLN N 80 22.62 2.65 17.30
C GLN N 80 22.59 2.18 18.75
N GLY N 81 21.84 1.13 19.04
CA GLY N 81 21.50 0.85 20.41
C GLY N 81 22.64 0.48 21.34
N CYS N 82 23.88 0.83 21.00
CA CYS N 82 25.03 0.48 21.83
C CYS N 82 25.48 1.63 22.72
N ALA N 83 24.83 2.79 22.66
CA ALA N 83 25.31 3.96 23.39
C ALA N 83 24.14 4.77 23.90
N GLN N 84 24.39 5.55 24.94
CA GLN N 84 23.39 6.41 25.54
C GLN N 84 23.61 7.85 25.09
N ILE N 85 22.53 8.54 24.76
CA ILE N 85 22.61 9.76 23.96
C ILE N 85 22.03 10.94 24.72
N ASP N 86 22.69 12.08 24.60
CA ASP N 86 22.20 13.38 25.02
C ASP N 86 22.28 14.33 23.84
N ALA N 87 21.18 15.01 23.53
CA ALA N 87 21.12 15.78 22.30
C ALA N 87 20.43 17.11 22.54
N GLN N 88 20.67 18.06 21.64
CA GLN N 88 20.06 19.37 21.69
C GLN N 88 19.86 19.88 20.28
N VAL N 89 18.93 20.83 20.15
CA VAL N 89 18.66 21.47 18.87
C VAL N 89 18.36 22.93 19.13
N GLU N 90 18.82 23.80 18.24
CA GLU N 90 18.56 25.23 18.31
C GLU N 90 18.04 25.71 16.97
N LYS N 91 16.81 26.20 16.95
CA LYS N 91 16.21 26.70 15.73
C LYS N 91 16.58 28.17 15.55
N PHE N 92 16.30 28.68 14.35
CA PHE N 92 16.64 30.07 14.08
C PHE N 92 15.88 31.03 14.97
N ASP N 93 14.58 30.79 15.17
CA ASP N 93 13.78 31.76 15.90
C ASP N 93 14.22 31.88 17.36
N GLY N 94 15.03 30.96 17.86
CA GLY N 94 15.52 31.02 19.21
C GLY N 94 15.17 29.82 20.06
N THR N 95 14.21 29.01 19.63
CA THR N 95 13.83 27.83 20.40
C THR N 95 15.02 26.91 20.62
N VAL N 96 15.00 26.22 21.75
CA VAL N 96 16.01 25.21 22.05
C VAL N 96 15.32 24.00 22.65
N MET N 97 15.62 22.82 22.12
CA MET N 97 15.03 21.57 22.60
C MET N 97 16.15 20.72 23.18
N THR N 98 16.00 20.33 24.45
CA THR N 98 17.03 19.56 25.14
C THR N 98 16.49 18.20 25.54
N LEU N 99 17.33 17.19 25.39
CA LEU N 99 16.99 15.81 25.75
C LEU N 99 18.17 15.18 26.44
N THR N 100 17.91 14.24 27.34
CA THR N 100 18.98 13.61 28.09
C THR N 100 18.67 12.16 28.38
N GLU N 101 19.72 11.39 28.64
CA GLU N 101 19.65 9.95 28.83
C GLU N 101 18.68 9.29 27.86
N GLY N 102 18.68 9.73 26.60
CA GLY N 102 17.89 9.06 25.59
C GLY N 102 18.40 7.66 25.32
N ALA N 103 17.52 6.82 24.79
CA ALA N 103 17.87 5.48 24.37
C ALA N 103 17.38 5.25 22.95
N VAL N 104 18.28 4.80 22.09
CA VAL N 104 17.94 4.56 20.69
C VAL N 104 17.17 3.25 20.60
N THR N 105 16.10 3.25 19.81
CA THR N 105 15.18 2.11 19.79
C THR N 105 14.94 1.64 18.37
N GLU N 106 14.89 0.32 18.21
CA GLU N 106 14.67 -0.37 16.94
C GLU N 106 15.43 0.33 15.80
N PRO N 107 16.76 0.28 15.82
CA PRO N 107 17.54 0.98 14.80
C PRO N 107 17.30 0.37 13.42
N GLU N 108 17.36 1.22 12.40
CA GLU N 108 17.24 0.76 11.04
C GLU N 108 18.60 0.79 10.35
N GLU N 109 18.78 -0.07 9.36
CA GLU N 109 20.08 -0.17 8.70
C GLU N 109 20.50 1.18 8.14
N SER N 110 21.81 1.39 8.10
CA SER N 110 22.39 2.63 7.62
C SER N 110 23.49 2.34 6.62
N ASP N 111 23.79 3.32 5.80
CA ASP N 111 24.80 3.14 4.76
C ASP N 111 26.15 3.70 5.13
N GLY N 112 26.33 4.15 6.37
CA GLY N 112 27.62 4.59 6.82
C GLY N 112 27.84 6.09 6.84
N ARG N 113 27.00 6.87 6.18
CA ARG N 113 27.16 8.31 6.19
C ARG N 113 25.91 9.05 6.64
N ALA N 114 24.72 8.58 6.27
CA ALA N 114 23.47 9.15 6.75
C ALA N 114 22.87 8.21 7.77
N VAL N 115 22.40 8.76 8.88
CA VAL N 115 21.84 7.96 9.97
C VAL N 115 20.59 8.62 10.49
N THR N 116 19.58 7.82 10.79
CA THR N 116 18.36 8.29 11.43
C THR N 116 18.21 7.60 12.77
N MET N 117 17.97 8.37 13.82
CA MET N 117 17.85 7.87 15.17
C MET N 117 16.42 8.10 15.67
N THR N 118 15.88 7.12 16.36
CA THR N 118 14.59 7.26 17.04
C THR N 118 14.86 7.19 18.54
N ILE N 119 14.82 8.34 19.21
CA ILE N 119 15.20 8.44 20.61
C ILE N 119 13.94 8.58 21.44
N ILE N 120 13.92 7.91 22.59
CA ILE N 120 12.86 8.05 23.57
C ILE N 120 13.49 8.35 24.92
N ALA N 121 12.82 9.20 25.69
CA ALA N 121 13.35 9.63 26.97
C ALA N 121 12.21 9.95 27.91
N ALA N 122 12.51 10.00 29.20
CA ALA N 122 11.48 10.24 30.19
C ALA N 122 10.86 11.62 30.02
N GLU N 123 11.62 12.60 29.56
CA GLU N 123 11.10 13.95 29.46
C GLU N 123 11.97 14.78 28.54
N ILE N 124 11.33 15.72 27.84
CA ILE N 124 11.99 16.65 26.95
C ILE N 124 11.57 18.05 27.32
N ASP N 125 12.53 18.97 27.41
CA ASP N 125 12.27 20.33 27.86
C ASP N 125 12.42 21.31 26.72
N GLU N 126 11.49 22.25 26.63
CA GLU N 126 11.45 23.25 25.57
C GLU N 126 11.72 24.62 26.17
N LEU N 127 12.62 25.37 25.55
CA LEU N 127 12.90 26.74 25.93
C LEU N 127 12.40 27.66 24.83
N LEU N 128 11.40 28.48 25.14
CA LEU N 128 10.82 29.38 24.16
C LEU N 128 11.64 30.65 24.07
N PRO N 129 11.43 31.45 23.04
CA PRO N 129 12.06 32.76 22.98
C PRO N 129 11.52 33.66 24.07
N PRO N 130 12.03 34.88 24.18
CA PRO N 130 11.55 35.77 25.24
C PRO N 130 10.05 36.07 25.09
N GLY N 131 9.40 36.25 26.23
CA GLY N 131 8.02 36.69 26.24
C GLY N 131 6.97 35.60 26.36
N SER N 132 7.36 34.39 26.73
CA SER N 132 6.41 33.29 26.78
C SER N 132 5.25 33.61 27.71
N LEU N 133 4.10 33.01 27.44
CA LEU N 133 2.89 33.23 28.22
C LEU N 133 2.60 32.14 29.24
N ALA N 134 3.50 31.17 29.42
CA ALA N 134 3.25 30.13 30.39
C ALA N 134 4.56 29.50 30.83
N ALA N 135 4.53 28.90 32.01
CA ALA N 135 5.72 28.27 32.58
C ALA N 135 6.22 27.16 31.67
N MET O 1 38.42 -71.76 8.65
CA MET O 1 37.01 -72.07 9.03
C MET O 1 36.71 -71.55 10.44
N ALA O 2 37.52 -71.95 11.42
CA ALA O 2 37.39 -71.45 12.78
C ALA O 2 35.94 -71.49 13.25
N GLN O 3 35.60 -70.67 14.25
CA GLN O 3 34.21 -70.54 14.65
C GLN O 3 33.43 -69.80 13.58
N ASP O 4 32.21 -70.26 13.31
CA ASP O 4 31.51 -69.84 12.11
C ASP O 4 31.46 -68.33 12.00
N ALA O 5 31.09 -67.65 13.09
CA ALA O 5 30.83 -66.22 13.00
C ALA O 5 32.01 -65.46 12.41
N LEU O 6 33.22 -65.98 12.57
CA LEU O 6 34.40 -65.35 12.00
C LEU O 6 34.87 -66.01 10.71
N SER O 7 34.13 -66.98 10.19
CA SER O 7 34.61 -67.75 9.06
C SER O 7 34.77 -66.89 7.80
N ASP O 8 33.76 -66.10 7.45
CA ASP O 8 33.76 -65.43 6.17
C ASP O 8 34.86 -64.38 6.04
N GLY O 9 35.44 -63.93 7.13
CA GLY O 9 36.50 -62.95 7.04
C GLY O 9 36.03 -61.54 6.84
N PHE O 10 34.72 -61.28 6.96
CA PHE O 10 34.24 -59.91 6.95
C PHE O 10 34.81 -59.14 8.15
N VAL O 11 34.82 -59.77 9.31
CA VAL O 11 35.35 -59.18 10.53
C VAL O 11 36.59 -59.95 10.93
N ARG O 12 37.75 -59.33 10.82
CA ARG O 12 39.00 -59.95 11.26
C ARG O 12 39.37 -59.31 12.59
N LEU O 13 39.48 -60.13 13.62
CA LEU O 13 39.45 -59.68 15.01
C LEU O 13 40.83 -59.86 15.64
N CYS O 14 41.18 -58.95 16.53
CA CYS O 14 42.40 -59.04 17.31
C CYS O 14 42.07 -58.84 18.78
N ILE O 15 42.69 -59.65 19.64
CA ILE O 15 42.55 -59.53 21.08
C ILE O 15 43.91 -59.19 21.64
N ASP O 16 44.01 -58.06 22.32
CA ASP O 16 45.30 -57.59 22.80
C ASP O 16 45.09 -56.70 24.02
N PRO O 17 45.64 -57.06 25.19
CA PRO O 17 45.49 -56.21 26.37
C PRO O 17 46.53 -55.11 26.51
N SER O 18 47.39 -54.90 25.52
CA SER O 18 48.51 -53.98 25.65
C SER O 18 48.57 -52.90 24.57
N LEU O 19 47.52 -52.73 23.77
CA LEU O 19 47.53 -51.70 22.74
C LEU O 19 47.35 -50.33 23.36
N ASN O 20 47.14 -49.33 22.50
CA ASN O 20 46.85 -47.97 22.95
C ASN O 20 46.08 -47.23 21.86
N PHE O 21 45.13 -46.40 22.28
CA PHE O 21 44.31 -45.64 21.35
C PHE O 21 44.81 -44.21 21.16
N PHE O 22 45.59 -43.68 22.09
CA PHE O 22 45.93 -42.27 22.09
C PHE O 22 46.68 -41.89 20.83
N GLY O 23 46.44 -40.67 20.36
CA GLY O 23 47.26 -40.08 19.34
C GLY O 23 48.59 -39.65 19.92
N GLU O 24 49.42 -39.05 19.06
CA GLU O 24 50.74 -38.63 19.49
C GLU O 24 50.66 -37.47 20.46
N GLY O 25 50.80 -37.75 21.75
CA GLY O 25 50.74 -36.70 22.75
C GLY O 25 51.89 -35.73 22.65
N CYS O 26 52.07 -34.95 23.71
CA CYS O 26 53.17 -34.01 23.77
C CYS O 26 54.48 -34.72 24.05
N LYS O 27 55.57 -34.07 23.66
CA LYS O 27 56.91 -34.63 23.79
C LYS O 27 57.64 -34.00 24.97
N ILE O 28 58.36 -34.81 25.73
CA ILE O 28 59.11 -34.37 26.90
C ILE O 28 60.53 -34.89 26.80
N LEU O 29 61.49 -34.07 27.17
CA LEU O 29 62.91 -34.40 27.05
C LEU O 29 63.54 -34.49 28.43
N VAL O 30 64.38 -35.51 28.63
CA VAL O 30 65.03 -35.79 29.90
C VAL O 30 66.52 -35.97 29.64
N GLU O 31 67.35 -35.39 30.49
CA GLU O 31 68.79 -35.42 30.34
C GLU O 31 69.46 -35.70 31.68
N GLY O 32 70.58 -36.40 31.64
CA GLY O 32 71.28 -36.74 32.87
C GLY O 32 72.51 -37.58 32.59
N GLN O 33 73.10 -38.07 33.68
CA GLN O 33 74.27 -38.92 33.59
C GLN O 33 73.87 -40.34 33.16
N ILE O 34 74.87 -41.19 32.95
CA ILE O 34 74.65 -42.61 32.76
C ILE O 34 75.83 -43.38 33.36
N THR O 35 75.61 -44.67 33.57
CA THR O 35 76.66 -45.56 34.04
C THR O 35 77.18 -46.41 32.88
N ASP O 36 78.27 -47.12 33.15
CA ASP O 36 79.06 -47.71 32.08
C ASP O 36 78.33 -48.77 31.27
N ASP O 37 77.53 -49.63 31.91
CA ASP O 37 76.86 -50.69 31.18
C ASP O 37 75.78 -50.17 30.24
N ALA O 38 75.47 -48.87 30.29
CA ALA O 38 74.40 -48.31 29.48
C ALA O 38 74.67 -48.53 28.00
N THR O 39 73.89 -49.41 27.38
CA THR O 39 74.06 -49.71 25.97
C THR O 39 73.68 -48.54 25.08
N ALA O 40 72.96 -47.55 25.60
CA ALA O 40 72.51 -46.44 24.78
C ALA O 40 73.69 -45.66 24.23
N ALA O 41 73.53 -45.15 23.02
CA ALA O 41 74.60 -44.38 22.40
C ALA O 41 74.78 -43.06 23.13
N GLU O 42 76.02 -42.77 23.51
CA GLU O 42 76.31 -41.56 24.26
C GLU O 42 75.93 -40.32 23.46
N ASN O 43 75.38 -39.32 24.15
CA ASN O 43 75.10 -38.02 23.55
C ASN O 43 74.23 -38.12 22.31
N VAL O 44 73.26 -39.03 22.32
CA VAL O 44 72.37 -39.27 21.20
C VAL O 44 70.94 -39.23 21.70
N VAL O 45 70.09 -38.46 21.02
CA VAL O 45 68.67 -38.38 21.38
C VAL O 45 67.99 -39.70 21.07
N THR O 46 67.21 -40.21 22.02
CA THR O 46 66.61 -41.53 21.92
C THR O 46 65.17 -41.50 22.34
N CYS O 47 64.40 -42.47 21.84
CA CYS O 47 63.04 -42.67 22.29
C CYS O 47 62.99 -43.70 23.41
N VAL O 48 61.91 -43.65 24.19
CA VAL O 48 61.69 -44.61 25.26
C VAL O 48 60.24 -45.07 25.19
N ASN O 49 59.98 -46.28 25.68
CA ASN O 49 58.65 -46.83 25.59
C ASN O 49 58.18 -47.63 26.80
N SER O 50 59.06 -48.02 27.72
CA SER O 50 58.63 -48.81 28.88
C SER O 50 59.62 -48.61 30.02
N GLU O 51 59.24 -49.13 31.18
CA GLU O 51 60.05 -48.92 32.39
C GLU O 51 61.27 -49.83 32.45
N LEU O 52 61.19 -51.04 31.90
CA LEU O 52 62.26 -52.02 32.05
C LEU O 52 63.35 -51.89 31.00
N ASP O 53 63.15 -51.03 29.99
CA ASP O 53 64.22 -50.78 29.04
C ASP O 53 65.43 -50.16 29.73
N LEU O 54 65.22 -49.61 30.92
CA LEU O 54 66.29 -49.04 31.71
C LEU O 54 67.32 -50.12 32.06
N VAL O 55 68.38 -49.70 32.73
CA VAL O 55 69.48 -50.59 33.09
C VAL O 55 70.18 -51.01 31.80
N GLU O 56 69.49 -51.79 30.97
CA GLU O 56 70.08 -52.20 29.70
C GLU O 56 70.52 -50.98 28.91
N ARG O 57 69.65 -49.98 28.82
CA ARG O 57 69.93 -48.83 27.98
C ARG O 57 70.62 -47.71 28.75
N PHE O 58 70.39 -47.62 30.07
CA PHE O 58 70.86 -46.50 30.85
C PHE O 58 71.54 -46.91 32.16
N GLY O 59 71.54 -48.19 32.49
CA GLY O 59 72.40 -48.67 33.55
C GLY O 59 71.89 -48.47 34.96
N GLN O 60 72.10 -49.49 35.79
CA GLN O 60 71.59 -49.49 37.15
C GLN O 60 72.15 -48.31 37.94
N GLY O 61 71.28 -47.63 38.68
CA GLY O 61 71.69 -46.62 39.63
C GLY O 61 72.07 -45.28 39.04
N SER O 62 72.10 -45.16 37.73
CA SER O 62 72.42 -43.88 37.11
C SER O 62 71.26 -42.91 37.25
N VAL O 63 71.57 -41.62 37.20
CA VAL O 63 70.55 -40.60 37.43
C VAL O 63 69.43 -40.72 36.41
N LEU O 64 69.80 -40.88 35.14
CA LEU O 64 68.81 -40.92 34.07
C LEU O 64 67.77 -42.01 34.33
N THR O 65 68.20 -43.12 34.93
CA THR O 65 67.27 -44.20 35.22
C THR O 65 66.18 -43.75 36.19
N GLU O 66 66.57 -43.11 37.28
CA GLU O 66 65.58 -42.62 38.24
C GLU O 66 64.67 -41.59 37.59
N SER O 67 65.26 -40.70 36.79
CA SER O 67 64.46 -39.68 36.13
C SER O 67 63.37 -40.32 35.27
N LEU O 68 63.73 -41.34 34.50
CA LEU O 68 62.72 -42.00 33.67
C LEU O 68 61.71 -42.77 34.52
N ARG O 69 62.17 -43.40 35.60
CA ARG O 69 61.27 -44.14 36.46
C ARG O 69 60.15 -43.23 36.97
N LYS O 70 60.53 -42.10 37.55
CA LYS O 70 59.52 -41.21 38.11
C LYS O 70 58.55 -40.74 37.03
N VAL O 71 59.07 -40.38 35.86
CA VAL O 71 58.19 -39.88 34.79
C VAL O 71 57.17 -40.94 34.43
N PHE O 72 57.63 -42.17 34.17
CA PHE O 72 56.67 -43.22 33.82
C PHE O 72 55.68 -43.47 34.94
N CYS O 73 56.09 -43.27 36.19
CA CYS O 73 55.19 -43.53 37.29
C CYS O 73 54.13 -42.43 37.40
N MET O 74 54.50 -41.18 37.05
CA MET O 74 53.56 -40.08 37.14
C MET O 74 52.49 -40.09 36.06
N CYS O 75 52.86 -40.35 34.81
CA CYS O 75 51.98 -40.10 33.67
C CYS O 75 51.58 -41.43 33.03
N LYS O 76 50.32 -41.81 33.21
CA LYS O 76 49.85 -43.08 32.66
C LYS O 76 49.78 -43.05 31.14
N SER O 77 49.67 -41.88 30.52
CA SER O 77 49.57 -41.80 29.08
C SER O 77 49.59 -40.34 28.66
N GLY O 78 49.55 -40.13 27.35
CA GLY O 78 49.45 -38.80 26.80
C GLY O 78 50.77 -38.07 26.61
N VAL O 79 51.88 -38.69 27.00
CA VAL O 79 53.19 -38.05 26.90
C VAL O 79 54.15 -39.01 26.22
N SER O 80 54.85 -38.53 25.19
CA SER O 80 55.87 -39.29 24.50
C SER O 80 57.22 -38.94 25.11
N VAL O 81 58.01 -39.95 25.42
CA VAL O 81 59.20 -39.80 26.25
C VAL O 81 60.43 -39.82 25.37
N TYR O 82 61.30 -38.83 25.55
CA TYR O 82 62.60 -38.80 24.91
C TYR O 82 63.67 -38.52 25.94
N ALA O 83 64.87 -39.03 25.68
CA ALA O 83 65.99 -38.91 26.60
C ALA O 83 67.26 -38.54 25.85
N LEU O 84 68.16 -37.88 26.56
CA LEU O 84 69.49 -37.52 26.06
C LEU O 84 70.53 -37.92 27.09
N PRO O 85 71.11 -39.11 27.02
CA PRO O 85 72.09 -39.51 28.03
C PRO O 85 73.37 -38.70 27.91
N ARG O 86 74.04 -38.52 29.05
CA ARG O 86 75.32 -37.85 29.11
C ARG O 86 76.30 -38.67 29.94
N ALA O 87 77.55 -38.69 29.51
CA ALA O 87 78.59 -39.43 30.21
C ALA O 87 79.28 -38.54 31.24
N ASP O 88 79.43 -39.07 32.44
CA ASP O 88 80.07 -38.32 33.51
C ASP O 88 81.53 -38.05 33.18
N ALA O 89 82.04 -36.93 33.69
CA ALA O 89 83.42 -36.56 33.46
C ALA O 89 84.36 -37.53 34.15
N ALA O 90 85.44 -37.89 33.46
CA ALA O 90 86.40 -38.82 34.05
C ALA O 90 87.05 -38.25 35.29
N ALA O 91 87.36 -36.96 35.28
CA ALA O 91 87.95 -36.30 36.44
C ALA O 91 86.99 -36.19 37.62
N ALA O 92 85.71 -36.49 37.41
CA ALA O 92 84.74 -36.39 38.49
C ALA O 92 85.13 -37.29 39.65
N VAL O 93 84.96 -36.80 40.87
CA VAL O 93 85.30 -37.57 42.07
C VAL O 93 84.03 -38.22 42.59
N SER O 94 84.06 -39.55 42.67
CA SER O 94 82.94 -40.27 43.27
C SER O 94 82.76 -39.80 44.70
N ALA O 95 81.52 -39.56 45.11
CA ALA O 95 81.27 -39.17 46.48
C ALA O 95 81.31 -40.38 47.40
N VAL O 96 81.59 -40.12 48.67
CA VAL O 96 81.65 -41.18 49.68
C VAL O 96 80.93 -40.69 50.94
N TYR O 97 80.07 -41.56 51.48
CA TYR O 97 79.38 -41.28 52.74
C TYR O 97 79.65 -42.41 53.72
N THR O 98 79.80 -42.05 54.98
CA THR O 98 80.16 -43.00 56.03
C THR O 98 78.96 -43.24 56.93
N LEU O 99 78.63 -44.51 57.12
CA LEU O 99 77.59 -44.93 58.06
C LEU O 99 78.21 -45.91 59.05
N THR O 100 77.89 -45.75 60.32
CA THR O 100 78.51 -46.53 61.38
C THR O 100 77.45 -47.04 62.34
N VAL O 101 77.51 -48.33 62.67
CA VAL O 101 76.70 -48.87 63.75
C VAL O 101 77.51 -48.84 65.04
N THR O 102 76.96 -48.22 66.07
CA THR O 102 77.68 -48.05 67.33
C THR O 102 76.85 -48.63 68.47
N GLY O 103 77.55 -49.03 69.52
CA GLY O 103 76.89 -49.64 70.65
C GLY O 103 76.61 -51.12 70.43
N THR O 104 75.89 -51.70 71.39
CA THR O 104 75.53 -53.10 71.34
C THR O 104 74.19 -53.33 72.03
N ALA O 105 73.27 -53.97 71.33
CA ALA O 105 71.92 -54.12 71.83
C ALA O 105 71.91 -54.95 73.11
N LEU O 106 70.91 -54.67 73.95
CA LEU O 106 70.58 -55.54 75.07
C LEU O 106 69.12 -55.99 75.01
N THR O 107 68.38 -55.58 73.98
CA THR O 107 67.02 -56.03 73.76
C THR O 107 66.83 -56.30 72.27
N ASP O 108 65.73 -56.95 71.93
CA ASP O 108 65.29 -56.99 70.55
C ASP O 108 64.65 -55.66 70.19
N GLY O 109 64.59 -55.37 68.89
CA GLY O 109 63.92 -54.17 68.44
C GLY O 109 64.10 -53.98 66.95
N ARG O 110 63.25 -53.11 66.41
CA ARG O 110 63.20 -52.86 64.97
C ARG O 110 63.85 -51.52 64.65
N VAL O 111 64.70 -51.52 63.63
CA VAL O 111 65.35 -50.31 63.14
C VAL O 111 65.03 -50.18 61.65
N GLN O 112 64.49 -49.04 61.27
CA GLN O 112 64.16 -48.74 59.88
C GLN O 112 64.68 -47.37 59.54
N LEU O 113 65.27 -47.24 58.35
CA LEU O 113 66.00 -46.04 57.97
C LEU O 113 65.40 -45.43 56.72
N TYR O 114 65.49 -44.12 56.63
CA TYR O 114 65.06 -43.37 55.46
C TYR O 114 66.26 -42.66 54.87
N MET O 115 66.44 -42.80 53.55
CA MET O 115 67.59 -42.26 52.86
C MET O 115 67.15 -41.44 51.64
N GLY O 116 66.18 -40.56 51.82
CA GLY O 116 65.74 -39.69 50.74
C GLY O 116 64.69 -40.26 49.82
N GLU O 117 64.13 -41.43 50.13
CA GLU O 117 63.07 -41.99 49.30
C GLU O 117 62.47 -43.22 49.98
N ALA O 118 61.20 -43.47 49.67
CA ALA O 118 60.54 -44.67 50.18
C ALA O 118 61.19 -45.94 49.65
N GLU O 119 61.34 -46.05 48.32
CA GLU O 119 61.81 -47.30 47.74
C GLU O 119 63.18 -47.72 48.28
N TYR O 120 63.97 -46.77 48.77
CA TYR O 120 65.26 -47.06 49.37
C TYR O 120 65.19 -47.01 50.88
N SER O 121 64.01 -46.73 51.44
CA SER O 121 63.78 -46.93 52.85
C SER O 121 63.69 -48.42 53.15
N LEU O 122 64.09 -48.80 54.36
CA LEU O 122 64.16 -50.20 54.73
C LEU O 122 63.79 -50.35 56.19
N ASP O 123 63.25 -51.52 56.53
CA ASP O 123 62.88 -51.86 57.89
C ASP O 123 63.54 -53.17 58.28
N ILE O 124 64.27 -53.15 59.39
CA ILE O 124 65.07 -54.30 59.82
C ILE O 124 65.18 -54.26 61.34
N GLY O 125 65.73 -55.34 61.89
CA GLY O 125 65.94 -55.43 63.32
C GLY O 125 66.43 -56.80 63.69
N VAL O 126 66.59 -57.02 65.00
CA VAL O 126 67.02 -58.30 65.53
C VAL O 126 65.97 -58.79 66.49
N ASP O 127 66.11 -60.06 66.90
CA ASP O 127 65.15 -60.70 67.79
C ASP O 127 65.85 -61.39 68.97
N GLU O 128 67.00 -60.87 69.39
CA GLU O 128 67.71 -61.42 70.54
C GLU O 128 68.44 -60.29 71.27
N GLY O 129 68.68 -60.52 72.54
CA GLY O 129 69.39 -59.54 73.34
C GLY O 129 70.89 -59.65 73.16
N ASP O 130 71.58 -58.65 73.72
CA ASP O 130 73.04 -58.62 73.74
C ASP O 130 73.62 -58.72 72.35
N THR O 131 72.85 -58.39 71.33
CA THR O 131 73.32 -58.55 69.96
C THR O 131 74.30 -57.42 69.62
N PRO O 132 75.56 -57.73 69.32
CA PRO O 132 76.54 -56.66 69.08
C PRO O 132 76.52 -56.17 67.64
N THR O 133 77.48 -55.29 67.35
CA THR O 133 77.58 -54.67 66.03
C THR O 133 77.82 -55.69 64.93
N GLN O 134 78.73 -56.64 65.14
CA GLN O 134 78.97 -57.65 64.13
C GLN O 134 77.70 -58.36 63.69
N ILE O 135 76.78 -58.60 64.63
CA ILE O 135 75.45 -59.08 64.25
C ILE O 135 74.77 -58.06 63.36
N ALA O 136 74.98 -56.77 63.64
CA ALA O 136 74.46 -55.71 62.80
C ALA O 136 75.27 -55.65 61.50
N ALA O 137 75.00 -54.64 60.69
CA ALA O 137 75.61 -54.49 59.37
C ALA O 137 75.10 -55.56 58.40
N LYS O 138 73.92 -56.12 58.68
CA LYS O 138 73.27 -57.01 57.74
C LYS O 138 72.50 -56.25 56.68
N ILE O 139 72.55 -54.91 56.74
CA ILE O 139 71.71 -54.09 55.88
C ILE O 139 72.01 -54.37 54.41
N VAL O 140 73.29 -54.46 54.07
CA VAL O 140 73.69 -54.61 52.68
C VAL O 140 73.11 -55.86 52.04
N ALA O 141 72.56 -56.77 52.84
CA ALA O 141 71.96 -57.99 52.29
C ALA O 141 70.59 -57.77 51.70
N ALA O 142 69.98 -56.60 51.89
CA ALA O 142 68.62 -56.36 51.40
C ALA O 142 68.43 -55.02 50.71
N ILE O 143 69.43 -54.13 50.71
CA ILE O 143 69.29 -52.85 50.03
C ILE O 143 69.04 -53.10 48.55
N SER O 144 68.26 -52.22 47.93
CA SER O 144 67.77 -52.46 46.58
C SER O 144 68.90 -52.35 45.56
N PRO O 145 68.75 -53.01 44.41
CA PRO O 145 69.75 -52.85 43.34
C PRO O 145 69.87 -51.42 42.84
N ASP O 146 68.77 -50.67 42.80
CA ASP O 146 68.74 -49.39 42.11
C ASP O 146 69.35 -48.26 42.91
N PHE O 147 69.69 -48.49 44.17
CA PHE O 147 70.13 -47.40 45.02
C PHE O 147 71.29 -46.67 44.36
N PRO O 148 71.24 -45.33 44.24
CA PRO O 148 72.29 -44.62 43.49
C PRO O 148 73.68 -44.67 44.10
N TYR O 149 73.87 -45.43 45.17
CA TYR O 149 75.16 -45.53 45.83
C TYR O 149 75.51 -46.99 46.04
N GLU O 150 76.79 -47.24 46.32
CA GLU O 150 77.28 -48.57 46.66
C GLU O 150 77.74 -48.58 48.11
N ALA O 151 77.38 -49.61 48.86
CA ALA O 151 77.69 -49.73 50.27
C ALA O 151 78.79 -50.77 50.45
N THR O 152 79.78 -50.43 51.29
CA THR O 152 80.91 -51.34 51.51
C THR O 152 80.47 -52.66 52.12
N ALA O 153 79.61 -52.64 53.13
CA ALA O 153 79.15 -53.84 53.83
C ALA O 153 80.21 -54.41 54.77
N ALA O 154 81.10 -53.57 55.29
CA ALA O 154 82.04 -54.01 56.31
C ALA O 154 81.37 -54.03 57.68
N ALA O 155 81.78 -54.99 58.51
CA ALA O 155 81.13 -55.19 59.79
C ALA O 155 81.23 -53.94 60.66
N GLY O 156 80.15 -53.64 61.38
CA GLY O 156 80.11 -52.49 62.25
C GLY O 156 79.77 -51.19 61.55
N VAL O 157 80.50 -50.87 60.49
CA VAL O 157 80.32 -49.63 59.75
C VAL O 157 80.34 -49.93 58.26
N ILE O 158 79.43 -49.31 57.51
CA ILE O 158 79.35 -49.45 56.07
C ILE O 158 79.45 -48.08 55.44
N THR O 159 80.33 -47.94 54.45
CA THR O 159 80.56 -46.69 53.75
C THR O 159 79.85 -46.72 52.41
N LEU O 160 79.28 -45.58 52.02
CA LEU O 160 78.49 -45.47 50.80
C LEU O 160 79.27 -44.65 49.77
N THR O 161 79.29 -45.14 48.53
CA THR O 161 79.97 -44.49 47.43
C THR O 161 78.96 -44.23 46.32
N ALA O 162 79.06 -43.05 45.71
CA ALA O 162 78.16 -42.70 44.62
C ALA O 162 78.42 -43.58 43.41
N ARG O 163 77.35 -44.01 42.75
CA ARG O 163 77.49 -44.72 41.50
C ARG O 163 77.77 -43.79 40.33
N ASN O 164 77.79 -42.48 40.56
CA ASN O 164 78.27 -41.52 39.58
C ASN O 164 78.97 -40.39 40.30
N GLY O 165 79.95 -39.80 39.63
CA GLY O 165 80.74 -38.74 40.22
C GLY O 165 80.06 -37.40 40.11
N GLY O 166 80.84 -36.36 40.41
CA GLY O 166 80.34 -35.00 40.29
C GLY O 166 79.59 -34.55 41.52
N THR O 167 79.05 -33.34 41.41
CA THR O 167 78.34 -32.74 42.54
C THR O 167 77.04 -33.47 42.87
N ILE O 168 76.59 -34.37 42.00
CA ILE O 168 75.30 -35.00 42.20
C ILE O 168 75.23 -35.72 43.54
N GLY O 169 76.29 -36.45 43.90
CA GLY O 169 76.22 -37.27 45.09
C GLY O 169 76.26 -36.52 46.39
N ASN O 170 76.55 -35.22 46.36
CA ASN O 170 76.73 -34.45 47.58
C ASN O 170 75.45 -34.25 48.38
N HIS O 171 74.28 -34.61 47.83
CA HIS O 171 73.01 -34.28 48.46
C HIS O 171 72.35 -35.44 49.18
N LEU O 172 72.95 -36.63 49.15
CA LEU O 172 72.34 -37.76 49.84
C LEU O 172 72.22 -37.48 51.32
N SER O 173 71.16 -38.00 51.93
CA SER O 173 70.96 -37.88 53.37
C SER O 173 70.36 -39.18 53.90
N VAL O 174 70.71 -39.50 55.14
CA VAL O 174 70.27 -40.72 55.80
C VAL O 174 69.62 -40.35 57.13
N ILE O 175 68.57 -41.07 57.50
CA ILE O 175 67.79 -40.74 58.69
C ILE O 175 67.41 -42.01 59.43
N TYR O 176 67.42 -41.94 60.75
CA TYR O 176 66.84 -42.95 61.62
C TYR O 176 65.37 -42.61 61.81
N THR O 177 64.48 -43.50 61.37
CA THR O 177 63.06 -43.18 61.38
C THR O 177 62.49 -43.21 62.80
N ASN O 178 62.49 -44.38 63.43
CA ASN O 178 61.92 -44.51 64.77
C ASN O 178 62.92 -44.18 65.86
N LEU O 179 63.62 -43.04 65.76
CA LEU O 179 64.59 -42.70 66.79
C LEU O 179 63.92 -42.58 68.15
N GLY O 180 62.81 -41.86 68.20
CA GLY O 180 62.03 -41.80 69.42
C GLY O 180 61.08 -42.98 69.53
N SER O 181 60.65 -43.25 70.75
CA SER O 181 59.70 -44.33 70.99
C SER O 181 58.38 -44.03 70.28
N CYS O 182 57.80 -45.07 69.71
CA CYS O 182 56.60 -44.95 68.88
C CYS O 182 55.77 -46.21 69.02
N THR O 183 54.89 -46.48 68.05
CA THR O 183 54.13 -47.72 68.06
C THR O 183 55.04 -48.93 68.09
N SER O 184 56.26 -48.81 67.55
CA SER O 184 57.16 -49.94 67.40
C SER O 184 58.38 -49.74 68.30
N VAL O 185 58.90 -50.85 68.82
CA VAL O 185 59.99 -50.81 69.79
C VAL O 185 61.32 -50.78 69.05
N THR O 186 62.09 -49.73 69.29
CA THR O 186 63.46 -49.68 68.77
C THR O 186 64.35 -50.59 69.62
N PRO O 187 65.40 -51.18 69.03
CA PRO O 187 66.29 -52.02 69.85
C PRO O 187 67.11 -51.19 70.81
N GLU O 188 66.93 -51.46 72.10
CA GLU O 188 67.66 -50.73 73.13
C GLU O 188 69.16 -51.01 73.01
N GLY O 189 69.95 -49.98 73.28
CA GLY O 189 71.40 -50.10 73.23
C GLY O 189 71.99 -50.02 71.85
N VAL O 190 71.24 -49.54 70.85
CA VAL O 190 71.72 -49.45 69.48
C VAL O 190 71.66 -47.99 69.05
N THR O 191 72.77 -47.50 68.50
CA THR O 191 72.86 -46.13 68.00
C THR O 191 73.58 -46.15 66.67
N VAL O 192 73.35 -45.12 65.86
CA VAL O 192 73.94 -45.01 64.54
C VAL O 192 74.47 -43.61 64.34
N ALA O 193 75.46 -43.49 63.44
CA ALA O 193 75.98 -42.20 63.02
C ALA O 193 76.29 -42.26 61.54
N PHE O 194 76.28 -41.08 60.90
CA PHE O 194 76.40 -41.00 59.45
C PHE O 194 76.96 -39.64 59.09
N ALA O 195 77.79 -39.60 58.05
CA ALA O 195 78.37 -38.35 57.60
C ALA O 195 79.11 -38.57 56.29
N GLN O 196 79.27 -37.47 55.55
CA GLN O 196 79.99 -37.52 54.29
C GLN O 196 81.49 -37.46 54.54
N THR O 197 82.27 -37.97 53.58
CA THR O 197 83.72 -37.93 53.65
C THR O 197 84.37 -37.47 52.36
N THR O 198 83.66 -37.51 51.24
CA THR O 198 84.27 -37.23 49.94
C THR O 198 83.33 -36.42 49.07
N PRO O 199 83.56 -35.12 48.91
CA PRO O 199 82.69 -34.32 48.05
C PRO O 199 82.90 -34.62 46.58
N GLY O 200 81.88 -34.31 45.78
CA GLY O 200 82.00 -34.39 44.35
C GLY O 200 82.95 -33.34 43.82
N SER O 201 83.45 -33.58 42.61
CA SER O 201 84.48 -32.69 42.07
C SER O 201 84.03 -31.92 40.84
N VAL O 202 83.66 -32.61 39.76
CA VAL O 202 83.41 -31.96 38.49
C VAL O 202 82.23 -32.64 37.80
N ASN O 203 81.54 -31.87 36.96
CA ASN O 203 80.41 -32.34 36.18
C ASN O 203 80.61 -31.97 34.73
N PRO O 204 80.02 -32.72 33.79
CA PRO O 204 80.15 -32.35 32.38
C PRO O 204 79.39 -31.07 32.08
N GLU O 205 79.83 -30.36 31.03
CA GLU O 205 79.21 -29.10 30.65
C GLU O 205 78.92 -29.09 29.16
N PRO O 206 78.09 -30.00 28.64
CA PRO O 206 77.84 -30.03 27.20
C PRO O 206 77.23 -28.73 26.72
N ASN O 207 77.59 -28.34 25.49
CA ASN O 207 77.13 -27.11 24.88
C ASN O 207 76.80 -27.36 23.41
N ASP O 208 76.30 -28.56 23.10
CA ASP O 208 76.07 -28.99 21.74
C ASP O 208 74.58 -29.13 21.42
N TYR O 209 73.71 -28.38 22.11
CA TYR O 209 72.28 -28.58 21.93
C TYR O 209 71.86 -28.36 20.48
N ALA O 210 72.37 -27.29 19.86
CA ALA O 210 71.99 -27.00 18.49
C ALA O 210 72.38 -28.12 17.53
N SER O 211 73.30 -29.00 17.93
CA SER O 211 73.71 -30.12 17.10
C SER O 211 72.91 -31.38 17.38
N VAL O 212 72.90 -31.82 18.64
CA VAL O 212 72.22 -33.06 18.99
C VAL O 212 70.72 -32.98 18.75
N VAL O 213 70.09 -31.86 19.09
CA VAL O 213 68.68 -31.62 18.78
C VAL O 213 68.65 -30.88 17.46
N ASN O 214 68.19 -31.55 16.41
CA ASN O 214 68.17 -30.96 15.07
C ASN O 214 66.93 -30.10 14.88
N GLU O 215 66.70 -29.18 15.80
CA GLU O 215 65.56 -28.26 15.72
C GLU O 215 64.22 -28.99 15.66
N CYS O 216 64.12 -30.16 16.30
CA CYS O 216 62.83 -30.82 16.44
C CYS O 216 62.13 -30.29 17.67
N CYS O 217 60.89 -29.82 17.47
CA CYS O 217 60.17 -29.13 18.53
C CYS O 217 59.97 -30.03 19.74
N PHE O 218 60.21 -29.47 20.93
CA PHE O 218 60.05 -30.19 22.18
C PHE O 218 59.30 -29.31 23.17
N ALA O 219 58.41 -29.92 23.94
CA ALA O 219 57.51 -29.14 24.77
C ALA O 219 58.09 -28.85 26.15
N VAL O 220 58.71 -29.83 26.78
CA VAL O 220 59.15 -29.71 28.17
C VAL O 220 60.57 -30.22 28.28
N TYR O 221 61.43 -29.44 28.93
CA TYR O 221 62.81 -29.82 29.16
C TYR O 221 63.03 -30.07 30.64
N VAL O 222 63.56 -31.25 30.97
CA VAL O 222 63.88 -31.62 32.34
C VAL O 222 65.37 -31.85 32.41
N LEU O 223 66.04 -31.18 33.34
CA LEU O 223 67.47 -31.28 33.51
C LEU O 223 67.76 -31.71 34.95
N SER O 224 68.23 -32.93 35.11
CA SER O 224 68.47 -33.50 36.43
C SER O 224 69.89 -33.26 36.92
N SER O 225 70.29 -32.00 37.02
CA SER O 225 71.62 -31.67 37.49
C SER O 225 71.61 -30.30 38.13
N ASP O 226 72.69 -30.01 38.87
CA ASP O 226 72.79 -28.81 39.68
C ASP O 226 73.95 -27.90 39.27
N ASP O 227 74.55 -28.13 38.11
CA ASP O 227 75.62 -27.27 37.63
C ASP O 227 75.02 -26.00 37.04
N THR O 228 75.45 -24.84 37.56
CA THR O 228 74.93 -23.58 37.06
C THR O 228 75.26 -23.38 35.60
N ASP O 229 76.43 -23.84 35.14
CA ASP O 229 76.78 -23.70 33.74
C ASP O 229 75.84 -24.49 32.84
N TRP O 230 75.44 -25.68 33.28
CA TRP O 230 74.55 -26.49 32.47
C TRP O 230 73.24 -25.75 32.22
N GLN O 231 72.61 -25.26 33.28
CA GLN O 231 71.36 -24.51 33.14
C GLN O 231 71.60 -23.21 32.37
N GLU O 232 72.77 -22.62 32.55
CA GLU O 232 73.12 -21.44 31.77
C GLU O 232 72.99 -21.74 30.28
N ASN O 233 73.61 -22.82 29.83
CA ASN O 233 73.51 -23.17 28.42
C ASN O 233 72.09 -23.50 28.03
N LEU O 234 71.37 -24.25 28.87
CA LEU O 234 70.03 -24.68 28.50
C LEU O 234 69.10 -23.48 28.34
N ARG O 235 69.21 -22.48 29.22
CA ARG O 235 68.39 -21.29 29.12
C ARG O 235 68.54 -20.63 27.75
N ASP O 236 69.78 -20.35 27.38
CA ASP O 236 70.03 -19.68 26.11
C ASP O 236 69.64 -20.55 24.93
N TRP O 237 69.71 -21.87 25.07
CA TRP O 237 69.15 -22.73 24.05
C TRP O 237 67.65 -22.51 23.92
N ILE O 238 66.96 -22.41 25.04
CA ILE O 238 65.51 -22.21 24.99
C ILE O 238 65.17 -20.88 24.36
N ARG O 239 65.86 -19.81 24.76
CA ARG O 239 65.61 -18.51 24.14
C ARG O 239 65.63 -18.64 22.63
N SER O 240 66.60 -19.40 22.11
CA SER O 240 66.74 -19.55 20.67
C SER O 240 65.52 -20.22 20.07
N ALA O 241 65.07 -21.34 20.66
CA ALA O 241 63.84 -21.95 20.18
C ALA O 241 62.67 -21.01 20.28
N TRP O 242 62.76 -20.03 21.15
CA TRP O 242 61.73 -19.02 21.31
C TRP O 242 61.98 -17.81 20.41
N ASP O 243 63.20 -17.66 19.91
CA ASP O 243 63.62 -16.47 19.20
C ASP O 243 62.98 -16.38 17.83
N CYS O 244 62.70 -15.14 17.40
CA CYS O 244 62.07 -14.90 16.12
C CYS O 244 63.05 -15.03 14.95
N SER O 245 64.35 -14.99 15.22
CA SER O 245 65.33 -14.97 14.13
C SER O 245 65.22 -16.23 13.26
N LYS O 246 64.63 -17.30 13.80
CA LYS O 246 64.45 -18.52 13.03
C LYS O 246 63.26 -19.28 13.60
N PRO O 247 62.72 -20.25 12.85
CA PRO O 247 61.51 -20.94 13.31
C PRO O 247 61.62 -21.40 14.75
N GLN O 248 60.48 -21.47 15.42
CA GLN O 248 60.42 -21.62 16.87
C GLN O 248 59.88 -22.98 17.27
N CYS O 249 60.08 -23.30 18.56
CA CYS O 249 59.55 -24.51 19.16
C CYS O 249 58.96 -24.28 20.53
N PHE O 250 59.11 -23.09 21.11
CA PHE O 250 58.47 -22.71 22.37
C PHE O 250 58.98 -23.67 23.44
N GLY O 251 58.13 -24.17 24.34
CA GLY O 251 58.56 -25.08 25.36
C GLY O 251 59.04 -24.38 26.63
N HIS O 252 59.42 -25.21 27.59
CA HIS O 252 59.80 -24.74 28.91
C HIS O 252 60.79 -25.74 29.51
N GLY O 253 61.56 -25.29 30.49
CA GLY O 253 62.53 -26.13 31.17
C GLY O 253 62.44 -25.98 32.67
N TYR O 254 62.70 -27.07 33.39
CA TYR O 254 62.59 -27.08 34.85
C TYR O 254 63.92 -27.54 35.45
N VAL O 255 64.36 -26.87 36.50
CA VAL O 255 65.60 -27.20 37.19
C VAL O 255 65.44 -26.86 38.66
N PHE O 256 66.38 -27.30 39.48
CA PHE O 256 66.31 -27.09 40.92
C PHE O 256 67.61 -26.48 41.44
N ASN O 257 67.47 -25.74 42.53
CA ASN O 257 68.61 -25.18 43.26
C ASN O 257 68.45 -25.55 44.73
N LYS O 258 69.56 -25.87 45.38
CA LYS O 258 69.56 -26.21 46.79
C LYS O 258 70.62 -25.38 47.50
N GLY O 259 70.32 -24.98 48.74
CA GLY O 259 71.29 -24.22 49.51
C GLY O 259 70.58 -23.33 50.51
N THR O 260 71.40 -22.52 51.18
CA THR O 260 70.87 -21.54 52.11
C THR O 260 70.21 -20.40 51.35
N LEU O 261 69.34 -19.66 52.05
CA LEU O 261 68.61 -18.58 51.42
C LEU O 261 69.55 -17.63 50.69
N GLY O 262 70.67 -17.27 51.33
CA GLY O 262 71.62 -16.42 50.67
C GLY O 262 72.22 -17.05 49.44
N GLN O 263 72.50 -18.35 49.50
CA GLN O 263 73.09 -19.04 48.36
C GLN O 263 72.10 -19.13 47.21
N VAL O 264 70.87 -19.53 47.50
CA VAL O 264 69.91 -19.80 46.44
C VAL O 264 69.51 -18.50 45.73
N LEU O 265 69.29 -17.42 46.49
CA LEU O 265 68.91 -16.16 45.86
C LEU O 265 69.94 -15.68 44.87
N ALA O 266 71.18 -16.13 44.98
CA ALA O 266 72.22 -15.66 44.06
C ALA O 266 72.01 -16.15 42.64
N ASP O 267 71.08 -17.08 42.43
CA ASP O 267 70.85 -17.68 41.12
C ASP O 267 69.63 -17.10 40.41
N GLY O 268 69.12 -15.96 40.85
CA GLY O 268 67.95 -15.38 40.23
C GLY O 268 68.27 -14.68 38.93
N ASP O 269 68.58 -15.46 37.89
CA ASP O 269 69.03 -14.89 36.62
C ASP O 269 67.88 -14.56 35.68
N ASN O 270 66.87 -13.88 36.19
CA ASN O 270 65.84 -13.22 35.38
C ASN O 270 65.43 -14.01 34.15
N SER O 271 65.33 -15.33 34.26
CA SER O 271 65.00 -16.18 33.12
C SER O 271 63.49 -16.34 33.03
N ALA O 272 62.93 -16.04 31.86
CA ALA O 272 61.51 -16.24 31.63
C ALA O 272 61.21 -17.62 31.07
N GLU O 273 62.21 -18.49 30.98
CA GLU O 273 62.04 -19.77 30.30
C GLU O 273 62.09 -20.94 31.25
N LEU O 274 62.46 -20.71 32.51
CA LEU O 274 62.77 -21.77 33.45
C LEU O 274 61.82 -21.70 34.64
N SER O 275 61.93 -22.68 35.51
CA SER O 275 61.21 -22.69 36.78
C SER O 275 62.14 -23.25 37.84
N ARG O 276 62.67 -22.39 38.69
CA ARG O 276 63.72 -22.74 39.63
C ARG O 276 63.07 -23.25 40.91
N LEU O 277 63.19 -24.56 41.14
CA LEU O 277 62.57 -25.19 42.30
C LEU O 277 63.49 -25.04 43.50
N ALA O 278 63.21 -24.09 44.38
CA ALA O 278 64.07 -23.81 45.52
C ALA O 278 63.85 -24.87 46.59
N LEU O 279 64.94 -25.32 47.20
CA LEU O 279 64.88 -26.30 48.27
C LEU O 279 65.84 -25.94 49.39
N PRO O 280 65.57 -26.37 50.62
CA PRO O 280 66.47 -26.03 51.74
C PRO O 280 67.67 -26.95 51.79
N THR O 281 68.68 -26.50 52.55
CA THR O 281 69.91 -27.28 52.69
C THR O 281 69.61 -28.66 53.28
N THR O 282 68.72 -28.71 54.26
CA THR O 282 68.39 -29.94 54.95
C THR O 282 67.28 -30.71 54.26
N TYR O 283 66.95 -30.38 53.02
CA TYR O 283 65.90 -31.05 52.27
C TYR O 283 66.17 -32.55 52.25
N PRO O 284 65.40 -33.36 52.97
CA PRO O 284 65.74 -34.77 53.07
C PRO O 284 65.21 -35.60 51.91
N VAL O 285 65.49 -35.17 50.68
CA VAL O 285 65.13 -35.93 49.50
C VAL O 285 66.15 -35.64 48.42
N LEU O 286 66.40 -36.63 47.57
CA LEU O 286 67.33 -36.40 46.48
C LEU O 286 66.70 -35.39 45.52
N PRO O 287 67.32 -34.23 45.30
CA PRO O 287 66.64 -33.18 44.53
C PRO O 287 66.16 -33.62 43.16
N TYR O 288 66.96 -34.39 42.42
CA TYR O 288 66.57 -34.69 41.06
C TYR O 288 65.31 -35.55 41.03
N LEU O 289 64.95 -36.18 42.14
CA LEU O 289 63.71 -36.94 42.17
C LEU O 289 62.50 -36.03 42.13
N THR O 290 62.51 -34.98 42.97
CA THR O 290 61.36 -34.07 43.00
C THR O 290 61.24 -33.28 41.71
N ASN O 291 62.35 -32.76 41.20
CA ASN O 291 62.29 -32.01 39.96
C ASN O 291 61.66 -32.84 38.85
N ALA O 292 62.08 -34.10 38.72
CA ALA O 292 61.53 -34.94 37.66
C ALA O 292 60.04 -35.14 37.84
N ALA O 293 59.61 -35.43 39.06
CA ALA O 293 58.18 -35.68 39.29
C ALA O 293 57.36 -34.45 38.94
N TYR O 294 57.75 -33.29 39.45
CA TYR O 294 57.00 -32.08 39.15
C TYR O 294 57.01 -31.76 37.66
N GLY O 295 58.17 -31.91 37.03
CA GLY O 295 58.28 -31.63 35.62
C GLY O 295 57.34 -32.51 34.85
N ALA O 296 57.33 -33.80 35.16
CA ALA O 296 56.42 -34.71 34.48
C ALA O 296 54.97 -34.29 34.71
N LEU O 297 54.64 -33.94 35.96
CA LEU O 297 53.25 -33.63 36.28
C LEU O 297 52.77 -32.45 35.46
N SER O 298 53.59 -31.42 35.35
CA SER O 298 53.24 -30.29 34.50
C SER O 298 53.37 -30.63 33.02
N ALA O 299 54.10 -31.69 32.69
CA ALA O 299 54.46 -31.98 31.31
C ALA O 299 53.29 -32.65 30.62
N CYS O 300 52.23 -31.90 30.44
CA CYS O 300 51.19 -32.25 29.48
C CYS O 300 50.38 -33.46 29.92
N SER O 301 50.83 -34.15 30.99
CA SER O 301 49.92 -35.08 31.64
C SER O 301 48.74 -34.31 32.21
N THR O 302 48.97 -33.06 32.58
CA THR O 302 47.91 -32.15 32.99
C THR O 302 47.74 -31.03 31.98
N CYS O 303 48.83 -30.53 31.42
CA CYS O 303 48.79 -29.38 30.52
C CYS O 303 48.51 -29.76 29.07
N GLU O 304 47.46 -30.54 28.83
CA GLU O 304 46.85 -30.52 27.50
C GLU O 304 45.83 -29.39 27.40
N ASN O 305 45.34 -28.92 28.53
CA ASN O 305 44.54 -27.70 28.61
C ASN O 305 45.46 -26.60 29.09
N PRO O 306 46.13 -25.88 28.19
CA PRO O 306 47.28 -25.07 28.62
C PRO O 306 46.96 -24.03 29.67
N GLU O 307 45.70 -23.61 29.77
CA GLU O 307 45.34 -22.60 30.74
C GLU O 307 45.37 -23.09 32.18
N LEU O 308 45.50 -24.40 32.40
CA LEU O 308 45.42 -24.94 33.74
C LEU O 308 46.67 -24.61 34.54
N ASN O 309 46.48 -24.10 35.75
CA ASN O 309 47.59 -23.87 36.67
C ASN O 309 47.83 -25.09 37.53
N VAL O 310 49.09 -25.32 37.87
CA VAL O 310 49.49 -26.46 38.70
C VAL O 310 49.86 -25.90 40.07
N GLN O 311 48.92 -25.98 41.00
CA GLN O 311 49.12 -25.45 42.33
C GLN O 311 48.26 -26.21 43.32
N GLY O 312 48.38 -25.82 44.59
CA GLY O 312 47.46 -26.28 45.61
C GLY O 312 47.45 -27.78 45.77
N GLN O 313 46.68 -28.22 46.76
CA GLN O 313 46.61 -29.64 47.08
C GLN O 313 45.71 -30.40 46.12
N THR O 314 44.87 -29.72 45.35
CA THR O 314 44.02 -30.43 44.40
C THR O 314 44.81 -30.90 43.20
N TYR O 315 45.72 -30.07 42.69
CA TYR O 315 46.42 -30.36 41.45
C TYR O 315 47.92 -30.40 41.58
N GLY O 316 48.52 -29.48 42.32
CA GLY O 316 49.96 -29.44 42.42
C GLY O 316 50.52 -30.45 43.39
N LEU O 317 50.04 -31.69 43.32
CA LEU O 317 50.43 -32.75 44.24
C LEU O 317 51.36 -33.73 43.53
N LEU O 318 52.53 -33.96 44.12
CA LEU O 318 53.49 -34.94 43.60
C LEU O 318 53.20 -36.26 44.28
N SER O 319 52.28 -37.02 43.67
CA SER O 319 51.82 -38.26 44.30
C SER O 319 52.94 -39.27 44.42
N CYS O 320 53.76 -39.39 43.38
CA CYS O 320 54.73 -40.48 43.28
C CYS O 320 55.98 -40.24 44.10
N ILE O 321 55.93 -39.36 45.08
CA ILE O 321 57.02 -39.15 46.03
C ILE O 321 56.47 -39.29 47.43
N ASN O 322 57.33 -39.64 48.38
CA ASN O 322 56.91 -39.83 49.75
C ASN O 322 58.07 -39.55 50.69
N MET O 323 57.81 -38.77 51.73
CA MET O 323 58.82 -38.40 52.71
C MET O 323 58.15 -38.38 54.07
N PRO O 324 58.91 -38.57 55.15
CA PRO O 324 58.30 -38.74 56.47
C PRO O 324 57.75 -37.43 57.02
N GLU O 325 56.81 -37.56 57.95
CA GLU O 325 56.28 -36.41 58.66
C GLU O 325 57.40 -35.62 59.32
N SER O 326 57.09 -34.39 59.72
CA SER O 326 58.04 -33.57 60.45
C SER O 326 57.37 -32.29 60.90
N CYS O 327 57.78 -31.79 62.06
CA CYS O 327 57.29 -30.51 62.54
C CYS O 327 58.18 -29.35 62.12
N THR O 328 59.33 -29.63 61.52
CA THR O 328 60.19 -28.56 61.06
C THR O 328 59.72 -28.07 59.69
N PRO O 329 59.46 -26.78 59.51
CA PRO O 329 58.92 -26.33 58.22
C PRO O 329 59.89 -26.47 57.07
N GLY O 330 61.19 -26.48 57.32
CA GLY O 330 62.16 -26.45 56.25
C GLY O 330 62.46 -25.04 55.82
N TRP O 331 61.48 -24.36 55.26
CA TRP O 331 61.57 -22.95 54.93
C TRP O 331 60.76 -22.14 55.92
N GLU O 332 61.43 -21.28 56.68
CA GLU O 332 60.74 -20.36 57.56
C GLU O 332 59.94 -19.37 56.74
N PHE O 333 58.84 -18.90 57.33
CA PHE O 333 57.87 -18.14 56.54
C PHE O 333 58.51 -16.96 55.84
N THR O 334 59.30 -16.16 56.56
CA THR O 334 59.98 -15.05 55.90
C THR O 334 60.78 -15.53 54.71
N GLU O 335 61.45 -16.68 54.85
CA GLU O 335 62.15 -17.25 53.73
C GLU O 335 61.19 -17.55 52.59
N VAL O 336 60.01 -18.07 52.92
CA VAL O 336 59.04 -18.41 51.89
C VAL O 336 58.64 -17.17 51.12
N THR O 337 58.35 -16.08 51.84
CA THR O 337 57.94 -14.85 51.19
C THR O 337 59.05 -14.30 50.30
N GLN O 338 60.28 -14.28 50.82
CA GLN O 338 61.37 -13.77 49.99
C GLN O 338 61.54 -14.62 48.73
N LEU O 339 61.45 -15.94 48.87
CA LEU O 339 61.58 -16.80 47.71
C LEU O 339 60.49 -16.52 46.69
N GLN O 340 59.25 -16.41 47.14
CA GLN O 340 58.16 -16.21 46.19
C GLN O 340 58.30 -14.87 45.50
N ASN O 341 58.69 -13.83 46.23
CA ASN O 341 58.72 -12.51 45.64
C ASN O 341 59.83 -12.34 44.61
N ASN O 342 60.72 -13.32 44.46
CA ASN O 342 61.80 -13.25 43.48
C ASN O 342 61.73 -14.38 42.46
N GLY O 343 60.57 -15.01 42.30
CA GLY O 343 60.38 -15.96 41.25
C GLY O 343 60.94 -17.34 41.52
N PHE O 344 60.61 -17.93 42.66
CA PHE O 344 61.09 -19.24 43.04
C PHE O 344 59.94 -20.12 43.49
N VAL O 345 59.89 -21.33 42.97
CA VAL O 345 58.83 -22.27 43.33
C VAL O 345 59.11 -22.84 44.71
N VAL O 346 58.08 -22.95 45.53
CA VAL O 346 58.18 -23.47 46.88
C VAL O 346 57.20 -24.62 47.02
N SER O 347 57.67 -25.73 47.60
CA SER O 347 56.83 -26.91 47.77
C SER O 347 56.95 -27.40 49.19
N GLY O 348 55.91 -28.08 49.65
CA GLY O 348 55.84 -28.54 51.01
C GLY O 348 54.92 -29.71 51.20
N PRO O 349 54.95 -30.31 52.39
CA PRO O 349 54.15 -31.51 52.64
C PRO O 349 52.67 -31.20 52.61
N ALA O 350 51.89 -32.20 52.25
CA ALA O 350 50.43 -32.10 52.26
C ALA O 350 49.86 -32.13 53.67
N THR O 351 50.62 -32.58 54.65
CA THR O 351 50.15 -32.61 56.03
C THR O 351 51.37 -32.54 56.95
N THR O 352 51.10 -32.22 58.22
CA THR O 352 52.15 -32.04 59.20
C THR O 352 51.77 -32.75 60.49
N SER O 353 52.74 -33.42 61.09
CA SER O 353 52.53 -34.16 62.32
C SER O 353 53.89 -34.58 62.87
N GLY O 354 53.89 -35.04 64.12
CA GLY O 354 55.09 -35.46 64.79
C GLY O 354 55.30 -36.94 64.90
N GLN O 355 54.30 -37.76 64.55
CA GLN O 355 54.43 -39.19 64.73
C GLN O 355 55.49 -39.78 63.80
N GLY O 356 55.43 -39.44 62.51
CA GLY O 356 56.46 -39.87 61.58
C GLY O 356 56.00 -40.75 60.43
N ASN O 357 54.77 -40.58 59.95
CA ASN O 357 54.35 -41.29 58.77
C ASN O 357 54.86 -40.59 57.51
N PHE O 358 54.42 -41.09 56.36
CA PHE O 358 54.92 -40.64 55.07
C PHE O 358 53.88 -39.80 54.35
N THR O 359 54.34 -38.75 53.68
CA THR O 359 53.46 -37.77 53.05
C THR O 359 53.96 -37.43 51.66
N SER O 360 53.07 -36.88 50.85
CA SER O 360 53.39 -36.41 49.52
C SER O 360 53.51 -34.88 49.52
N PRO O 361 54.54 -34.31 48.91
CA PRO O 361 54.64 -32.85 48.84
C PRO O 361 53.78 -32.28 47.72
N TYR O 362 53.47 -30.98 47.85
CA TYR O 362 52.69 -30.29 46.84
C TYR O 362 53.25 -28.90 46.63
N ILE O 363 52.82 -28.27 45.53
CA ILE O 363 53.38 -27.01 45.08
C ILE O 363 52.57 -25.86 45.68
N TYR O 364 53.27 -24.78 46.04
CA TYR O 364 52.57 -23.60 46.55
C TYR O 364 52.29 -22.59 45.45
N ASN O 365 53.12 -22.54 44.41
CA ASN O 365 52.94 -21.60 43.32
C ASN O 365 53.56 -22.19 42.06
N ASP O 366 53.10 -21.71 40.91
CA ASP O 366 53.59 -22.18 39.61
C ASP O 366 54.06 -20.96 38.82
N VAL O 367 55.32 -20.58 39.03
CA VAL O 367 55.85 -19.31 38.56
C VAL O 367 57.19 -19.54 37.88
N THR O 368 57.53 -18.67 36.95
CA THR O 368 58.83 -18.69 36.29
C THR O 368 59.74 -17.64 36.89
N ASN O 369 61.02 -17.73 36.57
CA ASN O 369 62.01 -16.80 37.08
C ASN O 369 61.98 -15.45 36.39
N TYR O 370 60.95 -15.14 35.61
CA TYR O 370 60.89 -13.85 34.95
C TYR O 370 60.71 -12.72 35.96
N LEU O 371 61.44 -11.63 35.76
CA LEU O 371 61.27 -10.44 36.57
C LEU O 371 61.73 -9.24 35.76
N ARG O 372 61.30 -8.06 36.18
CA ARG O 372 61.71 -6.83 35.50
C ARG O 372 61.29 -6.93 34.03
N ASP O 373 62.11 -6.40 33.12
CA ASP O 373 61.77 -6.35 31.71
C ASP O 373 63.06 -6.32 30.90
N GLU O 374 62.90 -6.33 29.58
CA GLU O 374 64.05 -6.22 28.70
C GLU O 374 64.88 -4.97 29.04
N LYS O 375 64.23 -3.91 29.48
CA LYS O 375 64.91 -2.69 29.89
C LYS O 375 64.50 -2.31 31.31
N ASN O 376 64.49 -3.28 32.22
CA ASN O 376 64.36 -3.01 33.64
C ASN O 376 63.08 -2.26 33.97
N ARG O 377 61.93 -2.91 33.75
CA ARG O 377 60.65 -2.41 34.19
C ARG O 377 59.95 -3.55 34.93
N PRO O 378 59.69 -3.41 36.23
CA PRO O 378 58.99 -4.50 36.94
C PRO O 378 57.59 -4.69 36.39
N ASN O 379 57.24 -5.93 36.09
CA ASN O 379 55.94 -6.25 35.51
C ASN O 379 55.67 -7.73 35.71
N ALA O 380 54.43 -8.13 35.42
CA ALA O 380 53.99 -9.50 35.62
C ALA O 380 53.29 -10.10 34.42
N THR O 381 53.67 -9.72 33.20
CA THR O 381 53.03 -10.34 32.03
C THR O 381 53.31 -11.83 31.97
N PHE O 382 54.55 -12.24 32.27
CA PHE O 382 54.93 -13.64 32.27
C PHE O 382 55.31 -14.13 33.66
N ARG O 383 54.84 -13.46 34.70
CA ARG O 383 55.16 -13.91 36.05
C ARG O 383 54.62 -15.32 36.29
N ASP O 384 53.34 -15.54 36.01
CA ASP O 384 52.74 -16.84 36.27
C ASP O 384 53.18 -17.83 35.21
N ALA O 385 53.19 -19.11 35.58
CA ALA O 385 53.72 -20.14 34.67
C ALA O 385 52.90 -20.25 33.40
N SER O 386 51.59 -20.38 33.53
CA SER O 386 50.77 -20.70 32.36
C SER O 386 50.92 -19.68 31.26
N SER O 387 51.31 -18.44 31.59
CA SER O 387 51.40 -17.40 30.58
C SER O 387 52.23 -17.84 29.39
N ARG O 388 53.30 -18.60 29.65
CA ARG O 388 54.10 -19.11 28.53
C ARG O 388 53.28 -20.05 27.66
N ARG O 389 52.52 -20.95 28.27
CA ARG O 389 51.77 -21.90 27.48
C ARG O 389 50.74 -21.19 26.61
N LEU O 390 50.06 -20.19 27.17
CA LEU O 390 49.10 -19.43 26.38
C LEU O 390 49.79 -18.61 25.30
N ALA O 391 50.97 -18.08 25.59
CA ALA O 391 51.70 -17.36 24.56
C ALA O 391 52.03 -18.28 23.39
N ALA O 392 52.47 -19.50 23.69
CA ALA O 392 52.80 -20.44 22.63
C ALA O 392 51.56 -20.83 21.83
N ALA O 393 50.46 -21.07 22.52
CA ALA O 393 49.23 -21.40 21.82
C ALA O 393 48.81 -20.25 20.92
N THR O 394 48.93 -19.01 21.41
CA THR O 394 48.60 -17.85 20.61
C THR O 394 49.49 -17.78 19.38
N GLY O 395 50.78 -18.02 19.56
CA GLY O 395 51.69 -17.95 18.43
C GLY O 395 51.34 -18.97 17.36
N VAL O 396 51.10 -20.21 17.77
CA VAL O 396 50.78 -21.24 16.79
C VAL O 396 49.45 -20.91 16.10
N ALA O 397 48.46 -20.47 16.87
CA ALA O 397 47.17 -20.15 16.26
C ALA O 397 47.31 -19.05 15.23
N LEU O 398 47.99 -17.96 15.59
CA LEU O 398 48.16 -16.87 14.66
C LEU O 398 48.92 -17.33 13.41
N ALA O 399 50.00 -18.08 13.60
CA ALA O 399 50.76 -18.56 12.46
C ALA O 399 49.90 -19.41 11.54
N THR O 400 49.03 -20.23 12.11
CA THR O 400 48.09 -20.96 11.28
C THR O 400 47.18 -20.01 10.52
N PHE O 401 46.67 -18.98 11.20
CA PHE O 401 45.73 -18.07 10.56
C PHE O 401 46.38 -17.35 9.39
N LEU O 402 47.55 -16.77 9.61
CA LEU O 402 48.23 -16.05 8.53
C LEU O 402 48.53 -16.96 7.36
N GLN O 403 48.45 -18.28 7.56
CA GLN O 403 48.78 -19.21 6.49
C GLN O 403 47.99 -18.90 5.22
N GLN O 404 46.74 -18.47 5.36
CA GLN O 404 45.88 -18.34 4.19
C GLN O 404 46.24 -17.13 3.34
N PHE O 405 47.11 -16.25 3.81
CA PHE O 405 47.50 -15.11 2.99
C PHE O 405 48.60 -15.43 1.99
N ASN O 406 49.12 -16.64 1.99
CA ASN O 406 50.17 -16.98 1.04
C ASN O 406 49.65 -16.89 -0.39
N GLY O 407 50.47 -16.30 -1.26
CA GLY O 407 50.20 -16.33 -2.68
C GLY O 407 49.12 -15.40 -3.17
N LEU O 408 48.66 -14.47 -2.35
CA LEU O 408 47.65 -13.51 -2.78
C LEU O 408 48.31 -12.27 -3.36
N ALA O 409 47.79 -11.79 -4.49
CA ALA O 409 48.29 -10.56 -5.06
C ALA O 409 48.22 -9.42 -4.05
N VAL O 410 48.88 -8.32 -4.37
CA VAL O 410 48.82 -7.13 -3.53
C VAL O 410 49.03 -5.91 -4.40
N PHE O 411 48.28 -4.85 -4.10
CA PHE O 411 48.37 -3.58 -4.81
C PHE O 411 48.54 -2.46 -3.80
N THR O 412 49.52 -1.59 -4.04
CA THR O 412 49.83 -0.54 -3.08
C THR O 412 49.86 0.84 -3.72
N LYS O 413 50.40 0.94 -4.93
CA LYS O 413 50.43 2.23 -5.60
C LYS O 413 49.02 2.74 -5.85
N ASN O 414 48.14 1.87 -6.32
CA ASN O 414 46.75 2.19 -6.56
C ASN O 414 45.91 1.06 -6.02
N THR O 415 45.00 1.38 -5.10
CA THR O 415 44.34 0.37 -4.29
C THR O 415 43.07 -0.19 -4.90
N ASN O 416 42.68 0.26 -6.08
CA ASN O 416 41.53 -0.34 -6.75
C ASN O 416 41.91 -1.69 -7.31
N ILE O 417 41.09 -2.69 -7.06
CA ILE O 417 41.28 -4.02 -7.62
C ILE O 417 40.34 -4.20 -8.79
N LYS O 418 40.88 -4.60 -9.93
CA LYS O 418 40.03 -4.90 -11.08
C LYS O 418 39.06 -6.02 -10.72
N THR O 419 37.90 -6.00 -11.38
CA THR O 419 36.88 -6.99 -11.09
C THR O 419 37.37 -8.39 -11.45
N GLY O 420 37.08 -9.35 -10.58
CA GLY O 420 37.39 -10.74 -10.83
C GLY O 420 38.78 -11.17 -10.43
N ILE O 421 39.65 -10.24 -10.03
CA ILE O 421 40.99 -10.62 -9.60
C ILE O 421 40.94 -11.08 -8.16
N ILE O 422 41.89 -11.93 -7.80
CA ILE O 422 42.02 -12.45 -6.44
C ILE O 422 43.19 -11.74 -5.79
N GLY O 423 42.91 -10.93 -4.78
CA GLY O 423 43.96 -10.14 -4.17
C GLY O 423 43.47 -9.40 -2.96
N THR O 424 44.33 -8.51 -2.45
CA THR O 424 44.04 -7.75 -1.25
C THR O 424 44.91 -6.50 -1.24
N ASN O 425 44.98 -5.85 -0.08
CA ASN O 425 45.90 -4.74 0.12
C ASN O 425 46.05 -4.49 1.61
N LEU O 426 46.86 -3.50 1.97
CA LEU O 426 47.26 -3.33 3.36
C LEU O 426 46.06 -3.07 4.25
N ARG O 427 45.16 -2.18 3.84
CA ARG O 427 44.03 -1.84 4.69
C ARG O 427 43.16 -3.07 4.95
N LEU O 428 42.84 -3.82 3.90
CA LEU O 428 41.99 -5.00 4.07
C LEU O 428 42.68 -6.03 4.94
N MET O 429 43.98 -6.23 4.76
CA MET O 429 44.69 -7.18 5.61
C MET O 429 44.62 -6.73 7.07
N LEU O 430 44.82 -5.44 7.32
CA LEU O 430 44.74 -4.97 8.70
C LEU O 430 43.36 -5.21 9.27
N GLY O 431 42.33 -4.95 8.48
CA GLY O 431 40.98 -5.18 8.95
C GLY O 431 40.74 -6.63 9.31
N LYS O 432 41.19 -7.54 8.45
CA LYS O 432 40.97 -8.96 8.72
C LYS O 432 41.72 -9.39 9.97
N ILE O 433 42.95 -8.89 10.14
CA ILE O 433 43.71 -9.22 11.34
C ILE O 433 42.97 -8.74 12.58
N ARG O 434 42.47 -7.51 12.54
CA ARG O 434 41.73 -7.00 13.69
C ARG O 434 40.53 -7.87 13.99
N LYS O 435 39.78 -8.25 12.95
CA LYS O 435 38.61 -9.08 13.18
C LYS O 435 39.00 -10.38 13.86
N TRP O 436 40.05 -11.03 13.37
CA TRP O 436 40.46 -12.28 14.02
C TRP O 436 40.84 -12.05 15.46
N ALA O 437 41.58 -10.96 15.73
CA ALA O 437 42.01 -10.71 17.10
C ALA O 437 40.81 -10.60 18.03
N SER O 438 39.79 -9.86 17.62
CA SER O 438 38.66 -9.59 18.50
C SER O 438 37.97 -10.89 18.90
N ASP O 439 37.90 -11.86 18.00
CA ASP O 439 37.17 -13.08 18.30
C ASP O 439 37.76 -13.79 19.50
N ASN O 440 39.08 -13.89 19.56
CA ASN O 440 39.72 -14.71 20.56
C ASN O 440 39.85 -14.03 21.92
N VAL O 441 39.16 -12.92 22.15
CA VAL O 441 39.17 -12.33 23.48
C VAL O 441 38.63 -13.35 24.49
N GLY O 442 39.16 -13.30 25.70
CA GLY O 442 38.65 -14.14 26.76
C GLY O 442 39.25 -15.53 26.79
N VAL O 443 39.51 -16.10 25.63
CA VAL O 443 40.10 -17.43 25.58
C VAL O 443 41.62 -17.37 25.68
N LEU O 444 42.23 -16.37 25.03
CA LEU O 444 43.68 -16.22 25.01
C LEU O 444 44.17 -14.83 25.34
N PHE O 445 43.39 -13.79 25.09
CA PHE O 445 43.79 -12.42 25.35
C PHE O 445 42.82 -11.81 26.35
N SER O 446 43.33 -10.90 27.18
CA SER O 446 42.45 -9.98 27.85
C SER O 446 42.11 -8.85 26.89
N GLU O 447 40.89 -8.35 26.99
CA GLU O 447 40.41 -7.37 26.03
C GLU O 447 41.36 -6.19 25.93
N PHE O 448 41.72 -5.85 24.71
CA PHE O 448 42.69 -4.79 24.49
C PHE O 448 42.17 -3.47 25.02
N ASP O 449 43.07 -2.67 25.58
CA ASP O 449 42.68 -1.35 26.05
C ASP O 449 42.22 -0.48 24.89
N ASN O 450 43.05 -0.35 23.86
CA ASN O 450 42.73 0.48 22.70
C ASN O 450 43.19 -0.28 21.46
N ILE O 451 42.24 -0.94 20.81
CA ILE O 451 42.59 -1.86 19.73
C ILE O 451 43.32 -1.14 18.60
N ASN O 452 43.07 0.15 18.42
CA ASN O 452 43.70 0.87 17.32
C ASN O 452 45.19 1.11 17.53
N GLU O 453 45.72 0.82 18.71
CA GLU O 453 47.15 1.01 18.96
C GLU O 453 47.84 -0.31 19.21
N ASP O 454 47.16 -1.23 19.90
CA ASP O 454 47.80 -2.47 20.33
C ASP O 454 48.25 -3.33 19.17
N ILE O 455 47.72 -3.12 17.97
CA ILE O 455 48.06 -3.91 16.80
C ILE O 455 48.43 -2.96 15.67
N GLN O 456 49.62 -3.15 15.11
CA GLN O 456 50.04 -2.34 13.97
C GLN O 456 50.82 -3.20 13.00
N LEU O 457 50.71 -2.87 11.73
CA LEU O 457 51.24 -3.69 10.65
C LEU O 457 52.29 -2.90 9.90
N VAL O 458 53.41 -3.56 9.61
CA VAL O 458 54.54 -2.94 8.92
C VAL O 458 54.91 -3.81 7.73
N SER O 459 54.94 -3.19 6.56
CA SER O 459 55.31 -3.87 5.32
C SER O 459 56.78 -3.64 5.02
N ASP O 460 57.38 -4.60 4.31
CA ASP O 460 58.77 -4.46 3.89
C ASP O 460 58.94 -3.24 3.00
N PHE O 461 57.88 -2.82 2.31
CA PHE O 461 57.97 -1.69 1.39
C PHE O 461 57.91 -0.36 2.10
N ASP O 462 57.65 -0.36 3.40
CA ASP O 462 57.61 0.88 4.16
C ASP O 462 59.00 1.42 4.48
N VAL O 463 60.00 0.55 4.64
CA VAL O 463 61.27 0.91 5.26
C VAL O 463 62.40 0.97 4.24
N GLN O 464 62.60 -0.10 3.46
CA GLN O 464 63.76 -0.19 2.59
C GLN O 464 63.71 0.89 1.51
N PRO O 465 64.87 1.28 0.97
CA PRO O 465 64.90 2.40 0.03
C PRO O 465 64.20 2.07 -1.29
N LYS O 466 64.27 3.04 -2.19
CA LYS O 466 63.51 2.99 -3.44
C LYS O 466 63.90 1.79 -4.29
N CYS O 467 62.89 1.07 -4.78
CA CYS O 467 63.08 -0.03 -5.71
C CYS O 467 63.77 -1.24 -5.07
N VAL O 468 64.17 -1.13 -3.81
CA VAL O 468 64.88 -2.22 -3.15
C VAL O 468 63.92 -3.25 -2.56
N GLY O 469 62.65 -2.90 -2.37
CA GLY O 469 61.71 -3.76 -1.69
C GLY O 469 61.71 -5.17 -2.24
N GLN O 470 61.84 -6.16 -1.35
CA GLN O 470 61.82 -7.56 -1.76
C GLN O 470 60.39 -8.10 -1.71
N PRO O 471 60.08 -9.13 -2.50
CA PRO O 471 58.69 -9.55 -2.64
C PRO O 471 58.21 -10.40 -1.46
N GLY O 472 57.21 -9.88 -0.74
CA GLY O 472 56.48 -10.69 0.21
C GLY O 472 57.06 -10.77 1.60
N VAL O 473 57.25 -9.65 2.29
CA VAL O 473 57.65 -9.64 3.69
C VAL O 473 56.83 -8.61 4.43
N PHE O 474 56.25 -9.01 5.56
CA PHE O 474 55.35 -8.14 6.31
C PHE O 474 55.53 -8.35 7.80
N HIS O 475 55.57 -7.24 8.53
CA HIS O 475 55.85 -7.23 9.97
C HIS O 475 54.57 -6.90 10.72
N LEU O 476 54.25 -7.74 11.70
CA LEU O 476 53.05 -7.57 12.53
C LEU O 476 53.47 -7.43 13.98
N ASN O 477 52.98 -6.39 14.64
CA ASN O 477 53.23 -6.17 16.05
C ASN O 477 51.93 -6.30 16.83
N MET O 478 51.92 -7.17 17.84
CA MET O 478 50.74 -7.39 18.65
C MET O 478 51.14 -7.41 20.11
N ARG O 479 50.32 -6.82 20.97
CA ARG O 479 50.65 -6.71 22.38
C ARG O 479 49.75 -7.65 23.17
N TYR O 480 50.31 -8.81 23.54
CA TYR O 480 49.55 -9.81 24.28
C TYR O 480 49.29 -9.34 25.70
N ARG O 481 48.19 -9.84 26.30
CA ARG O 481 47.90 -9.64 27.71
C ARG O 481 47.21 -10.88 28.24
N PRO O 482 47.73 -11.52 29.30
CA PRO O 482 47.13 -12.76 29.76
C PRO O 482 45.78 -12.51 30.41
N PRO O 483 44.85 -13.45 30.32
CA PRO O 483 43.57 -13.29 31.01
C PRO O 483 43.74 -13.43 32.52
N VAL O 484 43.26 -12.44 33.26
CA VAL O 484 43.47 -12.43 34.70
C VAL O 484 42.76 -13.62 35.33
N ARG O 485 43.28 -14.06 36.47
CA ARG O 485 42.67 -15.14 37.22
C ARG O 485 42.70 -14.82 38.71
N GLY O 486 41.72 -15.35 39.43
CA GLY O 486 41.70 -15.15 40.87
C GLY O 486 42.99 -15.65 41.48
N ALA O 487 43.59 -14.86 42.37
CA ALA O 487 44.89 -15.22 42.91
C ALA O 487 44.94 -15.21 44.43
N ARG O 488 44.27 -14.26 45.07
CA ARG O 488 44.38 -14.15 46.51
C ARG O 488 43.22 -13.36 47.07
N ILE O 489 42.74 -13.78 48.24
CA ILE O 489 41.65 -13.11 48.95
C ILE O 489 42.12 -12.81 50.36
N ASN O 490 41.86 -11.59 50.83
CA ASN O 490 42.07 -11.22 52.21
C ASN O 490 40.73 -11.22 52.92
N VAL O 491 40.67 -11.89 54.08
CA VAL O 491 39.45 -12.03 54.84
C VAL O 491 39.62 -11.31 56.16
N ASN O 492 38.64 -10.49 56.51
CA ASN O 492 38.58 -9.84 57.81
C ASN O 492 37.34 -10.34 58.53
N LEU O 493 37.52 -10.94 59.69
CA LEU O 493 36.43 -11.57 60.43
C LEU O 493 36.24 -10.81 61.73
N VAL O 494 35.01 -10.37 61.99
CA VAL O 494 34.75 -9.40 63.05
C VAL O 494 33.64 -9.89 63.98
N PRO O 495 33.92 -10.81 64.89
CA PRO O 495 32.87 -11.31 65.78
C PRO O 495 32.34 -10.22 66.71
N ALA O 496 31.07 -10.36 67.07
CA ALA O 496 30.44 -9.44 68.02
C ALA O 496 29.27 -10.15 68.67
N LEU O 497 28.84 -9.63 69.82
CA LEU O 497 27.83 -10.31 70.62
C LEU O 497 26.43 -9.79 70.31
N PHE O 498 25.44 -10.63 70.57
CA PHE O 498 24.06 -10.23 70.36
C PHE O 498 23.70 -9.07 71.28
N ASP O 499 22.88 -8.15 70.77
CA ASP O 499 22.66 -6.89 71.46
C ASP O 499 21.36 -6.26 70.96
N ASN O 500 20.89 -5.29 71.72
CA ASN O 500 19.81 -4.41 71.29
C ASN O 500 18.51 -5.18 71.17
N CYS P 3 38.33 11.92 -1.24
CA CYS P 3 38.92 11.69 0.11
C CYS P 3 37.87 11.89 1.20
N ASN P 4 38.20 12.68 2.23
CA ASN P 4 37.42 12.73 3.45
C ASN P 4 35.97 13.11 3.19
N LYS P 5 35.72 13.72 2.04
CA LYS P 5 34.42 14.28 1.73
C LYS P 5 33.95 13.78 0.37
N GLN P 6 34.01 12.46 0.18
CA GLN P 6 33.38 11.85 -0.98
C GLN P 6 32.77 10.53 -0.53
N ASN P 7 31.54 10.27 -0.95
CA ASN P 7 30.81 9.08 -0.57
C ASN P 7 30.78 8.10 -1.71
N GLY P 8 31.24 6.88 -1.47
CA GLY P 8 31.22 5.84 -2.49
C GLY P 8 31.95 4.62 -2.00
N VAL P 9 31.78 3.53 -2.74
CA VAL P 9 32.41 2.26 -2.43
C VAL P 9 33.65 2.13 -3.31
N LYS P 10 34.64 1.40 -2.82
CA LYS P 10 35.94 1.30 -3.48
C LYS P 10 36.38 -0.12 -3.74
N ASN P 11 35.94 -1.07 -2.93
CA ASN P 11 36.28 -2.48 -3.13
C ASN P 11 35.22 -3.35 -2.48
N ILE P 12 35.10 -4.57 -2.97
CA ILE P 12 34.24 -5.58 -2.38
C ILE P 12 34.90 -6.93 -2.58
N LEU P 13 35.06 -7.69 -1.51
CA LEU P 13 35.69 -8.99 -1.58
C LEU P 13 34.78 -10.01 -0.92
N ILE P 14 34.87 -11.25 -1.37
CA ILE P 14 34.02 -12.31 -0.88
C ILE P 14 34.80 -13.62 -0.94
N THR P 15 34.53 -14.50 0.03
CA THR P 15 35.26 -15.76 0.15
C THR P 15 34.29 -16.87 0.50
N PHE P 16 33.82 -17.59 -0.51
CA PHE P 16 32.78 -18.57 -0.34
C PHE P 16 33.33 -19.84 0.29
N THR P 17 32.55 -20.44 1.17
CA THR P 17 32.84 -21.76 1.70
C THR P 17 31.59 -22.61 1.56
N HIS P 18 31.79 -23.87 1.23
CA HIS P 18 30.68 -24.79 0.98
C HIS P 18 30.49 -25.64 2.23
N CYS P 19 29.30 -25.58 2.81
CA CYS P 19 29.05 -26.28 4.06
C CYS P 19 29.25 -27.78 3.92
N ASP P 20 28.68 -28.37 2.87
CA ASP P 20 28.61 -29.82 2.76
C ASP P 20 29.92 -30.48 2.34
N THR P 21 30.76 -29.79 1.57
CA THR P 21 31.98 -30.37 1.05
C THR P 21 33.25 -29.74 1.58
N GLY P 22 33.18 -28.53 2.13
CA GLY P 22 34.37 -27.89 2.64
C GLY P 22 35.23 -27.21 1.61
N GLU P 23 34.74 -27.05 0.38
CA GLU P 23 35.52 -26.35 -0.64
C GLU P 23 35.60 -24.87 -0.28
N VAL P 24 36.64 -24.22 -0.80
CA VAL P 24 36.91 -22.81 -0.51
C VAL P 24 37.34 -22.12 -1.78
N ILE P 25 36.96 -20.86 -1.92
CA ILE P 25 37.35 -20.03 -3.05
C ILE P 25 37.88 -18.72 -2.50
N GLY P 26 39.16 -18.44 -2.77
CA GLY P 26 39.83 -17.30 -2.19
C GLY P 26 39.11 -16.02 -2.49
N PRO P 27 39.53 -14.93 -1.85
CA PRO P 27 38.81 -13.66 -2.04
C PRO P 27 38.69 -13.27 -3.50
N ILE P 28 37.50 -12.88 -3.93
CA ILE P 28 37.24 -12.47 -5.30
C ILE P 28 36.59 -11.11 -5.28
N SER P 29 37.09 -10.20 -6.11
CA SER P 29 36.51 -8.86 -6.16
C SER P 29 35.07 -8.94 -6.66
N HIS P 30 34.37 -7.81 -6.62
CA HIS P 30 33.02 -7.70 -7.14
C HIS P 30 32.68 -6.26 -7.43
N GLU P 31 31.67 -6.05 -8.27
CA GLU P 31 31.24 -4.71 -8.65
C GLU P 31 29.73 -4.61 -8.56
N GLN P 32 29.24 -3.42 -8.27
CA GLN P 32 27.83 -3.22 -7.97
C GLN P 32 27.00 -3.18 -9.24
N PRO P 33 25.74 -3.60 -9.17
CA PRO P 33 24.87 -3.52 -10.36
C PRO P 33 24.30 -2.15 -10.63
N ASP P 34 24.06 -1.34 -9.60
CA ASP P 34 23.49 -0.02 -9.82
C ASP P 34 24.04 0.92 -8.74
N ASP P 35 23.36 2.02 -8.50
CA ASP P 35 23.89 3.06 -7.64
C ASP P 35 23.71 2.77 -6.16
N THR P 36 22.87 1.81 -5.78
CA THR P 36 22.55 1.59 -4.38
C THR P 36 23.77 1.08 -3.64
N LEU P 37 24.13 1.72 -2.54
CA LEU P 37 25.25 1.26 -1.74
C LEU P 37 24.79 0.19 -0.77
N PRO P 38 25.71 -0.58 -0.21
CA PRO P 38 25.34 -1.52 0.86
C PRO P 38 24.80 -0.78 2.07
N THR P 39 24.36 -1.55 3.06
CA THR P 39 23.93 -1.00 4.34
C THR P 39 24.43 -1.90 5.45
N TYR P 40 24.28 -1.45 6.68
CA TYR P 40 24.86 -2.16 7.81
C TYR P 40 23.99 -2.01 9.04
N LYS P 41 24.26 -2.84 10.03
CA LYS P 41 23.83 -2.65 11.40
C LYS P 41 24.79 -3.43 12.26
N THR P 42 25.53 -2.75 13.12
CA THR P 42 26.63 -3.38 13.84
C THR P 42 26.35 -3.64 15.31
N CYS P 43 25.50 -2.86 15.96
CA CYS P 43 25.21 -3.11 17.36
C CYS P 43 24.38 -4.37 17.48
N ALA P 44 24.79 -5.28 18.36
CA ALA P 44 24.16 -6.59 18.44
C ALA P 44 22.82 -6.57 19.16
N TRP P 45 22.61 -5.64 20.08
CA TRP P 45 21.42 -5.66 20.91
C TRP P 45 20.28 -4.90 20.26
N THR P 46 19.10 -5.01 20.84
CA THR P 46 17.91 -4.35 20.33
C THR P 46 17.07 -3.82 21.48
N ASN P 47 16.62 -2.57 21.36
CA ASN P 47 15.88 -1.89 22.41
C ASN P 47 14.42 -1.74 22.01
N THR P 48 13.53 -2.34 22.77
CA THR P 48 12.10 -2.14 22.62
C THR P 48 11.65 -1.07 23.59
N ALA P 49 10.57 -0.38 23.27
CA ALA P 49 10.16 0.77 24.06
C ALA P 49 9.06 0.42 25.03
N LEU P 50 9.35 0.59 26.32
CA LEU P 50 8.35 0.49 27.37
C LEU P 50 7.81 1.88 27.67
N THR P 51 7.20 2.06 28.85
CA THR P 51 6.66 3.35 29.25
C THR P 51 7.65 4.08 30.15
N ASN P 52 7.53 5.41 30.18
CA ASN P 52 8.33 6.26 31.07
C ASN P 52 9.81 6.14 30.79
N GLY P 53 10.19 5.89 29.55
CA GLY P 53 11.59 5.89 29.18
C GLY P 53 12.33 4.61 29.48
N ALA P 54 11.70 3.62 30.08
CA ALA P 54 12.33 2.32 30.20
C ALA P 54 12.36 1.66 28.84
N VAL P 55 13.22 0.64 28.69
CA VAL P 55 13.33 -0.10 27.45
C VAL P 55 13.74 -1.53 27.78
N MET P 56 13.23 -2.47 27.00
CA MET P 56 13.59 -3.88 27.16
C MET P 56 14.73 -4.20 26.21
N ARG P 57 15.86 -4.63 26.77
CA ARG P 57 17.07 -4.89 26.02
C ARG P 57 17.24 -6.37 25.81
N SER P 58 17.53 -6.77 24.57
CA SER P 58 17.61 -8.18 24.23
C SER P 58 18.68 -8.41 23.17
N ALA P 59 18.90 -9.67 22.85
CA ALA P 59 19.95 -10.05 21.93
C ALA P 59 19.46 -10.12 20.50
N SER P 60 20.33 -9.75 19.56
CA SER P 60 20.01 -9.80 18.15
C SER P 60 21.28 -10.04 17.34
N ASN P 61 21.21 -9.85 16.02
CA ASN P 61 22.30 -10.22 15.15
C ASN P 61 22.79 -9.00 14.38
N ALA P 62 24.09 -8.94 14.14
CA ALA P 62 24.59 -7.98 13.17
C ALA P 62 24.20 -8.42 11.77
N THR P 63 23.86 -7.45 10.94
CA THR P 63 23.35 -7.76 9.61
C THR P 63 24.07 -6.90 8.59
N MET P 64 23.99 -7.32 7.33
CA MET P 64 24.58 -6.56 6.24
C MET P 64 23.75 -6.81 5.00
N THR P 65 23.69 -5.84 4.10
CA THR P 65 22.92 -5.95 2.87
C THR P 65 23.82 -5.56 1.71
N LEU P 66 23.94 -6.44 0.72
CA LEU P 66 25.03 -6.37 -0.24
C LEU P 66 24.58 -6.75 -1.64
N PRO P 67 24.29 -5.77 -2.50
CA PRO P 67 24.00 -6.09 -3.91
C PRO P 67 25.25 -6.11 -4.77
N VAL P 68 25.47 -7.23 -5.48
CA VAL P 68 26.69 -7.43 -6.25
C VAL P 68 26.36 -8.16 -7.54
N VAL P 69 27.13 -7.86 -8.58
CA VAL P 69 26.97 -8.52 -9.87
C VAL P 69 27.68 -9.87 -9.81
N ARG P 70 27.00 -10.92 -10.26
CA ARG P 70 27.54 -12.27 -10.10
C ARG P 70 28.88 -12.39 -10.79
N ASP P 71 29.75 -13.20 -10.21
CA ASP P 71 30.98 -13.57 -10.89
C ASP P 71 30.72 -14.77 -11.80
N PRO P 72 31.00 -14.67 -13.10
CA PRO P 72 30.52 -15.71 -14.03
C PRO P 72 31.10 -17.09 -13.80
N ARG P 73 32.00 -17.27 -12.83
CA ARG P 73 32.64 -18.57 -12.66
C ARG P 73 32.15 -19.32 -11.44
N VAL P 74 31.25 -18.75 -10.65
CA VAL P 74 30.78 -19.36 -9.41
C VAL P 74 29.33 -19.78 -9.61
N PRO P 75 28.92 -20.96 -9.15
CA PRO P 75 27.52 -21.35 -9.30
C PRO P 75 26.61 -20.34 -8.62
N LEU P 76 25.46 -20.09 -9.23
CA LEU P 76 24.53 -19.13 -8.63
C LEU P 76 24.13 -19.56 -7.24
N ALA P 77 23.99 -20.85 -6.99
CA ALA P 77 23.50 -21.30 -5.71
C ALA P 77 24.35 -20.77 -4.57
N TRP P 78 25.66 -20.62 -4.80
CA TRP P 78 26.53 -20.22 -3.72
C TRP P 78 26.23 -18.81 -3.22
N TYR P 79 25.62 -17.96 -4.04
CA TYR P 79 25.18 -16.66 -3.58
C TYR P 79 23.90 -16.72 -2.77
N GLN P 80 23.16 -17.82 -2.85
CA GLN P 80 21.96 -18.05 -2.06
C GLN P 80 22.31 -19.02 -0.93
N GLY P 81 21.30 -19.54 -0.26
CA GLY P 81 21.54 -20.14 1.04
C GLY P 81 22.42 -21.37 1.07
N CYS P 82 23.13 -21.70 0.00
CA CYS P 82 23.87 -22.95 -0.07
C CYS P 82 25.33 -22.83 0.36
N ALA P 83 25.80 -21.65 0.75
CA ALA P 83 27.21 -21.47 1.05
C ALA P 83 27.38 -20.50 2.21
N GLN P 84 28.52 -20.60 2.88
CA GLN P 84 28.88 -19.68 3.94
C GLN P 84 29.73 -18.56 3.36
N ILE P 85 29.55 -17.34 3.88
CA ILE P 85 30.05 -16.14 3.23
C ILE P 85 30.92 -15.36 4.18
N ASP P 86 31.99 -14.77 3.64
CA ASP P 86 32.79 -13.77 4.31
C ASP P 86 32.93 -12.58 3.37
N ALA P 87 32.85 -11.36 3.90
CA ALA P 87 32.77 -10.21 3.02
C ALA P 87 33.53 -9.04 3.63
N GLN P 88 33.85 -8.07 2.77
CA GLN P 88 34.52 -6.86 3.18
C GLN P 88 34.11 -5.73 2.25
N VAL P 89 34.24 -4.50 2.75
CA VAL P 89 33.95 -3.31 1.97
C VAL P 89 34.94 -2.22 2.37
N GLU P 90 35.43 -1.48 1.38
CA GLU P 90 36.31 -0.35 1.62
C GLU P 90 35.72 0.87 0.95
N LYS P 91 35.34 1.86 1.74
CA LYS P 91 34.79 3.10 1.22
C LYS P 91 35.93 4.05 0.90
N PHE P 92 35.60 5.15 0.22
CA PHE P 92 36.65 6.08 -0.18
C PHE P 92 37.29 6.75 1.03
N ASP P 93 36.49 7.20 1.98
CA ASP P 93 37.06 7.96 3.09
C ASP P 93 38.02 7.14 3.93
N GLY P 94 38.01 5.81 3.80
CA GLY P 94 38.92 4.95 4.52
C GLY P 94 38.27 3.89 5.35
N THR P 95 36.98 4.01 5.63
CA THR P 95 36.28 3.03 6.43
C THR P 95 36.43 1.65 5.81
N VAL P 96 36.39 0.61 6.65
CA VAL P 96 36.45 -0.77 6.20
C VAL P 96 35.53 -1.60 7.07
N MET P 97 34.56 -2.27 6.45
CA MET P 97 33.61 -3.11 7.14
C MET P 97 33.96 -4.57 6.87
N THR P 98 34.21 -5.33 7.93
CA THR P 98 34.61 -6.72 7.79
C THR P 98 33.58 -7.62 8.43
N LEU P 99 33.24 -8.69 7.74
CA LEU P 99 32.26 -9.68 8.21
C LEU P 99 32.84 -11.06 7.98
N THR P 100 32.47 -12.02 8.82
CA THR P 100 32.93 -13.38 8.66
C THR P 100 31.86 -14.37 9.07
N GLU P 101 32.00 -15.60 8.59
CA GLU P 101 31.04 -16.68 8.83
C GLU P 101 29.60 -16.22 8.74
N GLY P 102 29.29 -15.34 7.80
CA GLY P 102 27.92 -14.93 7.61
C GLY P 102 27.06 -16.06 7.07
N ALA P 103 25.76 -15.90 7.20
CA ALA P 103 24.78 -16.84 6.64
C ALA P 103 23.74 -16.05 5.88
N VAL P 104 23.33 -16.58 4.74
CA VAL P 104 22.35 -15.91 3.89
C VAL P 104 20.96 -16.35 4.29
N THR P 105 20.00 -15.42 4.28
CA THR P 105 18.66 -15.70 4.78
C THR P 105 17.60 -15.30 3.78
N GLU P 106 16.52 -16.09 3.74
CA GLU P 106 15.32 -15.82 2.96
C GLU P 106 15.68 -15.19 1.61
N PRO P 107 16.35 -15.94 0.73
CA PRO P 107 16.87 -15.36 -0.51
C PRO P 107 15.74 -15.09 -1.48
N GLU P 108 15.71 -13.87 -2.03
CA GLU P 108 14.75 -13.54 -3.06
C GLU P 108 15.26 -14.00 -4.41
N GLU P 109 14.33 -14.22 -5.33
CA GLU P 109 14.71 -14.71 -6.65
C GLU P 109 15.62 -13.73 -7.36
N SER P 110 16.58 -14.27 -8.09
CA SER P 110 17.52 -13.49 -8.88
C SER P 110 17.37 -13.83 -10.34
N ASP P 111 17.78 -12.91 -11.20
CA ASP P 111 17.66 -13.11 -12.64
C ASP P 111 18.95 -13.54 -13.29
N GLY P 112 19.95 -13.92 -12.52
CA GLY P 112 21.16 -14.50 -13.07
C GLY P 112 22.34 -13.58 -13.16
N ARG P 113 22.16 -12.27 -13.06
CA ARG P 113 23.28 -11.35 -13.14
C ARG P 113 23.35 -10.38 -11.96
N ALA P 114 22.23 -9.88 -11.47
CA ALA P 114 22.21 -9.01 -10.32
C ALA P 114 21.62 -9.76 -9.13
N VAL P 115 22.33 -9.76 -8.02
CA VAL P 115 21.92 -10.55 -6.85
C VAL P 115 22.00 -9.67 -5.61
N THR P 116 21.00 -9.81 -4.74
CA THR P 116 20.96 -9.13 -3.46
C THR P 116 21.05 -10.17 -2.35
N MET P 117 21.95 -9.95 -1.40
CA MET P 117 22.18 -10.88 -0.30
C MET P 117 21.86 -10.20 1.01
N THR P 118 21.11 -10.88 1.86
CA THR P 118 20.85 -10.43 3.23
C THR P 118 21.62 -11.32 4.17
N ILE P 119 22.73 -10.81 4.70
CA ILE P 119 23.63 -11.61 5.51
C ILE P 119 23.41 -11.27 6.98
N ILE P 120 23.56 -12.26 7.85
CA ILE P 120 23.50 -12.06 9.28
C ILE P 120 24.70 -12.77 9.91
N ALA P 121 25.25 -12.17 10.96
CA ALA P 121 26.45 -12.73 11.57
C ALA P 121 26.51 -12.31 13.04
N ALA P 122 27.35 -13.01 13.80
CA ALA P 122 27.45 -12.74 15.22
C ALA P 122 27.95 -11.33 15.50
N GLU P 123 28.93 -10.87 14.73
CA GLU P 123 29.52 -9.57 14.98
C GLU P 123 30.12 -9.02 13.69
N ILE P 124 30.07 -7.71 13.55
CA ILE P 124 30.68 -7.00 12.44
C ILE P 124 31.58 -5.93 13.01
N ASP P 125 32.82 -5.87 12.53
CA ASP P 125 33.81 -4.96 13.07
C ASP P 125 34.11 -3.85 12.07
N GLU P 126 34.08 -2.62 12.56
CA GLU P 126 34.29 -1.43 11.75
C GLU P 126 35.66 -0.85 12.06
N LEU P 127 36.43 -0.55 11.02
CA LEU P 127 37.74 0.09 11.16
C LEU P 127 37.62 1.52 10.64
N LEU P 128 37.95 2.49 11.47
CA LEU P 128 37.79 3.89 11.11
C LEU P 128 39.08 4.44 10.52
N PRO P 129 38.99 5.58 9.85
CA PRO P 129 40.21 6.26 9.42
C PRO P 129 41.02 6.69 10.63
N PRO P 130 42.23 7.20 10.43
CA PRO P 130 43.07 7.57 11.56
C PRO P 130 42.41 8.61 12.45
N GLY P 131 42.66 8.50 13.75
CA GLY P 131 42.25 9.52 14.70
C GLY P 131 40.95 9.26 15.42
N SER P 132 40.56 8.00 15.60
CA SER P 132 39.28 7.70 16.22
C SER P 132 39.24 8.18 17.66
N LEU P 133 38.05 8.54 18.12
CA LEU P 133 37.85 8.98 19.49
C LEU P 133 37.44 7.85 20.43
N ALA P 134 37.33 6.62 19.95
CA ALA P 134 36.91 5.53 20.82
C ALA P 134 37.48 4.23 20.31
N ALA P 135 37.63 3.27 21.22
CA ALA P 135 38.18 1.96 20.88
C ALA P 135 37.35 1.29 19.81
N MET Q 1 -26.11 -75.72 -18.74
CA MET Q 1 -26.51 -74.89 -17.55
C MET Q 1 -25.57 -75.14 -16.38
N ALA Q 2 -25.35 -76.41 -16.07
CA ALA Q 2 -24.46 -76.79 -14.97
C ALA Q 2 -24.95 -76.07 -13.72
N GLN Q 3 -24.06 -75.79 -12.78
CA GLN Q 3 -24.44 -75.06 -11.58
C GLN Q 3 -24.78 -73.62 -11.94
N ASP Q 4 -25.87 -73.12 -11.37
CA ASP Q 4 -26.50 -71.93 -11.91
C ASP Q 4 -25.53 -70.75 -11.95
N ALA Q 5 -24.76 -70.56 -10.89
CA ALA Q 5 -23.95 -69.36 -10.78
C ALA Q 5 -23.04 -69.17 -11.98
N LEU Q 6 -22.64 -70.26 -12.64
CA LEU Q 6 -21.79 -70.18 -13.82
C LEU Q 6 -22.56 -70.29 -15.12
N SER Q 7 -23.89 -70.32 -15.08
CA SER Q 7 -24.65 -70.60 -16.28
C SER Q 7 -24.59 -69.46 -17.28
N ASP Q 8 -24.82 -68.22 -16.83
CA ASP Q 8 -25.04 -67.12 -17.76
C ASP Q 8 -23.84 -66.81 -18.63
N GLY Q 9 -22.64 -67.25 -18.26
CA GLY Q 9 -21.48 -66.96 -19.05
C GLY Q 9 -20.82 -65.63 -18.77
N PHE Q 10 -21.28 -64.90 -17.74
CA PHE Q 10 -20.56 -63.69 -17.34
C PHE Q 10 -19.15 -64.04 -16.87
N VAL Q 11 -19.03 -65.11 -16.09
CA VAL Q 11 -17.77 -65.54 -15.51
C VAL Q 11 -17.40 -66.87 -16.12
N ARG Q 12 -16.23 -66.95 -16.76
CA ARG Q 12 -15.72 -68.20 -17.30
C ARG Q 12 -14.52 -68.62 -16.49
N LEU Q 13 -14.59 -69.82 -15.93
CA LEU Q 13 -13.74 -70.25 -14.83
C LEU Q 13 -12.90 -71.44 -15.25
N CYS Q 14 -11.61 -71.38 -14.96
CA CYS Q 14 -10.68 -72.48 -15.18
C CYS Q 14 -9.99 -72.81 -13.87
N ILE Q 15 -9.97 -74.09 -13.52
CA ILE Q 15 -9.29 -74.55 -12.32
C ILE Q 15 -8.07 -75.34 -12.76
N ASP Q 16 -6.89 -74.86 -12.41
CA ASP Q 16 -5.65 -75.45 -12.87
C ASP Q 16 -4.57 -75.26 -11.81
N PRO Q 17 -3.99 -76.34 -11.27
CA PRO Q 17 -2.93 -76.18 -10.28
C PRO Q 17 -1.54 -76.00 -10.86
N SER Q 18 -1.40 -75.83 -12.17
CA SER Q 18 -0.10 -75.83 -12.82
C SER Q 18 0.16 -74.64 -13.72
N LEU Q 19 -0.59 -73.55 -13.59
CA LEU Q 19 -0.34 -72.37 -14.42
C LEU Q 19 0.87 -71.60 -13.90
N ASN Q 20 1.05 -70.39 -14.43
CA ASN Q 20 2.14 -69.52 -14.00
C ASN Q 20 1.77 -68.08 -14.25
N PHE Q 21 1.98 -67.22 -13.25
CA PHE Q 21 1.64 -65.81 -13.35
C PHE Q 21 2.80 -64.95 -13.82
N PHE Q 22 4.02 -65.26 -13.39
CA PHE Q 22 5.15 -64.36 -13.57
C PHE Q 22 5.39 -64.08 -15.05
N GLY Q 23 5.49 -62.79 -15.39
CA GLY Q 23 6.02 -62.41 -16.67
C GLY Q 23 7.42 -62.94 -16.79
N GLU Q 24 7.75 -63.54 -17.93
CA GLU Q 24 8.98 -64.31 -18.04
C GLU Q 24 10.19 -63.46 -17.67
N GLY Q 25 11.08 -64.01 -16.87
CA GLY Q 25 12.21 -63.28 -16.32
C GLY Q 25 13.37 -63.20 -17.30
N CYS Q 26 14.58 -63.24 -16.73
CA CYS Q 26 15.78 -63.18 -17.55
C CYS Q 26 16.06 -64.53 -18.20
N LYS Q 27 16.95 -64.51 -19.18
CA LYS Q 27 17.32 -65.74 -19.89
C LYS Q 27 18.72 -66.16 -19.47
N ILE Q 28 18.88 -67.45 -19.19
CA ILE Q 28 20.16 -68.03 -18.80
C ILE Q 28 20.49 -69.17 -19.75
N LEU Q 29 21.76 -69.30 -20.11
CA LEU Q 29 22.20 -70.27 -21.11
C LEU Q 29 23.07 -71.34 -20.45
N VAL Q 30 22.83 -72.59 -20.83
CA VAL Q 30 23.56 -73.75 -20.33
C VAL Q 30 24.14 -74.49 -21.51
N GLU Q 31 25.37 -75.00 -21.36
CA GLU Q 31 26.07 -75.65 -22.46
C GLU Q 31 26.89 -76.81 -21.93
N GLY Q 32 26.96 -77.88 -22.71
CA GLY Q 32 27.71 -79.06 -22.30
C GLY Q 32 27.63 -80.16 -23.35
N GLN Q 33 28.10 -81.33 -22.94
CA GLN Q 33 28.07 -82.49 -23.83
C GLN Q 33 26.68 -83.10 -23.86
N ILE Q 34 26.54 -84.19 -24.61
CA ILE Q 34 25.33 -85.01 -24.59
C ILE Q 34 25.71 -86.45 -24.91
N THR Q 35 24.82 -87.37 -24.53
CA THR Q 35 24.94 -88.77 -24.90
C THR Q 35 24.05 -89.08 -26.10
N ASP Q 36 24.26 -90.27 -26.65
CA ASP Q 36 23.75 -90.58 -27.98
C ASP Q 36 22.23 -90.54 -28.08
N ASP Q 37 21.51 -91.04 -27.08
CA ASP Q 37 20.06 -91.07 -27.19
C ASP Q 37 19.44 -89.68 -27.17
N ALA Q 38 20.24 -88.62 -27.01
CA ALA Q 38 19.71 -87.27 -26.94
C ALA Q 38 19.00 -86.89 -28.23
N THR Q 39 17.67 -86.86 -28.20
CA THR Q 39 16.89 -86.54 -29.39
C THR Q 39 17.12 -85.12 -29.87
N ALA Q 40 17.65 -84.24 -29.01
CA ALA Q 40 17.80 -82.84 -29.40
C ALA Q 40 18.78 -82.71 -30.55
N ALA Q 41 18.61 -81.65 -31.34
CA ALA Q 41 19.47 -81.42 -32.48
C ALA Q 41 20.83 -80.90 -32.02
N GLU Q 42 21.89 -81.51 -32.52
CA GLU Q 42 23.23 -81.13 -32.11
C GLU Q 42 23.50 -79.69 -32.47
N ASN Q 43 24.23 -78.99 -31.61
CA ASN Q 43 24.70 -77.63 -31.89
C ASN Q 43 23.57 -76.68 -32.24
N VAL Q 44 22.43 -76.85 -31.59
CA VAL Q 44 21.23 -76.04 -31.84
C VAL Q 44 20.73 -75.48 -30.51
N VAL Q 45 20.43 -74.19 -30.50
CA VAL Q 45 19.90 -73.55 -29.29
C VAL Q 45 18.44 -73.97 -29.09
N THR Q 46 18.11 -74.38 -27.88
CA THR Q 46 16.80 -74.95 -27.57
C THR Q 46 16.22 -74.33 -26.31
N CYS Q 47 14.90 -74.35 -26.22
CA CYS Q 47 14.20 -73.94 -25.00
C CYS Q 47 13.94 -75.16 -24.13
N VAL Q 48 13.73 -74.91 -22.84
CA VAL Q 48 13.42 -75.95 -21.88
C VAL Q 48 12.23 -75.50 -21.04
N ASN Q 49 11.51 -76.45 -20.46
CA ASN Q 49 10.30 -76.14 -19.71
C ASN Q 49 10.16 -76.90 -18.40
N SER Q 50 10.83 -78.04 -18.23
CA SER Q 50 10.64 -78.83 -17.02
C SER Q 50 11.82 -79.77 -16.83
N GLU Q 51 11.76 -80.53 -15.74
CA GLU Q 51 12.85 -81.44 -15.40
C GLU Q 51 12.83 -82.72 -16.25
N LEU Q 52 11.65 -83.22 -16.57
CA LEU Q 52 11.50 -84.53 -17.18
C LEU Q 52 11.84 -84.54 -18.67
N ASP Q 53 11.93 -83.37 -19.30
CA ASP Q 53 12.29 -83.33 -20.71
C ASP Q 53 13.68 -83.91 -20.94
N LEU Q 54 14.48 -83.99 -19.87
CA LEU Q 54 15.81 -84.55 -19.97
C LEU Q 54 15.75 -86.00 -20.41
N VAL Q 55 16.93 -86.61 -20.58
CA VAL Q 55 17.04 -87.99 -21.04
C VAL Q 55 16.56 -88.04 -22.48
N GLU Q 56 15.25 -87.84 -22.68
CA GLU Q 56 14.71 -87.78 -24.03
C GLU Q 56 15.49 -86.80 -24.88
N ARG Q 57 15.68 -85.59 -24.37
CA ARG Q 57 16.27 -84.52 -25.17
C ARG Q 57 17.78 -84.45 -24.99
N PHE Q 58 18.30 -84.95 -23.87
CA PHE Q 58 19.71 -84.77 -23.55
C PHE Q 58 20.38 -86.02 -23.03
N GLY Q 59 19.63 -87.11 -22.82
CA GLY Q 59 20.25 -88.40 -22.60
C GLY Q 59 20.69 -88.69 -21.18
N GLN Q 60 20.44 -89.92 -20.74
CA GLN Q 60 20.75 -90.32 -19.38
C GLN Q 60 22.23 -90.15 -19.09
N GLY Q 61 22.53 -89.55 -17.93
CA GLY Q 61 23.89 -89.46 -17.43
C GLY Q 61 24.77 -88.43 -18.10
N SER Q 62 24.27 -87.75 -19.14
CA SER Q 62 25.07 -86.77 -19.83
C SER Q 62 25.21 -85.51 -18.96
N VAL Q 63 26.31 -84.78 -19.20
CA VAL Q 63 26.61 -83.61 -18.37
C VAL Q 63 25.46 -82.63 -18.39
N LEU Q 64 24.93 -82.35 -19.58
CA LEU Q 64 23.89 -81.33 -19.71
C LEU Q 64 22.67 -81.68 -18.87
N THR Q 65 22.37 -82.97 -18.73
CA THR Q 65 21.22 -83.37 -17.94
C THR Q 65 21.37 -82.93 -16.48
N GLU Q 66 22.49 -83.27 -15.86
CA GLU Q 66 22.69 -82.86 -14.47
C GLU Q 66 22.77 -81.34 -14.35
N SER Q 67 23.38 -80.68 -15.33
CA SER Q 67 23.45 -79.23 -15.29
C SER Q 67 22.07 -78.62 -15.26
N LEU Q 68 21.14 -79.14 -16.06
CA LEU Q 68 19.77 -78.64 -16.02
C LEU Q 68 19.06 -79.05 -14.74
N ARG Q 69 19.34 -80.24 -14.23
CA ARG Q 69 18.71 -80.68 -12.99
C ARG Q 69 19.00 -79.70 -11.87
N LYS Q 70 20.27 -79.37 -11.68
CA LYS Q 70 20.62 -78.46 -10.59
C LYS Q 70 19.96 -77.11 -10.79
N VAL Q 71 19.96 -76.60 -12.03
CA VAL Q 71 19.39 -75.28 -12.28
C VAL Q 71 17.92 -75.26 -11.92
N PHE Q 72 17.17 -76.26 -12.36
CA PHE Q 72 15.76 -76.30 -12.01
C PHE Q 72 15.58 -76.43 -10.51
N CYS Q 73 16.45 -77.16 -9.83
CA CYS Q 73 16.29 -77.35 -8.40
C CYS Q 73 16.52 -76.03 -7.65
N MET Q 74 17.53 -75.26 -8.06
CA MET Q 74 17.85 -74.02 -7.36
C MET Q 74 16.78 -72.96 -7.54
N CYS Q 75 16.36 -72.69 -8.78
CA CYS Q 75 15.50 -71.55 -9.10
C CYS Q 75 14.09 -72.07 -9.36
N LYS Q 76 13.18 -71.77 -8.46
CA LYS Q 76 11.81 -72.24 -8.60
C LYS Q 76 10.94 -71.36 -9.48
N SER Q 77 11.45 -70.20 -9.92
CA SER Q 77 10.62 -69.33 -10.74
C SER Q 77 11.46 -68.18 -11.27
N GLY Q 78 10.90 -67.50 -12.27
CA GLY Q 78 11.47 -66.24 -12.74
C GLY Q 78 12.73 -66.35 -13.54
N VAL Q 79 13.02 -67.52 -14.11
CA VAL Q 79 14.20 -67.70 -14.94
C VAL Q 79 13.82 -68.52 -16.17
N SER Q 80 14.32 -68.09 -17.32
CA SER Q 80 14.10 -68.78 -18.59
C SER Q 80 15.28 -69.69 -18.85
N VAL Q 81 15.00 -70.95 -19.17
CA VAL Q 81 16.03 -71.97 -19.30
C VAL Q 81 16.27 -72.20 -20.79
N TYR Q 82 17.51 -71.98 -21.24
CA TYR Q 82 17.91 -72.28 -22.59
C TYR Q 82 19.17 -73.13 -22.55
N ALA Q 83 19.33 -73.99 -23.55
CA ALA Q 83 20.43 -74.94 -23.58
C ALA Q 83 21.05 -74.98 -24.97
N LEU Q 84 22.32 -75.38 -25.00
CA LEU Q 84 23.06 -75.57 -26.25
C LEU Q 84 23.84 -76.87 -26.16
N PRO Q 85 23.30 -77.98 -26.63
CA PRO Q 85 24.03 -79.24 -26.51
C PRO Q 85 25.23 -79.28 -27.42
N ARG Q 86 26.23 -80.07 -27.03
CA ARG Q 86 27.43 -80.29 -27.81
C ARG Q 86 27.74 -81.78 -27.87
N ALA Q 87 28.25 -82.22 -29.02
CA ALA Q 87 28.53 -83.62 -29.24
C ALA Q 87 29.93 -83.98 -28.76
N ASP Q 88 30.11 -85.25 -28.45
CA ASP Q 88 31.41 -85.73 -27.99
C ASP Q 88 32.44 -85.62 -29.11
N ALA Q 89 33.69 -85.36 -28.72
CA ALA Q 89 34.78 -85.36 -29.68
C ALA Q 89 35.03 -86.77 -30.19
N ALA Q 90 35.39 -86.86 -31.48
CA ALA Q 90 35.61 -88.18 -32.08
C ALA Q 90 36.73 -88.94 -31.37
N ALA Q 91 37.82 -88.24 -31.06
CA ALA Q 91 38.94 -88.85 -30.34
C ALA Q 91 38.71 -88.91 -28.84
N ALA Q 92 37.57 -88.44 -28.35
CA ALA Q 92 37.27 -88.50 -26.93
C ALA Q 92 37.36 -89.94 -26.44
N VAL Q 93 38.03 -90.13 -25.31
CA VAL Q 93 38.22 -91.44 -24.71
C VAL Q 93 37.54 -91.46 -23.36
N SER Q 94 36.61 -92.38 -23.17
CA SER Q 94 35.97 -92.52 -21.87
C SER Q 94 37.03 -92.78 -20.82
N ALA Q 95 36.94 -92.05 -19.71
CA ALA Q 95 37.83 -92.32 -18.59
C ALA Q 95 37.40 -93.61 -17.91
N VAL Q 96 38.34 -94.23 -17.20
CA VAL Q 96 38.08 -95.48 -16.50
C VAL Q 96 38.67 -95.40 -15.10
N TYR Q 97 37.86 -95.73 -14.10
CA TYR Q 97 38.30 -95.84 -12.72
C TYR Q 97 37.99 -97.23 -12.20
N THR Q 98 38.75 -97.66 -11.20
CA THR Q 98 38.63 -99.00 -10.66
C THR Q 98 38.32 -98.94 -9.17
N LEU Q 99 37.34 -99.72 -8.75
CA LEU Q 99 37.00 -99.90 -7.35
C LEU Q 99 37.17 -101.37 -7.00
N THR Q 100 37.81 -101.65 -5.87
CA THR Q 100 38.18 -103.00 -5.48
C THR Q 100 37.66 -103.29 -4.08
N VAL Q 101 36.95 -104.40 -3.93
CA VAL Q 101 36.59 -104.89 -2.61
C VAL Q 101 37.65 -105.88 -2.16
N THR Q 102 38.26 -105.60 -1.00
CA THR Q 102 39.37 -106.41 -0.51
C THR Q 102 39.04 -106.95 0.87
N GLY Q 103 39.61 -108.11 1.18
CA GLY Q 103 39.33 -108.75 2.43
C GLY Q 103 38.03 -109.55 2.40
N THR Q 104 37.64 -110.00 3.59
CA THR Q 104 36.42 -110.78 3.74
C THR Q 104 35.86 -110.52 5.13
N ALA Q 105 34.55 -110.29 5.19
CA ALA Q 105 33.92 -109.93 6.45
C ALA Q 105 34.03 -111.08 7.43
N LEU Q 106 33.99 -110.72 8.72
CA LEU Q 106 33.77 -111.67 9.79
C LEU Q 106 32.65 -111.21 10.73
N THR Q 107 32.06 -110.04 10.46
CA THR Q 107 30.90 -109.55 11.19
C THR Q 107 29.92 -108.94 10.20
N ASP Q 108 28.72 -108.66 10.68
CA ASP Q 108 27.81 -107.81 9.94
C ASP Q 108 28.27 -106.36 10.05
N GLY Q 109 27.79 -105.52 9.14
CA GLY Q 109 28.09 -104.11 9.22
C GLY Q 109 27.56 -103.37 8.02
N ARG Q 110 27.48 -102.05 8.18
CA ARG Q 110 26.93 -101.16 7.17
C ARG Q 110 28.07 -100.46 6.44
N VAL Q 111 27.99 -100.47 5.11
CA VAL Q 111 29.00 -99.83 4.26
C VAL Q 111 28.27 -98.88 3.32
N GLN Q 112 28.71 -97.63 3.30
CA GLN Q 112 28.13 -96.62 2.43
C GLN Q 112 29.24 -95.76 1.86
N LEU Q 113 29.05 -95.31 0.63
CA LEU Q 113 30.11 -94.68 -0.14
C LEU Q 113 29.65 -93.33 -0.64
N TYR Q 114 30.60 -92.42 -0.83
CA TYR Q 114 30.34 -91.12 -1.41
C TYR Q 114 31.27 -90.94 -2.60
N MET Q 115 30.71 -90.58 -3.75
CA MET Q 115 31.46 -90.52 -5.00
C MET Q 115 31.40 -89.13 -5.62
N GLY Q 116 31.58 -88.10 -4.81
CA GLY Q 116 31.57 -86.73 -5.31
C GLY Q 116 30.21 -86.09 -5.41
N GLU Q 117 29.17 -86.74 -4.89
CA GLU Q 117 27.86 -86.11 -4.88
C GLU Q 117 26.94 -86.86 -3.92
N ALA Q 118 26.22 -86.09 -3.09
CA ALA Q 118 25.29 -86.70 -2.15
C ALA Q 118 24.10 -87.33 -2.87
N GLU Q 119 23.61 -86.69 -3.92
CA GLU Q 119 22.45 -87.23 -4.63
C GLU Q 119 22.69 -88.65 -5.14
N TYR Q 120 23.94 -89.03 -5.40
CA TYR Q 120 24.27 -90.37 -5.83
C TYR Q 120 24.88 -91.21 -4.72
N SER Q 121 24.93 -90.69 -3.50
CA SER Q 121 25.42 -91.48 -2.38
C SER Q 121 24.52 -92.69 -2.16
N LEU Q 122 25.11 -93.76 -1.64
CA LEU Q 122 24.40 -95.00 -1.43
C LEU Q 122 24.83 -95.60 -0.10
N ASP Q 123 23.89 -96.22 0.58
CA ASP Q 123 24.13 -96.87 1.87
C ASP Q 123 23.70 -98.33 1.78
N ILE Q 124 24.63 -99.23 2.09
CA ILE Q 124 24.42 -100.66 1.92
C ILE Q 124 25.17 -101.39 3.04
N GLY Q 125 25.01 -102.70 3.07
CA GLY Q 125 25.67 -103.50 4.09
C GLY Q 125 25.25 -104.94 3.99
N VAL Q 126 25.69 -105.73 4.95
CA VAL Q 126 25.38 -107.15 5.00
C VAL Q 126 25.10 -107.52 6.46
N ASP Q 127 24.28 -108.55 6.65
CA ASP Q 127 23.82 -108.93 7.98
C ASP Q 127 24.18 -110.37 8.34
N GLU Q 128 25.29 -110.88 7.82
CA GLU Q 128 25.82 -112.17 8.22
C GLU Q 128 27.33 -112.05 8.34
N GLY Q 129 27.91 -112.94 9.15
CA GLY Q 129 29.34 -112.96 9.31
C GLY Q 129 30.05 -113.71 8.20
N ASP Q 130 31.37 -113.59 8.20
CA ASP Q 130 32.23 -114.37 7.32
C ASP Q 130 31.96 -114.12 5.85
N THR Q 131 31.17 -113.08 5.53
CA THR Q 131 30.73 -112.90 4.16
C THR Q 131 31.90 -112.46 3.27
N PRO Q 132 32.24 -113.20 2.23
CA PRO Q 132 33.39 -112.85 1.39
C PRO Q 132 33.05 -111.76 0.37
N THR Q 133 34.02 -111.49 -0.49
CA THR Q 133 33.89 -110.46 -1.52
C THR Q 133 32.76 -110.77 -2.50
N GLN Q 134 32.66 -112.02 -2.95
CA GLN Q 134 31.62 -112.37 -3.91
C GLN Q 134 30.23 -112.06 -3.37
N ILE Q 135 30.03 -112.17 -2.06
CA ILE Q 135 28.81 -111.64 -1.46
C ILE Q 135 28.75 -110.13 -1.65
N ALA Q 136 29.91 -109.46 -1.60
CA ALA Q 136 29.98 -108.04 -1.92
C ALA Q 136 29.90 -107.88 -3.44
N ALA Q 137 30.10 -106.66 -3.92
CA ALA Q 137 29.92 -106.29 -5.32
C ALA Q 137 28.45 -106.31 -5.72
N LYS Q 138 27.53 -106.21 -4.76
CA LYS Q 138 26.12 -106.07 -5.07
C LYS Q 138 25.74 -104.63 -5.35
N ILE Q 139 26.72 -103.72 -5.30
CA ILE Q 139 26.43 -102.29 -5.43
C ILE Q 139 25.81 -101.99 -6.78
N VAL Q 140 26.35 -102.58 -7.85
CA VAL Q 140 25.90 -102.25 -9.19
C VAL Q 140 24.42 -102.50 -9.38
N ALA Q 141 23.78 -103.21 -8.46
CA ALA Q 141 22.35 -103.49 -8.57
C ALA Q 141 21.49 -102.44 -7.88
N ALA Q 142 22.08 -101.37 -7.35
CA ALA Q 142 21.29 -100.37 -6.64
C ALA Q 142 21.65 -98.95 -7.04
N ILE Q 143 22.85 -98.76 -7.61
CA ILE Q 143 23.28 -97.43 -8.02
C ILE Q 143 22.29 -96.86 -9.03
N SER Q 144 22.04 -95.56 -8.93
CA SER Q 144 20.97 -94.95 -9.70
C SER Q 144 21.33 -94.86 -11.18
N PRO Q 145 20.33 -94.71 -12.06
CA PRO Q 145 20.62 -94.56 -13.49
C PRO Q 145 21.45 -93.33 -13.80
N ASP Q 146 21.28 -92.24 -13.06
CA ASP Q 146 21.81 -90.94 -13.46
C ASP Q 146 23.32 -90.85 -13.36
N PHE Q 147 23.96 -91.76 -12.66
CA PHE Q 147 25.38 -91.63 -12.41
C PHE Q 147 26.12 -91.50 -13.75
N PRO Q 148 27.10 -90.59 -13.86
CA PRO Q 148 27.71 -90.35 -15.17
C PRO Q 148 28.62 -91.47 -15.65
N TYR Q 149 28.60 -92.62 -14.98
CA TYR Q 149 29.50 -93.71 -15.31
C TYR Q 149 28.76 -95.03 -15.32
N GLU Q 150 29.33 -96.02 -16.00
CA GLU Q 150 28.86 -97.39 -15.91
C GLU Q 150 29.78 -98.20 -15.00
N ALA Q 151 29.27 -99.33 -14.53
CA ALA Q 151 30.00 -100.18 -13.59
C ALA Q 151 30.05 -101.60 -14.12
N THR Q 152 31.21 -102.25 -13.96
CA THR Q 152 31.39 -103.61 -14.47
C THR Q 152 30.56 -104.63 -13.72
N ALA Q 153 30.44 -104.52 -12.40
CA ALA Q 153 29.66 -105.43 -11.57
C ALA Q 153 30.30 -106.81 -11.43
N ALA Q 154 31.58 -106.95 -11.75
CA ALA Q 154 32.28 -108.21 -11.52
C ALA Q 154 32.78 -108.28 -10.09
N ALA Q 155 32.65 -109.45 -9.48
CA ALA Q 155 33.03 -109.62 -8.09
C ALA Q 155 34.54 -109.42 -7.92
N GLY Q 156 34.93 -108.96 -6.74
CA GLY Q 156 36.32 -108.64 -6.46
C GLY Q 156 36.63 -107.18 -6.72
N VAL Q 157 36.48 -106.74 -7.96
CA VAL Q 157 36.73 -105.36 -8.35
C VAL Q 157 35.65 -104.95 -9.35
N ILE Q 158 35.14 -103.72 -9.19
CA ILE Q 158 34.21 -103.13 -10.15
C ILE Q 158 34.85 -101.89 -10.74
N THR Q 159 34.89 -101.81 -12.06
CA THR Q 159 35.54 -100.72 -12.77
C THR Q 159 34.48 -99.78 -13.32
N LEU Q 160 34.78 -98.49 -13.29
CA LEU Q 160 33.84 -97.45 -13.70
C LEU Q 160 34.35 -96.78 -14.96
N THR Q 161 33.45 -96.55 -15.91
CA THR Q 161 33.76 -95.87 -17.15
C THR Q 161 32.82 -94.70 -17.33
N ALA Q 162 33.35 -93.58 -17.83
CA ALA Q 162 32.55 -92.38 -18.02
C ALA Q 162 31.51 -92.59 -19.11
N ARG Q 163 30.30 -92.07 -18.89
CA ARG Q 163 29.30 -92.06 -19.95
C ARG Q 163 29.63 -91.04 -21.03
N ASN Q 164 30.65 -90.20 -20.82
CA ASN Q 164 31.15 -89.31 -21.84
C ASN Q 164 32.67 -89.26 -21.78
N GLY Q 165 33.29 -88.95 -22.91
CA GLY Q 165 34.73 -88.92 -23.00
C GLY Q 165 35.28 -87.57 -22.57
N GLY Q 166 36.51 -87.30 -23.02
CA GLY Q 166 37.14 -86.04 -22.74
C GLY Q 166 37.63 -85.94 -21.31
N THR Q 167 38.12 -84.74 -20.99
CA THR Q 167 38.68 -84.49 -19.66
C THR Q 167 37.60 -84.45 -18.58
N ILE Q 168 36.32 -84.47 -18.96
CA ILE Q 168 35.27 -84.25 -17.98
C ILE Q 168 35.36 -85.26 -16.84
N GLY Q 169 35.44 -86.54 -17.16
CA GLY Q 169 35.36 -87.56 -16.14
C GLY Q 169 36.58 -87.64 -15.24
N ASN Q 170 37.67 -86.99 -15.63
CA ASN Q 170 38.92 -87.12 -14.88
C ASN Q 170 38.82 -86.65 -13.44
N HIS Q 171 37.83 -85.85 -13.10
CA HIS Q 171 37.75 -85.24 -11.77
C HIS Q 171 36.92 -86.04 -10.78
N LEU Q 172 36.38 -87.19 -11.18
CA LEU Q 172 35.59 -87.99 -10.25
C LEU Q 172 36.44 -88.42 -9.08
N SER Q 173 35.80 -88.56 -7.91
CA SER Q 173 36.45 -89.11 -6.73
C SER Q 173 35.45 -89.95 -5.95
N VAL Q 174 35.96 -90.99 -5.31
CA VAL Q 174 35.15 -91.94 -4.55
C VAL Q 174 35.65 -91.96 -3.11
N ILE Q 175 34.71 -92.00 -2.16
CA ILE Q 175 35.03 -91.93 -0.75
C ILE Q 175 34.27 -93.01 0.01
N TYR Q 176 34.94 -93.56 1.02
CA TYR Q 176 34.32 -94.44 2.00
C TYR Q 176 34.10 -93.63 3.27
N THR Q 177 32.86 -93.61 3.75
CA THR Q 177 32.47 -92.65 4.79
C THR Q 177 32.47 -93.23 6.19
N ASN Q 178 32.04 -94.48 6.35
CA ASN Q 178 31.78 -95.03 7.67
C ASN Q 178 33.04 -95.29 8.48
N LEU Q 179 34.23 -95.19 7.87
CA LEU Q 179 35.43 -95.64 8.55
C LEU Q 179 35.57 -95.01 9.93
N GLY Q 180 35.16 -93.76 10.07
CA GLY Q 180 35.11 -93.15 11.39
C GLY Q 180 33.96 -93.73 12.20
N SER Q 181 34.10 -94.98 12.58
CA SER Q 181 33.02 -95.66 13.28
C SER Q 181 32.76 -95.01 14.64
N CYS Q 182 31.65 -94.29 14.74
CA CYS Q 182 31.17 -93.78 16.01
C CYS Q 182 29.79 -94.34 16.32
N THR Q 183 28.87 -94.22 15.35
CA THR Q 183 27.51 -94.72 15.54
C THR Q 183 27.21 -95.90 14.64
N SER Q 184 27.84 -95.97 13.47
CA SER Q 184 27.55 -96.99 12.46
C SER Q 184 28.60 -98.08 12.57
N VAL Q 185 28.15 -99.32 12.70
CA VAL Q 185 29.05 -100.46 12.81
C VAL Q 185 29.46 -100.88 11.40
N THR Q 186 30.66 -100.49 10.99
CA THR Q 186 31.19 -100.93 9.70
C THR Q 186 31.43 -102.44 9.74
N PRO Q 187 31.25 -103.13 8.62
CA PRO Q 187 31.50 -104.58 8.62
C PRO Q 187 32.97 -104.87 8.84
N GLU Q 188 33.27 -105.53 9.95
CA GLU Q 188 34.65 -105.86 10.28
C GLU Q 188 35.24 -106.78 9.23
N GLY Q 189 36.52 -106.56 8.92
CA GLY Q 189 37.22 -107.38 7.96
C GLY Q 189 36.96 -107.03 6.51
N VAL Q 190 36.35 -105.89 6.23
CA VAL Q 190 36.05 -105.46 4.87
C VAL Q 190 36.79 -104.15 4.61
N THR Q 191 37.51 -104.10 3.49
CA THR Q 191 38.25 -102.92 3.09
C THR Q 191 38.06 -102.70 1.60
N VAL Q 192 38.26 -101.47 1.15
CA VAL Q 192 38.06 -101.09 -0.24
C VAL Q 192 39.23 -100.24 -0.70
N ALA Q 193 39.46 -100.22 -2.01
CA ALA Q 193 40.45 -99.35 -2.62
C ALA Q 193 39.92 -98.86 -3.97
N PHE Q 194 40.44 -97.73 -4.41
CA PHE Q 194 39.91 -97.03 -5.57
C PHE Q 194 41.05 -96.27 -6.25
N ALA Q 195 40.98 -96.20 -7.58
CA ALA Q 195 42.01 -95.48 -8.33
C ALA Q 195 41.60 -95.39 -9.79
N GLN Q 196 42.20 -94.43 -10.49
CA GLN Q 196 41.95 -94.23 -11.90
C GLN Q 196 42.80 -95.18 -12.73
N THR Q 197 42.33 -95.47 -13.94
CA THR Q 197 43.09 -96.28 -14.88
C THR Q 197 43.23 -95.63 -16.25
N THR Q 198 42.31 -94.77 -16.66
CA THR Q 198 42.31 -94.23 -18.01
C THR Q 198 41.96 -92.75 -18.02
N PRO Q 199 42.92 -91.88 -18.33
CA PRO Q 199 42.62 -90.45 -18.37
C PRO Q 199 41.77 -90.08 -19.58
N GLY Q 200 41.10 -88.93 -19.47
CA GLY Q 200 40.35 -88.41 -20.59
C GLY Q 200 41.28 -87.98 -21.72
N SER Q 201 40.80 -88.12 -22.95
CA SER Q 201 41.66 -87.85 -24.09
C SER Q 201 41.52 -86.43 -24.62
N VAL Q 202 40.34 -86.06 -25.11
CA VAL Q 202 40.16 -84.79 -25.81
C VAL Q 202 38.72 -84.34 -25.69
N ASN Q 203 38.53 -83.02 -25.76
CA ASN Q 203 37.23 -82.37 -25.68
C ASN Q 203 36.98 -81.58 -26.97
N PRO Q 204 35.72 -81.24 -27.26
CA PRO Q 204 35.47 -80.40 -28.45
C PRO Q 204 35.87 -78.95 -28.20
N GLU Q 205 36.07 -78.21 -29.29
CA GLU Q 205 36.40 -76.79 -29.24
C GLU Q 205 35.48 -76.02 -30.18
N PRO Q 206 34.18 -75.97 -29.90
CA PRO Q 206 33.28 -75.22 -30.77
C PRO Q 206 33.64 -73.74 -30.80
N ASN Q 207 33.50 -73.14 -31.99
CA ASN Q 207 33.81 -71.73 -32.17
C ASN Q 207 32.79 -71.08 -33.08
N ASP Q 208 31.50 -71.39 -32.87
CA ASP Q 208 30.42 -70.91 -33.72
C ASP Q 208 29.44 -70.02 -32.98
N TYR Q 209 29.87 -69.35 -31.91
CA TYR Q 209 28.92 -68.60 -31.10
C TYR Q 209 28.24 -67.50 -31.90
N ALA Q 210 29.00 -66.79 -32.72
CA ALA Q 210 28.42 -65.72 -33.52
C ALA Q 210 27.35 -66.24 -34.46
N SER Q 211 27.34 -67.54 -34.74
CA SER Q 211 26.34 -68.12 -35.62
C SER Q 211 25.13 -68.65 -34.86
N VAL Q 212 25.35 -69.56 -33.93
CA VAL Q 212 24.24 -70.19 -33.22
C VAL Q 212 23.48 -69.19 -32.35
N VAL Q 213 24.19 -68.34 -31.60
CA VAL Q 213 23.53 -67.30 -30.82
C VAL Q 213 23.37 -66.08 -31.70
N ASN Q 214 22.31 -66.05 -32.50
CA ASN Q 214 22.12 -64.96 -33.45
C ASN Q 214 21.61 -63.71 -32.75
N GLU Q 215 22.51 -62.94 -32.16
CA GLU Q 215 22.23 -61.62 -31.59
C GLU Q 215 21.09 -61.62 -30.59
N CYS Q 216 20.67 -62.79 -30.10
CA CYS Q 216 19.60 -62.84 -29.10
C CYS Q 216 20.21 -62.65 -27.71
N CYS Q 217 19.82 -61.58 -27.04
CA CYS Q 217 20.46 -61.21 -25.78
C CYS Q 217 20.28 -62.29 -24.73
N PHE Q 218 21.36 -62.60 -24.02
CA PHE Q 218 21.35 -63.57 -22.94
C PHE Q 218 22.03 -62.96 -21.73
N ALA Q 219 21.44 -63.17 -20.56
CA ALA Q 219 21.92 -62.50 -19.36
C ALA Q 219 23.06 -63.25 -18.70
N VAL Q 220 22.94 -64.58 -18.59
CA VAL Q 220 23.87 -65.38 -17.81
C VAL Q 220 24.36 -66.54 -18.66
N TYR Q 221 25.67 -66.76 -18.69
CA TYR Q 221 26.27 -67.86 -19.42
C TYR Q 221 26.90 -68.83 -18.44
N VAL Q 222 26.51 -70.10 -18.54
CA VAL Q 222 27.07 -71.17 -17.72
C VAL Q 222 27.72 -72.17 -18.65
N LEU Q 223 28.97 -72.50 -18.38
CA LEU Q 223 29.73 -73.44 -19.20
C LEU Q 223 30.22 -74.58 -18.31
N SER Q 224 29.76 -75.79 -18.59
CA SER Q 224 30.10 -76.95 -17.78
C SER Q 224 31.28 -77.72 -18.38
N SER Q 225 32.43 -77.07 -18.49
CA SER Q 225 33.60 -77.73 -19.05
C SER Q 225 34.86 -77.08 -18.51
N ASP Q 226 35.99 -77.74 -18.74
CA ASP Q 226 37.27 -77.34 -18.18
C ASP Q 226 38.35 -77.11 -19.23
N ASP Q 227 37.97 -76.98 -20.50
CA ASP Q 227 38.94 -76.69 -21.55
C ASP Q 227 39.25 -75.19 -21.55
N THR Q 228 40.52 -74.85 -21.41
CA THR Q 228 40.90 -73.43 -21.40
C THR Q 228 40.56 -72.76 -22.71
N ASP Q 229 40.77 -73.45 -23.83
CA ASP Q 229 40.45 -72.86 -25.13
C ASP Q 229 38.97 -72.52 -25.23
N TRP Q 230 38.12 -73.42 -24.76
CA TRP Q 230 36.68 -73.19 -24.81
C TRP Q 230 36.31 -71.92 -24.05
N GLN Q 231 36.80 -71.79 -22.82
CA GLN Q 231 36.50 -70.61 -22.02
C GLN Q 231 37.08 -69.36 -22.66
N GLU Q 232 38.25 -69.48 -23.29
CA GLU Q 232 38.82 -68.31 -23.95
C GLU Q 232 37.91 -67.84 -25.08
N ASN Q 233 37.41 -68.77 -25.89
CA ASN Q 233 36.48 -68.36 -26.95
C ASN Q 233 35.24 -67.72 -26.35
N LEU Q 234 34.72 -68.28 -25.26
CA LEU Q 234 33.54 -67.71 -24.64
C LEU Q 234 33.81 -66.29 -24.15
N ARG Q 235 34.99 -66.05 -23.59
CA ARG Q 235 35.33 -64.72 -23.12
C ARG Q 235 35.18 -63.70 -24.22
N ASP Q 236 35.81 -63.96 -25.36
CA ASP Q 236 35.74 -63.05 -26.49
C ASP Q 236 34.33 -62.92 -27.03
N TRP Q 237 33.54 -63.99 -27.00
CA TRP Q 237 32.15 -63.85 -27.40
C TRP Q 237 31.42 -62.87 -26.51
N ILE Q 238 31.63 -62.96 -25.20
CA ILE Q 238 31.00 -62.02 -24.29
C ILE Q 238 31.49 -60.61 -24.56
N ARG Q 239 32.80 -60.44 -24.70
CA ARG Q 239 33.34 -59.13 -25.05
C ARG Q 239 32.60 -58.54 -26.25
N SER Q 240 32.35 -59.39 -27.25
CA SER Q 240 31.68 -58.90 -28.46
C SER Q 240 30.29 -58.38 -28.14
N ALA Q 241 29.50 -59.14 -27.37
CA ALA Q 241 28.20 -58.64 -26.95
C ALA Q 241 28.31 -57.36 -26.17
N TRP Q 242 29.47 -57.12 -25.56
CA TRP Q 242 29.71 -55.95 -24.74
C TRP Q 242 30.23 -54.78 -25.55
N ASP Q 243 30.53 -55.01 -26.83
CA ASP Q 243 31.31 -54.09 -27.66
C ASP Q 243 30.42 -53.27 -28.58
N CYS Q 244 31.00 -52.19 -29.10
CA CYS Q 244 30.27 -51.30 -30.01
C CYS Q 244 30.17 -51.90 -31.40
N SER Q 245 30.89 -52.99 -31.67
CA SER Q 245 30.90 -53.54 -33.03
C SER Q 245 29.49 -53.83 -33.52
N LYS Q 246 28.58 -54.14 -32.61
CA LYS Q 246 27.18 -54.36 -32.96
C LYS Q 246 26.35 -54.21 -31.69
N PRO Q 247 25.04 -54.04 -31.83
CA PRO Q 247 24.20 -53.81 -30.65
C PRO Q 247 24.52 -54.80 -29.53
N GLN Q 248 24.28 -54.36 -28.30
CA GLN Q 248 24.80 -55.05 -27.13
C GLN Q 248 23.82 -56.06 -26.59
N CYS Q 249 24.36 -57.09 -25.95
CA CYS Q 249 23.60 -58.16 -25.34
C CYS Q 249 24.17 -58.43 -23.94
N PHE Q 250 24.35 -57.36 -23.18
CA PHE Q 250 25.06 -57.42 -21.91
C PHE Q 250 24.81 -58.73 -21.17
N GLY Q 251 25.88 -59.34 -20.67
CA GLY Q 251 25.76 -60.59 -19.96
C GLY Q 251 27.03 -60.91 -19.21
N HIS Q 252 27.00 -62.06 -18.54
CA HIS Q 252 28.11 -62.55 -17.75
C HIS Q 252 28.22 -64.06 -17.92
N GLY Q 253 29.42 -64.61 -17.71
CA GLY Q 253 29.67 -66.03 -17.81
C GLY Q 253 30.41 -66.54 -16.60
N TYR Q 254 30.18 -67.80 -16.25
CA TYR Q 254 30.81 -68.42 -15.10
C TYR Q 254 31.47 -69.73 -15.52
N VAL Q 255 32.66 -69.99 -14.99
CA VAL Q 255 33.39 -71.22 -15.27
C VAL Q 255 34.22 -71.58 -14.06
N PHE Q 256 34.76 -72.79 -14.04
CA PHE Q 256 35.55 -73.28 -12.92
C PHE Q 256 36.89 -73.80 -13.38
N ASN Q 257 37.85 -73.74 -12.47
CA ASN Q 257 39.18 -74.30 -12.65
C ASN Q 257 39.52 -75.14 -11.43
N LYS Q 258 40.21 -76.25 -11.66
CA LYS Q 258 40.65 -77.13 -10.58
C LYS Q 258 42.13 -77.41 -10.74
N GLY Q 259 42.82 -77.55 -9.62
CA GLY Q 259 44.24 -77.85 -9.65
C GLY Q 259 44.94 -77.32 -8.42
N THR Q 260 46.26 -77.43 -8.45
CA THR Q 260 47.08 -76.89 -7.38
C THR Q 260 47.18 -75.38 -7.51
N LEU Q 261 47.62 -74.75 -6.43
CA LEU Q 261 47.69 -73.29 -6.42
C LEU Q 261 48.51 -72.77 -7.59
N GLY Q 262 49.67 -73.39 -7.85
CA GLY Q 262 50.45 -72.98 -9.00
C GLY Q 262 49.71 -73.18 -10.30
N GLN Q 263 49.01 -74.30 -10.43
CA GLN Q 263 48.30 -74.60 -11.67
C GLN Q 263 47.17 -73.60 -11.90
N VAL Q 264 46.34 -73.39 -10.88
CA VAL Q 264 45.15 -72.56 -11.07
C VAL Q 264 45.54 -71.11 -11.33
N LEU Q 265 46.50 -70.58 -10.58
CA LEU Q 265 46.92 -69.20 -10.82
C LEU Q 265 47.36 -69.00 -12.27
N ALA Q 266 47.85 -70.05 -12.91
CA ALA Q 266 48.31 -69.92 -14.29
C ALA Q 266 47.18 -69.59 -15.25
N ASP Q 267 45.93 -69.71 -14.83
CA ASP Q 267 44.79 -69.39 -15.67
C ASP Q 267 44.34 -67.94 -15.52
N GLY Q 268 45.04 -67.14 -14.73
CA GLY Q 268 44.72 -65.73 -14.65
C GLY Q 268 44.81 -65.08 -16.02
N ASP Q 269 43.76 -64.39 -16.43
CA ASP Q 269 43.71 -63.81 -17.76
C ASP Q 269 43.06 -62.42 -17.76
N ASN Q 270 42.84 -61.82 -16.61
CA ASN Q 270 42.36 -60.45 -16.47
C ASN Q 270 41.03 -60.23 -17.17
N SER Q 271 40.25 -61.28 -17.40
CA SER Q 271 38.96 -61.12 -18.06
C SER Q 271 37.97 -60.45 -17.11
N ALA Q 272 37.29 -59.42 -17.61
CA ALA Q 272 36.29 -58.74 -16.80
C ALA Q 272 34.90 -59.31 -17.00
N GLU Q 273 34.77 -60.38 -17.78
CA GLU Q 273 33.47 -60.90 -18.14
C GLU Q 273 33.16 -62.23 -17.46
N LEU Q 274 34.12 -62.79 -16.73
CA LEU Q 274 34.03 -64.14 -16.21
C LEU Q 274 34.06 -64.13 -14.70
N SER Q 275 33.80 -65.29 -14.11
CA SER Q 275 33.95 -65.50 -12.69
C SER Q 275 34.54 -66.90 -12.48
N ARG Q 276 35.83 -66.96 -12.19
CA ARG Q 276 36.57 -68.22 -12.18
C ARG Q 276 36.47 -68.82 -10.79
N LEU Q 277 35.57 -69.79 -10.63
CA LEU Q 277 35.39 -70.48 -9.36
C LEU Q 277 36.54 -71.45 -9.15
N ALA Q 278 37.41 -71.14 -8.20
CA ALA Q 278 38.62 -71.93 -7.97
C ALA Q 278 38.30 -73.10 -7.05
N LEU Q 279 38.93 -74.24 -7.30
CA LEU Q 279 38.76 -75.42 -6.47
C LEU Q 279 40.08 -76.14 -6.26
N PRO Q 280 40.22 -76.89 -5.17
CA PRO Q 280 41.47 -77.63 -4.93
C PRO Q 280 41.47 -78.98 -5.63
N THR Q 281 42.68 -79.55 -5.74
CA THR Q 281 42.85 -80.83 -6.40
C THR Q 281 42.00 -81.90 -5.75
N THR Q 282 41.88 -81.86 -4.43
CA THR Q 282 41.17 -82.87 -3.67
C THR Q 282 39.68 -82.56 -3.53
N TYR Q 283 39.19 -81.53 -4.20
CA TYR Q 283 37.79 -81.15 -4.12
C TYR Q 283 36.91 -82.36 -4.37
N PRO Q 284 36.22 -82.87 -3.35
CA PRO Q 284 35.46 -84.11 -3.53
C PRO Q 284 34.06 -83.88 -4.06
N VAL Q 285 33.92 -83.14 -5.15
CA VAL Q 285 32.63 -82.93 -5.78
C VAL Q 285 32.85 -82.72 -7.27
N LEU Q 286 31.97 -83.30 -8.09
CA LEU Q 286 32.08 -83.11 -9.53
C LEU Q 286 32.01 -81.62 -9.83
N PRO Q 287 33.11 -81.01 -10.26
CA PRO Q 287 33.15 -79.53 -10.31
C PRO Q 287 31.99 -78.90 -11.07
N TYR Q 288 31.60 -79.46 -12.21
CA TYR Q 288 30.59 -78.79 -13.01
C TYR Q 288 29.28 -78.66 -12.27
N LEU Q 289 29.06 -79.47 -11.24
CA LEU Q 289 27.82 -79.35 -10.47
C LEU Q 289 27.81 -78.06 -9.66
N THR Q 290 28.91 -77.73 -8.99
CA THR Q 290 28.95 -76.51 -8.20
C THR Q 290 28.84 -75.28 -9.08
N ASN Q 291 29.55 -75.27 -10.21
CA ASN Q 291 29.47 -74.12 -11.11
C ASN Q 291 28.03 -73.86 -11.50
N ALA Q 292 27.30 -74.92 -11.86
CA ALA Q 292 25.91 -74.74 -12.30
C ALA Q 292 25.05 -74.18 -11.17
N ALA Q 293 25.20 -74.72 -9.96
CA ALA Q 293 24.39 -74.24 -8.86
C ALA Q 293 24.66 -72.77 -8.57
N TYR Q 294 25.93 -72.39 -8.54
CA TYR Q 294 26.26 -70.99 -8.28
C TYR Q 294 25.71 -70.10 -9.39
N GLY Q 295 25.90 -70.49 -10.64
CA GLY Q 295 25.39 -69.68 -11.73
C GLY Q 295 23.89 -69.51 -11.66
N ALA Q 296 23.17 -70.58 -11.37
CA ALA Q 296 21.73 -70.48 -11.22
C ALA Q 296 21.38 -69.53 -10.08
N LEU Q 297 22.12 -69.64 -8.96
CA LEU Q 297 21.82 -68.77 -7.82
C LEU Q 297 21.99 -67.32 -8.21
N SER Q 298 23.02 -67.00 -8.98
CA SER Q 298 23.19 -65.65 -9.48
C SER Q 298 22.23 -65.31 -10.61
N ALA Q 299 21.26 -66.17 -10.90
CA ALA Q 299 20.26 -65.86 -11.91
C ALA Q 299 19.22 -64.93 -11.30
N CYS Q 300 18.11 -64.73 -12.02
CA CYS Q 300 17.06 -63.84 -11.54
C CYS Q 300 16.64 -64.16 -10.12
N SER Q 301 16.91 -65.39 -9.65
CA SER Q 301 16.61 -65.73 -8.27
C SER Q 301 17.12 -64.66 -7.31
N THR Q 302 18.17 -63.95 -7.69
CA THR Q 302 18.73 -62.89 -6.87
C THR Q 302 19.00 -61.61 -7.65
N CYS Q 303 19.27 -61.72 -8.95
CA CYS Q 303 19.66 -60.58 -9.76
C CYS Q 303 18.50 -59.95 -10.52
N GLU Q 304 17.28 -60.05 -9.98
CA GLU Q 304 16.26 -59.09 -10.36
C GLU Q 304 16.52 -57.75 -9.69
N ASN Q 305 17.22 -57.76 -8.56
CA ASN Q 305 17.71 -56.55 -7.90
C ASN Q 305 19.21 -56.49 -8.13
N PRO Q 306 19.66 -55.92 -9.26
CA PRO Q 306 21.05 -56.14 -9.68
C PRO Q 306 22.08 -55.75 -8.65
N GLU Q 307 21.78 -54.77 -7.79
CA GLU Q 307 22.77 -54.31 -6.83
C GLU Q 307 23.07 -55.34 -5.75
N LEU Q 308 22.29 -56.41 -5.65
CA LEU Q 308 22.48 -57.38 -4.58
C LEU Q 308 23.74 -58.18 -4.80
N ASN Q 309 24.59 -58.26 -3.79
CA ASN Q 309 25.78 -59.11 -3.84
C ASN Q 309 25.43 -60.52 -3.37
N VAL Q 310 26.16 -61.49 -3.91
CA VAL Q 310 25.96 -62.89 -3.55
C VAL Q 310 27.19 -63.31 -2.76
N GLN Q 311 27.05 -63.34 -1.44
CA GLN Q 311 28.15 -63.64 -0.55
C GLN Q 311 27.62 -64.21 0.76
N GLY Q 312 28.54 -64.62 1.60
CA GLY Q 312 28.22 -64.94 2.99
C GLY Q 312 27.20 -66.05 3.10
N GLN Q 313 26.88 -66.37 4.35
CA GLN Q 313 25.98 -67.48 4.63
C GLN Q 313 24.52 -67.12 4.49
N THR Q 314 24.19 -65.83 4.42
CA THR Q 314 22.80 -65.45 4.26
C THR Q 314 22.33 -65.65 2.83
N TYR Q 315 23.18 -65.36 1.85
CA TYR Q 315 22.77 -65.38 0.46
C TYR Q 315 23.62 -66.30 -0.41
N GLY Q 316 24.93 -66.29 -0.24
CA GLY Q 316 25.78 -67.08 -1.10
C GLY Q 316 25.81 -68.55 -0.73
N LEU Q 317 24.64 -69.12 -0.43
CA LEU Q 317 24.54 -70.50 0.00
C LEU Q 317 24.04 -71.37 -1.14
N LEU Q 318 24.81 -72.37 -1.51
CA LEU Q 318 24.43 -73.34 -2.53
C LEU Q 318 23.66 -74.48 -1.86
N SER Q 319 22.35 -74.27 -1.70
CA SER Q 319 21.55 -75.23 -0.98
C SER Q 319 21.51 -76.58 -1.68
N CYS Q 320 21.34 -76.60 -2.99
CA CYS Q 320 21.07 -77.82 -3.73
C CYS Q 320 22.30 -78.70 -3.90
N ILE Q 321 23.36 -78.47 -3.14
CA ILE Q 321 24.53 -79.34 -3.11
C ILE Q 321 24.75 -79.77 -1.68
N ASN Q 322 25.38 -80.93 -1.49
CA ASN Q 322 25.64 -81.46 -0.16
C ASN Q 322 26.89 -82.31 -0.18
N MET Q 323 27.76 -82.06 0.79
CA MET Q 323 29.05 -82.73 0.91
C MET Q 323 29.33 -83.02 2.37
N PRO Q 324 30.15 -84.02 2.67
CA PRO Q 324 30.43 -84.35 4.07
C PRO Q 324 31.42 -83.39 4.70
N GLU Q 325 31.39 -83.32 6.03
CA GLU Q 325 32.30 -82.44 6.75
C GLU Q 325 33.72 -83.00 6.70
N SER Q 326 34.68 -82.16 7.09
CA SER Q 326 36.07 -82.58 7.18
C SER Q 326 36.87 -81.49 7.87
N CYS Q 327 37.77 -81.92 8.74
CA CYS Q 327 38.67 -80.98 9.40
C CYS Q 327 39.72 -80.40 8.44
N THR Q 328 39.85 -80.95 7.26
CA THR Q 328 40.78 -80.41 6.27
C THR Q 328 40.12 -79.24 5.54
N PRO Q 329 40.76 -78.07 5.52
CA PRO Q 329 40.12 -76.90 4.88
C PRO Q 329 40.02 -77.01 3.36
N GLY Q 330 40.84 -77.83 2.72
CA GLY Q 330 40.88 -77.86 1.28
C GLY Q 330 41.84 -76.81 0.75
N TRP Q 331 41.53 -75.55 1.02
CA TRP Q 331 42.43 -74.44 0.72
C TRP Q 331 43.02 -73.91 2.02
N GLU Q 332 44.34 -73.97 2.13
CA GLU Q 332 45.02 -73.36 3.25
C GLU Q 332 44.88 -71.85 3.19
N PHE Q 333 44.91 -71.21 4.36
CA PHE Q 333 44.56 -69.80 4.41
C PHE Q 333 45.42 -68.96 3.48
N THR Q 334 46.74 -69.16 3.51
CA THR Q 334 47.59 -68.41 2.59
C THR Q 334 47.14 -68.63 1.15
N GLU Q 335 46.76 -69.85 0.81
CA GLU Q 335 46.21 -70.12 -0.51
C GLU Q 335 44.94 -69.31 -0.72
N VAL Q 336 44.11 -69.18 0.32
CA VAL Q 336 42.86 -68.45 0.18
C VAL Q 336 43.15 -67.00 -0.15
N THR Q 337 44.07 -66.38 0.57
CA THR Q 337 44.41 -64.99 0.30
C THR Q 337 45.01 -64.83 -1.09
N GLN Q 338 45.92 -65.72 -1.46
CA GLN Q 338 46.48 -65.65 -2.81
C GLN Q 338 45.38 -65.69 -3.86
N LEU Q 339 44.43 -66.62 -3.72
CA LEU Q 339 43.36 -66.73 -4.68
C LEU Q 339 42.52 -65.46 -4.73
N GLN Q 340 42.13 -64.94 -3.57
CA GLN Q 340 41.27 -63.77 -3.55
C GLN Q 340 41.96 -62.59 -4.20
N ASN Q 341 43.26 -62.43 -3.95
CA ASN Q 341 43.97 -61.27 -4.49
C ASN Q 341 44.27 -61.39 -5.97
N ASN Q 342 43.61 -62.29 -6.69
CA ASN Q 342 43.79 -62.39 -8.14
C ASN Q 342 42.48 -62.72 -8.85
N GLY Q 343 41.36 -62.25 -8.30
CA GLY Q 343 40.08 -62.44 -8.95
C GLY Q 343 39.60 -63.86 -9.03
N PHE Q 344 39.71 -64.63 -7.96
CA PHE Q 344 39.26 -66.01 -7.93
C PHE Q 344 38.23 -66.19 -6.82
N VAL Q 345 37.09 -66.75 -7.17
CA VAL Q 345 36.02 -67.00 -6.21
C VAL Q 345 36.42 -68.21 -5.36
N VAL Q 346 36.17 -68.12 -4.06
CA VAL Q 346 36.48 -69.20 -3.12
C VAL Q 346 35.22 -69.57 -2.36
N SER Q 347 34.96 -70.87 -2.26
CA SER Q 347 33.77 -71.37 -1.59
C SER Q 347 34.18 -72.42 -0.57
N GLY Q 348 33.39 -72.50 0.50
CA GLY Q 348 33.69 -73.39 1.59
C GLY Q 348 32.45 -73.88 2.30
N PRO Q 349 32.62 -74.84 3.21
CA PRO Q 349 31.47 -75.38 3.94
C PRO Q 349 30.93 -74.39 4.94
N ALA Q 350 29.63 -74.52 5.23
CA ALA Q 350 28.97 -73.67 6.20
C ALA Q 350 29.23 -74.10 7.63
N THR Q 351 29.68 -75.33 7.85
CA THR Q 351 29.98 -75.82 9.19
C THR Q 351 31.03 -76.91 9.08
N THR Q 352 31.66 -77.21 10.20
CA THR Q 352 32.69 -78.23 10.25
C THR Q 352 32.54 -79.07 11.51
N SER Q 353 32.72 -80.38 11.36
CA SER Q 353 32.68 -81.31 12.47
C SER Q 353 33.43 -82.57 12.05
N GLY Q 354 33.77 -83.39 13.04
CA GLY Q 354 34.53 -84.60 12.76
C GLY Q 354 33.71 -85.81 12.40
N GLN Q 355 32.42 -85.84 12.75
CA GLN Q 355 31.62 -87.03 12.50
C GLN Q 355 31.46 -87.31 11.01
N GLY Q 356 31.02 -86.32 10.24
CA GLY Q 356 30.89 -86.50 8.80
C GLY Q 356 29.47 -86.51 8.27
N ASN Q 357 28.60 -85.68 8.83
CA ASN Q 357 27.30 -85.45 8.22
C ASN Q 357 27.46 -84.61 6.95
N PHE Q 358 26.34 -84.21 6.37
CA PHE Q 358 26.36 -83.50 5.10
C PHE Q 358 26.06 -82.02 5.28
N THR Q 359 26.77 -81.19 4.51
CA THR Q 359 26.67 -79.75 4.62
C THR Q 359 26.67 -79.13 3.23
N SER Q 360 26.20 -77.88 3.17
CA SER Q 360 26.13 -77.10 1.95
C SER Q 360 27.27 -76.08 1.91
N PRO Q 361 27.99 -75.94 0.80
CA PRO Q 361 29.03 -74.91 0.73
C PRO Q 361 28.43 -73.55 0.44
N TYR Q 362 29.25 -72.52 0.68
CA TYR Q 362 28.81 -71.15 0.43
C TYR Q 362 29.99 -70.33 -0.08
N ILE Q 363 29.67 -69.15 -0.62
CA ILE Q 363 30.65 -68.33 -1.33
C ILE Q 363 31.29 -67.36 -0.35
N TYR Q 364 32.61 -67.21 -0.45
CA TYR Q 364 33.31 -66.24 0.39
C TYR Q 364 33.34 -64.85 -0.23
N ASN Q 365 33.31 -64.77 -1.56
CA ASN Q 365 33.38 -63.49 -2.25
C ASN Q 365 32.76 -63.64 -3.64
N ASP Q 366 32.36 -62.52 -4.21
CA ASP Q 366 31.69 -62.49 -5.51
C ASP Q 366 32.44 -61.51 -6.42
N VAL Q 367 33.47 -62.00 -7.09
CA VAL Q 367 34.42 -61.17 -7.79
C VAL Q 367 34.62 -61.70 -9.20
N THR Q 368 35.03 -60.82 -10.11
CA THR Q 368 35.38 -61.18 -11.47
C THR Q 368 36.89 -61.18 -11.65
N ASN Q 369 37.33 -61.77 -12.75
CA ASN Q 369 38.76 -61.90 -13.01
C ASN Q 369 39.39 -60.62 -13.53
N TYR Q 370 38.77 -59.46 -13.34
CA TYR Q 370 39.39 -58.19 -13.73
C TYR Q 370 40.43 -57.78 -12.70
N LEU Q 371 41.63 -57.44 -13.17
CA LEU Q 371 42.69 -57.01 -12.26
C LEU Q 371 43.44 -55.76 -12.70
N ARG Q 372 43.50 -55.45 -13.99
CA ARG Q 372 44.29 -54.32 -14.47
C ARG Q 372 43.59 -53.66 -15.65
N ASP Q 373 43.56 -52.33 -15.64
CA ASP Q 373 43.11 -51.60 -16.80
C ASP Q 373 44.18 -51.63 -17.88
N GLU Q 374 43.77 -51.24 -19.09
CA GLU Q 374 44.70 -51.25 -20.22
C GLU Q 374 46.00 -50.56 -19.85
N LYS Q 375 47.11 -51.13 -20.31
CA LYS Q 375 48.43 -50.62 -19.98
C LYS Q 375 48.64 -50.57 -18.47
N ASN Q 376 48.14 -51.61 -17.79
CA ASN Q 376 48.54 -51.91 -16.42
C ASN Q 376 48.28 -50.76 -15.46
N ARG Q 377 47.03 -50.42 -15.24
CA ARG Q 377 46.63 -49.59 -14.11
C ARG Q 377 45.76 -50.44 -13.19
N PRO Q 378 46.29 -50.95 -12.08
CA PRO Q 378 45.45 -51.77 -11.19
C PRO Q 378 44.40 -50.91 -10.49
N ASN Q 379 43.14 -51.27 -10.68
CA ASN Q 379 42.04 -50.52 -10.07
C ASN Q 379 40.85 -51.45 -9.87
N ALA Q 380 39.94 -51.04 -8.98
CA ALA Q 380 38.82 -51.87 -8.58
C ALA Q 380 37.48 -51.36 -9.09
N THR Q 381 37.44 -50.74 -10.27
CA THR Q 381 36.16 -50.28 -10.80
C THR Q 381 35.22 -51.45 -11.05
N PHE Q 382 35.74 -52.55 -11.58
CA PHE Q 382 34.94 -53.75 -11.84
C PHE Q 382 35.43 -54.95 -11.05
N ARG Q 383 36.06 -54.72 -9.89
CA ARG Q 383 36.51 -55.83 -9.08
C ARG Q 383 35.32 -56.66 -8.59
N ASP Q 384 34.27 -55.99 -8.13
CA ASP Q 384 33.13 -56.71 -7.56
C ASP Q 384 32.17 -57.16 -8.65
N ALA Q 385 31.51 -58.29 -8.41
CA ALA Q 385 30.65 -58.86 -9.42
C ALA Q 385 29.51 -57.92 -9.80
N SER Q 386 28.84 -57.35 -8.81
CA SER Q 386 27.66 -56.56 -9.10
C SER Q 386 27.98 -55.37 -9.99
N SER Q 387 29.23 -54.92 -10.01
CA SER Q 387 29.57 -53.73 -10.78
C SER Q 387 29.17 -53.90 -12.23
N ARG Q 388 29.37 -55.09 -12.81
CA ARG Q 388 28.94 -55.28 -14.19
C ARG Q 388 27.43 -55.17 -14.32
N ARG Q 389 26.68 -55.73 -13.38
CA ARG Q 389 25.23 -55.68 -13.49
C ARG Q 389 24.73 -54.25 -13.46
N LEU Q 390 25.28 -53.42 -12.58
CA LEU Q 390 24.92 -52.01 -12.55
C LEU Q 390 25.35 -51.30 -13.81
N ALA Q 391 26.51 -51.66 -14.37
CA ALA Q 391 26.92 -51.07 -15.63
C ALA Q 391 25.89 -51.34 -16.72
N ALA Q 392 25.42 -52.58 -16.79
CA ALA Q 392 24.42 -52.92 -17.81
C ALA Q 392 23.12 -52.18 -17.56
N ALA Q 393 22.69 -52.11 -16.30
CA ALA Q 393 21.48 -51.35 -16.00
C ALA Q 393 21.62 -49.91 -16.44
N THR Q 394 22.76 -49.29 -16.15
CA THR Q 394 23.01 -47.93 -16.58
C THR Q 394 22.97 -47.82 -18.09
N GLY Q 395 23.57 -48.79 -18.78
CA GLY Q 395 23.58 -48.74 -20.23
C GLY Q 395 22.18 -48.75 -20.81
N VAL Q 396 21.33 -49.66 -20.35
CA VAL Q 396 19.98 -49.72 -20.88
C VAL Q 396 19.22 -48.45 -20.51
N ALA Q 397 19.37 -47.98 -19.28
CA ALA Q 397 18.66 -46.77 -18.87
C ALA Q 397 19.03 -45.60 -19.76
N LEU Q 398 20.33 -45.35 -19.93
CA LEU Q 398 20.77 -44.23 -20.75
C LEU Q 398 20.29 -44.40 -22.19
N ALA Q 399 20.40 -45.60 -22.73
CA ALA Q 399 19.96 -45.82 -24.11
C ALA Q 399 18.48 -45.51 -24.25
N THR Q 400 17.66 -45.90 -23.28
CA THR Q 400 16.26 -45.54 -23.32
C THR Q 400 16.09 -44.03 -23.27
N PHE Q 401 16.81 -43.36 -22.39
CA PHE Q 401 16.63 -41.93 -22.23
C PHE Q 401 16.98 -41.17 -23.50
N LEU Q 402 18.12 -41.50 -24.10
CA LEU Q 402 18.52 -40.82 -25.32
C LEU Q 402 17.53 -41.03 -26.44
N GLN Q 403 16.64 -42.01 -26.31
CA GLN Q 403 15.72 -42.32 -27.39
C GLN Q 403 14.95 -41.08 -27.81
N GLN Q 404 14.56 -40.23 -26.86
CA GLN Q 404 13.67 -39.13 -27.16
C GLN Q 404 14.32 -38.08 -28.05
N PHE Q 405 15.64 -38.12 -28.23
CA PHE Q 405 16.28 -37.16 -29.12
C PHE Q 405 16.18 -37.55 -30.59
N ASN Q 406 15.72 -38.75 -30.91
CA ASN Q 406 15.68 -39.16 -32.30
C ASN Q 406 14.73 -38.27 -33.09
N GLY Q 407 15.14 -37.90 -34.30
CA GLY Q 407 14.29 -37.14 -35.19
C GLY Q 407 14.12 -35.68 -34.82
N LEU Q 408 14.98 -35.15 -33.96
CA LEU Q 408 14.82 -33.78 -33.48
C LEU Q 408 15.75 -32.85 -34.22
N ALA Q 409 15.20 -31.77 -34.77
CA ALA Q 409 16.00 -30.83 -35.55
C ALA Q 409 17.20 -30.35 -34.73
N VAL Q 410 18.18 -29.78 -35.42
CA VAL Q 410 19.40 -29.30 -34.78
C VAL Q 410 19.97 -28.12 -35.57
N PHE Q 411 20.50 -27.15 -34.85
CA PHE Q 411 21.10 -25.95 -35.43
C PHE Q 411 22.46 -25.72 -34.79
N THR Q 412 23.47 -25.46 -35.62
CA THR Q 412 24.82 -25.29 -35.09
C THR Q 412 25.50 -24.03 -35.58
N LYS Q 413 25.25 -23.63 -36.83
CA LYS Q 413 25.89 -22.43 -37.34
C LYS Q 413 25.45 -21.19 -36.57
N ASN Q 414 24.16 -21.08 -36.29
CA ASN Q 414 23.60 -19.92 -35.61
C ASN Q 414 22.54 -20.42 -34.65
N THR Q 415 22.88 -20.46 -33.37
CA THR Q 415 22.14 -21.26 -32.40
C THR Q 415 20.74 -20.74 -32.12
N ASN Q 416 20.38 -19.55 -32.57
CA ASN Q 416 19.02 -19.06 -32.36
C ASN Q 416 18.03 -20.00 -33.03
N ILE Q 417 16.95 -20.32 -32.32
CA ILE Q 417 15.86 -21.12 -32.85
C ILE Q 417 14.68 -20.21 -33.10
N LYS Q 418 14.12 -20.28 -34.31
CA LYS Q 418 12.94 -19.47 -34.62
C LYS Q 418 11.78 -19.89 -33.74
N THR Q 419 10.88 -18.94 -33.46
CA THR Q 419 9.75 -19.22 -32.60
C THR Q 419 8.84 -20.28 -33.20
N GLY Q 420 8.45 -21.25 -32.37
CA GLY Q 420 7.50 -22.26 -32.78
C GLY Q 420 8.11 -23.51 -33.40
N ILE Q 421 9.40 -23.50 -33.69
CA ILE Q 421 10.04 -24.68 -34.25
C ILE Q 421 10.37 -25.68 -33.15
N ILE Q 422 10.44 -26.95 -33.51
CA ILE Q 422 10.78 -28.02 -32.58
C ILE Q 422 12.22 -28.42 -32.86
N GLY Q 423 13.11 -28.19 -31.90
CA GLY Q 423 14.52 -28.46 -32.14
C GLY Q 423 15.33 -28.18 -30.90
N THR Q 424 16.65 -28.19 -31.10
CA THR Q 424 17.60 -28.00 -30.01
C THR Q 424 18.98 -27.76 -30.60
N ASN Q 425 19.99 -27.74 -29.74
CA ASN Q 425 21.36 -27.62 -30.18
C ASN Q 425 22.28 -28.28 -29.15
N LEU Q 426 23.59 -28.10 -29.35
CA LEU Q 426 24.55 -28.85 -28.55
C LEU Q 426 24.50 -28.47 -27.09
N ARG Q 427 24.46 -27.17 -26.78
CA ARG Q 427 24.49 -26.75 -25.40
C ARG Q 427 23.28 -27.28 -24.64
N LEU Q 428 22.09 -27.18 -25.25
CA LEU Q 428 20.89 -27.63 -24.56
C LEU Q 428 20.94 -29.13 -24.30
N MET Q 429 21.39 -29.91 -25.27
CA MET Q 429 21.50 -31.34 -25.05
C MET Q 429 22.50 -31.63 -23.93
N LEU Q 430 23.62 -30.93 -23.93
CA LEU Q 430 24.59 -31.15 -22.86
C LEU Q 430 23.96 -30.88 -21.51
N GLY Q 431 23.20 -29.80 -21.40
CA GLY Q 431 22.54 -29.49 -20.15
C GLY Q 431 21.57 -30.59 -19.73
N LYS Q 432 20.78 -31.08 -20.68
CA LYS Q 432 19.80 -32.10 -20.33
C LYS Q 432 20.48 -33.39 -19.89
N ILE Q 433 21.58 -33.75 -20.56
CA ILE Q 433 22.33 -34.92 -20.14
C ILE Q 433 22.87 -34.74 -18.73
N ARG Q 434 23.40 -33.56 -18.43
CA ARG Q 434 23.89 -33.31 -17.08
C ARG Q 434 22.78 -33.47 -16.06
N LYS Q 435 21.60 -32.93 -16.36
CA LYS Q 435 20.49 -33.06 -15.43
C LYS Q 435 20.18 -34.53 -15.17
N TRP Q 436 20.01 -35.30 -16.25
CA TRP Q 436 19.67 -36.71 -16.06
C TRP Q 436 20.75 -37.42 -15.26
N ALA Q 437 22.02 -37.17 -15.58
CA ALA Q 437 23.09 -37.79 -14.82
C ALA Q 437 22.98 -37.46 -13.34
N SER Q 438 22.72 -36.19 -13.03
CA SER Q 438 22.62 -35.80 -11.63
C SER Q 438 21.47 -36.50 -10.93
N ASP Q 439 20.37 -36.73 -11.64
CA ASP Q 439 19.22 -37.35 -10.98
C ASP Q 439 19.59 -38.70 -10.40
N ASN Q 440 20.27 -39.54 -11.17
CA ASN Q 440 20.48 -40.93 -10.80
C ASN Q 440 21.68 -41.14 -9.89
N VAL Q 441 22.20 -40.09 -9.26
CA VAL Q 441 23.25 -40.29 -8.27
C VAL Q 441 22.73 -41.16 -7.14
N GLY Q 442 23.62 -41.94 -6.54
CA GLY Q 442 23.25 -42.72 -5.38
C GLY Q 442 22.65 -44.07 -5.70
N VAL Q 443 21.86 -44.14 -6.76
CA VAL Q 443 21.25 -45.42 -7.13
C VAL Q 443 22.19 -46.23 -8.01
N LEU Q 444 22.86 -45.59 -8.95
CA LEU Q 444 23.77 -46.25 -9.88
C LEU Q 444 25.14 -45.63 -9.92
N PHE Q 445 25.28 -44.34 -9.66
CA PHE Q 445 26.55 -43.65 -9.72
C PHE Q 445 26.95 -43.20 -8.33
N SER Q 446 28.23 -43.28 -8.03
CA SER Q 446 28.77 -42.48 -6.94
C SER Q 446 28.91 -41.05 -7.44
N GLU Q 447 28.60 -40.09 -6.58
CA GLU Q 447 28.56 -38.70 -7.02
C GLU Q 447 29.86 -38.32 -7.71
N PHE Q 448 29.73 -37.72 -8.89
CA PHE Q 448 30.90 -37.41 -9.69
C PHE Q 448 31.81 -36.45 -8.93
N ASP Q 449 33.11 -36.63 -9.11
CA ASP Q 449 34.05 -35.72 -8.48
C ASP Q 449 33.83 -34.30 -8.96
N ASN Q 450 33.85 -34.12 -10.28
CA ASN Q 450 33.75 -32.79 -10.90
C ASN Q 450 33.01 -33.01 -12.21
N ILE Q 451 31.73 -32.68 -12.23
CA ILE Q 451 30.89 -33.06 -13.35
C ILE Q 451 31.36 -32.42 -14.65
N ASN Q 452 31.86 -31.19 -14.59
CA ASN Q 452 32.18 -30.48 -15.82
C ASN Q 452 33.27 -31.13 -16.66
N GLU Q 453 33.88 -32.23 -16.21
CA GLU Q 453 34.82 -32.94 -17.07
C GLU Q 453 34.46 -34.41 -17.18
N ASP Q 454 33.75 -34.95 -16.18
CA ASP Q 454 33.43 -36.36 -16.21
C ASP Q 454 32.45 -36.72 -17.31
N ILE Q 455 31.77 -35.74 -17.89
CA ILE Q 455 30.84 -35.96 -19.00
C ILE Q 455 31.21 -34.99 -20.10
N GLN Q 456 31.52 -35.52 -21.28
CA GLN Q 456 31.81 -34.68 -22.44
C GLN Q 456 31.13 -35.23 -23.67
N LEU Q 457 30.55 -34.31 -24.45
CA LEU Q 457 29.73 -34.65 -25.59
C LEU Q 457 30.37 -34.05 -26.84
N VAL Q 458 30.54 -34.88 -27.87
CA VAL Q 458 31.07 -34.43 -29.14
C VAL Q 458 30.25 -35.05 -30.26
N SER Q 459 30.13 -34.32 -31.36
CA SER Q 459 29.29 -34.72 -32.47
C SER Q 459 30.14 -35.01 -33.69
N ASP Q 460 29.55 -35.74 -34.63
CA ASP Q 460 30.25 -36.09 -35.86
C ASP Q 460 30.74 -34.87 -36.61
N PHE Q 461 30.07 -33.72 -36.44
CA PHE Q 461 30.37 -32.54 -37.24
C PHE Q 461 31.61 -31.79 -36.76
N ASP Q 462 32.25 -32.25 -35.68
CA ASP Q 462 33.39 -31.53 -35.15
C ASP Q 462 34.66 -31.74 -35.96
N VAL Q 463 34.88 -32.94 -36.51
CA VAL Q 463 36.17 -33.31 -37.08
C VAL Q 463 36.11 -33.50 -38.59
N GLN Q 464 35.11 -34.22 -39.08
CA GLN Q 464 35.08 -34.60 -40.48
C GLN Q 464 35.02 -33.35 -41.37
N PRO Q 465 35.49 -33.46 -42.62
CA PRO Q 465 35.68 -32.26 -43.44
C PRO Q 465 34.37 -31.61 -43.87
N LYS Q 466 34.51 -30.58 -44.70
CA LYS Q 466 33.41 -29.77 -45.18
C LYS Q 466 32.29 -30.61 -45.78
N CYS Q 467 31.09 -30.45 -45.21
CA CYS Q 467 29.85 -31.02 -45.74
C CYS Q 467 29.87 -32.55 -45.81
N VAL Q 468 30.91 -33.19 -45.27
CA VAL Q 468 30.96 -34.65 -45.30
C VAL Q 468 30.25 -35.23 -44.08
N GLY Q 469 30.13 -34.46 -43.00
CA GLY Q 469 29.55 -34.95 -41.78
C GLY Q 469 28.22 -35.64 -42.01
N GLN Q 470 28.17 -36.94 -41.74
CA GLN Q 470 26.95 -37.70 -41.96
C GLN Q 470 25.89 -37.25 -40.95
N PRO Q 471 24.61 -37.34 -41.31
CA PRO Q 471 23.56 -36.73 -40.48
C PRO Q 471 23.11 -37.58 -39.30
N GLY Q 472 23.40 -37.11 -38.08
CA GLY Q 472 22.77 -37.67 -36.90
C GLY Q 472 23.54 -38.71 -36.12
N VAL Q 473 24.80 -38.43 -35.79
CA VAL Q 473 25.58 -39.27 -34.88
C VAL Q 473 26.38 -38.37 -33.95
N PHE Q 474 26.37 -38.70 -32.65
CA PHE Q 474 27.14 -37.96 -31.66
C PHE Q 474 27.72 -38.92 -30.64
N HIS Q 475 28.89 -38.56 -30.12
CA HIS Q 475 29.63 -39.38 -29.16
C HIS Q 475 29.52 -38.77 -27.78
N LEU Q 476 29.28 -39.62 -26.78
CA LEU Q 476 29.08 -39.19 -25.40
C LEU Q 476 30.05 -39.94 -24.49
N ASN Q 477 31.07 -39.23 -24.01
CA ASN Q 477 32.09 -39.85 -23.19
C ASN Q 477 31.77 -39.76 -21.70
N MET Q 478 30.77 -40.52 -21.25
CA MET Q 478 30.42 -40.50 -19.83
C MET Q 478 31.41 -41.35 -19.03
N ARG Q 479 31.75 -40.89 -17.84
CA ARG Q 479 32.47 -41.72 -16.90
C ARG Q 479 31.51 -42.36 -15.91
N TYR Q 480 31.99 -43.36 -15.20
CA TYR Q 480 31.16 -44.14 -14.29
C TYR Q 480 31.93 -44.41 -13.01
N ARG Q 481 31.20 -44.68 -11.92
CA ARG Q 481 31.83 -45.09 -10.69
C ARG Q 481 30.80 -45.79 -9.80
N PRO Q 482 31.02 -47.06 -9.44
CA PRO Q 482 29.99 -47.79 -8.71
C PRO Q 482 29.84 -47.23 -7.31
N PRO Q 483 28.66 -47.36 -6.71
CA PRO Q 483 28.48 -46.89 -5.34
C PRO Q 483 29.23 -47.79 -4.35
N VAL Q 484 29.92 -47.15 -3.41
CA VAL Q 484 30.74 -47.89 -2.45
C VAL Q 484 29.84 -48.71 -1.54
N ARG Q 485 30.36 -49.82 -1.03
CA ARG Q 485 29.66 -50.67 -0.10
C ARG Q 485 30.61 -51.19 0.96
N GLY Q 486 30.13 -51.29 2.19
CA GLY Q 486 30.95 -51.81 3.27
C GLY Q 486 31.46 -53.18 2.93
N ALA Q 487 32.76 -53.43 3.15
CA ALA Q 487 33.37 -54.70 2.78
C ALA Q 487 34.21 -55.33 3.86
N ARG Q 488 34.84 -54.56 4.75
CA ARG Q 488 35.70 -55.17 5.76
C ARG Q 488 35.79 -54.23 6.95
N ILE Q 489 35.84 -54.82 8.14
CA ILE Q 489 35.97 -54.09 9.40
C ILE Q 489 37.09 -54.73 10.19
N ASN Q 490 37.94 -53.91 10.78
CA ASN Q 490 39.03 -54.37 11.64
C ASN Q 490 38.67 -54.04 13.08
N VAL Q 491 38.77 -55.04 13.95
CA VAL Q 491 38.38 -54.90 15.35
C VAL Q 491 39.61 -55.10 16.21
N ASN Q 492 39.84 -54.17 17.13
CA ASN Q 492 40.88 -54.31 18.15
C ASN Q 492 40.22 -54.29 19.50
N LEU Q 493 40.26 -55.42 20.21
CA LEU Q 493 39.52 -55.60 21.44
C LEU Q 493 40.52 -55.62 22.59
N VAL Q 494 40.32 -54.74 23.57
CA VAL Q 494 41.36 -54.43 24.55
C VAL Q 494 40.81 -54.60 25.96
N PRO Q 495 40.70 -55.80 26.49
CA PRO Q 495 40.17 -55.98 27.84
C PRO Q 495 41.12 -55.40 28.89
N ALA Q 496 40.56 -55.04 30.02
CA ALA Q 496 41.35 -54.51 31.13
C ALA Q 496 40.60 -54.71 32.43
N LEU Q 497 41.32 -54.59 33.54
CA LEU Q 497 40.75 -54.79 34.87
C LEU Q 497 40.07 -53.53 35.36
N PHE Q 498 39.23 -53.69 36.39
CA PHE Q 498 38.39 -52.60 36.88
C PHE Q 498 39.04 -51.94 38.09
N ASP Q 499 39.46 -50.70 37.92
CA ASP Q 499 39.79 -49.81 39.03
C ASP Q 499 40.26 -48.48 38.46
N ASN Q 500 40.20 -47.44 39.30
CA ASN Q 500 40.71 -46.12 38.91
C ASN Q 500 42.08 -46.21 38.25
N CYS R 3 29.15 -11.06 -26.56
CA CYS R 3 29.48 -12.41 -26.06
C CYS R 3 29.47 -12.43 -24.53
N ASN R 4 30.65 -12.36 -23.91
CA ASN R 4 30.78 -12.52 -22.47
C ASN R 4 30.02 -11.46 -21.69
N LYS R 5 29.67 -10.35 -22.33
CA LYS R 5 29.08 -9.22 -21.64
C LYS R 5 27.83 -8.80 -22.41
N GLN R 6 26.69 -9.36 -22.00
CA GLN R 6 25.39 -8.90 -22.44
C GLN R 6 24.34 -9.63 -21.64
N ASN R 7 23.23 -8.95 -21.39
CA ASN R 7 22.15 -9.51 -20.57
C ASN R 7 20.94 -9.72 -21.44
N GLY R 8 20.60 -10.98 -21.71
CA GLY R 8 19.46 -11.29 -22.53
C GLY R 8 19.21 -12.78 -22.63
N VAL R 9 18.02 -13.17 -23.05
CA VAL R 9 17.67 -14.58 -23.20
C VAL R 9 17.84 -14.95 -24.66
N LYS R 10 18.48 -16.10 -24.91
CA LYS R 10 18.78 -16.53 -26.27
C LYS R 10 17.83 -17.59 -26.77
N ASN R 11 17.30 -18.43 -25.88
CA ASN R 11 16.32 -19.45 -26.26
C ASN R 11 15.48 -19.81 -25.05
N ILE R 12 14.28 -20.33 -25.32
CA ILE R 12 13.41 -20.85 -24.29
C ILE R 12 12.68 -22.05 -24.86
N LEU R 13 12.79 -23.19 -24.18
CA LEU R 13 12.18 -24.43 -24.64
C LEU R 13 11.25 -24.97 -23.56
N ILE R 14 10.22 -25.69 -23.98
CA ILE R 14 9.22 -26.23 -23.08
C ILE R 14 8.75 -27.55 -23.63
N THR R 15 8.45 -28.50 -22.73
CA THR R 15 7.99 -29.83 -23.13
C THR R 15 6.88 -30.27 -22.21
N PHE R 16 5.64 -30.21 -22.68
CA PHE R 16 4.47 -30.45 -21.86
C PHE R 16 4.21 -31.93 -21.74
N THR R 17 3.64 -32.34 -20.62
CA THR R 17 3.10 -33.68 -20.44
C THR R 17 1.77 -33.54 -19.74
N HIS R 18 0.79 -34.32 -20.19
CA HIS R 18 -0.55 -34.25 -19.61
C HIS R 18 -0.67 -35.31 -18.53
N CYS R 19 -0.96 -34.87 -17.31
CA CYS R 19 -0.96 -35.78 -16.18
C CYS R 19 -1.97 -36.91 -16.38
N ASP R 20 -3.21 -36.57 -16.74
CA ASP R 20 -4.29 -37.54 -16.76
C ASP R 20 -4.23 -38.50 -17.93
N THR R 21 -3.85 -38.02 -19.12
CA THR R 21 -3.91 -38.85 -20.32
C THR R 21 -2.56 -39.32 -20.80
N GLY R 22 -1.49 -38.59 -20.49
CA GLY R 22 -0.15 -39.03 -20.85
C GLY R 22 0.34 -38.55 -22.20
N GLU R 23 -0.31 -37.57 -22.81
CA GLU R 23 0.20 -37.03 -24.06
C GLU R 23 1.51 -36.28 -23.82
N VAL R 24 2.30 -36.15 -24.88
CA VAL R 24 3.57 -35.44 -24.82
C VAL R 24 3.70 -34.56 -26.05
N ILE R 25 4.15 -33.33 -25.85
CA ILE R 25 4.44 -32.41 -26.94
C ILE R 25 5.91 -32.05 -26.87
N GLY R 26 6.65 -32.36 -27.94
CA GLY R 26 8.07 -32.20 -27.93
C GLY R 26 8.48 -30.77 -27.66
N PRO R 27 9.78 -30.55 -27.49
CA PRO R 27 10.27 -29.21 -27.14
C PRO R 27 9.82 -28.19 -28.17
N ILE R 28 9.38 -27.03 -27.69
CA ILE R 28 8.90 -25.94 -28.53
C ILE R 28 9.54 -24.65 -28.06
N SER R 29 10.00 -23.84 -29.01
CA SER R 29 10.58 -22.55 -28.66
C SER R 29 9.50 -21.64 -28.11
N HIS R 30 9.91 -20.50 -27.57
CA HIS R 30 9.00 -19.46 -27.11
C HIS R 30 9.70 -18.12 -27.06
N GLU R 31 8.90 -17.05 -27.03
CA GLU R 31 9.42 -15.70 -27.00
C GLU R 31 8.70 -14.88 -25.94
N GLN R 32 9.43 -13.95 -25.34
CA GLN R 32 8.88 -13.21 -24.22
C GLN R 32 7.92 -12.13 -24.68
N PRO R 33 6.97 -11.75 -23.83
CA PRO R 33 6.02 -10.69 -24.21
C PRO R 33 6.55 -9.30 -24.00
N ASP R 34 7.48 -9.09 -23.07
CA ASP R 34 8.01 -7.76 -22.81
C ASP R 34 9.46 -7.90 -22.36
N ASP R 35 10.00 -6.87 -21.74
CA ASP R 35 11.42 -6.83 -21.43
C ASP R 35 11.80 -7.60 -20.17
N THR R 36 10.83 -8.02 -19.36
CA THR R 36 11.13 -8.69 -18.10
C THR R 36 11.82 -10.02 -18.39
N LEU R 37 12.88 -10.32 -17.65
CA LEU R 37 13.58 -11.58 -17.80
C LEU R 37 13.07 -12.58 -16.78
N PRO R 38 13.31 -13.88 -17.00
CA PRO R 38 12.94 -14.86 -15.98
C PRO R 38 13.82 -14.70 -14.75
N THR R 39 13.47 -15.43 -13.69
CA THR R 39 14.23 -15.41 -12.45
C THR R 39 14.25 -16.81 -11.87
N TYR R 40 15.25 -17.07 -11.03
CA TYR R 40 15.48 -18.42 -10.55
C TYR R 40 15.74 -18.39 -9.04
N LYS R 41 15.77 -19.58 -8.46
CA LYS R 41 16.26 -19.79 -7.10
C LYS R 41 16.65 -21.25 -7.01
N THR R 42 17.94 -21.54 -7.00
CA THR R 42 18.39 -22.91 -7.13
C THR R 42 18.61 -23.60 -5.79
N CYS R 43 19.15 -22.92 -4.79
CA CYS R 43 19.44 -23.56 -3.52
C CYS R 43 18.15 -24.03 -2.90
N ALA R 44 18.15 -25.27 -2.43
CA ALA R 44 16.91 -25.90 -1.99
C ALA R 44 16.63 -25.71 -0.50
N TRP R 45 17.52 -25.10 0.25
CA TRP R 45 17.37 -24.93 1.68
C TRP R 45 17.01 -23.49 2.00
N THR R 46 16.28 -23.29 3.09
CA THR R 46 15.88 -21.95 3.52
C THR R 46 16.39 -21.68 4.93
N ASN R 47 17.00 -20.52 5.12
CA ASN R 47 17.58 -20.13 6.40
C ASN R 47 16.69 -19.09 7.06
N THR R 48 16.28 -19.35 8.29
CA THR R 48 15.52 -18.40 9.10
C THR R 48 16.42 -17.83 10.17
N ALA R 49 16.23 -16.56 10.50
CA ALA R 49 17.12 -15.90 11.43
C ALA R 49 16.80 -16.28 12.87
N LEU R 50 17.83 -16.31 13.71
CA LEU R 50 17.67 -16.53 15.15
C LEU R 50 18.54 -15.49 15.84
N THR R 51 18.85 -15.66 17.11
CA THR R 51 19.70 -14.74 17.84
C THR R 51 21.15 -15.19 17.77
N ASN R 52 22.05 -14.20 17.75
CA ASN R 52 23.49 -14.45 17.80
C ASN R 52 23.98 -15.26 16.59
N GLY R 53 23.37 -15.04 15.44
CA GLY R 53 23.89 -15.62 14.22
C GLY R 53 23.51 -17.05 13.97
N ALA R 54 22.75 -17.68 14.86
CA ALA R 54 22.21 -18.99 14.55
C ALA R 54 21.10 -18.87 13.52
N VAL R 55 20.86 -19.95 12.79
CA VAL R 55 19.80 -19.97 11.79
C VAL R 55 19.19 -21.36 11.76
N MET R 56 17.91 -21.42 11.42
CA MET R 56 17.20 -22.69 11.31
C MET R 56 17.18 -23.11 9.84
N ARG R 57 17.98 -24.11 9.51
CA ARG R 57 18.09 -24.63 8.15
C ARG R 57 17.02 -25.68 7.94
N SER R 58 16.23 -25.50 6.88
CA SER R 58 15.06 -26.35 6.66
C SER R 58 14.87 -26.59 5.17
N ALA R 59 14.05 -27.59 4.85
CA ALA R 59 13.85 -27.99 3.47
C ALA R 59 12.93 -27.03 2.74
N SER R 60 13.14 -26.90 1.44
CA SER R 60 12.31 -26.03 0.62
C SER R 60 12.55 -26.34 -0.85
N ASN R 61 11.71 -25.79 -1.70
CA ASN R 61 11.73 -26.10 -3.12
C ASN R 61 12.62 -25.12 -3.88
N ALA R 62 13.01 -25.52 -5.07
CA ALA R 62 13.63 -24.61 -6.01
C ALA R 62 12.64 -24.23 -7.10
N THR R 63 12.58 -22.95 -7.42
CA THR R 63 11.49 -22.40 -8.19
C THR R 63 12.01 -21.75 -9.47
N MET R 64 11.08 -21.28 -10.29
CA MET R 64 11.41 -20.47 -11.45
C MET R 64 10.18 -19.67 -11.86
N THR R 65 10.40 -18.47 -12.38
CA THR R 65 9.34 -17.62 -12.89
C THR R 65 9.65 -17.35 -14.35
N LEU R 66 8.66 -17.51 -15.23
CA LEU R 66 8.91 -17.63 -16.65
C LEU R 66 7.76 -17.06 -17.46
N PRO R 67 7.85 -15.81 -17.91
CA PRO R 67 6.80 -15.25 -18.76
C PRO R 67 7.02 -15.52 -20.24
N VAL R 68 6.01 -16.06 -20.92
CA VAL R 68 6.14 -16.50 -22.30
C VAL R 68 4.86 -16.20 -23.06
N VAL R 69 5.00 -15.93 -24.36
CA VAL R 69 3.86 -15.71 -25.22
C VAL R 69 3.29 -17.04 -25.66
N ARG R 70 1.97 -17.21 -25.52
CA ARG R 70 1.36 -18.51 -25.69
C ARG R 70 1.58 -19.01 -27.11
N ASP R 71 1.81 -20.31 -27.23
CA ASP R 71 1.96 -20.90 -28.55
C ASP R 71 0.57 -21.16 -29.14
N PRO R 72 0.27 -20.65 -30.33
CA PRO R 72 -1.12 -20.69 -30.80
C PRO R 72 -1.66 -22.08 -31.04
N ARG R 73 -0.91 -23.13 -30.75
CA ARG R 73 -1.38 -24.48 -31.04
C ARG R 73 -1.64 -25.31 -29.80
N VAL R 74 -1.33 -24.81 -28.61
CA VAL R 74 -1.44 -25.57 -27.37
C VAL R 74 -2.62 -25.01 -26.58
N PRO R 75 -3.46 -25.84 -25.98
CA PRO R 75 -4.57 -25.31 -25.20
C PRO R 75 -4.06 -24.43 -24.08
N LEU R 76 -4.77 -23.33 -23.82
CA LEU R 76 -4.34 -22.45 -22.74
C LEU R 76 -4.28 -23.20 -21.42
N ALA R 77 -5.17 -24.16 -21.21
CA ALA R 77 -5.22 -24.83 -19.91
C ALA R 77 -3.89 -25.48 -19.58
N TRP R 78 -3.12 -25.89 -20.59
CA TRP R 78 -1.87 -26.59 -20.31
C TRP R 78 -0.82 -25.68 -19.71
N TYR R 79 -0.82 -24.39 -20.05
CA TYR R 79 0.12 -23.48 -19.43
C TYR R 79 -0.19 -23.22 -17.97
N GLN R 80 -1.38 -23.57 -17.51
CA GLN R 80 -1.77 -23.46 -16.12
C GLN R 80 -1.75 -24.86 -15.49
N GLY R 81 -2.28 -24.99 -14.29
CA GLY R 81 -2.02 -26.17 -13.48
C GLY R 81 -2.41 -27.51 -14.06
N CYS R 82 -2.92 -27.58 -15.28
CA CYS R 82 -3.41 -28.83 -15.82
C CYS R 82 -2.34 -29.70 -16.48
N ALA R 83 -1.09 -29.24 -16.53
CA ALA R 83 -0.07 -29.96 -17.28
C ALA R 83 1.25 -29.95 -16.51
N GLN R 84 2.11 -30.90 -16.86
CA GLN R 84 3.44 -31.01 -16.29
C GLN R 84 4.48 -30.50 -17.27
N ILE R 85 5.47 -29.78 -16.76
CA ILE R 85 6.33 -28.93 -17.58
C ILE R 85 7.79 -29.21 -17.35
N ASP R 86 8.59 -29.08 -18.40
CA ASP R 86 10.04 -29.05 -18.35
C ASP R 86 10.53 -27.89 -19.21
N ALA R 87 11.48 -27.12 -18.70
CA ALA R 87 11.87 -25.90 -19.39
C ALA R 87 13.37 -25.73 -19.36
N GLN R 88 13.88 -24.92 -20.28
CA GLN R 88 15.29 -24.58 -20.35
C GLN R 88 15.43 -23.14 -20.80
N VAL R 89 16.55 -22.53 -20.44
CA VAL R 89 16.86 -21.17 -20.85
C VAL R 89 18.34 -21.10 -21.17
N GLU R 90 18.68 -20.43 -22.27
CA GLU R 90 20.06 -20.18 -22.64
C GLU R 90 20.28 -18.68 -22.77
N LYS R 91 21.14 -18.14 -21.94
CA LYS R 91 21.49 -16.74 -22.00
C LYS R 91 22.64 -16.53 -22.97
N PHE R 92 22.92 -15.27 -23.29
CA PHE R 92 23.96 -15.00 -24.26
C PHE R 92 25.33 -15.45 -23.78
N ASP R 93 25.67 -15.17 -22.52
CA ASP R 93 27.01 -15.47 -22.05
C ASP R 93 27.30 -16.96 -21.97
N GLY R 94 26.35 -17.81 -22.33
CA GLY R 94 26.56 -19.25 -22.36
C GLY R 94 25.86 -20.02 -21.27
N THR R 95 25.39 -19.35 -20.23
CA THR R 95 24.71 -20.04 -19.14
C THR R 95 23.48 -20.78 -19.66
N VAL R 96 23.20 -21.94 -19.10
CA VAL R 96 22.01 -22.71 -19.41
C VAL R 96 21.39 -23.20 -18.11
N MET R 97 20.09 -22.96 -17.95
CA MET R 97 19.34 -23.38 -16.78
C MET R 97 18.32 -24.43 -17.20
N THR R 98 18.32 -25.56 -16.52
CA THR R 98 17.46 -26.67 -16.87
C THR R 98 16.58 -27.06 -15.71
N LEU R 99 15.32 -27.34 -16.00
CA LEU R 99 14.32 -27.75 -15.02
C LEU R 99 13.56 -28.94 -15.58
N THR R 100 13.09 -29.83 -14.71
CA THR R 100 12.29 -30.96 -15.17
C THR R 100 11.22 -31.31 -14.16
N GLU R 101 10.17 -31.96 -14.66
CA GLU R 101 8.97 -32.31 -13.91
C GLU R 101 8.49 -31.20 -12.98
N GLY R 102 8.56 -29.96 -13.44
CA GLY R 102 7.98 -28.88 -12.66
C GLY R 102 6.47 -28.96 -12.62
N ALA R 103 5.89 -28.31 -11.62
CA ALA R 103 4.44 -28.19 -11.50
C ALA R 103 4.07 -26.73 -11.30
N VAL R 104 3.09 -26.27 -12.05
CA VAL R 104 2.65 -24.88 -11.95
C VAL R 104 1.82 -24.73 -10.68
N THR R 105 1.89 -23.55 -10.07
CA THR R 105 1.26 -23.34 -8.76
C THR R 105 0.54 -22.00 -8.72
N GLU R 106 -0.64 -22.01 -8.09
CA GLU R 106 -1.49 -20.84 -7.92
C GLU R 106 -1.47 -19.96 -9.18
N PRO R 107 -2.02 -20.45 -10.30
CA PRO R 107 -1.95 -19.69 -11.55
C PRO R 107 -2.78 -18.42 -11.47
N GLU R 108 -2.26 -17.34 -12.03
CA GLU R 108 -3.00 -16.11 -12.13
C GLU R 108 -3.67 -16.02 -13.50
N GLU R 109 -4.75 -15.26 -13.57
CA GLU R 109 -5.52 -15.18 -14.80
C GLU R 109 -4.67 -14.62 -15.94
N SER R 110 -4.85 -15.19 -17.12
CA SER R 110 -4.16 -14.75 -18.32
C SER R 110 -5.18 -14.28 -19.34
N ASP R 111 -4.73 -13.44 -20.26
CA ASP R 111 -5.62 -12.86 -21.25
C ASP R 111 -5.54 -13.53 -22.61
N GLY R 112 -4.88 -14.68 -22.72
CA GLY R 112 -4.89 -15.43 -23.94
C GLY R 112 -3.64 -15.33 -24.79
N ARG R 113 -2.78 -14.34 -24.56
CA ARG R 113 -1.56 -14.23 -25.35
C ARG R 113 -0.32 -14.13 -24.47
N ALA R 114 -0.42 -13.41 -23.37
CA ALA R 114 0.69 -13.28 -22.44
C ALA R 114 0.40 -14.09 -21.19
N VAL R 115 1.39 -14.82 -20.71
CA VAL R 115 1.21 -15.72 -19.57
C VAL R 115 2.43 -15.66 -18.68
N THR R 116 2.20 -15.76 -17.37
CA THR R 116 3.25 -15.90 -16.39
C THR R 116 3.06 -17.21 -15.64
N MET R 117 4.11 -18.03 -15.60
CA MET R 117 4.06 -19.33 -14.96
C MET R 117 5.00 -19.34 -13.77
N THR R 118 4.50 -19.79 -12.62
CA THR R 118 5.31 -19.96 -11.43
C THR R 118 5.55 -21.45 -11.24
N ILE R 119 6.78 -21.90 -11.43
CA ILE R 119 7.10 -23.32 -11.45
C ILE R 119 7.98 -23.64 -10.26
N ILE R 120 7.73 -24.79 -9.64
CA ILE R 120 8.54 -25.30 -8.54
C ILE R 120 8.94 -26.73 -8.87
N ALA R 121 10.15 -27.11 -8.46
CA ALA R 121 10.65 -28.43 -8.78
C ALA R 121 11.63 -28.87 -7.71
N ALA R 122 11.85 -30.17 -7.64
CA ALA R 122 12.72 -30.71 -6.60
C ALA R 122 14.15 -30.21 -6.73
N GLU R 123 14.54 -29.77 -7.91
CA GLU R 123 15.92 -29.34 -8.11
C GLU R 123 16.08 -28.71 -9.48
N ILE R 124 16.88 -27.65 -9.53
CA ILE R 124 17.21 -26.94 -10.76
C ILE R 124 18.72 -27.00 -10.94
N ASP R 125 19.17 -27.29 -12.15
CA ASP R 125 20.59 -27.45 -12.44
C ASP R 125 21.07 -26.33 -13.34
N GLU R 126 22.27 -25.83 -13.06
CA GLU R 126 22.86 -24.70 -13.76
C GLU R 126 24.14 -25.14 -14.44
N LEU R 127 24.27 -24.82 -15.72
CA LEU R 127 25.48 -25.08 -16.48
C LEU R 127 26.20 -23.77 -16.73
N LEU R 128 27.40 -23.64 -16.19
CA LEU R 128 28.18 -22.42 -16.34
C LEU R 128 28.95 -22.42 -17.65
N PRO R 129 29.40 -21.25 -18.09
CA PRO R 129 30.29 -21.21 -19.25
C PRO R 129 31.60 -21.90 -18.94
N PRO R 130 32.49 -22.02 -19.91
CA PRO R 130 33.76 -22.71 -19.65
C PRO R 130 34.57 -22.03 -18.56
N GLY R 131 35.28 -22.85 -17.78
CA GLY R 131 36.24 -22.34 -16.83
C GLY R 131 35.76 -22.27 -15.40
N SER R 132 34.69 -22.98 -15.04
CA SER R 132 34.13 -22.89 -13.70
C SER R 132 35.19 -23.07 -12.63
N LEU R 133 34.97 -22.41 -11.48
CA LEU R 133 35.82 -22.59 -10.31
C LEU R 133 35.30 -23.63 -9.33
N ALA R 134 34.16 -24.25 -9.59
CA ALA R 134 33.63 -25.24 -8.67
C ALA R 134 32.69 -26.19 -9.40
N ALA R 135 32.50 -27.36 -8.79
CA ALA R 135 31.64 -28.38 -9.38
C ALA R 135 30.23 -27.85 -9.59
N MET S 1 -75.98 -32.13 2.24
CA MET S 1 -75.30 -32.13 3.56
C MET S 1 -74.80 -33.52 3.94
N ALA S 2 -73.64 -33.56 4.60
CA ALA S 2 -73.07 -34.83 5.05
C ALA S 2 -72.30 -34.52 6.34
N GLN S 3 -71.38 -35.42 6.71
CA GLN S 3 -70.47 -35.09 7.78
C GLN S 3 -69.99 -33.67 7.62
N ASP S 4 -69.95 -32.93 8.74
CA ASP S 4 -69.77 -31.50 8.67
C ASP S 4 -68.58 -31.13 7.80
N ALA S 5 -67.49 -31.88 7.91
CA ALA S 5 -66.26 -31.50 7.24
C ALA S 5 -66.47 -31.24 5.75
N LEU S 6 -67.35 -31.98 5.10
CA LEU S 6 -67.55 -31.87 3.66
C LEU S 6 -68.71 -30.95 3.31
N SER S 7 -69.30 -30.27 4.28
CA SER S 7 -70.50 -29.49 4.00
C SER S 7 -70.21 -28.29 3.11
N ASP S 8 -69.17 -27.52 3.43
CA ASP S 8 -68.99 -26.21 2.81
C ASP S 8 -68.52 -26.29 1.37
N GLY S 9 -67.96 -27.41 0.94
CA GLY S 9 -67.51 -27.50 -0.44
C GLY S 9 -66.11 -27.01 -0.68
N PHE S 10 -65.36 -26.68 0.37
CA PHE S 10 -63.94 -26.38 0.18
C PHE S 10 -63.20 -27.60 -0.37
N VAL S 11 -63.52 -28.78 0.17
CA VAL S 11 -62.88 -30.02 -0.23
C VAL S 11 -63.91 -30.87 -0.96
N ARG S 12 -63.59 -31.30 -2.16
CA ARG S 12 -64.50 -32.08 -2.99
C ARG S 12 -63.88 -33.44 -3.22
N LEU S 13 -64.28 -34.39 -2.37
CA LEU S 13 -63.60 -35.67 -2.26
C LEU S 13 -64.20 -36.69 -3.22
N CYS S 14 -63.35 -37.58 -3.72
CA CYS S 14 -63.78 -38.72 -4.52
C CYS S 14 -63.05 -39.96 -4.02
N ILE S 15 -63.76 -41.08 -3.97
CA ILE S 15 -63.18 -42.36 -3.56
C ILE S 15 -63.26 -43.30 -4.74
N ASP S 16 -62.11 -43.81 -5.15
CA ASP S 16 -62.06 -44.66 -6.33
C ASP S 16 -60.85 -45.56 -6.28
N PRO S 17 -61.02 -46.88 -6.23
CA PRO S 17 -59.85 -47.78 -6.22
C PRO S 17 -59.33 -48.13 -7.59
N SER S 18 -59.80 -47.49 -8.66
CA SER S 18 -59.45 -47.89 -10.02
C SER S 18 -58.77 -46.80 -10.83
N LEU S 19 -58.46 -45.65 -10.24
CA LEU S 19 -57.81 -44.58 -10.98
C LEU S 19 -56.34 -44.90 -11.21
N ASN S 20 -55.59 -43.90 -11.67
CA ASN S 20 -54.14 -44.01 -11.74
C ASN S 20 -53.54 -42.62 -11.92
N PHE S 21 -52.35 -42.44 -11.35
CA PHE S 21 -51.67 -41.14 -11.36
C PHE S 21 -50.72 -40.98 -12.54
N PHE S 22 -50.13 -42.06 -13.02
CA PHE S 22 -49.04 -41.95 -13.98
C PHE S 22 -49.45 -41.18 -15.22
N GLY S 23 -48.64 -40.19 -15.58
CA GLY S 23 -48.72 -39.66 -16.92
C GLY S 23 -48.39 -40.74 -17.94
N GLU S 24 -49.16 -40.77 -19.02
CA GLU S 24 -49.06 -41.86 -19.96
C GLU S 24 -47.61 -42.06 -20.41
N GLY S 25 -47.14 -43.30 -20.30
CA GLY S 25 -45.74 -43.60 -20.53
C GLY S 25 -45.41 -43.85 -21.99
N CYS S 26 -44.55 -44.83 -22.20
CA CYS S 26 -44.13 -45.18 -23.55
C CYS S 26 -45.21 -45.99 -24.25
N LYS S 27 -45.15 -45.99 -25.58
CA LYS S 27 -46.18 -46.58 -26.42
C LYS S 27 -45.60 -47.81 -27.11
N ILE S 28 -46.37 -48.90 -27.10
CA ILE S 28 -45.94 -50.18 -27.66
C ILE S 28 -46.99 -50.66 -28.66
N LEU S 29 -46.53 -51.29 -29.74
CA LEU S 29 -47.41 -51.73 -30.81
C LEU S 29 -47.37 -53.26 -30.92
N VAL S 30 -48.54 -53.86 -31.05
CA VAL S 30 -48.70 -55.30 -31.17
C VAL S 30 -49.46 -55.60 -32.45
N GLU S 31 -49.06 -56.65 -33.16
CA GLU S 31 -49.67 -57.01 -34.43
C GLU S 31 -49.84 -58.51 -34.52
N GLY S 32 -50.91 -58.95 -35.17
CA GLY S 32 -51.15 -60.38 -35.30
C GLY S 32 -52.45 -60.65 -36.04
N GLN S 33 -52.85 -61.92 -36.00
CA GLN S 33 -54.08 -62.34 -36.67
C GLN S 33 -55.27 -61.99 -35.79
N ILE S 34 -56.47 -62.18 -36.34
CA ILE S 34 -57.69 -62.14 -35.54
C ILE S 34 -58.64 -63.23 -36.00
N THR S 35 -59.72 -63.42 -35.26
CA THR S 35 -60.75 -64.40 -35.62
C THR S 35 -62.07 -63.68 -35.87
N ASP S 36 -63.02 -64.42 -36.44
CA ASP S 36 -64.17 -63.80 -37.09
C ASP S 36 -65.03 -62.97 -36.15
N ASP S 37 -65.24 -63.40 -34.91
CA ASP S 37 -66.09 -62.63 -34.01
C ASP S 37 -65.47 -61.30 -33.60
N ALA S 38 -64.22 -61.06 -33.96
CA ALA S 38 -63.53 -59.84 -33.54
C ALA S 38 -64.26 -58.60 -34.02
N THR S 39 -64.91 -57.88 -33.09
CA THR S 39 -65.64 -56.68 -33.46
C THR S 39 -64.73 -55.58 -33.96
N ALA S 40 -63.45 -55.62 -33.62
CA ALA S 40 -62.54 -54.56 -34.04
C ALA S 40 -62.46 -54.49 -35.56
N ALA S 41 -62.42 -53.27 -36.06
CA ALA S 41 -62.33 -53.06 -37.50
C ALA S 41 -60.99 -53.56 -38.02
N GLU S 42 -61.01 -54.19 -39.19
CA GLU S 42 -59.82 -54.82 -39.72
C GLU S 42 -58.77 -53.78 -40.12
N ASN S 43 -57.51 -54.16 -39.98
CA ASN S 43 -56.38 -53.41 -40.54
C ASN S 43 -56.38 -51.95 -40.16
N VAL S 44 -56.75 -51.64 -38.92
CA VAL S 44 -56.80 -50.28 -38.41
C VAL S 44 -56.10 -50.25 -37.06
N VAL S 45 -55.32 -49.18 -36.82
CA VAL S 45 -54.64 -49.02 -35.54
C VAL S 45 -55.67 -48.71 -34.45
N THR S 46 -55.57 -49.42 -33.33
CA THR S 46 -56.54 -49.31 -32.25
C THR S 46 -55.85 -49.09 -30.93
N CYS S 47 -56.50 -48.35 -30.04
CA CYS S 47 -56.04 -48.23 -28.67
C CYS S 47 -56.65 -49.35 -27.83
N VAL S 48 -55.97 -49.68 -26.74
CA VAL S 48 -56.43 -50.69 -25.80
C VAL S 48 -56.35 -50.11 -24.40
N ASN S 49 -57.15 -50.66 -23.50
CA ASN S 49 -57.24 -50.13 -22.15
C ASN S 49 -57.19 -51.19 -21.05
N SER S 50 -57.52 -52.44 -21.32
CA SER S 50 -57.50 -53.48 -20.29
C SER S 50 -57.54 -54.84 -20.97
N GLU S 51 -57.41 -55.88 -20.16
CA GLU S 51 -57.42 -57.24 -20.68
C GLU S 51 -58.84 -57.76 -20.92
N LEU S 52 -59.85 -57.11 -20.36
CA LEU S 52 -61.21 -57.63 -20.47
C LEU S 52 -61.76 -57.51 -21.88
N ASP S 53 -61.37 -56.47 -22.62
CA ASP S 53 -61.97 -56.20 -23.92
C ASP S 53 -61.65 -57.27 -24.95
N LEU S 54 -60.71 -58.17 -24.68
CA LEU S 54 -60.37 -59.21 -25.63
C LEU S 54 -61.61 -60.05 -25.94
N VAL S 55 -61.47 -60.91 -26.94
CA VAL S 55 -62.58 -61.72 -27.44
C VAL S 55 -63.59 -60.79 -28.12
N GLU S 56 -64.16 -59.88 -27.34
CA GLU S 56 -65.06 -58.88 -27.92
C GLU S 56 -64.41 -58.21 -29.12
N ARG S 57 -63.18 -57.75 -28.94
CA ARG S 57 -62.53 -56.94 -29.96
C ARG S 57 -61.63 -57.78 -30.85
N PHE S 58 -61.12 -58.90 -30.35
CA PHE S 58 -60.11 -59.66 -31.06
C PHE S 58 -60.38 -61.16 -31.11
N GLY S 59 -61.42 -61.63 -30.45
CA GLY S 59 -61.92 -62.97 -30.68
C GLY S 59 -61.16 -64.08 -29.98
N GLN S 60 -61.90 -65.07 -29.50
CA GLN S 60 -61.33 -66.17 -28.75
C GLN S 60 -60.32 -66.94 -29.59
N GLY S 61 -59.17 -67.24 -28.98
CA GLY S 61 -58.18 -68.12 -29.59
C GLY S 61 -57.30 -67.46 -30.62
N SER S 62 -57.60 -66.24 -31.04
CA SER S 62 -56.76 -65.58 -32.01
C SER S 62 -55.43 -65.16 -31.38
N VAL S 63 -54.39 -65.12 -32.21
CA VAL S 63 -53.05 -64.83 -31.72
C VAL S 63 -53.03 -63.50 -30.98
N LEU S 64 -53.67 -62.49 -31.54
CA LEU S 64 -53.59 -61.15 -30.96
C LEU S 64 -54.10 -61.15 -29.52
N THR S 65 -55.08 -61.99 -29.21
CA THR S 65 -55.59 -62.06 -27.85
C THR S 65 -54.51 -62.51 -26.88
N GLU S 66 -53.80 -63.58 -27.21
CA GLU S 66 -52.73 -64.06 -26.34
C GLU S 66 -51.63 -63.02 -26.22
N SER S 67 -51.29 -62.38 -27.34
CA SER S 67 -50.24 -61.37 -27.31
C SER S 67 -50.60 -60.24 -26.37
N LEU S 68 -51.85 -59.79 -26.41
CA LEU S 68 -52.28 -58.75 -25.48
C LEU S 68 -52.34 -59.26 -24.04
N ARG S 69 -52.75 -60.50 -23.85
CA ARG S 69 -52.79 -61.06 -22.50
C ARG S 69 -51.44 -60.98 -21.84
N LYS S 70 -50.41 -61.49 -22.52
CA LYS S 70 -49.10 -61.54 -21.90
C LYS S 70 -48.60 -60.15 -21.56
N VAL S 71 -48.84 -59.17 -22.43
CA VAL S 71 -48.32 -57.83 -22.19
C VAL S 71 -48.90 -57.27 -20.90
N PHE S 72 -50.21 -57.32 -20.74
CA PHE S 72 -50.80 -56.83 -19.50
C PHE S 72 -50.31 -57.64 -18.30
N CYS S 73 -50.05 -58.93 -18.51
CA CYS S 73 -49.58 -59.75 -17.39
C CYS S 73 -48.20 -59.30 -16.92
N MET S 74 -47.30 -58.99 -17.85
CA MET S 74 -45.95 -58.57 -17.49
C MET S 74 -45.89 -57.16 -16.92
N CYS S 75 -46.55 -56.19 -17.55
CA CYS S 75 -46.34 -54.78 -17.25
C CYS S 75 -47.51 -54.28 -16.41
N LYS S 76 -47.25 -54.04 -15.12
CA LYS S 76 -48.30 -53.54 -14.25
C LYS S 76 -48.75 -52.14 -14.66
N SER S 77 -47.85 -51.32 -15.18
CA SER S 77 -48.21 -49.96 -15.57
C SER S 77 -47.03 -49.32 -16.26
N GLY S 78 -47.22 -48.07 -16.67
CA GLY S 78 -46.18 -47.30 -17.30
C GLY S 78 -46.03 -47.50 -18.78
N VAL S 79 -46.87 -48.33 -19.40
CA VAL S 79 -46.80 -48.60 -20.82
C VAL S 79 -48.18 -48.42 -21.43
N SER S 80 -48.25 -47.67 -22.52
CA SER S 80 -49.48 -47.46 -23.27
C SER S 80 -49.50 -48.45 -24.41
N VAL S 81 -50.62 -49.17 -24.55
CA VAL S 81 -50.69 -50.33 -25.42
C VAL S 81 -51.51 -49.99 -26.66
N TYR S 82 -51.01 -50.40 -27.82
CA TYR S 82 -51.72 -50.25 -29.08
C TYR S 82 -51.61 -51.54 -29.88
N ALA S 83 -52.60 -51.78 -30.73
CA ALA S 83 -52.70 -53.01 -31.49
C ALA S 83 -53.04 -52.70 -32.94
N LEU S 84 -52.69 -53.65 -33.81
CA LEU S 84 -53.02 -53.58 -35.24
C LEU S 84 -53.48 -54.96 -35.69
N PRO S 85 -54.78 -55.24 -35.68
CA PRO S 85 -55.24 -56.56 -36.06
C PRO S 85 -55.07 -56.82 -37.56
N ARG S 86 -54.91 -58.09 -37.90
CA ARG S 86 -54.78 -58.53 -39.28
C ARG S 86 -55.70 -59.72 -39.52
N ALA S 87 -56.29 -59.76 -40.72
CA ALA S 87 -57.22 -60.82 -41.06
C ALA S 87 -56.48 -62.04 -41.61
N ASP S 88 -57.12 -63.20 -41.49
CA ASP S 88 -56.53 -64.42 -42.00
C ASP S 88 -56.42 -64.38 -43.52
N ALA S 89 -55.46 -65.14 -44.04
CA ALA S 89 -55.38 -65.33 -45.48
C ALA S 89 -56.43 -66.35 -45.91
N ALA S 90 -57.33 -65.95 -46.81
CA ALA S 90 -58.43 -66.83 -47.20
C ALA S 90 -57.92 -68.15 -47.78
N ALA S 91 -56.82 -68.12 -48.51
CA ALA S 91 -56.24 -69.34 -49.06
C ALA S 91 -55.47 -70.15 -48.02
N ALA S 92 -55.53 -69.76 -46.75
CA ALA S 92 -54.79 -70.45 -45.71
C ALA S 92 -55.32 -71.86 -45.50
N VAL S 93 -54.59 -72.63 -44.70
CA VAL S 93 -54.95 -73.99 -44.35
C VAL S 93 -54.94 -74.10 -42.83
N SER S 94 -56.08 -74.39 -42.24
CA SER S 94 -56.13 -74.64 -40.81
C SER S 94 -55.33 -75.89 -40.49
N ALA S 95 -54.27 -75.74 -39.71
CA ALA S 95 -53.45 -76.89 -39.38
C ALA S 95 -54.25 -77.87 -38.53
N VAL S 96 -53.86 -79.14 -38.62
CA VAL S 96 -54.53 -80.22 -37.90
C VAL S 96 -53.49 -81.09 -37.22
N TYR S 97 -53.69 -81.36 -35.94
CA TYR S 97 -52.82 -82.22 -35.16
C TYR S 97 -53.66 -83.34 -34.55
N THR S 98 -53.11 -84.55 -34.55
CA THR S 98 -53.82 -85.74 -34.12
C THR S 98 -53.29 -86.22 -32.79
N LEU S 99 -54.19 -86.46 -31.84
CA LEU S 99 -53.87 -87.06 -30.56
C LEU S 99 -54.66 -88.35 -30.43
N THR S 100 -53.99 -89.43 -30.04
CA THR S 100 -54.59 -90.74 -29.93
C THR S 100 -54.70 -91.12 -28.45
N VAL S 101 -55.92 -91.37 -27.99
CA VAL S 101 -56.15 -91.89 -26.66
C VAL S 101 -56.22 -93.41 -26.79
N THR S 102 -55.12 -94.09 -26.47
CA THR S 102 -55.01 -95.52 -26.70
C THR S 102 -54.86 -96.24 -25.38
N GLY S 103 -54.80 -97.56 -25.47
CA GLY S 103 -54.61 -98.39 -24.30
C GLY S 103 -55.90 -98.66 -23.55
N THR S 104 -55.77 -99.46 -22.50
CA THR S 104 -56.89 -99.79 -21.63
C THR S 104 -56.35 -100.00 -20.24
N ALA S 105 -56.74 -99.13 -19.31
CA ALA S 105 -56.17 -99.17 -17.98
C ALA S 105 -56.51 -100.48 -17.28
N LEU S 106 -55.68 -100.83 -16.31
CA LEU S 106 -55.99 -101.89 -15.35
C LEU S 106 -55.90 -101.37 -13.92
N THR S 107 -55.64 -100.08 -13.73
CA THR S 107 -55.63 -99.45 -12.41
C THR S 107 -56.18 -98.04 -12.55
N ASP S 108 -56.37 -97.39 -11.42
CA ASP S 108 -56.56 -95.95 -11.41
C ASP S 108 -55.20 -95.27 -11.52
N GLY S 109 -55.21 -94.01 -11.90
CA GLY S 109 -53.99 -93.23 -11.96
C GLY S 109 -54.22 -91.88 -12.58
N ARG S 110 -53.25 -90.99 -12.35
CA ARG S 110 -53.33 -89.60 -12.78
C ARG S 110 -52.42 -89.39 -13.98
N VAL S 111 -52.96 -88.74 -15.02
CA VAL S 111 -52.19 -88.34 -16.19
C VAL S 111 -52.39 -86.86 -16.39
N GLN S 112 -51.29 -86.13 -16.56
CA GLN S 112 -51.31 -84.69 -16.77
C GLN S 112 -50.49 -84.36 -18.00
N LEU S 113 -50.99 -83.44 -18.80
CA LEU S 113 -50.40 -83.13 -20.09
C LEU S 113 -49.99 -81.67 -20.15
N TYR S 114 -48.94 -81.42 -20.93
CA TYR S 114 -48.45 -80.08 -21.18
C TYR S 114 -48.42 -79.84 -22.68
N MET S 115 -48.98 -78.70 -23.10
CA MET S 115 -49.16 -78.39 -24.51
C MET S 115 -48.65 -76.97 -24.80
N GLY S 116 -47.43 -76.68 -24.34
CA GLY S 116 -46.79 -75.42 -24.63
C GLY S 116 -47.13 -74.28 -23.69
N GLU S 117 -47.83 -74.52 -22.59
CA GLU S 117 -48.19 -73.46 -21.68
C GLU S 117 -48.74 -74.04 -20.39
N ALA S 118 -48.55 -73.29 -19.30
CA ALA S 118 -49.14 -73.67 -18.02
C ALA S 118 -50.67 -73.64 -18.08
N GLU S 119 -51.24 -72.52 -18.51
CA GLU S 119 -52.69 -72.40 -18.51
C GLU S 119 -53.36 -73.46 -19.36
N TYR S 120 -52.62 -74.05 -20.31
CA TYR S 120 -53.16 -75.08 -21.18
C TYR S 120 -52.76 -76.47 -20.71
N SER S 121 -52.01 -76.56 -19.62
CA SER S 121 -51.71 -77.82 -19.00
C SER S 121 -52.88 -78.26 -18.11
N LEU S 122 -52.94 -79.56 -17.86
CA LEU S 122 -54.04 -80.12 -17.07
C LEU S 122 -53.61 -81.44 -16.47
N ASP S 123 -54.29 -81.82 -15.38
CA ASP S 123 -54.06 -83.08 -14.70
C ASP S 123 -55.38 -83.81 -14.57
N ILE S 124 -55.41 -85.08 -14.96
CA ILE S 124 -56.65 -85.84 -15.05
C ILE S 124 -56.37 -87.30 -14.69
N GLY S 125 -57.44 -88.00 -14.35
CA GLY S 125 -57.34 -89.41 -14.02
C GLY S 125 -58.71 -90.03 -13.96
N VAL S 126 -58.76 -91.26 -13.44
CA VAL S 126 -60.01 -92.01 -13.33
C VAL S 126 -60.11 -92.59 -11.93
N ASP S 127 -61.32 -93.01 -11.57
CA ASP S 127 -61.60 -93.54 -10.25
C ASP S 127 -61.42 -95.06 -10.15
N GLU S 128 -61.43 -95.77 -11.29
CA GLU S 128 -61.44 -97.22 -11.29
C GLU S 128 -60.41 -97.73 -12.28
N GLY S 129 -59.96 -98.96 -12.05
CA GLY S 129 -59.12 -99.62 -13.00
C GLY S 129 -59.93 -100.17 -14.16
N ASP S 130 -59.23 -100.85 -15.06
CA ASP S 130 -59.88 -101.54 -16.17
C ASP S 130 -60.50 -100.56 -17.14
N THR S 131 -60.19 -99.27 -17.00
CA THR S 131 -60.88 -98.27 -17.80
C THR S 131 -60.35 -98.26 -19.23
N PRO S 132 -61.19 -98.52 -20.23
CA PRO S 132 -60.74 -98.49 -21.63
C PRO S 132 -60.73 -97.07 -22.18
N THR S 133 -60.43 -96.98 -23.48
CA THR S 133 -60.29 -95.68 -24.13
C THR S 133 -61.56 -94.86 -24.07
N GLN S 134 -62.71 -95.46 -24.35
CA GLN S 134 -63.96 -94.71 -24.36
C GLN S 134 -64.25 -94.06 -23.02
N ILE S 135 -63.87 -94.69 -21.91
CA ILE S 135 -63.89 -94.00 -20.63
C ILE S 135 -62.97 -92.80 -20.66
N ALA S 136 -61.84 -92.92 -21.36
CA ALA S 136 -60.98 -91.78 -21.62
C ALA S 136 -61.63 -90.94 -22.72
N ALA S 137 -60.90 -89.94 -23.22
CA ALA S 137 -61.43 -88.91 -24.11
C ALA S 137 -62.28 -87.89 -23.37
N LYS S 138 -62.16 -87.83 -22.04
CA LYS S 138 -62.88 -86.81 -21.27
C LYS S 138 -62.14 -85.48 -21.26
N ILE S 139 -60.97 -85.42 -21.90
CA ILE S 139 -60.11 -84.24 -21.86
C ILE S 139 -60.87 -83.00 -22.32
N VAL S 140 -61.66 -83.13 -23.38
CA VAL S 140 -62.36 -81.99 -23.96
C VAL S 140 -63.24 -81.26 -22.94
N ALA S 141 -63.46 -81.84 -21.77
CA ALA S 141 -64.24 -81.17 -20.74
C ALA S 141 -63.44 -80.14 -19.95
N ALA S 142 -62.14 -80.02 -20.18
CA ALA S 142 -61.29 -79.14 -19.40
C ALA S 142 -60.49 -78.13 -20.22
N ILE S 143 -60.41 -78.31 -21.54
CA ILE S 143 -59.66 -77.37 -22.37
C ILE S 143 -60.23 -75.97 -22.20
N SER S 144 -59.35 -74.98 -22.13
CA SER S 144 -59.77 -73.61 -21.87
C SER S 144 -60.50 -73.04 -23.07
N PRO S 145 -61.33 -72.01 -22.86
CA PRO S 145 -61.98 -71.34 -24.00
C PRO S 145 -60.98 -70.73 -24.98
N ASP S 146 -59.84 -70.26 -24.49
CA ASP S 146 -58.91 -69.48 -25.30
C ASP S 146 -57.89 -70.33 -26.04
N PHE S 147 -57.88 -71.64 -25.85
CA PHE S 147 -56.86 -72.45 -26.48
C PHE S 147 -56.88 -72.20 -27.99
N PRO S 148 -55.72 -72.10 -28.65
CA PRO S 148 -55.72 -71.73 -30.07
C PRO S 148 -56.17 -72.85 -31.02
N TYR S 149 -56.79 -73.90 -30.49
CA TYR S 149 -57.23 -75.01 -31.32
C TYR S 149 -58.57 -75.52 -30.83
N GLU S 150 -59.24 -76.26 -31.72
CA GLU S 150 -60.45 -76.99 -31.38
C GLU S 150 -60.13 -78.48 -31.26
N ALA S 151 -60.96 -79.19 -30.51
CA ALA S 151 -60.77 -80.61 -30.25
C ALA S 151 -62.00 -81.39 -30.70
N THR S 152 -61.76 -82.53 -31.36
CA THR S 152 -62.86 -83.35 -31.87
C THR S 152 -63.70 -83.95 -30.76
N ALA S 153 -63.08 -84.47 -29.71
CA ALA S 153 -63.76 -85.08 -28.57
C ALA S 153 -64.35 -86.45 -28.88
N ALA S 154 -63.79 -87.17 -29.86
CA ALA S 154 -64.21 -88.53 -30.13
C ALA S 154 -63.22 -89.53 -29.53
N ALA S 155 -63.74 -90.65 -29.05
CA ALA S 155 -62.90 -91.65 -28.43
C ALA S 155 -61.98 -92.30 -29.46
N GLY S 156 -60.92 -92.92 -28.95
CA GLY S 156 -59.88 -93.46 -29.82
C GLY S 156 -58.83 -92.45 -30.21
N VAL S 157 -59.24 -91.34 -30.83
CA VAL S 157 -58.35 -90.25 -31.19
C VAL S 157 -59.11 -88.94 -31.05
N ILE S 158 -58.44 -87.92 -30.53
CA ILE S 158 -58.94 -86.55 -30.53
C ILE S 158 -58.00 -85.71 -31.39
N THR S 159 -58.55 -85.06 -32.41
CA THR S 159 -57.76 -84.31 -33.36
C THR S 159 -57.91 -82.82 -33.09
N LEU S 160 -56.82 -82.08 -33.26
CA LEU S 160 -56.77 -80.66 -32.96
C LEU S 160 -56.65 -79.87 -34.25
N THR S 161 -57.44 -78.80 -34.36
CA THR S 161 -57.45 -77.93 -35.53
C THR S 161 -57.10 -76.52 -35.11
N ALA S 162 -56.26 -75.86 -35.90
CA ALA S 162 -55.88 -74.49 -35.60
C ALA S 162 -57.08 -73.56 -35.69
N ARG S 163 -57.16 -72.61 -34.77
CA ARG S 163 -58.16 -71.56 -34.85
C ARG S 163 -57.72 -70.43 -35.78
N ASN S 164 -56.54 -70.51 -36.36
CA ASN S 164 -56.12 -69.60 -37.41
C ASN S 164 -55.27 -70.37 -38.40
N GLY S 165 -55.25 -69.87 -39.64
CA GLY S 165 -54.53 -70.54 -40.70
C GLY S 165 -53.05 -70.23 -40.67
N GLY S 166 -52.46 -70.03 -41.85
CA GLY S 166 -51.07 -69.66 -41.92
C GLY S 166 -50.16 -70.78 -41.44
N THR S 167 -48.92 -70.38 -41.18
CA THR S 167 -47.93 -71.28 -40.61
C THR S 167 -47.98 -71.32 -39.09
N ILE S 168 -48.89 -70.57 -38.47
CA ILE S 168 -48.88 -70.44 -37.02
C ILE S 168 -49.01 -71.79 -36.34
N GLY S 169 -49.99 -72.59 -36.76
CA GLY S 169 -50.28 -73.83 -36.05
C GLY S 169 -49.16 -74.84 -36.12
N ASN S 170 -48.23 -74.69 -37.04
CA ASN S 170 -47.22 -75.73 -37.26
C ASN S 170 -46.31 -75.96 -36.06
N HIS S 171 -46.28 -75.05 -35.10
CA HIS S 171 -45.35 -75.14 -33.98
C HIS S 171 -45.95 -75.76 -32.73
N LEU S 172 -47.20 -76.24 -32.80
CA LEU S 172 -47.83 -76.82 -31.64
C LEU S 172 -47.02 -78.01 -31.13
N SER S 173 -47.09 -78.27 -29.83
CA SER S 173 -46.46 -79.45 -29.26
C SER S 173 -47.26 -79.91 -28.04
N VAL S 174 -47.29 -81.22 -27.85
CA VAL S 174 -48.03 -81.84 -26.76
C VAL S 174 -47.09 -82.78 -26.02
N ILE S 175 -47.20 -82.83 -24.69
CA ILE S 175 -46.28 -83.57 -23.84
C ILE S 175 -47.06 -84.40 -22.84
N TYR S 176 -46.58 -85.62 -22.60
CA TYR S 176 -47.01 -86.43 -21.47
C TYR S 176 -46.14 -86.01 -20.28
N THR S 177 -46.70 -85.15 -19.43
CA THR S 177 -45.88 -84.49 -18.43
C THR S 177 -45.28 -85.48 -17.42
N ASN S 178 -46.10 -86.32 -16.80
CA ASN S 178 -45.70 -87.07 -15.62
C ASN S 178 -45.33 -88.51 -15.94
N LEU S 179 -44.72 -88.77 -17.11
CA LEU S 179 -44.40 -90.14 -17.46
C LEU S 179 -43.50 -90.78 -16.42
N GLY S 180 -42.54 -90.03 -15.91
CA GLY S 180 -41.68 -90.51 -14.85
C GLY S 180 -42.44 -90.66 -13.56
N SER S 181 -42.61 -91.89 -13.10
CA SER S 181 -43.37 -92.13 -11.88
C SER S 181 -42.47 -92.01 -10.67
N CYS S 182 -42.52 -90.84 -10.00
CA CYS S 182 -41.81 -90.65 -8.74
C CYS S 182 -42.80 -90.36 -7.61
N THR S 183 -43.66 -89.36 -7.82
CA THR S 183 -44.59 -88.96 -6.77
C THR S 183 -46.03 -89.32 -7.11
N SER S 184 -46.42 -89.16 -8.37
CA SER S 184 -47.80 -89.32 -8.79
C SER S 184 -47.95 -90.61 -9.57
N VAL S 185 -48.95 -91.41 -9.21
CA VAL S 185 -49.16 -92.72 -9.83
C VAL S 185 -49.83 -92.51 -11.17
N THR S 186 -49.08 -92.68 -12.24
CA THR S 186 -49.68 -92.68 -13.58
C THR S 186 -50.57 -93.90 -13.74
N PRO S 187 -51.69 -93.80 -14.46
CA PRO S 187 -52.56 -94.97 -14.62
C PRO S 187 -51.88 -96.02 -15.50
N GLU S 188 -51.53 -97.14 -14.89
CA GLU S 188 -50.91 -98.22 -15.64
C GLU S 188 -51.88 -98.74 -16.70
N GLY S 189 -51.33 -99.13 -17.85
CA GLY S 189 -52.13 -99.58 -18.96
C GLY S 189 -52.70 -98.47 -19.83
N VAL S 190 -52.12 -97.28 -19.77
CA VAL S 190 -52.59 -96.14 -20.56
C VAL S 190 -51.41 -95.57 -21.33
N THR S 191 -51.63 -95.28 -22.61
CA THR S 191 -50.61 -94.73 -23.48
C THR S 191 -51.25 -93.69 -24.39
N VAL S 192 -50.41 -92.81 -24.96
CA VAL S 192 -50.87 -91.76 -25.85
C VAL S 192 -49.85 -91.56 -26.95
N ALA S 193 -50.33 -91.11 -28.11
CA ALA S 193 -49.46 -90.72 -29.21
C ALA S 193 -50.01 -89.43 -29.84
N PHE S 194 -49.12 -88.69 -30.47
CA PHE S 194 -49.42 -87.36 -30.97
C PHE S 194 -48.60 -87.10 -32.22
N ALA S 195 -49.20 -86.40 -33.19
CA ALA S 195 -48.49 -86.10 -34.43
C ALA S 195 -49.32 -85.14 -35.26
N GLN S 196 -48.62 -84.42 -36.14
CA GLN S 196 -49.28 -83.52 -37.08
C GLN S 196 -49.91 -84.32 -38.21
N THR S 197 -50.94 -83.75 -38.82
CA THR S 197 -51.55 -84.33 -40.01
C THR S 197 -51.75 -83.31 -41.13
N THR S 198 -51.79 -82.03 -40.82
CA THR S 198 -52.06 -81.01 -41.82
C THR S 198 -51.15 -79.82 -41.64
N PRO S 199 -50.13 -79.65 -42.47
CA PRO S 199 -49.24 -78.50 -42.32
C PRO S 199 -49.95 -77.19 -42.64
N GLY S 200 -49.35 -76.11 -42.18
CA GLY S 200 -49.88 -74.79 -42.43
C GLY S 200 -49.74 -74.41 -43.89
N SER S 201 -50.19 -73.20 -44.19
CA SER S 201 -50.14 -72.71 -45.56
C SER S 201 -49.98 -71.19 -45.60
N VAL S 202 -50.26 -70.59 -46.76
CA VAL S 202 -49.92 -69.19 -47.01
C VAL S 202 -50.33 -68.32 -45.83
N ASN S 203 -49.50 -67.31 -45.53
CA ASN S 203 -49.71 -66.29 -44.51
C ASN S 203 -50.03 -64.95 -45.16
N PRO S 204 -50.66 -64.02 -44.44
CA PRO S 204 -50.86 -62.68 -45.00
C PRO S 204 -49.54 -61.92 -45.09
N GLU S 205 -49.47 -60.97 -46.02
CA GLU S 205 -48.25 -60.19 -46.20
C GLU S 205 -48.57 -58.71 -46.32
N PRO S 206 -49.12 -58.08 -45.29
CA PRO S 206 -49.45 -56.65 -45.40
C PRO S 206 -48.21 -55.81 -45.63
N ASN S 207 -48.38 -54.76 -46.43
CA ASN S 207 -47.30 -53.82 -46.72
C ASN S 207 -47.83 -52.40 -46.75
N ASP S 208 -48.67 -52.05 -45.77
CA ASP S 208 -49.36 -50.77 -45.74
C ASP S 208 -48.94 -49.91 -44.55
N TYR S 209 -47.75 -50.14 -43.99
CA TYR S 209 -47.40 -49.49 -42.74
C TYR S 209 -47.41 -47.98 -42.89
N ALA S 210 -46.84 -47.48 -43.98
CA ALA S 210 -46.76 -46.03 -44.17
C ALA S 210 -48.14 -45.40 -44.24
N SER S 211 -49.18 -46.20 -44.50
CA SER S 211 -50.54 -45.69 -44.59
C SER S 211 -51.28 -45.76 -43.26
N VAL S 212 -51.17 -46.87 -42.55
CA VAL S 212 -51.93 -47.04 -41.30
C VAL S 212 -51.24 -46.37 -40.12
N VAL S 213 -49.92 -46.46 -40.03
CA VAL S 213 -49.16 -45.73 -39.02
C VAL S 213 -48.75 -44.41 -39.68
N ASN S 214 -49.56 -43.39 -39.46
CA ASN S 214 -49.35 -42.11 -40.12
C ASN S 214 -48.22 -41.33 -39.46
N GLU S 215 -47.04 -41.94 -39.39
CA GLU S 215 -45.89 -41.32 -38.74
C GLU S 215 -46.25 -40.86 -37.32
N CYS S 216 -46.94 -41.70 -36.58
CA CYS S 216 -47.11 -41.47 -35.16
C CYS S 216 -46.07 -42.26 -34.38
N CYS S 217 -45.27 -41.56 -33.59
CA CYS S 217 -44.09 -42.15 -32.99
C CYS S 217 -44.47 -43.37 -32.14
N PHE S 218 -43.71 -44.45 -32.32
CA PHE S 218 -43.89 -45.66 -31.54
C PHE S 218 -42.53 -46.14 -31.05
N ALA S 219 -42.51 -46.68 -29.83
CA ALA S 219 -41.24 -47.01 -29.20
C ALA S 219 -40.84 -48.46 -29.47
N VAL S 220 -41.78 -49.39 -29.35
CA VAL S 220 -41.47 -50.81 -29.42
C VAL S 220 -42.45 -51.48 -30.38
N TYR S 221 -41.92 -52.29 -31.28
CA TYR S 221 -42.73 -53.03 -32.24
C TYR S 221 -42.63 -54.52 -31.92
N VAL S 222 -43.78 -55.17 -31.74
CA VAL S 222 -43.85 -56.60 -31.51
C VAL S 222 -44.63 -57.21 -32.65
N LEU S 223 -44.04 -58.22 -33.29
CA LEU S 223 -44.65 -58.90 -34.42
C LEU S 223 -44.77 -60.38 -34.09
N SER S 224 -45.99 -60.86 -33.96
CA SER S 224 -46.24 -62.25 -33.56
C SER S 224 -46.42 -63.16 -34.78
N SER S 225 -45.40 -63.26 -35.62
CA SER S 225 -45.50 -64.10 -36.79
C SER S 225 -44.11 -64.56 -37.22
N ASP S 226 -44.10 -65.57 -38.09
CA ASP S 226 -42.87 -66.22 -38.51
C ASP S 226 -42.59 -66.08 -40.01
N ASP S 227 -43.37 -65.27 -40.71
CA ASP S 227 -43.15 -65.07 -42.14
C ASP S 227 -41.96 -64.13 -42.35
N THR S 228 -40.97 -64.60 -43.11
CA THR S 228 -39.79 -63.77 -43.36
C THR S 228 -40.15 -62.50 -44.10
N ASP S 229 -41.09 -62.59 -45.04
CA ASP S 229 -41.49 -61.40 -45.79
C ASP S 229 -42.09 -60.34 -44.87
N TRP S 230 -42.91 -60.77 -43.90
CA TRP S 230 -43.51 -59.82 -42.99
C TRP S 230 -42.45 -59.08 -42.20
N GLN S 231 -41.47 -59.80 -41.67
CA GLN S 231 -40.38 -59.17 -40.93
C GLN S 231 -39.55 -58.28 -41.84
N GLU S 232 -39.38 -58.69 -43.10
CA GLU S 232 -38.71 -57.84 -44.08
C GLU S 232 -39.39 -56.49 -44.17
N ASN S 233 -40.70 -56.49 -44.38
CA ASN S 233 -41.43 -55.24 -44.49
C ASN S 233 -41.33 -54.42 -43.22
N LEU S 234 -41.46 -55.07 -42.06
CA LEU S 234 -41.41 -54.35 -40.81
C LEU S 234 -40.04 -53.70 -40.61
N ARG S 235 -38.98 -54.43 -40.91
CA ARG S 235 -37.63 -53.87 -40.85
C ARG S 235 -37.52 -52.65 -41.74
N ASP S 236 -37.95 -52.77 -42.99
CA ASP S 236 -37.83 -51.65 -43.91
C ASP S 236 -38.61 -50.45 -43.41
N TRP S 237 -39.75 -50.69 -42.77
CA TRP S 237 -40.49 -49.58 -42.17
C TRP S 237 -39.71 -48.95 -41.04
N ILE S 238 -39.08 -49.76 -40.19
CA ILE S 238 -38.35 -49.22 -39.05
C ILE S 238 -37.20 -48.35 -39.52
N ARG S 239 -36.37 -48.87 -40.44
CA ARG S 239 -35.26 -48.07 -40.94
C ARG S 239 -35.76 -46.73 -41.44
N SER S 240 -36.96 -46.71 -42.03
CA SER S 240 -37.51 -45.46 -42.54
C SER S 240 -37.79 -44.47 -41.41
N ALA S 241 -38.52 -44.90 -40.38
CA ALA S 241 -38.75 -44.03 -39.24
C ALA S 241 -37.44 -43.59 -38.60
N TRP S 242 -36.39 -44.37 -38.78
CA TRP S 242 -35.07 -44.05 -38.29
C TRP S 242 -34.32 -43.14 -39.26
N ASP S 243 -34.84 -42.98 -40.48
CA ASP S 243 -34.07 -42.39 -41.57
C ASP S 243 -33.66 -40.96 -41.26
N CYS S 244 -32.39 -40.65 -41.52
CA CYS S 244 -31.90 -39.29 -41.36
C CYS S 244 -32.48 -38.36 -42.41
N SER S 245 -32.91 -38.89 -43.55
CA SER S 245 -33.40 -38.06 -44.64
C SER S 245 -34.78 -37.47 -44.36
N LYS S 246 -35.46 -37.93 -43.31
CA LYS S 246 -36.78 -37.41 -42.97
C LYS S 246 -36.96 -37.46 -41.47
N PRO S 247 -37.92 -36.72 -40.94
CA PRO S 247 -38.10 -36.68 -39.48
C PRO S 247 -38.26 -38.08 -38.91
N GLN S 248 -37.69 -38.29 -37.72
CA GLN S 248 -37.55 -39.62 -37.17
C GLN S 248 -38.51 -39.86 -36.01
N CYS S 249 -38.71 -41.13 -35.70
CA CYS S 249 -39.43 -41.55 -34.51
C CYS S 249 -38.74 -42.68 -33.76
N PHE S 250 -37.64 -43.21 -34.29
CA PHE S 250 -36.81 -44.20 -33.60
C PHE S 250 -37.68 -45.42 -33.26
N GLY S 251 -37.25 -46.21 -32.28
CA GLY S 251 -37.96 -47.42 -31.91
C GLY S 251 -37.20 -48.68 -32.28
N HIS S 252 -37.80 -49.81 -31.92
CA HIS S 252 -37.19 -51.12 -32.10
C HIS S 252 -38.28 -52.15 -32.34
N GLY S 253 -37.91 -53.26 -32.96
CA GLY S 253 -38.82 -54.36 -33.21
C GLY S 253 -38.23 -55.69 -32.79
N TYR S 254 -39.09 -56.61 -32.35
CA TYR S 254 -38.65 -57.91 -31.88
C TYR S 254 -39.41 -59.00 -32.63
N VAL S 255 -38.69 -60.04 -33.06
CA VAL S 255 -39.29 -61.17 -33.76
C VAL S 255 -38.48 -62.42 -33.44
N PHE S 256 -39.03 -63.57 -33.82
CA PHE S 256 -38.40 -64.85 -33.52
C PHE S 256 -38.27 -65.70 -34.77
N ASN S 257 -37.26 -66.57 -34.75
CA ASN S 257 -37.05 -67.57 -35.78
C ASN S 257 -36.87 -68.91 -35.09
N LYS S 258 -37.43 -69.97 -35.68
CA LYS S 258 -37.33 -71.31 -35.13
C LYS S 258 -36.82 -72.25 -36.21
N GLY S 259 -35.97 -73.19 -35.84
CA GLY S 259 -35.47 -74.16 -36.78
C GLY S 259 -34.15 -74.74 -36.32
N THR S 260 -33.55 -75.52 -37.22
CA THR S 260 -32.23 -76.07 -36.95
C THR S 260 -31.17 -74.98 -37.10
N LEU S 261 -29.99 -75.26 -36.56
CA LEU S 261 -28.91 -74.28 -36.60
C LEU S 261 -28.68 -73.78 -38.01
N GLY S 262 -28.66 -74.68 -38.99
CA GLY S 262 -28.49 -74.26 -40.37
C GLY S 262 -29.64 -73.41 -40.85
N GLN S 263 -30.86 -73.76 -40.47
CA GLN S 263 -32.02 -73.01 -40.93
C GLN S 263 -32.03 -71.61 -40.34
N VAL S 264 -31.83 -71.50 -39.03
CA VAL S 264 -31.96 -70.20 -38.37
C VAL S 264 -30.87 -69.25 -38.82
N LEU S 265 -29.64 -69.75 -38.96
CA LEU S 265 -28.55 -68.87 -39.38
C LEU S 265 -28.85 -68.21 -40.71
N ALA S 266 -29.70 -68.82 -41.54
CA ALA S 266 -29.99 -68.27 -42.86
C ALA S 266 -30.77 -66.96 -42.80
N ASP S 267 -31.28 -66.58 -41.63
CA ASP S 267 -32.12 -65.40 -41.51
C ASP S 267 -31.39 -64.20 -40.92
N GLY S 268 -30.06 -64.25 -40.83
CA GLY S 268 -29.31 -63.16 -40.25
C GLY S 268 -29.10 -62.01 -41.22
N ASP S 269 -30.16 -61.24 -41.47
CA ASP S 269 -30.09 -60.19 -42.48
C ASP S 269 -29.63 -58.87 -41.89
N ASN S 270 -28.54 -58.92 -41.13
CA ASN S 270 -27.73 -57.75 -40.81
C ASN S 270 -28.55 -56.53 -40.41
N SER S 271 -29.75 -56.74 -39.85
CA SER S 271 -30.63 -55.64 -39.49
C SER S 271 -30.26 -55.13 -38.11
N ALA S 272 -29.94 -53.84 -38.02
CA ALA S 272 -29.62 -53.24 -36.74
C ALA S 272 -30.86 -52.83 -35.96
N GLU S 273 -32.05 -53.01 -36.55
CA GLU S 273 -33.28 -52.51 -35.96
C GLU S 273 -34.07 -53.59 -35.26
N LEU S 274 -33.65 -54.85 -35.37
CA LEU S 274 -34.43 -56.00 -34.91
C LEU S 274 -33.69 -56.71 -33.79
N SER S 275 -34.38 -57.65 -33.17
CA SER S 275 -33.79 -58.56 -32.21
C SER S 275 -34.38 -59.95 -32.42
N ARG S 276 -33.61 -60.83 -33.04
CA ARG S 276 -34.10 -62.11 -33.51
C ARG S 276 -33.94 -63.14 -32.40
N LEU S 277 -35.04 -63.49 -31.76
CA LEU S 277 -35.03 -64.47 -30.68
C LEU S 277 -34.93 -65.87 -31.28
N ALA S 278 -33.74 -66.48 -31.19
CA ALA S 278 -33.50 -67.79 -31.76
C ALA S 278 -34.06 -68.86 -30.84
N LEU S 279 -34.67 -69.89 -31.43
CA LEU S 279 -35.22 -71.00 -30.67
C LEU S 279 -34.96 -72.32 -31.38
N PRO S 280 -34.89 -73.42 -30.64
CA PRO S 280 -34.66 -74.72 -31.27
C PRO S 280 -35.94 -75.33 -31.84
N THR S 281 -35.73 -76.30 -32.73
CA THR S 281 -36.87 -76.97 -33.37
C THR S 281 -37.79 -77.59 -32.33
N THR S 282 -37.23 -78.15 -31.28
CA THR S 282 -37.99 -78.84 -30.26
C THR S 282 -38.41 -77.91 -29.12
N TYR S 283 -38.33 -76.61 -29.32
CA TYR S 283 -38.73 -75.66 -28.30
C TYR S 283 -40.16 -75.93 -27.87
N PRO S 284 -40.39 -76.45 -26.67
CA PRO S 284 -41.75 -76.86 -26.30
C PRO S 284 -42.61 -75.72 -25.78
N VAL S 285 -42.67 -74.62 -26.53
CA VAL S 285 -43.55 -73.49 -26.21
C VAL S 285 -43.92 -72.81 -27.51
N LEU S 286 -45.13 -72.27 -27.56
CA LEU S 286 -45.55 -71.54 -28.76
C LEU S 286 -44.70 -70.28 -28.88
N PRO S 287 -43.89 -70.13 -29.92
CA PRO S 287 -42.89 -69.06 -29.91
C PRO S 287 -43.47 -67.67 -29.67
N TYR S 288 -44.61 -67.35 -30.28
CA TYR S 288 -45.10 -65.99 -30.14
C TYR S 288 -45.42 -65.65 -28.70
N LEU S 289 -45.66 -66.67 -27.86
CA LEU S 289 -45.90 -66.39 -26.45
C LEU S 289 -44.64 -65.82 -25.80
N THR S 290 -43.48 -66.39 -26.10
CA THR S 290 -42.24 -65.91 -25.49
C THR S 290 -41.82 -64.57 -26.07
N ASN S 291 -41.88 -64.45 -27.40
CA ASN S 291 -41.53 -63.18 -28.01
C ASN S 291 -42.32 -62.04 -27.39
N ALA S 292 -43.62 -62.24 -27.20
CA ALA S 292 -44.46 -61.17 -26.64
C ALA S 292 -44.01 -60.81 -25.24
N ALA S 293 -43.75 -61.82 -24.40
CA ALA S 293 -43.37 -61.54 -23.03
C ALA S 293 -42.06 -60.77 -22.97
N TYR S 294 -41.04 -61.24 -23.71
CA TYR S 294 -39.77 -60.54 -23.71
C TYR S 294 -39.92 -59.13 -24.25
N GLY S 295 -40.66 -58.97 -25.35
CA GLY S 295 -40.86 -57.65 -25.91
C GLY S 295 -41.50 -56.72 -24.90
N ALA S 296 -42.53 -57.19 -24.21
CA ALA S 296 -43.16 -56.37 -23.20
C ALA S 296 -42.18 -56.01 -22.10
N LEU S 297 -41.38 -56.98 -21.65
CA LEU S 297 -40.45 -56.72 -20.56
C LEU S 297 -39.47 -55.63 -20.94
N SER S 298 -38.93 -55.70 -22.15
CA SER S 298 -38.03 -54.64 -22.59
C SER S 298 -38.79 -53.37 -22.93
N ALA S 299 -40.12 -53.47 -23.08
CA ALA S 299 -40.91 -52.37 -23.60
C ALA S 299 -41.21 -51.40 -22.48
N CYS S 300 -40.16 -50.78 -21.99
CA CYS S 300 -40.31 -49.56 -21.19
C CYS S 300 -40.91 -49.85 -19.83
N SER S 301 -41.39 -51.08 -19.61
CA SER S 301 -41.66 -51.50 -18.24
C SER S 301 -40.36 -51.48 -17.45
N THR S 302 -39.24 -51.63 -18.15
CA THR S 302 -37.92 -51.59 -17.56
C THR S 302 -36.99 -50.59 -18.25
N CYS S 303 -37.43 -49.96 -19.33
CA CYS S 303 -36.59 -49.07 -20.11
C CYS S 303 -37.10 -47.64 -20.10
N GLU S 304 -37.53 -47.17 -18.94
CA GLU S 304 -37.50 -45.74 -18.66
C GLU S 304 -36.10 -45.28 -18.29
N ASN S 305 -35.21 -46.22 -17.98
CA ASN S 305 -33.81 -45.95 -17.77
C ASN S 305 -33.07 -46.53 -18.97
N PRO S 306 -33.01 -45.81 -20.09
CA PRO S 306 -32.66 -46.47 -21.36
C PRO S 306 -31.33 -47.19 -21.33
N GLU S 307 -30.41 -46.79 -20.46
CA GLU S 307 -29.13 -47.46 -20.37
C GLU S 307 -29.23 -48.86 -19.77
N LEU S 308 -30.35 -49.21 -19.16
CA LEU S 308 -30.46 -50.49 -18.48
C LEU S 308 -30.41 -51.63 -19.50
N ASN S 309 -29.59 -52.64 -19.21
CA ASN S 309 -29.55 -53.83 -20.04
C ASN S 309 -30.51 -54.89 -19.52
N VAL S 310 -31.09 -55.65 -20.44
CA VAL S 310 -31.99 -56.74 -20.11
C VAL S 310 -31.25 -58.07 -20.25
N GLN S 311 -30.73 -58.59 -19.15
CA GLN S 311 -29.93 -59.79 -19.18
C GLN S 311 -30.01 -60.50 -17.83
N GLY S 312 -29.21 -61.55 -17.70
CA GLY S 312 -29.00 -62.18 -16.42
C GLY S 312 -30.25 -62.86 -15.89
N GLN S 313 -30.18 -63.22 -14.61
CA GLN S 313 -31.30 -63.90 -13.95
C GLN S 313 -32.10 -62.97 -13.05
N THR S 314 -31.88 -61.67 -13.15
CA THR S 314 -32.72 -60.71 -12.44
C THR S 314 -33.38 -59.76 -13.42
N TYR S 315 -32.61 -59.23 -14.36
CA TYR S 315 -33.13 -58.25 -15.31
C TYR S 315 -33.40 -58.85 -16.67
N GLY S 316 -33.56 -60.17 -16.76
CA GLY S 316 -33.90 -60.81 -18.02
C GLY S 316 -34.85 -61.97 -17.82
N LEU S 317 -35.62 -61.94 -16.74
CA LEU S 317 -36.46 -63.08 -16.37
C LEU S 317 -37.87 -62.86 -16.91
N LEU S 318 -38.33 -63.81 -17.73
CA LEU S 318 -39.70 -63.80 -18.24
C LEU S 318 -40.57 -64.51 -17.21
N SER S 319 -41.07 -63.72 -16.25
CA SER S 319 -41.79 -64.31 -15.12
C SER S 319 -43.05 -65.02 -15.56
N CYS S 320 -43.81 -64.41 -16.47
CA CYS S 320 -45.16 -64.87 -16.78
C CYS S 320 -45.18 -66.01 -17.79
N ILE S 321 -44.09 -66.77 -17.91
CA ILE S 321 -44.05 -67.98 -18.72
C ILE S 321 -43.58 -69.12 -17.84
N ASN S 322 -43.99 -70.33 -18.19
CA ASN S 322 -43.63 -71.49 -17.38
C ASN S 322 -43.56 -72.74 -18.26
N MET S 323 -42.53 -73.54 -18.04
CA MET S 323 -42.27 -74.75 -18.81
C MET S 323 -41.66 -75.77 -17.88
N PRO S 324 -41.79 -77.06 -18.16
CA PRO S 324 -41.28 -78.08 -17.25
C PRO S 324 -39.77 -78.21 -17.33
N GLU S 325 -39.20 -78.91 -16.35
CA GLU S 325 -37.77 -79.14 -16.32
C GLU S 325 -37.33 -80.01 -17.48
N SER S 326 -36.02 -80.06 -17.70
CA SER S 326 -35.46 -80.97 -18.69
C SER S 326 -33.94 -80.96 -18.57
N CYS S 327 -33.35 -82.14 -18.64
CA CYS S 327 -31.90 -82.25 -18.70
C CYS S 327 -31.37 -81.98 -20.10
N THR S 328 -32.23 -81.90 -21.10
CA THR S 328 -31.80 -81.58 -22.45
C THR S 328 -31.57 -80.08 -22.57
N PRO S 329 -30.40 -79.64 -23.03
CA PRO S 329 -30.15 -78.18 -23.08
C PRO S 329 -30.99 -77.45 -24.10
N GLY S 330 -31.48 -78.13 -25.13
CA GLY S 330 -32.17 -77.45 -26.21
C GLY S 330 -31.18 -76.97 -27.25
N TRP S 331 -30.30 -76.07 -26.86
CA TRP S 331 -29.19 -75.63 -27.70
C TRP S 331 -27.89 -76.16 -27.13
N GLU S 332 -27.21 -76.99 -27.91
CA GLU S 332 -25.90 -77.46 -27.52
C GLU S 332 -24.94 -76.28 -27.46
N PHE S 333 -23.94 -76.39 -26.58
CA PHE S 333 -23.12 -75.22 -26.28
C PHE S 333 -22.49 -74.64 -27.54
N THR S 334 -21.97 -75.50 -28.42
CA THR S 334 -21.40 -74.99 -29.66
C THR S 334 -22.46 -74.21 -30.44
N GLU S 335 -23.68 -74.72 -30.46
CA GLU S 335 -24.76 -73.98 -31.10
C GLU S 335 -24.95 -72.63 -30.41
N VAL S 336 -24.89 -72.62 -29.08
CA VAL S 336 -25.08 -71.37 -28.36
C VAL S 336 -24.03 -70.36 -28.76
N THR S 337 -22.76 -70.79 -28.81
CA THR S 337 -21.69 -69.87 -29.18
C THR S 337 -21.86 -69.37 -30.60
N GLN S 338 -22.20 -70.25 -31.54
CA GLN S 338 -22.40 -69.80 -32.90
C GLN S 338 -23.51 -68.77 -32.98
N LEU S 339 -24.61 -69.02 -32.28
CA LEU S 339 -25.75 -68.11 -32.34
C LEU S 339 -25.38 -66.72 -31.85
N GLN S 340 -24.71 -66.63 -30.70
CA GLN S 340 -24.40 -65.33 -30.13
C GLN S 340 -23.49 -64.54 -31.06
N ASN S 341 -22.55 -65.22 -31.71
CA ASN S 341 -21.59 -64.53 -32.56
C ASN S 341 -22.18 -64.08 -33.88
N ASN S 342 -23.50 -64.09 -34.02
CA ASN S 342 -24.15 -63.60 -35.24
C ASN S 342 -25.41 -62.81 -34.92
N GLY S 343 -25.48 -62.19 -33.75
CA GLY S 343 -26.59 -61.33 -33.41
C GLY S 343 -27.90 -62.05 -33.13
N PHE S 344 -27.85 -63.15 -32.40
CA PHE S 344 -29.04 -63.93 -32.09
C PHE S 344 -29.23 -64.02 -30.58
N VAL S 345 -30.42 -63.63 -30.12
CA VAL S 345 -30.76 -63.72 -28.71
C VAL S 345 -30.99 -65.17 -28.35
N VAL S 346 -30.48 -65.59 -27.19
CA VAL S 346 -30.64 -66.95 -26.70
C VAL S 346 -31.22 -66.91 -25.30
N SER S 347 -32.19 -67.77 -25.04
CA SER S 347 -32.86 -67.81 -23.76
C SER S 347 -32.90 -69.23 -23.24
N GLY S 348 -32.93 -69.36 -21.91
CA GLY S 348 -32.92 -70.65 -21.28
C GLY S 348 -33.61 -70.65 -19.94
N PRO S 349 -33.81 -71.84 -19.37
CA PRO S 349 -34.48 -71.93 -18.08
C PRO S 349 -33.63 -71.39 -16.95
N ALA S 350 -34.30 -70.95 -15.89
CA ALA S 350 -33.61 -70.43 -14.72
C ALA S 350 -33.06 -71.54 -13.83
N THR S 351 -33.51 -72.78 -14.01
CA THR S 351 -33.02 -73.90 -13.23
C THR S 351 -33.15 -75.17 -14.04
N THR S 352 -32.40 -76.19 -13.65
CA THR S 352 -32.38 -77.46 -14.35
C THR S 352 -32.50 -78.60 -13.35
N SER S 353 -33.37 -79.56 -13.67
CA SER S 353 -33.58 -80.73 -12.84
C SER S 353 -34.28 -81.79 -13.69
N GLY S 354 -34.33 -83.01 -13.16
CA GLY S 354 -34.96 -84.11 -13.86
C GLY S 354 -36.34 -84.48 -13.39
N GLN S 355 -36.82 -83.90 -12.28
CA GLN S 355 -38.12 -84.32 -11.75
C GLN S 355 -39.25 -83.86 -12.66
N GLY S 356 -39.26 -82.60 -13.05
CA GLY S 356 -40.22 -82.10 -14.00
C GLY S 356 -41.18 -81.01 -13.52
N ASN S 357 -40.76 -80.15 -12.59
CA ASN S 357 -41.58 -79.02 -12.20
C ASN S 357 -41.41 -77.88 -13.21
N PHE S 358 -42.15 -76.80 -12.98
CA PHE S 358 -42.20 -75.68 -13.92
C PHE S 358 -41.19 -74.60 -13.56
N THR S 359 -40.69 -73.92 -14.60
CA THR S 359 -39.68 -72.89 -14.43
C THR S 359 -39.93 -71.77 -15.44
N SER S 360 -39.33 -70.61 -15.16
CA SER S 360 -39.39 -69.45 -16.02
C SER S 360 -38.10 -69.30 -16.80
N PRO S 361 -38.14 -69.07 -18.11
CA PRO S 361 -36.90 -68.84 -18.86
C PRO S 361 -36.40 -67.42 -18.72
N TYR S 362 -35.13 -67.23 -19.05
CA TYR S 362 -34.51 -65.92 -18.99
C TYR S 362 -33.54 -65.75 -20.15
N ILE S 363 -33.08 -64.51 -20.34
CA ILE S 363 -32.30 -64.12 -21.50
C ILE S 363 -30.82 -64.23 -21.17
N TYR S 364 -30.04 -64.73 -22.14
CA TYR S 364 -28.60 -64.82 -21.96
C TYR S 364 -27.88 -63.56 -22.44
N ASN S 365 -28.42 -62.90 -23.46
CA ASN S 365 -27.79 -61.70 -24.02
C ASN S 365 -28.87 -60.80 -24.59
N ASP S 366 -28.55 -59.52 -24.73
CA ASP S 366 -29.48 -58.51 -25.23
C ASP S 366 -28.82 -57.81 -26.41
N VAL S 367 -28.96 -58.39 -27.60
CA VAL S 367 -28.17 -58.01 -28.76
C VAL S 367 -29.08 -57.85 -29.96
N THR S 368 -28.67 -57.01 -30.89
CA THR S 368 -29.39 -56.81 -32.15
C THR S 368 -28.71 -57.59 -33.27
N ASN S 369 -29.40 -57.66 -34.41
CA ASN S 369 -28.90 -58.41 -35.55
C ASN S 369 -27.92 -57.60 -36.38
N TYR S 370 -27.34 -56.56 -35.78
CA TYR S 370 -26.35 -55.75 -36.48
C TYR S 370 -25.04 -56.49 -36.61
N LEU S 371 -24.43 -56.42 -37.78
CA LEU S 371 -23.11 -56.99 -38.01
C LEU S 371 -22.45 -56.24 -39.15
N ARG S 372 -21.13 -56.35 -39.23
CA ARG S 372 -20.39 -55.69 -40.31
C ARG S 372 -20.69 -54.19 -40.24
N ASP S 373 -20.83 -53.54 -41.39
CA ASP S 373 -21.00 -52.10 -41.45
C ASP S 373 -21.69 -51.75 -42.76
N GLU S 374 -22.06 -50.46 -42.89
CA GLU S 374 -22.66 -49.99 -44.12
C GLU S 374 -21.90 -50.48 -45.34
N LYS S 375 -20.57 -50.44 -45.29
CA LYS S 375 -19.72 -51.19 -46.21
C LYS S 375 -18.84 -52.08 -45.35
N ASN S 376 -18.60 -53.30 -45.82
CA ASN S 376 -18.14 -54.37 -44.95
C ASN S 376 -17.00 -53.93 -44.04
N ARG S 377 -17.28 -53.87 -42.74
CA ARG S 377 -16.30 -53.64 -41.70
C ARG S 377 -16.85 -54.22 -40.39
N PRO S 378 -16.24 -55.26 -39.83
CA PRO S 378 -16.75 -55.77 -38.55
C PRO S 378 -16.52 -54.76 -37.44
N ASN S 379 -17.58 -54.50 -36.67
CA ASN S 379 -17.52 -53.55 -35.57
C ASN S 379 -18.69 -53.81 -34.64
N ALA S 380 -18.65 -53.15 -33.47
CA ALA S 380 -19.65 -53.37 -32.43
C ALA S 380 -20.21 -52.06 -31.89
N THR S 381 -20.42 -51.05 -32.73
CA THR S 381 -21.03 -49.82 -32.25
C THR S 381 -22.45 -50.06 -31.78
N PHE S 382 -23.23 -50.85 -32.52
CA PHE S 382 -24.60 -51.17 -32.14
C PHE S 382 -24.79 -52.66 -31.89
N ARG S 383 -23.77 -53.31 -31.34
CA ARG S 383 -23.91 -54.72 -31.02
C ARG S 383 -24.95 -54.94 -29.92
N ASP S 384 -24.92 -54.10 -28.90
CA ASP S 384 -25.79 -54.30 -27.75
C ASP S 384 -27.09 -53.53 -27.91
N ALA S 385 -28.16 -54.06 -27.31
CA ALA S 385 -29.48 -53.48 -27.52
C ALA S 385 -29.53 -52.04 -27.05
N SER S 386 -29.05 -51.77 -25.84
CA SER S 386 -29.22 -50.44 -25.27
C SER S 386 -28.63 -49.36 -26.16
N SER S 387 -27.62 -49.70 -26.97
CA SER S 387 -26.98 -48.68 -27.80
C SER S 387 -28.01 -47.96 -28.67
N ARG S 388 -29.01 -48.67 -29.15
CA ARG S 388 -30.05 -48.00 -29.93
C ARG S 388 -30.83 -47.03 -29.06
N ARG S 389 -31.20 -47.45 -27.85
CA ARG S 389 -31.97 -46.56 -26.98
C ARG S 389 -31.18 -45.31 -26.65
N LEU S 390 -29.89 -45.46 -26.37
CA LEU S 390 -29.07 -44.29 -26.07
C LEU S 390 -28.93 -43.40 -27.30
N ALA S 391 -28.81 -43.99 -28.48
CA ALA S 391 -28.74 -43.17 -29.69
C ALA S 391 -30.01 -42.36 -29.86
N ALA S 392 -31.16 -42.98 -29.63
CA ALA S 392 -32.43 -42.25 -29.76
C ALA S 392 -32.51 -41.13 -28.74
N ALA S 393 -32.13 -41.42 -27.49
CA ALA S 393 -32.16 -40.37 -26.48
C ALA S 393 -31.25 -39.22 -26.85
N THR S 394 -30.06 -39.54 -27.38
CA THR S 394 -29.14 -38.51 -27.82
C THR S 394 -29.74 -37.67 -28.93
N GLY S 395 -30.38 -38.32 -29.89
CA GLY S 395 -31.00 -37.59 -30.97
C GLY S 395 -32.07 -36.63 -30.47
N VAL S 396 -32.92 -37.10 -29.56
CA VAL S 396 -33.95 -36.23 -29.01
C VAL S 396 -33.32 -35.06 -28.29
N ALA S 397 -32.33 -35.33 -27.44
CA ALA S 397 -31.70 -34.26 -26.68
C ALA S 397 -31.10 -33.22 -27.61
N LEU S 398 -30.33 -33.66 -28.60
CA LEU S 398 -29.70 -32.72 -29.51
C LEU S 398 -30.76 -31.90 -30.26
N ALA S 399 -31.82 -32.57 -30.73
CA ALA S 399 -32.86 -31.84 -31.45
C ALA S 399 -33.46 -30.77 -30.56
N THR S 400 -33.72 -31.09 -29.29
CA THR S 400 -34.21 -30.07 -28.38
C THR S 400 -33.21 -28.94 -28.23
N PHE S 401 -31.93 -29.26 -28.08
CA PHE S 401 -30.93 -28.24 -27.87
C PHE S 401 -30.84 -27.29 -29.06
N LEU S 402 -30.71 -27.86 -30.27
CA LEU S 402 -30.60 -27.02 -31.45
C LEU S 402 -31.82 -26.15 -31.64
N GLN S 403 -32.92 -26.48 -30.97
CA GLN S 403 -34.15 -25.72 -31.15
C GLN S 403 -33.92 -24.22 -30.98
N GLN S 404 -33.08 -23.85 -29.99
CA GLN S 404 -32.97 -22.44 -29.63
C GLN S 404 -32.31 -21.60 -30.70
N PHE S 405 -31.67 -22.20 -31.70
CA PHE S 405 -31.04 -21.40 -32.74
C PHE S 405 -32.03 -20.91 -33.77
N ASN S 406 -33.31 -21.26 -33.66
CA ASN S 406 -34.29 -20.81 -34.63
C ASN S 406 -34.40 -19.29 -34.62
N GLY S 407 -34.40 -18.70 -35.81
CA GLY S 407 -34.68 -17.29 -35.95
C GLY S 407 -33.58 -16.34 -35.57
N LEU S 408 -32.37 -16.84 -35.34
CA LEU S 408 -31.25 -15.95 -35.03
C LEU S 408 -30.60 -15.46 -36.32
N ALA S 409 -30.35 -14.16 -36.40
CA ALA S 409 -29.64 -13.63 -37.54
C ALA S 409 -28.30 -14.34 -37.71
N VAL S 410 -27.68 -14.16 -38.87
CA VAL S 410 -26.36 -14.72 -39.11
C VAL S 410 -25.62 -13.83 -40.10
N PHE S 411 -24.32 -13.66 -39.85
CA PHE S 411 -23.44 -12.89 -40.72
C PHE S 411 -22.26 -13.77 -41.10
N THR S 412 -21.94 -13.79 -42.39
CA THR S 412 -20.89 -14.68 -42.87
C THR S 412 -19.83 -13.94 -43.68
N LYS S 413 -20.24 -12.96 -44.47
CA LYS S 413 -19.26 -12.23 -45.28
C LYS S 413 -18.27 -11.50 -44.38
N ASN S 414 -18.77 -10.84 -43.33
CA ASN S 414 -17.95 -10.07 -42.42
C ASN S 414 -18.46 -10.33 -41.02
N THR S 415 -17.64 -11.00 -40.20
CA THR S 415 -18.13 -11.63 -38.98
C THR S 415 -18.34 -10.66 -37.83
N ASN S 416 -18.17 -9.37 -38.03
CA ASN S 416 -18.38 -8.41 -36.96
C ASN S 416 -19.88 -8.16 -36.78
N ILE S 417 -20.38 -8.41 -35.58
CA ILE S 417 -21.76 -8.08 -35.25
C ILE S 417 -21.82 -6.68 -34.67
N LYS S 418 -22.73 -5.87 -35.19
CA LYS S 418 -22.92 -4.53 -34.63
C LYS S 418 -23.44 -4.64 -33.21
N THR S 419 -23.13 -3.63 -32.41
CA THR S 419 -23.54 -3.62 -31.01
C THR S 419 -25.05 -3.61 -30.90
N GLY S 420 -25.58 -4.46 -30.02
CA GLY S 420 -27.00 -4.50 -29.74
C GLY S 420 -27.81 -5.44 -30.61
N ILE S 421 -27.22 -6.02 -31.65
CA ILE S 421 -27.95 -6.93 -32.51
C ILE S 421 -27.98 -8.32 -31.87
N ILE S 422 -28.99 -9.10 -32.22
CA ILE S 422 -29.13 -10.46 -31.75
C ILE S 422 -28.77 -11.38 -32.90
N GLY S 423 -27.69 -12.15 -32.76
CA GLY S 423 -27.25 -13.00 -33.84
C GLY S 423 -26.00 -13.75 -33.46
N THR S 424 -25.44 -14.45 -34.45
CA THR S 424 -24.28 -15.29 -34.24
C THR S 424 -23.55 -15.46 -35.58
N ASN S 425 -22.65 -16.44 -35.61
CA ASN S 425 -21.97 -16.82 -36.84
C ASN S 425 -21.43 -18.23 -36.70
N LEU S 426 -20.78 -18.71 -37.76
CA LEU S 426 -20.43 -20.13 -37.83
C LEU S 426 -19.51 -20.53 -36.69
N ARG S 427 -18.46 -19.74 -36.44
CA ARG S 427 -17.50 -20.11 -35.41
C ARG S 427 -18.19 -20.20 -34.05
N LEU S 428 -19.01 -19.22 -33.73
CA LEU S 428 -19.66 -19.21 -32.42
C LEU S 428 -20.58 -20.42 -32.25
N MET S 429 -21.36 -20.74 -33.27
CA MET S 429 -22.21 -21.92 -33.18
C MET S 429 -21.37 -23.17 -33.01
N LEU S 430 -20.27 -23.28 -33.75
CA LEU S 430 -19.42 -24.45 -33.58
C LEU S 430 -18.93 -24.55 -32.14
N GLY S 431 -18.52 -23.43 -31.57
CA GLY S 431 -18.07 -23.44 -30.19
C GLY S 431 -19.17 -23.89 -29.24
N LYS S 432 -20.38 -23.37 -29.44
CA LYS S 432 -21.46 -23.73 -28.54
C LYS S 432 -21.79 -25.21 -28.65
N ILE S 433 -21.79 -25.75 -29.87
CA ILE S 433 -22.04 -27.17 -30.04
C ILE S 433 -20.97 -27.98 -29.32
N ARG S 434 -19.71 -27.60 -29.48
CA ARG S 434 -18.66 -28.31 -28.76
C ARG S 434 -18.91 -28.28 -27.27
N LYS S 435 -19.26 -27.11 -26.73
CA LYS S 435 -19.49 -27.01 -25.30
C LYS S 435 -20.58 -27.97 -24.86
N TRP S 436 -21.71 -27.98 -25.58
CA TRP S 436 -22.79 -28.89 -25.20
C TRP S 436 -22.32 -30.34 -25.27
N ALA S 437 -21.60 -30.70 -26.32
CA ALA S 437 -21.15 -32.07 -26.46
C ALA S 437 -20.31 -32.48 -25.25
N SER S 438 -19.40 -31.61 -24.82
CA SER S 438 -18.48 -31.99 -23.75
C SER S 438 -19.23 -32.30 -22.46
N ASP S 439 -20.30 -31.55 -22.17
CA ASP S 439 -20.98 -31.73 -20.90
C ASP S 439 -21.49 -33.16 -20.74
N ASN S 440 -22.15 -33.69 -21.77
CA ASN S 440 -22.86 -34.95 -21.62
C ASN S 440 -21.94 -36.15 -21.67
N VAL S 441 -20.64 -35.96 -21.92
CA VAL S 441 -19.72 -37.09 -21.96
C VAL S 441 -19.86 -37.91 -20.68
N GLY S 442 -19.86 -39.23 -20.83
CA GLY S 442 -19.93 -40.10 -19.68
C GLY S 442 -21.35 -40.47 -19.31
N VAL S 443 -22.31 -39.67 -19.73
CA VAL S 443 -23.71 -39.96 -19.45
C VAL S 443 -24.35 -40.71 -20.61
N LEU S 444 -24.21 -40.17 -21.82
CA LEU S 444 -24.78 -40.76 -23.02
C LEU S 444 -23.74 -41.40 -23.92
N PHE S 445 -22.52 -40.87 -23.96
CA PHE S 445 -21.53 -41.41 -24.87
C PHE S 445 -20.13 -41.09 -24.38
N SER S 446 -19.20 -41.98 -24.73
CA SER S 446 -17.86 -41.93 -24.17
C SER S 446 -17.06 -40.77 -24.75
N GLU S 447 -16.03 -40.37 -24.01
CA GLU S 447 -15.24 -39.21 -24.38
C GLU S 447 -14.62 -39.40 -25.75
N PHE S 448 -14.70 -38.35 -26.57
CA PHE S 448 -14.17 -38.44 -27.92
C PHE S 448 -12.66 -38.68 -27.87
N ASP S 449 -12.13 -39.19 -28.98
CA ASP S 449 -10.69 -39.26 -29.12
C ASP S 449 -10.11 -37.88 -29.38
N ASN S 450 -10.47 -37.27 -30.50
CA ASN S 450 -10.03 -35.91 -30.83
C ASN S 450 -11.28 -35.09 -31.12
N ILE S 451 -11.64 -34.22 -30.18
CA ILE S 451 -12.87 -33.46 -30.31
C ILE S 451 -12.84 -32.58 -31.55
N ASN S 452 -11.66 -32.11 -31.93
CA ASN S 452 -11.56 -31.19 -33.05
C ASN S 452 -11.82 -31.85 -34.40
N GLU S 453 -12.14 -33.14 -34.44
CA GLU S 453 -12.41 -33.81 -35.71
C GLU S 453 -13.71 -34.60 -35.66
N ASP S 454 -14.07 -35.10 -34.49
CA ASP S 454 -15.26 -35.93 -34.38
C ASP S 454 -16.55 -35.16 -34.58
N ILE S 455 -16.50 -33.84 -34.54
CA ILE S 455 -17.67 -32.99 -34.75
C ILE S 455 -17.33 -31.98 -35.82
N GLN S 456 -18.05 -32.02 -36.94
CA GLN S 456 -17.83 -31.09 -38.02
C GLN S 456 -19.16 -30.48 -38.44
N LEU S 457 -19.12 -29.22 -38.83
CA LEU S 457 -20.31 -28.45 -39.15
C LEU S 457 -20.26 -28.02 -40.61
N VAL S 458 -21.39 -28.15 -41.29
CA VAL S 458 -21.50 -27.79 -42.70
C VAL S 458 -22.71 -26.88 -42.87
N SER S 459 -22.53 -25.81 -43.62
CA SER S 459 -23.60 -24.87 -43.90
C SER S 459 -24.04 -24.99 -45.35
N ASP S 460 -25.29 -24.66 -45.59
CA ASP S 460 -25.83 -24.75 -46.95
C ASP S 460 -25.10 -23.83 -47.92
N PHE S 461 -24.39 -22.82 -47.43
CA PHE S 461 -23.77 -21.81 -48.28
C PHE S 461 -22.37 -22.20 -48.75
N ASP S 462 -21.96 -23.45 -48.56
CA ASP S 462 -20.60 -23.85 -48.88
C ASP S 462 -20.44 -24.38 -50.29
N VAL S 463 -21.48 -24.98 -50.88
CA VAL S 463 -21.34 -25.69 -52.17
C VAL S 463 -22.17 -25.03 -53.26
N GLN S 464 -23.48 -24.88 -53.03
CA GLN S 464 -24.37 -24.41 -54.08
C GLN S 464 -23.97 -22.99 -54.51
N PRO S 465 -24.31 -22.61 -55.74
CA PRO S 465 -23.75 -21.38 -56.33
C PRO S 465 -24.41 -20.12 -55.78
N LYS S 466 -24.05 -19.00 -56.41
CA LYS S 466 -24.46 -17.67 -55.97
C LYS S 466 -25.96 -17.57 -55.76
N CYS S 467 -26.35 -17.23 -54.52
CA CYS S 467 -27.73 -16.91 -54.18
C CYS S 467 -28.65 -18.12 -54.21
N VAL S 468 -28.17 -19.25 -54.71
CA VAL S 468 -29.00 -20.45 -54.70
C VAL S 468 -29.15 -20.95 -53.27
N GLY S 469 -28.18 -20.67 -52.41
CA GLY S 469 -28.23 -21.12 -51.04
C GLY S 469 -29.52 -20.71 -50.37
N GLN S 470 -30.38 -21.69 -50.10
CA GLN S 470 -31.67 -21.41 -49.51
C GLN S 470 -31.50 -20.96 -48.06
N PRO S 471 -32.42 -20.14 -47.54
CA PRO S 471 -32.19 -19.52 -46.23
C PRO S 471 -32.36 -20.46 -45.05
N GLY S 472 -31.26 -20.75 -44.35
CA GLY S 472 -31.34 -21.41 -43.07
C GLY S 472 -31.25 -22.92 -43.06
N VAL S 473 -30.19 -23.48 -43.63
CA VAL S 473 -29.93 -24.91 -43.55
C VAL S 473 -28.45 -25.13 -43.22
N PHE S 474 -28.20 -25.89 -42.16
CA PHE S 474 -26.84 -26.22 -41.75
C PHE S 474 -26.75 -27.69 -41.39
N HIS S 475 -25.68 -28.32 -41.85
CA HIS S 475 -25.44 -29.76 -41.71
C HIS S 475 -24.47 -30.02 -40.58
N LEU S 476 -24.79 -30.98 -39.72
CA LEU S 476 -23.98 -31.33 -38.58
C LEU S 476 -23.61 -32.81 -38.63
N ASN S 477 -22.34 -33.10 -38.46
CA ASN S 477 -21.85 -34.47 -38.41
C ASN S 477 -21.24 -34.71 -37.03
N MET S 478 -21.58 -35.82 -36.40
CA MET S 478 -21.10 -36.11 -35.06
C MET S 478 -20.86 -37.60 -34.91
N ARG S 479 -19.82 -37.96 -34.20
CA ARG S 479 -19.47 -39.37 -34.01
C ARG S 479 -19.96 -39.84 -32.65
N TYR S 480 -20.94 -40.74 -32.65
CA TYR S 480 -21.43 -41.32 -31.42
C TYR S 480 -20.47 -42.41 -30.95
N ARG S 481 -20.49 -42.69 -29.65
CA ARG S 481 -19.74 -43.81 -29.11
C ARG S 481 -20.35 -44.26 -27.79
N PRO S 482 -20.89 -45.48 -27.72
CA PRO S 482 -21.61 -45.87 -26.53
C PRO S 482 -20.68 -45.96 -25.33
N PRO S 483 -21.18 -45.69 -24.13
CA PRO S 483 -20.35 -45.84 -22.94
C PRO S 483 -20.12 -47.32 -22.62
N VAL S 484 -18.85 -47.68 -22.44
CA VAL S 484 -18.52 -49.08 -22.26
C VAL S 484 -19.02 -49.57 -20.91
N ARG S 485 -19.54 -50.79 -20.89
CA ARG S 485 -19.98 -51.45 -19.67
C ARG S 485 -19.36 -52.85 -19.61
N GLY S 486 -18.94 -53.25 -18.41
CA GLY S 486 -18.30 -54.54 -18.27
C GLY S 486 -19.17 -55.67 -18.81
N ALA S 487 -18.53 -56.63 -19.48
CA ALA S 487 -19.27 -57.65 -20.18
C ALA S 487 -18.88 -59.07 -19.81
N ARG S 488 -17.59 -59.35 -19.67
CA ARG S 488 -17.16 -60.72 -19.42
C ARG S 488 -15.83 -60.73 -18.68
N ILE S 489 -15.66 -61.73 -17.81
CA ILE S 489 -14.47 -61.87 -16.98
C ILE S 489 -13.96 -63.29 -17.11
N ASN S 490 -12.66 -63.44 -17.20
CA ASN S 490 -12.01 -64.74 -17.19
C ASN S 490 -11.31 -64.93 -15.86
N VAL S 491 -11.50 -66.10 -15.26
CA VAL S 491 -10.95 -66.40 -13.94
C VAL S 491 -10.02 -67.59 -14.07
N ASN S 492 -8.82 -67.46 -13.51
CA ASN S 492 -7.87 -68.56 -13.42
C ASN S 492 -7.57 -68.80 -11.96
N LEU S 493 -7.85 -69.99 -11.47
CA LEU S 493 -7.76 -70.30 -10.05
C LEU S 493 -6.71 -71.39 -9.86
N VAL S 494 -5.73 -71.11 -9.01
CA VAL S 494 -4.52 -71.93 -8.94
C VAL S 494 -4.31 -72.43 -7.53
N PRO S 495 -4.97 -73.52 -7.12
CA PRO S 495 -4.93 -73.96 -5.71
C PRO S 495 -3.70 -74.80 -5.36
N ALA S 496 -2.61 -74.13 -5.04
CA ALA S 496 -1.45 -74.83 -4.53
C ALA S 496 -1.70 -75.28 -3.10
N LEU S 497 -0.64 -75.80 -2.47
CA LEU S 497 -0.72 -76.31 -1.10
C LEU S 497 0.14 -75.46 -0.18
N PHE S 498 -0.23 -75.41 1.10
CA PHE S 498 0.42 -74.51 2.05
C PHE S 498 1.55 -75.24 2.77
N ASP S 499 2.77 -74.74 2.61
CA ASP S 499 3.90 -75.21 3.38
C ASP S 499 5.14 -74.42 2.98
N ASN S 500 6.13 -74.45 3.85
CA ASN S 500 7.47 -73.95 3.54
C ASN S 500 8.38 -74.20 4.72
N CYS T 3 -4.43 -10.64 -38.90
CA CYS T 3 -4.94 -12.00 -38.60
C CYS T 3 -4.11 -12.69 -37.52
N ASN T 4 -3.27 -13.65 -37.92
CA ASN T 4 -2.66 -14.56 -36.95
C ASN T 4 -1.77 -13.83 -35.96
N LYS T 5 -1.40 -12.59 -36.23
CA LYS T 5 -0.40 -11.88 -35.45
C LYS T 5 -0.94 -10.50 -35.07
N GLN T 6 -2.17 -10.47 -34.57
CA GLN T 6 -2.68 -9.26 -33.95
C GLN T 6 -3.49 -9.66 -32.74
N ASN T 7 -3.49 -8.81 -31.72
CA ASN T 7 -4.16 -9.08 -30.46
C ASN T 7 -5.34 -8.13 -30.30
N GLY T 8 -6.52 -8.69 -30.03
CA GLY T 8 -7.71 -7.89 -29.83
C GLY T 8 -8.96 -8.73 -29.77
N VAL T 9 -10.06 -8.16 -29.26
CA VAL T 9 -11.33 -8.85 -29.18
C VAL T 9 -12.14 -8.50 -30.41
N LYS T 10 -13.02 -9.41 -30.82
CA LYS T 10 -13.77 -9.26 -32.05
C LYS T 10 -15.28 -9.38 -31.86
N ASN T 11 -15.73 -10.11 -30.86
CA ASN T 11 -17.15 -10.21 -30.55
C ASN T 11 -17.32 -10.60 -29.09
N ILE T 12 -18.45 -10.22 -28.51
CA ILE T 12 -18.82 -10.60 -27.16
C ILE T 12 -20.32 -10.81 -27.12
N LEU T 13 -20.74 -12.01 -26.74
CA LEU T 13 -22.15 -12.37 -26.71
C LEU T 13 -22.54 -12.75 -25.29
N ILE T 14 -23.79 -12.51 -24.93
CA ILE T 14 -24.29 -12.78 -23.59
C ILE T 14 -25.74 -13.19 -23.68
N THR T 15 -26.16 -14.10 -22.80
CA THR T 15 -27.52 -14.64 -22.81
C THR T 15 -28.02 -14.78 -21.39
N PHE T 16 -28.75 -13.79 -20.91
CA PHE T 16 -29.18 -13.71 -19.53
C PHE T 16 -30.33 -14.66 -19.28
N THR T 17 -30.35 -15.24 -18.08
CA THR T 17 -31.49 -16.00 -17.59
C THR T 17 -31.80 -15.53 -16.19
N HIS T 18 -33.08 -15.39 -15.88
CA HIS T 18 -33.51 -14.91 -14.58
C HIS T 18 -33.77 -16.11 -13.68
N CYS T 19 -33.11 -16.13 -12.52
CA CYS T 19 -33.19 -17.31 -11.66
C CYS T 19 -34.63 -17.59 -11.22
N ASP T 20 -35.36 -16.55 -10.83
CA ASP T 20 -36.63 -16.71 -10.16
C ASP T 20 -37.81 -16.86 -11.11
N THR T 21 -37.83 -16.14 -12.23
CA THR T 21 -38.97 -16.20 -13.14
C THR T 21 -38.71 -17.08 -14.36
N GLY T 22 -37.46 -17.33 -14.70
CA GLY T 22 -37.16 -18.12 -15.86
C GLY T 22 -37.18 -17.38 -17.18
N GLU T 23 -37.23 -16.05 -17.15
CA GLU T 23 -37.17 -15.29 -18.39
C GLU T 23 -35.81 -15.45 -19.05
N VAL T 24 -35.77 -15.29 -20.36
CA VAL T 24 -34.57 -15.49 -21.15
C VAL T 24 -34.46 -14.36 -22.16
N ILE T 25 -33.24 -13.87 -22.38
CA ILE T 25 -32.96 -12.86 -23.38
C ILE T 25 -31.88 -13.40 -24.31
N GLY T 26 -32.18 -13.44 -25.61
CA GLY T 26 -31.33 -14.09 -26.55
C GLY T 26 -29.94 -13.50 -26.56
N PRO T 27 -29.03 -14.15 -27.29
CA PRO T 27 -27.64 -13.71 -27.29
C PRO T 27 -27.48 -12.31 -27.85
N ILE T 28 -27.10 -11.37 -27.00
CA ILE T 28 -26.94 -9.98 -27.41
C ILE T 28 -25.45 -9.67 -27.48
N SER T 29 -25.06 -8.78 -28.38
CA SER T 29 -23.68 -8.35 -28.49
C SER T 29 -23.36 -7.34 -27.40
N HIS T 30 -22.08 -6.98 -27.28
CA HIS T 30 -21.62 -5.96 -26.35
C HIS T 30 -20.28 -5.41 -26.81
N GLU T 31 -19.92 -4.26 -26.25
CA GLU T 31 -18.68 -3.57 -26.60
C GLU T 31 -17.97 -3.11 -25.34
N GLN T 32 -16.65 -3.03 -25.41
CA GLN T 32 -15.86 -2.78 -24.23
C GLN T 32 -15.84 -1.30 -23.87
N PRO T 33 -15.68 -0.96 -22.59
CA PRO T 33 -15.63 0.45 -22.20
C PRO T 33 -14.26 1.08 -22.37
N ASP T 34 -13.18 0.31 -22.28
CA ASP T 34 -11.84 0.87 -22.44
C ASP T 34 -10.96 -0.19 -23.08
N ASP T 35 -9.65 -0.04 -22.95
CA ASP T 35 -8.73 -0.91 -23.67
C ASP T 35 -8.51 -2.25 -22.99
N THR T 36 -8.90 -2.41 -21.73
CA THR T 36 -8.57 -3.63 -20.98
C THR T 36 -9.30 -4.81 -21.62
N LEU T 37 -8.57 -5.88 -21.88
CA LEU T 37 -9.17 -7.07 -22.45
C LEU T 37 -9.69 -7.98 -21.34
N PRO T 38 -10.56 -8.93 -21.66
CA PRO T 38 -10.97 -9.91 -20.65
C PRO T 38 -9.80 -10.81 -20.28
N THR T 39 -9.97 -11.54 -19.19
CA THR T 39 -8.97 -12.50 -18.74
C THR T 39 -9.67 -13.83 -18.47
N TYR T 40 -8.88 -14.88 -18.28
CA TYR T 40 -9.42 -16.21 -18.20
C TYR T 40 -8.66 -17.03 -17.18
N LYS T 41 -9.23 -18.17 -16.82
CA LYS T 41 -8.52 -19.24 -16.11
C LYS T 41 -9.31 -20.51 -16.36
N THR T 42 -8.78 -21.43 -17.16
CA THR T 42 -9.55 -22.57 -17.58
C THR T 42 -9.30 -23.82 -16.75
N CYS T 43 -8.07 -24.08 -16.34
CA CYS T 43 -7.79 -25.31 -15.61
C CYS T 43 -8.57 -25.31 -14.30
N ALA T 44 -9.25 -26.41 -14.02
CA ALA T 44 -10.15 -26.43 -12.88
C ALA T 44 -9.39 -26.54 -11.56
N TRP T 45 -8.33 -27.35 -11.53
CA TRP T 45 -7.69 -27.68 -10.26
C TRP T 45 -6.76 -26.55 -9.81
N THR T 46 -6.10 -26.76 -8.67
CA THR T 46 -5.22 -25.76 -8.11
C THR T 46 -4.13 -26.46 -7.29
N ASN T 47 -2.89 -26.00 -7.46
CA ASN T 47 -1.73 -26.62 -6.83
C ASN T 47 -1.17 -25.70 -5.76
N THR T 48 -0.98 -26.22 -4.57
CA THR T 48 -0.36 -25.51 -3.47
C THR T 48 1.05 -26.06 -3.24
N ALA T 49 1.96 -25.21 -2.79
CA ALA T 49 3.33 -25.63 -2.63
C ALA T 49 3.53 -26.46 -1.38
N LEU T 50 4.53 -27.34 -1.44
CA LEU T 50 4.94 -28.13 -0.28
C LEU T 50 6.46 -28.16 -0.31
N THR T 51 7.10 -29.12 0.37
CA THR T 51 8.54 -29.23 0.39
C THR T 51 9.02 -30.28 -0.60
N ASN T 52 10.19 -30.04 -1.18
CA ASN T 52 10.85 -31.00 -2.07
C ASN T 52 10.03 -31.27 -3.32
N GLY T 53 9.32 -30.26 -3.81
CA GLY T 53 8.67 -30.38 -5.09
C GLY T 53 7.32 -31.05 -5.08
N ALA T 54 6.86 -31.56 -3.94
CA ALA T 54 5.50 -32.06 -3.88
C ALA T 54 4.53 -30.89 -3.92
N VAL T 55 3.26 -31.20 -4.21
CA VAL T 55 2.20 -30.19 -4.19
C VAL T 55 0.90 -30.85 -3.77
N MET T 56 -0.03 -30.03 -3.31
CA MET T 56 -1.37 -30.49 -2.97
C MET T 56 -2.35 -30.02 -4.02
N ARG T 57 -3.10 -30.96 -4.58
CA ARG T 57 -3.97 -30.70 -5.72
C ARG T 57 -5.41 -30.71 -5.23
N SER T 58 -6.17 -29.67 -5.59
CA SER T 58 -7.50 -29.48 -5.01
C SER T 58 -8.47 -28.99 -6.08
N ALA T 59 -9.73 -28.83 -5.68
CA ALA T 59 -10.82 -28.73 -6.64
C ALA T 59 -10.84 -27.40 -7.37
N SER T 60 -11.15 -26.31 -6.67
CA SER T 60 -11.21 -24.99 -7.29
C SER T 60 -12.18 -24.93 -8.47
N ASN T 61 -12.20 -23.79 -9.17
CA ASN T 61 -13.20 -23.49 -10.18
C ASN T 61 -12.55 -23.00 -11.46
N ALA T 62 -13.39 -22.66 -12.43
CA ALA T 62 -12.97 -21.89 -13.58
C ALA T 62 -13.63 -20.52 -13.54
N THR T 63 -12.93 -19.51 -14.04
CA THR T 63 -13.37 -18.13 -13.85
C THR T 63 -13.19 -17.33 -15.12
N MET T 64 -13.82 -16.16 -15.15
CA MET T 64 -13.67 -15.22 -16.25
C MET T 64 -13.89 -13.82 -15.71
N THR T 65 -13.18 -12.85 -16.29
CA THR T 65 -13.35 -11.45 -15.95
C THR T 65 -13.68 -10.69 -17.22
N LEU T 66 -14.76 -9.92 -17.20
CA LEU T 66 -15.38 -9.45 -18.43
C LEU T 66 -15.92 -8.03 -18.27
N PRO T 67 -15.17 -7.02 -18.67
CA PRO T 67 -15.69 -5.65 -18.65
C PRO T 67 -16.46 -5.29 -19.91
N VAL T 68 -17.71 -4.84 -19.78
CA VAL T 68 -18.57 -4.60 -20.92
C VAL T 68 -19.44 -3.39 -20.65
N VAL T 69 -19.75 -2.65 -21.71
CA VAL T 69 -20.64 -1.50 -21.61
C VAL T 69 -22.06 -2.00 -21.53
N ARG T 70 -22.86 -1.40 -20.65
CA ARG T 70 -24.20 -1.88 -20.40
C ARG T 70 -25.07 -1.74 -21.64
N ASP T 71 -26.06 -2.60 -21.76
CA ASP T 71 -27.03 -2.51 -22.85
C ASP T 71 -28.26 -1.75 -22.38
N PRO T 72 -28.63 -0.63 -23.02
CA PRO T 72 -29.65 0.24 -22.41
C PRO T 72 -31.02 -0.40 -22.25
N ARG T 73 -31.21 -1.65 -22.62
CA ARG T 73 -32.53 -2.27 -22.51
C ARG T 73 -32.64 -3.26 -21.36
N VAL T 74 -31.54 -3.65 -20.74
CA VAL T 74 -31.52 -4.68 -19.71
C VAL T 74 -31.35 -4.02 -18.36
N PRO T 75 -32.12 -4.40 -17.35
CA PRO T 75 -31.96 -3.75 -16.04
C PRO T 75 -30.55 -3.95 -15.52
N LEU T 76 -30.03 -2.91 -14.86
CA LEU T 76 -28.67 -3.01 -14.34
C LEU T 76 -28.54 -4.20 -13.40
N ALA T 77 -29.60 -4.53 -12.66
CA ALA T 77 -29.49 -5.60 -11.68
C ALA T 77 -29.06 -6.91 -12.32
N TRP T 78 -29.45 -7.13 -13.57
CA TRP T 78 -29.12 -8.40 -14.21
C TRP T 78 -27.64 -8.56 -14.50
N TYR T 79 -26.90 -7.47 -14.58
CA TYR T 79 -25.45 -7.54 -14.68
C TYR T 79 -24.79 -7.78 -13.33
N GLN T 80 -25.56 -8.16 -12.31
CA GLN T 80 -25.01 -8.45 -11.01
C GLN T 80 -25.71 -9.71 -10.49
N GLY T 81 -25.57 -10.01 -9.22
CA GLY T 81 -25.90 -11.36 -8.78
C GLY T 81 -27.35 -11.77 -8.92
N CYS T 82 -28.16 -11.07 -9.70
CA CYS T 82 -29.58 -11.38 -9.82
C CYS T 82 -29.90 -12.24 -11.03
N ALA T 83 -28.93 -12.58 -11.86
CA ALA T 83 -29.21 -13.27 -13.12
C ALA T 83 -28.14 -14.29 -13.41
N GLN T 84 -28.50 -15.30 -14.21
CA GLN T 84 -27.56 -16.33 -14.62
C GLN T 84 -27.11 -16.06 -16.05
N ILE T 85 -25.83 -16.28 -16.31
CA ILE T 85 -25.18 -15.72 -17.49
C ILE T 85 -24.51 -16.82 -18.32
N ASP T 86 -24.60 -16.67 -19.63
CA ASP T 86 -23.84 -17.43 -20.60
C ASP T 86 -23.13 -16.45 -21.53
N ALA T 87 -21.83 -16.64 -21.73
CA ALA T 87 -21.05 -15.64 -22.45
C ALA T 87 -20.08 -16.31 -23.41
N GLN T 88 -19.61 -15.54 -24.38
CA GLN T 88 -18.66 -16.00 -25.37
C GLN T 88 -17.75 -14.86 -25.78
N VAL T 89 -16.57 -15.21 -26.28
CA VAL T 89 -15.61 -14.24 -26.78
C VAL T 89 -14.94 -14.82 -28.02
N GLU T 90 -14.71 -13.97 -29.01
CA GLU T 90 -14.01 -14.35 -30.22
C GLU T 90 -12.88 -13.37 -30.47
N LYS T 91 -11.66 -13.87 -30.45
CA LYS T 91 -10.50 -13.04 -30.70
C LYS T 91 -10.22 -12.99 -32.20
N PHE T 92 -9.34 -12.07 -32.59
CA PHE T 92 -9.02 -11.95 -34.01
C PHE T 92 -8.38 -13.21 -34.55
N ASP T 93 -7.44 -13.79 -33.82
CA ASP T 93 -6.72 -14.93 -34.37
C ASP T 93 -7.60 -16.17 -34.54
N GLY T 94 -8.89 -16.09 -34.22
CA GLY T 94 -9.80 -17.18 -34.43
C GLY T 94 -10.22 -17.91 -33.17
N THR T 95 -9.53 -17.69 -32.06
CA THR T 95 -9.89 -18.35 -30.82
C THR T 95 -11.31 -17.99 -30.40
N VAL T 96 -11.97 -18.92 -29.73
CA VAL T 96 -13.30 -18.70 -29.17
C VAL T 96 -13.36 -19.31 -27.79
N MET T 97 -13.82 -18.54 -26.81
CA MET T 97 -13.94 -18.99 -25.44
C MET T 97 -15.41 -18.99 -25.06
N THR T 98 -15.91 -20.15 -24.61
CA THR T 98 -17.32 -20.31 -24.32
C THR T 98 -17.51 -20.67 -22.86
N LEU T 99 -18.55 -20.09 -22.25
CA LEU T 99 -18.88 -20.33 -20.87
C LEU T 99 -20.39 -20.41 -20.74
N THR T 100 -20.88 -21.23 -19.80
CA THR T 100 -22.31 -21.38 -19.63
C THR T 100 -22.66 -21.55 -18.16
N GLU T 101 -23.92 -21.26 -17.85
CA GLU T 101 -24.43 -21.26 -16.47
C GLU T 101 -23.41 -20.66 -15.50
N GLY T 102 -22.81 -19.54 -15.86
CA GLY T 102 -21.96 -18.84 -14.93
C GLY T 102 -22.76 -18.21 -13.80
N ALA T 103 -22.05 -17.79 -12.76
CA ALA T 103 -22.64 -17.06 -11.66
C ALA T 103 -21.75 -15.87 -11.32
N VAL T 104 -22.37 -14.74 -11.05
CA VAL T 104 -21.62 -13.53 -10.73
C VAL T 104 -21.35 -13.48 -9.24
N THR T 105 -20.15 -13.08 -8.85
CA THR T 105 -19.71 -13.17 -7.46
C THR T 105 -19.19 -11.84 -6.96
N GLU T 106 -19.61 -11.48 -5.75
CA GLU T 106 -19.17 -10.28 -5.05
C GLU T 106 -19.14 -9.08 -5.99
N PRO T 107 -20.29 -8.67 -6.52
CA PRO T 107 -20.30 -7.57 -7.50
C PRO T 107 -19.80 -6.29 -6.87
N GLU T 108 -19.12 -5.48 -7.67
CA GLU T 108 -18.66 -4.18 -7.22
C GLU T 108 -19.56 -3.09 -7.79
N GLU T 109 -19.62 -1.97 -7.10
CA GLU T 109 -20.52 -0.90 -7.50
C GLU T 109 -20.20 -0.44 -8.91
N SER T 110 -21.24 -0.05 -9.62
CA SER T 110 -21.13 0.40 -11.01
C SER T 110 -21.78 1.77 -11.16
N ASP T 111 -21.39 2.48 -12.20
CA ASP T 111 -21.90 3.83 -12.42
C ASP T 111 -22.98 3.88 -13.48
N GLY T 112 -23.46 2.75 -13.97
CA GLY T 112 -24.56 2.74 -14.89
C GLY T 112 -24.19 2.55 -16.34
N ARG T 113 -22.94 2.71 -16.72
CA ARG T 113 -22.53 2.50 -18.10
C ARG T 113 -21.37 1.53 -18.26
N ALA T 114 -20.39 1.54 -17.36
CA ALA T 114 -19.32 0.57 -17.37
C ALA T 114 -19.56 -0.44 -16.26
N VAL T 115 -19.41 -1.72 -16.58
CA VAL T 115 -19.66 -2.79 -15.63
C VAL T 115 -18.55 -3.84 -15.75
N THR T 116 -18.10 -4.34 -14.62
CA THR T 116 -17.14 -5.44 -14.57
C THR T 116 -17.78 -6.61 -13.86
N MET T 117 -17.70 -7.79 -14.48
CA MET T 117 -18.30 -9.00 -13.94
C MET T 117 -17.20 -10.00 -13.60
N THR T 118 -17.35 -10.67 -12.47
CA THR T 118 -16.45 -11.76 -12.10
C THR T 118 -17.27 -13.04 -12.14
N ILE T 119 -17.14 -13.80 -13.22
CA ILE T 119 -17.95 -14.98 -13.44
C ILE T 119 -17.15 -16.21 -13.07
N ILE T 120 -17.81 -17.18 -12.46
CA ILE T 120 -17.22 -18.47 -12.15
C ILE T 120 -18.17 -19.56 -12.65
N ALA T 121 -17.60 -20.65 -13.13
CA ALA T 121 -18.38 -21.72 -13.72
C ALA T 121 -17.63 -23.03 -13.58
N ALA T 122 -18.36 -24.14 -13.78
CA ALA T 122 -17.76 -25.45 -13.59
C ALA T 122 -16.64 -25.70 -14.60
N GLU T 123 -16.84 -25.33 -15.86
CA GLU T 123 -15.84 -25.56 -16.88
C GLU T 123 -15.92 -24.47 -17.93
N ILE T 124 -14.81 -24.25 -18.61
CA ILE T 124 -14.73 -23.31 -19.73
C ILE T 124 -14.02 -24.02 -20.87
N ASP T 125 -14.59 -23.92 -22.07
CA ASP T 125 -14.07 -24.63 -23.23
C ASP T 125 -13.42 -23.67 -24.21
N GLU T 126 -12.25 -24.04 -24.69
CA GLU T 126 -11.46 -23.24 -25.61
C GLU T 126 -11.43 -23.90 -26.97
N LEU T 127 -11.76 -23.15 -28.01
CA LEU T 127 -11.67 -23.63 -29.38
C LEU T 127 -10.45 -22.96 -30.02
N LEU T 128 -9.45 -23.76 -30.37
CA LEU T 128 -8.24 -23.24 -30.97
C LEU T 128 -8.44 -23.03 -32.46
N PRO T 129 -7.56 -22.25 -33.10
CA PRO T 129 -7.62 -22.12 -34.55
C PRO T 129 -7.28 -23.45 -35.20
N PRO T 130 -7.36 -23.53 -36.53
CA PRO T 130 -7.06 -24.79 -37.21
C PRO T 130 -5.64 -25.25 -36.92
N GLY T 131 -5.46 -26.55 -36.81
CA GLY T 131 -4.13 -27.12 -36.69
C GLY T 131 -3.67 -27.39 -35.29
N SER T 132 -4.57 -27.72 -34.37
CA SER T 132 -4.19 -27.93 -32.98
C SER T 132 -3.26 -29.12 -32.83
N LEU T 133 -2.41 -29.07 -31.81
CA LEU T 133 -1.53 -30.17 -31.46
C LEU T 133 -2.06 -31.06 -30.36
N ALA T 134 -3.26 -30.80 -29.85
CA ALA T 134 -3.80 -31.65 -28.79
C ALA T 134 -5.31 -31.49 -28.72
N ALA T 135 -5.95 -32.47 -28.11
CA ALA T 135 -7.40 -32.46 -27.98
C ALA T 135 -7.87 -31.24 -27.20
N MET U 1 -62.00 16.69 50.39
CA MET U 1 -60.82 16.17 51.15
C MET U 1 -60.93 14.65 51.25
N ALA U 2 -61.94 14.17 51.98
CA ALA U 2 -62.23 12.74 52.05
C ALA U 2 -60.98 11.94 52.41
N GLN U 3 -60.78 10.80 51.76
CA GLN U 3 -59.67 9.92 52.09
C GLN U 3 -58.35 10.55 51.68
N ASP U 4 -57.34 10.41 52.54
CA ASP U 4 -56.12 11.17 52.38
C ASP U 4 -55.50 10.94 51.01
N ALA U 5 -55.40 9.68 50.59
CA ALA U 5 -54.66 9.36 49.38
C ALA U 5 -55.16 10.17 48.19
N LEU U 6 -56.42 10.56 48.19
CA LEU U 6 -56.98 11.37 47.13
C LEU U 6 -57.11 12.84 47.51
N SER U 7 -56.59 13.25 48.66
CA SER U 7 -56.84 14.61 49.14
C SER U 7 -56.17 15.66 48.27
N ASP U 8 -54.88 15.49 47.96
CA ASP U 8 -54.12 16.57 47.35
C ASP U 8 -54.60 16.92 45.94
N GLY U 9 -55.34 16.04 45.28
CA GLY U 9 -55.80 16.36 43.95
C GLY U 9 -54.80 16.09 42.86
N PHE U 10 -53.69 15.42 43.17
CA PHE U 10 -52.79 14.96 42.12
C PHE U 10 -53.51 13.99 41.19
N VAL U 11 -54.29 13.08 41.77
CA VAL U 11 -55.00 12.04 41.03
C VAL U 11 -56.49 12.31 41.15
N ARG U 12 -57.15 12.51 40.03
CA ARG U 12 -58.60 12.70 39.99
C ARG U 12 -59.21 11.43 39.43
N LEU U 13 -60.01 10.75 40.25
CA LEU U 13 -60.41 9.38 40.01
C LEU U 13 -61.89 9.32 39.68
N CYS U 14 -62.23 8.52 38.68
CA CYS U 14 -63.62 8.27 38.30
C CYS U 14 -63.85 6.77 38.28
N ILE U 15 -64.98 6.33 38.81
CA ILE U 15 -65.39 4.94 38.76
C ILE U 15 -66.64 4.86 37.92
N ASP U 16 -66.58 4.09 36.85
CA ASP U 16 -67.69 4.04 35.91
C ASP U 16 -67.67 2.70 35.17
N PRO U 17 -68.72 1.89 35.30
CA PRO U 17 -68.73 0.60 34.59
C PRO U 17 -69.29 0.67 33.18
N SER U 18 -69.54 1.85 32.62
CA SER U 18 -70.24 1.97 31.35
C SER U 18 -69.50 2.82 30.31
N LEU U 19 -68.22 3.14 30.52
CA LEU U 19 -67.49 3.91 29.53
C LEU U 19 -67.04 3.03 28.38
N ASN U 20 -66.15 3.57 27.55
CA ASN U 20 -65.48 2.78 26.54
C ASN U 20 -64.28 3.55 26.01
N PHE U 21 -63.26 2.80 25.59
CA PHE U 21 -62.01 3.38 25.13
C PHE U 21 -61.94 3.56 23.62
N PHE U 22 -62.61 2.72 22.85
CA PHE U 22 -62.40 2.68 21.42
C PHE U 22 -62.66 4.03 20.77
N GLY U 23 -61.71 4.49 19.97
CA GLY U 23 -62.01 5.55 19.04
C GLY U 23 -63.03 5.08 18.01
N GLU U 24 -64.04 5.90 17.77
CA GLU U 24 -65.15 5.47 16.92
C GLU U 24 -64.63 4.91 15.61
N GLY U 25 -65.08 3.70 15.28
CA GLY U 25 -64.57 2.98 14.14
C GLY U 25 -65.40 3.16 12.89
N CYS U 26 -65.59 2.04 12.19
CA CYS U 26 -66.36 2.04 10.96
C CYS U 26 -67.82 2.39 11.21
N LYS U 27 -68.42 3.07 10.24
CA LYS U 27 -69.80 3.54 10.34
C LYS U 27 -70.68 2.71 9.43
N ILE U 28 -71.87 2.36 9.91
CA ILE U 28 -72.80 1.49 9.20
C ILE U 28 -74.16 2.15 9.15
N LEU U 29 -74.89 1.95 8.06
CA LEU U 29 -76.18 2.59 7.83
C LEU U 29 -77.29 1.55 7.72
N VAL U 30 -78.44 1.85 8.32
CA VAL U 30 -79.60 0.96 8.33
C VAL U 30 -80.82 1.77 7.90
N GLU U 31 -81.72 1.12 7.16
CA GLU U 31 -82.88 1.80 6.61
C GLU U 31 -84.07 0.86 6.57
N GLY U 32 -85.26 1.41 6.79
CA GLY U 32 -86.46 0.60 6.79
C GLY U 32 -87.68 1.44 7.11
N GLN U 33 -88.79 0.75 7.34
CA GLN U 33 -90.05 1.40 7.69
C GLN U 33 -90.03 1.83 9.15
N ILE U 34 -91.09 2.52 9.56
CA ILE U 34 -91.32 2.81 10.97
C ILE U 34 -92.83 2.80 11.23
N THR U 35 -93.18 2.64 12.50
CA THR U 35 -94.56 2.73 12.95
C THR U 35 -94.85 4.12 13.50
N ASP U 36 -96.13 4.39 13.72
CA ASP U 36 -96.60 5.75 13.92
C ASP U 36 -96.07 6.41 15.18
N ASP U 37 -95.91 5.68 16.28
CA ASP U 37 -95.44 6.31 17.50
C ASP U 37 -93.97 6.71 17.43
N ALA U 38 -93.27 6.34 16.36
CA ALA U 38 -91.85 6.63 16.24
C ALA U 38 -91.58 8.13 16.33
N THR U 39 -90.99 8.57 17.44
CA THR U 39 -90.70 9.98 17.61
C THR U 39 -89.62 10.49 16.67
N ALA U 40 -88.89 9.61 16.02
CA ALA U 40 -87.79 10.04 15.16
C ALA U 40 -88.34 10.84 13.98
N ALA U 41 -87.51 11.76 13.49
CA ALA U 41 -87.92 12.59 12.36
C ALA U 41 -87.86 11.79 11.07
N GLU U 42 -88.97 11.81 10.33
CA GLU U 42 -89.05 11.02 9.12
C GLU U 42 -87.99 11.44 8.12
N ASN U 43 -87.42 10.46 7.43
CA ASN U 43 -86.49 10.72 6.33
C ASN U 43 -85.32 11.58 6.77
N VAL U 44 -84.84 11.35 7.99
CA VAL U 44 -83.73 12.10 8.57
C VAL U 44 -82.68 11.12 9.08
N VAL U 45 -81.43 11.35 8.71
CA VAL U 45 -80.32 10.51 9.17
C VAL U 45 -80.08 10.78 10.65
N THR U 46 -79.98 9.71 11.44
CA THR U 46 -79.89 9.81 12.89
C THR U 46 -78.79 8.93 13.43
N CYS U 47 -78.26 9.31 14.59
CA CYS U 47 -77.33 8.46 15.32
C CYS U 47 -78.10 7.58 16.29
N VAL U 48 -77.50 6.44 16.64
CA VAL U 48 -78.07 5.53 17.62
C VAL U 48 -76.96 5.13 18.58
N ASN U 49 -77.33 4.80 19.82
CA ASN U 49 -76.31 4.49 20.83
C ASN U 49 -76.71 3.41 21.82
N SER U 50 -77.93 2.88 21.75
CA SER U 50 -78.33 1.81 22.67
C SER U 50 -79.52 1.10 22.06
N GLU U 51 -79.82 -0.08 22.61
CA GLU U 51 -80.90 -0.89 22.08
C GLU U 51 -82.26 -0.53 22.68
N LEU U 52 -82.29 0.24 23.76
CA LEU U 52 -83.55 0.63 24.39
C LEU U 52 -84.14 1.91 23.81
N ASP U 53 -83.36 2.71 23.08
CA ASP U 53 -83.91 3.89 22.45
C ASP U 53 -84.99 3.54 21.44
N LEU U 54 -85.02 2.29 21.00
CA LEU U 54 -86.07 1.83 20.10
C LEU U 54 -87.43 2.04 20.73
N VAL U 55 -88.47 1.83 19.92
CA VAL U 55 -89.85 2.06 20.34
C VAL U 55 -90.05 3.55 20.50
N GLU U 56 -89.32 4.16 21.46
CA GLU U 56 -89.38 5.60 21.61
C GLU U 56 -89.13 6.29 20.29
N ARG U 57 -88.08 5.88 19.59
CA ARG U 57 -87.62 6.56 18.40
C ARG U 57 -88.11 5.89 17.12
N PHE U 58 -88.41 4.60 17.18
CA PHE U 58 -88.73 3.85 15.97
C PHE U 58 -89.94 2.94 16.12
N GLY U 59 -90.51 2.83 17.31
CA GLY U 59 -91.83 2.24 17.45
C GLY U 59 -91.86 0.73 17.49
N GLN U 60 -92.74 0.20 18.35
CA GLN U 60 -92.84 -1.23 18.55
C GLN U 60 -93.21 -1.94 17.26
N GLY U 61 -92.52 -3.05 16.98
CA GLY U 61 -92.88 -3.93 15.89
C GLY U 61 -92.49 -3.46 14.51
N SER U 62 -91.96 -2.25 14.39
CA SER U 62 -91.52 -1.76 13.08
C SER U 62 -90.24 -2.45 12.65
N VAL U 63 -90.04 -2.51 11.33
CA VAL U 63 -88.90 -3.25 10.79
C VAL U 63 -87.59 -2.68 11.31
N LEU U 64 -87.47 -1.36 11.32
CA LEU U 64 -86.21 -0.72 11.70
C LEU U 64 -85.80 -1.15 13.11
N THR U 65 -86.77 -1.36 13.99
CA THR U 65 -86.45 -1.80 15.34
C THR U 65 -85.76 -3.15 15.34
N GLU U 66 -86.30 -4.12 14.60
CA GLU U 66 -85.67 -5.43 14.53
C GLU U 66 -84.28 -5.32 13.92
N SER U 67 -84.16 -4.51 12.86
CA SER U 67 -82.86 -4.36 12.22
C SER U 67 -81.82 -3.86 13.21
N LEU U 68 -82.18 -2.85 14.01
CA LEU U 68 -81.23 -2.34 14.99
C LEU U 68 -80.96 -3.35 16.10
N ARG U 69 -81.99 -4.09 16.51
CA ARG U 69 -81.80 -5.10 17.55
C ARG U 69 -80.73 -6.10 17.14
N LYS U 70 -80.88 -6.67 15.93
CA LYS U 70 -79.91 -7.67 15.51
C LYS U 70 -78.51 -7.09 15.45
N VAL U 71 -78.38 -5.89 14.89
CA VAL U 71 -77.05 -5.29 14.76
C VAL U 71 -76.40 -5.15 16.13
N PHE U 72 -77.13 -4.57 17.08
CA PHE U 72 -76.55 -4.42 18.41
C PHE U 72 -76.25 -5.76 19.05
N CYS U 73 -76.98 -6.81 18.68
CA CYS U 73 -76.72 -8.12 19.27
C CYS U 73 -75.46 -8.74 18.69
N MET U 74 -75.20 -8.52 17.40
CA MET U 74 -74.02 -9.11 16.77
C MET U 74 -72.73 -8.43 17.21
N CYS U 75 -72.70 -7.10 17.22
CA CYS U 75 -71.45 -6.35 17.34
C CYS U 75 -71.34 -5.79 18.76
N LYS U 76 -70.40 -6.33 19.53
CA LYS U 76 -70.21 -5.82 20.89
C LYS U 76 -69.62 -4.42 20.88
N SER U 77 -68.83 -4.07 19.88
CA SER U 77 -68.24 -2.74 19.81
C SER U 77 -67.53 -2.58 18.48
N GLY U 78 -66.93 -1.40 18.30
CA GLY U 78 -66.16 -1.10 17.12
C GLY U 78 -66.94 -0.62 15.93
N VAL U 79 -68.26 -0.48 16.04
CA VAL U 79 -69.10 -0.04 14.95
C VAL U 79 -70.00 1.09 15.44
N SER U 80 -70.03 2.19 14.70
CA SER U 80 -70.90 3.32 14.98
C SER U 80 -72.16 3.15 14.13
N VAL U 81 -73.31 3.32 14.76
CA VAL U 81 -74.59 2.93 14.17
C VAL U 81 -75.32 4.18 13.70
N TYR U 82 -75.80 4.15 12.46
CA TYR U 82 -76.66 5.20 11.94
C TYR U 82 -77.88 4.58 11.28
N ALA U 83 -78.98 5.33 11.27
CA ALA U 83 -80.25 4.84 10.78
C ALA U 83 -80.92 5.90 9.91
N LEU U 84 -81.77 5.44 9.00
CA LEU U 84 -82.58 6.31 8.14
C LEU U 84 -84.01 5.77 8.14
N PRO U 85 -84.90 6.30 8.95
CA PRO U 85 -86.27 5.78 8.96
C PRO U 85 -87.03 6.19 7.71
N ARG U 86 -88.01 5.38 7.34
CA ARG U 86 -88.88 5.64 6.21
C ARG U 86 -90.32 5.38 6.60
N ALA U 87 -91.23 6.17 6.01
CA ALA U 87 -92.65 6.04 6.32
C ALA U 87 -93.32 5.03 5.40
N ASP U 88 -94.52 4.60 5.81
CA ASP U 88 -95.25 3.62 5.03
C ASP U 88 -95.75 4.23 3.72
N ALA U 89 -96.07 3.36 2.77
CA ALA U 89 -96.63 3.81 1.51
C ALA U 89 -98.03 4.37 1.71
N ALA U 90 -98.41 5.28 0.81
CA ALA U 90 -99.74 5.88 0.91
C ALA U 90 -100.83 4.83 0.81
N ALA U 91 -100.72 3.92 -0.17
CA ALA U 91 -101.65 2.80 -0.31
C ALA U 91 -101.30 1.67 0.64
N ALA U 92 -101.19 1.95 1.93
CA ALA U 92 -100.85 0.92 2.90
C ALA U 92 -101.90 -0.18 2.91
N VAL U 93 -101.44 -1.42 2.93
CA VAL U 93 -102.31 -2.58 3.06
C VAL U 93 -101.63 -3.59 3.97
N SER U 94 -101.99 -3.58 5.25
CA SER U 94 -101.42 -4.54 6.17
C SER U 94 -101.71 -5.94 5.68
N ALA U 95 -100.69 -6.80 5.69
CA ALA U 95 -100.92 -8.19 5.34
C ALA U 95 -101.77 -8.85 6.41
N VAL U 96 -102.52 -9.87 6.01
CA VAL U 96 -103.39 -10.62 6.91
C VAL U 96 -103.11 -12.10 6.76
N TYR U 97 -102.91 -12.77 7.90
CA TYR U 97 -102.70 -14.21 7.93
C TYR U 97 -103.69 -14.82 8.92
N THR U 98 -104.15 -16.02 8.60
CA THR U 98 -105.18 -16.70 9.37
C THR U 98 -104.56 -17.89 10.09
N LEU U 99 -104.76 -17.97 11.40
CA LEU U 99 -104.38 -19.13 12.20
C LEU U 99 -105.64 -19.72 12.81
N THR U 100 -105.79 -21.03 12.70
CA THR U 100 -107.00 -21.72 13.15
C THR U 100 -106.64 -22.75 14.21
N VAL U 101 -107.33 -22.69 15.35
CA VAL U 101 -107.25 -23.73 16.36
C VAL U 101 -108.43 -24.66 16.15
N THR U 102 -108.15 -25.89 15.71
CA THR U 102 -109.20 -26.83 15.34
C THR U 102 -109.09 -28.07 16.22
N GLY U 103 -110.16 -28.85 16.21
CA GLY U 103 -110.21 -30.06 17.01
C GLY U 103 -110.49 -29.77 18.47
N THR U 104 -110.40 -30.83 19.27
CA THR U 104 -110.61 -30.73 20.70
C THR U 104 -109.81 -31.80 21.42
N ALA U 105 -108.99 -31.40 22.38
CA ALA U 105 -108.08 -32.34 23.02
C ALA U 105 -108.87 -33.41 23.77
N LEU U 106 -108.21 -34.55 23.96
CA LEU U 106 -108.68 -35.57 24.90
C LEU U 106 -107.58 -35.97 25.88
N THR U 107 -106.43 -35.31 25.81
CA THR U 107 -105.33 -35.53 26.73
C THR U 107 -104.67 -34.19 27.03
N ASP U 108 -103.80 -34.21 28.04
CA ASP U 108 -102.89 -33.08 28.23
C ASP U 108 -101.77 -33.17 27.20
N GLY U 109 -101.09 -32.05 26.99
CA GLY U 109 -99.94 -32.04 26.11
C GLY U 109 -99.44 -30.64 25.87
N ARG U 110 -98.19 -30.57 25.40
CA ARG U 110 -97.50 -29.32 25.15
C ARG U 110 -97.46 -29.03 23.66
N VAL U 111 -97.76 -27.78 23.30
CA VAL U 111 -97.69 -27.32 21.92
C VAL U 111 -96.82 -26.08 21.89
N GLN U 112 -95.80 -26.10 21.03
CA GLN U 112 -94.90 -24.97 20.86
C GLN U 112 -94.77 -24.69 19.37
N LEU U 113 -94.81 -23.41 19.02
CA LEU U 113 -94.91 -22.99 17.63
C LEU U 113 -93.71 -22.13 17.25
N TYR U 114 -93.16 -22.41 16.07
CA TYR U 114 -92.13 -21.58 15.47
C TYR U 114 -92.76 -20.71 14.41
N MET U 115 -92.48 -19.41 14.48
CA MET U 115 -93.08 -18.43 13.58
C MET U 115 -92.00 -17.61 12.90
N GLY U 116 -91.00 -18.29 12.34
CA GLY U 116 -89.98 -17.63 11.56
C GLY U 116 -88.86 -17.00 12.34
N GLU U 117 -88.78 -17.20 13.65
CA GLU U 117 -87.74 -16.54 14.42
C GLU U 117 -87.59 -17.22 15.77
N ALA U 118 -86.55 -16.80 16.49
CA ALA U 118 -86.30 -17.32 17.83
C ALA U 118 -87.21 -16.65 18.86
N GLU U 119 -87.02 -15.35 19.07
CA GLU U 119 -87.62 -14.69 20.23
C GLU U 119 -89.14 -14.75 20.22
N TYR U 120 -89.76 -15.01 19.07
CA TYR U 120 -91.20 -15.07 18.97
C TYR U 120 -91.73 -16.50 18.97
N SER U 121 -90.85 -17.49 18.88
CA SER U 121 -91.25 -18.87 19.09
C SER U 121 -91.71 -19.04 20.52
N LEU U 122 -92.80 -19.78 20.70
CA LEU U 122 -93.43 -19.91 22.01
C LEU U 122 -93.76 -21.36 22.28
N ASP U 123 -93.78 -21.71 23.56
CA ASP U 123 -94.14 -23.04 24.02
C ASP U 123 -95.30 -22.95 24.99
N ILE U 124 -96.35 -23.72 24.72
CA ILE U 124 -97.57 -23.65 25.50
C ILE U 124 -98.25 -25.01 25.52
N GLY U 125 -99.29 -25.15 26.33
CA GLY U 125 -100.02 -26.40 26.40
C GLY U 125 -101.08 -26.34 27.47
N VAL U 126 -101.77 -27.46 27.64
CA VAL U 126 -102.82 -27.60 28.64
C VAL U 126 -102.50 -28.82 29.48
N ASP U 127 -103.19 -28.93 30.62
CA ASP U 127 -102.96 -30.02 31.56
C ASP U 127 -104.26 -30.68 32.02
N GLU U 128 -105.30 -30.66 31.19
CA GLU U 128 -106.51 -31.41 31.46
C GLU U 128 -107.00 -32.03 30.16
N GLY U 129 -107.73 -33.12 30.29
CA GLY U 129 -108.27 -33.80 29.14
C GLY U 129 -109.51 -33.12 28.60
N ASP U 130 -109.90 -33.57 27.39
CA ASP U 130 -111.14 -33.15 26.77
C ASP U 130 -111.19 -31.65 26.48
N THR U 131 -110.06 -30.96 26.63
CA THR U 131 -110.07 -29.51 26.59
C THR U 131 -110.40 -29.00 25.18
N PRO U 132 -111.47 -28.22 25.01
CA PRO U 132 -111.84 -27.76 23.66
C PRO U 132 -111.02 -26.59 23.15
N THR U 133 -111.42 -26.08 21.98
CA THR U 133 -110.75 -24.93 21.37
C THR U 133 -110.87 -23.68 22.22
N GLN U 134 -112.06 -23.39 22.75
CA GLN U 134 -112.23 -22.20 23.58
C GLN U 134 -111.23 -22.15 24.73
N ILE U 135 -110.91 -23.31 25.31
CA ILE U 135 -109.81 -23.36 26.26
C ILE U 135 -108.51 -22.94 25.58
N ALA U 136 -108.35 -23.33 24.32
CA ALA U 136 -107.21 -22.90 23.52
C ALA U 136 -107.41 -21.45 23.10
N ALA U 137 -106.53 -20.94 22.24
CA ALA U 137 -106.51 -19.54 21.84
C ALA U 137 -106.11 -18.63 22.99
N LYS U 138 -105.38 -19.17 23.96
CA LYS U 138 -104.81 -18.35 25.02
C LYS U 138 -103.49 -17.73 24.62
N ILE U 139 -103.02 -18.00 23.40
CA ILE U 139 -101.68 -17.61 22.99
C ILE U 139 -101.54 -16.10 22.99
N VAL U 140 -102.58 -15.40 22.50
CA VAL U 140 -102.50 -13.94 22.39
C VAL U 140 -102.17 -13.29 23.71
N ALA U 141 -102.37 -13.98 24.83
CA ALA U 141 -102.06 -13.43 26.14
C ALA U 141 -100.59 -13.61 26.54
N ALA U 142 -99.78 -14.25 25.70
CA ALA U 142 -98.38 -14.48 26.02
C ALA U 142 -97.40 -14.06 24.94
N ILE U 143 -97.86 -13.89 23.70
CA ILE U 143 -96.95 -13.48 22.63
C ILE U 143 -96.34 -12.12 22.96
N SER U 144 -95.09 -11.93 22.56
CA SER U 144 -94.32 -10.77 23.02
C SER U 144 -94.83 -9.49 22.35
N PRO U 145 -94.53 -8.33 22.96
CA PRO U 145 -94.94 -7.07 22.33
C PRO U 145 -94.32 -6.82 20.97
N ASP U 146 -93.08 -7.25 20.76
CA ASP U 146 -92.32 -6.83 19.59
C ASP U 146 -92.72 -7.55 18.30
N PHE U 147 -93.57 -8.56 18.38
CA PHE U 147 -93.89 -9.31 17.19
C PHE U 147 -94.40 -8.36 16.10
N PRO U 148 -93.97 -8.54 14.84
CA PRO U 148 -94.35 -7.56 13.81
C PRO U 148 -95.80 -7.68 13.33
N TYR U 149 -96.64 -8.40 14.05
CA TYR U 149 -98.04 -8.55 13.66
C TYR U 149 -98.92 -8.45 14.90
N GLU U 150 -100.20 -8.16 14.65
CA GLU U 150 -101.22 -8.20 15.69
C GLU U 150 -102.06 -9.47 15.54
N ALA U 151 -102.70 -9.86 16.64
CA ALA U 151 -103.52 -11.06 16.68
C ALA U 151 -104.92 -10.72 17.14
N THR U 152 -105.92 -11.42 16.60
CA THR U 152 -107.30 -11.14 16.94
C THR U 152 -107.71 -11.68 18.29
N ALA U 153 -107.17 -12.83 18.72
CA ALA U 153 -107.47 -13.44 20.01
C ALA U 153 -108.90 -13.95 20.12
N ALA U 154 -109.55 -14.26 18.99
CA ALA U 154 -110.88 -14.86 19.03
C ALA U 154 -110.77 -16.37 18.89
N ALA U 155 -111.56 -17.08 19.71
CA ALA U 155 -111.51 -18.53 19.70
C ALA U 155 -111.99 -19.06 18.35
N GLY U 156 -111.55 -20.27 18.04
CA GLY U 156 -111.81 -20.86 16.74
C GLY U 156 -110.72 -20.56 15.73
N VAL U 157 -110.46 -19.27 15.50
CA VAL U 157 -109.38 -18.83 14.61
C VAL U 157 -108.88 -17.48 15.10
N ILE U 158 -107.57 -17.28 15.04
CA ILE U 158 -106.96 -15.99 15.34
C ILE U 158 -106.23 -15.53 14.09
N THR U 159 -106.57 -14.32 13.63
CA THR U 159 -106.00 -13.77 12.41
C THR U 159 -104.86 -12.84 12.75
N LEU U 160 -103.83 -12.83 11.91
CA LEU U 160 -102.63 -12.04 12.12
C LEU U 160 -102.55 -10.94 11.09
N THR U 161 -102.28 -9.72 11.54
CA THR U 161 -102.19 -8.55 10.69
C THR U 161 -100.82 -7.91 10.83
N ALA U 162 -100.23 -7.52 9.71
CA ALA U 162 -98.92 -6.89 9.74
C ALA U 162 -98.99 -5.55 10.44
N ARG U 163 -97.96 -5.25 11.23
CA ARG U 163 -97.84 -3.93 11.82
C ARG U 163 -97.29 -2.90 10.85
N ASN U 164 -96.98 -3.31 9.62
CA ASN U 164 -96.65 -2.38 8.56
C ASN U 164 -97.15 -2.95 7.23
N GLY U 165 -97.42 -2.04 6.29
CA GLY U 165 -97.96 -2.42 5.00
C GLY U 165 -96.88 -2.95 4.08
N GLY U 166 -97.08 -2.72 2.79
CA GLY U 166 -96.07 -3.10 1.82
C GLY U 166 -95.96 -4.61 1.68
N THR U 167 -95.00 -5.00 0.83
CA THR U 167 -94.77 -6.42 0.58
C THR U 167 -94.11 -7.12 1.76
N ILE U 168 -93.69 -6.37 2.78
CA ILE U 168 -92.88 -6.96 3.85
C ILE U 168 -93.61 -8.12 4.49
N GLY U 169 -94.87 -7.93 4.87
CA GLY U 169 -95.56 -8.94 5.65
C GLY U 169 -95.80 -10.23 4.91
N ASN U 170 -95.62 -10.24 3.60
CA ASN U 170 -95.96 -11.41 2.79
C ASN U 170 -95.11 -12.63 3.11
N HIS U 171 -94.01 -12.48 3.84
CA HIS U 171 -93.07 -13.57 4.05
C HIS U 171 -93.22 -14.24 5.40
N LEU U 172 -94.26 -13.91 6.16
CA LEU U 172 -94.47 -14.56 7.45
C LEU U 172 -94.63 -16.05 7.25
N SER U 173 -94.25 -16.82 8.27
CA SER U 173 -94.48 -18.26 8.24
C SER U 173 -94.60 -18.78 9.66
N VAL U 174 -95.49 -19.76 9.83
CA VAL U 174 -95.80 -20.35 11.13
C VAL U 174 -95.65 -21.86 11.01
N ILE U 175 -95.16 -22.49 12.07
CA ILE U 175 -94.89 -23.92 12.05
C ILE U 175 -95.27 -24.55 13.39
N TYR U 176 -95.80 -25.77 13.32
CA TYR U 176 -96.00 -26.59 14.51
C TYR U 176 -94.71 -27.35 14.77
N THR U 177 -93.97 -26.94 15.81
CA THR U 177 -92.64 -27.48 16.02
C THR U 177 -92.69 -28.95 16.40
N ASN U 178 -93.50 -29.31 17.38
CA ASN U 178 -93.49 -30.67 17.95
C ASN U 178 -94.48 -31.60 17.29
N LEU U 179 -94.84 -31.34 16.03
CA LEU U 179 -95.89 -32.14 15.40
C LEU U 179 -95.61 -33.62 15.50
N GLY U 180 -94.40 -34.03 15.12
CA GLY U 180 -94.01 -35.41 15.30
C GLY U 180 -93.79 -35.72 16.77
N SER U 181 -94.00 -36.98 17.13
CA SER U 181 -93.76 -37.42 18.49
C SER U 181 -92.27 -37.30 18.82
N CYS U 182 -91.97 -36.83 20.02
CA CYS U 182 -90.61 -36.51 20.42
C CYS U 182 -90.45 -36.75 21.91
N THR U 183 -89.44 -36.13 22.52
CA THR U 183 -89.27 -36.23 23.97
C THR U 183 -90.49 -35.69 24.72
N SER U 184 -91.24 -34.77 24.12
CA SER U 184 -92.35 -34.10 24.78
C SER U 184 -93.66 -34.54 24.15
N VAL U 185 -94.68 -34.70 25.00
CA VAL U 185 -95.97 -35.23 24.56
C VAL U 185 -96.80 -34.09 24.00
N THR U 186 -97.17 -34.19 22.73
CA THR U 186 -98.11 -33.25 22.14
C THR U 186 -99.52 -33.58 22.64
N PRO U 187 -100.39 -32.58 22.79
CA PRO U 187 -101.75 -32.89 23.25
C PRO U 187 -102.54 -33.62 22.17
N GLU U 188 -103.04 -34.79 22.53
CA GLU U 188 -103.81 -35.58 21.57
C GLU U 188 -105.11 -34.87 21.24
N GLY U 189 -105.54 -35.02 19.98
CA GLY U 189 -106.77 -34.40 19.53
C GLY U 189 -106.69 -32.92 19.24
N VAL U 190 -105.49 -32.38 19.06
CA VAL U 190 -105.29 -30.95 18.79
C VAL U 190 -104.61 -30.82 17.43
N THR U 191 -105.17 -29.97 16.58
CA THR U 191 -104.61 -29.71 15.26
C THR U 191 -104.69 -28.21 14.99
N VAL U 192 -103.84 -27.74 14.08
CA VAL U 192 -103.77 -26.33 13.74
C VAL U 192 -103.63 -26.18 12.23
N ALA U 193 -104.04 -25.03 11.71
CA ALA U 193 -103.83 -24.67 10.32
C ALA U 193 -103.57 -23.17 10.24
N PHE U 194 -102.87 -22.77 9.19
CA PHE U 194 -102.42 -21.39 9.04
C PHE U 194 -102.27 -21.07 7.56
N ALA U 195 -102.64 -19.85 7.18
CA ALA U 195 -102.55 -19.45 5.78
C ALA U 195 -102.73 -17.95 5.68
N GLN U 196 -102.38 -17.43 4.50
CA GLN U 196 -102.49 -16.01 4.22
C GLN U 196 -103.86 -15.69 3.65
N THR U 197 -104.28 -14.43 3.79
CA THR U 197 -105.50 -13.95 3.18
C THR U 197 -105.35 -12.63 2.46
N THR U 198 -104.32 -11.84 2.78
CA THR U 198 -104.21 -10.48 2.26
C THR U 198 -102.77 -10.16 1.90
N PRO U 199 -102.43 -10.05 0.62
CA PRO U 199 -101.07 -9.70 0.23
C PRO U 199 -100.78 -8.22 0.46
N GLY U 200 -99.49 -7.90 0.49
CA GLY U 200 -99.08 -6.51 0.61
C GLY U 200 -99.40 -5.73 -0.66
N SER U 201 -99.59 -4.43 -0.48
CA SER U 201 -100.02 -3.61 -1.61
C SER U 201 -98.86 -2.92 -2.32
N VAL U 202 -98.18 -2.01 -1.63
CA VAL U 202 -97.17 -1.17 -2.25
C VAL U 202 -96.16 -0.74 -1.19
N ASN U 203 -94.92 -0.53 -1.63
CA ASN U 203 -93.83 -0.10 -0.78
C ASN U 203 -93.37 1.29 -1.18
N PRO U 204 -92.78 2.06 -0.26
CA PRO U 204 -92.25 3.37 -0.65
C PRO U 204 -91.05 3.21 -1.58
N GLU U 205 -90.81 4.23 -2.40
CA GLU U 205 -89.70 4.19 -3.35
C GLU U 205 -88.89 5.46 -3.26
N PRO U 206 -88.30 5.76 -2.11
CA PRO U 206 -87.54 7.02 -1.98
C PRO U 206 -86.37 7.07 -2.95
N ASN U 207 -86.10 8.28 -3.45
CA ASN U 207 -85.01 8.49 -4.38
C ASN U 207 -84.29 9.78 -4.04
N ASP U 208 -84.06 10.02 -2.75
CA ASP U 208 -83.47 11.26 -2.27
C ASP U 208 -82.12 11.06 -1.60
N TYR U 209 -81.39 10.02 -1.96
CA TYR U 209 -80.15 9.71 -1.25
C TYR U 209 -79.16 10.86 -1.35
N ALA U 210 -79.01 11.44 -2.53
CA ALA U 210 -78.05 12.51 -2.70
C ALA U 210 -78.35 13.71 -1.81
N SER U 211 -79.58 13.80 -1.31
CA SER U 211 -79.96 14.91 -0.43
C SER U 211 -79.74 14.57 1.03
N VAL U 212 -80.32 13.47 1.51
CA VAL U 212 -80.25 13.13 2.91
C VAL U 212 -78.85 12.69 3.33
N VAL U 213 -78.18 11.86 2.53
CA VAL U 213 -76.81 11.48 2.81
C VAL U 213 -75.89 12.51 2.15
N ASN U 214 -75.67 13.63 2.82
CA ASN U 214 -74.92 14.74 2.23
C ASN U 214 -73.42 14.42 2.29
N GLU U 215 -72.99 13.61 1.33
CA GLU U 215 -71.59 13.33 1.05
C GLU U 215 -70.84 12.80 2.27
N CYS U 216 -71.53 12.39 3.32
CA CYS U 216 -70.85 11.82 4.48
C CYS U 216 -70.50 10.36 4.20
N CYS U 217 -69.23 10.01 4.34
CA CYS U 217 -68.76 8.69 3.96
C CYS U 217 -69.37 7.62 4.86
N PHE U 218 -69.81 6.52 4.24
CA PHE U 218 -70.39 5.40 4.95
C PHE U 218 -69.83 4.11 4.41
N ALA U 219 -69.57 3.15 5.31
CA ALA U 219 -68.85 1.95 4.91
C ALA U 219 -69.79 0.83 4.51
N VAL U 220 -70.88 0.65 5.22
CA VAL U 220 -71.76 -0.49 5.03
C VAL U 220 -73.19 0.00 4.89
N TYR U 221 -73.88 -0.47 3.85
CA TYR U 221 -75.28 -0.12 3.62
C TYR U 221 -76.13 -1.37 3.77
N VAL U 222 -77.14 -1.28 4.64
CA VAL U 222 -78.08 -2.37 4.87
C VAL U 222 -79.46 -1.86 4.53
N LEU U 223 -80.16 -2.58 3.66
CA LEU U 223 -81.49 -2.22 3.22
C LEU U 223 -82.43 -3.37 3.53
N SER U 224 -83.35 -3.16 4.46
CA SER U 224 -84.25 -4.22 4.91
C SER U 224 -85.56 -4.19 4.13
N SER U 225 -85.48 -4.34 2.81
CA SER U 225 -86.68 -4.36 1.99
C SER U 225 -86.44 -5.19 0.75
N ASP U 226 -87.53 -5.52 0.05
CA ASP U 226 -87.49 -6.43 -1.08
C ASP U 226 -88.02 -5.79 -2.36
N ASP U 227 -88.11 -4.47 -2.41
CA ASP U 227 -88.55 -3.79 -3.64
C ASP U 227 -87.37 -3.68 -4.59
N THR U 228 -87.55 -4.18 -5.80
CA THR U 228 -86.47 -4.13 -6.78
C THR U 228 -86.10 -2.69 -7.11
N ASP U 229 -87.09 -1.80 -7.17
CA ASP U 229 -86.81 -0.40 -7.46
C ASP U 229 -85.94 0.23 -6.38
N TRP U 230 -86.21 -0.10 -5.12
CA TRP U 230 -85.43 0.48 -4.03
C TRP U 230 -83.96 0.13 -4.16
N GLN U 231 -83.67 -1.17 -4.34
CA GLN U 231 -82.29 -1.58 -4.55
C GLN U 231 -81.72 -1.01 -5.83
N GLU U 232 -82.56 -0.84 -6.84
CA GLU U 232 -82.12 -0.18 -8.07
C GLU U 232 -81.54 1.18 -7.76
N ASN U 233 -82.28 1.99 -7.02
CA ASN U 233 -81.79 3.32 -6.67
C ASN U 233 -80.53 3.22 -5.80
N LEU U 234 -80.54 2.31 -4.83
CA LEU U 234 -79.39 2.24 -3.91
C LEU U 234 -78.12 1.85 -4.65
N ARG U 235 -78.22 0.93 -5.61
CA ARG U 235 -77.06 0.55 -6.40
C ARG U 235 -76.42 1.76 -7.03
N ASP U 236 -77.22 2.56 -7.74
CA ASP U 236 -76.67 3.71 -8.44
C ASP U 236 -76.17 4.77 -7.49
N TRP U 237 -76.77 4.88 -6.31
CA TRP U 237 -76.22 5.78 -5.30
C TRP U 237 -74.83 5.33 -4.89
N ILE U 238 -74.65 4.03 -4.66
CA ILE U 238 -73.35 3.52 -4.24
C ILE U 238 -72.32 3.73 -5.35
N ARG U 239 -72.66 3.29 -6.56
CA ARG U 239 -71.73 3.46 -7.68
C ARG U 239 -71.33 4.92 -7.82
N SER U 240 -72.27 5.82 -7.52
CA SER U 240 -71.96 7.24 -7.58
C SER U 240 -70.88 7.62 -6.56
N ALA U 241 -71.05 7.17 -5.31
CA ALA U 241 -70.01 7.41 -4.32
C ALA U 241 -68.69 6.78 -4.72
N TRP U 242 -68.73 5.79 -5.60
CA TRP U 242 -67.55 5.13 -6.09
C TRP U 242 -66.94 5.87 -7.28
N ASP U 243 -67.65 6.87 -7.81
CA ASP U 243 -67.35 7.49 -9.09
C ASP U 243 -66.49 8.73 -8.93
N CYS U 244 -65.82 9.09 -10.02
CA CYS U 244 -64.93 10.25 -10.02
C CYS U 244 -65.71 11.56 -10.12
N SER U 245 -67.02 11.49 -10.40
CA SER U 245 -67.78 12.72 -10.60
C SER U 245 -67.66 13.66 -9.41
N LYS U 246 -67.50 13.11 -8.21
CA LYS U 246 -67.36 13.91 -7.00
C LYS U 246 -66.66 13.06 -5.95
N PRO U 247 -66.14 13.69 -4.90
CA PRO U 247 -65.38 12.93 -3.89
C PRO U 247 -66.10 11.66 -3.48
N GLN U 248 -65.31 10.64 -3.15
CA GLN U 248 -65.80 9.28 -3.04
C GLN U 248 -65.87 8.81 -1.59
N CYS U 249 -66.63 7.75 -1.38
CA CYS U 249 -66.83 7.16 -0.06
C CYS U 249 -66.75 5.64 -0.07
N PHE U 250 -66.69 5.01 -1.24
CA PHE U 250 -66.52 3.56 -1.37
C PHE U 250 -67.71 2.88 -0.68
N GLY U 251 -67.50 1.91 0.20
CA GLY U 251 -68.60 1.26 0.87
C GLY U 251 -69.21 0.14 0.05
N HIS U 252 -70.18 -0.52 0.67
CA HIS U 252 -70.82 -1.69 0.09
C HIS U 252 -72.23 -1.78 0.65
N GLY U 253 -73.10 -2.48 -0.05
CA GLY U 253 -74.49 -2.64 0.34
C GLY U 253 -74.94 -4.08 0.28
N TYR U 254 -75.80 -4.47 1.21
CA TYR U 254 -76.30 -5.84 1.29
C TYR U 254 -77.81 -5.83 1.18
N VAL U 255 -78.37 -6.74 0.37
CA VAL U 255 -79.80 -6.89 0.22
C VAL U 255 -80.09 -8.36 -0.05
N PHE U 256 -81.38 -8.71 0.00
CA PHE U 256 -81.80 -10.09 -0.16
C PHE U 256 -82.91 -10.21 -1.19
N ASN U 257 -82.99 -11.39 -1.81
CA ASN U 257 -84.06 -11.75 -2.72
C ASN U 257 -84.62 -13.10 -2.29
N LYS U 258 -85.91 -13.30 -2.50
CA LYS U 258 -86.57 -14.56 -2.17
C LYS U 258 -87.44 -14.98 -3.33
N GLY U 259 -87.56 -16.29 -3.53
CA GLY U 259 -88.43 -16.80 -4.58
C GLY U 259 -87.89 -18.10 -5.13
N THR U 260 -88.51 -18.54 -6.22
CA THR U 260 -88.06 -19.75 -6.89
C THR U 260 -86.80 -19.45 -7.70
N LEU U 261 -86.07 -20.52 -8.03
CA LEU U 261 -84.83 -20.35 -8.76
C LEU U 261 -85.02 -19.50 -10.01
N GLY U 262 -86.09 -19.75 -10.76
CA GLY U 262 -86.36 -18.92 -11.92
C GLY U 262 -86.64 -17.48 -11.55
N GLN U 263 -87.39 -17.26 -10.47
CA GLN U 263 -87.69 -15.90 -10.06
C GLN U 263 -86.44 -15.16 -9.63
N VAL U 264 -85.63 -15.79 -8.78
CA VAL U 264 -84.49 -15.09 -8.18
C VAL U 264 -83.43 -14.79 -9.24
N LEU U 265 -83.17 -15.73 -10.14
CA LEU U 265 -82.14 -15.50 -11.15
C LEU U 265 -82.43 -14.28 -12.01
N ALA U 266 -83.69 -13.85 -12.08
CA ALA U 266 -84.03 -12.71 -12.91
C ALA U 266 -83.46 -11.40 -12.39
N ASP U 267 -82.91 -11.40 -11.18
CA ASP U 267 -82.42 -10.17 -10.55
C ASP U 267 -80.91 -10.02 -10.61
N GLY U 268 -80.24 -10.81 -11.46
CA GLY U 268 -78.79 -10.73 -11.55
C GLY U 268 -78.32 -9.53 -12.37
N ASP U 269 -78.47 -8.33 -11.80
CA ASP U 269 -78.18 -7.12 -12.55
C ASP U 269 -76.72 -6.68 -12.39
N ASN U 270 -75.80 -7.61 -12.62
CA ASN U 270 -74.39 -7.33 -12.85
C ASN U 270 -73.84 -6.24 -11.94
N SER U 271 -74.33 -6.13 -10.71
CA SER U 271 -73.92 -5.05 -9.82
C SER U 271 -72.69 -5.47 -9.03
N ALA U 272 -71.63 -4.67 -9.12
CA ALA U 272 -70.42 -4.94 -8.34
C ALA U 272 -70.46 -4.29 -6.97
N GLU U 273 -71.52 -3.56 -6.65
CA GLU U 273 -71.57 -2.82 -5.40
C GLU U 273 -72.39 -3.52 -4.33
N LEU U 274 -73.01 -4.65 -4.65
CA LEU U 274 -74.00 -5.26 -3.79
C LEU U 274 -73.59 -6.68 -3.43
N SER U 275 -74.38 -7.28 -2.54
CA SER U 275 -74.27 -8.69 -2.22
C SER U 275 -75.68 -9.26 -2.05
N ARG U 276 -76.12 -10.01 -3.05
CA ARG U 276 -77.51 -10.47 -3.11
C ARG U 276 -77.63 -11.79 -2.38
N LEU U 277 -78.35 -11.79 -1.27
CA LEU U 277 -78.52 -12.98 -0.44
C LEU U 277 -79.73 -13.77 -0.93
N ALA U 278 -79.49 -14.87 -1.63
CA ALA U 278 -80.55 -15.66 -2.22
C ALA U 278 -81.16 -16.56 -1.15
N LEU U 279 -82.49 -16.68 -1.17
CA LEU U 279 -83.20 -17.54 -0.24
C LEU U 279 -84.33 -18.27 -0.94
N PRO U 280 -84.75 -19.43 -0.45
CA PRO U 280 -85.81 -20.17 -1.11
C PRO U 280 -87.21 -19.68 -0.72
N THR U 281 -88.19 -20.11 -1.51
CA THR U 281 -89.58 -19.72 -1.27
C THR U 281 -90.03 -20.13 0.12
N THR U 282 -89.69 -21.35 0.52
CA THR U 282 -90.11 -21.88 1.81
C THR U 282 -89.16 -21.51 2.93
N TYR U 283 -88.28 -20.55 2.72
CA TYR U 283 -87.33 -20.14 3.73
C TYR U 283 -88.07 -19.79 5.02
N PRO U 284 -87.94 -20.60 6.07
CA PRO U 284 -88.75 -20.37 7.27
C PRO U 284 -88.13 -19.37 8.23
N VAL U 285 -87.76 -18.19 7.73
CA VAL U 285 -87.26 -17.12 8.58
C VAL U 285 -87.63 -15.79 7.93
N LEU U 286 -87.88 -14.78 8.76
CA LEU U 286 -88.16 -13.47 8.19
C LEU U 286 -86.93 -12.98 7.45
N PRO U 287 -87.01 -12.78 6.14
CA PRO U 287 -85.78 -12.48 5.38
C PRO U 287 -85.00 -11.30 5.91
N TYR U 288 -85.67 -10.22 6.31
CA TYR U 288 -84.91 -9.04 6.70
C TYR U 288 -84.12 -9.27 7.98
N LEU U 289 -84.41 -10.32 8.74
CA LEU U 289 -83.61 -10.59 9.91
C LEU U 289 -82.25 -11.15 9.54
N THR U 290 -82.20 -12.11 8.61
CA THR U 290 -80.91 -12.69 8.22
C THR U 290 -80.02 -11.65 7.55
N ASN U 291 -80.58 -10.87 6.63
CA ASN U 291 -79.78 -9.84 5.98
C ASN U 291 -79.15 -8.91 7.00
N ALA U 292 -79.91 -8.54 8.03
CA ALA U 292 -79.39 -7.60 9.02
C ALA U 292 -78.19 -8.19 9.73
N ALA U 293 -78.31 -9.43 10.21
CA ALA U 293 -77.20 -10.03 10.94
C ALA U 293 -75.99 -10.23 10.04
N TYR U 294 -76.21 -10.70 8.81
CA TYR U 294 -75.08 -10.90 7.91
C TYR U 294 -74.37 -9.58 7.64
N GLY U 295 -75.12 -8.51 7.42
CA GLY U 295 -74.48 -7.22 7.22
C GLY U 295 -73.74 -6.76 8.45
N ALA U 296 -74.37 -6.87 9.62
CA ALA U 296 -73.73 -6.45 10.84
C ALA U 296 -72.50 -7.27 11.17
N LEU U 297 -72.35 -8.43 10.55
CA LEU U 297 -71.15 -9.23 10.73
C LEU U 297 -70.12 -9.02 9.64
N SER U 298 -70.58 -8.67 8.44
CA SER U 298 -69.69 -8.74 7.28
C SER U 298 -68.61 -7.67 7.33
N ALA U 299 -69.00 -6.41 7.18
CA ALA U 299 -68.01 -5.39 6.85
C ALA U 299 -67.85 -4.37 7.97
N CYS U 300 -68.40 -4.64 9.13
CA CYS U 300 -68.26 -3.70 10.23
C CYS U 300 -67.59 -4.34 11.44
N SER U 301 -68.15 -5.43 11.94
CA SER U 301 -67.60 -6.01 13.15
C SER U 301 -66.26 -6.67 12.88
N THR U 302 -66.10 -7.29 11.72
CA THR U 302 -64.95 -8.14 11.47
C THR U 302 -63.96 -7.54 10.48
N CYS U 303 -64.38 -6.53 9.70
CA CYS U 303 -63.56 -6.00 8.62
C CYS U 303 -62.81 -4.74 9.03
N GLU U 304 -62.30 -4.69 10.25
CA GLU U 304 -61.15 -3.82 10.51
C GLU U 304 -59.89 -4.37 9.84
N ASN U 305 -59.88 -5.66 9.52
CA ASN U 305 -58.82 -6.27 8.74
C ASN U 305 -59.39 -6.59 7.36
N PRO U 306 -59.36 -5.64 6.43
CA PRO U 306 -60.21 -5.76 5.23
C PRO U 306 -59.94 -7.01 4.42
N GLU U 307 -58.77 -7.62 4.55
CA GLU U 307 -58.45 -8.79 3.76
C GLU U 307 -59.19 -10.04 4.20
N LEU U 308 -59.90 -9.98 5.33
CA LEU U 308 -60.53 -11.19 5.86
C LEU U 308 -61.79 -11.53 5.08
N ASN U 309 -61.90 -12.79 4.66
CA ASN U 309 -63.11 -13.28 4.05
C ASN U 309 -64.08 -13.80 5.11
N VAL U 310 -65.37 -13.64 4.84
CA VAL U 310 -66.41 -14.08 5.76
C VAL U 310 -67.07 -15.30 5.14
N GLN U 311 -66.66 -16.48 5.60
CA GLN U 311 -67.17 -17.74 5.07
C GLN U 311 -67.06 -18.82 6.13
N GLY U 312 -67.52 -20.01 5.78
CA GLY U 312 -67.27 -21.20 6.56
C GLY U 312 -67.80 -21.14 7.97
N GLN U 313 -67.74 -22.25 8.68
CA GLN U 313 -68.29 -22.31 10.02
C GLN U 313 -67.44 -21.59 11.06
N THR U 314 -66.19 -21.28 10.73
CA THR U 314 -65.36 -20.56 11.69
C THR U 314 -65.73 -19.09 11.75
N TYR U 315 -66.04 -18.49 10.62
CA TYR U 315 -66.25 -17.04 10.57
C TYR U 315 -67.60 -16.65 10.00
N GLY U 316 -68.07 -17.33 8.98
CA GLY U 316 -69.33 -16.95 8.36
C GLY U 316 -70.54 -17.44 9.12
N LEU U 317 -70.52 -17.29 10.45
CA LEU U 317 -71.58 -17.80 11.29
C LEU U 317 -72.45 -16.66 11.80
N LEU U 318 -73.76 -16.77 11.55
CA LEU U 318 -74.73 -15.81 12.06
C LEU U 318 -75.22 -16.32 13.42
N SER U 319 -74.46 -15.98 14.46
CA SER U 319 -74.74 -16.52 15.78
C SER U 319 -76.10 -16.09 16.31
N CYS U 320 -76.45 -14.81 16.12
CA CYS U 320 -77.63 -14.23 16.77
C CYS U 320 -78.92 -14.60 16.06
N ILE U 321 -78.94 -15.66 15.26
CA ILE U 321 -80.15 -16.17 14.64
C ILE U 321 -80.26 -17.65 14.99
N ASN U 322 -81.48 -18.17 15.00
CA ASN U 322 -81.71 -19.56 15.35
C ASN U 322 -82.98 -20.06 14.67
N MET U 323 -82.91 -21.24 14.10
CA MET U 323 -84.01 -21.87 13.39
C MET U 323 -83.97 -23.37 13.63
N PRO U 324 -85.10 -24.05 13.49
CA PRO U 324 -85.13 -25.47 13.83
C PRO U 324 -84.45 -26.33 12.78
N GLU U 325 -84.20 -27.59 13.13
CA GLU U 325 -83.55 -28.52 12.22
C GLU U 325 -84.49 -28.90 11.10
N SER U 326 -83.93 -29.54 10.08
CA SER U 326 -84.73 -30.07 8.98
C SER U 326 -83.85 -30.91 8.08
N CYS U 327 -84.43 -32.00 7.57
CA CYS U 327 -83.75 -32.81 6.57
C CYS U 327 -83.94 -32.28 5.16
N THR U 328 -84.79 -31.28 4.99
CA THR U 328 -84.96 -30.65 3.68
C THR U 328 -83.84 -29.64 3.45
N PRO U 329 -83.07 -29.77 2.36
CA PRO U 329 -81.95 -28.84 2.16
C PRO U 329 -82.37 -27.41 1.93
N GLY U 330 -83.59 -27.16 1.47
CA GLY U 330 -83.98 -25.83 1.08
C GLY U 330 -83.59 -25.55 -0.36
N TRP U 331 -82.29 -25.54 -0.62
CA TRP U 331 -81.76 -25.43 -1.97
C TRP U 331 -81.17 -26.76 -2.39
N GLU U 332 -81.75 -27.36 -3.43
CA GLU U 332 -81.18 -28.55 -4.01
C GLU U 332 -79.81 -28.23 -4.60
N PHE U 333 -78.92 -29.22 -4.56
CA PHE U 333 -77.53 -28.94 -4.89
C PHE U 333 -77.38 -28.28 -6.24
N THR U 334 -78.07 -28.79 -7.26
CA THR U 334 -78.00 -28.14 -8.57
C THR U 334 -78.38 -26.68 -8.47
N GLU U 335 -79.41 -26.39 -7.67
CA GLU U 335 -79.79 -25.01 -7.44
C GLU U 335 -78.64 -24.24 -6.79
N VAL U 336 -77.94 -24.89 -5.85
CA VAL U 336 -76.85 -24.21 -5.17
C VAL U 336 -75.77 -23.84 -6.17
N THR U 337 -75.41 -24.78 -7.05
CA THR U 337 -74.38 -24.51 -8.04
C THR U 337 -74.81 -23.39 -8.99
N GLN U 338 -76.05 -23.45 -9.47
CA GLN U 338 -76.51 -22.39 -10.35
C GLN U 338 -76.45 -21.03 -9.67
N LEU U 339 -76.88 -20.97 -8.41
CA LEU U 339 -76.84 -19.70 -7.69
C LEU U 339 -75.42 -19.20 -7.56
N GLN U 340 -74.50 -20.06 -7.15
CA GLN U 340 -73.13 -19.62 -6.93
C GLN U 340 -72.49 -19.13 -8.22
N ASN U 341 -72.75 -19.83 -9.33
CA ASN U 341 -72.11 -19.47 -10.58
C ASN U 341 -72.62 -18.17 -11.17
N ASN U 342 -73.59 -17.51 -10.53
CA ASN U 342 -74.11 -16.24 -11.00
C ASN U 342 -74.07 -15.16 -9.93
N GLY U 343 -73.14 -15.27 -8.98
CA GLY U 343 -72.94 -14.21 -8.02
C GLY U 343 -74.04 -14.07 -6.99
N PHE U 344 -74.49 -15.18 -6.40
CA PHE U 344 -75.51 -15.16 -5.36
C PHE U 344 -75.00 -15.85 -4.11
N VAL U 345 -75.17 -15.18 -2.97
CA VAL U 345 -74.72 -15.73 -1.69
C VAL U 345 -75.69 -16.82 -1.26
N VAL U 346 -75.15 -17.91 -0.74
CA VAL U 346 -75.95 -19.03 -0.25
C VAL U 346 -75.57 -19.31 1.19
N SER U 347 -76.59 -19.47 2.04
CA SER U 347 -76.38 -19.72 3.45
C SER U 347 -77.16 -20.96 3.87
N GLY U 348 -76.62 -21.66 4.87
CA GLY U 348 -77.21 -22.90 5.31
C GLY U 348 -76.95 -23.18 6.77
N PRO U 349 -77.63 -24.19 7.30
CA PRO U 349 -77.49 -24.51 8.72
C PRO U 349 -76.13 -25.12 9.03
N ALA U 350 -75.69 -24.92 10.26
CA ALA U 350 -74.43 -25.48 10.73
C ALA U 350 -74.52 -26.98 11.00
N THR U 351 -75.71 -27.50 11.24
CA THR U 351 -75.89 -28.93 11.48
C THR U 351 -77.24 -29.35 10.96
N THR U 352 -77.38 -30.65 10.69
CA THR U 352 -78.59 -31.20 10.12
C THR U 352 -79.04 -32.41 10.93
N SER U 353 -80.34 -32.48 11.21
CA SER U 353 -80.91 -33.59 11.97
C SER U 353 -82.43 -33.48 11.86
N GLY U 354 -83.10 -34.57 12.25
CA GLY U 354 -84.54 -34.64 12.16
C GLY U 354 -85.30 -34.43 13.45
N GLN U 355 -84.62 -34.36 14.58
CA GLN U 355 -85.33 -34.20 15.85
C GLN U 355 -85.92 -32.81 16.02
N GLY U 356 -85.19 -31.76 15.69
CA GLY U 356 -85.76 -30.43 15.65
C GLY U 356 -85.33 -29.48 16.75
N ASN U 357 -84.06 -29.49 17.14
CA ASN U 357 -83.53 -28.43 17.96
C ASN U 357 -83.21 -27.20 17.09
N PHE U 358 -82.57 -26.22 17.70
CA PHE U 358 -82.34 -24.93 17.05
C PHE U 358 -80.86 -24.74 16.72
N THR U 359 -80.60 -24.17 15.54
CA THR U 359 -79.25 -24.03 15.03
C THR U 359 -79.06 -22.66 14.40
N SER U 360 -77.80 -22.26 14.27
CA SER U 360 -77.42 -21.02 13.61
C SER U 360 -77.02 -21.29 12.17
N PRO U 361 -77.45 -20.48 11.21
CA PRO U 361 -76.99 -20.65 9.83
C PRO U 361 -75.64 -20.01 9.61
N TYR U 362 -74.98 -20.43 8.53
CA TYR U 362 -73.67 -19.89 8.19
C TYR U 362 -73.57 -19.70 6.68
N ILE U 363 -72.57 -18.94 6.26
CA ILE U 363 -72.42 -18.51 4.88
C ILE U 363 -71.56 -19.51 4.13
N TYR U 364 -71.96 -19.84 2.89
CA TYR U 364 -71.17 -20.74 2.07
C TYR U 364 -70.12 -20.01 1.26
N ASN U 365 -70.39 -18.76 0.87
CA ASN U 365 -69.48 -17.98 0.05
C ASN U 365 -69.70 -16.51 0.32
N ASP U 366 -68.72 -15.69 -0.02
CA ASP U 366 -68.77 -14.25 0.22
C ASP U 366 -68.44 -13.54 -1.09
N VAL U 367 -69.46 -13.33 -1.92
CA VAL U 367 -69.28 -12.91 -3.30
C VAL U 367 -70.26 -11.77 -3.60
N THR U 368 -69.86 -10.88 -4.49
CA THR U 368 -70.73 -9.82 -4.96
C THR U 368 -71.39 -10.22 -6.29
N ASN U 369 -72.37 -9.44 -6.70
CA ASN U 369 -73.09 -9.71 -7.93
C ASN U 369 -72.34 -9.28 -9.17
N TYR U 370 -71.04 -9.01 -9.09
CA TYR U 370 -70.28 -8.62 -10.27
C TYR U 370 -70.13 -9.81 -11.21
N LEU U 371 -70.28 -9.56 -12.50
CA LEU U 371 -70.04 -10.57 -13.53
C LEU U 371 -69.67 -9.87 -14.81
N ARG U 372 -69.07 -10.61 -15.73
CA ARG U 372 -68.73 -10.07 -17.05
C ARG U 372 -67.83 -8.86 -16.83
N ASP U 373 -68.00 -7.83 -17.66
CA ASP U 373 -67.13 -6.66 -17.61
C ASP U 373 -67.90 -5.46 -18.15
N GLU U 374 -67.23 -4.30 -18.14
CA GLU U 374 -67.84 -3.10 -18.70
C GLU U 374 -68.27 -3.32 -20.15
N LYS U 375 -67.58 -4.20 -20.87
CA LYS U 375 -67.93 -4.54 -22.24
C LYS U 375 -67.99 -6.05 -22.42
N ASN U 376 -68.65 -6.73 -21.49
CA ASN U 376 -68.97 -8.15 -21.66
C ASN U 376 -67.73 -8.99 -21.84
N ARG U 377 -66.87 -9.05 -20.82
CA ARG U 377 -65.75 -9.97 -20.76
C ARG U 377 -65.86 -10.70 -19.44
N PRO U 378 -66.04 -12.03 -19.45
CA PRO U 378 -66.10 -12.76 -18.17
C PRO U 378 -64.75 -12.68 -17.46
N ASN U 379 -64.79 -12.26 -16.19
CA ASN U 379 -63.58 -12.11 -15.39
C ASN U 379 -63.95 -12.14 -13.92
N ALA U 380 -62.94 -12.26 -13.08
CA ALA U 380 -63.13 -12.38 -11.64
C ALA U 380 -62.27 -11.42 -10.83
N THR U 381 -62.00 -10.22 -11.34
CA THR U 381 -61.23 -9.26 -10.56
C THR U 381 -61.98 -8.88 -9.27
N PHE U 382 -63.28 -8.65 -9.39
CA PHE U 382 -64.10 -8.30 -8.22
C PHE U 382 -65.14 -9.38 -7.91
N ARG U 383 -64.90 -10.62 -8.32
CA ARG U 383 -65.84 -11.68 -8.01
C ARG U 383 -65.98 -11.86 -6.50
N ASP U 384 -64.85 -11.98 -5.81
CA ASP U 384 -64.90 -12.22 -4.37
C ASP U 384 -65.22 -10.93 -3.63
N ALA U 385 -65.81 -11.07 -2.44
CA ALA U 385 -66.28 -9.90 -1.71
C ALA U 385 -65.13 -8.99 -1.32
N SER U 386 -64.10 -9.55 -0.69
CA SER U 386 -63.07 -8.70 -0.10
C SER U 386 -62.42 -7.79 -1.11
N SER U 387 -62.45 -8.17 -2.40
CA SER U 387 -61.76 -7.35 -3.40
C SER U 387 -62.17 -5.90 -3.32
N ARG U 388 -63.46 -5.63 -3.06
CA ARG U 388 -63.88 -4.25 -2.91
C ARG U 388 -63.19 -3.58 -1.75
N ARG U 389 -63.09 -4.27 -0.60
CA ARG U 389 -62.46 -3.64 0.56
C ARG U 389 -61.01 -3.32 0.27
N LEU U 390 -60.29 -4.24 -0.37
CA LEU U 390 -58.90 -3.98 -0.70
C LEU U 390 -58.78 -2.86 -1.71
N ALA U 391 -59.69 -2.80 -2.68
CA ALA U 391 -59.65 -1.70 -3.64
C ALA U 391 -59.83 -0.36 -2.94
N ALA U 392 -60.76 -0.29 -2.00
CA ALA U 392 -61.00 0.95 -1.28
C ALA U 392 -59.78 1.33 -0.45
N ALA U 393 -59.20 0.37 0.24
CA ALA U 393 -58.00 0.66 1.03
C ALA U 393 -56.88 1.14 0.11
N THR U 394 -56.73 0.52 -1.04
CA THR U 394 -55.71 0.94 -2.00
C THR U 394 -55.93 2.37 -2.44
N GLY U 395 -57.18 2.71 -2.75
CA GLY U 395 -57.48 4.07 -3.15
C GLY U 395 -57.15 5.07 -2.07
N VAL U 396 -57.52 4.75 -0.83
CA VAL U 396 -57.22 5.67 0.28
C VAL U 396 -55.71 5.83 0.42
N ALA U 397 -54.98 4.72 0.41
CA ALA U 397 -53.54 4.81 0.59
C ALA U 397 -52.90 5.64 -0.51
N LEU U 398 -53.24 5.36 -1.77
CA LEU U 398 -52.66 6.11 -2.87
C LEU U 398 -52.98 7.59 -2.76
N ALA U 399 -54.23 7.91 -2.45
CA ALA U 399 -54.61 9.31 -2.31
C ALA U 399 -53.82 9.99 -1.21
N THR U 400 -53.58 9.29 -0.11
CA THR U 400 -52.72 9.85 0.92
C THR U 400 -51.31 10.08 0.38
N PHE U 401 -50.76 9.09 -0.33
CA PHE U 401 -49.40 9.21 -0.81
C PHE U 401 -49.26 10.37 -1.78
N LEU U 402 -50.16 10.46 -2.76
CA LEU U 402 -50.08 11.53 -3.74
C LEU U 402 -50.20 12.89 -3.07
N GLN U 403 -50.69 12.94 -1.84
CA GLN U 403 -50.90 14.22 -1.20
C GLN U 403 -49.65 15.07 -1.20
N GLN U 404 -48.49 14.46 -0.94
CA GLN U 404 -47.27 15.23 -0.74
C GLN U 404 -46.84 15.97 -2.00
N PHE U 405 -47.38 15.63 -3.16
CA PHE U 405 -47.01 16.34 -4.38
C PHE U 405 -47.68 17.69 -4.51
N ASN U 406 -48.64 18.02 -3.65
CA ASN U 406 -49.32 19.30 -3.77
C ASN U 406 -48.32 20.44 -3.61
N GLY U 407 -48.41 21.42 -4.51
CA GLY U 407 -47.67 22.66 -4.37
C GLY U 407 -46.23 22.63 -4.84
N LEU U 408 -45.76 21.51 -5.40
CA LEU U 408 -44.40 21.44 -5.89
C LEU U 408 -44.30 22.02 -7.29
N ALA U 409 -43.24 22.79 -7.53
CA ALA U 409 -43.00 23.32 -8.87
C ALA U 409 -42.90 22.18 -9.87
N VAL U 410 -42.94 22.54 -11.15
CA VAL U 410 -42.77 21.56 -12.22
C VAL U 410 -42.18 22.25 -13.43
N PHE U 411 -41.31 21.53 -14.13
CA PHE U 411 -40.67 22.01 -15.35
C PHE U 411 -40.83 20.97 -16.43
N THR U 412 -41.26 21.40 -17.62
CA THR U 412 -41.52 20.45 -18.70
C THR U 412 -40.82 20.84 -19.99
N LYS U 413 -40.77 22.14 -20.31
CA LYS U 413 -40.10 22.55 -21.53
C LYS U 413 -38.62 22.18 -21.47
N ASN U 414 -37.98 22.44 -20.33
CA ASN U 414 -36.58 22.14 -20.12
C ASN U 414 -36.44 21.49 -18.76
N THR U 415 -35.96 20.25 -18.74
CA THR U 415 -36.06 19.42 -17.54
C THR U 415 -34.95 19.66 -16.53
N ASN U 416 -33.99 20.53 -16.81
CA ASN U 416 -32.98 20.84 -15.82
C ASN U 416 -33.59 21.70 -14.72
N ILE U 417 -33.24 21.40 -13.48
CA ILE U 417 -33.67 22.19 -12.33
C ILE U 417 -32.47 22.97 -11.80
N LYS U 418 -32.64 24.28 -11.64
CA LYS U 418 -31.57 25.09 -11.07
C LYS U 418 -31.26 24.61 -9.66
N THR U 419 -30.02 24.79 -9.22
CA THR U 419 -29.63 24.32 -7.90
C THR U 419 -30.40 25.04 -6.81
N GLY U 420 -30.82 24.29 -5.80
CA GLY U 420 -31.48 24.85 -4.65
C GLY U 420 -32.96 25.05 -4.77
N ILE U 421 -33.54 24.82 -5.95
CA ILE U 421 -34.97 24.97 -6.11
C ILE U 421 -35.67 23.69 -5.66
N ILE U 422 -36.89 23.85 -5.16
CA ILE U 422 -37.71 22.73 -4.71
C ILE U 422 -38.70 22.42 -5.82
N GLY U 423 -38.58 21.25 -6.43
CA GLY U 423 -39.44 20.93 -7.55
C GLY U 423 -39.18 19.53 -8.05
N THR U 424 -39.83 19.22 -9.17
CA THR U 424 -39.75 17.89 -9.77
C THR U 424 -40.06 18.02 -11.25
N ASN U 425 -40.33 16.88 -11.89
CA ASN U 425 -40.84 16.86 -13.25
C ASN U 425 -41.51 15.52 -13.50
N LEU U 426 -41.88 15.28 -14.76
CA LEU U 426 -42.70 14.12 -15.08
C LEU U 426 -41.96 12.82 -14.83
N ARG U 427 -40.74 12.70 -15.33
CA ARG U 427 -40.03 11.45 -15.21
C ARG U 427 -39.80 11.09 -13.75
N LEU U 428 -39.37 12.06 -12.94
CA LEU U 428 -39.12 11.78 -11.53
C LEU U 428 -40.38 11.35 -10.82
N MET U 429 -41.50 12.01 -11.12
CA MET U 429 -42.75 11.63 -10.50
C MET U 429 -43.13 10.21 -10.88
N LEU U 430 -42.94 9.86 -12.16
CA LEU U 430 -43.25 8.50 -12.58
C LEU U 430 -42.40 7.51 -11.81
N GLY U 431 -41.10 7.81 -11.66
CA GLY U 431 -40.24 6.91 -10.93
C GLY U 431 -40.68 6.73 -9.49
N LYS U 432 -41.05 7.82 -8.84
CA LYS U 432 -41.47 7.72 -7.45
C LYS U 432 -42.75 6.89 -7.32
N ILE U 433 -43.69 7.09 -8.25
CA ILE U 433 -44.91 6.29 -8.21
C ILE U 433 -44.58 4.82 -8.39
N ARG U 434 -43.68 4.50 -9.32
CA ARG U 434 -43.31 3.11 -9.51
C ARG U 434 -42.72 2.52 -8.25
N LYS U 435 -41.84 3.26 -7.57
CA LYS U 435 -41.26 2.76 -6.33
C LYS U 435 -42.35 2.46 -5.31
N TRP U 436 -43.24 3.42 -5.08
CA TRP U 436 -44.30 3.19 -4.10
C TRP U 436 -45.12 1.97 -4.47
N ALA U 437 -45.50 1.85 -5.74
CA ALA U 437 -46.25 0.68 -6.15
C ALA U 437 -45.50 -0.60 -5.82
N SER U 438 -44.20 -0.63 -6.13
CA SER U 438 -43.43 -1.85 -5.89
C SER U 438 -43.38 -2.19 -4.42
N ASP U 439 -43.40 -1.20 -3.53
CA ASP U 439 -43.34 -1.54 -2.11
C ASP U 439 -44.52 -2.40 -1.69
N ASN U 440 -45.72 -2.04 -2.12
CA ASN U 440 -46.93 -2.64 -1.57
C ASN U 440 -47.32 -3.94 -2.25
N VAL U 441 -46.41 -4.57 -3.00
CA VAL U 441 -46.72 -5.87 -3.56
C VAL U 441 -46.97 -6.86 -2.44
N GLY U 442 -47.95 -7.72 -2.62
CA GLY U 442 -48.19 -8.80 -1.68
C GLY U 442 -49.16 -8.44 -0.58
N VAL U 443 -49.20 -7.18 -0.18
CA VAL U 443 -50.14 -6.76 0.85
C VAL U 443 -51.47 -6.35 0.24
N LEU U 444 -51.43 -5.68 -0.91
CA LEU U 444 -52.63 -5.21 -1.59
C LEU U 444 -52.69 -5.61 -3.05
N PHE U 445 -51.56 -5.62 -3.74
CA PHE U 445 -51.50 -5.95 -5.15
C PHE U 445 -50.84 -7.30 -5.34
N SER U 446 -51.31 -8.07 -6.31
CA SER U 446 -50.50 -9.15 -6.82
C SER U 446 -49.43 -8.57 -7.73
N GLU U 447 -48.26 -9.21 -7.73
CA GLU U 447 -47.11 -8.67 -8.44
C GLU U 447 -47.46 -8.42 -9.90
N PHE U 448 -47.15 -7.21 -10.36
CA PHE U 448 -47.49 -6.81 -11.71
C PHE U 448 -46.81 -7.72 -12.73
N ASP U 449 -47.52 -8.02 -13.81
CA ASP U 449 -46.91 -8.80 -14.87
C ASP U 449 -45.76 -8.03 -15.51
N ASN U 450 -46.03 -6.81 -15.94
CA ASN U 450 -45.02 -5.99 -16.61
C ASN U 450 -45.20 -4.56 -16.11
N ILE U 451 -44.37 -4.18 -15.15
CA ILE U 451 -44.57 -2.92 -14.45
C ILE U 451 -44.51 -1.73 -15.41
N ASN U 452 -43.78 -1.86 -16.51
CA ASN U 452 -43.64 -0.74 -17.43
C ASN U 452 -44.90 -0.44 -18.22
N GLU U 453 -45.93 -1.30 -18.14
CA GLU U 453 -47.17 -1.05 -18.86
C GLU U 453 -48.33 -0.81 -17.91
N ASP U 454 -48.36 -1.54 -16.80
CA ASP U 454 -49.52 -1.51 -15.92
C ASP U 454 -49.75 -0.14 -15.29
N ILE U 455 -48.74 0.73 -15.30
CA ILE U 455 -48.84 2.05 -14.70
C ILE U 455 -48.39 3.07 -15.74
N GLN U 456 -49.26 4.03 -16.04
CA GLN U 456 -48.88 5.10 -16.96
C GLN U 456 -49.49 6.40 -16.48
N LEU U 457 -48.78 7.49 -16.75
CA LEU U 457 -49.09 8.79 -16.21
C LEU U 457 -49.41 9.74 -17.35
N VAL U 458 -50.44 10.56 -17.16
CA VAL U 458 -50.90 11.49 -18.17
C VAL U 458 -51.10 12.86 -17.54
N SER U 459 -50.58 13.88 -18.20
CA SER U 459 -50.69 15.25 -17.74
C SER U 459 -51.71 16.00 -18.57
N ASP U 460 -52.32 17.01 -17.94
CA ASP U 460 -53.26 17.87 -18.65
C ASP U 460 -52.63 18.52 -19.86
N PHE U 461 -51.32 18.70 -19.86
CA PHE U 461 -50.65 19.45 -20.92
C PHE U 461 -50.37 18.61 -22.15
N ASP U 462 -50.71 17.32 -22.12
CA ASP U 462 -50.42 16.46 -23.26
C ASP U 462 -51.39 16.67 -24.42
N VAL U 463 -52.67 16.89 -24.14
CA VAL U 463 -53.72 16.81 -25.16
C VAL U 463 -54.41 18.15 -25.41
N GLN U 464 -54.74 18.87 -24.34
CA GLN U 464 -55.54 20.07 -24.48
C GLN U 464 -54.79 21.12 -25.31
N PRO U 465 -55.52 22.04 -25.94
CA PRO U 465 -54.90 22.90 -26.95
C PRO U 465 -53.79 23.78 -26.39
N LYS U 466 -53.19 24.54 -27.31
CA LYS U 466 -51.98 25.30 -27.02
C LYS U 466 -52.27 26.45 -26.07
N CYS U 467 -51.46 26.53 -25.00
CA CYS U 467 -51.54 27.63 -24.03
C CYS U 467 -52.81 27.56 -23.20
N VAL U 468 -53.69 26.60 -23.47
CA VAL U 468 -54.93 26.50 -22.72
C VAL U 468 -54.74 25.66 -21.46
N GLY U 469 -53.67 24.87 -21.39
CA GLY U 469 -53.44 23.97 -20.27
C GLY U 469 -53.65 24.64 -18.93
N GLN U 470 -54.65 24.17 -18.19
CA GLN U 470 -54.90 24.71 -16.87
C GLN U 470 -53.86 24.17 -15.88
N PRO U 471 -53.55 24.91 -14.82
CA PRO U 471 -52.41 24.55 -13.98
C PRO U 471 -52.74 23.48 -12.96
N GLY U 472 -52.00 22.37 -13.03
CA GLY U 472 -52.01 21.38 -11.97
C GLY U 472 -53.05 20.28 -12.10
N VAL U 473 -53.08 19.55 -13.21
CA VAL U 473 -53.95 18.39 -13.37
C VAL U 473 -53.16 17.28 -14.02
N PHE U 474 -53.17 16.10 -13.40
CA PHE U 474 -52.44 14.95 -13.91
C PHE U 474 -53.26 13.69 -13.72
N HIS U 475 -53.31 12.86 -14.76
CA HIS U 475 -54.09 11.64 -14.77
C HIS U 475 -53.18 10.43 -14.56
N LEU U 476 -53.55 9.56 -13.63
CA LEU U 476 -52.79 8.37 -13.32
C LEU U 476 -53.65 7.15 -13.58
N ASN U 477 -53.11 6.18 -14.31
CA ASN U 477 -53.79 4.93 -14.61
C ASN U 477 -53.01 3.79 -13.98
N MET U 478 -53.70 2.96 -13.20
CA MET U 478 -53.06 1.83 -12.53
C MET U 478 -53.97 0.62 -12.65
N ARG U 479 -53.39 -0.55 -12.86
CA ARG U 479 -54.14 -1.78 -13.09
C ARG U 479 -54.03 -2.64 -11.83
N TYR U 480 -55.08 -2.64 -11.03
CA TYR U 480 -55.08 -3.40 -9.79
C TYR U 480 -55.24 -4.89 -10.07
N ARG U 481 -54.75 -5.73 -9.16
CA ARG U 481 -54.98 -7.17 -9.20
C ARG U 481 -55.02 -7.69 -7.77
N PRO U 482 -56.07 -8.42 -7.38
CA PRO U 482 -56.15 -8.88 -6.00
C PRO U 482 -55.17 -10.00 -5.74
N PRO U 483 -54.67 -10.13 -4.51
CA PRO U 483 -53.80 -11.26 -4.19
C PRO U 483 -54.61 -12.55 -4.11
N VAL U 484 -54.10 -13.60 -4.74
CA VAL U 484 -54.85 -14.84 -4.84
C VAL U 484 -54.96 -15.49 -3.46
N ARG U 485 -55.99 -16.29 -3.27
CA ARG U 485 -56.19 -17.03 -2.04
C ARG U 485 -56.75 -18.41 -2.36
N GLY U 486 -56.26 -19.42 -1.63
CA GLY U 486 -56.76 -20.77 -1.85
C GLY U 486 -58.27 -20.82 -1.70
N ALA U 487 -58.92 -21.51 -2.64
CA ALA U 487 -60.37 -21.54 -2.65
C ALA U 487 -60.94 -22.95 -2.79
N ARG U 488 -60.27 -23.83 -3.52
CA ARG U 488 -60.81 -25.14 -3.79
C ARG U 488 -59.70 -26.17 -3.91
N ILE U 489 -59.95 -27.36 -3.38
CA ILE U 489 -59.04 -28.48 -3.48
C ILE U 489 -59.85 -29.70 -3.92
N ASN U 490 -59.35 -30.42 -4.90
CA ASN U 490 -59.94 -31.68 -5.33
C ASN U 490 -59.08 -32.82 -4.78
N VAL U 491 -59.72 -33.77 -4.11
CA VAL U 491 -59.02 -34.87 -3.47
C VAL U 491 -59.41 -36.15 -4.18
N ASN U 492 -58.43 -36.95 -4.55
CA ASN U 492 -58.66 -38.30 -5.09
C ASN U 492 -58.06 -39.30 -4.13
N LEU U 493 -58.88 -40.20 -3.62
CA LEU U 493 -58.47 -41.16 -2.60
C LEU U 493 -58.52 -42.54 -3.23
N VAL U 494 -57.41 -43.27 -3.17
CA VAL U 494 -57.26 -44.48 -3.99
C VAL U 494 -56.84 -45.65 -3.10
N PRO U 495 -57.75 -46.24 -2.34
CA PRO U 495 -57.37 -47.35 -1.46
C PRO U 495 -56.91 -48.56 -2.25
N ALA U 496 -55.99 -49.30 -1.65
CA ALA U 496 -55.49 -50.54 -2.25
C ALA U 496 -55.01 -51.45 -1.14
N LEU U 497 -54.91 -52.74 -1.45
CA LEU U 497 -54.59 -53.74 -0.44
C LEU U 497 -53.09 -54.01 -0.40
N PHE U 498 -52.65 -54.59 0.72
CA PHE U 498 -51.23 -54.93 0.87
C PHE U 498 -50.85 -55.98 -0.16
N ASP U 499 -49.60 -55.94 -0.61
CA ASP U 499 -49.18 -56.74 -1.75
C ASP U 499 -47.71 -57.12 -1.60
N ASN U 500 -47.29 -58.07 -2.43
CA ASN U 500 -45.91 -58.53 -2.45
C ASN U 500 -45.49 -59.06 -1.09
N CYS V 3 -28.09 12.73 -25.61
CA CYS V 3 -29.15 11.70 -25.77
C CYS V 3 -28.56 10.30 -25.58
N ASN V 4 -29.01 9.34 -26.40
CA ASN V 4 -28.78 7.92 -26.13
C ASN V 4 -27.30 7.61 -25.93
N LYS V 5 -26.43 8.47 -26.43
CA LYS V 5 -25.01 8.21 -26.46
C LYS V 5 -24.26 9.37 -25.82
N GLN V 6 -24.70 9.78 -24.64
CA GLN V 6 -23.95 10.73 -23.84
C GLN V 6 -24.07 10.32 -22.39
N ASN V 7 -22.94 10.33 -21.67
CA ASN V 7 -22.90 9.91 -20.28
C ASN V 7 -22.76 11.12 -19.38
N GLY V 8 -23.65 11.23 -18.40
CA GLY V 8 -23.60 12.32 -17.47
C GLY V 8 -24.85 12.33 -16.61
N VAL V 9 -24.79 13.14 -15.56
CA VAL V 9 -25.90 13.29 -14.63
C VAL V 9 -26.68 14.54 -15.02
N LYS V 10 -27.95 14.57 -14.68
CA LYS V 10 -28.84 15.64 -15.09
C LYS V 10 -29.63 16.26 -13.95
N ASN V 11 -29.90 15.51 -12.89
CA ASN V 11 -30.60 16.03 -11.72
C ASN V 11 -30.27 15.19 -10.50
N ILE V 12 -30.42 15.80 -9.34
CA ILE V 12 -30.25 15.10 -8.06
C ILE V 12 -31.20 15.75 -7.06
N LEU V 13 -32.09 14.96 -6.48
CA LEU V 13 -33.05 15.45 -5.51
C LEU V 13 -32.86 14.68 -4.21
N ILE V 14 -33.18 15.32 -3.10
CA ILE V 14 -33.01 14.73 -1.78
C ILE V 14 -34.11 15.26 -0.87
N THR V 15 -34.57 14.42 0.06
CA THR V 15 -35.66 14.77 0.95
C THR V 15 -35.35 14.27 2.35
N PHE V 16 -34.83 15.16 3.20
CA PHE V 16 -34.35 14.78 4.51
C PHE V 16 -35.51 14.60 5.47
N THR V 17 -35.40 13.61 6.33
CA THR V 17 -36.32 13.43 7.43
C THR V 17 -35.50 13.26 8.70
N HIS V 18 -35.98 13.84 9.78
CA HIS V 18 -35.28 13.82 11.06
C HIS V 18 -35.88 12.73 11.92
N CYS V 19 -35.06 11.77 12.33
CA CYS V 19 -35.57 10.63 13.08
C CYS V 19 -36.20 11.06 14.40
N ASP V 20 -35.53 11.93 15.16
CA ASP V 20 -35.94 12.24 16.52
C ASP V 20 -37.13 13.19 16.61
N THR V 21 -37.30 14.08 15.64
CA THR V 21 -38.36 15.09 15.71
C THR V 21 -39.41 14.95 14.63
N GLY V 22 -39.13 14.24 13.54
CA GLY V 22 -40.11 14.06 12.50
C GLY V 22 -40.22 15.21 11.52
N GLU V 23 -39.31 16.18 11.57
CA GLU V 23 -39.34 17.26 10.61
C GLU V 23 -39.00 16.75 9.22
N VAL V 24 -39.47 17.47 8.20
CA VAL V 24 -39.30 17.07 6.82
C VAL V 24 -38.93 18.29 6.00
N ILE V 25 -38.11 18.08 4.98
CA ILE V 25 -37.72 19.14 4.05
C ILE V 25 -37.93 18.61 2.64
N GLY V 26 -38.80 19.26 1.89
CA GLY V 26 -39.20 18.79 0.58
C GLY V 26 -38.02 18.60 -0.32
N PRO V 27 -38.23 17.99 -1.50
CA PRO V 27 -37.10 17.70 -2.39
C PRO V 27 -36.33 18.97 -2.72
N ILE V 28 -35.00 18.85 -2.65
CA ILE V 28 -34.10 19.96 -2.94
C ILE V 28 -33.07 19.49 -3.95
N SER V 29 -32.85 20.29 -4.98
CA SER V 29 -31.87 19.94 -6.00
C SER V 29 -30.49 19.90 -5.38
N HIS V 30 -29.50 19.44 -6.15
CA HIS V 30 -28.11 19.43 -5.71
C HIS V 30 -27.20 19.35 -6.93
N GLU V 31 -25.93 19.72 -6.73
CA GLU V 31 -24.94 19.73 -7.80
C GLU V 31 -23.66 19.10 -7.30
N GLN V 32 -22.92 18.48 -8.21
CA GLN V 32 -21.77 17.66 -7.83
C GLN V 32 -20.55 18.53 -7.57
N PRO V 33 -19.65 18.09 -6.69
CA PRO V 33 -18.43 18.86 -6.44
C PRO V 33 -17.36 18.69 -7.50
N ASP V 34 -17.27 17.54 -8.15
CA ASP V 34 -16.24 17.32 -9.16
C ASP V 34 -16.80 16.37 -10.21
N ASP V 35 -15.91 15.73 -10.97
CA ASP V 35 -16.34 14.97 -12.12
C ASP V 35 -16.87 13.58 -11.76
N THR V 36 -16.61 13.09 -10.55
CA THR V 36 -16.95 11.72 -10.21
C THR V 36 -18.47 11.56 -10.20
N LEU V 37 -18.98 10.57 -10.92
CA LEU V 37 -20.40 10.31 -10.92
C LEU V 37 -20.76 9.42 -9.74
N PRO V 38 -22.04 9.35 -9.38
CA PRO V 38 -22.45 8.37 -8.37
C PRO V 38 -22.18 6.96 -8.84
N THR V 39 -22.49 6.00 -7.98
CA THR V 39 -22.38 4.59 -8.31
C THR V 39 -23.57 3.86 -7.73
N TYR V 40 -23.65 2.55 -7.94
CA TYR V 40 -24.88 1.84 -7.61
C TYR V 40 -24.57 0.38 -7.33
N LYS V 41 -25.52 -0.26 -6.65
CA LYS V 41 -25.63 -1.72 -6.63
C LYS V 41 -27.05 -2.04 -6.26
N THR V 42 -27.78 -2.67 -7.17
CA THR V 42 -29.22 -2.85 -7.00
C THR V 42 -29.62 -4.26 -6.60
N CYS V 43 -28.91 -5.29 -7.02
CA CYS V 43 -29.29 -6.64 -6.65
C CYS V 43 -29.06 -6.84 -5.16
N ALA V 44 -30.04 -7.42 -4.48
CA ALA V 44 -30.00 -7.50 -3.03
C ALA V 44 -29.14 -8.63 -2.50
N TRP V 45 -28.89 -9.67 -3.29
CA TRP V 45 -28.23 -10.87 -2.81
C TRP V 45 -26.72 -10.79 -3.05
N THR V 46 -26.01 -11.79 -2.54
CA THR V 46 -24.56 -11.86 -2.66
C THR V 46 -24.12 -13.30 -2.84
N ASN V 47 -23.13 -13.51 -3.70
CA ASN V 47 -22.69 -14.85 -4.08
C ASN V 47 -21.23 -15.05 -3.66
N THR V 48 -20.97 -16.10 -2.90
CA THR V 48 -19.63 -16.50 -2.53
C THR V 48 -19.18 -17.64 -3.44
N ALA V 49 -17.89 -17.98 -3.38
CA ALA V 49 -17.32 -18.83 -4.41
C ALA V 49 -17.63 -20.31 -4.17
N LEU V 50 -17.13 -20.88 -3.08
CA LEU V 50 -17.10 -22.33 -2.92
C LEU V 50 -16.34 -22.93 -4.11
N THR V 51 -16.69 -24.16 -4.50
CA THR V 51 -15.94 -24.91 -5.50
C THR V 51 -16.90 -25.52 -6.51
N ASN V 52 -16.39 -25.74 -7.73
CA ASN V 52 -17.20 -26.30 -8.81
C ASN V 52 -18.43 -25.44 -9.09
N GLY V 53 -18.28 -24.12 -9.00
CA GLY V 53 -19.38 -23.25 -9.32
C GLY V 53 -20.55 -23.32 -8.37
N ALA V 54 -20.37 -23.88 -7.18
CA ALA V 54 -21.46 -24.01 -6.22
C ALA V 54 -21.46 -22.80 -5.28
N VAL V 55 -21.82 -21.65 -5.85
CA VAL V 55 -21.82 -20.42 -5.07
C VAL V 55 -22.80 -20.54 -3.92
N MET V 56 -22.63 -19.68 -2.92
CA MET V 56 -23.52 -19.62 -1.76
C MET V 56 -24.27 -18.29 -1.79
N ARG V 57 -25.60 -18.36 -1.86
CA ARG V 57 -26.44 -17.19 -2.00
C ARG V 57 -26.93 -16.75 -0.64
N SER V 58 -26.90 -15.44 -0.37
CA SER V 58 -27.28 -14.91 0.92
C SER V 58 -27.81 -13.50 0.77
N ALA V 59 -28.33 -12.96 1.88
CA ALA V 59 -29.00 -11.68 1.87
C ALA V 59 -28.04 -10.52 2.08
N SER V 60 -28.32 -9.41 1.41
CA SER V 60 -27.51 -8.20 1.55
C SER V 60 -28.36 -6.98 1.28
N ASN V 61 -27.73 -5.82 1.09
CA ASN V 61 -28.45 -4.56 0.98
C ASN V 61 -28.14 -3.89 -0.33
N ALA V 62 -29.11 -3.16 -0.87
CA ALA V 62 -28.83 -2.23 -1.94
C ALA V 62 -28.11 -1.02 -1.39
N THR V 63 -27.15 -0.51 -2.16
CA THR V 63 -26.32 0.59 -1.70
C THR V 63 -26.32 1.70 -2.73
N MET V 64 -25.67 2.80 -2.39
CA MET V 64 -25.58 3.95 -3.28
C MET V 64 -24.51 4.88 -2.74
N THR V 65 -23.72 5.46 -3.64
CA THR V 65 -22.66 6.39 -3.27
C THR V 65 -22.90 7.69 -4.01
N LEU V 66 -22.94 8.79 -3.27
CA LEU V 66 -23.51 10.04 -3.78
C LEU V 66 -22.72 11.24 -3.28
N PRO V 67 -21.78 11.76 -4.07
CA PRO V 67 -21.10 13.01 -3.70
C PRO V 67 -21.84 14.25 -4.16
N VAL V 68 -22.17 15.14 -3.23
CA VAL V 68 -22.99 16.31 -3.52
C VAL V 68 -22.48 17.51 -2.75
N VAL V 69 -22.56 18.68 -3.37
CA VAL V 69 -22.18 19.92 -2.73
C VAL V 69 -23.28 20.33 -1.76
N ARG V 70 -22.89 20.66 -0.53
CA ARG V 70 -23.88 20.90 0.51
C ARG V 70 -24.79 22.06 0.15
N ASP V 71 -26.03 21.97 0.58
CA ASP V 71 -26.95 23.09 0.44
C ASP V 71 -26.81 24.02 1.65
N PRO V 72 -26.54 25.30 1.44
CA PRO V 72 -26.13 26.15 2.58
C PRO V 72 -27.19 26.33 3.64
N ARG V 73 -28.42 25.88 3.42
CA ARG V 73 -29.48 26.14 4.38
C ARG V 73 -29.79 24.97 5.29
N VAL V 74 -29.13 23.84 5.13
CA VAL V 74 -29.42 22.62 5.88
C VAL V 74 -28.26 22.35 6.83
N PRO V 75 -28.51 21.95 8.08
CA PRO V 75 -27.40 21.65 8.97
C PRO V 75 -26.53 20.56 8.39
N LEU V 76 -25.22 20.68 8.60
CA LEU V 76 -24.32 19.65 8.08
C LEU V 76 -24.65 18.29 8.64
N ALA V 77 -25.09 18.22 9.89
CA ALA V 77 -25.34 16.92 10.50
C ALA V 77 -26.30 16.09 9.68
N TRP V 78 -27.30 16.73 9.06
CA TRP V 78 -28.31 15.97 8.35
C TRP V 78 -27.74 15.20 7.16
N TYR V 79 -26.58 15.60 6.66
CA TYR V 79 -25.90 14.81 5.64
C TYR V 79 -25.10 13.66 6.21
N GLN V 80 -25.06 13.50 7.53
CA GLN V 80 -24.41 12.42 8.21
C GLN V 80 -25.45 11.65 9.02
N GLY V 81 -25.00 10.78 9.91
CA GLY V 81 -25.89 9.77 10.46
C GLY V 81 -27.15 10.28 11.15
N CYS V 82 -27.38 11.59 11.19
CA CYS V 82 -28.46 12.13 12.00
C CYS V 82 -29.81 12.20 11.31
N ALA V 83 -29.90 11.86 10.02
CA ALA V 83 -31.15 12.03 9.29
C ALA V 83 -31.40 10.86 8.36
N GLN V 84 -32.68 10.60 8.08
CA GLN V 84 -33.05 9.61 7.08
C GLN V 84 -33.15 10.29 5.72
N ILE V 85 -32.77 9.56 4.67
CA ILE V 85 -32.54 10.16 3.36
C ILE V 85 -33.37 9.47 2.31
N ASP V 86 -33.86 10.25 1.35
CA ASP V 86 -34.44 9.76 0.12
C ASP V 86 -33.76 10.48 -1.03
N ALA V 87 -33.53 9.78 -2.14
CA ALA V 87 -32.70 10.36 -3.18
C ALA V 87 -33.19 9.90 -4.55
N GLN V 88 -32.79 10.64 -5.57
CA GLN V 88 -33.10 10.31 -6.95
C GLN V 88 -31.99 10.84 -7.85
N VAL V 89 -31.87 10.23 -9.02
CA VAL V 89 -30.90 10.66 -10.02
C VAL V 89 -31.50 10.44 -11.40
N GLU V 90 -31.31 11.41 -12.28
CA GLU V 90 -31.72 11.29 -13.67
C GLU V 90 -30.50 11.51 -14.55
N LYS V 91 -30.14 10.50 -15.32
CA LYS V 91 -29.04 10.60 -16.26
C LYS V 91 -29.55 11.15 -17.58
N PHE V 92 -28.62 11.49 -18.47
CA PHE V 92 -29.02 12.08 -19.74
C PHE V 92 -29.81 11.11 -20.59
N ASP V 93 -29.36 9.86 -20.67
CA ASP V 93 -30.01 8.93 -21.59
C ASP V 93 -31.45 8.62 -21.18
N GLY V 94 -31.85 8.96 -19.97
CA GLY V 94 -33.20 8.75 -19.52
C GLY V 94 -33.33 7.91 -18.27
N THR V 95 -32.29 7.18 -17.89
CA THR V 95 -32.36 6.35 -16.71
C THR V 95 -32.73 7.18 -15.50
N VAL V 96 -33.39 6.57 -14.52
CA VAL V 96 -33.74 7.23 -13.28
C VAL V 96 -33.60 6.23 -12.14
N MET V 97 -32.77 6.56 -11.17
CA MET V 97 -32.52 5.70 -10.01
C MET V 97 -33.21 6.32 -8.81
N THR V 98 -34.10 5.55 -8.19
CA THR V 98 -34.89 6.04 -7.07
C THR V 98 -34.59 5.22 -5.84
N LEU V 99 -34.45 5.88 -4.70
CA LEU V 99 -34.16 5.25 -3.42
C LEU V 99 -35.02 5.89 -2.35
N THR V 100 -35.42 5.10 -1.35
CA THR V 100 -36.20 5.64 -0.26
C THR V 100 -35.80 4.96 1.05
N GLU V 101 -36.08 5.65 2.16
CA GLU V 101 -35.71 5.20 3.49
C GLU V 101 -34.24 4.79 3.57
N GLY V 102 -33.35 5.55 2.95
CA GLY V 102 -31.95 5.27 3.08
C GLY V 102 -31.45 5.56 4.48
N ALA V 103 -30.30 4.97 4.82
CA ALA V 103 -29.60 5.26 6.06
C ALA V 103 -28.13 5.48 5.74
N VAL V 104 -27.53 6.48 6.37
CA VAL V 104 -26.14 6.80 6.10
C VAL V 104 -25.26 6.02 7.06
N THR V 105 -24.11 5.54 6.58
CA THR V 105 -23.27 4.64 7.35
C THR V 105 -21.83 5.12 7.38
N GLU V 106 -21.19 4.90 8.52
CA GLU V 106 -19.76 5.17 8.73
C GLU V 106 -19.34 6.45 8.01
N PRO V 107 -19.86 7.60 8.42
CA PRO V 107 -19.60 8.83 7.67
C PRO V 107 -18.17 9.29 7.85
N GLU V 108 -17.51 9.60 6.74
CA GLU V 108 -16.18 10.15 6.78
C GLU V 108 -16.24 11.65 6.98
N GLU V 109 -15.17 12.21 7.52
CA GLU V 109 -15.15 13.64 7.82
C GLU V 109 -15.32 14.46 6.55
N SER V 110 -16.02 15.58 6.69
CA SER V 110 -16.25 16.51 5.59
C SER V 110 -15.68 17.87 5.95
N ASP V 111 -15.35 18.65 4.93
CA ASP V 111 -14.77 19.97 5.15
C ASP V 111 -15.79 21.08 5.03
N GLY V 112 -17.07 20.78 5.01
CA GLY V 112 -18.09 21.79 5.07
C GLY V 112 -18.74 22.16 3.75
N ARG V 113 -18.13 21.80 2.63
CA ARG V 113 -18.74 22.12 1.34
C ARG V 113 -18.95 20.92 0.44
N ALA V 114 -18.00 19.99 0.42
CA ALA V 114 -18.14 18.77 -0.37
C ALA V 114 -18.35 17.59 0.56
N VAL V 115 -19.39 16.80 0.30
CA VAL V 115 -19.77 15.72 1.19
C VAL V 115 -20.01 14.46 0.37
N THR V 116 -19.55 13.33 0.91
CA THR V 116 -19.77 12.02 0.31
C THR V 116 -20.63 11.20 1.25
N MET V 117 -21.69 10.60 0.71
CA MET V 117 -22.63 9.81 1.49
C MET V 117 -22.62 8.38 0.99
N THR V 118 -22.56 7.43 1.92
CA THR V 118 -22.68 6.02 1.61
C THR V 118 -24.02 5.54 2.15
N ILE V 119 -25.00 5.42 1.26
CA ILE V 119 -26.37 5.10 1.66
C ILE V 119 -26.61 3.62 1.44
N ILE V 120 -27.42 3.02 2.32
CA ILE V 120 -27.86 1.64 2.17
C ILE V 120 -29.36 1.59 2.37
N ALA V 121 -30.03 0.74 1.60
CA ALA V 121 -31.47 0.65 1.68
C ALA V 121 -31.92 -0.74 1.27
N ALA V 122 -33.16 -1.06 1.62
CA ALA V 122 -33.66 -2.41 1.37
C ALA V 122 -33.94 -2.64 -0.10
N GLU V 123 -34.05 -1.59 -0.91
CA GLU V 123 -34.36 -1.78 -2.32
C GLU V 123 -34.13 -0.50 -3.08
N ILE V 124 -33.68 -0.67 -4.33
CA ILE V 124 -33.48 0.43 -5.27
C ILE V 124 -34.15 0.04 -6.58
N ASP V 125 -34.92 0.95 -7.14
CA ASP V 125 -35.67 0.68 -8.36
C ASP V 125 -35.13 1.51 -9.52
N GLU V 126 -34.82 0.84 -10.62
CA GLU V 126 -34.25 1.47 -11.80
C GLU V 126 -35.32 1.57 -12.88
N LEU V 127 -35.53 2.76 -13.40
CA LEU V 127 -36.46 2.98 -14.51
C LEU V 127 -35.65 3.18 -15.79
N LEU V 128 -35.91 2.36 -16.78
CA LEU V 128 -35.15 2.42 -18.02
C LEU V 128 -35.83 3.34 -19.02
N PRO V 129 -35.12 3.75 -20.06
CA PRO V 129 -35.75 4.47 -21.15
C PRO V 129 -36.76 3.58 -21.84
N PRO V 130 -37.50 4.11 -22.80
CA PRO V 130 -38.54 3.31 -23.47
C PRO V 130 -37.96 2.08 -24.15
N GLY V 131 -38.74 1.01 -24.19
CA GLY V 131 -38.37 -0.16 -24.95
C GLY V 131 -37.64 -1.23 -24.16
N SER V 132 -37.80 -1.26 -22.84
CA SER V 132 -37.09 -2.23 -22.02
C SER V 132 -37.47 -3.66 -22.42
N LEU V 133 -36.52 -4.57 -22.23
CA LEU V 133 -36.73 -5.97 -22.56
C LEU V 133 -37.08 -6.84 -21.36
N ALA V 134 -37.26 -6.26 -20.19
CA ALA V 134 -37.61 -7.04 -19.02
C ALA V 134 -38.35 -6.17 -18.02
N ALA V 135 -39.16 -6.83 -17.18
CA ALA V 135 -39.95 -6.13 -16.19
C ALA V 135 -39.06 -5.29 -15.28
N MET W 1 3.41 18.58 82.53
CA MET W 1 2.06 17.99 82.70
C MET W 1 1.39 17.76 81.32
N ALA W 2 0.06 17.70 81.31
CA ALA W 2 -0.70 17.49 80.09
C ALA W 2 -0.46 16.10 79.52
N GLN W 3 -1.44 15.58 78.80
CA GLN W 3 -1.34 14.25 78.23
C GLN W 3 -0.19 14.22 77.21
N ASP W 4 0.63 13.17 77.28
CA ASP W 4 1.86 13.17 76.51
C ASP W 4 1.57 13.30 75.02
N ALA W 5 0.58 12.56 74.53
CA ALA W 5 0.29 12.57 73.11
C ALA W 5 0.05 13.97 72.58
N LEU W 6 -0.46 14.87 73.42
CA LEU W 6 -0.72 16.24 73.01
C LEU W 6 0.41 17.19 73.41
N SER W 7 1.51 16.69 73.95
CA SER W 7 2.53 17.57 74.49
C SER W 7 3.25 18.34 73.40
N ASP W 8 3.71 17.66 72.35
CA ASP W 8 4.63 18.28 71.40
C ASP W 8 4.01 19.43 70.63
N GLY W 9 2.69 19.55 70.60
CA GLY W 9 2.07 20.64 69.89
C GLY W 9 1.91 20.42 68.40
N PHE W 10 2.16 19.20 67.91
CA PHE W 10 1.83 18.89 66.53
C PHE W 10 0.33 19.00 66.30
N VAL W 11 -0.46 18.51 67.24
CA VAL W 11 -1.91 18.47 67.14
C VAL W 11 -2.47 19.38 68.22
N ARG W 12 -3.24 20.38 67.83
CA ARG W 12 -3.90 21.28 68.78
C ARG W 12 -5.40 21.00 68.72
N LEU W 13 -5.97 20.64 69.86
CA LEU W 13 -7.27 20.00 69.93
C LEU W 13 -8.24 20.87 70.71
N CYS W 14 -9.44 21.04 70.16
CA CYS W 14 -10.53 21.75 70.83
C CYS W 14 -11.74 20.84 70.88
N ILE W 15 -12.36 20.72 72.04
CA ILE W 15 -13.57 19.93 72.22
C ILE W 15 -14.71 20.90 72.47
N ASP W 16 -15.67 20.90 71.57
CA ASP W 16 -16.77 21.85 71.64
C ASP W 16 -18.03 21.24 71.04
N PRO W 17 -19.13 21.14 71.78
CA PRO W 17 -20.36 20.59 71.21
C PRO W 17 -21.26 21.60 70.52
N SER W 18 -20.80 22.84 70.33
CA SER W 18 -21.68 23.91 69.86
C SER W 18 -21.20 24.59 68.58
N LEU W 19 -20.19 24.06 67.90
CA LEU W 19 -19.72 24.67 66.67
C LEU W 19 -20.64 24.31 65.50
N ASN W 20 -20.17 24.59 64.29
CA ASN W 20 -20.86 24.15 63.09
C ASN W 20 -19.95 24.33 61.89
N PHE W 21 -20.06 23.41 60.94
CA PHE W 21 -19.18 23.37 59.77
C PHE W 21 -19.73 24.14 58.58
N PHE W 22 -21.05 24.23 58.45
CA PHE W 22 -21.65 24.75 57.22
C PHE W 22 -21.20 26.18 56.94
N GLY W 23 -20.75 26.41 55.71
CA GLY W 23 -20.65 27.77 55.22
C GLY W 23 -22.03 28.38 55.11
N GLU W 24 -22.15 29.62 55.59
CA GLU W 24 -23.46 30.23 55.74
C GLU W 24 -24.23 30.17 54.42
N GLY W 25 -25.46 29.67 54.49
CA GLY W 25 -26.26 29.43 53.32
C GLY W 25 -26.94 30.69 52.82
N CYS W 26 -28.23 30.54 52.54
CA CYS W 26 -29.02 31.68 52.09
C CYS W 26 -29.26 32.66 53.23
N LYS W 27 -29.73 33.84 52.89
CA LYS W 27 -30.11 34.86 53.87
C LYS W 27 -31.59 35.14 53.71
N ILE W 28 -32.32 35.13 54.83
CA ILE W 28 -33.76 35.29 54.85
C ILE W 28 -34.10 36.48 55.74
N LEU W 29 -35.11 37.25 55.35
CA LEU W 29 -35.47 38.47 56.05
C LEU W 29 -36.83 38.33 56.71
N VAL W 30 -36.94 38.81 57.94
CA VAL W 30 -38.18 38.77 58.71
C VAL W 30 -38.50 40.19 59.17
N GLU W 31 -39.77 40.56 59.15
CA GLU W 31 -40.18 41.91 59.46
C GLU W 31 -41.49 41.89 60.24
N GLY W 32 -41.63 42.81 61.18
CA GLY W 32 -42.84 42.88 62.00
C GLY W 32 -42.75 44.00 63.02
N GLN W 33 -43.70 43.97 63.95
CA GLN W 33 -43.74 44.96 65.02
C GLN W 33 -42.74 44.59 66.11
N ILE W 34 -42.72 45.40 67.17
CA ILE W 34 -41.96 45.09 68.37
C ILE W 34 -42.65 45.74 69.56
N THR W 35 -42.34 45.21 70.74
CA THR W 35 -42.81 45.80 71.99
C THR W 35 -41.72 46.66 72.61
N ASP W 36 -42.11 47.43 73.62
CA ASP W 36 -41.29 48.54 74.09
C ASP W 36 -39.94 48.10 74.63
N ASP W 37 -39.87 47.00 75.39
CA ASP W 37 -38.60 46.61 75.98
C ASP W 37 -37.58 46.18 74.95
N ALA W 38 -37.97 46.04 73.68
CA ALA W 38 -37.05 45.58 72.65
C ALA W 38 -35.84 46.49 72.55
N THR W 39 -34.68 46.00 72.99
CA THR W 39 -33.47 46.81 72.97
C THR W 39 -32.99 47.09 71.56
N ALA W 40 -33.45 46.34 70.57
CA ALA W 40 -32.95 46.50 69.21
C ALA W 40 -33.30 47.89 68.68
N ALA W 41 -32.45 48.39 67.79
CA ALA W 41 -32.66 49.71 67.21
C ALA W 41 -33.82 49.68 66.22
N GLU W 42 -34.75 50.61 66.38
CA GLU W 42 -35.91 50.66 65.51
C GLU W 42 -35.49 50.86 64.07
N ASN W 43 -36.20 50.21 63.15
CA ASN W 43 -36.02 50.42 61.72
C ASN W 43 -34.60 50.18 61.28
N VAL W 44 -33.92 49.20 61.87
CA VAL W 44 -32.54 48.87 61.57
C VAL W 44 -32.44 47.38 61.27
N VAL W 45 -31.74 47.05 60.20
CA VAL W 45 -31.53 45.65 59.82
C VAL W 45 -30.52 45.03 60.76
N THR W 46 -30.85 43.87 61.32
CA THR W 46 -30.06 43.22 62.35
C THR W 46 -29.81 41.75 62.02
N CYS W 47 -28.69 41.23 62.51
CA CYS W 47 -28.42 39.81 62.42
C CYS W 47 -28.99 39.09 63.63
N VAL W 48 -29.19 37.78 63.49
CA VAL W 48 -29.68 36.94 64.58
C VAL W 48 -28.83 35.68 64.62
N ASN W 49 -28.76 35.06 65.80
CA ASN W 49 -27.93 33.89 66.00
C ASN W 49 -28.59 32.76 66.77
N SER W 50 -29.63 33.03 67.56
CA SER W 50 -30.27 32.00 68.37
C SER W 50 -31.63 32.49 68.80
N GLU W 51 -32.42 31.57 69.36
CA GLU W 51 -33.78 31.92 69.78
C GLU W 51 -33.80 32.69 71.09
N LEU W 52 -32.78 32.52 71.93
CA LEU W 52 -32.75 33.22 73.22
C LEU W 52 -32.62 34.73 73.06
N ASP W 53 -32.07 35.21 71.94
CA ASP W 53 -31.86 36.63 71.77
C ASP W 53 -33.17 37.40 71.86
N LEU W 54 -34.29 36.73 71.63
CA LEU W 54 -35.60 37.36 71.69
C LEU W 54 -35.82 37.99 73.07
N VAL W 55 -36.92 38.72 73.18
CA VAL W 55 -37.26 39.43 74.42
C VAL W 55 -36.24 40.52 74.65
N GLU W 56 -34.98 40.13 74.88
CA GLU W 56 -33.91 41.10 75.03
C GLU W 56 -33.92 42.08 73.88
N ARG W 57 -33.97 41.56 72.65
CA ARG W 57 -33.81 42.38 71.46
C ARG W 57 -35.13 42.72 70.81
N PHE W 58 -36.18 41.92 71.04
CA PHE W 58 -37.44 42.10 70.35
C PHE W 58 -38.65 42.06 71.28
N GLY W 59 -38.45 41.76 72.56
CA GLY W 59 -39.49 41.97 73.54
C GLY W 59 -40.55 40.89 73.59
N GLN W 60 -41.02 40.61 74.80
CA GLN W 60 -41.99 39.55 75.02
C GLN W 60 -43.28 39.82 74.28
N GLY W 61 -43.80 38.78 73.62
CA GLY W 61 -45.13 38.82 73.03
C GLY W 61 -45.24 39.54 71.71
N SER W 62 -44.18 40.18 71.25
CA SER W 62 -44.25 40.91 69.99
C SER W 62 -44.24 39.94 68.81
N VAL W 63 -44.79 40.41 67.69
CA VAL W 63 -44.94 39.54 66.51
C VAL W 63 -43.58 39.00 66.08
N LEU W 64 -42.57 39.86 66.05
CA LEU W 64 -41.27 39.46 65.54
C LEU W 64 -40.72 38.28 66.33
N THR W 65 -40.96 38.23 67.63
CA THR W 65 -40.50 37.10 68.43
C THR W 65 -41.10 35.80 67.94
N GLU W 66 -42.41 35.77 67.72
CA GLU W 66 -43.05 34.55 67.24
C GLU W 66 -42.50 34.17 65.87
N SER W 67 -42.33 35.15 64.99
CA SER W 67 -41.81 34.86 63.67
C SER W 67 -40.44 34.21 63.75
N LEU W 68 -39.56 34.75 64.60
CA LEU W 68 -38.24 34.13 64.73
C LEU W 68 -38.32 32.75 65.39
N ARG W 69 -39.22 32.58 66.35
CA ARG W 69 -39.35 31.28 67.00
C ARG W 69 -39.68 30.21 65.98
N LYS W 70 -40.71 30.45 65.19
CA LYS W 70 -41.11 29.44 64.22
C LYS W 70 -39.97 29.16 63.24
N VAL W 71 -39.30 30.22 62.79
CA VAL W 71 -38.23 30.04 61.79
C VAL W 71 -37.13 29.15 62.36
N PHE W 72 -36.71 29.43 63.59
CA PHE W 72 -35.68 28.57 64.18
C PHE W 72 -36.18 27.15 64.35
N CYS W 73 -37.48 26.98 64.59
CA CYS W 73 -38.02 25.63 64.70
C CYS W 73 -37.93 24.89 63.37
N MET W 74 -38.22 25.58 62.26
CA MET W 74 -38.38 24.90 60.98
C MET W 74 -37.07 24.66 60.24
N CYS W 75 -35.94 25.18 60.72
CA CYS W 75 -34.67 25.07 59.98
C CYS W 75 -33.54 24.80 60.98
N LYS W 76 -33.11 23.54 61.04
CA LYS W 76 -32.03 23.19 61.95
C LYS W 76 -30.71 23.83 61.55
N SER W 77 -30.54 24.19 60.28
CA SER W 77 -29.30 24.81 59.84
C SER W 77 -29.42 25.21 58.39
N GLY W 78 -28.34 25.81 57.88
CA GLY W 78 -28.27 26.15 56.47
C GLY W 78 -28.96 27.43 56.08
N VAL W 79 -29.44 28.21 57.04
CA VAL W 79 -30.12 29.47 56.77
C VAL W 79 -29.58 30.53 57.73
N SER W 80 -29.24 31.69 57.17
CA SER W 80 -28.79 32.84 57.95
C SER W 80 -29.98 33.76 58.19
N VAL W 81 -30.16 34.17 59.43
CA VAL W 81 -31.37 34.86 59.87
C VAL W 81 -31.10 36.35 59.97
N TYR W 82 -31.98 37.16 59.37
CA TYR W 82 -31.94 38.60 59.51
C TYR W 82 -33.33 39.11 59.82
N ALA W 83 -33.39 40.25 60.51
CA ALA W 83 -34.65 40.81 60.97
C ALA W 83 -34.66 42.31 60.76
N LEU W 84 -35.86 42.86 60.63
CA LEU W 84 -36.09 44.30 60.51
C LEU W 84 -37.27 44.69 61.39
N PRO W 85 -37.02 45.12 62.62
CA PRO W 85 -38.13 45.48 63.50
C PRO W 85 -38.81 46.77 63.05
N ARG W 86 -40.09 46.90 63.40
CA ARG W 86 -40.88 48.09 63.12
C ARG W 86 -41.64 48.51 64.36
N ALA W 87 -41.75 49.82 64.56
CA ALA W 87 -42.42 50.34 65.73
C ALA W 87 -43.93 50.38 65.53
N ASP W 88 -44.65 50.44 66.65
CA ASP W 88 -46.10 50.46 66.59
C ASP W 88 -46.58 51.75 65.96
N ALA W 89 -47.77 51.70 65.36
CA ALA W 89 -48.37 52.88 64.77
C ALA W 89 -48.69 53.90 65.86
N ALA W 90 -48.58 55.18 65.51
CA ALA W 90 -48.82 56.24 66.49
C ALA W 90 -50.23 56.13 67.07
N ALA W 91 -51.22 55.97 66.22
CA ALA W 91 -52.59 55.78 66.68
C ALA W 91 -52.80 54.34 67.14
N ALA W 92 -51.98 53.91 68.09
CA ALA W 92 -52.06 52.54 68.58
C ALA W 92 -53.40 52.31 69.26
N VAL W 93 -54.03 51.18 68.97
CA VAL W 93 -55.25 50.77 69.63
C VAL W 93 -55.18 49.26 69.83
N SER W 94 -54.82 48.84 71.03
CA SER W 94 -54.80 47.41 71.32
C SER W 94 -56.19 46.85 71.12
N ALA W 95 -56.28 45.71 70.42
CA ALA W 95 -57.56 45.04 70.30
C ALA W 95 -57.95 44.47 71.67
N VAL W 96 -59.26 44.33 71.87
CA VAL W 96 -59.79 43.82 73.13
C VAL W 96 -60.80 42.72 72.84
N TYR W 97 -60.61 41.58 73.50
CA TYR W 97 -61.57 40.48 73.47
C TYR W 97 -62.01 40.17 74.89
N THR W 98 -63.21 39.62 75.00
CA THR W 98 -63.81 39.35 76.30
C THR W 98 -64.16 37.87 76.41
N LEU W 99 -63.64 37.22 77.44
CA LEU W 99 -63.97 35.83 77.74
C LEU W 99 -64.72 35.77 79.06
N THR W 100 -65.80 35.00 79.09
CA THR W 100 -66.69 34.95 80.24
C THR W 100 -66.74 33.53 80.78
N VAL W 101 -66.56 33.39 82.09
CA VAL W 101 -66.80 32.12 82.76
C VAL W 101 -68.21 32.18 83.35
N THR W 102 -69.11 31.35 82.83
CA THR W 102 -70.51 31.42 83.21
C THR W 102 -70.94 30.07 83.79
N GLY W 103 -71.96 30.12 84.64
CA GLY W 103 -72.45 28.92 85.27
C GLY W 103 -71.67 28.59 86.53
N THR W 104 -72.07 27.46 87.14
CA THR W 104 -71.46 27.01 88.38
C THR W 104 -71.45 25.49 88.42
N ALA W 105 -70.28 24.90 88.54
CA ALA W 105 -70.15 23.46 88.39
C ALA W 105 -70.91 22.73 89.48
N LEU W 106 -71.35 21.51 89.16
CA LEU W 106 -71.86 20.58 90.15
C LEU W 106 -71.09 19.26 90.13
N THR W 107 -70.09 19.13 89.27
CA THR W 107 -69.21 17.97 89.23
C THR W 107 -67.77 18.44 89.04
N ASP W 108 -66.85 17.51 89.24
CA ASP W 108 -65.48 17.74 88.78
C ASP W 108 -65.41 17.56 87.27
N GLY W 109 -64.38 18.13 86.67
CA GLY W 109 -64.17 17.97 85.25
C GLY W 109 -63.02 18.80 84.75
N ARG W 110 -62.54 18.42 83.57
CA ARG W 110 -61.37 19.05 82.95
C ARG W 110 -61.81 19.97 81.84
N VAL W 111 -61.25 21.18 81.83
CA VAL W 111 -61.48 22.16 80.77
C VAL W 111 -60.13 22.53 80.19
N GLN W 112 -60.00 22.39 78.87
CA GLN W 112 -58.79 22.78 78.16
C GLN W 112 -59.19 23.55 76.91
N LEU W 113 -58.44 24.60 76.61
CA LEU W 113 -58.82 25.54 75.58
C LEU W 113 -57.71 25.66 74.55
N TYR W 114 -58.11 25.97 73.31
CA TYR W 114 -57.18 26.25 72.24
C TYR W 114 -57.40 27.67 71.76
N MET W 115 -56.31 28.42 71.61
CA MET W 115 -56.38 29.85 71.32
C MET W 115 -55.47 30.22 70.15
N GLY W 116 -55.22 29.28 69.24
CA GLY W 116 -54.41 29.55 68.08
C GLY W 116 -53.09 28.79 68.01
N GLU W 117 -52.73 28.04 69.04
CA GLU W 117 -51.56 27.19 68.98
C GLU W 117 -51.51 26.31 70.21
N ALA W 118 -50.69 25.27 70.12
CA ALA W 118 -50.41 24.42 71.28
C ALA W 118 -49.99 25.24 72.48
N GLU W 119 -48.85 25.93 72.40
CA GLU W 119 -48.29 26.58 73.58
C GLU W 119 -49.28 27.50 74.27
N TYR W 120 -50.19 28.11 73.51
CA TYR W 120 -51.24 28.94 74.06
C TYR W 120 -52.50 28.13 74.34
N SER W 121 -52.46 26.83 74.07
CA SER W 121 -53.47 25.92 74.58
C SER W 121 -53.11 25.51 75.99
N LEU W 122 -54.13 25.26 76.79
CA LEU W 122 -53.93 24.93 78.20
C LEU W 122 -54.98 23.93 78.63
N ASP W 123 -54.60 23.08 79.58
CA ASP W 123 -55.49 22.07 80.13
C ASP W 123 -55.61 22.26 81.63
N ILE W 124 -56.84 22.40 82.11
CA ILE W 124 -57.11 22.73 83.51
C ILE W 124 -58.46 22.14 83.90
N GLY W 125 -58.77 22.20 85.19
CA GLY W 125 -60.02 21.68 85.69
C GLY W 125 -60.07 21.80 87.19
N VAL W 126 -61.12 21.21 87.77
CA VAL W 126 -61.33 21.20 89.21
C VAL W 126 -61.69 19.79 89.61
N ASP W 127 -61.48 19.48 90.90
CA ASP W 127 -61.61 18.11 91.39
C ASP W 127 -62.57 18.04 92.57
N GLU W 128 -63.63 18.84 92.55
CA GLU W 128 -64.71 18.71 93.51
C GLU W 128 -65.97 19.32 92.90
N GLY W 129 -67.12 18.90 93.41
CA GLY W 129 -68.37 19.36 92.87
C GLY W 129 -68.80 20.70 93.44
N ASP W 130 -69.83 21.26 92.83
CA ASP W 130 -70.47 22.47 93.32
C ASP W 130 -69.50 23.64 93.37
N THR W 131 -68.60 23.77 92.40
CA THR W 131 -67.67 24.90 92.34
C THR W 131 -68.21 26.04 91.46
N PRO W 132 -68.54 27.20 92.03
CA PRO W 132 -68.97 28.36 91.23
C PRO W 132 -67.82 28.97 90.44
N THR W 133 -68.11 30.11 89.80
CA THR W 133 -67.13 30.77 88.93
C THR W 133 -65.89 31.21 89.67
N GLN W 134 -66.01 31.77 90.87
CA GLN W 134 -64.86 32.27 91.59
C GLN W 134 -63.78 31.22 91.74
N ILE W 135 -64.16 29.96 91.97
CA ILE W 135 -63.19 28.88 91.92
C ILE W 135 -62.57 28.80 90.53
N ALA W 136 -63.33 29.16 89.50
CA ALA W 136 -62.78 29.30 88.15
C ALA W 136 -62.07 30.64 88.06
N ALA W 137 -61.70 31.03 86.84
CA ALA W 137 -60.90 32.22 86.57
C ALA W 137 -59.49 32.12 87.12
N LYS W 138 -59.05 30.90 87.45
CA LYS W 138 -57.66 30.68 87.84
C LYS W 138 -56.74 30.60 86.63
N ILE W 139 -57.30 30.72 85.43
CA ILE W 139 -56.58 30.50 84.18
C ILE W 139 -55.43 31.47 84.07
N VAL W 140 -55.70 32.75 84.36
CA VAL W 140 -54.69 33.78 84.16
C VAL W 140 -53.46 33.55 85.02
N ALA W 141 -53.52 32.66 86.00
CA ALA W 141 -52.38 32.38 86.85
C ALA W 141 -51.45 31.32 86.27
N ALA W 142 -51.79 30.74 85.11
CA ALA W 142 -50.95 29.71 84.52
C ALA W 142 -50.72 29.89 83.02
N ILE W 143 -51.40 30.82 82.36
CA ILE W 143 -51.20 31.03 80.93
C ILE W 143 -49.74 31.38 80.68
N SER W 144 -49.27 31.11 79.46
CA SER W 144 -47.85 31.24 79.17
C SER W 144 -47.43 32.71 79.15
N PRO W 145 -46.14 32.98 79.40
CA PRO W 145 -45.67 34.37 79.28
C PRO W 145 -45.80 34.94 77.87
N ASP W 146 -45.61 34.11 76.85
CA ASP W 146 -45.46 34.59 75.48
C ASP W 146 -46.77 34.82 74.75
N PHE W 147 -47.91 34.54 75.37
CA PHE W 147 -49.16 34.73 74.69
C PHE W 147 -49.27 36.17 74.19
N PRO W 148 -49.57 36.40 72.90
CA PRO W 148 -49.48 37.76 72.35
C PRO W 148 -50.51 38.75 72.89
N TYR W 149 -51.32 38.34 73.85
CA TYR W 149 -52.32 39.22 74.45
C TYR W 149 -52.16 39.23 75.96
N GLU W 150 -52.66 40.28 76.60
CA GLU W 150 -52.77 40.27 78.05
C GLU W 150 -54.18 39.90 78.47
N ALA W 151 -54.32 39.49 79.74
CA ALA W 151 -55.60 39.07 80.28
C ALA W 151 -55.85 39.78 81.60
N THR W 152 -57.13 40.09 81.86
CA THR W 152 -57.47 40.83 83.07
C THR W 152 -57.29 40.02 84.35
N ALA W 153 -57.80 38.79 84.38
CA ALA W 153 -57.73 37.92 85.55
C ALA W 153 -58.79 38.25 86.61
N ALA W 154 -59.86 38.93 86.24
CA ALA W 154 -60.96 39.18 87.18
C ALA W 154 -62.05 38.14 87.01
N ALA W 155 -62.59 37.69 88.14
CA ALA W 155 -63.61 36.65 88.12
C ALA W 155 -64.87 37.15 87.42
N GLY W 156 -65.68 36.21 86.96
CA GLY W 156 -66.86 36.53 86.19
C GLY W 156 -66.57 36.58 84.70
N VAL W 157 -65.66 37.46 84.30
CA VAL W 157 -65.21 37.57 82.91
C VAL W 157 -63.75 38.01 82.91
N ILE W 158 -62.96 37.45 82.00
CA ILE W 158 -61.58 37.87 81.79
C ILE W 158 -61.47 38.44 80.39
N THR W 159 -60.97 39.67 80.29
CA THR W 159 -60.86 40.38 79.02
C THR W 159 -59.43 40.33 78.52
N LEU W 160 -59.27 40.20 77.21
CA LEU W 160 -57.97 40.06 76.60
C LEU W 160 -57.62 41.33 75.83
N THR W 161 -56.36 41.76 75.95
CA THR W 161 -55.90 42.98 75.31
C THR W 161 -54.63 42.70 74.53
N ALA W 162 -54.53 43.34 73.36
CA ALA W 162 -53.38 43.12 72.50
C ALA W 162 -52.11 43.70 73.12
N ARG W 163 -51.01 42.95 72.99
CA ARG W 163 -49.71 43.51 73.32
C ARG W 163 -49.17 44.40 72.21
N ASN W 164 -49.86 44.47 71.08
CA ASN W 164 -49.53 45.42 70.03
C ASN W 164 -50.81 45.90 69.37
N GLY W 165 -50.75 47.09 68.80
CA GLY W 165 -51.93 47.70 68.21
C GLY W 165 -52.14 47.23 66.78
N GLY W 166 -52.93 48.00 66.05
CA GLY W 166 -53.14 47.75 64.64
C GLY W 166 -54.05 46.56 64.39
N THR W 167 -54.17 46.23 63.10
CA THR W 167 -55.05 45.14 62.69
C THR W 167 -54.55 43.78 63.12
N ILE W 168 -53.33 43.70 63.66
CA ILE W 168 -52.77 42.40 64.02
C ILE W 168 -53.70 41.67 64.99
N GLY W 169 -54.28 42.39 65.95
CA GLY W 169 -55.02 41.73 67.00
C GLY W 169 -56.36 41.16 66.59
N ASN W 170 -56.88 41.55 65.43
CA ASN W 170 -58.26 41.22 65.09
C ASN W 170 -58.50 39.75 64.77
N HIS W 171 -57.45 38.94 64.64
CA HIS W 171 -57.59 37.59 64.10
C HIS W 171 -57.57 36.49 65.14
N LEU W 172 -57.40 36.79 66.43
CA LEU W 172 -57.39 35.73 67.41
C LEU W 172 -58.75 35.04 67.48
N SER W 173 -58.73 33.75 67.79
CA SER W 173 -59.92 33.00 68.15
C SER W 173 -59.57 32.01 69.25
N VAL W 174 -60.55 31.74 70.11
CA VAL W 174 -60.40 30.84 71.25
C VAL W 174 -61.42 29.73 71.12
N ILE W 175 -61.04 28.54 71.54
CA ILE W 175 -61.87 27.35 71.39
C ILE W 175 -61.94 26.60 72.71
N TYR W 176 -63.11 26.05 73.00
CA TYR W 176 -63.28 25.08 74.07
C TYR W 176 -63.33 23.71 73.41
N THR W 177 -62.49 22.79 73.88
CA THR W 177 -62.20 21.60 73.10
C THR W 177 -62.93 20.36 73.60
N ASN W 178 -63.33 20.35 74.86
CA ASN W 178 -63.72 19.11 75.52
C ASN W 178 -65.17 18.72 75.30
N LEU W 179 -65.98 19.53 74.61
CA LEU W 179 -67.37 19.16 74.43
C LEU W 179 -67.51 17.83 73.70
N GLY W 180 -66.49 17.39 73.00
CA GLY W 180 -66.51 16.07 72.39
C GLY W 180 -66.37 15.02 73.47
N SER W 181 -67.42 14.89 74.27
CA SER W 181 -67.37 14.05 75.47
C SER W 181 -66.97 12.64 75.10
N CYS W 182 -65.90 12.15 75.73
CA CYS W 182 -65.45 10.77 75.59
C CYS W 182 -64.44 10.49 76.69
N THR W 183 -63.15 10.66 76.39
CA THR W 183 -62.12 10.52 77.42
C THR W 183 -62.07 11.75 78.34
N SER W 184 -62.38 12.93 77.81
CA SER W 184 -62.34 14.17 78.58
C SER W 184 -63.69 14.35 79.28
N VAL W 185 -63.69 14.25 80.60
CA VAL W 185 -64.90 14.45 81.40
C VAL W 185 -64.99 15.95 81.69
N THR W 186 -65.72 16.67 80.84
CA THR W 186 -65.91 18.09 81.07
C THR W 186 -66.69 18.31 82.36
N PRO W 187 -66.40 19.37 83.11
CA PRO W 187 -67.14 19.60 84.35
C PRO W 187 -68.56 20.03 84.06
N GLU W 188 -69.52 19.25 84.56
CA GLU W 188 -70.92 19.57 84.34
C GLU W 188 -71.27 20.89 85.01
N GLY W 189 -72.14 21.67 84.36
CA GLY W 189 -72.55 22.95 84.88
C GLY W 189 -71.60 24.09 84.59
N VAL W 190 -70.63 23.90 83.70
CA VAL W 190 -69.66 24.94 83.37
C VAL W 190 -69.82 25.30 81.90
N THR W 191 -69.95 26.60 81.63
CA THR W 191 -70.09 27.10 80.27
C THR W 191 -69.21 28.32 80.10
N VAL W 192 -68.86 28.62 78.84
CA VAL W 192 -68.02 29.75 78.51
C VAL W 192 -68.58 30.45 77.27
N ALA W 193 -68.28 31.74 77.16
CA ALA W 193 -68.64 32.52 75.98
C ALA W 193 -67.50 33.47 75.65
N PHE W 194 -67.46 33.89 74.38
CA PHE W 194 -66.34 34.65 73.86
C PHE W 194 -66.88 35.72 72.91
N ALA W 195 -66.15 36.83 72.80
CA ALA W 195 -66.49 37.86 71.82
C ALA W 195 -65.44 38.94 71.83
N GLN W 196 -65.31 39.62 70.70
CA GLN W 196 -64.42 40.76 70.58
C GLN W 196 -65.16 42.04 70.92
N THR W 197 -64.42 43.03 71.43
CA THR W 197 -64.98 44.33 71.75
C THR W 197 -64.32 45.46 70.96
N THR W 198 -62.99 45.49 70.92
CA THR W 198 -62.25 46.62 70.38
C THR W 198 -61.45 46.19 69.15
N PRO W 199 -61.74 46.70 67.97
CA PRO W 199 -60.95 46.36 66.80
C PRO W 199 -59.63 47.12 66.77
N GLY W 200 -58.74 46.66 65.88
CA GLY W 200 -57.47 47.34 65.71
C GLY W 200 -57.62 48.61 64.89
N SER W 201 -56.84 49.62 65.26
CA SER W 201 -56.99 50.93 64.64
C SER W 201 -56.23 51.07 63.33
N VAL W 202 -54.89 51.05 63.40
CA VAL W 202 -54.05 51.41 62.26
C VAL W 202 -52.71 50.71 62.40
N ASN W 203 -52.04 50.51 61.26
CA ASN W 203 -50.78 49.81 61.21
C ASN W 203 -49.72 50.70 60.55
N PRO W 204 -48.45 50.54 60.90
CA PRO W 204 -47.41 51.32 60.24
C PRO W 204 -47.28 50.94 58.78
N GLU W 205 -46.86 51.89 57.96
CA GLU W 205 -46.77 51.73 56.52
C GLU W 205 -45.43 52.24 56.00
N PRO W 206 -44.33 51.65 56.46
CA PRO W 206 -43.01 52.13 56.05
C PRO W 206 -42.79 52.00 54.55
N ASN W 207 -42.04 52.94 54.01
CA ASN W 207 -41.74 52.96 52.58
C ASN W 207 -40.28 53.36 52.38
N ASP W 208 -39.39 52.76 53.15
CA ASP W 208 -37.96 53.12 53.14
C ASP W 208 -37.07 51.95 52.77
N TYR W 209 -37.56 50.98 52.01
CA TYR W 209 -36.79 49.78 51.76
C TYR W 209 -35.47 50.10 51.05
N ALA W 210 -35.51 50.99 50.07
CA ALA W 210 -34.30 51.33 49.35
C ALA W 210 -33.25 51.94 50.26
N SER W 211 -33.64 52.41 51.44
CA SER W 211 -32.73 52.99 52.41
C SER W 211 -32.31 51.99 53.47
N VAL W 212 -33.27 51.41 54.20
CA VAL W 212 -32.94 50.53 55.30
C VAL W 212 -32.18 49.29 54.86
N VAL W 213 -32.54 48.70 53.72
CA VAL W 213 -31.77 47.61 53.13
C VAL W 213 -30.57 48.22 52.43
N ASN W 214 -29.40 47.62 52.64
CA ASN W 214 -28.16 48.16 52.10
C ASN W 214 -27.94 47.64 50.68
N GLU W 215 -29.01 47.24 50.01
CA GLU W 215 -28.93 46.67 48.67
C GLU W 215 -28.15 45.36 48.68
N CYS W 216 -28.09 44.71 49.84
CA CYS W 216 -27.51 43.38 49.92
C CYS W 216 -28.55 42.34 49.56
N CYS W 217 -28.22 41.47 48.61
CA CYS W 217 -29.20 40.54 48.06
C CYS W 217 -29.77 39.65 49.16
N PHE W 218 -31.09 39.55 49.19
CA PHE W 218 -31.80 38.69 50.12
C PHE W 218 -32.64 37.69 49.33
N ALA W 219 -32.52 36.41 49.69
CA ALA W 219 -33.19 35.37 48.92
C ALA W 219 -34.68 35.33 49.19
N VAL W 220 -35.09 35.47 50.45
CA VAL W 220 -36.48 35.23 50.86
C VAL W 220 -36.95 36.39 51.72
N TYR W 221 -38.14 36.88 51.44
CA TYR W 221 -38.76 37.94 52.23
C TYR W 221 -40.01 37.41 52.90
N VAL W 222 -40.10 37.58 54.21
CA VAL W 222 -41.27 37.19 54.98
C VAL W 222 -41.81 38.43 55.66
N LEU W 223 -43.10 38.71 55.46
CA LEU W 223 -43.75 39.87 56.03
C LEU W 223 -44.91 39.39 56.89
N SER W 224 -44.84 39.66 58.19
CA SER W 224 -45.86 39.21 59.14
C SER W 224 -46.90 40.28 59.39
N SER W 225 -47.62 40.69 58.36
CA SER W 225 -48.65 41.70 58.51
C SER W 225 -49.70 41.55 57.43
N ASP W 226 -50.81 42.24 57.61
CA ASP W 226 -51.98 42.09 56.75
C ASP W 226 -52.42 43.42 56.12
N ASP W 227 -51.59 44.45 56.17
CA ASP W 227 -51.91 45.71 55.52
C ASP W 227 -51.63 45.59 54.02
N THR W 228 -52.66 45.84 53.20
CA THR W 228 -52.47 45.76 51.76
C THR W 228 -51.44 46.78 51.28
N ASP W 229 -51.44 47.97 51.85
CA ASP W 229 -50.47 48.97 51.45
C ASP W 229 -49.05 48.50 51.70
N TRP W 230 -48.81 47.86 52.84
CA TRP W 230 -47.48 47.36 53.15
C TRP W 230 -47.01 46.37 52.10
N GLN W 231 -47.86 45.39 51.77
CA GLN W 231 -47.48 44.41 50.76
C GLN W 231 -47.29 45.06 49.40
N GLU W 232 -48.11 46.06 49.09
CA GLU W 232 -47.94 46.76 47.82
C GLU W 232 -46.57 47.41 47.75
N ASN W 233 -46.16 48.09 48.83
CA ASN W 233 -44.84 48.69 48.85
C ASN W 233 -43.77 47.63 48.69
N LEU W 234 -43.93 46.49 49.36
CA LEU W 234 -42.92 45.44 49.28
C LEU W 234 -42.82 44.88 47.87
N ARG W 235 -43.95 44.76 47.17
CA ARG W 235 -43.93 44.17 45.84
C ARG W 235 -43.02 44.95 44.90
N ASP W 236 -43.17 46.26 44.89
CA ASP W 236 -42.37 47.09 44.01
C ASP W 236 -40.90 47.06 44.39
N TRP W 237 -40.59 46.95 45.68
CA TRP W 237 -39.21 46.76 46.09
C TRP W 237 -38.66 45.48 45.50
N ILE W 238 -39.43 44.40 45.54
CA ILE W 238 -38.96 43.16 44.95
C ILE W 238 -38.75 43.32 43.45
N ARG W 239 -39.71 43.94 42.76
CA ARG W 239 -39.51 44.24 41.35
C ARG W 239 -38.18 44.93 41.13
N SER W 240 -37.85 45.88 42.02
CA SER W 240 -36.64 46.67 41.83
C SER W 240 -35.40 45.78 41.83
N ALA W 241 -35.30 44.87 42.79
CA ALA W 241 -34.19 43.93 42.77
C ALA W 241 -34.17 43.12 41.50
N TRP W 242 -35.34 42.92 40.89
CA TRP W 242 -35.47 42.16 39.66
C TRP W 242 -35.14 43.00 38.43
N ASP W 243 -35.03 44.31 38.59
CA ASP W 243 -35.04 45.25 37.49
C ASP W 243 -33.62 45.61 37.05
N CYS W 244 -33.54 46.20 35.85
CA CYS W 244 -32.25 46.65 35.32
C CYS W 244 -31.72 47.86 36.08
N SER W 245 -32.53 48.48 36.93
CA SER W 245 -32.10 49.69 37.63
C SER W 245 -30.84 49.44 38.47
N LYS W 246 -30.55 48.20 38.81
CA LYS W 246 -29.32 47.84 39.50
C LYS W 246 -29.04 46.37 39.21
N PRO W 247 -27.82 45.92 39.50
CA PRO W 247 -27.53 44.49 39.31
C PRO W 247 -28.52 43.63 40.07
N GLN W 248 -28.93 42.53 39.45
CA GLN W 248 -30.01 41.73 40.01
C GLN W 248 -29.61 41.15 41.35
N CYS W 249 -30.57 41.13 42.28
CA CYS W 249 -30.40 40.58 43.61
C CYS W 249 -31.61 39.71 43.91
N PHE W 250 -31.88 38.78 42.99
CA PHE W 250 -33.15 38.08 42.92
C PHE W 250 -33.65 37.65 44.29
N GLY W 251 -34.97 37.64 44.44
CA GLY W 251 -35.57 37.21 45.69
C GLY W 251 -37.06 36.98 45.53
N HIS W 252 -37.67 36.52 46.60
CA HIS W 252 -39.09 36.22 46.65
C HIS W 252 -39.65 36.63 48.00
N GLY W 253 -40.95 36.92 48.05
CA GLY W 253 -41.63 37.32 49.26
C GLY W 253 -42.91 36.55 49.46
N TYR W 254 -43.29 36.36 50.72
CA TYR W 254 -44.50 35.61 51.06
C TYR W 254 -45.35 36.44 52.01
N VAL W 255 -46.67 36.42 51.80
CA VAL W 255 -47.61 37.14 52.65
C VAL W 255 -48.92 36.37 52.66
N PHE W 256 -49.81 36.74 53.58
CA PHE W 256 -51.08 36.06 53.74
C PHE W 256 -52.24 37.04 53.68
N ASN W 257 -53.38 36.52 53.26
CA ASN W 257 -54.64 37.25 53.26
C ASN W 257 -55.69 36.38 53.92
N LYS W 258 -56.62 37.01 54.63
CA LYS W 258 -57.70 36.32 55.31
C LYS W 258 -59.00 37.03 55.01
N GLY W 259 -60.08 36.26 54.92
CA GLY W 259 -61.39 36.84 54.67
C GLY W 259 -62.27 35.87 53.92
N THR W 260 -63.43 36.39 53.51
CA THR W 260 -64.35 35.61 52.71
C THR W 260 -63.85 35.51 51.27
N LEU W 261 -64.42 34.57 50.52
CA LEU W 261 -63.97 34.35 49.15
C LEU W 261 -64.01 35.65 48.35
N GLY W 262 -65.12 36.37 48.44
CA GLY W 262 -65.19 37.64 47.72
C GLY W 262 -64.15 38.62 48.20
N GLN W 263 -63.94 38.69 49.51
CA GLN W 263 -62.96 39.63 50.06
C GLN W 263 -61.56 39.30 49.60
N VAL W 264 -61.17 38.03 49.66
CA VAL W 264 -59.79 37.65 49.39
C VAL W 264 -59.47 37.81 47.90
N LEU W 265 -60.39 37.42 47.03
CA LEU W 265 -60.12 37.54 45.60
C LEU W 265 -59.80 38.96 45.20
N ALA W 266 -60.27 39.94 45.97
CA ALA W 266 -60.05 41.33 45.61
C ALA W 266 -58.58 41.74 45.70
N ASP W 267 -57.73 40.89 46.28
CA ASP W 267 -56.32 41.21 46.47
C ASP W 267 -55.42 40.56 45.43
N GLY W 268 -55.97 40.02 44.35
CA GLY W 268 -55.17 39.36 43.34
C GLY W 268 -54.51 40.35 42.39
N ASP W 269 -53.49 41.05 42.88
CA ASP W 269 -52.86 42.13 42.12
C ASP W 269 -51.71 41.62 41.24
N ASN W 270 -52.03 40.57 40.47
CA ASN W 270 -51.19 40.09 39.37
C ASN W 270 -49.71 40.13 39.69
N SER W 271 -49.32 39.89 40.94
CA SER W 271 -47.92 40.01 41.34
C SER W 271 -47.20 38.71 41.03
N ALA W 272 -46.07 38.81 40.33
CA ALA W 272 -45.27 37.65 40.00
C ALA W 272 -44.17 37.38 41.02
N GLU W 273 -44.14 38.14 42.10
CA GLU W 273 -43.03 38.07 43.05
C GLU W 273 -43.47 37.58 44.42
N LEU W 274 -44.77 37.35 44.61
CA LEU W 274 -45.34 37.07 45.91
C LEU W 274 -45.92 35.66 45.93
N SER W 275 -46.40 35.25 47.10
CA SER W 275 -47.14 34.02 47.25
C SER W 275 -48.21 34.25 48.31
N ARG W 276 -49.45 34.45 47.88
CA ARG W 276 -50.51 34.88 48.75
C ARG W 276 -51.16 33.66 49.37
N LEU W 277 -50.80 33.37 50.62
CA LEU W 277 -51.36 32.24 51.35
C LEU W 277 -52.78 32.59 51.79
N ALA W 278 -53.77 32.05 51.08
CA ALA W 278 -55.17 32.38 51.34
C ALA W 278 -55.65 31.59 52.55
N LEU W 279 -56.48 32.23 53.38
CA LEU W 279 -57.04 31.59 54.55
C LEU W 279 -58.50 31.97 54.73
N PRO W 280 -59.30 31.12 55.38
CA PRO W 280 -60.71 31.43 55.59
C PRO W 280 -60.93 32.33 56.81
N THR W 281 -62.13 32.90 56.88
CA THR W 281 -62.47 33.79 57.97
C THR W 281 -62.35 33.09 59.32
N THR W 282 -62.82 31.85 59.39
CA THR W 282 -62.82 31.09 60.63
C THR W 282 -61.52 30.34 60.86
N TYR W 283 -60.47 30.68 60.13
CA TYR W 283 -59.18 30.02 60.29
C TYR W 283 -58.72 30.11 61.74
N PRO W 284 -58.74 29.01 62.49
CA PRO W 284 -58.45 29.07 63.94
C PRO W 284 -56.96 29.03 64.26
N VAL W 285 -56.18 29.88 63.60
CA VAL W 285 -54.76 30.01 63.88
C VAL W 285 -54.35 31.45 63.59
N LEU W 286 -53.42 31.97 64.37
CA LEU W 286 -52.92 33.30 64.11
C LEU W 286 -52.21 33.29 62.77
N PRO W 287 -52.68 34.03 61.75
CA PRO W 287 -52.13 33.83 60.41
C PRO W 287 -50.62 33.95 60.32
N TYR W 288 -50.02 34.93 60.98
CA TYR W 288 -48.59 35.12 60.81
C TYR W 288 -47.79 33.90 61.27
N LEU W 289 -48.34 33.09 62.16
CA LEU W 289 -47.62 31.90 62.59
C LEU W 289 -47.42 30.93 61.44
N THR W 290 -48.47 30.70 60.64
CA THR W 290 -48.36 29.76 59.53
C THR W 290 -47.51 30.35 58.41
N ASN W 291 -47.73 31.62 58.07
CA ASN W 291 -46.97 32.23 57.01
C ASN W 291 -45.48 32.11 57.26
N ALA W 292 -45.05 32.40 58.50
CA ALA W 292 -43.63 32.34 58.81
C ALA W 292 -43.09 30.94 58.65
N ALA W 293 -43.82 29.95 59.16
CA ALA W 293 -43.34 28.57 59.06
C ALA W 293 -43.21 28.15 57.61
N TYR W 294 -44.22 28.44 56.79
CA TYR W 294 -44.15 28.07 55.38
C TYR W 294 -42.98 28.76 54.70
N GLY W 295 -42.83 30.07 54.94
CA GLY W 295 -41.72 30.77 54.32
C GLY W 295 -40.38 30.20 54.71
N ALA W 296 -40.20 29.87 55.99
CA ALA W 296 -38.96 29.25 56.41
C ALA W 296 -38.77 27.92 55.72
N LEU W 297 -39.84 27.12 55.60
CA LEU W 297 -39.72 25.83 54.95
C LEU W 297 -39.25 25.99 53.51
N SER W 298 -39.76 27.00 52.82
CA SER W 298 -39.29 27.28 51.48
C SER W 298 -37.89 27.84 51.45
N ALA W 299 -37.31 28.18 52.59
CA ALA W 299 -35.96 28.72 52.62
C ALA W 299 -34.98 27.60 52.30
N CYS W 300 -33.69 27.92 52.35
CA CYS W 300 -32.67 26.93 52.02
C CYS W 300 -32.84 25.64 52.78
N SER W 301 -33.61 25.64 53.87
CA SER W 301 -33.96 24.38 54.51
C SER W 301 -34.46 23.38 53.50
N THR W 302 -35.01 23.83 52.39
CA THR W 302 -35.48 22.96 51.33
C THR W 302 -35.05 23.39 49.93
N CYS W 303 -34.79 24.67 49.72
CA CYS W 303 -34.48 25.20 48.39
C CYS W 303 -33.00 25.51 48.22
N GLU W 304 -32.11 24.69 48.77
CA GLU W 304 -30.76 24.63 48.23
C GLU W 304 -30.76 23.93 46.88
N ASN W 305 -31.77 23.10 46.63
CA ASN W 305 -31.98 22.48 45.32
C ASN W 305 -33.10 23.24 44.64
N PRO W 306 -32.80 24.31 43.91
CA PRO W 306 -33.86 25.27 43.56
C PRO W 306 -35.00 24.67 42.78
N GLU W 307 -34.81 23.53 42.13
CA GLU W 307 -35.86 22.94 41.32
C GLU W 307 -36.91 22.19 42.14
N LEU W 308 -36.69 22.03 43.44
CA LEU W 308 -37.61 21.26 44.25
C LEU W 308 -38.91 22.03 44.49
N ASN W 309 -40.04 21.37 44.26
CA ASN W 309 -41.34 21.96 44.55
C ASN W 309 -41.77 21.61 45.97
N VAL W 310 -42.41 22.56 46.62
CA VAL W 310 -42.89 22.39 47.99
C VAL W 310 -44.40 22.14 47.90
N GLN W 311 -44.78 20.89 48.00
CA GLN W 311 -46.18 20.50 47.88
C GLN W 311 -46.42 19.21 48.61
N GLY W 312 -47.68 18.80 48.65
CA GLY W 312 -48.04 17.46 49.06
C GLY W 312 -47.62 17.18 50.50
N GLN W 313 -47.90 15.95 50.91
CA GLN W 313 -47.66 15.54 52.29
C GLN W 313 -46.23 15.07 52.53
N THR W 314 -45.44 14.90 51.48
CA THR W 314 -44.06 14.48 51.68
C THR W 314 -43.15 15.67 51.97
N TYR W 315 -43.42 16.80 51.34
CA TYR W 315 -42.57 17.97 51.46
C TYR W 315 -43.33 19.21 51.92
N GLY W 316 -44.57 19.39 51.45
CA GLY W 316 -45.33 20.55 51.84
C GLY W 316 -45.82 20.54 53.26
N LEU W 317 -45.53 19.49 54.02
CA LEU W 317 -45.98 19.38 55.41
C LEU W 317 -45.04 20.16 56.31
N LEU W 318 -45.28 21.45 56.44
CA LEU W 318 -44.58 22.23 57.45
C LEU W 318 -44.82 21.63 58.81
N SER W 319 -43.76 21.55 59.61
CA SER W 319 -43.81 20.77 60.85
C SER W 319 -45.00 21.19 61.68
N CYS W 320 -45.39 20.32 62.61
CA CYS W 320 -46.72 20.43 63.20
C CYS W 320 -46.93 21.74 63.93
N ILE W 321 -47.67 22.64 63.31
CA ILE W 321 -48.28 23.77 63.99
C ILE W 321 -49.61 23.24 64.52
N ASN W 322 -49.55 22.50 65.62
CA ASN W 322 -50.73 21.80 66.13
C ASN W 322 -51.97 22.68 66.02
N MET W 323 -53.07 22.08 65.60
CA MET W 323 -54.35 22.74 65.55
C MET W 323 -55.42 21.69 65.82
N PRO W 324 -56.58 22.11 66.31
CA PRO W 324 -57.68 21.16 66.49
C PRO W 324 -58.08 20.55 65.15
N GLU W 325 -58.53 19.31 65.20
CA GLU W 325 -58.97 18.59 64.02
C GLU W 325 -60.49 18.59 63.96
N SER W 326 -61.04 18.76 62.77
CA SER W 326 -62.47 18.92 62.62
C SER W 326 -62.94 18.33 61.30
N CYS W 327 -64.23 18.01 61.23
CA CYS W 327 -64.84 17.55 60.00
C CYS W 327 -65.41 18.73 59.23
N THR W 328 -64.60 19.75 59.00
CA THR W 328 -65.04 20.93 58.29
C THR W 328 -63.85 21.44 57.47
N PRO W 329 -64.01 21.63 56.16
CA PRO W 329 -62.85 22.00 55.34
C PRO W 329 -62.37 23.42 55.53
N GLY W 330 -63.23 24.32 55.98
CA GLY W 330 -62.86 25.74 55.99
C GLY W 330 -63.03 26.36 54.64
N TRP W 331 -62.39 25.81 53.62
CA TRP W 331 -62.60 26.20 52.24
C TRP W 331 -63.39 25.12 51.53
N GLU W 332 -64.61 25.44 51.14
CA GLU W 332 -65.42 24.50 50.37
C GLU W 332 -64.78 24.28 49.01
N PHE W 333 -65.01 23.09 48.46
CA PHE W 333 -64.25 22.69 47.28
C PHE W 333 -64.34 23.71 46.17
N THR W 334 -65.54 24.19 45.85
CA THR W 334 -65.65 25.22 44.82
C THR W 334 -64.79 26.40 45.16
N GLU W 335 -64.77 26.79 46.44
CA GLU W 335 -63.88 27.86 46.87
C GLU W 335 -62.43 27.48 46.61
N VAL W 336 -62.09 26.21 46.83
CA VAL W 336 -60.71 25.79 46.64
C VAL W 336 -60.31 25.95 45.18
N THR W 337 -61.16 25.51 44.26
CA THR W 337 -60.86 25.66 42.85
C THR W 337 -60.78 27.12 42.44
N GLN W 338 -61.72 27.93 42.92
CA GLN W 338 -61.65 29.36 42.62
C GLN W 338 -60.31 29.94 43.07
N LEU W 339 -59.89 29.63 44.29
CA LEU W 339 -58.64 30.17 44.80
C LEU W 339 -57.47 29.71 43.94
N GLN W 340 -57.41 28.42 43.63
CA GLN W 340 -56.26 27.91 42.88
C GLN W 340 -56.19 28.56 41.51
N ASN W 341 -57.34 28.77 40.87
CA ASN W 341 -57.34 29.32 39.52
C ASN W 341 -57.08 30.82 39.49
N ASN W 342 -56.53 31.40 40.55
CA ASN W 342 -56.19 32.82 40.56
C ASN W 342 -54.90 33.08 41.33
N GLY W 343 -54.00 32.10 41.38
CA GLY W 343 -52.71 32.30 42.01
C GLY W 343 -52.73 32.36 43.51
N PHE W 344 -53.58 31.59 44.17
CA PHE W 344 -53.68 31.62 45.62
C PHE W 344 -53.30 30.26 46.21
N VAL W 345 -52.35 30.29 47.12
CA VAL W 345 -51.90 29.09 47.81
C VAL W 345 -53.01 28.63 48.76
N VAL W 346 -53.25 27.32 48.80
CA VAL W 346 -54.25 26.72 49.67
C VAL W 346 -53.61 25.63 50.49
N SER W 347 -53.87 25.64 51.79
CA SER W 347 -53.30 24.66 52.71
C SER W 347 -54.40 24.08 53.57
N GLY W 348 -54.21 22.82 53.97
CA GLY W 348 -55.21 22.12 54.74
C GLY W 348 -54.63 21.07 55.66
N PRO W 349 -55.48 20.51 56.52
CA PRO W 349 -55.00 19.52 57.49
C PRO W 349 -54.52 18.26 56.80
N ALA W 350 -53.53 17.61 57.42
CA ALA W 350 -53.05 16.34 56.91
C ALA W 350 -54.06 15.22 57.10
N THR W 351 -54.78 15.21 58.21
CA THR W 351 -55.80 14.21 58.46
C THR W 351 -56.98 14.87 59.15
N THR W 352 -58.16 14.26 59.01
CA THR W 352 -59.38 14.81 59.57
C THR W 352 -60.23 13.69 60.14
N SER W 353 -60.81 13.94 61.31
CA SER W 353 -61.76 13.00 61.91
C SER W 353 -62.61 13.76 62.92
N GLY W 354 -63.76 13.17 63.24
CA GLY W 354 -64.67 13.81 64.17
C GLY W 354 -64.15 13.85 65.60
N GLN W 355 -63.40 12.83 66.01
CA GLN W 355 -62.86 12.81 67.36
C GLN W 355 -62.06 14.08 67.64
N GLY W 356 -61.40 14.62 66.62
CA GLY W 356 -60.97 16.01 66.64
C GLY W 356 -59.85 16.39 67.57
N ASN W 357 -58.61 15.98 67.26
CA ASN W 357 -57.48 16.49 68.00
C ASN W 357 -56.19 16.29 67.22
N PHE W 358 -55.26 17.22 67.41
CA PHE W 358 -53.84 17.01 67.15
C PHE W 358 -53.52 16.82 65.67
N THR W 359 -53.94 17.76 64.82
CA THR W 359 -53.53 17.70 63.42
C THR W 359 -52.55 18.82 63.09
N SER W 360 -52.00 18.75 61.88
CA SER W 360 -51.11 19.78 61.37
C SER W 360 -51.45 20.03 59.92
N PRO W 361 -51.20 21.23 59.40
CA PRO W 361 -51.58 21.54 58.02
C PRO W 361 -50.47 21.25 57.03
N TYR W 362 -50.86 21.17 55.75
CA TYR W 362 -49.90 21.08 54.66
C TYR W 362 -50.45 21.83 53.46
N ILE W 363 -49.57 22.08 52.51
CA ILE W 363 -49.86 22.99 51.40
C ILE W 363 -50.25 22.19 50.17
N TYR W 364 -51.31 22.62 49.49
CA TYR W 364 -51.82 21.89 48.34
C TYR W 364 -51.12 22.24 47.05
N ASN W 365 -50.53 23.44 46.97
CA ASN W 365 -49.87 23.88 45.75
C ASN W 365 -48.84 24.94 46.10
N ASP W 366 -47.92 25.19 45.17
CA ASP W 366 -46.84 26.16 45.39
C ASP W 366 -46.80 27.10 44.17
N VAL W 367 -47.60 28.16 44.23
CA VAL W 367 -47.85 29.00 43.08
C VAL W 367 -47.70 30.46 43.48
N THR W 368 -47.37 31.30 42.50
CA THR W 368 -47.29 32.73 42.69
C THR W 368 -48.53 33.40 42.12
N ASN W 369 -48.70 34.68 42.46
CA ASN W 369 -49.88 35.42 42.05
C ASN W 369 -49.76 35.92 40.61
N TYR W 370 -48.82 35.38 39.85
CA TYR W 370 -48.65 35.79 38.47
C TYR W 370 -49.83 35.31 37.62
N LEU W 371 -50.34 36.20 36.77
CA LEU W 371 -51.38 35.84 35.83
C LEU W 371 -51.29 36.79 34.64
N ARG W 372 -51.90 36.39 33.54
CA ARG W 372 -51.90 37.23 32.33
C ARG W 372 -50.44 37.46 31.94
N ASP W 373 -50.12 38.68 31.48
CA ASP W 373 -48.79 38.97 30.96
C ASP W 373 -48.55 40.48 31.09
N GLU W 374 -47.33 40.91 30.75
CA GLU W 374 -47.02 42.33 30.78
C GLU W 374 -48.06 43.15 30.05
N LYS W 375 -48.49 42.69 28.88
CA LYS W 375 -49.73 43.15 28.27
C LYS W 375 -50.65 41.95 28.16
N ASN W 376 -51.94 42.19 28.43
CA ASN W 376 -52.85 41.12 28.77
C ASN W 376 -52.73 39.94 27.80
N ARG W 377 -52.24 38.82 28.31
CA ARG W 377 -52.17 37.53 27.62
C ARG W 377 -52.11 36.42 28.67
N PRO W 378 -53.14 35.58 28.77
CA PRO W 378 -53.09 34.50 29.77
C PRO W 378 -52.01 33.49 29.41
N ASN W 379 -51.14 33.20 30.37
CA ASN W 379 -50.06 32.25 30.17
C ASN W 379 -49.64 31.70 31.53
N ALA W 380 -48.73 30.73 31.50
CA ALA W 380 -48.27 30.07 32.72
C ALA W 380 -46.76 29.86 32.75
N THR W 381 -45.97 30.79 32.21
CA THR W 381 -44.52 30.64 32.29
C THR W 381 -44.05 30.68 33.74
N PHE W 382 -44.61 31.56 34.55
CA PHE W 382 -44.22 31.68 35.95
C PHE W 382 -45.34 31.31 36.91
N ARG W 383 -46.25 30.43 36.50
CA ARG W 383 -47.31 30.01 37.41
C ARG W 383 -46.73 29.27 38.61
N ASP W 384 -45.79 28.35 38.37
CA ASP W 384 -45.26 27.55 39.45
C ASP W 384 -44.21 28.32 40.22
N ALA W 385 -44.11 28.05 41.51
CA ALA W 385 -43.20 28.81 42.36
C ALA W 385 -41.75 28.62 41.92
N SER W 386 -41.35 27.38 41.66
CA SER W 386 -39.95 27.12 41.38
C SER W 386 -39.46 27.87 40.16
N SER W 387 -40.35 28.25 39.25
CA SER W 387 -39.91 28.92 38.04
C SER W 387 -39.11 30.17 38.35
N ARG W 388 -39.47 30.90 39.41
CA ARG W 388 -38.65 32.04 39.79
C ARG W 388 -37.26 31.61 40.22
N ARG W 389 -37.16 30.56 41.01
CA ARG W 389 -35.85 30.15 41.50
C ARG W 389 -34.95 29.72 40.36
N LEU W 390 -35.49 28.96 39.40
CA LEU W 390 -34.70 28.59 38.23
C LEU W 390 -34.34 29.81 37.40
N ALA W 391 -35.24 30.78 37.29
CA ALA W 391 -34.91 32.00 36.56
C ALA W 391 -33.72 32.69 37.19
N ALA W 392 -33.72 32.79 38.52
CA ALA W 392 -32.61 33.43 39.21
C ALA W 392 -31.31 32.64 39.01
N ALA W 393 -31.40 31.32 39.11
CA ALA W 393 -30.20 30.52 38.89
C ALA W 393 -29.67 30.72 37.48
N THR W 394 -30.55 30.74 36.49
CA THR W 394 -30.13 30.98 35.12
C THR W 394 -29.47 32.34 34.98
N GLY W 395 -30.06 33.36 35.60
CA GLY W 395 -29.48 34.69 35.52
C GLY W 395 -28.09 34.75 36.09
N VAL W 396 -27.90 34.19 37.28
CA VAL W 396 -26.57 34.23 37.89
C VAL W 396 -25.58 33.43 37.05
N ALA W 397 -26.00 32.26 36.57
CA ALA W 397 -25.09 31.45 35.77
C ALA W 397 -24.64 32.19 34.52
N LEU W 398 -25.60 32.74 33.77
CA LEU W 398 -25.26 33.47 32.57
C LEU W 398 -24.36 34.66 32.87
N ALA W 399 -24.67 35.40 33.93
CA ALA W 399 -23.84 36.54 34.28
C ALA W 399 -22.41 36.11 34.58
N THR W 400 -22.26 34.98 35.28
CA THR W 400 -20.91 34.47 35.51
C THR W 400 -20.23 34.13 34.19
N PHE W 401 -20.96 33.49 33.28
CA PHE W 401 -20.36 33.06 32.02
C PHE W 401 -19.90 34.25 31.21
N LEU W 402 -20.77 35.23 31.01
CA LEU W 402 -20.41 36.38 30.18
C LEU W 402 -19.21 37.12 30.72
N GLN W 403 -18.90 36.95 32.01
CA GLN W 403 -17.81 37.72 32.59
C GLN W 403 -16.52 37.55 31.79
N GLN W 404 -16.28 36.36 31.24
CA GLN W 404 -14.99 36.11 30.61
C GLN W 404 -14.78 36.96 29.37
N PHE W 405 -15.83 37.59 28.84
CA PHE W 405 -15.66 38.47 27.69
C PHE W 405 -15.12 39.84 28.06
N ASN W 406 -15.07 40.20 29.34
CA ASN W 406 -14.65 41.53 29.72
C ASN W 406 -13.22 41.78 29.24
N GLY W 407 -12.98 42.99 28.72
CA GLY W 407 -11.65 43.38 28.32
C GLY W 407 -11.16 42.78 27.03
N LEU W 408 -12.02 42.14 26.26
CA LEU W 408 -11.60 41.44 25.05
C LEU W 408 -11.74 42.36 23.84
N ALA W 409 -10.70 42.43 23.02
CA ALA W 409 -10.74 43.29 21.85
C ALA W 409 -11.93 42.91 20.95
N VAL W 410 -12.26 43.80 20.02
CA VAL W 410 -13.36 43.58 19.10
C VAL W 410 -13.09 44.31 17.79
N PHE W 411 -13.49 43.69 16.69
CA PHE W 411 -13.36 44.26 15.35
C PHE W 411 -14.68 44.09 14.61
N THR W 412 -15.16 45.18 14.01
CA THR W 412 -16.45 45.14 13.33
C THR W 412 -16.44 45.64 11.89
N LYS W 413 -15.63 46.65 11.55
CA LYS W 413 -15.59 47.09 10.16
C LYS W 413 -15.07 45.99 9.25
N ASN W 414 -14.03 45.28 9.68
CA ASN W 414 -13.37 44.28 8.85
C ASN W 414 -13.04 43.10 9.75
N THR W 415 -13.83 42.05 9.67
CA THR W 415 -13.85 41.01 10.68
C THR W 415 -12.57 40.18 10.75
N ASN W 416 -11.66 40.32 9.79
CA ASN W 416 -10.41 39.57 9.86
C ASN W 416 -9.64 39.98 11.10
N ILE W 417 -9.18 39.00 11.86
CA ILE W 417 -8.31 39.24 13.01
C ILE W 417 -6.88 38.91 12.61
N LYS W 418 -5.96 39.82 12.89
CA LYS W 418 -4.56 39.58 12.58
C LYS W 418 -4.04 38.42 13.42
N THR W 419 -3.03 37.72 12.91
CA THR W 419 -2.50 36.57 13.60
C THR W 419 -1.87 36.98 14.93
N GLY W 420 -2.16 36.20 15.97
CA GLY W 420 -1.56 36.40 17.26
C GLY W 420 -2.27 37.39 18.16
N ILE W 421 -3.29 38.07 17.68
CA ILE W 421 -4.02 39.03 18.50
C ILE W 421 -5.10 38.30 19.29
N ILE W 422 -5.41 38.82 20.46
CA ILE W 422 -6.47 38.28 21.30
C ILE W 422 -7.72 39.12 21.08
N GLY W 423 -8.78 38.50 20.60
CA GLY W 423 -9.98 39.25 20.27
C GLY W 423 -11.08 38.35 19.76
N THR W 424 -12.11 38.99 19.22
CA THR W 424 -13.28 38.29 18.71
C THR W 424 -14.14 39.28 17.92
N ASN W 425 -15.33 38.84 17.55
CA ASN W 425 -16.28 39.71 16.87
C ASN W 425 -17.69 39.20 17.11
N LEU W 426 -18.66 39.84 16.47
CA LEU W 426 -20.06 39.57 16.79
C LEU W 426 -20.45 38.13 16.47
N ARG W 427 -20.06 37.64 15.29
CA ARG W 427 -20.47 36.30 14.91
C ARG W 427 -19.93 35.26 15.89
N LEU W 428 -18.66 35.37 16.24
CA LEU W 428 -18.07 34.39 17.14
C LEU W 428 -18.75 34.42 18.49
N MET W 429 -19.01 35.61 19.02
CA MET W 429 -19.70 35.70 20.29
C MET W 429 -21.09 35.06 20.20
N LEU W 430 -21.81 35.33 19.12
CA LEU W 430 -23.13 34.73 18.98
C LEU W 430 -23.02 33.21 18.98
N GLY W 431 -22.04 32.68 18.26
CA GLY W 431 -21.88 31.24 18.23
C GLY W 431 -21.59 30.67 19.60
N LYS W 432 -20.72 31.32 20.36
CA LYS W 432 -20.36 30.76 21.65
C LYS W 432 -21.53 30.86 22.63
N ILE W 433 -22.30 31.93 22.55
CA ILE W 433 -23.51 32.01 23.37
C ILE W 433 -24.46 30.89 23.02
N ARG W 434 -24.65 30.62 21.74
CA ARG W 434 -25.52 29.52 21.34
C ARG W 434 -25.02 28.20 21.90
N LYS W 435 -23.70 27.97 21.83
CA LYS W 435 -23.16 26.74 22.39
C LYS W 435 -23.49 26.61 23.86
N TRP W 436 -23.20 27.65 24.64
CA TRP W 436 -23.48 27.58 26.07
C TRP W 436 -24.96 27.33 26.33
N ALA W 437 -25.83 28.03 25.59
CA ALA W 437 -27.25 27.82 25.78
C ALA W 437 -27.62 26.37 25.52
N SER W 438 -27.10 25.79 24.43
CA SER W 438 -27.43 24.42 24.12
C SER W 438 -26.94 23.47 25.19
N ASP W 439 -25.82 23.79 25.85
CA ASP W 439 -25.30 22.86 26.84
C ASP W 439 -26.31 22.63 27.96
N ASN W 440 -26.93 23.68 28.46
CA ASN W 440 -27.74 23.60 29.66
C ASN W 440 -29.17 23.17 29.40
N VAL W 441 -29.51 22.76 28.18
CA VAL W 441 -30.85 22.23 27.95
C VAL W 441 -31.12 21.09 28.93
N GLY W 442 -32.33 21.07 29.47
CA GLY W 442 -32.76 19.99 30.32
C GLY W 442 -32.55 20.19 31.80
N VAL W 443 -31.62 21.04 32.20
CA VAL W 443 -31.40 21.32 33.62
C VAL W 443 -32.11 22.61 34.02
N LEU W 444 -32.06 23.62 33.14
CA LEU W 444 -32.70 24.90 33.39
C LEU W 444 -33.65 25.34 32.29
N PHE W 445 -33.46 24.88 31.06
CA PHE W 445 -34.29 25.27 29.93
C PHE W 445 -35.00 24.06 29.37
N SER W 446 -36.19 24.28 28.85
CA SER W 446 -36.75 23.29 27.96
C SER W 446 -36.18 23.49 26.56
N GLU W 447 -36.04 22.40 25.83
CA GLU W 447 -35.41 22.46 24.52
C GLU W 447 -36.03 23.56 23.67
N PHE W 448 -35.20 24.46 23.18
CA PHE W 448 -35.67 25.59 22.41
C PHE W 448 -36.43 25.11 21.18
N ASP W 449 -37.49 25.85 20.83
CA ASP W 449 -38.21 25.55 19.60
C ASP W 449 -37.32 25.80 18.39
N ASN W 450 -36.86 27.04 18.21
CA ASN W 450 -36.04 27.40 17.06
C ASN W 450 -34.93 28.33 17.56
N ILE W 451 -33.75 27.77 17.78
CA ILE W 451 -32.68 28.51 18.42
C ILE W 451 -32.28 29.73 17.62
N ASN W 452 -32.39 29.66 16.30
CA ASN W 452 -31.97 30.80 15.48
C ASN W 452 -32.85 32.02 15.66
N GLU W 453 -33.86 31.96 16.51
CA GLU W 453 -34.71 33.12 16.75
C GLU W 453 -34.91 33.37 18.24
N ASP W 454 -34.81 32.32 19.05
CA ASP W 454 -35.02 32.48 20.49
C ASP W 454 -33.89 33.24 21.16
N ILE W 455 -32.74 33.37 20.51
CA ILE W 455 -31.61 34.11 21.05
C ILE W 455 -31.14 35.08 19.99
N GLN W 456 -31.08 36.36 20.33
CA GLN W 456 -30.56 37.36 19.41
C GLN W 456 -29.74 38.38 20.18
N LEU W 457 -28.64 38.79 19.57
CA LEU W 457 -27.64 39.64 20.20
C LEU W 457 -27.68 41.01 19.57
N VAL W 458 -27.73 42.04 20.39
CA VAL W 458 -27.77 43.42 19.94
C VAL W 458 -26.63 44.18 20.58
N SER W 459 -25.79 44.81 19.76
CA SER W 459 -24.66 45.58 20.25
C SER W 459 -25.02 47.05 20.34
N ASP W 460 -24.27 47.76 21.17
CA ASP W 460 -24.52 49.18 21.37
C ASP W 460 -24.22 50.01 20.12
N PHE W 461 -23.45 49.47 19.18
CA PHE W 461 -23.01 50.23 18.02
C PHE W 461 -23.96 50.11 16.83
N ASP W 462 -25.11 49.47 17.00
CA ASP W 462 -26.00 49.24 15.87
C ASP W 462 -26.79 50.49 15.49
N VAL W 463 -27.21 51.29 16.47
CA VAL W 463 -28.22 52.34 16.28
C VAL W 463 -27.60 53.73 16.35
N GLN W 464 -27.01 54.08 17.49
CA GLN W 464 -26.62 55.46 17.73
C GLN W 464 -25.59 55.91 16.69
N PRO W 465 -25.51 57.22 16.41
CA PRO W 465 -24.75 57.69 15.25
C PRO W 465 -23.23 57.64 15.42
N LYS W 466 -22.52 58.22 14.47
CA LYS W 466 -21.06 58.15 14.39
C LYS W 466 -20.40 58.48 15.72
N CYS W 467 -19.64 57.51 16.25
CA CYS W 467 -18.80 57.69 17.43
C CYS W 467 -19.60 57.87 18.72
N VAL W 468 -20.92 58.01 18.61
CA VAL W 468 -21.72 58.14 19.83
C VAL W 468 -21.69 56.82 20.60
N GLY W 469 -21.65 55.69 19.89
CA GLY W 469 -21.71 54.40 20.53
C GLY W 469 -20.66 54.26 21.62
N GLN W 470 -21.12 54.27 22.87
CA GLN W 470 -20.19 54.14 23.99
C GLN W 470 -19.56 52.75 23.98
N PRO W 471 -18.28 52.63 24.30
CA PRO W 471 -17.60 51.34 24.13
C PRO W 471 -17.78 50.38 25.29
N GLY W 472 -18.43 49.25 25.05
CA GLY W 472 -18.43 48.16 26.02
C GLY W 472 -19.77 47.65 26.50
N VAL W 473 -20.84 47.84 25.74
CA VAL W 473 -22.17 47.41 26.13
C VAL W 473 -22.82 46.68 24.97
N PHE W 474 -23.46 45.55 25.28
CA PHE W 474 -24.23 44.81 24.28
C PHE W 474 -25.47 44.22 24.93
N HIS W 475 -26.55 44.16 24.16
CA HIS W 475 -27.84 43.65 24.62
C HIS W 475 -28.01 42.23 24.10
N LEU W 476 -28.55 41.36 24.95
CA LEU W 476 -28.72 39.95 24.63
C LEU W 476 -30.16 39.57 24.94
N ASN W 477 -30.98 39.42 23.91
CA ASN W 477 -32.37 39.01 24.08
C ASN W 477 -32.42 37.49 24.08
N MET W 478 -32.64 36.90 25.25
CA MET W 478 -32.76 35.45 25.39
C MET W 478 -34.16 35.08 25.84
N ARG W 479 -34.73 34.06 25.21
CA ARG W 479 -36.01 33.54 25.65
C ARG W 479 -35.78 32.38 26.61
N TYR W 480 -36.83 31.99 27.33
CA TYR W 480 -36.70 31.01 28.40
C TYR W 480 -37.98 30.21 28.54
N ARG W 481 -37.85 28.90 28.74
CA ARG W 481 -38.97 28.03 29.01
C ARG W 481 -38.60 27.09 30.16
N PRO W 482 -39.36 27.07 31.25
CA PRO W 482 -38.99 26.20 32.36
C PRO W 482 -39.20 24.74 31.99
N PRO W 483 -38.41 23.83 32.56
CA PRO W 483 -38.63 22.41 32.29
C PRO W 483 -39.99 21.97 32.80
N VAL W 484 -40.65 21.10 32.04
CA VAL W 484 -41.99 20.65 32.40
C VAL W 484 -41.91 19.59 33.48
N ARG W 485 -42.92 19.53 34.32
CA ARG W 485 -43.02 18.53 35.37
C ARG W 485 -44.44 17.99 35.45
N GLY W 486 -44.56 16.69 35.72
CA GLY W 486 -45.87 16.10 35.88
C GLY W 486 -46.65 16.82 36.96
N ALA W 487 -47.92 17.11 36.67
CA ALA W 487 -48.72 17.92 37.57
C ALA W 487 -50.04 17.25 37.94
N ARG W 488 -50.70 16.60 36.98
CA ARG W 488 -52.03 16.07 37.25
C ARG W 488 -52.30 14.88 36.34
N ILE W 489 -52.96 13.88 36.89
CA ILE W 489 -53.32 12.66 36.17
C ILE W 489 -54.81 12.42 36.34
N ASN W 490 -55.47 12.03 35.26
CA ASN W 490 -56.89 11.69 35.29
C ASN W 490 -57.02 10.18 35.12
N VAL W 491 -57.79 9.55 36.01
CA VAL W 491 -57.94 8.10 36.02
C VAL W 491 -59.39 7.77 35.74
N ASN W 492 -59.63 6.85 34.81
CA ASN W 492 -60.95 6.31 34.54
C ASN W 492 -60.90 4.81 34.80
N LEU W 493 -61.51 4.38 35.89
CA LEU W 493 -61.44 3.00 36.34
C LEU W 493 -62.76 2.32 35.98
N VAL W 494 -62.69 1.21 35.27
CA VAL W 494 -63.86 0.64 34.60
C VAL W 494 -64.01 -0.82 34.97
N PRO W 495 -64.51 -1.14 36.17
CA PRO W 495 -64.66 -2.54 36.55
C PRO W 495 -65.66 -3.26 35.66
N ALA W 496 -65.45 -4.56 35.49
CA ALA W 496 -66.34 -5.39 34.69
C ALA W 496 -66.25 -6.82 35.19
N LEU W 497 -67.22 -7.63 34.78
CA LEU W 497 -67.32 -8.99 35.31
C LEU W 497 -66.66 -9.99 34.37
N PHE W 498 -66.29 -11.13 34.94
CA PHE W 498 -65.71 -12.22 34.16
C PHE W 498 -66.74 -12.72 33.15
N ASP W 499 -66.26 -13.12 31.97
CA ASP W 499 -67.14 -13.38 30.84
C ASP W 499 -66.59 -14.52 30.00
N ASN W 500 -67.43 -15.01 29.09
CA ASN W 500 -67.05 -16.07 28.17
C ASN W 500 -66.64 -17.31 28.93
N CYS X 3 -21.22 35.58 1.01
CA CYS X 3 -20.69 35.12 -0.30
C CYS X 3 -20.77 33.61 -0.41
N ASN X 4 -22.00 33.09 -0.56
CA ASN X 4 -22.24 31.64 -0.61
C ASN X 4 -21.60 31.00 -1.80
N LYS X 5 -20.79 31.71 -2.57
CA LYS X 5 -20.10 31.14 -3.71
C LYS X 5 -18.61 31.41 -3.63
N GLN X 6 -18.00 31.14 -2.47
CA GLN X 6 -16.55 31.06 -2.39
C GLN X 6 -16.20 30.20 -1.18
N ASN X 7 -15.08 29.49 -1.26
CA ASN X 7 -14.67 28.55 -0.24
C ASN X 7 -13.36 28.99 0.38
N GLY X 8 -13.31 29.04 1.71
CA GLY X 8 -12.10 29.41 2.42
C GLY X 8 -12.34 29.62 3.89
N VAL X 9 -11.27 29.73 4.67
CA VAL X 9 -11.37 29.96 6.11
C VAL X 9 -11.07 31.42 6.39
N LYS X 10 -11.76 32.00 7.35
CA LYS X 10 -11.65 33.42 7.64
C LYS X 10 -11.04 33.72 9.00
N ASN X 11 -11.26 32.86 9.99
CA ASN X 11 -10.67 33.04 11.31
C ASN X 11 -10.55 31.69 12.01
N ILE X 12 -9.57 31.59 12.89
CA ILE X 12 -9.40 30.43 13.75
C ILE X 12 -9.02 30.92 15.13
N LEU X 13 -9.71 30.44 16.15
CA LEU X 13 -9.45 30.85 17.53
C LEU X 13 -9.27 29.63 18.41
N ILE X 14 -8.49 29.78 19.46
CA ILE X 14 -8.18 28.69 20.37
C ILE X 14 -8.03 29.26 21.77
N THR X 15 -8.48 28.50 22.77
CA THR X 15 -8.41 28.92 24.16
C THR X 15 -7.99 27.75 25.02
N PHE X 16 -6.72 27.71 25.39
CA PHE X 16 -6.13 26.57 26.08
C PHE X 16 -6.48 26.59 27.54
N THR X 17 -6.48 25.42 28.15
CA THR X 17 -6.56 25.27 29.60
C THR X 17 -5.65 24.14 30.00
N HIS X 18 -4.96 24.31 31.12
CA HIS X 18 -4.01 23.32 31.61
C HIS X 18 -4.69 22.47 32.67
N CYS X 19 -4.73 21.16 32.42
CA CYS X 19 -5.46 20.27 33.33
C CYS X 19 -4.92 20.34 34.74
N ASP X 20 -3.61 20.17 34.91
CA ASP X 20 -3.01 20.03 36.23
C ASP X 20 -2.98 21.32 37.02
N THR X 21 -2.57 22.43 36.41
CA THR X 21 -2.42 23.68 37.13
C THR X 21 -3.62 24.60 36.99
N GLY X 22 -4.38 24.47 35.92
CA GLY X 22 -5.56 25.31 35.76
C GLY X 22 -5.31 26.67 35.17
N GLU X 23 -4.18 26.89 34.49
CA GLU X 23 -3.97 28.16 33.81
C GLU X 23 -4.91 28.29 32.63
N VAL X 24 -5.11 29.52 32.18
CA VAL X 24 -5.97 29.80 31.04
C VAL X 24 -5.28 30.83 30.16
N ILE X 25 -5.32 30.61 28.86
CA ILE X 25 -4.80 31.54 27.87
C ILE X 25 -5.95 31.96 26.97
N GLY X 26 -6.26 33.25 26.97
CA GLY X 26 -7.42 33.76 26.28
C GLY X 26 -7.39 33.41 24.81
N PRO X 27 -8.48 33.67 24.10
CA PRO X 27 -8.56 33.28 22.68
C PRO X 27 -7.42 33.92 21.90
N ILE X 28 -6.82 33.13 21.01
CA ILE X 28 -5.71 33.57 20.18
C ILE X 28 -5.98 33.17 18.75
N SER X 29 -5.73 34.08 17.82
CA SER X 29 -5.90 33.74 16.41
C SER X 29 -4.86 32.71 15.99
N HIS X 30 -5.01 32.19 14.78
CA HIS X 30 -4.05 31.28 14.19
C HIS X 30 -4.19 31.28 12.68
N GLU X 31 -3.13 30.83 12.01
CA GLU X 31 -3.10 30.78 10.56
C GLU X 31 -2.64 29.41 10.09
N GLN X 32 -3.13 29.00 8.94
CA GLN X 32 -2.89 27.65 8.47
C GLN X 32 -1.51 27.52 7.84
N PRO X 33 -0.90 26.34 7.90
CA PRO X 33 0.41 26.15 7.28
C PRO X 33 0.37 25.92 5.79
N ASP X 34 -0.69 25.36 5.25
CA ASP X 34 -0.77 25.11 3.81
C ASP X 34 -2.23 25.21 3.39
N ASP X 35 -2.55 24.66 2.23
CA ASP X 35 -3.87 24.87 1.64
C ASP X 35 -4.95 23.97 2.22
N THR X 36 -4.58 22.95 2.99
CA THR X 36 -5.58 22.01 3.51
C THR X 36 -6.51 22.72 4.47
N LEU X 37 -7.80 22.46 4.34
CA LEU X 37 -8.78 23.05 5.24
C LEU X 37 -9.11 22.08 6.36
N PRO X 38 -9.66 22.57 7.47
CA PRO X 38 -10.11 21.66 8.53
C PRO X 38 -11.22 20.76 8.03
N THR X 39 -11.61 19.83 8.88
CA THR X 39 -12.73 18.94 8.59
C THR X 39 -13.51 18.69 9.86
N TYR X 40 -14.72 18.20 9.72
CA TYR X 40 -15.62 18.10 10.86
C TYR X 40 -16.40 16.79 10.77
N LYS X 41 -17.05 16.44 11.87
CA LYS X 41 -18.00 15.35 11.86
C LYS X 41 -18.89 15.54 13.07
N THR X 42 -20.09 16.09 12.87
CA THR X 42 -20.90 16.57 13.98
C THR X 42 -21.85 15.52 14.54
N CYS X 43 -22.54 14.77 13.70
CA CYS X 43 -23.52 13.82 14.21
C CYS X 43 -22.84 12.83 15.13
N ALA X 44 -23.41 12.61 16.31
CA ALA X 44 -22.72 11.85 17.34
C ALA X 44 -22.98 10.36 17.25
N TRP X 45 -23.91 9.91 16.42
CA TRP X 45 -24.27 8.50 16.34
C TRP X 45 -23.56 7.86 15.14
N THR X 46 -23.28 6.57 15.24
CA THR X 46 -22.63 5.83 14.17
C THR X 46 -23.50 4.66 13.75
N ASN X 47 -23.71 4.52 12.44
CA ASN X 47 -24.56 3.47 11.88
C ASN X 47 -23.68 2.39 11.26
N THR X 48 -23.89 1.16 11.68
CA THR X 48 -23.21 0.00 11.11
C THR X 48 -24.19 -0.77 10.24
N ALA X 49 -23.70 -1.33 9.15
CA ALA X 49 -24.58 -1.98 8.19
C ALA X 49 -24.98 -3.38 8.67
N LEU X 50 -26.21 -3.76 8.34
CA LEU X 50 -26.70 -5.12 8.56
C LEU X 50 -27.36 -5.61 7.28
N THR X 51 -28.15 -6.67 7.36
CA THR X 51 -28.84 -7.21 6.20
C THR X 51 -30.22 -6.57 6.06
N ASN X 52 -30.64 -6.39 4.81
CA ASN X 52 -31.98 -5.90 4.49
C ASN X 52 -32.21 -4.48 5.01
N GLY X 53 -31.17 -3.66 5.01
CA GLY X 53 -31.35 -2.26 5.32
C GLY X 53 -31.44 -1.92 6.79
N ALA X 54 -31.39 -2.91 7.67
CA ALA X 54 -31.27 -2.60 9.08
C ALA X 54 -29.87 -2.06 9.38
N VAL X 55 -29.76 -1.27 10.43
CA VAL X 55 -28.48 -0.72 10.86
C VAL X 55 -28.44 -0.73 12.38
N MET X 56 -27.23 -0.77 12.93
CA MET X 56 -27.03 -0.72 14.36
C MET X 56 -26.59 0.67 14.77
N ARG X 57 -27.49 1.41 15.42
CA ARG X 57 -27.25 2.77 15.84
C ARG X 57 -26.62 2.75 17.22
N SER X 58 -25.47 3.40 17.36
CA SER X 58 -24.69 3.33 18.59
C SER X 58 -24.03 4.67 18.87
N ALA X 59 -23.59 4.83 20.12
CA ALA X 59 -23.02 6.09 20.56
C ALA X 59 -21.61 6.28 20.03
N SER X 60 -21.23 7.53 19.79
CA SER X 60 -19.92 7.84 19.26
C SER X 60 -19.64 9.32 19.44
N ASN X 61 -18.37 9.68 19.27
CA ASN X 61 -17.93 11.05 19.51
C ASN X 61 -18.12 11.91 18.27
N ALA X 62 -18.00 13.21 18.47
CA ALA X 62 -17.92 14.17 17.37
C ALA X 62 -16.56 14.83 17.37
N THR X 63 -15.92 14.86 16.21
CA THR X 63 -14.50 15.13 16.13
C THR X 63 -14.25 16.38 15.29
N MET X 64 -12.98 16.78 15.24
CA MET X 64 -12.53 17.84 14.35
C MET X 64 -11.06 17.63 14.07
N THR X 65 -10.62 18.04 12.88
CA THR X 65 -9.22 17.99 12.49
C THR X 65 -8.80 19.40 12.10
N LEU X 66 -7.68 19.88 12.65
CA LEU X 66 -7.38 21.31 12.63
C LEU X 66 -5.88 21.54 12.55
N PRO X 67 -5.34 21.77 11.34
CA PRO X 67 -3.92 22.10 11.22
C PRO X 67 -3.64 23.59 11.37
N VAL X 68 -2.72 23.96 12.26
CA VAL X 68 -2.46 25.35 12.59
C VAL X 68 -0.97 25.56 12.78
N VAL X 69 -0.50 26.74 12.42
CA VAL X 69 0.89 27.11 12.66
C VAL X 69 1.05 27.53 14.11
N ARG X 70 2.06 26.99 14.77
CA ARG X 70 2.21 27.18 16.20
C ARG X 70 2.34 28.66 16.55
N ASP X 71 1.80 29.04 17.68
CA ASP X 71 1.99 30.39 18.19
C ASP X 71 3.31 30.44 18.97
N PRO X 72 4.23 31.33 18.62
CA PRO X 72 5.58 31.26 19.21
C PRO X 72 5.62 31.55 20.70
N ARG X 73 4.49 31.74 21.37
CA ARG X 73 4.50 32.06 22.78
C ARG X 73 3.95 30.95 23.66
N VAL X 74 3.43 29.88 23.09
CA VAL X 74 2.78 28.80 23.84
C VAL X 74 3.68 27.58 23.79
N PRO X 75 3.88 26.86 24.89
CA PRO X 75 4.72 25.67 24.83
C PRO X 75 4.16 24.68 23.83
N LEU X 76 5.05 24.02 23.09
CA LEU X 76 4.58 23.04 22.13
C LEU X 76 3.75 21.96 22.80
N ALA X 77 4.09 21.59 24.02
CA ALA X 77 3.39 20.48 24.66
C ALA X 77 1.90 20.76 24.78
N TRP X 78 1.52 22.02 24.89
CA TRP X 78 0.10 22.33 25.05
C TRP X 78 -0.71 21.99 23.81
N TYR X 79 -0.12 22.08 22.62
CA TYR X 79 -0.87 21.69 21.44
C TYR X 79 -1.11 20.19 21.36
N GLN X 80 -0.33 19.40 22.07
CA GLN X 80 -0.52 17.96 22.15
C GLN X 80 -1.28 17.64 23.45
N GLY X 81 -1.33 16.36 23.80
CA GLY X 81 -2.27 15.89 24.79
C GLY X 81 -2.18 16.51 26.17
N CYS X 82 -1.30 17.48 26.41
CA CYS X 82 -1.11 18.01 27.75
C CYS X 82 -2.09 19.10 28.13
N ALA X 83 -2.97 19.53 27.23
CA ALA X 83 -3.83 20.67 27.52
C ALA X 83 -5.23 20.41 26.98
N GLN X 84 -6.20 21.13 27.54
CA GLN X 84 -7.58 21.07 27.10
C GLN X 84 -7.89 22.27 26.22
N ILE X 85 -8.68 22.05 25.18
CA ILE X 85 -8.77 23.01 24.07
C ILE X 85 -10.20 23.37 23.77
N ASP X 86 -10.41 24.61 23.35
CA ASP X 86 -11.66 25.11 22.79
C ASP X 86 -11.33 25.87 21.51
N ALA X 87 -12.11 25.63 20.46
CA ALA X 87 -11.75 26.17 19.16
C ALA X 87 -12.98 26.64 18.41
N GLN X 88 -12.76 27.52 17.44
CA GLN X 88 -13.82 28.02 16.58
C GLN X 88 -13.26 28.25 15.19
N VAL X 89 -14.14 28.21 14.20
CA VAL X 89 -13.77 28.48 12.82
C VAL X 89 -14.90 29.29 12.18
N GLU X 90 -14.53 30.30 11.42
CA GLU X 90 -15.49 31.09 10.66
C GLU X 90 -15.08 31.09 9.20
N LYS X 91 -15.92 30.53 8.35
CA LYS X 91 -15.67 30.51 6.92
C LYS X 91 -16.22 31.78 6.28
N PHE X 92 -15.92 31.96 5.00
CA PHE X 92 -16.36 33.17 4.32
C PHE X 92 -17.86 33.26 4.23
N ASP X 93 -18.52 32.17 3.88
CA ASP X 93 -19.95 32.23 3.63
C ASP X 93 -20.76 32.51 4.89
N GLY X 94 -20.12 32.69 6.05
CA GLY X 94 -20.81 33.01 7.27
C GLY X 94 -20.90 31.88 8.26
N THR X 95 -20.65 30.65 7.85
CA THR X 95 -20.72 29.52 8.77
C THR X 95 -19.73 29.70 9.91
N VAL X 96 -20.12 29.24 11.09
CA VAL X 96 -19.26 29.25 12.26
C VAL X 96 -19.38 27.90 12.96
N MET X 97 -18.24 27.28 13.25
CA MET X 97 -18.18 25.99 13.92
C MET X 97 -17.55 26.18 15.28
N THR X 98 -18.24 25.73 16.33
CA THR X 98 -17.77 25.93 17.69
C THR X 98 -17.61 24.60 18.40
N LEU X 99 -16.52 24.47 19.15
CA LEU X 99 -16.19 23.29 19.92
C LEU X 99 -15.75 23.72 21.30
N THR X 100 -16.03 22.89 22.31
CA THR X 100 -15.53 23.18 23.64
C THR X 100 -15.21 21.89 24.38
N GLU X 101 -14.34 22.01 25.38
CA GLU X 101 -13.86 20.87 26.16
C GLU X 101 -13.26 19.79 25.29
N GLY X 102 -12.59 20.16 24.20
CA GLY X 102 -11.97 19.15 23.37
C GLY X 102 -10.80 18.49 24.08
N ALA X 103 -10.43 17.32 23.61
CA ALA X 103 -9.24 16.62 24.07
C ALA X 103 -8.49 16.06 22.87
N VAL X 104 -7.17 16.22 22.88
CA VAL X 104 -6.36 15.77 21.75
C VAL X 104 -6.09 14.28 21.91
N THR X 105 -5.98 13.56 20.79
CA THR X 105 -5.84 12.12 20.83
C THR X 105 -4.72 11.66 19.91
N GLU X 106 -3.97 10.67 20.39
CA GLU X 106 -2.88 10.02 19.65
C GLU X 106 -2.09 11.05 18.84
N PRO X 107 -1.43 12.01 19.49
CA PRO X 107 -0.76 13.09 18.77
C PRO X 107 0.38 12.54 17.93
N GLU X 108 0.49 13.04 16.71
CA GLU X 108 1.60 12.69 15.85
C GLU X 108 2.72 13.71 16.02
N GLU X 109 3.95 13.27 15.76
CA GLU X 109 5.10 14.13 15.98
C GLU X 109 5.00 15.38 15.11
N SER X 110 5.39 16.51 15.70
CA SER X 110 5.43 17.78 15.00
C SER X 110 6.87 18.27 14.91
N ASP X 111 7.12 19.12 13.93
CA ASP X 111 8.47 19.61 13.71
C ASP X 111 8.71 20.98 14.30
N GLY X 112 7.83 21.48 15.14
CA GLY X 112 8.05 22.72 15.85
C GLY X 112 7.33 23.92 15.30
N ARG X 113 6.85 23.89 14.07
CA ARG X 113 6.11 25.02 13.54
C ARG X 113 4.77 24.64 12.95
N ALA X 114 4.66 23.52 12.26
CA ALA X 114 3.39 23.06 11.74
C ALA X 114 2.87 21.93 12.62
N VAL X 115 1.58 21.93 12.89
CA VAL X 115 0.98 20.97 13.81
C VAL X 115 -0.39 20.57 13.30
N THR X 116 -0.74 19.30 13.51
CA THR X 116 -2.06 18.78 13.24
C THR X 116 -2.64 18.23 14.53
N MET X 117 -3.84 18.68 14.88
CA MET X 117 -4.50 18.27 16.11
C MET X 117 -5.76 17.51 15.76
N THR X 118 -5.94 16.36 16.38
CA THR X 118 -7.15 15.55 16.22
C THR X 118 -7.97 15.67 17.50
N ILE X 119 -9.04 16.44 17.46
CA ILE X 119 -9.81 16.79 18.64
C ILE X 119 -11.13 16.04 18.60
N ILE X 120 -11.57 15.57 19.77
CA ILE X 120 -12.87 14.95 19.92
C ILE X 120 -13.59 15.62 21.08
N ALA X 121 -14.91 15.67 21.01
CA ALA X 121 -15.68 16.35 22.03
C ALA X 121 -17.08 15.76 22.07
N ALA X 122 -17.77 16.02 23.18
CA ALA X 122 -19.10 15.45 23.36
C ALA X 122 -20.08 15.98 22.33
N GLU X 123 -19.80 17.12 21.73
CA GLU X 123 -20.75 17.71 20.80
C GLU X 123 -20.14 18.94 20.14
N ILE X 124 -20.43 19.11 18.85
CA ILE X 124 -19.98 20.25 18.07
C ILE X 124 -21.19 20.97 17.53
N ASP X 125 -21.20 22.29 17.65
CA ASP X 125 -22.33 23.11 17.25
C ASP X 125 -22.01 23.93 16.01
N GLU X 126 -22.97 24.00 15.10
CA GLU X 126 -22.82 24.66 13.81
C GLU X 126 -23.82 25.81 13.72
N LEU X 127 -23.33 26.98 13.36
CA LEU X 127 -24.18 28.15 13.12
C LEU X 127 -24.24 28.42 11.64
N LEU X 128 -25.43 28.30 11.05
CA LEU X 128 -25.61 28.52 9.63
C LEU X 128 -25.75 29.99 9.31
N PRO X 129 -25.57 30.37 8.06
CA PRO X 129 -25.84 31.76 7.67
C PRO X 129 -27.33 32.05 7.79
N PRO X 130 -27.74 33.28 7.56
CA PRO X 130 -29.16 33.62 7.72
C PRO X 130 -30.04 32.79 6.80
N GLY X 131 -31.23 32.43 7.29
CA GLY X 131 -32.24 31.81 6.47
C GLY X 131 -32.34 30.31 6.56
N SER X 132 -31.90 29.70 7.66
CA SER X 132 -31.89 28.25 7.77
C SER X 132 -33.29 27.69 7.59
N LEU X 133 -33.36 26.42 7.16
CA LEU X 133 -34.62 25.70 7.08
C LEU X 133 -34.85 24.74 8.24
N ALA X 134 -33.96 24.69 9.22
CA ALA X 134 -34.17 23.78 10.34
C ALA X 134 -33.42 24.30 11.56
N ALA X 135 -33.88 23.87 12.73
CA ALA X 135 -33.28 24.29 13.98
C ALA X 135 -31.80 23.90 14.04
#